data_2JSC
#
_entry.id   2JSC
#
loop_
_entity.id
_entity.type
_entity.pdbx_description
1 polymer 'Transcriptional regulator Rv1994c/MT2050'
2 non-polymer 'CADMIUM ION'
#
_entity_poly.entity_id   1
_entity_poly.type   'polypeptide(L)'
_entity_poly.pdbx_seq_one_letter_code
;MLTCEMRESALARLGRALADPTRCRILVALLDGVCYPGQLAAHLGLTRSNVSNHLSCLRGCGLVVATYEGRQVRYALADS
HLARALGELVQVVLAVDTDQPCVAERAASGEAVEMTGS
;
_entity_poly.pdbx_strand_id   A,B
#
loop_
_chem_comp.id
_chem_comp.type
_chem_comp.name
_chem_comp.formula
CD non-polymer 'CADMIUM ION' 'Cd 2'
#
# COMPACT_ATOMS: atom_id res chain seq x y z
N LEU A 11 -8.42 -1.53 5.16
CA LEU A 11 -6.96 -1.35 5.25
C LEU A 11 -6.15 -2.65 5.08
N ALA A 12 -6.40 -3.67 5.90
CA ALA A 12 -5.62 -4.91 5.86
C ALA A 12 -5.98 -5.89 4.73
N ARG A 13 -7.03 -5.62 3.95
CA ARG A 13 -7.32 -6.31 2.68
C ARG A 13 -6.65 -5.55 1.53
N LEU A 14 -6.87 -4.23 1.48
CA LEU A 14 -6.32 -3.26 0.55
C LEU A 14 -4.84 -3.51 0.35
N GLY A 15 -3.98 -3.21 1.34
CA GLY A 15 -2.55 -3.21 1.05
C GLY A 15 -1.87 -4.58 1.11
N ARG A 16 -2.56 -5.64 1.57
CA ARG A 16 -2.05 -7.02 1.40
C ARG A 16 -2.19 -7.41 -0.08
N ALA A 17 -3.34 -7.15 -0.70
CA ALA A 17 -3.53 -7.40 -2.13
C ALA A 17 -2.82 -6.33 -3.00
N LEU A 18 -2.55 -5.11 -2.50
CA LEU A 18 -1.87 -4.05 -3.25
C LEU A 18 -0.36 -4.24 -3.27
N ALA A 19 0.24 -4.74 -2.19
CA ALA A 19 1.64 -5.18 -2.15
C ALA A 19 1.73 -6.71 -2.18
N ASP A 20 1.41 -7.27 -3.35
CA ASP A 20 1.58 -8.68 -3.68
C ASP A 20 2.27 -8.83 -5.06
N PRO A 21 3.16 -9.82 -5.24
CA PRO A 21 4.00 -10.06 -6.43
C PRO A 21 3.27 -9.83 -7.75
N THR A 22 2.31 -10.71 -8.03
CA THR A 22 1.57 -10.73 -9.28
C THR A 22 0.45 -9.73 -9.24
N ARG A 23 -0.20 -9.45 -8.09
CA ARG A 23 -1.33 -8.52 -8.02
C ARG A 23 -0.94 -7.07 -8.29
N CYS A 24 0.17 -6.54 -7.77
CA CYS A 24 0.64 -5.20 -8.21
C CYS A 24 0.80 -5.16 -9.74
N ARG A 25 1.38 -6.24 -10.31
CA ARG A 25 1.53 -6.41 -11.75
C ARG A 25 0.18 -6.47 -12.51
N ILE A 26 -0.81 -7.23 -12.01
CA ILE A 26 -2.20 -7.24 -12.53
C ILE A 26 -2.76 -5.83 -12.57
N LEU A 27 -2.74 -5.17 -11.42
CA LEU A 27 -3.43 -3.90 -11.20
C LEU A 27 -2.88 -2.80 -12.11
N VAL A 28 -1.56 -2.74 -12.31
CA VAL A 28 -0.95 -1.78 -13.25
C VAL A 28 -1.15 -2.16 -14.72
N ALA A 29 -1.26 -3.46 -15.05
CA ALA A 29 -1.57 -3.95 -16.39
C ALA A 29 -3.06 -3.85 -16.75
N LEU A 30 -3.96 -3.82 -15.76
CA LEU A 30 -5.38 -3.59 -15.95
C LEU A 30 -5.63 -2.20 -16.52
N LEU A 31 -4.93 -1.20 -15.97
CA LEU A 31 -4.93 0.21 -16.33
C LEU A 31 -4.76 0.42 -17.85
N ASP A 32 -3.78 -0.24 -18.44
CA ASP A 32 -3.40 -0.20 -19.87
C ASP A 32 -4.07 -1.33 -20.69
N GLY A 33 -5.08 -1.98 -20.12
CA GLY A 33 -5.80 -3.13 -20.69
C GLY A 33 -7.32 -3.05 -20.60
N VAL A 34 -7.87 -3.48 -19.45
CA VAL A 34 -9.31 -3.73 -19.19
C VAL A 34 -10.09 -4.40 -20.35
N CYS A 35 -9.43 -5.24 -21.15
CA CYS A 35 -10.06 -5.90 -22.29
C CYS A 35 -10.84 -7.13 -21.82
N TYR A 36 -10.19 -8.29 -21.71
CA TYR A 36 -10.87 -9.56 -21.48
C TYR A 36 -10.20 -10.42 -20.40
N PRO A 37 -10.91 -11.43 -19.83
CA PRO A 37 -10.34 -12.38 -18.89
C PRO A 37 -9.10 -13.04 -19.48
N GLY A 38 -7.97 -12.94 -18.77
CA GLY A 38 -6.72 -13.54 -19.20
C GLY A 38 -5.97 -12.75 -20.27
N GLN A 39 -6.42 -11.57 -20.71
CA GLN A 39 -5.59 -10.68 -21.56
C GLN A 39 -4.31 -10.26 -20.85
N LEU A 40 -4.37 -10.15 -19.51
CA LEU A 40 -3.24 -9.90 -18.63
C LEU A 40 -2.10 -10.90 -18.85
N ALA A 41 -2.37 -12.07 -19.44
CA ALA A 41 -1.34 -13.07 -19.73
C ALA A 41 -0.30 -12.50 -20.71
N ALA A 42 -0.70 -11.65 -21.66
CA ALA A 42 0.21 -10.96 -22.57
C ALA A 42 0.99 -9.86 -21.85
N HIS A 43 0.30 -9.04 -21.05
CA HIS A 43 0.94 -7.96 -20.28
C HIS A 43 2.00 -8.44 -19.26
N LEU A 44 1.81 -9.65 -18.69
CA LEU A 44 2.66 -10.19 -17.62
C LEU A 44 3.65 -11.26 -18.09
N GLY A 45 3.43 -11.90 -19.25
CA GLY A 45 4.17 -13.08 -19.69
C GLY A 45 3.82 -14.37 -18.92
N LEU A 46 2.80 -14.33 -18.05
CA LEU A 46 2.41 -15.42 -17.15
C LEU A 46 1.09 -16.06 -17.59
N THR A 47 0.89 -17.36 -17.32
CA THR A 47 -0.23 -18.13 -17.88
C THR A 47 -1.58 -17.55 -17.46
N ARG A 48 -2.57 -17.64 -18.36
CA ARG A 48 -3.90 -17.08 -18.12
C ARG A 48 -4.57 -17.69 -16.88
N SER A 49 -4.31 -18.97 -16.59
CA SER A 49 -4.72 -19.60 -15.32
C SER A 49 -3.99 -18.98 -14.12
N ASN A 50 -2.66 -18.93 -14.16
CA ASN A 50 -1.81 -18.40 -13.09
C ASN A 50 -2.19 -16.95 -12.75
N VAL A 51 -2.22 -16.05 -13.73
CA VAL A 51 -2.65 -14.66 -13.51
C VAL A 51 -4.08 -14.58 -12.94
N SER A 52 -5.01 -15.41 -13.41
CA SER A 52 -6.40 -15.33 -12.94
C SER A 52 -6.60 -15.83 -11.52
N ASN A 53 -5.77 -16.77 -11.04
CA ASN A 53 -5.76 -17.24 -9.65
C ASN A 53 -5.72 -16.07 -8.66
N HIS A 54 -4.84 -15.11 -8.91
CA HIS A 54 -4.72 -13.92 -8.07
C HIS A 54 -5.98 -13.02 -8.08
N LEU A 55 -6.77 -13.02 -9.17
CA LEU A 55 -8.02 -12.25 -9.26
C LEU A 55 -9.07 -12.81 -8.30
N SER A 56 -9.05 -14.11 -8.01
CA SER A 56 -9.93 -14.73 -7.02
C SER A 56 -9.70 -14.22 -5.60
N CYS A 57 -8.65 -13.41 -5.37
CA CYS A 57 -8.52 -12.63 -4.15
C CYS A 57 -8.95 -11.16 -4.38
N LEU A 58 -8.45 -10.60 -5.48
CA LEU A 58 -8.46 -9.18 -5.86
C LEU A 58 -9.88 -8.58 -5.94
N ARG A 59 -10.85 -9.39 -6.42
CA ARG A 59 -12.26 -9.00 -6.47
C ARG A 59 -12.86 -8.87 -5.06
N GLY A 60 -12.52 -9.80 -4.16
CA GLY A 60 -13.04 -9.84 -2.80
C GLY A 60 -12.43 -8.74 -1.92
N CYS A 61 -11.15 -8.45 -2.14
CA CYS A 61 -10.43 -7.30 -1.61
C CYS A 61 -10.93 -5.94 -2.17
N GLY A 62 -11.89 -5.96 -3.11
CA GLY A 62 -12.58 -4.80 -3.69
C GLY A 62 -11.79 -4.08 -4.80
N LEU A 63 -10.55 -4.48 -5.06
CA LEU A 63 -9.59 -3.76 -5.92
C LEU A 63 -9.88 -3.86 -7.41
N VAL A 64 -10.64 -4.87 -7.80
CA VAL A 64 -11.09 -5.12 -9.18
C VAL A 64 -12.58 -5.45 -9.24
N VAL A 65 -13.22 -5.00 -10.32
CA VAL A 65 -14.63 -5.27 -10.63
C VAL A 65 -14.76 -5.83 -12.05
N ALA A 66 -15.61 -6.84 -12.22
CA ALA A 66 -15.95 -7.41 -13.53
C ALA A 66 -17.15 -6.70 -14.14
N THR A 67 -17.04 -6.40 -15.44
CA THR A 67 -18.00 -5.66 -16.27
C THR A 67 -18.30 -6.49 -17.51
N TYR A 68 -19.16 -5.97 -18.38
CA TYR A 68 -19.38 -6.43 -19.76
C TYR A 68 -19.04 -5.26 -20.72
N GLU A 69 -18.53 -5.54 -21.92
CA GLU A 69 -18.24 -4.55 -22.96
C GLU A 69 -19.06 -4.82 -24.25
N GLY A 70 -18.57 -4.49 -25.46
CA GLY A 70 -19.36 -4.63 -26.70
C GLY A 70 -19.62 -6.08 -27.15
N ARG A 71 -18.84 -7.07 -26.65
CA ARG A 71 -18.94 -8.49 -27.02
C ARG A 71 -18.58 -9.49 -25.90
N GLN A 72 -17.88 -9.13 -24.83
CA GLN A 72 -17.48 -10.06 -23.76
C GLN A 72 -17.44 -9.40 -22.38
N VAL A 73 -17.08 -10.18 -21.35
CA VAL A 73 -16.83 -9.67 -19.99
C VAL A 73 -15.39 -9.16 -19.84
N ARG A 74 -15.19 -8.16 -18.97
CA ARG A 74 -13.89 -7.53 -18.71
C ARG A 74 -13.58 -7.55 -17.22
N TYR A 75 -12.35 -7.17 -16.88
CA TYR A 75 -11.91 -6.91 -15.51
C TYR A 75 -11.26 -5.51 -15.44
N ALA A 76 -11.73 -4.64 -14.54
CA ALA A 76 -11.27 -3.26 -14.37
C ALA A 76 -10.92 -2.96 -12.90
N LEU A 77 -10.01 -2.00 -12.65
CA LEU A 77 -9.75 -1.48 -11.32
C LEU A 77 -11.04 -0.92 -10.71
N ALA A 78 -11.13 -0.96 -9.38
CA ALA A 78 -12.34 -0.63 -8.61
C ALA A 78 -12.99 0.70 -9.00
N ASP A 79 -12.13 1.71 -9.23
CA ASP A 79 -12.45 3.07 -9.63
C ASP A 79 -11.16 3.80 -10.00
N SER A 80 -11.37 4.95 -10.65
CA SER A 80 -10.45 6.05 -10.91
C SER A 80 -9.48 6.29 -9.73
N HIS A 81 -9.97 6.14 -8.50
CA HIS A 81 -9.21 6.16 -7.25
C HIS A 81 -7.93 5.33 -7.30
N LEU A 82 -8.01 4.01 -7.57
CA LEU A 82 -6.80 3.18 -7.58
C LEU A 82 -6.00 3.40 -8.86
N ALA A 83 -6.68 3.64 -10.00
CA ALA A 83 -5.99 3.94 -11.26
C ALA A 83 -5.13 5.22 -11.19
N ARG A 84 -5.53 6.21 -10.40
CA ARG A 84 -4.77 7.45 -10.18
C ARG A 84 -3.61 7.21 -9.20
N ALA A 85 -3.87 6.77 -7.96
CA ALA A 85 -2.80 6.56 -6.96
C ALA A 85 -1.75 5.49 -7.36
N LEU A 86 -2.16 4.42 -8.06
CA LEU A 86 -1.19 3.49 -8.67
C LEU A 86 -0.44 4.23 -9.79
N GLY A 87 -1.16 4.95 -10.64
CA GLY A 87 -0.69 5.69 -11.82
C GLY A 87 0.15 6.95 -11.57
N GLU A 88 0.26 7.49 -10.35
CA GLU A 88 1.29 8.51 -10.03
C GLU A 88 2.66 7.80 -10.00
N LEU A 89 2.58 6.60 -9.41
CA LEU A 89 3.62 5.69 -8.97
C LEU A 89 3.90 6.03 -7.50
N VAL A 90 3.55 5.10 -6.61
CA VAL A 90 3.86 4.98 -5.17
C VAL A 90 5.26 5.38 -4.69
N GLN A 91 6.17 5.74 -5.59
CA GLN A 91 7.41 6.44 -5.40
C GLN A 91 8.53 5.53 -4.90
N VAL A 92 8.23 4.46 -4.15
CA VAL A 92 9.12 3.37 -3.66
C VAL A 92 9.85 2.56 -4.76
N VAL A 93 10.23 3.25 -5.84
CA VAL A 93 11.13 2.82 -6.92
C VAL A 93 10.43 1.81 -7.86
N LEU A 94 9.13 1.58 -7.60
CA LEU A 94 8.22 0.56 -8.14
C LEU A 94 8.42 -0.70 -7.28
N ALA A 95 7.48 -0.98 -6.38
CA ALA A 95 7.57 -2.14 -5.51
C ALA A 95 7.63 -3.45 -6.34
N VAL A 96 8.70 -4.22 -6.13
CA VAL A 96 8.88 -5.61 -6.60
C VAL A 96 9.33 -6.42 -5.39
N ASP A 97 9.12 -7.73 -5.41
CA ASP A 97 9.71 -8.66 -4.44
C ASP A 97 11.24 -8.49 -4.39
N THR A 98 11.75 -8.21 -3.19
CA THR A 98 13.13 -7.80 -2.92
C THR A 98 13.52 -8.26 -1.52
N ASP A 99 14.78 -8.63 -1.37
CA ASP A 99 15.33 -9.26 -0.17
C ASP A 99 15.75 -8.20 0.86
N GLN A 100 14.78 -7.48 1.42
CA GLN A 100 15.03 -6.49 2.48
C GLN A 100 14.25 -6.84 3.76
N PRO A 101 14.88 -6.72 4.96
CA PRO A 101 14.38 -7.27 6.22
C PRO A 101 13.40 -6.34 6.99
N CYS A 102 13.16 -6.68 8.26
CA CYS A 102 12.39 -5.92 9.22
C CYS A 102 13.17 -5.66 10.53
N VAL A 103 12.48 -5.01 11.47
CA VAL A 103 12.91 -4.61 12.82
C VAL A 103 13.96 -3.48 12.80
N ALA A 104 13.69 -2.41 13.55
CA ALA A 104 14.57 -1.27 13.72
C ALA A 104 15.87 -1.63 14.48
N GLU A 105 16.98 -0.96 14.16
CA GLU A 105 18.28 -1.14 14.81
C GLU A 105 18.83 -2.60 14.71
N ARG A 106 18.35 -3.41 13.76
CA ARG A 106 18.60 -4.86 13.66
C ARG A 106 18.74 -5.33 12.21
N ALA B 10 11.18 -3.02 0.38
CA ALA B 10 10.71 -4.16 -0.39
C ALA B 10 9.19 -4.35 -0.30
N LEU B 11 8.57 -4.87 -1.36
CA LEU B 11 7.12 -5.06 -1.50
C LEU B 11 6.46 -5.66 -0.25
N ALA B 12 6.99 -6.78 0.25
CA ALA B 12 6.46 -7.50 1.42
C ALA B 12 6.80 -6.87 2.79
N ARG B 13 7.50 -5.73 2.81
CA ARG B 13 7.72 -4.86 3.98
C ARG B 13 6.91 -3.57 3.84
N LEU B 14 7.06 -2.86 2.72
CA LEU B 14 6.31 -1.68 2.30
C LEU B 14 4.83 -1.85 2.58
N GLY B 15 4.20 -2.91 2.04
CA GLY B 15 2.75 -3.04 2.15
C GLY B 15 2.27 -3.39 3.54
N ARG B 16 3.04 -4.20 4.30
CA ARG B 16 2.64 -4.59 5.66
C ARG B 16 2.76 -3.40 6.61
N ALA B 17 3.78 -2.56 6.45
CA ALA B 17 3.94 -1.37 7.27
C ALA B 17 2.99 -0.22 6.87
N LEU B 18 2.63 -0.05 5.58
CA LEU B 18 1.70 1.03 5.18
C LEU B 18 0.24 0.66 5.43
N ALA B 19 -0.17 -0.59 5.22
CA ALA B 19 -1.52 -1.07 5.55
C ALA B 19 -1.60 -1.65 6.98
N ASP B 20 -1.50 -0.74 7.95
CA ASP B 20 -1.53 -1.02 9.40
C ASP B 20 -2.23 0.13 10.16
N PRO B 21 -3.04 -0.18 11.19
CA PRO B 21 -3.88 0.76 11.95
C PRO B 21 -3.16 2.05 12.34
N THR B 22 -2.11 1.90 13.13
CA THR B 22 -1.36 3.01 13.69
C THR B 22 -0.31 3.49 12.70
N ARG B 23 0.38 2.62 11.95
CA ARG B 23 1.46 3.07 11.05
C ARG B 23 0.99 3.92 9.88
N CYS B 24 -0.17 3.66 9.26
CA CYS B 24 -0.74 4.62 8.30
C CYS B 24 -0.90 6.00 8.97
N ARG B 25 -1.49 6.00 10.17
CA ARG B 25 -1.68 7.19 11.00
C ARG B 25 -0.36 7.88 11.43
N ILE B 26 0.70 7.11 11.70
CA ILE B 26 2.06 7.65 11.94
C ILE B 26 2.54 8.40 10.71
N LEU B 27 2.64 7.67 9.60
CA LEU B 27 3.29 8.15 8.38
C LEU B 27 2.63 9.45 7.90
N VAL B 28 1.29 9.52 7.90
CA VAL B 28 0.56 10.74 7.53
C VAL B 28 0.70 11.88 8.56
N ALA B 29 0.85 11.58 9.86
CA ALA B 29 1.10 12.58 10.89
C ALA B 29 2.57 13.00 11.00
N LEU B 30 3.51 12.23 10.44
CA LEU B 30 4.90 12.63 10.33
C LEU B 30 5.12 13.73 9.31
N LEU B 31 4.38 13.66 8.20
CA LEU B 31 4.25 14.68 7.16
C LEU B 31 4.02 16.08 7.76
N ASP B 32 3.10 16.19 8.72
CA ASP B 32 2.75 17.40 9.49
C ASP B 32 3.39 17.41 10.91
N GLY B 33 4.49 16.66 11.11
CA GLY B 33 5.17 16.43 12.40
C GLY B 33 6.66 16.69 12.39
N VAL B 34 7.44 15.63 12.19
CA VAL B 34 8.92 15.53 12.33
C VAL B 34 9.55 16.28 13.51
N CYS B 35 8.85 16.32 14.65
CA CYS B 35 9.36 16.94 15.87
C CYS B 35 10.27 15.96 16.63
N TYR B 36 9.80 15.41 17.74
CA TYR B 36 10.65 14.66 18.69
C TYR B 36 10.13 13.24 19.00
N PRO B 37 10.94 12.35 19.62
CA PRO B 37 10.50 11.01 19.98
C PRO B 37 9.25 11.08 20.88
N GLY B 38 8.19 10.40 20.44
CA GLY B 38 6.89 10.43 21.12
C GLY B 38 6.00 11.62 20.76
N GLN B 39 6.42 12.57 19.91
CA GLN B 39 5.58 13.73 19.50
C GLN B 39 4.28 13.32 18.80
N LEU B 40 4.26 12.14 18.19
CA LEU B 40 3.08 11.60 17.53
C LEU B 40 1.96 11.31 18.53
N ALA B 41 2.27 11.20 19.83
CA ALA B 41 1.26 11.04 20.87
C ALA B 41 0.24 12.19 20.88
N ALA B 42 0.66 13.43 20.61
CA ALA B 42 -0.28 14.55 20.47
C ALA B 42 -1.09 14.45 19.17
N HIS B 43 -0.44 14.07 18.07
CA HIS B 43 -1.13 13.88 16.77
C HIS B 43 -2.18 12.74 16.78
N LEU B 44 -1.94 11.67 17.53
CA LEU B 44 -2.75 10.44 17.51
C LEU B 44 -3.69 10.29 18.72
N GLY B 45 -3.40 10.97 19.84
CA GLY B 45 -4.06 10.77 21.14
C GLY B 45 -3.64 9.47 21.85
N LEU B 46 -2.77 8.66 21.24
CA LEU B 46 -2.28 7.38 21.76
C LEU B 46 -0.95 7.59 22.50
N THR B 47 -0.61 6.74 23.48
CA THR B 47 0.54 7.00 24.38
C THR B 47 1.86 7.03 23.61
N ARG B 48 2.81 7.82 24.12
CA ARG B 48 4.17 7.88 23.56
C ARG B 48 4.88 6.51 23.57
N SER B 49 4.47 5.61 24.48
CA SER B 49 4.85 4.20 24.51
C SER B 49 4.21 3.45 23.32
N ASN B 50 2.87 3.45 23.24
CA ASN B 50 2.06 2.83 22.19
C ASN B 50 2.58 3.21 20.79
N VAL B 51 2.68 4.50 20.46
CA VAL B 51 3.05 4.93 19.10
C VAL B 51 4.50 4.56 18.73
N SER B 52 5.44 4.61 19.69
CA SER B 52 6.85 4.29 19.44
C SER B 52 7.10 2.81 19.15
N ASN B 53 6.25 1.93 19.70
CA ASN B 53 6.24 0.49 19.41
C ASN B 53 6.20 0.23 17.90
N HIS B 54 5.26 0.86 17.20
CA HIS B 54 5.12 0.69 15.76
C HIS B 54 6.30 1.29 14.96
N LEU B 55 6.96 2.33 15.49
CA LEU B 55 8.16 2.89 14.88
C LEU B 55 9.32 1.88 14.92
N SER B 56 9.37 1.00 15.91
CA SER B 56 10.39 -0.05 16.00
C SER B 56 10.26 -1.12 14.90
N CYS B 57 9.19 -1.07 14.10
CA CYS B 57 9.09 -1.78 12.84
C CYS B 57 9.48 -0.86 11.67
N LEU B 58 8.97 0.37 11.71
CA LEU B 58 8.96 1.38 10.64
C LEU B 58 10.36 1.85 10.24
N ARG B 59 11.26 2.01 11.22
CA ARG B 59 12.68 2.33 10.96
C ARG B 59 13.44 1.15 10.33
N GLY B 60 12.96 -0.09 10.51
CA GLY B 60 13.55 -1.32 9.93
C GLY B 60 13.04 -1.59 8.52
N CYS B 61 11.74 -1.31 8.30
CA CYS B 61 11.09 -1.26 7.00
C CYS B 61 11.59 -0.06 6.14
N GLY B 62 12.45 0.80 6.71
CA GLY B 62 13.12 1.97 6.12
C GLY B 62 12.27 3.24 6.12
N LEU B 63 10.94 3.09 6.19
CA LEU B 63 9.88 4.09 6.00
C LEU B 63 9.99 5.37 6.81
N VAL B 64 10.73 5.30 7.91
CA VAL B 64 11.10 6.44 8.74
C VAL B 64 12.59 6.44 8.98
N VAL B 65 13.17 7.62 8.91
CA VAL B 65 14.59 7.89 9.15
C VAL B 65 14.73 8.76 10.40
N ALA B 66 15.48 8.25 11.37
CA ALA B 66 15.75 8.92 12.65
C ALA B 66 16.97 9.81 12.52
N THR B 67 16.74 11.11 12.76
CA THR B 67 17.65 12.23 12.47
C THR B 67 17.91 13.02 13.75
N TYR B 68 18.66 14.10 13.62
CA TYR B 68 18.84 15.17 14.62
C TYR B 68 18.45 16.52 13.97
N GLU B 69 17.81 17.42 14.72
CA GLU B 69 17.44 18.78 14.28
C GLU B 69 18.23 19.87 15.06
N GLY B 70 17.69 21.07 15.30
CA GLY B 70 18.43 22.18 15.91
C GLY B 70 18.74 22.00 17.41
N ARG B 71 18.02 21.12 18.12
CA ARG B 71 18.18 20.86 19.56
C ARG B 71 17.94 19.39 19.99
N GLN B 72 17.29 18.53 19.20
CA GLN B 72 16.97 17.15 19.61
C GLN B 72 16.90 16.17 18.43
N VAL B 73 16.60 14.90 18.70
CA VAL B 73 16.43 13.84 17.68
C VAL B 73 14.99 13.80 17.16
N ARG B 74 14.78 13.38 15.91
CA ARG B 74 13.48 13.38 15.23
C ARG B 74 13.24 12.07 14.50
N TYR B 75 12.01 11.88 14.03
CA TYR B 75 11.65 10.82 13.09
C TYR B 75 11.00 11.46 11.86
N ALA B 76 11.65 11.38 10.70
CA ALA B 76 11.14 11.89 9.41
C ALA B 76 10.75 10.74 8.49
N LEU B 77 9.85 10.97 7.52
CA LEU B 77 9.60 10.00 6.46
C LEU B 77 10.90 9.75 5.69
N ALA B 78 11.04 8.53 5.15
CA ALA B 78 12.27 8.02 4.53
C ALA B 78 12.86 8.97 3.47
N ASP B 79 11.96 9.63 2.73
CA ASP B 79 12.23 10.66 1.72
C ASP B 79 10.89 11.25 1.25
N SER B 80 11.01 12.35 0.51
CA SER B 80 10.04 13.01 -0.35
C SER B 80 9.09 12.01 -1.04
N HIS B 81 9.61 10.84 -1.40
CA HIS B 81 8.89 9.64 -1.88
C HIS B 81 7.57 9.40 -1.15
N LEU B 82 7.63 9.08 0.15
CA LEU B 82 6.43 8.70 0.91
C LEU B 82 5.63 9.96 1.26
N ALA B 83 6.30 11.08 1.55
CA ALA B 83 5.65 12.37 1.78
C ALA B 83 4.79 12.83 0.58
N ARG B 84 5.15 12.48 -0.65
CA ARG B 84 4.36 12.79 -1.86
C ARG B 84 3.24 11.77 -2.05
N ALA B 85 3.56 10.48 -2.22
CA ALA B 85 2.55 9.43 -2.50
C ALA B 85 1.50 9.24 -1.38
N LEU B 86 1.85 9.52 -0.12
CA LEU B 86 0.86 9.57 0.98
C LEU B 86 0.09 10.91 0.97
N GLY B 87 0.75 12.00 0.54
CA GLY B 87 0.19 13.36 0.42
C GLY B 87 -0.77 13.58 -0.75
N GLU B 88 -0.79 12.73 -1.79
CA GLU B 88 -1.90 12.72 -2.79
C GLU B 88 -3.14 12.09 -2.15
N LEU B 89 -2.86 11.14 -1.26
CA LEU B 89 -3.72 10.17 -0.60
C LEU B 89 -4.03 9.05 -1.59
N VAL B 90 -3.79 7.81 -1.18
CA VAL B 90 -4.18 6.54 -1.82
C VAL B 90 -5.62 6.45 -2.37
N GLN B 91 -6.47 7.45 -2.09
CA GLN B 91 -7.75 7.72 -2.72
C GLN B 91 -8.86 6.75 -2.33
N VAL B 92 -8.55 5.56 -1.82
CA VAL B 92 -9.42 4.52 -1.19
C VAL B 92 -10.17 5.00 0.07
N VAL B 93 -10.68 6.22 0.01
CA VAL B 93 -11.48 6.93 1.00
C VAL B 93 -10.70 7.29 2.29
N LEU B 94 -9.41 6.91 2.33
CA LEU B 94 -8.46 6.88 3.45
C LEU B 94 -8.64 5.50 4.10
N ALA B 95 -7.67 4.60 3.89
CA ALA B 95 -7.72 3.25 4.42
C ALA B 95 -7.80 3.26 5.97
N VAL B 96 -8.89 2.73 6.53
CA VAL B 96 -9.06 2.45 7.96
C VAL B 96 -9.31 0.95 8.14
N ASP B 97 -9.05 0.42 9.33
CA ASP B 97 -9.50 -0.90 9.73
C ASP B 97 -11.03 -1.00 9.57
N THR B 98 -11.53 -2.13 9.06
CA THR B 98 -12.96 -2.32 8.75
C THR B 98 -13.23 -3.81 8.59
N ASP B 99 -14.44 -4.25 8.91
CA ASP B 99 -14.84 -5.65 8.82
C ASP B 99 -15.30 -5.98 7.40
N GLN B 100 -14.35 -6.11 6.46
CA GLN B 100 -14.62 -6.63 5.14
C GLN B 100 -13.79 -7.90 4.88
N PRO B 101 -14.36 -8.92 4.19
CA PRO B 101 -13.79 -10.27 4.08
C PRO B 101 -12.70 -10.37 2.99
N CYS B 102 -12.27 -11.60 2.70
CA CYS B 102 -11.44 -11.94 1.56
C CYS B 102 -12.06 -13.09 0.75
N VAL B 103 -11.37 -13.42 -0.34
CA VAL B 103 -11.78 -14.31 -1.43
C VAL B 103 -12.97 -13.73 -2.22
N ALA B 104 -12.86 -13.76 -3.55
CA ALA B 104 -13.91 -13.40 -4.49
C ALA B 104 -15.16 -14.29 -4.35
N GLU B 105 -16.32 -13.75 -4.74
CA GLU B 105 -17.63 -14.43 -4.67
C GLU B 105 -17.97 -14.96 -3.26
N ARG B 106 -17.38 -14.42 -2.19
CA ARG B 106 -17.50 -14.90 -0.81
C ARG B 106 -17.62 -13.75 0.19
CD CD C . -8.77 -10.91 -1.18
CD CD D . 9.48 -3.38 9.96
N ALA A 10 -11.65 -5.44 5.70
CA ALA A 10 -10.32 -5.86 6.18
C ALA A 10 -9.24 -5.04 5.47
N LEU A 11 -9.07 -3.77 5.84
CA LEU A 11 -8.23 -2.86 5.07
C LEU A 11 -6.75 -3.24 5.11
N ALA A 12 -6.29 -3.99 6.11
CA ALA A 12 -4.97 -4.63 6.10
C ALA A 12 -4.81 -5.57 4.88
N ARG A 13 -5.84 -6.34 4.51
CA ARG A 13 -5.82 -7.20 3.29
C ARG A 13 -5.62 -6.38 2.01
N LEU A 14 -6.10 -5.15 1.96
CA LEU A 14 -5.92 -4.24 0.83
C LEU A 14 -4.44 -3.91 0.57
N GLY A 15 -3.66 -3.63 1.64
CA GLY A 15 -2.20 -3.39 1.53
C GLY A 15 -1.40 -4.66 1.29
N ARG A 16 -1.86 -5.79 1.86
CA ARG A 16 -1.34 -7.13 1.56
C ARG A 16 -1.42 -7.40 0.06
N ALA A 17 -2.58 -7.15 -0.54
CA ALA A 17 -2.83 -7.37 -1.97
C ALA A 17 -2.12 -6.37 -2.89
N LEU A 18 -1.86 -5.14 -2.44
CA LEU A 18 -1.21 -4.12 -3.29
C LEU A 18 0.32 -4.19 -3.28
N ALA A 19 0.93 -4.82 -2.27
CA ALA A 19 2.37 -5.10 -2.23
C ALA A 19 2.73 -6.54 -2.69
N ASP A 20 1.81 -7.22 -3.37
CA ASP A 20 2.04 -8.47 -4.09
C ASP A 20 3.07 -8.30 -5.23
N PRO A 21 3.59 -9.44 -5.77
CA PRO A 21 4.45 -9.53 -6.94
C PRO A 21 3.66 -9.21 -8.24
N THR A 22 3.52 -10.20 -9.14
CA THR A 22 2.67 -10.24 -10.33
C THR A 22 1.32 -9.57 -10.19
N ARG A 23 0.66 -9.63 -9.03
CA ARG A 23 -0.65 -8.98 -8.86
C ARG A 23 -0.56 -7.45 -8.98
N CYS A 24 0.49 -6.80 -8.47
CA CYS A 24 0.68 -5.37 -8.67
C CYS A 24 0.74 -5.05 -10.18
N ARG A 25 1.49 -5.87 -10.93
CA ARG A 25 1.54 -5.80 -12.40
C ARG A 25 0.18 -6.10 -13.08
N ILE A 26 -0.61 -7.06 -12.59
CA ILE A 26 -2.00 -7.32 -13.03
C ILE A 26 -2.89 -6.09 -12.85
N LEU A 27 -2.84 -5.45 -11.70
CA LEU A 27 -3.65 -4.27 -11.41
C LEU A 27 -3.27 -3.07 -12.30
N VAL A 28 -1.97 -2.79 -12.50
CA VAL A 28 -1.52 -1.74 -13.42
C VAL A 28 -1.73 -2.11 -14.90
N ALA A 29 -1.79 -3.41 -15.21
CA ALA A 29 -2.17 -3.91 -16.52
C ALA A 29 -3.65 -3.64 -16.80
N LEU A 30 -4.54 -3.76 -15.81
CA LEU A 30 -5.98 -3.54 -16.03
C LEU A 30 -6.35 -2.08 -16.25
N LEU A 31 -5.62 -1.21 -15.57
CA LEU A 31 -5.61 0.25 -15.71
C LEU A 31 -5.71 0.70 -17.19
N ASP A 32 -4.87 0.17 -18.07
CA ASP A 32 -4.91 0.40 -19.53
C ASP A 32 -5.64 -0.74 -20.30
N GLY A 33 -5.75 -1.92 -19.68
CA GLY A 33 -6.11 -3.20 -20.30
C GLY A 33 -7.54 -3.69 -20.07
N VAL A 34 -8.43 -2.84 -19.62
CA VAL A 34 -9.89 -3.05 -19.48
C VAL A 34 -10.61 -3.60 -20.74
N CYS A 35 -10.43 -4.88 -21.05
CA CYS A 35 -10.94 -5.52 -22.27
C CYS A 35 -11.41 -6.98 -22.12
N TYR A 36 -10.60 -7.93 -21.61
CA TYR A 36 -11.06 -9.32 -21.42
C TYR A 36 -10.29 -10.17 -20.39
N PRO A 37 -10.92 -11.23 -19.83
CA PRO A 37 -10.22 -12.23 -19.05
C PRO A 37 -9.05 -12.79 -19.87
N GLY A 38 -7.85 -12.78 -19.29
CA GLY A 38 -6.66 -13.25 -19.99
C GLY A 38 -6.06 -12.28 -21.01
N GLN A 39 -6.68 -11.10 -21.25
CA GLN A 39 -6.04 -10.03 -22.06
C GLN A 39 -4.66 -9.67 -21.47
N LEU A 40 -4.57 -9.73 -20.14
CA LEU A 40 -3.40 -9.41 -19.33
C LEU A 40 -2.21 -10.31 -19.64
N ALA A 41 -2.45 -11.45 -20.28
CA ALA A 41 -1.40 -12.39 -20.66
C ALA A 41 -0.41 -11.75 -21.65
N ALA A 42 -0.92 -11.04 -22.65
CA ALA A 42 -0.09 -10.27 -23.58
C ALA A 42 0.56 -9.04 -22.91
N HIS A 43 -0.18 -8.36 -22.02
CA HIS A 43 0.30 -7.14 -21.35
C HIS A 43 1.36 -7.40 -20.25
N LEU A 44 1.49 -8.66 -19.81
CA LEU A 44 2.52 -9.12 -18.86
C LEU A 44 3.58 -10.04 -19.48
N GLY A 45 3.28 -10.74 -20.59
CA GLY A 45 4.12 -11.81 -21.14
C GLY A 45 3.93 -13.15 -20.39
N LEU A 46 2.96 -13.21 -19.46
CA LEU A 46 2.79 -14.34 -18.53
C LEU A 46 1.51 -15.13 -18.84
N THR A 47 1.55 -16.44 -18.56
CA THR A 47 0.50 -17.39 -18.94
C THR A 47 -0.87 -17.02 -18.37
N ARG A 48 -1.91 -17.39 -19.12
CA ARG A 48 -3.33 -17.29 -18.73
C ARG A 48 -3.58 -17.86 -17.33
N SER A 49 -2.88 -18.95 -16.97
CA SER A 49 -2.94 -19.56 -15.64
C SER A 49 -2.47 -18.57 -14.55
N ASN A 50 -1.24 -18.09 -14.64
CA ASN A 50 -0.65 -17.22 -13.61
C ASN A 50 -1.34 -15.84 -13.61
N VAL A 51 -1.78 -15.33 -14.77
CA VAL A 51 -2.64 -14.15 -14.86
C VAL A 51 -3.94 -14.34 -14.07
N SER A 52 -4.68 -15.44 -14.30
CA SER A 52 -5.96 -15.66 -13.62
C SER A 52 -5.85 -16.05 -12.14
N ASN A 53 -4.75 -16.67 -11.70
CA ASN A 53 -4.47 -16.97 -10.30
C ASN A 53 -4.68 -15.74 -9.39
N HIS A 54 -4.10 -14.61 -9.81
CA HIS A 54 -4.24 -13.35 -9.11
C HIS A 54 -5.58 -12.61 -9.38
N LEU A 55 -6.34 -12.92 -10.44
CA LEU A 55 -7.69 -12.34 -10.63
C LEU A 55 -8.70 -12.89 -9.62
N SER A 56 -8.45 -14.06 -9.01
CA SER A 56 -9.35 -14.59 -7.98
C SER A 56 -9.37 -13.66 -6.75
N CYS A 57 -8.19 -13.34 -6.21
CA CYS A 57 -8.01 -12.46 -5.04
C CYS A 57 -8.11 -10.95 -5.41
N LEU A 58 -8.62 -10.67 -6.61
CA LEU A 58 -8.91 -9.34 -7.15
C LEU A 58 -10.42 -9.07 -7.19
N ARG A 59 -11.16 -10.00 -7.80
CA ARG A 59 -12.58 -9.82 -8.10
C ARG A 59 -13.48 -10.13 -6.90
N GLY A 60 -13.01 -10.97 -5.96
CA GLY A 60 -13.73 -11.31 -4.72
C GLY A 60 -13.39 -10.41 -3.53
N CYS A 61 -12.15 -9.93 -3.50
CA CYS A 61 -11.63 -8.96 -2.55
C CYS A 61 -11.97 -7.47 -2.93
N GLY A 62 -12.57 -7.24 -4.11
CA GLY A 62 -13.14 -5.96 -4.58
C GLY A 62 -12.21 -5.02 -5.33
N LEU A 63 -10.92 -5.34 -5.47
CA LEU A 63 -9.89 -4.56 -6.20
C LEU A 63 -10.24 -4.29 -7.67
N VAL A 64 -11.12 -5.12 -8.24
CA VAL A 64 -11.64 -5.03 -9.61
C VAL A 64 -13.10 -5.46 -9.69
N VAL A 65 -13.80 -4.85 -10.64
CA VAL A 65 -15.21 -5.12 -10.99
C VAL A 65 -15.27 -5.68 -12.41
N ALA A 66 -16.19 -6.63 -12.65
CA ALA A 66 -16.41 -7.24 -13.96
C ALA A 66 -17.61 -6.62 -14.69
N THR A 67 -17.39 -6.11 -15.92
CA THR A 67 -18.41 -5.43 -16.75
C THR A 67 -18.48 -6.11 -18.09
N TYR A 68 -19.56 -5.89 -18.83
CA TYR A 68 -19.61 -6.21 -20.26
C TYR A 68 -19.17 -4.94 -21.01
N GLU A 69 -18.18 -5.02 -21.90
CA GLU A 69 -17.69 -3.85 -22.66
C GLU A 69 -18.39 -3.61 -24.02
N GLY A 70 -19.40 -4.42 -24.34
CA GLY A 70 -20.24 -4.28 -25.55
C GLY A 70 -19.99 -5.39 -26.59
N ARG A 71 -18.87 -6.11 -26.45
CA ARG A 71 -18.47 -7.31 -27.19
C ARG A 71 -18.23 -8.50 -26.25
N GLN A 72 -17.51 -8.28 -25.15
CA GLN A 72 -16.96 -9.28 -24.25
C GLN A 72 -17.12 -8.83 -22.78
N VAL A 73 -16.86 -9.73 -21.82
CA VAL A 73 -16.71 -9.37 -20.40
C VAL A 73 -15.28 -8.90 -20.13
N ARG A 74 -15.08 -7.92 -19.23
CA ARG A 74 -13.77 -7.38 -18.87
C ARG A 74 -13.61 -7.24 -17.36
N TYR A 75 -12.40 -6.89 -16.92
CA TYR A 75 -12.09 -6.57 -15.52
C TYR A 75 -11.49 -5.17 -15.40
N ALA A 76 -12.08 -4.30 -14.58
CA ALA A 76 -11.69 -2.91 -14.39
C ALA A 76 -11.39 -2.62 -12.93
N LEU A 77 -10.38 -1.78 -12.66
CA LEU A 77 -10.00 -1.36 -11.30
C LEU A 77 -11.20 -0.81 -10.51
N ALA A 78 -11.26 -1.06 -9.21
CA ALA A 78 -12.39 -0.75 -8.33
C ALA A 78 -13.00 0.66 -8.49
N ASP A 79 -12.14 1.66 -8.69
CA ASP A 79 -12.48 3.09 -8.78
C ASP A 79 -11.22 3.90 -9.12
N SER A 80 -11.44 5.16 -9.46
CA SER A 80 -10.46 6.25 -9.53
C SER A 80 -9.48 6.22 -8.34
N HIS A 81 -9.94 5.76 -7.17
CA HIS A 81 -9.15 5.44 -5.98
C HIS A 81 -7.91 4.61 -6.28
N LEU A 82 -8.05 3.35 -6.71
CA LEU A 82 -6.87 2.54 -7.02
C LEU A 82 -6.16 3.11 -8.27
N ALA A 83 -6.90 3.64 -9.24
CA ALA A 83 -6.35 4.07 -10.52
C ALA A 83 -5.38 5.26 -10.37
N ARG A 84 -5.61 6.15 -9.39
CA ARG A 84 -4.67 7.20 -9.00
C ARG A 84 -3.47 6.65 -8.24
N ALA A 85 -3.65 5.97 -7.09
CA ALA A 85 -2.52 5.54 -6.26
C ALA A 85 -1.60 4.51 -6.97
N LEU A 86 -2.16 3.72 -7.89
CA LEU A 86 -1.40 2.81 -8.75
C LEU A 86 -0.87 3.50 -10.02
N GLY A 87 -1.60 4.47 -10.57
CA GLY A 87 -1.18 5.29 -11.73
C GLY A 87 0.01 6.24 -11.40
N GLU A 88 0.07 6.70 -10.16
CA GLU A 88 1.22 7.39 -9.54
C GLU A 88 2.45 6.45 -9.46
N LEU A 89 2.18 5.14 -9.48
CA LEU A 89 3.08 3.99 -9.32
C LEU A 89 3.29 3.80 -7.83
N VAL A 90 3.08 2.58 -7.33
CA VAL A 90 3.02 2.24 -5.89
C VAL A 90 4.34 2.44 -5.13
N GLN A 91 5.37 3.01 -5.76
CA GLN A 91 6.16 4.08 -5.16
C GLN A 91 7.31 3.52 -4.32
N VAL A 92 7.17 2.31 -3.78
CA VAL A 92 8.18 1.42 -3.15
C VAL A 92 9.27 0.96 -4.13
N VAL A 93 9.63 1.85 -5.06
CA VAL A 93 10.70 1.71 -6.08
C VAL A 93 10.49 0.51 -7.05
N LEU A 94 9.31 -0.13 -6.95
CA LEU A 94 8.88 -1.43 -7.50
C LEU A 94 9.05 -2.47 -6.37
N ALA A 95 7.93 -2.96 -5.85
CA ALA A 95 7.95 -4.02 -4.86
C ALA A 95 8.54 -5.32 -5.43
N VAL A 96 9.83 -5.56 -5.20
CA VAL A 96 10.46 -6.86 -5.46
C VAL A 96 9.66 -7.97 -4.75
N ASP A 97 9.63 -9.16 -5.36
CA ASP A 97 8.88 -10.38 -5.00
C ASP A 97 9.41 -11.06 -3.71
N THR A 98 9.86 -10.25 -2.74
CA THR A 98 10.45 -10.68 -1.47
C THR A 98 9.46 -10.60 -0.34
N ASP A 99 9.37 -11.72 0.39
CA ASP A 99 8.70 -11.79 1.69
C ASP A 99 9.64 -12.41 2.74
N GLN A 100 9.42 -12.06 4.01
CA GLN A 100 10.31 -12.29 5.14
C GLN A 100 9.55 -11.94 6.45
N PRO A 101 10.00 -12.37 7.65
CA PRO A 101 9.44 -11.88 8.92
C PRO A 101 9.74 -10.38 9.07
N CYS A 102 8.92 -9.68 9.85
CA CYS A 102 8.97 -8.22 9.98
C CYS A 102 9.85 -7.74 11.15
N VAL A 103 9.44 -6.60 11.70
CA VAL A 103 10.04 -5.96 12.88
C VAL A 103 11.57 -5.85 12.72
N ALA A 104 12.00 -5.27 11.59
CA ALA A 104 13.41 -5.03 11.20
C ALA A 104 14.21 -6.25 10.68
N GLU A 105 13.71 -7.48 10.85
CA GLU A 105 14.41 -8.72 10.45
C GLU A 105 14.70 -8.78 8.93
N ARG A 106 15.56 -9.74 8.55
CA ARG A 106 16.16 -9.85 7.21
C ARG A 106 16.90 -11.18 7.05
N ALA B 10 12.32 -7.09 1.71
CA ALA B 10 11.02 -7.77 1.82
C ALA B 10 9.87 -6.81 1.50
N LEU B 11 9.80 -6.35 0.25
CA LEU B 11 8.92 -5.24 -0.12
C LEU B 11 7.43 -5.57 0.01
N ALA B 12 7.00 -6.83 0.00
CA ALA B 12 5.63 -7.18 0.37
C ALA B 12 5.29 -6.80 1.83
N ARG B 13 6.27 -6.84 2.74
CA ARG B 13 6.09 -6.35 4.12
C ARG B 13 5.73 -4.87 4.16
N LEU B 14 6.25 -4.05 3.22
CA LEU B 14 6.00 -2.60 3.14
C LEU B 14 4.50 -2.34 3.19
N GLY B 15 3.71 -2.91 2.26
CA GLY B 15 2.26 -2.72 2.23
C GLY B 15 1.56 -3.27 3.47
N ARG B 16 2.08 -4.37 4.04
CA ARG B 16 1.63 -4.96 5.31
C ARG B 16 1.98 -4.11 6.55
N ALA B 17 2.83 -3.10 6.40
CA ALA B 17 3.12 -2.08 7.41
C ALA B 17 2.58 -0.67 7.06
N LEU B 18 2.05 -0.44 5.85
CA LEU B 18 1.42 0.84 5.48
C LEU B 18 -0.10 0.82 5.61
N ALA B 19 -0.74 -0.34 5.45
CA ALA B 19 -2.18 -0.54 5.68
C ALA B 19 -2.50 -0.93 7.13
N ASP B 20 -1.74 -0.35 8.06
CA ASP B 20 -1.88 -0.41 9.50
C ASP B 20 -3.00 0.54 10.02
N PRO B 21 -3.39 0.38 11.30
CA PRO B 21 -4.26 1.28 12.08
C PRO B 21 -3.55 2.62 12.40
N THR B 22 -3.30 2.92 13.68
CA THR B 22 -2.58 4.10 14.23
C THR B 22 -1.34 4.49 13.46
N ARG B 23 -0.61 3.51 12.90
CA ARG B 23 0.59 3.76 12.10
C ARG B 23 0.32 4.64 10.87
N CYS B 24 -0.88 4.56 10.25
CA CYS B 24 -1.31 5.49 9.20
C CYS B 24 -1.18 6.92 9.72
N ARG B 25 -1.83 7.24 10.84
CA ARG B 25 -1.77 8.59 11.43
C ARG B 25 -0.36 8.94 11.94
N ILE B 26 0.41 8.00 12.49
CA ILE B 26 1.86 8.21 12.81
C ILE B 26 2.66 8.70 11.61
N LEU B 27 2.55 8.02 10.47
CA LEU B 27 3.38 8.35 9.31
C LEU B 27 3.01 9.71 8.70
N VAL B 28 1.72 10.04 8.59
CA VAL B 28 1.29 11.36 8.10
C VAL B 28 1.51 12.47 9.15
N ALA B 29 1.54 12.14 10.45
CA ALA B 29 1.93 13.06 11.49
C ALA B 29 3.41 13.48 11.39
N LEU B 30 4.26 12.63 10.81
CA LEU B 30 5.62 13.04 10.45
C LEU B 30 5.60 14.05 9.31
N LEU B 31 4.91 13.76 8.20
CA LEU B 31 4.63 14.72 7.11
C LEU B 31 4.18 16.09 7.65
N ASP B 32 3.26 16.11 8.62
CA ASP B 32 2.70 17.29 9.29
C ASP B 32 3.59 17.87 10.42
N GLY B 33 4.81 17.33 10.65
CA GLY B 33 5.61 17.64 11.85
C GLY B 33 7.13 17.51 11.76
N VAL B 34 7.64 16.30 11.51
CA VAL B 34 9.07 15.89 11.57
C VAL B 34 9.93 16.58 12.64
N CYS B 35 9.39 16.80 13.86
CA CYS B 35 10.04 17.65 14.86
C CYS B 35 10.86 16.86 15.90
N TYR B 36 10.24 15.96 16.66
CA TYR B 36 10.95 15.25 17.76
C TYR B 36 10.31 13.93 18.22
N PRO B 37 11.04 13.00 18.88
CA PRO B 37 10.47 11.78 19.45
C PRO B 37 9.40 12.11 20.47
N GLY B 38 8.20 11.57 20.27
CA GLY B 38 7.04 11.87 21.12
C GLY B 38 6.27 13.13 20.72
N GLN B 39 6.74 13.91 19.71
CA GLN B 39 5.95 15.00 19.12
C GLN B 39 4.62 14.46 18.62
N LEU B 40 4.63 13.22 18.10
CA LEU B 40 3.48 12.50 17.56
C LEU B 40 2.40 12.26 18.61
N ALA B 41 2.74 12.36 19.90
CA ALA B 41 1.75 12.15 20.96
C ALA B 41 0.69 13.26 20.92
N ALA B 42 1.13 14.51 21.04
CA ALA B 42 0.24 15.67 20.94
C ALA B 42 -0.38 15.78 19.54
N HIS B 43 0.37 15.37 18.51
CA HIS B 43 -0.07 15.39 17.11
C HIS B 43 -1.14 14.34 16.75
N LEU B 44 -1.38 13.35 17.63
CA LEU B 44 -2.38 12.30 17.49
C LEU B 44 -3.45 12.31 18.60
N GLY B 45 -3.15 12.88 19.77
CA GLY B 45 -3.94 12.75 21.00
C GLY B 45 -3.66 11.42 21.71
N LEU B 46 -2.62 10.68 21.31
CA LEU B 46 -2.38 9.30 21.75
C LEU B 46 -0.99 9.12 22.38
N THR B 47 -0.94 8.46 23.55
CA THR B 47 0.22 8.36 24.44
C THR B 47 1.52 7.95 23.77
N ARG B 48 2.61 8.51 24.31
CA ARG B 48 4.01 8.28 23.91
C ARG B 48 4.35 6.78 23.82
N SER B 49 3.78 5.95 24.69
CA SER B 49 3.92 4.48 24.64
C SER B 49 3.37 3.93 23.32
N ASN B 50 2.08 4.15 23.05
CA ASN B 50 1.40 3.66 21.85
C ASN B 50 1.96 4.29 20.57
N VAL B 51 2.34 5.58 20.62
CA VAL B 51 3.10 6.25 19.55
C VAL B 51 4.40 5.51 19.25
N SER B 52 5.21 5.18 20.26
CA SER B 52 6.51 4.53 20.04
C SER B 52 6.43 3.05 19.70
N ASN B 53 5.38 2.34 20.11
CA ASN B 53 5.07 0.97 19.70
C ASN B 53 5.10 0.85 18.16
N HIS B 54 4.41 1.76 17.48
CA HIS B 54 4.44 1.85 16.01
C HIS B 54 5.71 2.47 15.42
N LEU B 55 6.50 3.29 16.17
CA LEU B 55 7.81 3.75 15.68
C LEU B 55 8.83 2.60 15.59
N SER B 56 8.66 1.51 16.32
CA SER B 56 9.58 0.36 16.25
C SER B 56 9.59 -0.26 14.84
N CYS B 57 8.41 -0.61 14.32
CA CYS B 57 8.24 -1.23 13.00
C CYS B 57 8.22 -0.17 11.86
N LEU B 58 8.68 1.04 12.19
CA LEU B 58 8.91 2.19 11.31
C LEU B 58 10.40 2.40 11.05
N ARG B 59 11.18 2.48 12.12
CA ARG B 59 12.59 2.87 12.10
C ARG B 59 13.55 1.68 11.89
N GLY B 60 13.03 0.44 11.92
CA GLY B 60 13.76 -0.79 11.58
C GLY B 60 13.34 -1.39 10.22
N CYS B 61 12.08 -1.16 9.84
CA CYS B 61 11.52 -1.49 8.54
C CYS B 61 11.71 -0.35 7.48
N GLY B 62 12.52 0.68 7.80
CA GLY B 62 13.00 1.75 6.91
C GLY B 62 12.01 2.88 6.58
N LEU B 63 10.71 2.72 6.87
CA LEU B 63 9.63 3.70 6.63
C LEU B 63 9.93 5.13 7.12
N VAL B 64 10.79 5.23 8.12
CA VAL B 64 11.32 6.48 8.67
C VAL B 64 12.82 6.38 8.95
N VAL B 65 13.47 7.54 8.84
CA VAL B 65 14.87 7.79 9.22
C VAL B 65 14.88 8.87 10.32
N ALA B 66 15.86 8.79 11.23
CA ALA B 66 16.04 9.74 12.32
C ALA B 66 17.30 10.62 12.14
N THR B 67 17.18 11.93 12.38
CA THR B 67 18.30 12.90 12.34
C THR B 67 18.48 13.58 13.69
N TYR B 68 19.45 14.50 13.76
CA TYR B 68 19.56 15.55 14.77
C TYR B 68 18.95 16.81 14.12
N GLU B 69 18.09 17.59 14.79
CA GLU B 69 17.50 18.84 14.26
C GLU B 69 18.22 20.14 14.69
N GLY B 70 19.12 20.08 15.68
CA GLY B 70 19.93 21.22 16.16
C GLY B 70 19.65 21.57 17.62
N ARG B 71 18.41 21.41 18.06
CA ARG B 71 17.98 21.48 19.46
C ARG B 71 17.88 20.07 20.09
N GLN B 72 17.47 19.07 19.30
CA GLN B 72 17.24 17.69 19.67
C GLN B 72 17.38 16.76 18.44
N VAL B 73 16.55 15.73 18.32
CA VAL B 73 16.58 14.68 17.29
C VAL B 73 15.17 14.48 16.76
N ARG B 74 15.00 14.03 15.51
CA ARG B 74 13.68 13.93 14.87
C ARG B 74 13.49 12.60 14.16
N TYR B 75 12.27 12.39 13.66
CA TYR B 75 11.94 11.31 12.73
C TYR B 75 11.36 11.91 11.45
N ALA B 76 11.69 11.34 10.30
CA ALA B 76 11.26 11.80 8.99
C ALA B 76 10.98 10.59 8.10
N LEU B 77 9.99 10.69 7.22
CA LEU B 77 9.64 9.67 6.23
C LEU B 77 10.88 9.25 5.41
N ALA B 78 10.95 7.99 4.99
CA ALA B 78 12.11 7.42 4.28
C ALA B 78 12.62 8.25 3.08
N ASP B 79 11.67 8.75 2.28
CA ASP B 79 11.92 9.48 1.03
C ASP B 79 10.62 10.15 0.54
N SER B 80 10.81 11.10 -0.37
CA SER B 80 9.81 11.75 -1.22
C SER B 80 8.76 10.77 -1.77
N HIS B 81 9.13 9.51 -2.06
CA HIS B 81 8.23 8.45 -2.49
C HIS B 81 7.12 8.15 -1.49
N LEU B 82 7.44 7.84 -0.23
CA LEU B 82 6.38 7.60 0.76
C LEU B 82 5.61 8.90 1.02
N ALA B 83 6.27 10.06 0.92
CA ALA B 83 5.63 11.35 1.13
C ALA B 83 4.57 11.58 0.02
N ARG B 84 4.77 11.05 -1.19
CA ARG B 84 3.75 10.97 -2.25
C ARG B 84 2.69 9.91 -1.91
N ALA B 85 3.06 8.64 -1.68
CA ALA B 85 2.11 7.56 -1.42
C ALA B 85 1.15 7.85 -0.23
N LEU B 86 1.63 8.58 0.78
CA LEU B 86 0.83 9.05 1.89
C LEU B 86 0.16 10.41 1.62
N GLY B 87 0.85 11.33 0.93
CA GLY B 87 0.42 12.74 0.74
C GLY B 87 -0.61 12.93 -0.38
N GLU B 88 -0.42 12.27 -1.52
CA GLU B 88 -1.43 12.11 -2.59
C GLU B 88 -2.52 11.13 -2.08
N LEU B 89 -2.05 10.14 -1.31
CA LEU B 89 -2.76 9.17 -0.46
C LEU B 89 -3.04 7.87 -1.21
N VAL B 90 -2.97 6.76 -0.48
CA VAL B 90 -3.38 5.42 -0.90
C VAL B 90 -4.80 5.33 -1.46
N GLN B 91 -5.62 6.37 -1.22
CA GLN B 91 -7.02 6.50 -1.62
C GLN B 91 -7.96 5.49 -0.95
N VAL B 92 -7.44 4.42 -0.30
CA VAL B 92 -8.11 3.31 0.41
C VAL B 92 -9.05 3.68 1.57
N VAL B 93 -9.59 4.89 1.54
CA VAL B 93 -10.63 5.42 2.41
C VAL B 93 -10.15 5.53 3.87
N LEU B 94 -8.81 5.43 4.09
CA LEU B 94 -8.11 5.24 5.36
C LEU B 94 -8.23 3.75 5.75
N ALA B 95 -7.09 3.07 5.82
CA ALA B 95 -7.00 1.72 6.39
C ALA B 95 -7.49 1.62 7.86
N VAL B 96 -8.79 1.40 8.05
CA VAL B 96 -9.41 1.04 9.35
C VAL B 96 -8.79 -0.24 9.92
N ASP B 97 -8.72 -0.30 11.26
CA ASP B 97 -8.38 -1.41 12.17
C ASP B 97 -9.14 -2.73 11.91
N THR B 98 -9.02 -3.30 10.70
CA THR B 98 -9.61 -4.59 10.31
C THR B 98 -8.62 -5.46 9.54
N ASP B 99 -8.42 -6.65 10.08
CA ASP B 99 -7.78 -7.78 9.38
C ASP B 99 -8.71 -9.00 9.48
N GLN B 100 -8.56 -9.93 8.55
CA GLN B 100 -9.50 -11.01 8.31
C GLN B 100 -8.86 -12.06 7.38
N PRO B 101 -9.40 -13.30 7.24
CA PRO B 101 -8.96 -14.20 6.17
C PRO B 101 -9.34 -13.59 4.81
N CYS B 102 -8.62 -14.01 3.77
CA CYS B 102 -8.68 -13.40 2.45
C CYS B 102 -9.55 -14.20 1.46
N VAL B 103 -9.16 -14.11 0.19
CA VAL B 103 -9.76 -14.83 -0.95
C VAL B 103 -11.29 -14.62 -0.96
N ALA B 104 -11.71 -13.34 -0.87
CA ALA B 104 -13.09 -12.82 -0.92
C ALA B 104 -13.86 -12.81 0.42
N GLU B 105 -13.40 -13.55 1.44
CA GLU B 105 -14.09 -13.73 2.72
C GLU B 105 -14.31 -12.43 3.53
N ARG B 106 -15.05 -12.55 4.64
CA ARG B 106 -15.60 -11.47 5.47
C ARG B 106 -16.28 -12.04 6.72
CD CD C . -7.29 -10.95 -1.23
CD CD D . 7.41 -3.79 9.82
N ALA A 10 -12.16 -3.12 2.74
CA ALA A 10 -11.04 -3.76 3.43
C ALA A 10 -9.75 -2.90 3.51
N LEU A 11 -9.82 -1.79 4.25
CA LEU A 11 -8.85 -0.69 4.25
C LEU A 11 -7.38 -1.11 4.47
N ALA A 12 -7.08 -2.07 5.35
CA ALA A 12 -5.72 -2.60 5.51
C ALA A 12 -5.36 -3.57 4.38
N ARG A 13 -6.33 -4.38 3.94
CA ARG A 13 -6.20 -5.34 2.83
C ARG A 13 -5.89 -4.66 1.50
N LEU A 14 -6.32 -3.42 1.29
CA LEU A 14 -5.92 -2.54 0.18
C LEU A 14 -4.39 -2.57 0.03
N GLY A 15 -3.66 -2.21 1.09
CA GLY A 15 -2.20 -2.17 1.03
C GLY A 15 -1.54 -3.54 1.11
N ARG A 16 -2.27 -4.59 1.51
CA ARG A 16 -1.79 -5.97 1.33
C ARG A 16 -1.77 -6.22 -0.19
N ALA A 17 -2.94 -6.16 -0.83
CA ALA A 17 -3.18 -6.49 -2.24
C ALA A 17 -2.40 -5.62 -3.25
N LEU A 18 -2.24 -4.31 -3.00
CA LEU A 18 -1.52 -3.42 -3.93
C LEU A 18 0.00 -3.53 -3.79
N ALA A 19 0.50 -4.14 -2.72
CA ALA A 19 1.91 -4.50 -2.55
C ALA A 19 2.11 -6.03 -2.41
N ASP A 20 1.18 -6.83 -2.92
CA ASP A 20 1.35 -8.26 -3.14
C ASP A 20 1.91 -8.39 -4.58
N PRO A 21 2.72 -9.40 -4.88
CA PRO A 21 3.56 -9.53 -6.09
C PRO A 21 2.76 -9.40 -7.41
N THR A 22 2.46 -10.54 -8.01
CA THR A 22 1.55 -10.70 -9.14
C THR A 22 0.25 -9.95 -8.94
N ARG A 23 -0.28 -9.89 -7.71
CA ARG A 23 -1.59 -9.28 -7.44
C ARG A 23 -1.57 -7.75 -7.73
N CYS A 24 -0.47 -7.05 -7.43
CA CYS A 24 -0.23 -5.68 -7.90
C CYS A 24 -0.04 -5.65 -9.43
N ARG A 25 0.77 -6.57 -9.95
CA ARG A 25 1.02 -6.69 -11.39
C ARG A 25 -0.28 -6.81 -12.21
N ILE A 26 -1.25 -7.61 -11.76
CA ILE A 26 -2.62 -7.69 -12.32
C ILE A 26 -3.30 -6.32 -12.34
N LEU A 27 -3.31 -5.58 -11.22
CA LEU A 27 -3.98 -4.28 -11.15
C LEU A 27 -3.39 -3.27 -12.13
N VAL A 28 -2.06 -3.23 -12.29
CA VAL A 28 -1.39 -2.28 -13.20
C VAL A 28 -1.42 -2.74 -14.67
N ALA A 29 -1.38 -4.05 -14.92
CA ALA A 29 -1.54 -4.63 -16.24
C ALA A 29 -3.00 -4.58 -16.73
N LEU A 30 -3.99 -4.61 -15.84
CA LEU A 30 -5.36 -4.35 -16.22
C LEU A 30 -5.55 -2.91 -16.68
N LEU A 31 -4.90 -1.94 -16.02
CA LEU A 31 -4.88 -0.51 -16.37
C LEU A 31 -4.58 -0.33 -17.87
N ASP A 32 -3.41 -0.79 -18.30
CA ASP A 32 -2.94 -0.85 -19.70
C ASP A 32 -3.43 -2.10 -20.45
N GLY A 33 -4.57 -2.66 -20.03
CA GLY A 33 -5.19 -3.87 -20.58
C GLY A 33 -6.69 -3.70 -20.83
N VAL A 34 -7.49 -3.97 -19.79
CA VAL A 34 -8.96 -4.07 -19.80
C VAL A 34 -9.54 -4.78 -21.03
N CYS A 35 -8.91 -5.88 -21.49
CA CYS A 35 -9.34 -6.62 -22.69
C CYS A 35 -10.34 -7.74 -22.37
N TYR A 36 -9.88 -8.79 -21.68
CA TYR A 36 -10.66 -10.03 -21.49
C TYR A 36 -10.17 -10.87 -20.28
N PRO A 37 -11.01 -11.75 -19.69
CA PRO A 37 -10.57 -12.69 -18.67
C PRO A 37 -9.43 -13.54 -19.23
N GLY A 38 -8.32 -13.61 -18.49
CA GLY A 38 -7.11 -14.30 -18.95
C GLY A 38 -6.24 -13.49 -19.92
N GLN A 39 -6.61 -12.26 -20.31
CA GLN A 39 -5.71 -11.38 -21.08
C GLN A 39 -4.41 -11.11 -20.31
N LEU A 40 -4.51 -10.97 -18.99
CA LEU A 40 -3.37 -10.70 -18.09
C LEU A 40 -2.32 -11.82 -18.13
N ALA A 41 -2.68 -13.01 -18.63
CA ALA A 41 -1.71 -14.10 -18.84
C ALA A 41 -0.64 -13.72 -19.86
N ALA A 42 -0.99 -12.90 -20.87
CA ALA A 42 -0.03 -12.34 -21.83
C ALA A 42 0.82 -11.25 -21.19
N HIS A 43 0.20 -10.26 -20.53
CA HIS A 43 0.93 -9.18 -19.84
C HIS A 43 1.92 -9.67 -18.77
N LEU A 44 1.57 -10.73 -18.03
CA LEU A 44 2.35 -11.23 -16.89
C LEU A 44 3.24 -12.43 -17.26
N GLY A 45 2.93 -13.18 -18.31
CA GLY A 45 3.59 -14.47 -18.63
C GLY A 45 3.18 -15.62 -17.70
N LEU A 46 2.19 -15.40 -16.82
CA LEU A 46 1.69 -16.41 -15.88
C LEU A 46 0.44 -17.11 -16.42
N THR A 47 0.20 -18.34 -15.95
CA THR A 47 -0.95 -19.15 -16.38
C THR A 47 -2.27 -18.43 -16.11
N ARG A 48 -3.23 -18.64 -17.03
CA ARG A 48 -4.64 -18.20 -16.90
C ARG A 48 -5.29 -18.73 -15.61
N SER A 49 -4.78 -19.83 -15.05
CA SER A 49 -5.14 -20.36 -13.73
C SER A 49 -4.72 -19.40 -12.61
N ASN A 50 -3.41 -19.15 -12.46
CA ASN A 50 -2.90 -18.26 -11.41
C ASN A 50 -3.34 -16.81 -11.64
N VAL A 51 -3.41 -16.33 -12.89
CA VAL A 51 -4.03 -15.03 -13.19
C VAL A 51 -5.49 -14.94 -12.72
N SER A 52 -6.26 -16.02 -12.69
CA SER A 52 -7.60 -15.99 -12.07
C SER A 52 -7.55 -16.01 -10.55
N ASN A 53 -6.61 -16.76 -9.94
CA ASN A 53 -6.36 -16.74 -8.50
C ASN A 53 -6.10 -15.31 -8.03
N HIS A 54 -5.20 -14.59 -8.71
CA HIS A 54 -4.92 -13.20 -8.37
C HIS A 54 -6.14 -12.26 -8.58
N LEU A 55 -7.13 -12.63 -9.40
CA LEU A 55 -8.38 -11.89 -9.59
C LEU A 55 -9.50 -12.29 -8.62
N SER A 56 -9.48 -13.43 -7.94
CA SER A 56 -10.55 -13.81 -7.00
C SER A 56 -10.82 -12.73 -5.95
N CYS A 57 -9.77 -12.38 -5.21
CA CYS A 57 -9.86 -11.43 -4.12
C CYS A 57 -10.18 -10.03 -4.65
N LEU A 58 -9.47 -9.67 -5.71
CA LEU A 58 -9.52 -8.41 -6.44
C LEU A 58 -10.94 -7.98 -6.83
N ARG A 59 -11.75 -8.94 -7.29
CA ARG A 59 -13.12 -8.70 -7.75
C ARG A 59 -14.16 -8.68 -6.62
N GLY A 60 -13.87 -9.26 -5.45
CA GLY A 60 -14.79 -9.29 -4.30
C GLY A 60 -14.54 -8.18 -3.27
N CYS A 61 -13.28 -7.94 -2.91
CA CYS A 61 -12.85 -6.84 -2.04
C CYS A 61 -13.10 -5.44 -2.69
N GLY A 62 -13.37 -5.46 -4.01
CA GLY A 62 -13.88 -4.36 -4.82
C GLY A 62 -12.85 -3.56 -5.60
N LEU A 63 -11.61 -4.06 -5.74
CA LEU A 63 -10.53 -3.40 -6.47
C LEU A 63 -10.73 -3.40 -7.98
N VAL A 64 -11.43 -4.39 -8.53
CA VAL A 64 -11.72 -4.58 -9.96
C VAL A 64 -13.14 -5.10 -10.19
N VAL A 65 -13.66 -4.90 -11.41
CA VAL A 65 -15.06 -5.19 -11.79
C VAL A 65 -15.11 -5.78 -13.21
N ALA A 66 -16.20 -6.46 -13.58
CA ALA A 66 -16.50 -6.90 -14.94
C ALA A 66 -17.22 -5.80 -15.77
N THR A 67 -16.93 -5.77 -17.07
CA THR A 67 -17.64 -4.96 -18.09
C THR A 67 -17.77 -5.81 -19.35
N TYR A 68 -18.46 -5.35 -20.38
CA TYR A 68 -18.47 -5.96 -21.71
C TYR A 68 -17.77 -5.06 -22.76
N GLU A 69 -16.81 -5.61 -23.51
CA GLU A 69 -16.26 -4.99 -24.73
C GLU A 69 -17.18 -5.25 -25.95
N GLY A 70 -18.43 -5.68 -25.72
CA GLY A 70 -19.45 -5.99 -26.73
C GLY A 70 -19.25 -7.37 -27.35
N ARG A 71 -18.06 -7.59 -27.91
CA ARG A 71 -17.62 -8.86 -28.51
C ARG A 71 -17.24 -9.93 -27.46
N GLN A 72 -16.98 -9.51 -26.22
CA GLN A 72 -16.48 -10.33 -25.11
C GLN A 72 -16.71 -9.59 -23.78
N VAL A 73 -16.55 -10.27 -22.64
CA VAL A 73 -16.49 -9.61 -21.33
C VAL A 73 -15.03 -9.21 -21.03
N ARG A 74 -14.83 -8.19 -20.18
CA ARG A 74 -13.53 -7.68 -19.78
C ARG A 74 -13.51 -7.51 -18.26
N TYR A 75 -12.32 -7.25 -17.72
CA TYR A 75 -12.18 -6.74 -16.35
C TYR A 75 -11.74 -5.26 -16.42
N ALA A 76 -11.91 -4.52 -15.34
CA ALA A 76 -11.56 -3.10 -15.21
C ALA A 76 -11.24 -2.76 -13.75
N LEU A 77 -10.38 -1.78 -13.51
CA LEU A 77 -10.15 -1.18 -12.18
C LEU A 77 -11.44 -0.50 -11.70
N ALA A 78 -11.73 -0.46 -10.40
CA ALA A 78 -13.05 -0.03 -9.89
C ALA A 78 -13.36 1.49 -9.88
N ASP A 79 -12.37 2.36 -10.17
CA ASP A 79 -12.48 3.82 -10.35
C ASP A 79 -11.11 4.47 -10.69
N SER A 80 -11.19 5.71 -11.19
CA SER A 80 -10.09 6.66 -11.35
C SER A 80 -9.24 6.78 -10.07
N HIS A 81 -9.82 6.56 -8.89
CA HIS A 81 -9.13 6.41 -7.61
C HIS A 81 -7.97 5.43 -7.69
N LEU A 82 -8.22 4.14 -7.94
CA LEU A 82 -7.12 3.17 -8.03
C LEU A 82 -6.28 3.45 -9.28
N ALA A 83 -6.89 3.90 -10.38
CA ALA A 83 -6.15 4.09 -11.64
C ALA A 83 -5.08 5.17 -11.50
N ARG A 84 -5.42 6.30 -10.87
CA ARG A 84 -4.49 7.41 -10.64
C ARG A 84 -3.55 7.17 -9.47
N ALA A 85 -3.95 6.45 -8.41
CA ALA A 85 -3.06 6.12 -7.29
C ALA A 85 -2.04 5.04 -7.65
N LEU A 86 -2.45 3.98 -8.36
CA LEU A 86 -1.53 2.96 -8.85
C LEU A 86 -0.64 3.54 -9.96
N GLY A 87 -1.24 4.32 -10.87
CA GLY A 87 -0.60 4.89 -12.07
C GLY A 87 0.39 6.01 -11.76
N GLU A 88 0.17 6.79 -10.68
CA GLU A 88 1.16 7.71 -10.08
C GLU A 88 2.39 6.96 -9.55
N LEU A 89 2.18 5.68 -9.21
CA LEU A 89 3.05 4.78 -8.46
C LEU A 89 2.93 5.13 -6.99
N VAL A 90 3.07 4.14 -6.11
CA VAL A 90 3.31 4.35 -4.66
C VAL A 90 4.56 5.21 -4.33
N GLN A 91 5.22 5.73 -5.36
CA GLN A 91 6.45 6.50 -5.39
C GLN A 91 7.66 5.60 -5.09
N VAL A 92 7.56 4.71 -4.11
CA VAL A 92 8.65 3.90 -3.56
C VAL A 92 9.36 3.06 -4.64
N VAL A 93 10.54 3.54 -5.02
CA VAL A 93 11.60 2.94 -5.85
C VAL A 93 11.26 2.56 -7.31
N LEU A 94 9.99 2.20 -7.56
CA LEU A 94 9.37 1.51 -8.71
C LEU A 94 9.01 0.14 -8.08
N ALA A 95 7.79 0.02 -7.57
CA ALA A 95 7.35 -1.12 -6.75
C ALA A 95 7.40 -2.50 -7.47
N VAL A 96 8.58 -3.11 -7.50
CA VAL A 96 8.84 -4.51 -7.92
C VAL A 96 8.14 -5.52 -6.99
N ASP A 97 7.78 -6.68 -7.57
CA ASP A 97 7.19 -7.86 -6.96
C ASP A 97 8.05 -8.53 -5.85
N THR A 98 9.29 -8.09 -5.63
CA THR A 98 10.25 -8.69 -4.69
C THR A 98 9.92 -8.35 -3.24
N ASP A 99 9.53 -9.36 -2.48
CA ASP A 99 9.41 -9.31 -1.01
C ASP A 99 10.80 -9.35 -0.35
N GLN A 100 11.56 -8.27 -0.53
CA GLN A 100 12.85 -8.07 0.13
C GLN A 100 12.67 -8.15 1.67
N PRO A 101 13.64 -8.70 2.42
CA PRO A 101 13.47 -9.03 3.84
C PRO A 101 13.20 -7.81 4.72
N CYS A 102 12.22 -7.99 5.62
CA CYS A 102 11.73 -7.02 6.58
C CYS A 102 12.77 -6.76 7.70
N VAL A 103 13.90 -6.15 7.32
CA VAL A 103 15.15 -6.01 8.09
C VAL A 103 15.04 -5.85 9.62
N ALA A 104 14.22 -4.93 10.13
CA ALA A 104 13.96 -4.78 11.57
C ALA A 104 12.76 -5.64 12.01
N GLU A 105 12.94 -6.35 13.12
CA GLU A 105 11.99 -7.34 13.64
C GLU A 105 11.63 -8.46 12.63
N ARG A 106 12.59 -8.88 11.80
CA ARG A 106 12.42 -9.83 10.69
C ARG A 106 11.99 -11.24 11.13
N ALA B 10 12.45 -3.32 0.98
CA ALA B 10 11.39 -4.27 1.39
C ALA B 10 10.01 -4.01 0.75
N LEU B 11 9.96 -3.91 -0.59
CA LEU B 11 8.84 -3.43 -1.41
C LEU B 11 7.45 -3.96 -1.02
N ALA B 12 7.30 -5.25 -0.71
CA ALA B 12 6.02 -5.76 -0.20
C ALA B 12 5.77 -5.31 1.25
N ARG B 13 6.74 -5.54 2.16
CA ARG B 13 6.67 -5.16 3.59
C ARG B 13 6.36 -3.67 3.81
N LEU B 14 6.87 -2.80 2.92
CA LEU B 14 6.55 -1.38 2.78
C LEU B 14 5.04 -1.17 2.72
N GLY B 15 4.34 -1.82 1.77
CA GLY B 15 2.88 -1.73 1.65
C GLY B 15 2.13 -2.47 2.76
N ARG B 16 2.77 -3.42 3.47
CA ARG B 16 2.18 -3.98 4.70
C ARG B 16 2.13 -2.87 5.76
N ALA B 17 3.25 -2.18 5.98
CA ALA B 17 3.43 -1.13 6.97
C ALA B 17 2.69 0.18 6.64
N LEU B 18 2.61 0.58 5.36
CA LEU B 18 1.86 1.77 4.95
C LEU B 18 0.33 1.58 5.00
N ALA B 19 -0.14 0.33 5.12
CA ALA B 19 -1.55 0.02 5.38
C ALA B 19 -1.73 -0.82 6.65
N ASP B 20 -0.85 -0.65 7.63
CA ASP B 20 -1.04 -1.13 8.99
C ASP B 20 -1.70 0.02 9.77
N PRO B 21 -2.47 -0.27 10.83
CA PRO B 21 -3.36 0.66 11.54
C PRO B 21 -2.66 1.94 12.03
N THR B 22 -2.21 1.92 13.28
CA THR B 22 -1.35 2.91 13.90
C THR B 22 -0.11 3.20 13.08
N ARG B 23 0.43 2.23 12.34
CA ARG B 23 1.68 2.40 11.58
C ARG B 23 1.50 3.39 10.42
N CYS B 24 0.39 3.33 9.67
CA CYS B 24 0.00 4.37 8.71
C CYS B 24 -0.24 5.70 9.44
N ARG B 25 -0.91 5.64 10.60
CA ARG B 25 -1.14 6.80 11.47
C ARG B 25 0.16 7.49 11.90
N ILE B 26 1.19 6.78 12.35
CA ILE B 26 2.53 7.32 12.66
C ILE B 26 3.10 8.04 11.45
N LEU B 27 3.12 7.39 10.28
CA LEU B 27 3.69 7.95 9.06
C LEU B 27 2.99 9.26 8.64
N VAL B 28 1.65 9.32 8.72
CA VAL B 28 0.90 10.53 8.30
C VAL B 28 0.90 11.63 9.38
N ALA B 29 0.96 11.26 10.66
CA ALA B 29 1.11 12.19 11.77
C ALA B 29 2.52 12.80 11.84
N LEU B 30 3.56 12.02 11.51
CA LEU B 30 4.91 12.52 11.48
C LEU B 30 5.10 13.63 10.47
N LEU B 31 4.45 13.52 9.30
CA LEU B 31 4.49 14.41 8.14
C LEU B 31 4.41 15.90 8.54
N ASP B 32 3.38 16.25 9.32
CA ASP B 32 3.10 17.60 9.83
C ASP B 32 3.81 17.87 11.19
N GLY B 33 4.27 16.80 11.86
CA GLY B 33 4.92 16.87 13.16
C GLY B 33 6.42 17.11 13.06
N VAL B 34 7.16 16.05 12.72
CA VAL B 34 8.64 15.95 12.78
C VAL B 34 9.29 16.67 13.97
N CYS B 35 8.70 16.57 15.16
CA CYS B 35 9.14 17.32 16.34
C CYS B 35 10.24 16.57 17.12
N TYR B 36 9.86 15.50 17.82
CA TYR B 36 10.74 14.80 18.76
C TYR B 36 10.33 13.34 18.98
N PRO B 37 11.24 12.45 19.44
CA PRO B 37 10.90 11.05 19.70
C PRO B 37 9.83 10.97 20.77
N GLY B 38 8.72 10.30 20.46
CA GLY B 38 7.55 10.23 21.34
C GLY B 38 6.58 11.40 21.21
N GLN B 39 6.84 12.40 20.35
CA GLN B 39 5.83 13.43 20.02
C GLN B 39 4.55 12.79 19.47
N LEU B 40 4.68 11.71 18.69
CA LEU B 40 3.57 11.01 18.05
C LEU B 40 2.58 10.46 19.08
N ALA B 41 2.97 10.30 20.34
CA ALA B 41 2.07 9.87 21.40
C ALA B 41 0.91 10.87 21.58
N ALA B 42 1.17 12.17 21.39
CA ALA B 42 0.16 13.23 21.44
C ALA B 42 -0.65 13.33 20.13
N HIS B 43 -0.04 13.15 18.97
CA HIS B 43 -0.77 13.07 17.69
C HIS B 43 -1.75 11.86 17.62
N LEU B 44 -1.38 10.72 18.22
CA LEU B 44 -2.12 9.45 18.12
C LEU B 44 -2.96 9.11 19.36
N GLY B 45 -2.64 9.64 20.54
CA GLY B 45 -3.24 9.24 21.81
C GLY B 45 -2.72 7.90 22.35
N LEU B 46 -1.67 7.34 21.74
CA LEU B 46 -1.10 6.04 22.13
C LEU B 46 0.22 6.19 22.90
N THR B 47 0.54 5.16 23.69
CA THR B 47 1.76 5.11 24.53
C THR B 47 3.03 5.20 23.70
N ARG B 48 4.06 5.85 24.24
CA ARG B 48 5.44 5.86 23.71
C ARG B 48 6.02 4.46 23.57
N SER B 49 5.52 3.49 24.32
CA SER B 49 5.82 2.06 24.16
C SER B 49 5.38 1.60 22.76
N ASN B 50 4.08 1.75 22.47
CA ASN B 50 3.48 1.32 21.21
C ASN B 50 3.92 2.23 20.05
N VAL B 51 3.95 3.57 20.22
CA VAL B 51 4.52 4.48 19.21
C VAL B 51 5.96 4.09 18.83
N SER B 52 6.82 3.67 19.78
CA SER B 52 8.17 3.19 19.43
C SER B 52 8.16 1.85 18.68
N ASN B 53 7.29 0.92 19.07
CA ASN B 53 7.07 -0.34 18.35
C ASN B 53 6.65 -0.09 16.90
N HIS B 54 5.67 0.79 16.69
CA HIS B 54 5.27 1.20 15.36
C HIS B 54 6.42 1.87 14.59
N LEU B 55 7.26 2.69 15.26
CA LEU B 55 8.47 3.30 14.70
C LEU B 55 9.60 2.32 14.44
N SER B 56 9.67 1.15 15.07
CA SER B 56 10.84 0.27 14.97
C SER B 56 11.11 -0.19 13.53
N CYS B 57 10.15 -0.87 12.91
CA CYS B 57 10.30 -1.35 11.54
C CYS B 57 10.20 -0.19 10.52
N LEU B 58 9.50 0.87 10.92
CA LEU B 58 9.44 2.16 10.24
C LEU B 58 10.85 2.73 10.02
N ARG B 59 11.69 2.74 11.07
CA ARG B 59 13.06 3.23 11.04
C ARG B 59 14.05 2.17 10.51
N GLY B 60 13.71 0.88 10.55
CA GLY B 60 14.54 -0.21 10.02
C GLY B 60 14.46 -0.34 8.50
N CYS B 61 13.27 -0.61 7.97
CA CYS B 61 13.01 -0.79 6.55
C CYS B 61 13.19 0.50 5.69
N GLY B 62 13.39 1.65 6.35
CA GLY B 62 13.74 2.95 5.77
C GLY B 62 12.59 3.94 5.58
N LEU B 63 11.38 3.63 6.09
CA LEU B 63 10.16 4.42 5.93
C LEU B 63 10.24 5.79 6.65
N VAL B 64 11.06 5.86 7.70
CA VAL B 64 11.40 7.05 8.49
C VAL B 64 12.87 7.02 8.89
N VAL B 65 13.42 8.19 9.23
CA VAL B 65 14.78 8.39 9.74
C VAL B 65 14.75 9.33 10.96
N ALA B 66 15.86 9.42 11.71
CA ALA B 66 16.08 10.38 12.79
C ALA B 66 17.00 11.53 12.36
N THR B 67 16.58 12.78 12.62
CA THR B 67 17.32 14.03 12.33
C THR B 67 17.54 14.77 13.65
N TYR B 68 18.17 15.94 13.60
CA TYR B 68 18.27 16.87 14.73
C TYR B 68 17.55 18.20 14.44
N GLU B 69 16.72 18.66 15.39
CA GLU B 69 16.20 20.04 15.43
C GLU B 69 17.19 20.97 16.19
N GLY B 70 18.40 20.48 16.51
CA GLY B 70 19.46 21.20 17.22
C GLY B 70 19.25 21.19 18.73
N ARG B 71 18.10 21.68 19.18
CA ARG B 71 17.64 21.65 20.58
C ARG B 71 17.28 20.23 21.06
N GLN B 72 17.02 19.31 20.14
CA GLN B 72 16.55 17.94 20.36
C GLN B 72 16.74 17.11 19.07
N VAL B 73 16.59 15.79 19.14
CA VAL B 73 16.49 14.93 17.95
C VAL B 73 15.02 14.81 17.51
N ARG B 74 14.76 14.50 16.24
CA ARG B 74 13.40 14.36 15.68
C ARG B 74 13.34 13.07 14.86
N TYR B 75 12.14 12.71 14.41
CA TYR B 75 11.95 11.71 13.35
C TYR B 75 11.42 12.43 12.09
N ALA B 76 11.55 11.81 10.92
CA ALA B 76 11.10 12.35 9.63
C ALA B 76 10.86 11.19 8.64
N LEU B 77 9.97 11.41 7.66
CA LEU B 77 9.65 10.47 6.58
C LEU B 77 10.86 10.19 5.66
N ALA B 78 10.86 9.07 4.94
CA ALA B 78 11.96 8.59 4.09
C ALA B 78 12.46 9.56 3.00
N ASP B 79 11.58 10.41 2.48
CA ASP B 79 11.72 11.30 1.30
C ASP B 79 10.34 11.89 0.94
N SER B 80 10.35 12.91 0.09
CA SER B 80 9.20 13.47 -0.62
C SER B 80 8.32 12.37 -1.24
N HIS B 81 8.91 11.27 -1.70
CA HIS B 81 8.21 10.06 -2.16
C HIS B 81 7.09 9.63 -1.23
N LEU B 82 7.38 9.23 0.01
CA LEU B 82 6.31 8.85 0.95
C LEU B 82 5.47 10.06 1.34
N ALA B 83 6.04 11.26 1.41
CA ALA B 83 5.30 12.45 1.85
C ALA B 83 4.14 12.73 0.90
N ARG B 84 4.39 12.68 -0.42
CA ARG B 84 3.36 12.93 -1.45
C ARG B 84 2.47 11.69 -1.69
N ALA B 85 3.01 10.47 -1.71
CA ALA B 85 2.23 9.24 -1.93
C ALA B 85 1.30 8.87 -0.76
N LEU B 86 1.71 9.16 0.49
CA LEU B 86 0.84 9.05 1.65
C LEU B 86 -0.16 10.23 1.70
N GLY B 87 0.33 11.43 1.42
CA GLY B 87 -0.37 12.72 1.61
C GLY B 87 -1.50 12.98 0.61
N GLU B 88 -1.32 12.63 -0.68
CA GLU B 88 -2.43 12.56 -1.66
C GLU B 88 -3.27 11.28 -1.41
N LEU B 89 -2.59 10.23 -0.94
CA LEU B 89 -3.10 8.97 -0.42
C LEU B 89 -3.42 7.99 -1.54
N VAL B 90 -3.51 6.72 -1.17
CA VAL B 90 -4.01 5.58 -1.98
C VAL B 90 -5.45 5.74 -2.49
N GLN B 91 -6.04 6.93 -2.35
CA GLN B 91 -7.32 7.33 -2.91
C GLN B 91 -8.55 6.65 -2.26
N VAL B 92 -8.41 5.51 -1.58
CA VAL B 92 -9.41 4.62 -0.93
C VAL B 92 -10.38 5.24 0.09
N VAL B 93 -10.71 6.51 -0.06
CA VAL B 93 -11.74 7.22 0.71
C VAL B 93 -11.31 7.42 2.18
N LEU B 94 -10.00 7.23 2.45
CA LEU B 94 -9.26 7.30 3.72
C LEU B 94 -9.00 5.88 4.22
N ALA B 95 -7.75 5.42 4.13
CA ALA B 95 -7.30 4.19 4.78
C ALA B 95 -7.43 4.29 6.32
N VAL B 96 -8.60 3.91 6.84
CA VAL B 96 -8.92 3.79 8.28
C VAL B 96 -8.07 2.68 8.92
N ASP B 97 -7.75 2.84 10.20
CA ASP B 97 -7.07 1.86 11.08
C ASP B 97 -7.79 0.49 11.22
N THR B 98 -8.97 0.31 10.62
CA THR B 98 -9.78 -0.93 10.70
C THR B 98 -9.37 -1.94 9.64
N ASP B 99 -8.92 -3.12 10.06
CA ASP B 99 -8.74 -4.28 9.18
C ASP B 99 -10.11 -4.93 8.90
N GLN B 100 -10.95 -4.18 8.16
CA GLN B 100 -12.23 -4.67 7.65
C GLN B 100 -11.96 -5.95 6.84
N PRO B 101 -12.76 -7.01 7.00
CA PRO B 101 -12.46 -8.34 6.47
C PRO B 101 -12.29 -8.34 4.96
N CYS B 102 -11.26 -9.07 4.53
CA CYS B 102 -10.84 -9.36 3.17
C CYS B 102 -11.90 -10.23 2.43
N VAL B 103 -13.14 -9.75 2.40
CA VAL B 103 -14.39 -10.45 2.03
C VAL B 103 -14.20 -11.64 1.08
N ALA B 104 -13.62 -11.44 -0.10
CA ALA B 104 -13.19 -12.55 -0.95
C ALA B 104 -11.85 -13.11 -0.41
N GLU B 105 -11.92 -14.33 0.14
CA GLU B 105 -10.77 -15.15 0.56
C GLU B 105 -10.15 -14.72 1.91
N ARG B 106 -11.01 -14.17 2.79
CA ARG B 106 -10.69 -13.88 4.18
C ARG B 106 -10.40 -15.15 5.00
CD CD C . -9.90 -10.52 -0.24
CD CD D . 10.33 -4.36 8.55
N ALA A 10 -12.69 -4.08 6.40
CA ALA A 10 -11.33 -3.95 6.94
C ALA A 10 -10.43 -3.22 5.94
N LEU A 11 -10.55 -1.89 5.90
CA LEU A 11 -9.92 -1.06 4.87
C LEU A 11 -8.39 -1.17 4.82
N ALA A 12 -7.70 -1.44 5.93
CA ALA A 12 -6.25 -1.72 5.91
C ALA A 12 -5.88 -2.86 4.93
N ARG A 13 -6.76 -3.84 4.74
CA ARG A 13 -6.57 -4.96 3.80
C ARG A 13 -6.55 -4.51 2.32
N LEU A 14 -7.06 -3.31 1.99
CA LEU A 14 -6.97 -2.70 0.66
C LEU A 14 -5.52 -2.26 0.36
N GLY A 15 -4.81 -1.73 1.36
CA GLY A 15 -3.38 -1.45 1.24
C GLY A 15 -2.59 -2.73 1.04
N ARG A 16 -2.94 -3.82 1.76
CA ARG A 16 -2.38 -5.16 1.53
C ARG A 16 -2.63 -5.58 0.08
N ALA A 17 -3.84 -5.39 -0.43
CA ALA A 17 -4.19 -5.76 -1.80
C ALA A 17 -3.40 -4.98 -2.87
N LEU A 18 -2.81 -3.82 -2.54
CA LEU A 18 -1.88 -3.09 -3.45
C LEU A 18 -0.39 -3.33 -3.15
N ALA A 19 -0.06 -3.85 -1.97
CA ALA A 19 1.25 -4.35 -1.56
C ALA A 19 1.59 -5.75 -2.11
N ASP A 20 0.60 -6.63 -2.25
CA ASP A 20 0.74 -7.99 -2.76
C ASP A 20 1.51 -8.00 -4.10
N PRO A 21 2.45 -8.93 -4.29
CA PRO A 21 3.42 -8.95 -5.38
C PRO A 21 2.77 -9.03 -6.77
N THR A 22 2.30 -10.23 -7.15
CA THR A 22 1.56 -10.48 -8.38
C THR A 22 0.35 -9.55 -8.47
N ARG A 23 -0.33 -9.24 -7.35
CA ARG A 23 -1.54 -8.42 -7.40
C ARG A 23 -1.29 -6.97 -7.82
N CYS A 24 -0.23 -6.35 -7.29
CA CYS A 24 0.29 -5.06 -7.76
C CYS A 24 0.58 -5.11 -9.27
N ARG A 25 1.21 -6.20 -9.74
CA ARG A 25 1.46 -6.45 -11.16
C ARG A 25 0.16 -6.63 -11.97
N ILE A 26 -0.83 -7.38 -11.48
CA ILE A 26 -2.18 -7.56 -12.08
C ILE A 26 -2.85 -6.23 -12.32
N LEU A 27 -2.88 -5.38 -11.29
CA LEU A 27 -3.55 -4.09 -11.34
C LEU A 27 -3.13 -3.24 -12.53
N VAL A 28 -1.84 -3.24 -12.89
CA VAL A 28 -1.33 -2.41 -14.00
C VAL A 28 -1.88 -2.86 -15.37
N ALA A 29 -2.37 -4.10 -15.47
CA ALA A 29 -3.04 -4.61 -16.67
C ALA A 29 -4.53 -4.27 -16.77
N LEU A 30 -5.06 -3.68 -15.70
CA LEU A 30 -6.39 -3.08 -15.69
C LEU A 30 -6.39 -1.55 -15.70
N LEU A 31 -5.22 -1.00 -15.45
CA LEU A 31 -4.82 0.38 -15.67
C LEU A 31 -4.75 0.63 -17.20
N ASP A 32 -4.07 -0.28 -17.89
CA ASP A 32 -3.90 -0.39 -19.34
C ASP A 32 -4.09 -1.85 -19.74
N GLY A 33 -5.32 -2.18 -20.17
CA GLY A 33 -5.70 -3.51 -20.66
C GLY A 33 -7.19 -3.71 -20.60
N VAL A 34 -7.66 -4.35 -19.52
CA VAL A 34 -9.09 -4.60 -19.28
C VAL A 34 -9.82 -5.27 -20.45
N CYS A 35 -9.14 -6.12 -21.21
CA CYS A 35 -9.74 -6.83 -22.34
C CYS A 35 -10.55 -8.05 -21.87
N TYR A 36 -9.85 -9.04 -21.30
CA TYR A 36 -10.43 -10.33 -20.93
C TYR A 36 -9.68 -10.96 -19.73
N PRO A 37 -10.29 -11.88 -18.95
CA PRO A 37 -9.58 -12.65 -17.93
C PRO A 37 -8.42 -13.50 -18.49
N GLY A 38 -8.37 -13.76 -19.81
CA GLY A 38 -7.21 -14.39 -20.46
C GLY A 38 -6.12 -13.41 -20.91
N GLN A 39 -6.36 -12.10 -20.93
CA GLN A 39 -5.44 -11.12 -21.56
C GLN A 39 -4.22 -10.84 -20.68
N LEU A 40 -4.43 -10.80 -19.37
CA LEU A 40 -3.39 -10.43 -18.42
C LEU A 40 -2.27 -11.47 -18.39
N ALA A 41 -2.51 -12.70 -18.87
CA ALA A 41 -1.52 -13.78 -18.85
C ALA A 41 -0.25 -13.44 -19.65
N ALA A 42 -0.41 -12.74 -20.78
CA ALA A 42 0.72 -12.18 -21.53
C ALA A 42 1.29 -10.94 -20.82
N HIS A 43 0.43 -10.02 -20.41
CA HIS A 43 0.79 -8.74 -19.77
C HIS A 43 1.63 -8.91 -18.49
N LEU A 44 1.34 -9.95 -17.72
CA LEU A 44 1.94 -10.33 -16.44
C LEU A 44 3.07 -11.35 -16.61
N GLY A 45 3.18 -12.00 -17.78
CA GLY A 45 4.08 -13.14 -18.01
C GLY A 45 3.71 -14.37 -17.21
N LEU A 46 2.53 -14.38 -16.57
CA LEU A 46 2.13 -15.39 -15.58
C LEU A 46 0.92 -16.20 -16.06
N THR A 47 0.84 -17.45 -15.63
CA THR A 47 -0.18 -18.40 -16.13
C THR A 47 -1.58 -17.89 -15.79
N ARG A 48 -2.56 -18.18 -16.65
CA ARG A 48 -3.96 -17.78 -16.39
C ARG A 48 -4.51 -18.36 -15.07
N SER A 49 -3.92 -19.43 -14.55
CA SER A 49 -4.22 -19.95 -13.21
C SER A 49 -3.62 -19.07 -12.09
N ASN A 50 -2.34 -18.66 -12.22
CA ASN A 50 -1.68 -17.74 -11.28
C ASN A 50 -2.31 -16.33 -11.30
N VAL A 51 -2.59 -15.83 -12.51
CA VAL A 51 -3.32 -14.60 -12.76
C VAL A 51 -4.74 -14.66 -12.19
N SER A 52 -5.46 -15.78 -12.34
CA SER A 52 -6.77 -15.93 -11.66
C SER A 52 -6.66 -15.92 -10.14
N ASN A 53 -5.65 -16.59 -9.57
CA ASN A 53 -5.40 -16.62 -8.12
C ASN A 53 -5.28 -15.20 -7.55
N HIS A 54 -4.48 -14.33 -8.16
CA HIS A 54 -4.39 -12.95 -7.68
C HIS A 54 -5.53 -12.03 -8.17
N LEU A 55 -6.23 -12.33 -9.28
CA LEU A 55 -7.49 -11.64 -9.59
C LEU A 55 -8.56 -11.98 -8.54
N SER A 56 -8.53 -13.16 -7.93
CA SER A 56 -9.57 -13.64 -7.01
C SER A 56 -9.90 -12.62 -5.90
N CYS A 57 -8.92 -12.24 -5.07
CA CYS A 57 -9.10 -11.20 -4.07
C CYS A 57 -9.03 -9.77 -4.70
N LEU A 58 -8.63 -9.56 -5.95
CA LEU A 58 -8.80 -8.25 -6.63
C LEU A 58 -10.29 -7.99 -6.88
N ARG A 59 -11.03 -9.06 -7.20
CA ARG A 59 -12.48 -9.11 -7.35
C ARG A 59 -13.17 -9.23 -5.99
N GLY A 60 -12.42 -9.54 -4.92
CA GLY A 60 -12.91 -9.64 -3.55
C GLY A 60 -12.83 -8.28 -2.84
N CYS A 61 -11.61 -7.73 -2.73
CA CYS A 61 -11.28 -6.38 -2.27
C CYS A 61 -11.90 -5.21 -3.10
N GLY A 62 -12.80 -5.51 -4.05
CA GLY A 62 -13.53 -4.55 -4.89
C GLY A 62 -12.69 -3.84 -5.96
N LEU A 63 -11.38 -4.09 -6.01
CA LEU A 63 -10.41 -3.43 -6.90
C LEU A 63 -10.69 -3.60 -8.39
N VAL A 64 -11.33 -4.71 -8.78
CA VAL A 64 -11.81 -4.99 -10.14
C VAL A 64 -13.28 -5.38 -10.16
N VAL A 65 -13.98 -4.82 -11.14
CA VAL A 65 -15.38 -5.11 -11.46
C VAL A 65 -15.47 -5.69 -12.88
N ALA A 66 -16.33 -6.70 -13.05
CA ALA A 66 -16.60 -7.35 -14.35
C ALA A 66 -17.74 -6.67 -15.14
N THR A 67 -17.63 -6.74 -16.47
CA THR A 67 -18.55 -6.12 -17.45
C THR A 67 -18.19 -6.64 -18.84
N TYR A 68 -19.10 -6.59 -19.80
CA TYR A 68 -18.79 -6.91 -21.20
C TYR A 68 -17.96 -5.79 -21.88
N GLU A 69 -17.04 -6.16 -22.76
CA GLU A 69 -16.40 -5.23 -23.71
C GLU A 69 -17.32 -5.13 -24.95
N GLY A 70 -16.87 -5.38 -26.18
CA GLY A 70 -17.75 -5.47 -27.36
C GLY A 70 -18.53 -6.79 -27.46
N ARG A 71 -18.00 -7.91 -26.94
CA ARG A 71 -18.66 -9.24 -26.96
C ARG A 71 -18.13 -10.23 -25.92
N GLN A 72 -16.88 -10.14 -25.50
CA GLN A 72 -16.30 -10.87 -24.36
C GLN A 72 -16.62 -10.16 -23.04
N VAL A 73 -16.36 -10.83 -21.91
CA VAL A 73 -16.39 -10.21 -20.58
C VAL A 73 -14.97 -9.85 -20.13
N ARG A 74 -14.86 -8.76 -19.37
CA ARG A 74 -13.60 -8.13 -18.98
C ARG A 74 -13.54 -7.87 -17.48
N TYR A 75 -12.37 -7.53 -16.99
CA TYR A 75 -12.13 -7.05 -15.63
C TYR A 75 -11.50 -5.66 -15.68
N ALA A 76 -12.04 -4.68 -14.96
CA ALA A 76 -11.64 -3.27 -14.99
C ALA A 76 -11.70 -2.63 -13.59
N LEU A 77 -10.90 -1.59 -13.36
CA LEU A 77 -10.83 -0.92 -12.06
C LEU A 77 -12.15 -0.24 -11.67
N ALA A 78 -12.43 -0.23 -10.38
CA ALA A 78 -13.71 0.25 -9.85
C ALA A 78 -13.89 1.77 -9.89
N ASP A 79 -12.80 2.54 -9.80
CA ASP A 79 -12.82 4.01 -9.83
C ASP A 79 -11.44 4.63 -10.12
N SER A 80 -11.50 5.88 -10.57
CA SER A 80 -10.42 6.86 -10.71
C SER A 80 -9.46 6.90 -9.52
N HIS A 81 -9.96 6.73 -8.27
CA HIS A 81 -9.17 6.59 -7.06
C HIS A 81 -8.07 5.54 -7.19
N LEU A 82 -8.42 4.32 -7.59
CA LEU A 82 -7.46 3.22 -7.73
C LEU A 82 -6.57 3.50 -8.92
N ALA A 83 -7.16 3.75 -10.10
CA ALA A 83 -6.45 3.99 -11.36
C ALA A 83 -5.40 5.11 -11.25
N ARG A 84 -5.68 6.16 -10.48
CA ARG A 84 -4.78 7.31 -10.33
C ARG A 84 -3.57 6.98 -9.43
N ALA A 85 -3.78 6.55 -8.18
CA ALA A 85 -2.67 6.20 -7.28
C ALA A 85 -1.86 4.98 -7.77
N LEU A 86 -2.50 4.10 -8.53
CA LEU A 86 -1.85 3.03 -9.27
C LEU A 86 -1.01 3.57 -10.45
N GLY A 87 -1.52 4.57 -11.17
CA GLY A 87 -0.98 5.13 -12.41
C GLY A 87 0.19 6.09 -12.23
N GLU A 88 0.17 6.94 -11.19
CA GLU A 88 1.33 7.77 -10.82
C GLU A 88 2.36 7.03 -9.96
N LEU A 89 1.94 5.88 -9.39
CA LEU A 89 2.68 4.95 -8.55
C LEU A 89 3.04 5.56 -7.19
N VAL A 90 2.95 4.75 -6.14
CA VAL A 90 3.38 5.04 -4.75
C VAL A 90 4.91 5.26 -4.59
N GLN A 91 5.60 5.63 -5.67
CA GLN A 91 6.88 6.29 -5.66
C GLN A 91 8.05 5.33 -5.44
N VAL A 92 7.85 4.19 -4.78
CA VAL A 92 8.76 3.06 -4.44
C VAL A 92 9.53 2.38 -5.59
N VAL A 93 9.72 3.08 -6.71
CA VAL A 93 10.64 2.70 -7.79
C VAL A 93 10.15 1.44 -8.56
N LEU A 94 8.88 1.03 -8.32
CA LEU A 94 8.20 -0.20 -8.78
C LEU A 94 8.53 -1.36 -7.82
N ALA A 95 7.60 -1.67 -6.92
CA ALA A 95 7.77 -2.67 -5.86
C ALA A 95 8.03 -4.10 -6.40
N VAL A 96 9.27 -4.59 -6.25
CA VAL A 96 9.66 -5.99 -6.49
C VAL A 96 9.05 -6.98 -5.48
N ASP A 97 8.86 -8.20 -5.98
CA ASP A 97 8.58 -9.41 -5.21
C ASP A 97 9.92 -10.06 -4.81
N THR A 98 9.96 -10.69 -3.63
CA THR A 98 11.14 -11.33 -3.02
C THR A 98 10.72 -12.08 -1.77
N ASP A 99 11.26 -13.27 -1.66
CA ASP A 99 11.28 -14.21 -0.54
C ASP A 99 12.12 -13.68 0.65
N GLN A 100 13.14 -12.89 0.31
CA GLN A 100 14.02 -12.11 1.19
C GLN A 100 13.27 -11.06 2.03
N PRO A 101 13.90 -10.43 3.05
CA PRO A 101 13.21 -9.54 3.98
C PRO A 101 12.74 -8.25 3.33
N CYS A 102 11.74 -7.58 3.95
CA CYS A 102 11.39 -6.19 3.62
C CYS A 102 12.71 -5.39 3.60
N VAL A 103 13.34 -5.50 4.76
CA VAL A 103 14.70 -5.16 5.16
C VAL A 103 14.88 -5.59 6.62
N ALA A 104 14.02 -5.10 7.53
CA ALA A 104 13.98 -5.49 8.94
C ALA A 104 13.11 -6.74 9.19
N GLU A 105 13.44 -7.84 8.51
CA GLU A 105 12.87 -9.18 8.68
C GLU A 105 14.03 -10.19 8.52
N ARG A 106 13.80 -11.52 8.57
CA ARG A 106 14.88 -12.51 8.34
C ARG A 106 14.50 -13.74 7.50
N ALA B 10 12.56 -6.76 -0.34
CA ALA B 10 11.20 -7.15 -0.71
C ALA B 10 10.24 -5.95 -0.67
N LEU B 11 10.27 -5.12 -1.72
CA LEU B 11 9.47 -3.90 -1.78
C LEU B 11 7.95 -4.12 -1.79
N ALA B 12 7.43 -5.31 -2.11
CA ALA B 12 6.02 -5.64 -1.87
C ALA B 12 5.66 -5.36 -0.38
N ARG B 13 6.60 -5.70 0.52
CA ARG B 13 6.47 -5.49 1.96
C ARG B 13 6.57 -4.01 2.40
N LEU B 14 7.03 -3.08 1.53
CA LEU B 14 6.94 -1.63 1.76
C LEU B 14 5.48 -1.17 1.70
N GLY B 15 4.68 -1.67 0.74
CA GLY B 15 3.24 -1.40 0.70
C GLY B 15 2.53 -1.92 1.96
N ARG B 16 2.94 -3.08 2.46
CA ARG B 16 2.46 -3.63 3.74
C ARG B 16 2.75 -2.65 4.88
N ALA B 17 3.89 -1.98 4.90
CA ALA B 17 4.22 -0.97 5.90
C ALA B 17 3.43 0.35 5.75
N LEU B 18 2.75 0.57 4.61
CA LEU B 18 1.79 1.68 4.44
C LEU B 18 0.33 1.25 4.74
N ALA B 19 0.01 -0.05 4.60
CA ALA B 19 -1.21 -0.70 5.05
C ALA B 19 -1.26 -1.03 6.56
N ASP B 20 -0.10 -1.10 7.22
CA ASP B 20 0.08 -1.36 8.65
C ASP B 20 -0.70 -0.31 9.46
N PRO B 21 -1.51 -0.78 10.44
CA PRO B 21 -2.56 -0.05 11.14
C PRO B 21 -2.11 1.32 11.66
N THR B 22 -1.47 1.32 12.84
CA THR B 22 -0.96 2.52 13.47
C THR B 22 0.07 3.21 12.57
N ARG B 23 0.87 2.48 11.76
CA ARG B 23 1.88 3.11 10.89
C ARG B 23 1.31 4.05 9.84
N CYS B 24 0.20 3.70 9.18
CA CYS B 24 -0.52 4.58 8.26
C CYS B 24 -0.83 5.92 8.94
N ARG B 25 -1.37 5.85 10.16
CA ARG B 25 -1.66 7.01 11.01
C ARG B 25 -0.37 7.72 11.51
N ILE B 26 0.68 6.99 11.92
CA ILE B 26 2.00 7.51 12.35
C ILE B 26 2.58 8.40 11.28
N LEU B 27 2.63 7.90 10.06
CA LEU B 27 3.29 8.55 8.94
C LEU B 27 2.79 9.97 8.72
N VAL B 28 1.49 10.24 8.90
CA VAL B 28 0.91 11.58 8.76
C VAL B 28 1.47 12.58 9.79
N ALA B 29 1.99 12.10 10.93
CA ALA B 29 2.67 12.90 11.95
C ALA B 29 4.16 13.15 11.67
N LEU B 30 4.67 12.54 10.60
CA LEU B 30 5.99 12.80 10.04
C LEU B 30 5.94 13.58 8.72
N LEU B 31 4.79 13.55 8.10
CA LEU B 31 4.34 14.42 7.02
C LEU B 31 4.24 15.87 7.57
N ASP B 32 3.59 16.00 8.73
CA ASP B 32 3.42 17.21 9.54
C ASP B 32 3.69 16.85 11.01
N GLY B 33 4.93 17.04 11.44
CA GLY B 33 5.36 16.89 12.84
C GLY B 33 6.87 16.75 12.96
N VAL B 34 7.35 15.51 12.97
CA VAL B 34 8.80 15.18 13.05
C VAL B 34 9.52 15.89 14.20
N CYS B 35 8.87 16.06 15.35
CA CYS B 35 9.48 16.72 16.51
C CYS B 35 10.35 15.75 17.30
N TYR B 36 9.73 14.75 17.93
CA TYR B 36 10.40 13.81 18.82
C TYR B 36 9.74 12.43 18.75
N PRO B 37 10.44 11.32 19.11
CA PRO B 37 9.81 10.00 19.25
C PRO B 37 8.69 9.92 20.29
N GLY B 38 8.53 10.93 21.16
CA GLY B 38 7.36 11.05 22.05
C GLY B 38 6.22 11.92 21.53
N GLN B 39 6.43 12.74 20.48
CA GLN B 39 5.45 13.76 20.07
C GLN B 39 4.19 13.12 19.45
N LEU B 40 4.39 12.00 18.76
CA LEU B 40 3.34 11.34 17.99
C LEU B 40 2.27 10.78 18.92
N ALA B 41 2.56 10.61 20.21
CA ALA B 41 1.60 10.03 21.16
C ALA B 41 0.32 10.88 21.28
N ALA B 42 0.46 12.22 21.23
CA ALA B 42 -0.68 13.13 21.14
C ALA B 42 -1.28 13.16 19.73
N HIS B 43 -0.44 13.26 18.70
CA HIS B 43 -0.86 13.37 17.30
C HIS B 43 -1.70 12.17 16.81
N LEU B 44 -1.41 10.99 17.37
CA LEU B 44 -2.01 9.69 17.06
C LEU B 44 -3.10 9.29 18.05
N GLY B 45 -3.10 9.88 19.26
CA GLY B 45 -3.95 9.47 20.39
C GLY B 45 -3.50 8.16 21.02
N LEU B 46 -2.30 7.67 20.71
CA LEU B 46 -1.83 6.33 21.07
C LEU B 46 -0.59 6.37 21.98
N THR B 47 -0.42 5.35 22.82
CA THR B 47 0.64 5.34 23.85
C THR B 47 2.01 5.37 23.18
N ARG B 48 2.99 6.03 23.80
CA ARG B 48 4.36 6.06 23.25
C ARG B 48 5.00 4.66 23.16
N SER B 49 4.47 3.66 23.87
CA SER B 49 4.84 2.25 23.72
C SER B 49 4.28 1.64 22.42
N ASN B 50 2.99 1.86 22.13
CA ASN B 50 2.35 1.42 20.88
C ASN B 50 2.92 2.18 19.67
N VAL B 51 3.07 3.51 19.80
CA VAL B 51 3.75 4.35 18.81
C VAL B 51 5.21 3.92 18.59
N SER B 52 5.98 3.53 19.62
CA SER B 52 7.33 3.00 19.37
C SER B 52 7.33 1.65 18.65
N ASN B 53 6.40 0.75 19.02
CA ASN B 53 6.25 -0.56 18.38
C ASN B 53 5.98 -0.39 16.87
N HIS B 54 5.03 0.47 16.49
CA HIS B 54 4.78 0.75 15.08
C HIS B 54 5.86 1.64 14.42
N LEU B 55 6.59 2.50 15.15
CA LEU B 55 7.79 3.15 14.60
C LEU B 55 8.90 2.13 14.34
N SER B 56 8.97 1.03 15.08
CA SER B 56 10.09 0.07 15.03
C SER B 56 10.41 -0.40 13.60
N CYS B 57 9.44 -0.99 12.89
CA CYS B 57 9.55 -1.34 11.48
C CYS B 57 9.33 -0.12 10.54
N LEU B 58 8.88 1.06 10.99
CA LEU B 58 8.92 2.29 10.17
C LEU B 58 10.39 2.69 9.95
N ARG B 59 11.21 2.50 10.99
CA ARG B 59 12.66 2.69 11.02
C ARG B 59 13.40 1.45 10.45
N GLY B 60 12.67 0.37 10.18
CA GLY B 60 13.16 -0.84 9.52
C GLY B 60 12.97 -0.77 8.01
N CYS B 61 11.71 -0.70 7.55
CA CYS B 61 11.26 -0.47 6.18
C CYS B 61 11.69 0.89 5.56
N GLY B 62 12.63 1.63 6.16
CA GLY B 62 13.21 2.89 5.68
C GLY B 62 12.27 4.10 5.67
N LEU B 63 11.00 3.92 6.05
CA LEU B 63 9.94 4.93 6.01
C LEU B 63 10.26 6.18 6.86
N VAL B 64 11.05 6.01 7.91
CA VAL B 64 11.58 7.08 8.76
C VAL B 64 13.08 6.99 8.97
N VAL B 65 13.73 8.14 8.88
CA VAL B 65 15.14 8.37 9.18
C VAL B 65 15.25 9.33 10.37
N ALA B 66 16.16 9.01 11.30
CA ALA B 66 16.45 9.83 12.49
C ALA B 66 17.43 10.97 12.20
N THR B 67 17.23 12.09 12.87
CA THR B 67 17.97 13.36 12.69
C THR B 67 17.80 14.16 13.97
N TYR B 68 18.67 15.13 14.26
CA TYR B 68 18.45 16.08 15.37
C TYR B 68 17.53 17.24 14.95
N GLU B 69 16.67 17.74 15.85
CA GLU B 69 15.97 19.02 15.70
C GLU B 69 16.88 20.14 16.29
N GLY B 70 16.35 21.16 16.98
CA GLY B 70 17.18 22.20 17.60
C GLY B 70 18.01 21.73 18.80
N ARG B 71 17.59 20.64 19.48
CA ARG B 71 18.29 20.05 20.65
C ARG B 71 17.95 18.58 20.93
N GLN B 72 16.76 18.10 20.59
CA GLN B 72 16.32 16.71 20.68
C GLN B 72 16.61 15.92 19.40
N VAL B 73 16.40 14.61 19.44
CA VAL B 73 16.38 13.76 18.24
C VAL B 73 14.94 13.55 17.76
N ARG B 74 14.77 13.37 16.45
CA ARG B 74 13.49 13.33 15.75
C ARG B 74 13.46 12.21 14.73
N TYR B 75 12.27 11.87 14.28
CA TYR B 75 12.01 10.90 13.21
C TYR B 75 11.26 11.61 12.07
N ALA B 76 11.75 11.50 10.83
CA ALA B 76 11.23 12.18 9.65
C ALA B 76 11.27 11.26 8.42
N LEU B 77 10.43 11.52 7.41
CA LEU B 77 10.39 10.70 6.21
C LEU B 77 11.71 10.77 5.43
N ALA B 78 12.05 9.67 4.76
CA ALA B 78 13.33 9.50 4.07
C ALA B 78 13.48 10.32 2.78
N ASP B 79 12.37 10.62 2.09
CA ASP B 79 12.33 11.35 0.83
C ASP B 79 10.91 11.80 0.46
N SER B 80 10.87 12.80 -0.42
CA SER B 80 9.72 13.30 -1.16
C SER B 80 8.80 12.17 -1.71
N HIS B 81 9.39 11.04 -2.13
CA HIS B 81 8.69 9.82 -2.54
C HIS B 81 7.62 9.38 -1.55
N LEU B 82 7.98 9.20 -0.28
CA LEU B 82 7.02 8.73 0.72
C LEU B 82 6.07 9.86 1.10
N ALA B 83 6.60 11.07 1.37
CA ALA B 83 5.80 12.26 1.70
C ALA B 83 4.69 12.54 0.67
N ARG B 84 4.96 12.30 -0.61
CA ARG B 84 4.01 12.50 -1.71
C ARG B 84 2.95 11.37 -1.77
N ALA B 85 3.36 10.10 -1.86
CA ALA B 85 2.46 8.92 -1.84
C ALA B 85 1.58 8.82 -0.57
N LEU B 86 2.10 9.33 0.55
CA LEU B 86 1.40 9.49 1.83
C LEU B 86 0.45 10.71 1.82
N GLY B 87 0.86 11.81 1.18
CA GLY B 87 0.21 13.13 1.22
C GLY B 87 -1.01 13.25 0.31
N GLU B 88 -0.92 12.74 -0.91
CA GLU B 88 -2.09 12.56 -1.80
C GLU B 88 -2.89 11.29 -1.44
N LEU B 89 -2.18 10.35 -0.81
CA LEU B 89 -2.61 9.05 -0.30
C LEU B 89 -2.94 8.09 -1.45
N VAL B 90 -2.96 6.79 -1.15
CA VAL B 90 -3.51 5.71 -2.00
C VAL B 90 -5.00 5.87 -2.35
N GLN B 91 -5.59 7.04 -2.09
CA GLN B 91 -6.90 7.48 -2.55
C GLN B 91 -8.06 6.80 -1.83
N VAL B 92 -7.86 5.67 -1.14
CA VAL B 92 -8.84 4.89 -0.34
C VAL B 92 -9.53 5.63 0.83
N VAL B 93 -9.53 6.96 0.80
CA VAL B 93 -10.37 7.83 1.65
C VAL B 93 -10.02 7.75 3.16
N LEU B 94 -8.78 7.34 3.49
CA LEU B 94 -8.24 7.11 4.84
C LEU B 94 -8.71 5.74 5.38
N ALA B 95 -7.90 4.71 5.15
CA ALA B 95 -8.16 3.34 5.61
C ALA B 95 -8.20 3.23 7.15
N VAL B 96 -9.25 2.60 7.68
CA VAL B 96 -9.36 2.17 9.08
C VAL B 96 -8.71 0.80 9.29
N ASP B 97 -8.17 0.60 10.50
CA ASP B 97 -7.77 -0.70 11.01
C ASP B 97 -9.00 -1.46 11.53
N THR B 98 -8.96 -2.80 11.48
CA THR B 98 -10.10 -3.71 11.74
C THR B 98 -9.60 -5.13 11.72
N ASP B 99 -10.21 -5.91 12.60
CA ASP B 99 -10.16 -7.37 12.79
C ASP B 99 -11.06 -8.13 11.80
N GLN B 100 -12.07 -7.44 11.26
CA GLN B 100 -13.10 -7.96 10.36
C GLN B 100 -12.56 -8.40 8.96
N PRO B 101 -13.36 -8.83 7.97
CA PRO B 101 -12.84 -9.18 6.65
C PRO B 101 -12.52 -7.92 5.83
N CYS B 102 -11.55 -8.01 4.90
CA CYS B 102 -11.33 -6.99 3.86
C CYS B 102 -12.69 -6.62 3.26
N VAL B 103 -13.30 -7.71 2.82
CA VAL B 103 -14.64 -7.97 2.35
C VAL B 103 -14.76 -9.47 2.05
N ALA B 104 -13.90 -10.00 1.16
CA ALA B 104 -13.84 -11.42 0.78
C ALA B 104 -12.90 -12.25 1.66
N GLU B 105 -13.07 -12.15 2.98
CA GLU B 105 -12.33 -12.91 4.01
C GLU B 105 -13.35 -13.39 5.07
N ARG B 106 -12.93 -14.00 6.20
CA ARG B 106 -13.91 -14.39 7.25
C ARG B 106 -13.42 -14.23 8.69
CD CD C . -10.22 -9.30 -0.60
CD CD D . 10.44 -3.59 7.91
N ALA A 10 -12.64 -3.53 3.33
CA ALA A 10 -11.42 -4.18 3.83
C ALA A 10 -10.19 -3.29 3.63
N LEU A 11 -10.21 -2.10 4.26
CA LEU A 11 -9.27 -0.97 4.05
C LEU A 11 -7.79 -1.41 4.06
N ALA A 12 -7.33 -2.06 5.13
CA ALA A 12 -5.95 -2.53 5.22
C ALA A 12 -5.60 -3.58 4.14
N ARG A 13 -6.56 -4.44 3.73
CA ARG A 13 -6.32 -5.51 2.75
C ARG A 13 -5.81 -4.97 1.41
N LEU A 14 -6.23 -3.76 1.04
CA LEU A 14 -5.77 -3.00 -0.13
C LEU A 14 -4.25 -2.96 -0.17
N GLY A 15 -3.59 -2.44 0.86
CA GLY A 15 -2.14 -2.22 0.84
C GLY A 15 -1.36 -3.53 0.66
N ARG A 16 -1.87 -4.63 1.23
CA ARG A 16 -1.34 -5.98 1.03
C ARG A 16 -1.53 -6.44 -0.41
N ALA A 17 -2.75 -6.32 -0.95
CA ALA A 17 -3.09 -6.76 -2.30
C ALA A 17 -2.44 -5.92 -3.42
N LEU A 18 -2.04 -4.68 -3.14
CA LEU A 18 -1.22 -3.88 -4.07
C LEU A 18 0.29 -4.12 -3.86
N ALA A 19 0.71 -4.54 -2.66
CA ALA A 19 2.05 -5.04 -2.36
C ALA A 19 2.13 -6.58 -2.46
N ASP A 20 1.35 -7.16 -3.36
CA ASP A 20 1.45 -8.54 -3.80
C ASP A 20 2.46 -8.58 -4.97
N PRO A 21 2.89 -9.78 -5.37
CA PRO A 21 3.75 -9.99 -6.52
C PRO A 21 2.97 -9.71 -7.83
N THR A 22 2.61 -10.78 -8.54
CA THR A 22 1.90 -10.75 -9.80
C THR A 22 0.48 -10.17 -9.68
N ARG A 23 -0.09 -10.03 -8.47
CA ARG A 23 -1.33 -9.27 -8.29
C ARG A 23 -1.15 -7.77 -8.61
N CYS A 24 0.00 -7.17 -8.24
CA CYS A 24 0.34 -5.81 -8.63
C CYS A 24 0.52 -5.71 -10.17
N ARG A 25 1.15 -6.72 -10.78
CA ARG A 25 1.26 -6.86 -12.23
C ARG A 25 -0.11 -6.93 -12.93
N ILE A 26 -0.99 -7.83 -12.48
CA ILE A 26 -2.41 -7.88 -12.90
C ILE A 26 -3.04 -6.49 -12.86
N LEU A 27 -3.04 -5.81 -11.70
CA LEU A 27 -3.69 -4.49 -11.55
C LEU A 27 -3.09 -3.44 -12.49
N VAL A 28 -1.76 -3.29 -12.51
CA VAL A 28 -1.09 -2.23 -13.30
C VAL A 28 -1.13 -2.49 -14.81
N ALA A 29 -1.21 -3.75 -15.24
CA ALA A 29 -1.39 -4.13 -16.64
C ALA A 29 -2.87 -4.12 -17.08
N LEU A 30 -3.81 -4.32 -16.15
CA LEU A 30 -5.23 -4.12 -16.41
C LEU A 30 -5.55 -2.68 -16.76
N LEU A 31 -4.94 -1.75 -16.02
CA LEU A 31 -5.11 -0.29 -16.08
C LEU A 31 -5.22 0.27 -17.51
N ASP A 32 -4.28 -0.08 -18.39
CA ASP A 32 -4.29 0.25 -19.83
C ASP A 32 -4.82 -0.91 -20.70
N GLY A 33 -4.88 -2.13 -20.13
CA GLY A 33 -5.23 -3.37 -20.82
C GLY A 33 -6.73 -3.55 -21.07
N VAL A 34 -7.55 -3.32 -20.06
CA VAL A 34 -9.04 -3.42 -19.96
C VAL A 34 -9.83 -3.95 -21.17
N CYS A 35 -9.53 -5.17 -21.62
CA CYS A 35 -10.17 -5.88 -22.72
C CYS A 35 -10.82 -7.18 -22.26
N TYR A 36 -10.06 -8.09 -21.65
CA TYR A 36 -10.55 -9.45 -21.33
C TYR A 36 -9.92 -10.07 -20.07
N PRO A 37 -10.64 -10.93 -19.30
CA PRO A 37 -10.04 -11.67 -18.19
C PRO A 37 -8.82 -12.49 -18.61
N GLY A 38 -8.90 -13.22 -19.74
CA GLY A 38 -7.78 -14.01 -20.24
C GLY A 38 -6.66 -13.19 -20.90
N GLN A 39 -6.83 -11.88 -21.07
CA GLN A 39 -5.85 -11.04 -21.78
C GLN A 39 -4.53 -10.96 -21.03
N LEU A 40 -4.58 -10.98 -19.69
CA LEU A 40 -3.40 -10.82 -18.85
C LEU A 40 -2.40 -11.96 -19.03
N ALA A 41 -2.76 -12.99 -19.78
CA ALA A 41 -1.84 -14.06 -20.15
C ALA A 41 -0.71 -13.51 -21.02
N ALA A 42 -1.02 -12.59 -21.94
CA ALA A 42 -0.02 -11.85 -22.72
C ALA A 42 0.65 -10.77 -21.87
N HIS A 43 -0.09 -10.07 -21.00
CA HIS A 43 0.49 -9.05 -20.11
C HIS A 43 1.55 -9.58 -19.13
N LEU A 44 1.50 -10.88 -18.82
CA LEU A 44 2.32 -11.54 -17.80
C LEU A 44 3.21 -12.66 -18.35
N GLY A 45 2.95 -13.17 -19.56
CA GLY A 45 3.57 -14.39 -20.07
C GLY A 45 3.06 -15.66 -19.37
N LEU A 46 2.00 -15.56 -18.55
CA LEU A 46 1.51 -16.64 -17.67
C LEU A 46 0.24 -17.31 -18.20
N THR A 47 0.00 -18.54 -17.73
CA THR A 47 -1.23 -19.28 -18.08
C THR A 47 -2.46 -18.62 -17.48
N ARG A 48 -3.60 -18.85 -18.15
CA ARG A 48 -4.94 -18.45 -17.71
C ARG A 48 -5.29 -18.96 -16.29
N SER A 49 -4.66 -20.02 -15.80
CA SER A 49 -4.79 -20.40 -14.38
C SER A 49 -4.15 -19.36 -13.46
N ASN A 50 -2.86 -19.04 -13.63
CA ASN A 50 -2.13 -18.09 -12.79
C ASN A 50 -2.71 -16.66 -12.89
N VAL A 51 -3.16 -16.26 -14.08
CA VAL A 51 -3.93 -15.03 -14.29
C VAL A 51 -5.23 -15.05 -13.45
N SER A 52 -6.02 -16.13 -13.51
CA SER A 52 -7.24 -16.25 -12.70
C SER A 52 -6.96 -16.29 -11.19
N ASN A 53 -5.84 -16.87 -10.79
CA ASN A 53 -5.41 -17.02 -9.40
C ASN A 53 -5.31 -15.66 -8.70
N HIS A 54 -4.58 -14.73 -9.31
CA HIS A 54 -4.50 -13.35 -8.79
C HIS A 54 -5.75 -12.50 -9.08
N LEU A 55 -6.61 -12.84 -10.06
CA LEU A 55 -7.91 -12.18 -10.22
C LEU A 55 -8.95 -12.66 -9.18
N SER A 56 -8.80 -13.84 -8.56
CA SER A 56 -9.80 -14.41 -7.63
C SER A 56 -10.21 -13.45 -6.51
N CYS A 57 -9.27 -13.07 -5.64
CA CYS A 57 -9.49 -12.13 -4.54
C CYS A 57 -9.82 -10.73 -5.10
N LEU A 58 -9.14 -10.32 -6.16
CA LEU A 58 -9.31 -9.03 -6.84
C LEU A 58 -10.77 -8.65 -7.11
N ARG A 59 -11.58 -9.63 -7.54
CA ARG A 59 -12.97 -9.45 -7.93
C ARG A 59 -13.96 -9.58 -6.76
N GLY A 60 -13.54 -10.15 -5.62
CA GLY A 60 -14.34 -10.26 -4.38
C GLY A 60 -14.07 -9.09 -3.43
N CYS A 61 -12.79 -8.76 -3.24
CA CYS A 61 -12.28 -7.58 -2.55
C CYS A 61 -12.42 -6.28 -3.39
N GLY A 62 -13.12 -6.37 -4.53
CA GLY A 62 -13.56 -5.25 -5.37
C GLY A 62 -12.47 -4.42 -6.05
N LEU A 63 -11.20 -4.82 -5.97
CA LEU A 63 -10.08 -4.12 -6.61
C LEU A 63 -10.19 -4.08 -8.14
N VAL A 64 -10.99 -4.97 -8.72
CA VAL A 64 -11.44 -4.99 -10.12
C VAL A 64 -12.95 -5.21 -10.23
N VAL A 65 -13.55 -4.60 -11.26
CA VAL A 65 -14.96 -4.69 -11.63
C VAL A 65 -15.09 -5.07 -13.12
N ALA A 66 -16.01 -5.98 -13.44
CA ALA A 66 -16.31 -6.44 -14.80
C ALA A 66 -17.07 -5.43 -15.66
N THR A 67 -17.21 -5.78 -16.95
CA THR A 67 -17.95 -4.99 -17.95
C THR A 67 -18.29 -5.90 -19.12
N TYR A 68 -19.40 -5.69 -19.82
CA TYR A 68 -19.68 -6.36 -21.10
C TYR A 68 -19.32 -5.45 -22.30
N GLU A 69 -18.31 -5.85 -23.07
CA GLU A 69 -17.72 -5.07 -24.16
C GLU A 69 -18.33 -5.40 -25.54
N GLY A 70 -19.64 -5.68 -25.60
CA GLY A 70 -20.37 -5.88 -26.87
C GLY A 70 -20.05 -7.17 -27.62
N ARG A 71 -18.93 -7.83 -27.31
CA ARG A 71 -18.46 -9.06 -27.96
C ARG A 71 -17.73 -10.04 -27.01
N GLN A 72 -17.28 -9.55 -25.84
CA GLN A 72 -16.67 -10.29 -24.75
C GLN A 72 -16.96 -9.52 -23.46
N VAL A 73 -16.47 -10.01 -22.33
CA VAL A 73 -16.44 -9.28 -21.06
C VAL A 73 -15.01 -8.88 -20.73
N ARG A 74 -14.84 -7.82 -19.94
CA ARG A 74 -13.55 -7.33 -19.46
C ARG A 74 -13.51 -7.28 -17.94
N TYR A 75 -12.34 -6.94 -17.44
CA TYR A 75 -12.09 -6.59 -16.05
C TYR A 75 -11.31 -5.29 -16.02
N ALA A 76 -11.90 -4.26 -15.42
CA ALA A 76 -11.29 -2.96 -15.19
C ALA A 76 -10.99 -2.79 -13.71
N LEU A 77 -10.05 -1.92 -13.38
CA LEU A 77 -9.73 -1.50 -12.01
C LEU A 77 -10.97 -0.96 -11.28
N ALA A 78 -11.02 -1.06 -9.95
CA ALA A 78 -12.20 -0.75 -9.13
C ALA A 78 -12.90 0.56 -9.51
N ASP A 79 -12.11 1.63 -9.64
CA ASP A 79 -12.60 2.97 -9.93
C ASP A 79 -11.44 3.94 -10.21
N SER A 80 -11.81 5.19 -10.48
CA SER A 80 -10.93 6.37 -10.55
C SER A 80 -9.90 6.39 -9.41
N HIS A 81 -10.32 6.00 -8.19
CA HIS A 81 -9.48 5.90 -7.00
C HIS A 81 -8.23 5.03 -7.21
N LEU A 82 -8.35 3.76 -7.61
CA LEU A 82 -7.15 2.92 -7.82
C LEU A 82 -6.45 3.32 -9.12
N ALA A 83 -7.19 3.72 -10.15
CA ALA A 83 -6.60 4.10 -11.45
C ALA A 83 -5.73 5.37 -11.34
N ARG A 84 -5.97 6.17 -10.30
CA ARG A 84 -5.11 7.27 -9.86
C ARG A 84 -3.96 6.75 -9.00
N ALA A 85 -4.13 6.35 -7.73
CA ALA A 85 -2.94 6.09 -6.90
C ALA A 85 -2.03 4.92 -7.36
N LEU A 86 -2.51 3.94 -8.15
CA LEU A 86 -1.62 2.98 -8.82
C LEU A 86 -0.93 3.66 -10.02
N GLY A 87 -1.69 4.44 -10.79
CA GLY A 87 -1.28 5.21 -11.97
C GLY A 87 -0.31 6.38 -11.71
N GLU A 88 -0.39 7.02 -10.54
CA GLU A 88 0.58 8.00 -10.01
C GLU A 88 2.00 7.43 -9.89
N LEU A 89 2.07 6.10 -9.72
CA LEU A 89 3.24 5.29 -9.40
C LEU A 89 3.64 5.55 -7.94
N VAL A 90 3.19 4.65 -7.06
CA VAL A 90 3.32 4.63 -5.59
C VAL A 90 4.72 4.80 -4.97
N GLN A 91 5.74 5.19 -5.74
CA GLN A 91 6.94 5.82 -5.24
C GLN A 91 7.97 4.83 -4.68
N VAL A 92 7.57 3.67 -4.14
CA VAL A 92 8.41 2.55 -3.62
C VAL A 92 9.35 1.87 -4.64
N VAL A 93 9.99 2.68 -5.48
CA VAL A 93 10.97 2.31 -6.51
C VAL A 93 10.33 1.51 -7.68
N LEU A 94 8.99 1.36 -7.68
CA LEU A 94 8.18 0.46 -8.52
C LEU A 94 8.42 -0.97 -8.02
N ALA A 95 7.54 -1.43 -7.12
CA ALA A 95 7.71 -2.73 -6.46
C ALA A 95 7.82 -3.89 -7.46
N VAL A 96 8.91 -4.65 -7.37
CA VAL A 96 9.15 -5.94 -8.06
C VAL A 96 8.13 -6.98 -7.57
N ASP A 97 7.98 -8.10 -8.29
CA ASP A 97 7.18 -9.28 -7.91
C ASP A 97 7.70 -10.03 -6.65
N THR A 98 8.52 -9.40 -5.80
CA THR A 98 9.17 -10.06 -4.66
C THR A 98 8.63 -9.63 -3.31
N ASP A 99 8.34 -10.64 -2.48
CA ASP A 99 8.17 -10.44 -1.06
C ASP A 99 9.57 -10.59 -0.44
N GLN A 100 9.93 -9.63 0.40
CA GLN A 100 11.24 -9.50 1.00
C GLN A 100 10.99 -9.25 2.50
N PRO A 101 11.75 -9.88 3.42
CA PRO A 101 11.45 -9.92 4.86
C PRO A 101 11.73 -8.58 5.57
N CYS A 102 11.47 -8.54 6.88
CA CYS A 102 11.70 -7.35 7.69
C CYS A 102 13.21 -7.00 7.75
N VAL A 103 13.52 -5.71 7.64
CA VAL A 103 14.92 -5.23 7.51
C VAL A 103 15.73 -5.47 8.79
N ALA A 104 15.04 -5.53 9.95
CA ALA A 104 15.62 -5.93 11.24
C ALA A 104 15.61 -7.46 11.46
N GLU A 105 14.74 -8.21 10.77
CA GLU A 105 14.46 -9.62 11.06
C GLU A 105 14.09 -10.39 9.79
N ARG A 106 15.03 -11.22 9.31
CA ARG A 106 14.99 -11.91 8.01
C ARG A 106 13.97 -13.08 7.90
N ALA B 10 12.57 -3.25 1.33
CA ALA B 10 11.26 -3.35 1.97
C ALA B 10 10.09 -3.17 0.96
N LEU B 11 10.31 -3.47 -0.32
CA LEU B 11 9.46 -3.20 -1.49
C LEU B 11 8.00 -3.55 -1.25
N ALA B 12 7.69 -4.84 -1.08
CA ALA B 12 6.35 -5.30 -0.70
C ALA B 12 6.01 -4.96 0.77
N ARG B 13 7.00 -5.06 1.68
CA ARG B 13 6.82 -4.86 3.12
C ARG B 13 6.23 -3.48 3.47
N LEU B 14 6.52 -2.46 2.66
CA LEU B 14 5.92 -1.12 2.68
C LEU B 14 4.39 -1.23 2.78
N GLY B 15 3.75 -1.87 1.80
CA GLY B 15 2.29 -1.89 1.72
C GLY B 15 1.64 -2.65 2.86
N ARG B 16 2.37 -3.55 3.52
CA ARG B 16 1.93 -4.17 4.79
C ARG B 16 2.05 -3.16 5.94
N ALA B 17 3.22 -2.57 6.14
CA ALA B 17 3.50 -1.69 7.27
C ALA B 17 2.72 -0.36 7.24
N LEU B 18 2.24 0.09 6.07
CA LEU B 18 1.29 1.22 5.96
C LEU B 18 -0.17 0.74 6.04
N ALA B 19 -0.47 -0.54 5.82
CA ALA B 19 -1.77 -1.16 6.03
C ALA B 19 -1.95 -1.52 7.52
N ASP B 20 -1.94 -0.50 8.36
CA ASP B 20 -1.86 -0.61 9.81
C ASP B 20 -2.77 0.40 10.53
N PRO B 21 -2.96 0.19 11.85
CA PRO B 21 -3.51 1.16 12.77
C PRO B 21 -2.46 2.27 12.99
N THR B 22 -1.94 2.45 14.22
CA THR B 22 -1.05 3.58 14.48
C THR B 22 0.22 3.59 13.64
N ARG B 23 0.71 2.48 13.08
CA ARG B 23 1.87 2.53 12.17
C ARG B 23 1.59 3.38 10.91
N CYS B 24 0.37 3.36 10.37
CA CYS B 24 -0.08 4.31 9.33
C CYS B 24 -0.22 5.73 9.90
N ARG B 25 -0.79 5.85 11.11
CA ARG B 25 -0.99 7.15 11.78
C ARG B 25 0.33 7.90 12.00
N ILE B 26 1.31 7.24 12.61
CA ILE B 26 2.70 7.72 12.78
C ILE B 26 3.18 8.38 11.50
N LEU B 27 3.14 7.64 10.37
CA LEU B 27 3.67 8.14 9.10
C LEU B 27 2.93 9.38 8.58
N VAL B 28 1.59 9.39 8.63
CA VAL B 28 0.80 10.54 8.13
C VAL B 28 0.85 11.76 9.08
N ALA B 29 1.03 11.55 10.39
CA ALA B 29 1.18 12.63 11.36
C ALA B 29 2.61 13.16 11.48
N LEU B 30 3.62 12.35 11.16
CA LEU B 30 5.01 12.82 11.08
C LEU B 30 5.18 13.89 10.02
N LEU B 31 4.56 13.64 8.87
CA LEU B 31 4.60 14.39 7.60
C LEU B 31 4.55 15.91 7.75
N ASP B 32 3.66 16.43 8.60
CA ASP B 32 3.48 17.88 8.91
C ASP B 32 3.77 18.22 10.39
N GLY B 33 4.38 17.28 11.12
CA GLY B 33 4.82 17.36 12.52
C GLY B 33 6.33 17.54 12.66
N VAL B 34 7.08 16.49 12.32
CA VAL B 34 8.55 16.35 12.39
C VAL B 34 9.29 17.15 13.49
N CYS B 35 8.70 17.20 14.68
CA CYS B 35 9.29 17.78 15.89
C CYS B 35 10.19 16.76 16.59
N TYR B 36 9.63 15.81 17.33
CA TYR B 36 10.39 14.94 18.25
C TYR B 36 9.86 13.50 18.37
N PRO B 37 10.65 12.48 18.78
CA PRO B 37 10.17 11.11 18.99
C PRO B 37 8.98 11.00 19.95
N GLY B 38 8.94 11.85 20.99
CA GLY B 38 7.81 11.90 21.91
C GLY B 38 6.57 12.62 21.35
N GLN B 39 6.68 13.36 20.22
CA GLN B 39 5.61 14.23 19.77
C GLN B 39 4.35 13.46 19.37
N LEU B 40 4.50 12.23 18.87
CA LEU B 40 3.38 11.42 18.38
C LEU B 40 2.44 10.97 19.49
N ALA B 41 2.79 11.19 20.76
CA ALA B 41 1.86 11.01 21.87
C ALA B 41 0.63 11.91 21.70
N ALA B 42 0.82 13.15 21.22
CA ALA B 42 -0.27 14.05 20.86
C ALA B 42 -0.96 13.63 19.54
N HIS B 43 -0.19 13.27 18.53
CA HIS B 43 -0.72 12.83 17.22
C HIS B 43 -1.64 11.60 17.28
N LEU B 44 -1.44 10.75 18.30
CA LEU B 44 -2.15 9.49 18.53
C LEU B 44 -3.06 9.52 19.76
N GLY B 45 -2.87 10.47 20.67
CA GLY B 45 -3.51 10.46 22.00
C GLY B 45 -2.95 9.35 22.91
N LEU B 46 -1.81 8.76 22.57
CA LEU B 46 -1.26 7.60 23.27
C LEU B 46 -0.01 7.92 24.10
N THR B 47 0.43 6.94 24.90
CA THR B 47 1.72 6.98 25.61
C THR B 47 2.88 6.82 24.63
N ARG B 48 4.02 7.42 25.02
CA ARG B 48 5.33 7.24 24.40
C ARG B 48 5.78 5.75 24.30
N SER B 49 5.19 4.85 25.08
CA SER B 49 5.39 3.41 24.89
C SER B 49 4.77 2.91 23.58
N ASN B 50 3.45 3.09 23.38
CA ASN B 50 2.76 2.70 22.14
C ASN B 50 3.33 3.41 20.90
N VAL B 51 3.73 4.69 21.05
CA VAL B 51 4.47 5.42 20.01
C VAL B 51 5.78 4.70 19.65
N SER B 52 6.59 4.33 20.66
CA SER B 52 7.88 3.66 20.41
C SER B 52 7.75 2.24 19.87
N ASN B 53 6.68 1.53 20.25
CA ASN B 53 6.37 0.17 19.81
C ASN B 53 6.27 0.12 18.28
N HIS B 54 5.33 0.86 17.69
CA HIS B 54 5.20 0.86 16.23
C HIS B 54 6.41 1.55 15.53
N LEU B 55 7.14 2.47 16.18
CA LEU B 55 8.41 3.00 15.67
C LEU B 55 9.56 1.99 15.67
N SER B 56 9.50 0.90 16.44
CA SER B 56 10.56 -0.13 16.38
C SER B 56 10.70 -0.71 14.96
N CYS B 57 9.60 -1.09 14.31
CA CYS B 57 9.61 -1.56 12.92
C CYS B 57 9.94 -0.41 11.96
N LEU B 58 9.29 0.74 12.16
CA LEU B 58 9.34 1.88 11.25
C LEU B 58 10.77 2.40 11.01
N ARG B 59 11.60 2.37 12.06
CA ARG B 59 13.00 2.79 12.04
C ARG B 59 13.96 1.64 11.70
N GLY B 60 13.53 0.37 11.78
CA GLY B 60 14.29 -0.79 11.27
C GLY B 60 14.14 -0.93 9.76
N CYS B 61 12.88 -0.95 9.29
CA CYS B 61 12.49 -0.97 7.88
C CYS B 61 12.67 0.39 7.15
N GLY B 62 13.23 1.40 7.84
CA GLY B 62 13.67 2.67 7.26
C GLY B 62 12.55 3.61 6.80
N LEU B 63 11.28 3.26 7.01
CA LEU B 63 10.10 4.10 6.68
C LEU B 63 10.14 5.46 7.38
N VAL B 64 10.86 5.55 8.49
CA VAL B 64 11.24 6.77 9.21
C VAL B 64 12.75 6.86 9.43
N VAL B 65 13.27 8.08 9.42
CA VAL B 65 14.69 8.44 9.54
C VAL B 65 14.85 9.62 10.51
N ALA B 66 15.81 9.50 11.44
CA ALA B 66 16.18 10.52 12.43
C ALA B 66 17.08 11.62 11.87
N THR B 67 17.06 12.79 12.54
CA THR B 67 17.85 13.98 12.21
C THR B 67 17.83 14.91 13.40
N TYR B 68 18.94 15.57 13.71
CA TYR B 68 18.95 16.60 14.75
C TYR B 68 18.05 17.80 14.36
N GLU B 69 17.07 18.11 15.21
CA GLU B 69 16.10 19.20 14.96
C GLU B 69 16.71 20.61 15.12
N GLY B 70 17.83 20.71 15.86
CA GLY B 70 18.43 21.97 16.33
C GLY B 70 18.45 22.12 17.86
N ARG B 71 18.03 21.09 18.61
CA ARG B 71 18.07 21.03 20.08
C ARG B 71 18.11 19.58 20.58
N GLN B 72 17.18 18.74 20.16
CA GLN B 72 17.20 17.28 20.30
C GLN B 72 17.26 16.65 18.90
N VAL B 73 16.33 15.77 18.59
CA VAL B 73 16.34 14.87 17.44
C VAL B 73 14.89 14.64 17.05
N ARG B 74 14.64 14.67 15.74
CA ARG B 74 13.34 14.46 15.13
C ARG B 74 13.31 13.09 14.50
N TYR B 75 12.11 12.70 14.08
CA TYR B 75 11.89 11.54 13.24
C TYR B 75 11.04 12.00 12.06
N ALA B 76 11.59 11.92 10.87
CA ALA B 76 10.93 12.23 9.62
C ALA B 76 10.67 10.94 8.85
N LEU B 77 9.86 11.04 7.79
CA LEU B 77 9.68 9.97 6.81
C LEU B 77 11.00 9.61 6.12
N ALA B 78 11.04 8.43 5.49
CA ALA B 78 12.19 7.96 4.71
C ALA B 78 12.71 9.02 3.73
N ASP B 79 11.82 9.52 2.88
CA ASP B 79 12.14 10.35 1.72
C ASP B 79 10.87 11.04 1.17
N SER B 80 11.12 12.04 0.33
CA SER B 80 10.17 12.70 -0.57
C SER B 80 9.20 11.72 -1.22
N HIS B 81 9.66 10.52 -1.60
CA HIS B 81 8.84 9.42 -2.10
C HIS B 81 7.65 9.08 -1.20
N LEU B 82 7.87 8.71 0.07
CA LEU B 82 6.74 8.37 0.96
C LEU B 82 5.93 9.65 1.29
N ALA B 83 6.60 10.79 1.37
CA ALA B 83 5.98 12.07 1.76
C ALA B 83 4.99 12.57 0.70
N ARG B 84 5.25 12.18 -0.56
CA ARG B 84 4.35 12.33 -1.68
C ARG B 84 3.28 11.25 -1.68
N ALA B 85 3.54 9.96 -1.98
CA ALA B 85 2.42 9.02 -2.15
C ALA B 85 1.52 8.80 -0.91
N LEU B 86 2.02 9.07 0.31
CA LEU B 86 1.17 9.15 1.50
C LEU B 86 0.40 10.50 1.53
N GLY B 87 1.09 11.62 1.26
CA GLY B 87 0.54 12.99 1.23
C GLY B 87 -0.47 13.26 0.11
N GLU B 88 -0.38 12.56 -1.03
CA GLU B 88 -1.37 12.49 -2.12
C GLU B 88 -2.72 11.92 -1.65
N LEU B 89 -2.65 11.09 -0.60
CA LEU B 89 -3.71 10.28 -0.01
C LEU B 89 -4.07 9.15 -0.96
N VAL B 90 -3.53 7.96 -0.67
CA VAL B 90 -3.63 6.66 -1.40
C VAL B 90 -5.04 6.15 -1.77
N GLN B 91 -6.09 6.97 -1.65
CA GLN B 91 -7.35 6.79 -2.35
C GLN B 91 -8.27 5.72 -1.73
N VAL B 92 -7.76 4.81 -0.90
CA VAL B 92 -8.52 3.87 -0.03
C VAL B 92 -9.32 4.56 1.08
N VAL B 93 -9.82 5.75 0.77
CA VAL B 93 -10.80 6.55 1.54
C VAL B 93 -10.20 7.13 2.85
N LEU B 94 -8.90 6.87 3.09
CA LEU B 94 -8.08 7.17 4.27
C LEU B 94 -8.25 5.99 5.25
N ALA B 95 -7.27 5.08 5.23
CA ALA B 95 -7.30 3.83 5.99
C ALA B 95 -7.51 4.05 7.51
N VAL B 96 -8.73 3.86 8.00
CA VAL B 96 -9.09 3.77 9.43
C VAL B 96 -8.19 2.73 10.14
N ASP B 97 -7.98 2.89 11.44
CA ASP B 97 -7.25 1.98 12.34
C ASP B 97 -7.93 0.59 12.56
N THR B 98 -8.65 0.08 11.55
CA THR B 98 -9.46 -1.15 11.60
C THR B 98 -9.03 -2.18 10.56
N ASP B 99 -8.45 -3.28 11.02
CA ASP B 99 -8.23 -4.49 10.22
C ASP B 99 -9.45 -5.42 10.48
N GLN B 100 -9.89 -6.14 9.44
CA GLN B 100 -11.16 -6.88 9.43
C GLN B 100 -11.03 -8.02 8.40
N PRO B 101 -12.00 -8.95 8.25
CA PRO B 101 -11.81 -10.16 7.44
C PRO B 101 -11.79 -9.86 5.94
N CYS B 102 -11.32 -10.83 5.13
CA CYS B 102 -11.29 -10.67 3.68
C CYS B 102 -12.73 -10.70 3.10
N VAL B 103 -13.04 -9.85 2.11
CA VAL B 103 -14.42 -9.56 1.66
C VAL B 103 -15.26 -10.80 1.27
N ALA B 104 -14.62 -11.91 0.91
CA ALA B 104 -15.26 -13.17 0.53
C ALA B 104 -15.29 -14.24 1.65
N GLU B 105 -14.46 -14.13 2.69
CA GLU B 105 -14.23 -15.19 3.68
C GLU B 105 -14.05 -14.59 5.08
N ARG B 106 -14.90 -15.00 6.03
CA ARG B 106 -15.00 -14.38 7.37
C ARG B 106 -13.86 -14.76 8.34
CD CD C . -10.13 -11.37 -0.62
CD CD D . 10.03 -4.22 10.26
N ALA A 10 -11.08 -0.45 4.71
CA ALA A 10 -9.83 -0.53 5.44
C ALA A 10 -8.63 -0.17 4.58
N LEU A 11 -7.77 0.68 5.13
CA LEU A 11 -6.45 0.95 4.55
C LEU A 11 -5.54 -0.28 4.58
N ALA A 12 -5.83 -1.23 5.48
CA ALA A 12 -5.21 -2.55 5.49
C ALA A 12 -5.66 -3.31 4.23
N ARG A 13 -6.98 -3.47 4.01
CA ARG A 13 -7.55 -4.13 2.84
C ARG A 13 -7.05 -3.56 1.49
N LEU A 14 -6.83 -2.24 1.41
CA LEU A 14 -6.27 -1.54 0.24
C LEU A 14 -4.88 -2.10 -0.09
N GLY A 15 -3.91 -1.93 0.80
CA GLY A 15 -2.55 -2.42 0.55
C GLY A 15 -2.44 -3.95 0.61
N ARG A 16 -3.39 -4.65 1.22
CA ARG A 16 -3.47 -6.13 1.25
C ARG A 16 -3.72 -6.75 -0.13
N ALA A 17 -3.92 -5.94 -1.17
CA ALA A 17 -3.96 -6.40 -2.55
C ALA A 17 -3.23 -5.47 -3.55
N LEU A 18 -2.73 -4.27 -3.17
CA LEU A 18 -1.79 -3.53 -4.01
C LEU A 18 -0.33 -3.93 -3.66
N ALA A 19 -0.05 -4.29 -2.40
CA ALA A 19 1.30 -4.64 -1.92
C ALA A 19 1.55 -6.15 -1.97
N ASP A 20 1.78 -6.67 -3.17
CA ASP A 20 1.92 -8.08 -3.52
C ASP A 20 2.56 -8.26 -4.91
N PRO A 21 3.47 -9.26 -5.08
CA PRO A 21 4.30 -9.45 -6.27
C PRO A 21 3.49 -9.47 -7.57
N THR A 22 2.56 -10.42 -7.70
CA THR A 22 1.81 -10.61 -8.95
C THR A 22 0.70 -9.59 -9.08
N ARG A 23 0.11 -9.12 -7.97
CA ARG A 23 -1.06 -8.22 -8.02
C ARG A 23 -0.73 -6.82 -8.54
N CYS A 24 0.45 -6.26 -8.29
CA CYS A 24 0.86 -5.02 -9.00
C CYS A 24 0.85 -5.25 -10.52
N ARG A 25 1.58 -6.27 -10.98
CA ARG A 25 1.54 -6.79 -12.36
C ARG A 25 0.11 -6.97 -12.90
N ILE A 26 -0.84 -7.53 -12.13
CA ILE A 26 -2.25 -7.64 -12.55
C ILE A 26 -2.87 -6.26 -12.73
N LEU A 27 -2.86 -5.46 -11.68
CA LEU A 27 -3.50 -4.15 -11.65
C LEU A 27 -2.98 -3.25 -12.79
N VAL A 28 -1.66 -3.23 -13.01
CA VAL A 28 -1.00 -2.34 -13.98
C VAL A 28 -1.12 -2.86 -15.42
N ALA A 29 -1.21 -4.19 -15.60
CA ALA A 29 -1.42 -4.79 -16.91
C ALA A 29 -2.90 -4.78 -17.31
N LEU A 30 -3.85 -4.94 -16.39
CA LEU A 30 -5.25 -4.79 -16.66
C LEU A 30 -5.62 -3.35 -16.99
N LEU A 31 -4.93 -2.36 -16.40
CA LEU A 31 -5.16 -0.93 -16.57
C LEU A 31 -5.46 -0.54 -18.04
N ASP A 32 -4.67 -1.07 -18.97
CA ASP A 32 -4.86 -1.04 -20.42
C ASP A 32 -5.47 -2.36 -20.98
N GLY A 33 -5.24 -3.48 -20.28
CA GLY A 33 -5.51 -4.85 -20.73
C GLY A 33 -6.93 -5.37 -20.57
N VAL A 34 -7.85 -4.61 -19.96
CA VAL A 34 -9.32 -4.76 -19.80
C VAL A 34 -10.17 -5.51 -20.89
N CYS A 35 -9.74 -6.68 -21.38
CA CYS A 35 -10.39 -7.42 -22.47
C CYS A 35 -11.12 -8.69 -22.00
N TYR A 36 -10.46 -9.59 -21.23
CA TYR A 36 -11.10 -10.83 -20.78
C TYR A 36 -10.47 -11.49 -19.55
N PRO A 37 -11.23 -12.33 -18.80
CA PRO A 37 -10.64 -13.17 -17.76
C PRO A 37 -9.53 -14.01 -18.39
N GLY A 38 -8.36 -13.99 -17.77
CA GLY A 38 -7.18 -14.67 -18.30
C GLY A 38 -6.44 -13.94 -19.43
N GLN A 39 -6.91 -12.79 -19.93
CA GLN A 39 -6.11 -11.97 -20.87
C GLN A 39 -4.72 -11.66 -20.29
N LEU A 40 -4.69 -11.43 -18.97
CA LEU A 40 -3.52 -11.17 -18.15
C LEU A 40 -2.45 -12.26 -18.31
N ALA A 41 -2.83 -13.49 -18.62
CA ALA A 41 -1.89 -14.60 -18.78
C ALA A 41 -0.87 -14.30 -19.90
N ALA A 42 -1.28 -13.56 -20.95
CA ALA A 42 -0.39 -13.10 -22.01
C ALA A 42 0.47 -11.89 -21.57
N HIS A 43 -0.12 -10.90 -20.91
CA HIS A 43 0.62 -9.74 -20.37
C HIS A 43 1.72 -10.14 -19.35
N LEU A 44 1.48 -11.20 -18.57
CA LEU A 44 2.35 -11.62 -17.47
C LEU A 44 3.25 -12.81 -17.82
N GLY A 45 2.85 -13.68 -18.76
CA GLY A 45 3.52 -14.96 -19.02
C GLY A 45 3.24 -16.05 -17.97
N LEU A 46 2.41 -15.75 -16.96
CA LEU A 46 2.02 -16.70 -15.93
C LEU A 46 0.64 -17.28 -16.25
N THR A 47 0.41 -18.54 -15.87
CA THR A 47 -0.74 -19.35 -16.26
C THR A 47 -2.04 -18.70 -15.82
N ARG A 48 -3.12 -18.97 -16.57
CA ARG A 48 -4.47 -18.59 -16.16
C ARG A 48 -4.88 -19.20 -14.80
N SER A 49 -4.23 -20.28 -14.36
CA SER A 49 -4.37 -20.82 -13.00
C SER A 49 -3.63 -19.93 -11.99
N ASN A 50 -2.34 -19.68 -12.20
CA ASN A 50 -1.51 -18.82 -11.35
C ASN A 50 -2.17 -17.43 -11.17
N VAL A 51 -2.45 -16.73 -12.26
CA VAL A 51 -3.02 -15.38 -12.22
C VAL A 51 -4.46 -15.37 -11.63
N SER A 52 -5.23 -16.47 -11.68
CA SER A 52 -6.58 -16.52 -11.07
C SER A 52 -6.56 -16.54 -9.53
N ASN A 53 -5.58 -17.22 -8.92
CA ASN A 53 -5.31 -17.13 -7.47
C ASN A 53 -5.13 -15.67 -7.05
N HIS A 54 -4.28 -14.96 -7.78
CA HIS A 54 -4.00 -13.54 -7.58
C HIS A 54 -5.22 -12.62 -7.82
N LEU A 55 -6.09 -12.94 -8.79
CA LEU A 55 -7.35 -12.21 -9.04
C LEU A 55 -8.43 -12.48 -7.99
N SER A 56 -8.48 -13.67 -7.39
CA SER A 56 -9.48 -13.98 -6.36
C SER A 56 -9.59 -12.90 -5.28
N CYS A 57 -8.45 -12.44 -4.75
CA CYS A 57 -8.41 -11.41 -3.72
C CYS A 57 -8.61 -9.99 -4.29
N LEU A 58 -8.09 -9.75 -5.50
CA LEU A 58 -8.21 -8.47 -6.23
C LEU A 58 -9.68 -8.11 -6.50
N ARG A 59 -10.50 -9.11 -6.83
CA ARG A 59 -11.93 -8.97 -7.08
C ARG A 59 -12.74 -8.83 -5.78
N GLY A 60 -12.29 -9.43 -4.67
CA GLY A 60 -13.02 -9.49 -3.40
C GLY A 60 -12.74 -8.33 -2.44
N CYS A 61 -11.48 -7.89 -2.34
CA CYS A 61 -11.08 -6.68 -1.62
C CYS A 61 -11.52 -5.39 -2.38
N GLY A 62 -11.99 -5.54 -3.62
CA GLY A 62 -12.66 -4.51 -4.41
C GLY A 62 -11.76 -3.66 -5.31
N LEU A 63 -10.55 -4.12 -5.65
CA LEU A 63 -9.64 -3.38 -6.54
C LEU A 63 -9.86 -3.62 -8.04
N VAL A 64 -10.46 -4.75 -8.41
CA VAL A 64 -10.94 -5.03 -9.78
C VAL A 64 -12.40 -5.48 -9.77
N VAL A 65 -13.14 -5.15 -10.83
CA VAL A 65 -14.56 -5.44 -11.00
C VAL A 65 -14.82 -5.94 -12.44
N ALA A 66 -15.82 -6.81 -12.62
CA ALA A 66 -16.31 -7.29 -13.93
C ALA A 66 -17.04 -6.20 -14.75
N THR A 67 -17.15 -6.44 -16.06
CA THR A 67 -17.91 -5.63 -17.03
C THR A 67 -18.11 -6.47 -18.29
N TYR A 68 -18.97 -6.05 -19.22
CA TYR A 68 -19.04 -6.60 -20.59
C TYR A 68 -18.34 -5.60 -21.54
N GLU A 69 -17.28 -6.00 -22.27
CA GLU A 69 -16.54 -5.10 -23.17
C GLU A 69 -17.21 -4.85 -24.54
N GLY A 70 -18.21 -5.67 -24.91
CA GLY A 70 -19.04 -5.51 -26.11
C GLY A 70 -19.24 -6.81 -26.90
N ARG A 71 -18.29 -7.75 -26.80
CA ARG A 71 -18.35 -9.11 -27.35
C ARG A 71 -17.93 -10.19 -26.33
N GLN A 72 -17.37 -9.81 -25.17
CA GLN A 72 -16.87 -10.67 -24.11
C GLN A 72 -17.03 -10.01 -22.73
N VAL A 73 -17.01 -10.81 -21.66
CA VAL A 73 -16.90 -10.28 -20.29
C VAL A 73 -15.44 -10.00 -19.95
N ARG A 74 -15.18 -8.95 -19.17
CA ARG A 74 -13.85 -8.45 -18.87
C ARG A 74 -13.69 -8.23 -17.37
N TYR A 75 -12.44 -8.07 -16.96
CA TYR A 75 -12.10 -7.52 -15.65
C TYR A 75 -11.55 -6.11 -15.90
N ALA A 76 -11.76 -5.19 -14.96
CA ALA A 76 -11.20 -3.85 -15.03
C ALA A 76 -10.91 -3.34 -13.62
N LEU A 77 -9.99 -2.38 -13.52
CA LEU A 77 -9.76 -1.67 -12.27
C LEU A 77 -11.08 -1.07 -11.74
N ALA A 78 -11.27 -1.04 -10.41
CA ALA A 78 -12.55 -0.67 -9.82
C ALA A 78 -12.99 0.79 -9.98
N ASP A 79 -12.06 1.73 -10.26
CA ASP A 79 -12.34 3.14 -10.57
C ASP A 79 -11.09 3.88 -11.11
N SER A 80 -11.32 5.04 -11.73
CA SER A 80 -10.31 6.04 -12.12
C SER A 80 -9.39 6.44 -10.96
N HIS A 81 -9.88 6.38 -9.72
CA HIS A 81 -9.13 6.54 -8.48
C HIS A 81 -7.93 5.60 -8.40
N LEU A 82 -8.16 4.27 -8.51
CA LEU A 82 -7.03 3.33 -8.49
C LEU A 82 -6.16 3.58 -9.72
N ALA A 83 -6.79 3.76 -10.89
CA ALA A 83 -6.12 3.90 -12.18
C ALA A 83 -5.13 5.07 -12.17
N ARG A 84 -5.48 6.13 -11.42
CA ARG A 84 -4.67 7.31 -11.24
C ARG A 84 -3.48 7.05 -10.29
N ALA A 85 -3.65 6.61 -9.04
CA ALA A 85 -2.49 6.37 -8.16
C ALA A 85 -1.60 5.17 -8.60
N LEU A 86 -2.18 4.24 -9.37
CA LEU A 86 -1.49 3.17 -10.11
C LEU A 86 -0.70 3.74 -11.30
N GLY A 87 -1.34 4.64 -12.07
CA GLY A 87 -0.86 5.16 -13.35
C GLY A 87 0.11 6.34 -13.24
N GLU A 88 -0.09 7.24 -12.27
CA GLU A 88 0.78 8.38 -11.97
C GLU A 88 2.05 7.99 -11.19
N LEU A 89 2.13 6.71 -10.80
CA LEU A 89 3.30 6.01 -10.28
C LEU A 89 3.83 6.63 -8.97
N VAL A 90 3.30 6.14 -7.84
CA VAL A 90 3.72 6.52 -6.47
C VAL A 90 5.25 6.64 -6.33
N GLN A 91 5.70 7.52 -5.43
CA GLN A 91 7.04 8.08 -5.46
C GLN A 91 8.15 7.10 -5.07
N VAL A 92 7.85 5.83 -4.81
CA VAL A 92 8.81 4.74 -4.54
C VAL A 92 9.71 4.36 -5.74
N VAL A 93 10.07 5.35 -6.55
CA VAL A 93 11.09 5.28 -7.62
C VAL A 93 10.74 4.27 -8.73
N LEU A 94 9.44 3.91 -8.83
CA LEU A 94 8.83 2.81 -9.59
C LEU A 94 8.70 1.63 -8.61
N ALA A 95 7.47 1.34 -8.18
CA ALA A 95 7.14 0.13 -7.42
C ALA A 95 7.56 -1.15 -8.17
N VAL A 96 8.79 -1.61 -7.94
CA VAL A 96 9.32 -2.90 -8.42
C VAL A 96 8.53 -4.06 -7.79
N ASP A 97 8.17 -5.04 -8.61
CA ASP A 97 7.44 -6.28 -8.27
C ASP A 97 8.16 -7.21 -7.27
N THR A 98 9.30 -6.78 -6.72
CA THR A 98 10.06 -7.54 -5.71
C THR A 98 9.21 -7.77 -4.48
N ASP A 99 9.33 -9.00 -3.97
CA ASP A 99 8.91 -9.39 -2.64
C ASP A 99 10.11 -9.24 -1.70
N GLN A 100 9.81 -9.03 -0.43
CA GLN A 100 10.78 -8.98 0.64
C GLN A 100 10.00 -9.19 1.94
N PRO A 101 10.47 -10.02 2.88
CA PRO A 101 9.88 -10.08 4.21
C PRO A 101 9.97 -8.70 4.89
N CYS A 102 9.22 -8.53 5.96
CA CYS A 102 9.31 -7.38 6.84
C CYS A 102 10.58 -7.49 7.73
N VAL A 103 10.37 -7.31 9.04
CA VAL A 103 11.30 -7.57 10.16
C VAL A 103 12.39 -6.51 10.31
N ALA A 104 13.04 -6.11 9.19
CA ALA A 104 14.10 -5.07 8.99
C ALA A 104 15.39 -5.62 8.34
N GLU A 105 15.42 -6.91 8.00
CA GLU A 105 16.52 -7.54 7.27
C GLU A 105 16.61 -7.05 5.80
N ARG A 106 17.53 -7.60 5.01
CA ARG A 106 17.58 -7.40 3.55
C ARG A 106 18.41 -8.53 2.91
N ALA B 10 11.18 -3.56 -2.44
CA ALA B 10 10.02 -4.38 -2.74
C ALA B 10 8.70 -3.63 -2.52
N LEU B 11 7.77 -3.73 -3.47
CA LEU B 11 6.44 -3.11 -3.32
C LEU B 11 5.59 -3.80 -2.26
N ALA B 12 5.88 -5.08 -1.98
CA ALA B 12 5.32 -5.82 -0.85
C ALA B 12 5.77 -5.17 0.47
N ARG B 13 7.09 -5.00 0.68
CA ARG B 13 7.63 -4.33 1.88
C ARG B 13 7.15 -2.88 2.01
N LEU B 14 7.08 -2.12 0.91
CA LEU B 14 6.57 -0.74 0.88
C LEU B 14 5.18 -0.67 1.52
N GLY B 15 4.21 -1.42 0.96
CA GLY B 15 2.84 -1.38 1.45
C GLY B 15 2.64 -2.09 2.79
N ARG B 16 3.53 -3.00 3.18
CA ARG B 16 3.51 -3.79 4.44
C ARG B 16 3.56 -2.93 5.71
N ALA B 17 4.00 -1.67 5.58
CA ALA B 17 4.06 -0.72 6.67
C ALA B 17 3.29 0.59 6.40
N LEU B 18 2.77 0.81 5.19
CA LEU B 18 1.79 1.88 4.91
C LEU B 18 0.35 1.39 5.17
N ALA B 19 0.04 0.13 4.84
CA ALA B 19 -1.29 -0.46 4.98
C ALA B 19 -1.47 -1.14 6.35
N ASP B 20 -1.69 -0.33 7.37
CA ASP B 20 -1.72 -0.72 8.79
C ASP B 20 -2.39 0.36 9.67
N PRO B 21 -3.23 -0.04 10.64
CA PRO B 21 -4.06 0.86 11.47
C PRO B 21 -3.28 2.01 12.13
N THR B 22 -2.17 1.70 12.78
CA THR B 22 -1.44 2.69 13.59
C THR B 22 -0.37 3.36 12.75
N ARG B 23 0.24 2.68 11.79
CA ARG B 23 1.31 3.25 10.98
C ARG B 23 0.81 4.34 10.02
N CYS B 24 -0.41 4.25 9.47
CA CYS B 24 -1.01 5.40 8.76
C CYS B 24 -1.03 6.65 9.65
N ARG B 25 -1.65 6.51 10.83
CA ARG B 25 -1.67 7.52 11.91
C ARG B 25 -0.26 8.07 12.21
N ILE B 26 0.74 7.22 12.45
CA ILE B 26 2.15 7.65 12.64
C ILE B 26 2.62 8.54 11.51
N LEU B 27 2.55 8.02 10.29
CA LEU B 27 3.13 8.62 9.10
C LEU B 27 2.47 9.97 8.79
N VAL B 28 1.15 10.08 8.91
CA VAL B 28 0.40 11.33 8.67
C VAL B 28 0.55 12.33 9.83
N ALA B 29 0.80 11.84 11.05
CA ALA B 29 1.17 12.68 12.18
C ALA B 29 2.62 13.20 12.03
N LEU B 30 3.57 12.39 11.54
CA LEU B 30 4.98 12.78 11.43
C LEU B 30 5.25 13.92 10.46
N LEU B 31 4.39 14.06 9.46
CA LEU B 31 4.32 15.21 8.54
C LEU B 31 4.38 16.56 9.30
N ASP B 32 3.95 16.59 10.56
CA ASP B 32 4.14 17.66 11.56
C ASP B 32 5.05 17.21 12.72
N GLY B 33 4.99 15.91 13.04
CA GLY B 33 5.47 15.21 14.22
C GLY B 33 6.94 14.84 14.19
N VAL B 34 7.69 15.44 13.28
CA VAL B 34 9.16 15.44 13.23
C VAL B 34 9.87 16.06 14.47
N CYS B 35 9.25 16.00 15.66
CA CYS B 35 9.77 16.52 16.92
C CYS B 35 10.69 15.50 17.61
N TYR B 36 10.16 14.42 18.20
CA TYR B 36 10.95 13.54 19.06
C TYR B 36 10.37 12.13 19.25
N PRO B 37 11.18 11.12 19.61
CA PRO B 37 10.68 9.78 19.93
C PRO B 37 9.66 9.89 21.06
N GLY B 38 8.43 9.43 20.80
CA GLY B 38 7.32 9.55 21.74
C GLY B 38 6.49 10.83 21.59
N GLN B 39 6.86 11.80 20.74
CA GLN B 39 5.99 12.97 20.45
C GLN B 39 4.64 12.53 19.90
N LEU B 40 4.62 11.44 19.13
CA LEU B 40 3.43 10.84 18.53
C LEU B 40 2.40 10.46 19.59
N ALA B 41 2.83 10.22 20.83
CA ALA B 41 1.93 9.73 21.88
C ALA B 41 0.79 10.74 22.17
N ALA B 42 1.09 12.05 22.04
CA ALA B 42 0.09 13.11 22.12
C ALA B 42 -0.75 13.19 20.84
N HIS B 43 -0.12 13.22 19.66
CA HIS B 43 -0.81 13.25 18.36
C HIS B 43 -1.81 12.10 18.14
N LEU B 44 -1.50 10.92 18.69
CA LEU B 44 -2.25 9.68 18.48
C LEU B 44 -3.14 9.29 19.66
N GLY B 45 -2.83 9.75 20.88
CA GLY B 45 -3.50 9.32 22.13
C GLY B 45 -3.03 7.98 22.65
N LEU B 46 -2.19 7.26 21.89
CA LEU B 46 -1.63 5.95 22.26
C LEU B 46 -0.28 6.15 22.94
N THR B 47 0.16 5.19 23.77
CA THR B 47 1.34 5.38 24.62
C THR B 47 2.63 5.39 23.82
N ARG B 48 3.64 6.05 24.39
CA ARG B 48 5.03 6.00 23.90
C ARG B 48 5.57 4.56 23.85
N SER B 49 5.02 3.65 24.68
CA SER B 49 5.26 2.21 24.60
C SER B 49 4.56 1.61 23.37
N ASN B 50 3.23 1.77 23.27
CA ASN B 50 2.41 1.25 22.16
C ASN B 50 2.95 1.70 20.80
N VAL B 51 3.06 3.02 20.56
CA VAL B 51 3.46 3.57 19.26
C VAL B 51 4.91 3.13 18.89
N SER B 52 5.76 2.76 19.85
CA SER B 52 7.13 2.30 19.57
C SER B 52 7.21 0.95 18.85
N ASN B 53 6.32 0.00 19.17
CA ASN B 53 6.16 -1.25 18.39
C ASN B 53 5.86 -0.96 16.93
N HIS B 54 4.92 -0.05 16.69
CA HIS B 54 4.51 0.40 15.36
C HIS B 54 5.66 1.11 14.61
N LEU B 55 6.55 1.82 15.33
CA LEU B 55 7.77 2.45 14.79
C LEU B 55 8.90 1.44 14.52
N SER B 56 9.04 0.37 15.30
CA SER B 56 10.08 -0.63 15.04
C SER B 56 10.02 -1.20 13.61
N CYS B 57 8.83 -1.44 13.05
CA CYS B 57 8.73 -1.80 11.64
C CYS B 57 9.08 -0.61 10.71
N LEU B 58 8.50 0.56 11.01
CA LEU B 58 8.55 1.76 10.17
C LEU B 58 10.00 2.23 9.93
N ARG B 59 10.85 2.10 10.96
CA ARG B 59 12.27 2.45 10.94
C ARG B 59 13.18 1.33 10.36
N GLY B 60 12.64 0.15 10.07
CA GLY B 60 13.36 -0.99 9.45
C GLY B 60 13.00 -1.24 7.98
N CYS B 61 11.72 -1.08 7.63
CA CYS B 61 11.23 -1.12 6.24
C CYS B 61 11.62 0.15 5.44
N GLY B 62 12.07 1.21 6.15
CA GLY B 62 12.63 2.42 5.57
C GLY B 62 11.61 3.52 5.29
N LEU B 63 10.43 3.50 5.94
CA LEU B 63 9.43 4.57 5.79
C LEU B 63 9.68 5.76 6.71
N VAL B 64 10.38 5.57 7.83
CA VAL B 64 10.85 6.66 8.71
C VAL B 64 12.35 6.58 9.01
N VAL B 65 12.95 7.76 9.17
CA VAL B 65 14.39 7.99 9.39
C VAL B 65 14.63 8.90 10.60
N ALA B 66 15.70 8.61 11.36
CA ALA B 66 16.18 9.42 12.50
C ALA B 66 17.02 10.62 12.06
N THR B 67 17.03 11.68 12.88
CA THR B 67 17.76 12.95 12.65
C THR B 67 17.91 13.69 13.98
N TYR B 68 18.67 14.79 14.03
CA TYR B 68 18.65 15.76 15.13
C TYR B 68 17.81 16.98 14.70
N GLU B 69 16.80 17.38 15.47
CA GLU B 69 15.98 18.58 15.16
C GLU B 69 16.65 19.92 15.54
N GLY B 70 17.71 19.88 16.38
CA GLY B 70 18.53 21.04 16.79
C GLY B 70 18.86 21.06 18.28
N ARG B 71 18.01 20.46 19.12
CA ARG B 71 18.20 20.27 20.57
C ARG B 71 17.81 18.84 21.05
N GLN B 72 17.24 18.00 20.18
CA GLN B 72 16.77 16.66 20.44
C GLN B 72 16.86 15.79 19.17
N VAL B 73 16.87 14.46 19.32
CA VAL B 73 16.72 13.54 18.18
C VAL B 73 15.25 13.37 17.81
N ARG B 74 14.96 13.17 16.52
CA ARG B 74 13.63 13.15 15.94
C ARG B 74 13.45 11.93 15.03
N TYR B 75 12.22 11.66 14.63
CA TYR B 75 11.90 10.75 13.52
C TYR B 75 11.31 11.57 12.37
N ALA B 76 11.30 11.07 11.14
CA ALA B 76 10.75 11.79 9.98
C ALA B 76 10.43 10.84 8.84
N LEU B 77 9.44 11.19 8.00
CA LEU B 77 9.15 10.51 6.73
C LEU B 77 10.47 10.42 5.96
N ALA B 78 10.82 9.23 5.47
CA ALA B 78 12.15 8.93 4.92
C ALA B 78 12.54 9.65 3.60
N ASP B 79 11.67 10.50 3.04
CA ASP B 79 11.90 11.44 1.94
C ASP B 79 10.61 12.23 1.63
N SER B 80 10.79 13.36 0.93
CA SER B 80 9.72 14.14 0.30
C SER B 80 8.76 13.26 -0.52
N HIS B 81 9.25 12.15 -1.08
CA HIS B 81 8.46 11.10 -1.72
C HIS B 81 7.27 10.62 -0.89
N LEU B 82 7.51 10.21 0.36
CA LEU B 82 6.44 9.65 1.22
C LEU B 82 5.60 10.78 1.79
N ALA B 83 6.23 11.87 2.23
CA ALA B 83 5.52 13.09 2.61
C ALA B 83 4.57 13.58 1.51
N ARG B 84 4.95 13.42 0.23
CA ARG B 84 4.12 13.72 -0.93
C ARG B 84 3.05 12.67 -1.19
N ALA B 85 3.34 11.38 -1.45
CA ALA B 85 2.27 10.42 -1.77
C ALA B 85 1.31 10.15 -0.59
N LEU B 86 1.74 10.42 0.64
CA LEU B 86 0.85 10.48 1.80
C LEU B 86 0.06 11.80 1.76
N GLY B 87 0.75 12.95 1.66
CA GLY B 87 0.18 14.30 1.79
C GLY B 87 -0.72 14.76 0.63
N GLU B 88 -0.50 14.25 -0.58
CA GLU B 88 -1.40 14.43 -1.73
C GLU B 88 -2.62 13.48 -1.65
N LEU B 89 -2.62 12.55 -0.67
CA LEU B 89 -3.73 11.73 -0.22
C LEU B 89 -4.30 10.82 -1.32
N VAL B 90 -3.69 9.63 -1.45
CA VAL B 90 -4.04 8.61 -2.44
C VAL B 90 -5.56 8.40 -2.57
N GLN B 91 -5.99 8.07 -3.78
CA GLN B 91 -7.38 8.17 -4.24
C GLN B 91 -8.38 7.21 -3.62
N VAL B 92 -8.01 6.43 -2.61
CA VAL B 92 -8.89 5.61 -1.74
C VAL B 92 -9.83 6.47 -0.85
N VAL B 93 -10.24 7.62 -1.39
CA VAL B 93 -11.26 8.56 -0.88
C VAL B 93 -10.92 9.19 0.49
N LEU B 94 -9.66 9.00 0.94
CA LEU B 94 -9.08 9.23 2.27
C LEU B 94 -8.98 7.84 2.91
N ALA B 95 -7.74 7.33 3.02
CA ALA B 95 -7.43 6.07 3.70
C ALA B 95 -7.87 6.09 5.17
N VAL B 96 -9.15 5.78 5.43
CA VAL B 96 -9.71 5.64 6.78
C VAL B 96 -8.89 4.60 7.57
N ASP B 97 -8.53 4.94 8.81
CA ASP B 97 -7.81 4.11 9.80
C ASP B 97 -8.53 2.81 10.22
N THR B 98 -9.58 2.40 9.52
CA THR B 98 -10.23 1.12 9.76
C THR B 98 -9.31 -0.04 9.39
N ASP B 99 -9.27 -1.03 10.27
CA ASP B 99 -8.71 -2.33 10.01
C ASP B 99 -9.88 -3.26 9.68
N GLN B 100 -9.69 -4.06 8.65
CA GLN B 100 -10.59 -5.12 8.23
C GLN B 100 -9.70 -6.08 7.45
N PRO B 101 -9.87 -7.40 7.59
CA PRO B 101 -8.93 -8.38 7.07
C PRO B 101 -9.03 -8.52 5.54
N CYS B 102 -8.31 -9.49 5.00
CA CYS B 102 -8.31 -9.82 3.59
C CYS B 102 -9.42 -10.85 3.25
N VAL B 103 -9.26 -11.50 2.10
CA VAL B 103 -10.07 -12.67 1.65
C VAL B 103 -11.57 -12.30 1.50
N ALA B 104 -11.85 -11.06 1.09
CA ALA B 104 -13.16 -10.53 0.65
C ALA B 104 -14.26 -10.32 1.72
N GLU B 105 -14.09 -10.90 2.91
CA GLU B 105 -15.09 -10.99 3.98
C GLU B 105 -15.58 -9.62 4.53
N ARG B 106 -16.51 -9.63 5.51
CA ARG B 106 -16.89 -8.41 6.25
C ARG B 106 -17.42 -8.75 7.65
CD CD C . -6.86 -8.83 -0.26
CD CD D . 9.07 -3.96 8.78
N ALA A 10 -10.37 -3.81 3.61
CA ALA A 10 -9.71 -3.95 4.90
C ALA A 10 -8.19 -3.74 4.76
N LEU A 11 -7.58 -2.87 5.57
CA LEU A 11 -6.19 -2.40 5.43
C LEU A 11 -5.14 -3.51 5.29
N ALA A 12 -5.19 -4.49 6.20
CA ALA A 12 -4.32 -5.67 6.23
C ALA A 12 -4.55 -6.63 5.05
N ARG A 13 -5.69 -6.55 4.35
CA ARG A 13 -5.90 -7.22 3.07
C ARG A 13 -5.39 -6.34 1.93
N LEU A 14 -5.66 -5.03 1.98
CA LEU A 14 -5.40 -4.05 0.91
C LEU A 14 -3.90 -3.89 0.63
N GLY A 15 -3.07 -3.75 1.67
CA GLY A 15 -1.61 -3.75 1.49
C GLY A 15 -1.06 -5.11 1.04
N ARG A 16 -1.83 -6.20 1.22
CA ARG A 16 -1.60 -7.56 0.71
C ARG A 16 -2.44 -7.83 -0.57
N ALA A 17 -2.69 -6.76 -1.32
CA ALA A 17 -3.26 -6.76 -2.66
C ALA A 17 -2.56 -5.74 -3.59
N LEU A 18 -2.14 -4.58 -3.06
CA LEU A 18 -1.42 -3.53 -3.81
C LEU A 18 0.11 -3.60 -3.68
N ALA A 19 0.67 -3.90 -2.50
CA ALA A 19 2.10 -4.19 -2.34
C ALA A 19 2.33 -5.72 -2.37
N ASP A 20 1.84 -6.34 -3.44
CA ASP A 20 1.70 -7.78 -3.63
C ASP A 20 2.26 -8.15 -5.02
N PRO A 21 3.02 -9.26 -5.16
CA PRO A 21 3.89 -9.59 -6.31
C PRO A 21 3.22 -9.54 -7.70
N THR A 22 2.80 -10.69 -8.23
CA THR A 22 2.07 -10.82 -9.49
C THR A 22 0.78 -10.03 -9.48
N ARG A 23 0.17 -9.80 -8.32
CA ARG A 23 -1.13 -9.15 -8.20
C ARG A 23 -1.10 -7.63 -8.45
N CYS A 24 -0.05 -6.92 -8.04
CA CYS A 24 0.16 -5.53 -8.49
C CYS A 24 0.43 -5.50 -10.00
N ARG A 25 1.18 -6.49 -10.51
CA ARG A 25 1.35 -6.73 -11.95
C ARG A 25 0.01 -6.98 -12.69
N ILE A 26 -0.95 -7.68 -12.08
CA ILE A 26 -2.33 -7.82 -12.59
C ILE A 26 -3.03 -6.47 -12.66
N LEU A 27 -2.99 -5.68 -11.57
CA LEU A 27 -3.60 -4.36 -11.54
C LEU A 27 -3.04 -3.42 -12.62
N VAL A 28 -1.71 -3.33 -12.75
CA VAL A 28 -1.10 -2.46 -13.78
C VAL A 28 -1.35 -2.95 -15.22
N ALA A 29 -1.67 -4.24 -15.40
CA ALA A 29 -2.11 -4.80 -16.69
C ALA A 29 -3.56 -4.44 -17.05
N LEU A 30 -4.36 -3.97 -16.09
CA LEU A 30 -5.70 -3.41 -16.34
C LEU A 30 -5.73 -1.88 -16.50
N LEU A 31 -4.63 -1.26 -16.13
CA LEU A 31 -4.35 0.13 -16.54
C LEU A 31 -4.24 0.23 -18.09
N ASP A 32 -3.97 -0.88 -18.78
CA ASP A 32 -3.75 -1.02 -20.24
C ASP A 32 -4.79 -1.90 -20.98
N GLY A 33 -4.90 -3.19 -20.62
CA GLY A 33 -5.59 -4.22 -21.40
C GLY A 33 -7.09 -4.16 -21.34
N VAL A 34 -7.64 -4.74 -20.27
CA VAL A 34 -9.09 -4.78 -19.97
C VAL A 34 -9.96 -5.22 -21.15
N CYS A 35 -9.40 -6.10 -22.00
CA CYS A 35 -10.12 -6.63 -23.15
C CYS A 35 -11.08 -7.72 -22.68
N TYR A 36 -10.52 -8.82 -22.19
CA TYR A 36 -11.27 -10.05 -21.90
C TYR A 36 -10.79 -10.74 -20.61
N PRO A 37 -11.63 -11.55 -19.95
CA PRO A 37 -11.19 -12.40 -18.85
C PRO A 37 -10.09 -13.34 -19.36
N GLY A 38 -8.88 -13.17 -18.82
CA GLY A 38 -7.70 -13.95 -19.20
C GLY A 38 -6.78 -13.30 -20.24
N GLN A 39 -7.07 -12.10 -20.77
CA GLN A 39 -6.11 -11.40 -21.64
C GLN A 39 -4.83 -11.01 -20.90
N LEU A 40 -4.93 -10.75 -19.59
CA LEU A 40 -3.80 -10.41 -18.73
C LEU A 40 -2.72 -11.48 -18.77
N ALA A 41 -3.09 -12.70 -19.14
CA ALA A 41 -2.14 -13.82 -19.30
C ALA A 41 -1.06 -13.53 -20.35
N ALA A 42 -1.42 -12.84 -21.45
CA ALA A 42 -0.43 -12.43 -22.45
C ALA A 42 0.49 -11.33 -21.92
N HIS A 43 -0.06 -10.38 -21.14
CA HIS A 43 0.74 -9.33 -20.50
C HIS A 43 1.75 -9.85 -19.45
N LEU A 44 1.39 -10.88 -18.67
CA LEU A 44 2.20 -11.37 -17.54
C LEU A 44 3.03 -12.61 -17.85
N GLY A 45 2.74 -13.31 -18.95
CA GLY A 45 3.33 -14.62 -19.23
C GLY A 45 2.88 -15.68 -18.23
N LEU A 46 1.72 -15.49 -17.59
CA LEU A 46 1.19 -16.37 -16.53
C LEU A 46 -0.23 -16.86 -16.83
N THR A 47 -0.46 -18.16 -16.63
CA THR A 47 -1.66 -18.89 -17.07
C THR A 47 -2.96 -18.22 -16.67
N ARG A 48 -4.00 -18.55 -17.43
CA ARG A 48 -5.39 -18.21 -17.12
C ARG A 48 -5.79 -18.67 -15.70
N SER A 49 -5.15 -19.70 -15.14
CA SER A 49 -5.38 -20.15 -13.76
C SER A 49 -4.62 -19.28 -12.74
N ASN A 50 -3.33 -19.01 -12.98
CA ASN A 50 -2.50 -18.12 -12.16
C ASN A 50 -3.11 -16.70 -12.12
N VAL A 51 -3.38 -16.12 -13.28
CA VAL A 51 -4.04 -14.80 -13.39
C VAL A 51 -5.41 -14.79 -12.73
N SER A 52 -6.22 -15.85 -12.83
CA SER A 52 -7.50 -15.92 -12.10
C SER A 52 -7.33 -15.94 -10.59
N ASN A 53 -6.34 -16.65 -10.06
CA ASN A 53 -6.01 -16.66 -8.62
C ASN A 53 -5.72 -15.24 -8.13
N HIS A 54 -4.82 -14.52 -8.80
CA HIS A 54 -4.50 -13.13 -8.46
C HIS A 54 -5.71 -12.19 -8.59
N LEU A 55 -6.55 -12.37 -9.62
CA LEU A 55 -7.80 -11.63 -9.80
C LEU A 55 -8.85 -11.96 -8.75
N SER A 56 -8.86 -13.14 -8.14
CA SER A 56 -9.98 -13.60 -7.31
C SER A 56 -10.29 -12.67 -6.13
N CYS A 57 -9.30 -12.43 -5.27
CA CYS A 57 -9.43 -11.45 -4.20
C CYS A 57 -9.51 -10.02 -4.75
N LEU A 58 -8.90 -9.76 -5.91
CA LEU A 58 -8.94 -8.46 -6.58
C LEU A 58 -10.39 -8.06 -6.94
N ARG A 59 -11.22 -9.03 -7.31
CA ARG A 59 -12.66 -8.84 -7.53
C ARG A 59 -13.43 -8.70 -6.22
N GLY A 60 -12.96 -9.31 -5.11
CA GLY A 60 -13.62 -9.23 -3.79
C GLY A 60 -13.36 -7.91 -3.08
N CYS A 61 -12.10 -7.50 -2.98
CA CYS A 61 -11.63 -6.19 -2.57
C CYS A 61 -12.02 -5.08 -3.60
N GLY A 62 -12.67 -5.46 -4.71
CA GLY A 62 -13.24 -4.60 -5.74
C GLY A 62 -12.22 -3.85 -6.59
N LEU A 63 -10.91 -4.02 -6.33
CA LEU A 63 -9.80 -3.40 -7.05
C LEU A 63 -9.87 -3.62 -8.57
N VAL A 64 -10.54 -4.71 -8.95
CA VAL A 64 -11.05 -5.00 -10.29
C VAL A 64 -12.56 -5.27 -10.21
N VAL A 65 -13.20 -4.99 -11.33
CA VAL A 65 -14.65 -5.14 -11.57
C VAL A 65 -14.89 -5.65 -12.98
N ALA A 66 -16.04 -6.30 -13.17
CA ALA A 66 -16.54 -6.71 -14.48
C ALA A 66 -17.22 -5.53 -15.19
N THR A 67 -17.18 -5.59 -16.52
CA THR A 67 -17.85 -4.69 -17.47
C THR A 67 -17.96 -5.47 -18.79
N TYR A 68 -18.37 -4.85 -19.89
CA TYR A 68 -18.40 -5.47 -21.22
C TYR A 68 -17.53 -4.75 -22.27
N GLU A 69 -17.16 -5.47 -23.32
CA GLU A 69 -16.57 -4.97 -24.56
C GLU A 69 -17.58 -5.14 -25.73
N GLY A 70 -17.16 -5.31 -26.98
CA GLY A 70 -18.06 -5.32 -28.15
C GLY A 70 -19.08 -6.48 -28.22
N ARG A 71 -18.92 -7.52 -27.40
CA ARG A 71 -19.87 -8.65 -27.24
C ARG A 71 -19.62 -9.49 -25.98
N GLN A 72 -18.37 -9.57 -25.50
CA GLN A 72 -17.95 -10.34 -24.34
C GLN A 72 -17.84 -9.44 -23.10
N VAL A 73 -17.64 -10.05 -21.93
CA VAL A 73 -17.28 -9.32 -20.71
C VAL A 73 -15.78 -9.01 -20.67
N ARG A 74 -15.41 -8.03 -19.84
CA ARG A 74 -14.04 -7.61 -19.55
C ARG A 74 -13.78 -7.61 -18.03
N TYR A 75 -12.53 -7.41 -17.65
CA TYR A 75 -12.10 -7.12 -16.28
C TYR A 75 -11.31 -5.80 -16.29
N ALA A 76 -11.72 -4.77 -15.54
CA ALA A 76 -11.01 -3.48 -15.43
C ALA A 76 -10.78 -3.09 -13.96
N LEU A 77 -9.94 -2.07 -13.71
CA LEU A 77 -9.75 -1.49 -12.38
C LEU A 77 -11.06 -0.89 -11.84
N ALA A 78 -11.13 -0.78 -10.51
CA ALA A 78 -12.25 -0.24 -9.74
C ALA A 78 -12.64 1.19 -10.15
N ASP A 79 -11.66 2.10 -10.19
CA ASP A 79 -11.93 3.52 -10.28
C ASP A 79 -10.71 4.36 -10.69
N SER A 80 -11.01 5.64 -10.91
CA SER A 80 -10.04 6.72 -11.11
C SER A 80 -8.90 6.72 -10.07
N HIS A 81 -9.20 6.49 -8.78
CA HIS A 81 -8.20 6.49 -7.71
C HIS A 81 -7.15 5.39 -7.85
N LEU A 82 -7.50 4.14 -8.21
CA LEU A 82 -6.45 3.12 -8.40
C LEU A 82 -5.68 3.40 -9.68
N ALA A 83 -6.39 3.72 -10.77
CA ALA A 83 -5.79 4.11 -12.05
C ALA A 83 -4.78 5.27 -11.88
N ARG A 84 -5.06 6.20 -10.95
CA ARG A 84 -4.24 7.35 -10.53
C ARG A 84 -3.01 6.91 -9.72
N ALA A 85 -3.19 6.38 -8.50
CA ALA A 85 -2.07 6.06 -7.58
C ALA A 85 -1.15 4.94 -8.09
N LEU A 86 -1.70 3.99 -8.86
CA LEU A 86 -0.88 3.01 -9.57
C LEU A 86 -0.21 3.68 -10.79
N GLY A 87 -0.94 4.55 -11.49
CA GLY A 87 -0.50 5.27 -12.70
C GLY A 87 0.76 6.11 -12.50
N GLU A 88 0.84 6.88 -11.40
CA GLU A 88 2.02 7.65 -11.00
C GLU A 88 3.03 6.87 -10.14
N LEU A 89 2.75 5.57 -9.93
CA LEU A 89 3.53 4.57 -9.21
C LEU A 89 3.47 4.78 -7.68
N VAL A 90 3.43 3.68 -6.94
CA VAL A 90 3.45 3.54 -5.45
C VAL A 90 4.36 4.53 -4.70
N GLN A 91 5.35 5.11 -5.38
CA GLN A 91 6.07 6.31 -4.98
C GLN A 91 7.23 5.92 -4.07
N VAL A 92 7.06 4.90 -3.22
CA VAL A 92 8.06 4.18 -2.41
C VAL A 92 9.13 3.44 -3.24
N VAL A 93 9.54 4.04 -4.35
CA VAL A 93 10.65 3.67 -5.23
C VAL A 93 10.31 2.49 -6.17
N LEU A 94 9.35 1.65 -5.74
CA LEU A 94 8.90 0.35 -6.22
C LEU A 94 9.33 -0.64 -5.11
N ALA A 95 8.41 -1.00 -4.23
CA ALA A 95 8.70 -1.90 -3.10
C ALA A 95 9.22 -3.27 -3.62
N VAL A 96 10.28 -3.81 -3.04
CA VAL A 96 11.02 -4.95 -3.63
C VAL A 96 10.30 -6.29 -3.48
N ASP A 97 10.31 -7.09 -4.54
CA ASP A 97 9.80 -8.49 -4.57
C ASP A 97 10.50 -9.45 -3.60
N THR A 98 11.74 -9.16 -3.20
CA THR A 98 12.51 -9.95 -2.22
C THR A 98 11.81 -9.88 -0.87
N ASP A 99 11.35 -11.03 -0.38
CA ASP A 99 10.56 -11.22 0.85
C ASP A 99 11.34 -10.96 2.16
N GLN A 100 12.52 -10.36 2.05
CA GLN A 100 13.52 -10.26 3.10
C GLN A 100 13.14 -9.24 4.20
N PRO A 101 13.75 -9.36 5.39
CA PRO A 101 13.68 -8.35 6.44
C PRO A 101 14.37 -7.06 6.02
N CYS A 102 13.71 -5.93 6.28
CA CYS A 102 14.29 -4.61 6.18
C CYS A 102 15.57 -4.50 7.04
N VAL A 103 15.42 -5.02 8.26
CA VAL A 103 16.38 -5.21 9.36
C VAL A 103 15.67 -5.55 10.68
N ALA A 104 14.45 -5.04 10.91
CA ALA A 104 13.72 -5.18 12.17
C ALA A 104 13.12 -6.59 12.43
N GLU A 105 13.42 -7.58 11.59
CA GLU A 105 12.93 -8.96 11.61
C GLU A 105 14.07 -9.89 11.20
N ARG A 106 13.96 -11.20 11.50
CA ARG A 106 14.86 -12.22 10.97
C ARG A 106 14.20 -13.61 11.00
N ALA B 10 10.72 -4.45 1.36
CA ALA B 10 10.03 -5.58 0.76
C ALA B 10 8.52 -5.30 0.64
N LEU B 11 7.90 -5.64 -0.50
CA LEU B 11 6.52 -5.29 -0.84
C LEU B 11 5.51 -5.62 0.26
N ALA B 12 5.51 -6.88 0.71
CA ALA B 12 4.69 -7.39 1.79
C ALA B 12 4.96 -6.75 3.17
N ARG B 13 6.14 -6.14 3.39
CA ARG B 13 6.45 -5.33 4.58
C ARG B 13 5.96 -3.88 4.41
N LEU B 14 6.15 -3.30 3.23
CA LEU B 14 5.71 -1.95 2.86
C LEU B 14 4.20 -1.80 3.03
N GLY B 15 3.40 -2.69 2.44
CA GLY B 15 1.94 -2.62 2.55
C GLY B 15 1.44 -2.84 3.98
N ARG B 16 2.25 -3.50 4.82
CA ARG B 16 2.03 -3.71 6.26
C ARG B 16 2.59 -2.56 7.11
N ALA B 17 2.92 -1.43 6.48
CA ALA B 17 3.24 -0.16 7.14
C ALA B 17 2.37 0.99 6.64
N LEU B 18 2.08 1.00 5.33
CA LEU B 18 1.23 2.02 4.71
C LEU B 18 -0.26 1.65 4.72
N ALA B 19 -0.66 0.37 4.77
CA ALA B 19 -2.04 -0.07 5.02
C ALA B 19 -2.13 -0.85 6.35
N ASP B 20 -1.67 -0.21 7.42
CA ASP B 20 -1.52 -0.74 8.78
C ASP B 20 -2.10 0.32 9.74
N PRO B 21 -2.77 -0.06 10.86
CA PRO B 21 -3.65 0.81 11.67
C PRO B 21 -2.99 2.09 12.23
N THR B 22 -2.58 2.06 13.50
CA THR B 22 -1.79 3.09 14.18
C THR B 22 -0.53 3.45 13.43
N ARG B 23 0.07 2.48 12.74
CA ARG B 23 1.39 2.61 12.13
C ARG B 23 1.40 3.52 10.90
N CYS B 24 0.41 3.39 9.99
CA CYS B 24 0.23 4.40 8.94
C CYS B 24 -0.14 5.75 9.58
N ARG B 25 -0.96 5.75 10.63
CA ARG B 25 -1.24 6.95 11.44
C ARG B 25 0.02 7.61 12.02
N ILE B 26 1.07 6.86 12.38
CA ILE B 26 2.39 7.42 12.74
C ILE B 26 2.98 8.16 11.54
N LEU B 27 3.00 7.56 10.35
CA LEU B 27 3.48 8.22 9.13
C LEU B 27 2.68 9.50 8.80
N VAL B 28 1.35 9.44 8.91
CA VAL B 28 0.40 10.54 8.67
C VAL B 28 0.65 11.70 9.65
N ALA B 29 0.80 11.38 10.94
CA ALA B 29 1.00 12.36 11.99
C ALA B 29 2.41 12.95 11.99
N LEU B 30 3.43 12.14 11.66
CA LEU B 30 4.79 12.65 11.68
C LEU B 30 5.02 13.71 10.62
N LEU B 31 4.37 13.55 9.46
CA LEU B 31 4.36 14.42 8.27
C LEU B 31 4.39 15.92 8.59
N ASP B 32 3.56 16.37 9.55
CA ASP B 32 3.44 17.76 10.01
C ASP B 32 4.10 18.01 11.39
N GLY B 33 4.38 16.95 12.16
CA GLY B 33 5.01 17.02 13.48
C GLY B 33 6.51 17.24 13.41
N VAL B 34 7.22 16.20 12.97
CA VAL B 34 8.70 16.07 12.96
C VAL B 34 9.45 16.75 14.13
N CYS B 35 8.89 16.75 15.35
CA CYS B 35 9.52 17.41 16.49
C CYS B 35 10.56 16.51 17.15
N TYR B 36 10.10 15.52 17.93
CA TYR B 36 10.97 14.75 18.82
C TYR B 36 10.54 13.26 18.94
N PRO B 37 11.42 12.33 19.34
CA PRO B 37 11.04 10.95 19.62
C PRO B 37 9.99 10.92 20.74
N GLY B 38 8.84 10.31 20.45
CA GLY B 38 7.69 10.29 21.37
C GLY B 38 6.73 11.47 21.23
N GLN B 39 7.00 12.47 20.39
CA GLN B 39 6.03 13.56 20.13
C GLN B 39 4.71 13.03 19.57
N LEU B 40 4.75 11.94 18.78
CA LEU B 40 3.56 11.32 18.19
C LEU B 40 2.58 10.85 19.25
N ALA B 41 2.99 10.74 20.51
CA ALA B 41 2.08 10.40 21.59
C ALA B 41 0.93 11.42 21.69
N ALA B 42 1.22 12.71 21.56
CA ALA B 42 0.22 13.78 21.56
C ALA B 42 -0.57 13.85 20.25
N HIS B 43 0.03 13.49 19.12
CA HIS B 43 -0.73 13.36 17.86
C HIS B 43 -1.72 12.17 17.84
N LEU B 44 -1.39 11.05 18.51
CA LEU B 44 -2.14 9.79 18.41
C LEU B 44 -2.97 9.44 19.65
N GLY B 45 -2.75 10.10 20.79
CA GLY B 45 -3.33 9.70 22.08
C GLY B 45 -2.78 8.37 22.61
N LEU B 46 -1.65 7.90 22.08
CA LEU B 46 -1.05 6.60 22.42
C LEU B 46 0.32 6.76 23.07
N THR B 47 0.61 5.96 24.11
CA THR B 47 1.80 6.10 24.95
C THR B 47 3.09 5.97 24.13
N ARG B 48 4.22 6.44 24.68
CA ARG B 48 5.53 6.30 24.06
C ARG B 48 5.89 4.82 23.82
N SER B 49 5.41 3.89 24.64
CA SER B 49 5.61 2.44 24.45
C SER B 49 4.83 1.91 23.24
N ASN B 50 3.56 2.30 23.09
CA ASN B 50 2.76 1.98 21.90
C ASN B 50 3.40 2.64 20.65
N VAL B 51 3.62 3.96 20.68
CA VAL B 51 4.22 4.70 19.55
C VAL B 51 5.60 4.16 19.14
N SER B 52 6.47 3.77 20.08
CA SER B 52 7.79 3.23 19.74
C SER B 52 7.71 1.88 19.03
N ASN B 53 6.79 0.99 19.40
CA ASN B 53 6.52 -0.25 18.68
C ASN B 53 6.19 0.03 17.20
N HIS B 54 5.27 0.97 16.95
CA HIS B 54 4.87 1.33 15.59
C HIS B 54 6.01 1.97 14.77
N LEU B 55 6.86 2.79 15.42
CA LEU B 55 8.04 3.38 14.78
C LEU B 55 9.17 2.39 14.57
N SER B 56 9.27 1.33 15.37
CA SER B 56 10.45 0.43 15.39
C SER B 56 10.83 -0.07 13.99
N CYS B 57 9.92 -0.83 13.36
CA CYS B 57 10.09 -1.29 11.99
C CYS B 57 10.05 -0.12 10.98
N LEU B 58 9.25 0.92 11.25
CA LEU B 58 9.13 2.11 10.41
C LEU B 58 10.50 2.76 10.11
N ARG B 59 11.45 2.70 11.06
CA ARG B 59 12.83 3.14 10.88
C ARG B 59 13.74 2.07 10.23
N GLY B 60 13.40 0.78 10.27
CA GLY B 60 14.14 -0.31 9.60
C GLY B 60 13.81 -0.40 8.11
N CYS B 61 12.52 -0.38 7.80
CA CYS B 61 11.94 -0.22 6.47
C CYS B 61 12.29 1.14 5.83
N GLY B 62 12.84 2.09 6.62
CA GLY B 62 13.21 3.45 6.19
C GLY B 62 12.05 4.26 5.67
N LEU B 63 10.83 3.97 6.14
CA LEU B 63 9.65 4.83 5.92
C LEU B 63 9.73 6.09 6.78
N VAL B 64 10.46 6.01 7.88
CA VAL B 64 10.89 7.14 8.72
C VAL B 64 12.39 7.07 8.98
N VAL B 65 12.96 8.21 9.36
CA VAL B 65 14.40 8.44 9.52
C VAL B 65 14.66 9.42 10.66
N ALA B 66 15.86 9.33 11.25
CA ALA B 66 16.37 10.26 12.25
C ALA B 66 17.03 11.48 11.60
N THR B 67 16.98 12.61 12.31
CA THR B 67 17.59 13.89 11.94
C THR B 67 17.73 14.68 13.24
N TYR B 68 18.46 15.79 13.26
CA TYR B 68 18.45 16.76 14.37
C TYR B 68 17.60 18.00 14.04
N GLU B 69 16.88 18.53 15.02
CA GLU B 69 16.24 19.85 14.96
C GLU B 69 17.13 20.88 15.71
N GLY B 70 16.59 22.01 16.21
CA GLY B 70 17.38 23.11 16.77
C GLY B 70 18.13 22.80 18.07
N ARG B 71 17.81 21.69 18.75
CA ARG B 71 18.53 21.20 19.95
C ARG B 71 18.32 19.71 20.26
N GLN B 72 17.24 19.10 19.76
CA GLN B 72 16.83 17.73 19.99
C GLN B 72 16.96 16.89 18.71
N VAL B 73 16.96 15.56 18.85
CA VAL B 73 16.83 14.67 17.68
C VAL B 73 15.34 14.53 17.32
N ARG B 74 15.02 14.28 16.05
CA ARG B 74 13.65 14.16 15.55
C ARG B 74 13.50 12.86 14.77
N TYR B 75 12.25 12.54 14.48
CA TYR B 75 11.89 11.55 13.48
C TYR B 75 11.20 12.29 12.34
N ALA B 76 11.34 11.82 11.10
CA ALA B 76 10.68 12.38 9.92
C ALA B 76 10.42 11.28 8.89
N LEU B 77 9.45 11.50 7.99
CA LEU B 77 9.23 10.67 6.81
C LEU B 77 10.53 10.54 6.00
N ALA B 78 10.65 9.42 5.28
CA ALA B 78 11.80 9.10 4.44
C ALA B 78 12.20 10.24 3.47
N ASP B 79 11.23 10.74 2.70
CA ASP B 79 11.52 11.61 1.58
C ASP B 79 10.29 12.28 0.98
N SER B 80 10.55 13.09 -0.05
CA SER B 80 9.55 13.70 -0.92
C SER B 80 8.50 12.70 -1.45
N HIS B 81 8.91 11.50 -1.90
CA HIS B 81 7.99 10.50 -2.45
C HIS B 81 6.96 10.02 -1.43
N LEU B 82 7.34 9.65 -0.20
CA LEU B 82 6.30 9.25 0.78
C LEU B 82 5.48 10.46 1.17
N ALA B 83 6.09 11.63 1.34
CA ALA B 83 5.40 12.84 1.79
C ALA B 83 4.33 13.28 0.77
N ARG B 84 4.59 13.02 -0.52
CA ARG B 84 3.70 13.15 -1.68
C ARG B 84 2.57 12.10 -1.64
N ALA B 85 2.85 10.81 -1.86
CA ALA B 85 1.81 9.75 -1.86
C ALA B 85 0.94 9.71 -0.60
N LEU B 86 1.51 10.02 0.57
CA LEU B 86 0.77 10.16 1.81
C LEU B 86 0.03 11.50 1.88
N GLY B 87 0.64 12.60 1.41
CA GLY B 87 0.15 13.97 1.51
C GLY B 87 -1.16 14.23 0.74
N GLU B 88 -1.27 13.79 -0.52
CA GLU B 88 -2.55 13.76 -1.28
C GLU B 88 -3.41 12.50 -1.00
N LEU B 89 -2.89 11.61 -0.14
CA LEU B 89 -3.45 10.37 0.37
C LEU B 89 -3.46 9.28 -0.70
N VAL B 90 -3.04 8.08 -0.28
CA VAL B 90 -2.86 6.82 -1.06
C VAL B 90 -4.15 6.28 -1.66
N GLN B 91 -5.24 7.06 -1.59
CA GLN B 91 -6.08 7.37 -2.75
C GLN B 91 -7.25 6.40 -2.86
N VAL B 92 -7.01 5.13 -2.51
CA VAL B 92 -7.89 3.96 -2.31
C VAL B 92 -9.04 4.15 -1.32
N VAL B 93 -9.59 5.35 -1.27
CA VAL B 93 -10.74 5.74 -0.45
C VAL B 93 -10.42 5.74 1.07
N LEU B 94 -9.14 5.50 1.43
CA LEU B 94 -8.63 5.21 2.77
C LEU B 94 -8.93 3.72 3.07
N ALA B 95 -7.90 2.87 3.02
CA ALA B 95 -8.05 1.45 3.39
C ALA B 95 -8.56 1.32 4.85
N VAL B 96 -9.62 0.56 5.08
CA VAL B 96 -10.41 0.60 6.33
C VAL B 96 -9.84 -0.29 7.44
N ASP B 97 -9.87 0.20 8.69
CA ASP B 97 -9.49 -0.53 9.91
C ASP B 97 -10.34 -1.79 10.21
N THR B 98 -11.51 -1.95 9.57
CA THR B 98 -12.37 -3.14 9.69
C THR B 98 -11.70 -4.32 9.01
N ASP B 99 -11.18 -5.24 9.81
CA ASP B 99 -10.51 -6.50 9.43
C ASP B 99 -11.40 -7.53 8.71
N GLN B 100 -12.57 -7.11 8.25
CA GLN B 100 -13.68 -7.93 7.78
C GLN B 100 -13.46 -8.56 6.38
N PRO B 101 -14.24 -9.61 6.02
CA PRO B 101 -14.15 -10.30 4.73
C PRO B 101 -14.66 -9.44 3.58
N CYS B 102 -13.85 -9.36 2.50
CA CYS B 102 -14.20 -8.67 1.26
C CYS B 102 -15.28 -9.40 0.45
N VAL B 103 -15.10 -10.72 0.42
CA VAL B 103 -15.94 -11.85 -0.05
C VAL B 103 -15.11 -13.08 -0.44
N ALA B 104 -13.98 -12.89 -1.12
CA ALA B 104 -13.11 -13.99 -1.60
C ALA B 104 -12.21 -14.59 -0.53
N GLU B 105 -12.13 -13.93 0.61
CA GLU B 105 -11.53 -14.46 1.81
C GLU B 105 -12.52 -14.30 2.97
N ARG B 106 -12.64 -15.32 3.82
CA ARG B 106 -13.52 -15.32 5.00
C ARG B 106 -12.92 -16.15 6.14
CD CD C . -9.70 -9.47 -0.40
CD CD D . 10.06 -3.70 8.35
N ALA A 10 -10.72 -1.35 5.51
CA ALA A 10 -9.65 -1.51 6.50
C ALA A 10 -8.22 -1.37 5.92
N LEU A 11 -7.44 -0.39 6.41
CA LEU A 11 -6.15 0.02 5.82
C LEU A 11 -5.26 -1.15 5.38
N ALA A 12 -4.96 -2.08 6.29
CA ALA A 12 -4.08 -3.22 6.00
C ALA A 12 -4.65 -4.16 4.91
N ARG A 13 -5.96 -4.44 4.96
CA ARG A 13 -6.69 -5.18 3.92
C ARG A 13 -6.48 -4.54 2.54
N LEU A 14 -6.69 -3.22 2.45
CA LEU A 14 -6.57 -2.44 1.21
C LEU A 14 -5.13 -2.35 0.70
N GLY A 15 -4.13 -2.05 1.53
CA GLY A 15 -2.75 -1.91 1.04
C GLY A 15 -2.20 -3.25 0.55
N ARG A 16 -2.48 -4.35 1.27
CA ARG A 16 -2.16 -5.73 0.87
C ARG A 16 -2.85 -6.09 -0.45
N ALA A 17 -4.10 -5.68 -0.63
CA ALA A 17 -4.85 -5.86 -1.88
C ALA A 17 -4.28 -5.10 -3.09
N LEU A 18 -3.23 -4.28 -2.90
CA LEU A 18 -2.41 -3.70 -3.97
C LEU A 18 -0.96 -4.22 -3.94
N ALA A 19 -0.42 -4.43 -2.74
CA ALA A 19 0.94 -4.86 -2.43
C ALA A 19 1.06 -6.39 -2.32
N ASP A 20 1.53 -6.99 -3.41
CA ASP A 20 1.55 -8.44 -3.69
C ASP A 20 2.59 -8.72 -4.82
N PRO A 21 2.90 -9.99 -5.15
CA PRO A 21 3.73 -10.38 -6.29
C PRO A 21 2.95 -10.23 -7.61
N THR A 22 2.76 -11.32 -8.36
CA THR A 22 1.99 -11.40 -9.61
C THR A 22 0.60 -10.80 -9.49
N ARG A 23 -0.04 -10.79 -8.33
CA ARG A 23 -1.34 -10.12 -8.13
C ARG A 23 -1.26 -8.58 -8.22
N CYS A 24 -0.09 -7.98 -7.93
CA CYS A 24 0.18 -6.57 -8.24
C CYS A 24 0.41 -6.42 -9.75
N ARG A 25 1.20 -7.30 -10.37
CA ARG A 25 1.35 -7.31 -11.83
C ARG A 25 0.01 -7.43 -12.57
N ILE A 26 -0.91 -8.31 -12.16
CA ILE A 26 -2.30 -8.36 -12.64
C ILE A 26 -2.94 -6.98 -12.56
N LEU A 27 -2.87 -6.31 -11.41
CA LEU A 27 -3.40 -4.95 -11.26
C LEU A 27 -2.74 -3.94 -12.21
N VAL A 28 -1.40 -3.91 -12.38
CA VAL A 28 -0.77 -2.95 -13.33
C VAL A 28 -1.14 -3.27 -14.79
N ALA A 29 -1.43 -4.53 -15.09
CA ALA A 29 -1.82 -5.01 -16.42
C ALA A 29 -3.31 -4.74 -16.73
N LEU A 30 -4.16 -4.53 -15.72
CA LEU A 30 -5.53 -4.07 -15.95
C LEU A 30 -5.55 -2.70 -16.60
N LEU A 31 -4.77 -1.81 -15.99
CA LEU A 31 -4.68 -0.37 -16.19
C LEU A 31 -4.62 0.02 -17.68
N ASP A 32 -3.67 -0.57 -18.41
CA ASP A 32 -3.43 -0.41 -19.86
C ASP A 32 -3.90 -1.67 -20.65
N GLY A 33 -4.83 -2.44 -20.07
CA GLY A 33 -5.40 -3.67 -20.60
C GLY A 33 -6.90 -3.57 -20.82
N VAL A 34 -7.68 -3.83 -19.76
CA VAL A 34 -9.16 -3.97 -19.75
C VAL A 34 -9.81 -4.52 -21.03
N CYS A 35 -9.20 -5.52 -21.68
CA CYS A 35 -9.69 -6.08 -22.94
C CYS A 35 -10.66 -7.25 -22.72
N TYR A 36 -10.13 -8.43 -22.38
CA TYR A 36 -10.92 -9.67 -22.26
C TYR A 36 -10.51 -10.48 -21.02
N PRO A 37 -11.30 -11.46 -20.54
CA PRO A 37 -11.09 -12.09 -19.23
C PRO A 37 -9.80 -12.90 -19.11
N GLY A 38 -9.21 -13.32 -20.24
CA GLY A 38 -7.88 -13.95 -20.28
C GLY A 38 -6.75 -13.06 -20.83
N GLN A 39 -6.98 -11.77 -21.06
CA GLN A 39 -6.01 -10.90 -21.78
C GLN A 39 -4.72 -10.64 -20.99
N LEU A 40 -4.78 -10.64 -19.66
CA LEU A 40 -3.62 -10.34 -18.80
C LEU A 40 -2.48 -11.35 -19.00
N ALA A 41 -2.79 -12.51 -19.58
CA ALA A 41 -1.81 -13.53 -19.95
C ALA A 41 -0.78 -13.00 -20.97
N ALA A 42 -1.19 -12.10 -21.86
CA ALA A 42 -0.31 -11.47 -22.83
C ALA A 42 0.56 -10.38 -22.19
N HIS A 43 -0.02 -9.58 -21.30
CA HIS A 43 0.74 -8.57 -20.54
C HIS A 43 1.81 -9.17 -19.61
N LEU A 44 1.48 -10.28 -18.94
CA LEU A 44 2.35 -10.90 -17.94
C LEU A 44 3.26 -11.99 -18.51
N GLY A 45 2.90 -12.59 -19.65
CA GLY A 45 3.56 -13.79 -20.19
C GLY A 45 3.18 -15.06 -19.42
N LEU A 46 2.19 -14.97 -18.52
CA LEU A 46 1.82 -16.02 -17.56
C LEU A 46 0.53 -16.73 -18.01
N THR A 47 0.37 -18.00 -17.63
CA THR A 47 -0.71 -18.88 -18.12
C THR A 47 -2.08 -18.35 -17.70
N ARG A 48 -3.13 -18.69 -18.47
CA ARG A 48 -4.51 -18.32 -18.10
C ARG A 48 -4.90 -18.84 -16.71
N SER A 49 -4.36 -19.97 -16.29
CA SER A 49 -4.54 -20.50 -14.93
C SER A 49 -3.79 -19.65 -13.89
N ASN A 50 -2.50 -19.32 -14.11
CA ASN A 50 -1.73 -18.46 -13.20
C ASN A 50 -2.29 -17.02 -13.10
N VAL A 51 -2.78 -16.47 -14.21
CA VAL A 51 -3.53 -15.20 -14.23
C VAL A 51 -4.85 -15.32 -13.45
N SER A 52 -5.67 -16.34 -13.71
CA SER A 52 -6.98 -16.50 -13.01
C SER A 52 -6.83 -16.73 -11.51
N ASN A 53 -5.78 -17.45 -11.10
CA ASN A 53 -5.36 -17.63 -9.70
C ASN A 53 -5.25 -16.30 -8.97
N HIS A 54 -4.80 -15.24 -9.64
CA HIS A 54 -4.73 -13.89 -9.08
C HIS A 54 -5.88 -12.94 -9.49
N LEU A 55 -6.88 -13.38 -10.27
CA LEU A 55 -8.14 -12.66 -10.46
C LEU A 55 -9.20 -13.10 -9.46
N SER A 56 -9.19 -14.35 -9.02
CA SER A 56 -10.28 -14.92 -8.20
C SER A 56 -10.75 -14.03 -7.04
N CYS A 57 -9.84 -13.68 -6.12
CA CYS A 57 -10.14 -12.82 -4.99
C CYS A 57 -10.24 -11.31 -5.37
N LEU A 58 -9.65 -10.93 -6.50
CA LEU A 58 -9.70 -9.57 -7.05
C LEU A 58 -11.14 -9.15 -7.36
N ARG A 59 -11.94 -10.12 -7.83
CA ARG A 59 -13.36 -9.98 -8.14
C ARG A 59 -14.25 -10.05 -6.88
N GLY A 60 -13.74 -10.62 -5.79
CA GLY A 60 -14.47 -10.81 -4.53
C GLY A 60 -14.26 -9.68 -3.51
N CYS A 61 -13.04 -9.17 -3.37
CA CYS A 61 -12.72 -7.96 -2.60
C CYS A 61 -13.15 -6.66 -3.35
N GLY A 62 -13.67 -6.79 -4.57
CA GLY A 62 -14.34 -5.74 -5.35
C GLY A 62 -13.45 -4.93 -6.29
N LEU A 63 -12.13 -5.13 -6.32
CA LEU A 63 -11.20 -4.29 -7.09
C LEU A 63 -11.41 -4.34 -8.61
N VAL A 64 -11.89 -5.46 -9.13
CA VAL A 64 -12.23 -5.65 -10.55
C VAL A 64 -13.69 -6.05 -10.70
N VAL A 65 -14.34 -5.36 -11.61
CA VAL A 65 -15.75 -5.51 -11.96
C VAL A 65 -15.84 -5.89 -13.44
N ALA A 66 -16.65 -6.91 -13.73
CA ALA A 66 -16.95 -7.28 -15.11
C ALA A 66 -17.85 -6.24 -15.81
N THR A 67 -17.60 -6.06 -17.10
CA THR A 67 -18.28 -5.11 -18.00
C THR A 67 -18.09 -5.64 -19.42
N TYR A 68 -18.93 -5.28 -20.38
CA TYR A 68 -18.75 -5.69 -21.77
C TYR A 68 -17.94 -4.68 -22.58
N GLU A 69 -16.98 -5.17 -23.38
CA GLU A 69 -16.35 -4.39 -24.45
C GLU A 69 -17.26 -4.33 -25.71
N GLY A 70 -18.31 -5.18 -25.76
CA GLY A 70 -19.41 -5.18 -26.73
C GLY A 70 -19.62 -6.53 -27.41
N ARG A 71 -18.52 -7.15 -27.80
CA ARG A 71 -18.39 -8.49 -28.42
C ARG A 71 -18.12 -9.57 -27.35
N GLN A 72 -17.61 -9.16 -26.19
CA GLN A 72 -17.08 -9.98 -25.12
C GLN A 72 -17.14 -9.18 -23.80
N VAL A 73 -16.91 -9.86 -22.69
CA VAL A 73 -16.68 -9.22 -21.38
C VAL A 73 -15.21 -8.84 -21.21
N ARG A 74 -14.96 -7.88 -20.33
CA ARG A 74 -13.67 -7.42 -19.83
C ARG A 74 -13.70 -7.39 -18.31
N TYR A 75 -12.52 -7.35 -17.69
CA TYR A 75 -12.36 -7.07 -16.26
C TYR A 75 -11.79 -5.67 -16.12
N ALA A 76 -12.58 -4.73 -15.61
CA ALA A 76 -12.18 -3.34 -15.41
C ALA A 76 -12.04 -3.03 -13.93
N LEU A 77 -11.08 -2.16 -13.56
CA LEU A 77 -10.99 -1.62 -12.22
C LEU A 77 -12.32 -0.93 -11.84
N ALA A 78 -12.66 -1.05 -10.55
CA ALA A 78 -13.98 -0.70 -10.03
C ALA A 78 -14.30 0.80 -10.07
N ASP A 79 -13.29 1.64 -9.90
CA ASP A 79 -13.29 3.09 -10.13
C ASP A 79 -11.87 3.62 -10.42
N SER A 80 -11.84 4.81 -11.03
CA SER A 80 -10.70 5.68 -11.27
C SER A 80 -9.79 5.87 -10.03
N HIS A 81 -10.34 5.81 -8.81
CA HIS A 81 -9.60 5.81 -7.56
C HIS A 81 -8.54 4.71 -7.50
N LEU A 82 -8.88 3.48 -7.89
CA LEU A 82 -7.90 2.37 -7.85
C LEU A 82 -6.91 2.54 -8.99
N ALA A 83 -7.37 2.85 -10.21
CA ALA A 83 -6.52 3.13 -11.37
C ALA A 83 -5.51 4.26 -11.10
N ARG A 84 -5.87 5.23 -10.24
CA ARG A 84 -5.00 6.31 -9.78
C ARG A 84 -3.93 5.85 -8.80
N ALA A 85 -4.27 5.36 -7.60
CA ALA A 85 -3.23 4.97 -6.63
C ALA A 85 -2.40 3.76 -7.09
N LEU A 86 -2.88 3.08 -8.13
CA LEU A 86 -2.14 2.10 -8.93
C LEU A 86 -1.17 2.83 -9.89
N GLY A 87 -1.68 3.78 -10.68
CA GLY A 87 -1.05 4.45 -11.83
C GLY A 87 -0.13 5.64 -11.55
N GLU A 88 -0.49 6.53 -10.63
CA GLU A 88 0.42 7.58 -10.14
C GLU A 88 1.63 6.98 -9.43
N LEU A 89 1.47 5.73 -8.94
CA LEU A 89 2.48 4.78 -8.48
C LEU A 89 3.16 5.17 -7.17
N VAL A 90 3.18 4.25 -6.20
CA VAL A 90 3.92 4.46 -4.94
C VAL A 90 5.36 4.83 -5.24
N GLN A 91 5.89 5.75 -4.45
CA GLN A 91 7.08 6.47 -4.82
C GLN A 91 8.37 5.66 -4.69
N VAL A 92 8.33 4.43 -4.16
CA VAL A 92 9.47 3.49 -3.95
C VAL A 92 10.23 3.04 -5.23
N VAL A 93 10.15 3.85 -6.29
CA VAL A 93 10.97 3.77 -7.50
C VAL A 93 10.55 2.59 -8.40
N LEU A 94 9.43 1.92 -8.06
CA LEU A 94 8.92 0.66 -8.62
C LEU A 94 9.63 -0.51 -7.92
N ALA A 95 9.02 -1.04 -6.85
CA ALA A 95 9.57 -2.17 -6.08
C ALA A 95 9.47 -3.50 -6.85
N VAL A 96 10.28 -4.50 -6.43
CA VAL A 96 10.23 -5.88 -6.95
C VAL A 96 8.91 -6.59 -6.60
N ASP A 97 8.39 -7.45 -7.49
CA ASP A 97 7.27 -8.39 -7.28
C ASP A 97 7.54 -9.52 -6.25
N THR A 98 8.06 -9.18 -5.06
CA THR A 98 8.37 -10.10 -3.97
C THR A 98 7.63 -9.76 -2.68
N ASP A 99 7.67 -10.74 -1.79
CA ASP A 99 7.37 -10.61 -0.37
C ASP A 99 8.65 -11.01 0.39
N GLN A 100 8.99 -10.25 1.43
CA GLN A 100 10.15 -10.39 2.29
C GLN A 100 9.81 -9.76 3.65
N PRO A 101 10.39 -10.21 4.78
CA PRO A 101 9.91 -9.84 6.12
C PRO A 101 10.07 -8.37 6.51
N CYS A 102 9.12 -7.93 7.35
CA CYS A 102 9.04 -6.62 7.97
C CYS A 102 9.29 -6.80 9.50
N VAL A 103 10.49 -6.40 9.95
CA VAL A 103 11.07 -6.65 11.29
C VAL A 103 12.45 -6.01 11.46
N ALA A 104 13.33 -6.13 10.44
CA ALA A 104 14.69 -5.56 10.38
C ALA A 104 15.72 -6.07 11.37
N GLU A 105 15.28 -6.81 12.38
CA GLU A 105 16.19 -7.56 13.20
C GLU A 105 16.67 -8.84 12.49
N ARG A 106 15.80 -9.49 11.70
CA ARG A 106 16.15 -10.73 11.02
C ARG A 106 16.01 -10.62 9.50
N ALA B 10 10.69 -5.05 -1.79
CA ALA B 10 9.64 -6.03 -2.13
C ALA B 10 8.19 -5.51 -1.98
N LEU B 11 7.42 -5.47 -3.07
CA LEU B 11 6.12 -4.80 -3.16
C LEU B 11 5.20 -5.07 -1.97
N ALA B 12 5.04 -6.33 -1.55
CA ALA B 12 4.22 -6.71 -0.40
C ALA B 12 4.76 -6.14 0.91
N ARG B 13 6.08 -6.29 1.16
CA ARG B 13 6.78 -5.74 2.34
C ARG B 13 6.49 -4.25 2.52
N LEU B 14 6.64 -3.46 1.44
CA LEU B 14 6.50 -2.01 1.46
C LEU B 14 5.06 -1.58 1.76
N GLY B 15 4.05 -2.10 1.04
CA GLY B 15 2.66 -1.69 1.28
C GLY B 15 2.13 -2.16 2.63
N ARG B 16 2.63 -3.29 3.14
CA ARG B 16 2.30 -3.80 4.48
C ARG B 16 2.94 -2.92 5.57
N ALA B 17 4.15 -2.44 5.34
CA ALA B 17 4.82 -1.54 6.28
C ALA B 17 4.08 -0.20 6.45
N LEU B 18 3.35 0.28 5.43
CA LEU B 18 2.52 1.50 5.52
C LEU B 18 1.06 1.23 5.91
N ALA B 19 0.47 0.10 5.47
CA ALA B 19 -0.92 -0.26 5.73
C ALA B 19 -1.02 -1.10 7.02
N ASP B 20 -1.25 -0.41 8.13
CA ASP B 20 -1.18 -0.89 9.52
C ASP B 20 -1.78 0.20 10.41
N PRO B 21 -2.56 -0.12 11.47
CA PRO B 21 -3.40 0.80 12.24
C PRO B 21 -2.68 2.10 12.61
N THR B 22 -1.90 2.04 13.68
CA THR B 22 -1.23 3.18 14.28
C THR B 22 0.11 3.45 13.60
N ARG B 23 0.74 2.49 12.91
CA ARG B 23 1.99 2.76 12.18
C ARG B 23 1.76 3.68 10.96
N CYS B 24 0.64 3.53 10.26
CA CYS B 24 0.22 4.52 9.25
C CYS B 24 0.08 5.89 9.94
N ARG B 25 -0.59 5.92 11.10
CA ARG B 25 -0.78 7.13 11.87
C ARG B 25 0.54 7.78 12.36
N ILE B 26 1.54 7.03 12.81
CA ILE B 26 2.90 7.54 13.12
C ILE B 26 3.52 8.20 11.88
N LEU B 27 3.42 7.56 10.71
CA LEU B 27 3.91 8.16 9.45
C LEU B 27 3.16 9.46 9.14
N VAL B 28 1.82 9.49 9.17
CA VAL B 28 1.04 10.72 8.84
C VAL B 28 1.29 11.85 9.84
N ALA B 29 1.56 11.49 11.09
CA ALA B 29 1.85 12.41 12.17
C ALA B 29 3.30 12.93 12.10
N LEU B 30 4.24 12.18 11.51
CA LEU B 30 5.55 12.73 11.21
C LEU B 30 5.50 13.81 10.14
N LEU B 31 4.68 13.61 9.11
CA LEU B 31 4.47 14.49 7.96
C LEU B 31 4.26 15.96 8.38
N ASP B 32 3.31 16.19 9.30
CA ASP B 32 2.94 17.48 9.90
C ASP B 32 3.51 17.61 11.35
N GLY B 33 4.61 16.90 11.61
CA GLY B 33 5.31 16.79 12.89
C GLY B 33 6.78 17.13 12.74
N VAL B 34 7.60 16.10 12.48
CA VAL B 34 9.07 16.11 12.59
C VAL B 34 9.61 16.87 13.79
N CYS B 35 8.81 16.88 14.87
CA CYS B 35 9.25 17.35 16.15
C CYS B 35 9.99 16.20 16.84
N TYR B 36 9.93 16.20 18.14
CA TYR B 36 10.78 15.40 19.01
C TYR B 36 10.44 13.90 19.00
N PRO B 37 11.35 13.00 19.46
CA PRO B 37 11.13 11.56 19.44
C PRO B 37 9.93 11.08 20.28
N GLY B 38 9.39 11.91 21.18
CA GLY B 38 8.13 11.64 21.90
C GLY B 38 6.91 12.42 21.40
N GLN B 39 7.04 13.26 20.36
CA GLN B 39 6.02 14.24 19.93
C GLN B 39 4.73 13.58 19.45
N LEU B 40 4.83 12.39 18.85
CA LEU B 40 3.71 11.67 18.26
C LEU B 40 2.67 11.28 19.32
N ALA B 41 3.04 11.29 20.60
CA ALA B 41 2.09 11.07 21.69
C ALA B 41 1.01 12.16 21.76
N ALA B 42 1.31 13.39 21.31
CA ALA B 42 0.34 14.47 21.16
C ALA B 42 -0.52 14.26 19.91
N HIS B 43 0.11 14.05 18.74
CA HIS B 43 -0.61 13.85 17.47
C HIS B 43 -1.56 12.65 17.49
N LEU B 44 -1.17 11.56 18.18
CA LEU B 44 -1.92 10.30 18.21
C LEU B 44 -2.81 10.15 19.46
N GLY B 45 -2.58 10.94 20.51
CA GLY B 45 -3.22 10.75 21.83
C GLY B 45 -2.77 9.47 22.53
N LEU B 46 -1.79 8.75 21.96
CA LEU B 46 -1.36 7.43 22.42
C LEU B 46 -0.05 7.53 23.22
N THR B 47 0.21 6.54 24.07
CA THR B 47 1.29 6.58 25.05
C THR B 47 2.65 6.59 24.36
N ARG B 48 3.67 7.14 25.04
CA ARG B 48 5.07 7.07 24.59
C ARG B 48 5.54 5.62 24.35
N SER B 49 4.95 4.65 25.05
CA SER B 49 5.16 3.22 24.82
C SER B 49 4.50 2.78 23.50
N ASN B 50 3.21 3.05 23.29
CA ASN B 50 2.48 2.73 22.06
C ASN B 50 3.11 3.39 20.81
N VAL B 51 3.49 4.67 20.94
CA VAL B 51 4.29 5.40 19.96
C VAL B 51 5.67 4.76 19.73
N SER B 52 6.40 4.34 20.78
CA SER B 52 7.69 3.64 20.59
C SER B 52 7.53 2.29 19.89
N ASN B 53 6.47 1.54 20.21
CA ASN B 53 6.12 0.27 19.58
C ASN B 53 5.96 0.43 18.06
N HIS B 54 5.06 1.32 17.62
CA HIS B 54 4.85 1.52 16.19
C HIS B 54 5.99 2.32 15.51
N LEU B 55 6.84 3.07 16.23
CA LEU B 55 8.09 3.62 15.69
C LEU B 55 9.16 2.56 15.44
N SER B 56 9.32 1.55 16.28
CA SER B 56 10.46 0.61 16.16
C SER B 56 10.61 -0.03 14.78
N CYS B 57 9.57 -0.65 14.22
CA CYS B 57 9.68 -1.30 12.90
C CYS B 57 9.86 -0.29 11.75
N LEU B 58 9.41 0.96 11.97
CA LEU B 58 9.50 2.10 11.06
C LEU B 58 10.96 2.59 10.95
N ARG B 59 11.65 2.64 12.09
CA ARG B 59 13.06 2.99 12.22
C ARG B 59 13.99 1.80 11.94
N GLY B 60 13.44 0.59 11.81
CA GLY B 60 14.18 -0.63 11.42
C GLY B 60 14.17 -0.82 9.91
N CYS B 61 12.99 -0.80 9.29
CA CYS B 61 12.77 -0.99 7.86
C CYS B 61 13.13 0.23 6.97
N GLY B 62 13.59 1.35 7.57
CA GLY B 62 14.06 2.54 6.85
C GLY B 62 12.96 3.46 6.33
N LEU B 63 11.80 3.51 7.01
CA LEU B 63 10.74 4.47 6.71
C LEU B 63 10.88 5.79 7.47
N VAL B 64 11.57 5.76 8.62
CA VAL B 64 11.89 6.94 9.45
C VAL B 64 13.32 6.91 9.94
N VAL B 65 13.89 8.10 10.14
CA VAL B 65 15.31 8.33 10.41
C VAL B 65 15.48 9.45 11.44
N ALA B 66 16.45 9.29 12.35
CA ALA B 66 16.81 10.31 13.35
C ALA B 66 17.67 11.42 12.75
N THR B 67 17.41 12.67 13.19
CA THR B 67 17.99 13.92 12.68
C THR B 67 17.75 14.99 13.75
N TYR B 68 18.39 16.16 13.70
CA TYR B 68 18.07 17.27 14.61
C TYR B 68 16.97 18.21 14.08
N GLU B 69 16.19 18.80 14.98
CA GLU B 69 15.31 19.95 14.75
C GLU B 69 15.97 21.25 15.23
N GLY B 70 17.28 21.20 15.56
CA GLY B 70 18.07 22.31 16.11
C GLY B 70 17.87 22.44 17.61
N ARG B 71 16.61 22.59 18.03
CA ARG B 71 16.17 22.70 19.43
C ARG B 71 16.32 21.40 20.23
N GLN B 72 16.38 20.26 19.54
CA GLN B 72 16.28 18.89 20.02
C GLN B 72 16.56 17.92 18.86
N VAL B 73 16.64 16.61 19.15
CA VAL B 73 16.62 15.57 18.12
C VAL B 73 15.17 15.31 17.66
N ARG B 74 14.97 14.67 16.51
CA ARG B 74 13.66 14.39 15.91
C ARG B 74 13.65 13.08 15.15
N TYR B 75 12.45 12.59 14.85
CA TYR B 75 12.25 11.51 13.86
C TYR B 75 11.64 12.11 12.59
N ALA B 76 12.33 11.98 11.44
CA ALA B 76 11.87 12.43 10.13
C ALA B 76 11.60 11.26 9.19
N LEU B 77 10.72 11.41 8.21
CA LEU B 77 10.54 10.44 7.13
C LEU B 77 11.86 10.28 6.36
N ALA B 78 12.10 9.08 5.83
CA ALA B 78 13.41 8.70 5.26
C ALA B 78 13.76 9.32 3.89
N ASP B 79 12.78 9.98 3.26
CA ASP B 79 12.86 10.85 2.07
C ASP B 79 11.49 11.45 1.72
N SER B 80 11.54 12.55 1.00
CA SER B 80 10.45 13.23 0.28
C SER B 80 9.55 12.28 -0.53
N HIS B 81 10.09 11.18 -1.07
CA HIS B 81 9.32 10.11 -1.71
C HIS B 81 8.25 9.55 -0.78
N LEU B 82 8.59 9.24 0.48
CA LEU B 82 7.60 8.70 1.41
C LEU B 82 6.62 9.80 1.78
N ALA B 83 7.10 11.01 2.07
CA ALA B 83 6.26 12.16 2.39
C ALA B 83 5.17 12.42 1.33
N ARG B 84 5.49 12.18 0.04
CA ARG B 84 4.53 12.26 -1.07
C ARG B 84 3.50 11.13 -1.08
N ALA B 85 3.89 9.86 -1.25
CA ALA B 85 2.90 8.77 -1.37
C ALA B 85 2.06 8.57 -0.08
N LEU B 86 2.58 9.08 1.05
CA LEU B 86 1.87 9.25 2.31
C LEU B 86 0.86 10.41 2.23
N GLY B 87 1.30 11.57 1.72
CA GLY B 87 0.63 12.88 1.74
C GLY B 87 -0.40 13.14 0.64
N GLU B 88 -0.15 12.71 -0.61
CA GLU B 88 -1.18 12.72 -1.66
C GLU B 88 -2.34 11.74 -1.32
N LEU B 89 -2.03 10.74 -0.49
CA LEU B 89 -2.91 9.82 0.23
C LEU B 89 -3.58 8.79 -0.69
N VAL B 90 -3.53 7.51 -0.29
CA VAL B 90 -4.21 6.44 -1.05
C VAL B 90 -5.67 6.79 -1.25
N GLN B 91 -6.14 6.51 -2.46
CA GLN B 91 -7.39 7.07 -2.96
C GLN B 91 -8.66 6.54 -2.30
N VAL B 92 -8.60 5.50 -1.48
CA VAL B 92 -9.74 4.84 -0.79
C VAL B 92 -10.53 5.71 0.22
N VAL B 93 -10.48 7.03 0.04
CA VAL B 93 -11.34 8.00 0.73
C VAL B 93 -10.97 8.13 2.24
N LEU B 94 -9.80 7.55 2.61
CA LEU B 94 -9.29 7.35 3.98
C LEU B 94 -10.00 6.14 4.62
N ALA B 95 -9.34 4.98 4.62
CA ALA B 95 -9.86 3.74 5.19
C ALA B 95 -9.78 3.71 6.74
N VAL B 96 -10.57 2.84 7.37
CA VAL B 96 -10.52 2.54 8.80
C VAL B 96 -9.12 2.03 9.18
N ASP B 97 -8.65 2.38 10.39
CA ASP B 97 -7.41 1.90 10.99
C ASP B 97 -7.53 0.46 11.55
N THR B 98 -8.05 -0.45 10.73
CA THR B 98 -8.17 -1.89 10.99
C THR B 98 -7.39 -2.72 9.99
N ASP B 99 -7.19 -3.97 10.40
CA ASP B 99 -6.78 -5.10 9.58
C ASP B 99 -7.95 -6.08 9.53
N GLN B 100 -8.22 -6.63 8.35
CA GLN B 100 -9.36 -7.48 8.02
C GLN B 100 -9.00 -8.35 6.81
N PRO B 101 -9.56 -9.57 6.66
CA PRO B 101 -9.09 -10.58 5.71
C PRO B 101 -9.33 -10.28 4.22
N CYS B 102 -8.46 -10.88 3.41
CA CYS B 102 -8.55 -11.00 1.96
C CYS B 102 -8.92 -12.47 1.67
N VAL B 103 -10.02 -12.68 0.93
CA VAL B 103 -10.70 -13.98 0.70
C VAL B 103 -12.10 -13.78 0.09
N ALA B 104 -12.80 -12.73 0.54
CA ALA B 104 -14.18 -12.35 0.16
C ALA B 104 -15.27 -13.25 0.74
N GLU B 105 -15.07 -14.55 0.60
CA GLU B 105 -16.13 -15.52 0.82
C GLU B 105 -16.35 -15.91 2.28
N ARG B 106 -15.29 -15.91 3.11
CA ARG B 106 -15.41 -16.04 4.56
C ARG B 106 -15.08 -14.70 5.22
CD CD C . -8.86 -10.28 -1.78
CD CD D . 8.89 -3.17 9.33
N ALA A 10 -7.70 -6.85 8.60
CA ALA A 10 -8.20 -5.47 8.62
C ALA A 10 -7.50 -4.65 7.53
N LEU A 11 -7.59 -3.30 7.58
CA LEU A 11 -7.03 -2.32 6.63
C LEU A 11 -5.67 -2.70 6.01
N ALA A 12 -4.77 -3.29 6.81
CA ALA A 12 -3.47 -3.82 6.40
C ALA A 12 -3.49 -4.68 5.11
N ARG A 13 -4.61 -5.37 4.84
CA ARG A 13 -4.84 -6.14 3.63
C ARG A 13 -4.97 -5.26 2.37
N LEU A 14 -5.58 -4.08 2.41
CA LEU A 14 -5.74 -3.20 1.22
C LEU A 14 -4.39 -2.77 0.66
N GLY A 15 -3.49 -2.30 1.52
CA GLY A 15 -2.12 -1.93 1.10
C GLY A 15 -1.34 -3.13 0.57
N ARG A 16 -1.50 -4.28 1.22
CA ARG A 16 -0.99 -5.56 0.74
C ARG A 16 -1.63 -5.96 -0.59
N ALA A 17 -2.90 -5.64 -0.85
CA ALA A 17 -3.54 -5.90 -2.13
C ALA A 17 -2.96 -5.03 -3.25
N LEU A 18 -2.28 -3.92 -2.95
CA LEU A 18 -1.49 -3.17 -3.96
C LEU A 18 -0.03 -3.62 -4.03
N ALA A 19 0.53 -4.13 -2.93
CA ALA A 19 1.96 -4.44 -2.80
C ALA A 19 2.32 -5.94 -2.97
N ASP A 20 1.34 -6.87 -2.95
CA ASP A 20 1.52 -8.27 -3.33
C ASP A 20 2.08 -8.30 -4.77
N PRO A 21 3.02 -9.21 -5.06
CA PRO A 21 3.84 -9.26 -6.28
C PRO A 21 3.00 -9.22 -7.55
N THR A 22 2.37 -10.34 -7.91
CA THR A 22 1.50 -10.43 -9.08
C THR A 22 0.33 -9.46 -8.98
N ARG A 23 -0.12 -9.06 -7.78
CA ARG A 23 -1.22 -8.08 -7.65
C ARG A 23 -0.85 -6.69 -8.18
N CYS A 24 0.34 -6.16 -7.87
CA CYS A 24 0.82 -4.92 -8.50
C CYS A 24 0.79 -5.04 -10.04
N ARG A 25 1.38 -6.13 -10.54
CA ARG A 25 1.46 -6.41 -11.96
C ARG A 25 0.08 -6.58 -12.63
N ILE A 26 -0.89 -7.27 -11.98
CA ILE A 26 -2.32 -7.32 -12.38
C ILE A 26 -2.85 -5.90 -12.52
N LEU A 27 -2.75 -5.09 -11.46
CA LEU A 27 -3.36 -3.77 -11.43
C LEU A 27 -2.78 -2.83 -12.50
N VAL A 28 -1.45 -2.78 -12.68
CA VAL A 28 -0.83 -1.97 -13.76
C VAL A 28 -1.09 -2.53 -15.17
N ALA A 29 -1.36 -3.82 -15.33
CA ALA A 29 -1.82 -4.42 -16.58
C ALA A 29 -3.34 -4.25 -16.82
N LEU A 30 -4.10 -3.76 -15.83
CA LEU A 30 -5.53 -3.41 -15.96
C LEU A 30 -5.82 -1.95 -16.27
N LEU A 31 -4.76 -1.18 -16.19
CA LEU A 31 -4.58 0.18 -16.70
C LEU A 31 -4.47 0.23 -18.23
N ASP A 32 -4.28 -0.93 -18.88
CA ASP A 32 -3.91 -1.11 -20.30
C ASP A 32 -4.62 -2.31 -20.99
N GLY A 33 -4.63 -3.48 -20.33
CA GLY A 33 -5.01 -4.77 -20.91
C GLY A 33 -6.48 -4.87 -21.21
N VAL A 34 -7.30 -4.86 -20.15
CA VAL A 34 -8.77 -4.78 -20.14
C VAL A 34 -9.54 -5.61 -21.18
N CYS A 35 -8.93 -6.65 -21.77
CA CYS A 35 -9.60 -7.47 -22.79
C CYS A 35 -10.45 -8.57 -22.19
N TYR A 36 -9.84 -9.51 -21.46
CA TYR A 36 -10.58 -10.70 -20.98
C TYR A 36 -10.04 -11.31 -19.68
N PRO A 37 -10.85 -12.11 -18.96
CA PRO A 37 -10.36 -12.93 -17.87
C PRO A 37 -9.28 -13.85 -18.43
N GLY A 38 -8.06 -13.73 -17.90
CA GLY A 38 -6.89 -14.44 -18.43
C GLY A 38 -6.14 -13.71 -19.54
N GLN A 39 -6.53 -12.51 -19.99
CA GLN A 39 -5.69 -11.69 -20.89
C GLN A 39 -4.38 -11.34 -20.17
N LEU A 40 -4.48 -11.06 -18.86
CA LEU A 40 -3.36 -10.78 -17.96
C LEU A 40 -2.33 -11.91 -18.00
N ALA A 41 -2.75 -13.14 -18.31
CA ALA A 41 -1.83 -14.29 -18.25
C ALA A 41 -0.61 -14.14 -19.18
N ALA A 42 -0.77 -13.43 -20.31
CA ALA A 42 0.34 -13.03 -21.17
C ALA A 42 1.12 -11.85 -20.56
N HIS A 43 0.43 -10.76 -20.23
CA HIS A 43 1.04 -9.56 -19.61
C HIS A 43 1.94 -9.87 -18.38
N LEU A 44 1.54 -10.86 -17.59
CA LEU A 44 2.17 -11.22 -16.31
C LEU A 44 3.08 -12.43 -16.41
N GLY A 45 3.03 -13.21 -17.51
CA GLY A 45 3.77 -14.47 -17.65
C GLY A 45 3.26 -15.60 -16.76
N LEU A 46 2.08 -15.44 -16.15
CA LEU A 46 1.57 -16.31 -15.09
C LEU A 46 0.19 -16.86 -15.47
N THR A 47 -0.08 -18.13 -15.16
CA THR A 47 -1.25 -18.86 -15.69
C THR A 47 -2.57 -18.19 -15.34
N ARG A 48 -3.61 -18.48 -16.13
CA ARG A 48 -5.00 -18.08 -15.85
C ARG A 48 -5.46 -18.49 -14.44
N SER A 49 -4.91 -19.58 -13.89
CA SER A 49 -5.18 -20.00 -12.52
C SER A 49 -4.40 -19.20 -11.47
N ASN A 50 -3.16 -18.81 -11.74
CA ASN A 50 -2.42 -17.90 -10.85
C ASN A 50 -3.02 -16.48 -10.87
N VAL A 51 -3.45 -16.01 -12.05
CA VAL A 51 -4.15 -14.73 -12.21
C VAL A 51 -5.42 -14.65 -11.34
N SER A 52 -6.26 -15.70 -11.27
CA SER A 52 -7.40 -15.69 -10.32
C SER A 52 -6.98 -15.69 -8.85
N ASN A 53 -5.93 -16.45 -8.51
CA ASN A 53 -5.37 -16.52 -7.15
C ASN A 53 -4.95 -15.14 -6.62
N HIS A 54 -4.49 -14.24 -7.49
CA HIS A 54 -4.22 -12.84 -7.13
C HIS A 54 -5.39 -11.85 -7.40
N LEU A 55 -6.36 -12.14 -8.26
CA LEU A 55 -7.59 -11.34 -8.39
C LEU A 55 -8.54 -11.45 -7.19
N SER A 56 -8.57 -12.56 -6.46
CA SER A 56 -9.59 -12.83 -5.44
C SER A 56 -9.83 -11.73 -4.38
N CYS A 57 -8.80 -11.37 -3.61
CA CYS A 57 -8.92 -10.27 -2.63
C CYS A 57 -9.16 -8.92 -3.34
N LEU A 58 -8.47 -8.75 -4.47
CA LEU A 58 -8.48 -7.57 -5.32
C LEU A 58 -9.91 -7.14 -5.70
N ARG A 59 -10.85 -8.09 -5.85
CA ARG A 59 -12.27 -7.79 -6.10
C ARG A 59 -13.00 -7.23 -4.87
N GLY A 60 -12.78 -7.86 -3.70
CA GLY A 60 -13.45 -7.54 -2.43
C GLY A 60 -12.89 -6.26 -1.79
N CYS A 61 -11.62 -5.96 -2.08
CA CYS A 61 -10.92 -4.70 -1.86
C CYS A 61 -11.52 -3.57 -2.77
N GLY A 62 -12.44 -3.93 -3.67
CA GLY A 62 -13.04 -3.12 -4.74
C GLY A 62 -12.14 -2.92 -5.94
N LEU A 63 -10.83 -3.02 -5.75
CA LEU A 63 -9.74 -2.68 -6.69
C LEU A 63 -9.94 -3.14 -8.12
N VAL A 64 -10.49 -4.34 -8.32
CA VAL A 64 -10.89 -4.89 -9.62
C VAL A 64 -12.38 -5.11 -9.74
N VAL A 65 -12.91 -4.67 -10.88
CA VAL A 65 -14.32 -4.75 -11.27
C VAL A 65 -14.44 -5.46 -12.62
N ALA A 66 -15.43 -6.37 -12.74
CA ALA A 66 -15.84 -6.99 -14.01
C ALA A 66 -16.84 -6.09 -14.76
N THR A 67 -16.72 -6.04 -16.08
CA THR A 67 -17.43 -5.10 -16.98
C THR A 67 -17.30 -5.65 -18.40
N TYR A 68 -18.10 -5.20 -19.36
CA TYR A 68 -17.94 -5.61 -20.77
C TYR A 68 -16.89 -4.77 -21.55
N GLU A 69 -16.22 -5.40 -22.52
CA GLU A 69 -15.47 -4.70 -23.57
C GLU A 69 -16.37 -4.45 -24.80
N GLY A 70 -17.48 -5.20 -24.92
CA GLY A 70 -18.54 -5.05 -25.93
C GLY A 70 -18.88 -6.36 -26.66
N ARG A 71 -17.85 -7.16 -26.94
CA ARG A 71 -17.89 -8.55 -27.45
C ARG A 71 -17.81 -9.58 -26.30
N GLN A 72 -17.08 -9.27 -25.22
CA GLN A 72 -16.72 -10.16 -24.14
C GLN A 72 -16.70 -9.40 -22.81
N VAL A 73 -16.72 -10.11 -21.68
CA VAL A 73 -16.44 -9.48 -20.38
C VAL A 73 -14.94 -9.41 -20.10
N ARG A 74 -14.56 -8.38 -19.33
CA ARG A 74 -13.19 -7.97 -19.05
C ARG A 74 -13.06 -7.68 -17.56
N TYR A 75 -11.82 -7.64 -17.09
CA TYR A 75 -11.50 -7.06 -15.79
C TYR A 75 -11.00 -5.63 -16.03
N ALA A 76 -11.15 -4.76 -15.04
CA ALA A 76 -10.74 -3.35 -15.08
C ALA A 76 -10.58 -2.83 -13.64
N LEU A 77 -9.87 -1.70 -13.47
CA LEU A 77 -9.73 -1.03 -12.17
C LEU A 77 -11.02 -0.33 -11.76
N ALA A 78 -11.19 -0.20 -10.44
CA ALA A 78 -12.41 0.32 -9.81
C ALA A 78 -12.77 1.77 -10.17
N ASP A 79 -11.76 2.65 -10.25
CA ASP A 79 -11.88 4.06 -10.57
C ASP A 79 -10.52 4.64 -10.99
N SER A 80 -10.63 5.79 -11.66
CA SER A 80 -9.60 6.77 -11.99
C SER A 80 -8.57 6.95 -10.86
N HIS A 81 -9.01 6.90 -9.59
CA HIS A 81 -8.16 7.01 -8.40
C HIS A 81 -7.03 5.98 -8.36
N LEU A 82 -7.33 4.68 -8.52
CA LEU A 82 -6.28 3.65 -8.46
C LEU A 82 -5.38 3.76 -9.69
N ALA A 83 -6.01 3.90 -10.87
CA ALA A 83 -5.32 4.08 -12.14
C ALA A 83 -4.30 5.23 -12.06
N ARG A 84 -4.66 6.36 -11.42
CA ARG A 84 -3.75 7.47 -11.11
C ARG A 84 -2.65 7.09 -10.11
N ALA A 85 -2.99 6.66 -8.89
CA ALA A 85 -1.99 6.30 -7.87
C ALA A 85 -0.99 5.21 -8.34
N LEU A 86 -1.39 4.36 -9.30
CA LEU A 86 -0.49 3.43 -9.97
C LEU A 86 0.29 4.08 -11.15
N GLY A 87 -0.38 4.91 -11.96
CA GLY A 87 0.12 5.52 -13.19
C GLY A 87 1.09 6.68 -12.97
N GLU A 88 0.70 7.72 -12.21
CA GLU A 88 1.66 8.73 -11.74
C GLU A 88 2.57 8.15 -10.64
N LEU A 89 2.20 6.96 -10.14
CA LEU A 89 2.92 6.04 -9.27
C LEU A 89 2.91 6.57 -7.83
N VAL A 90 2.72 5.68 -6.86
CA VAL A 90 2.76 5.97 -5.41
C VAL A 90 4.15 6.38 -4.91
N GLN A 91 5.03 6.84 -5.79
CA GLN A 91 6.21 7.61 -5.45
C GLN A 91 7.34 6.72 -4.90
N VAL A 92 7.08 5.46 -4.56
CA VAL A 92 8.00 4.41 -4.07
C VAL A 92 9.08 3.95 -5.08
N VAL A 93 9.54 4.89 -5.90
CA VAL A 93 10.62 4.83 -6.90
C VAL A 93 10.53 3.66 -7.91
N LEU A 94 9.35 3.03 -8.00
CA LEU A 94 8.88 1.92 -8.85
C LEU A 94 8.76 0.64 -8.04
N ALA A 95 7.53 0.27 -7.67
CA ALA A 95 7.22 -1.05 -7.10
C ALA A 95 7.37 -2.18 -8.15
N VAL A 96 8.62 -2.57 -8.45
CA VAL A 96 9.01 -3.67 -9.36
C VAL A 96 8.67 -5.07 -8.79
N ASP A 97 8.64 -6.07 -9.68
CA ASP A 97 8.48 -7.51 -9.38
C ASP A 97 9.62 -8.14 -8.52
N THR A 98 10.66 -7.36 -8.16
CA THR A 98 11.82 -7.79 -7.35
C THR A 98 11.40 -8.22 -5.95
N ASP A 99 11.51 -9.51 -5.64
CA ASP A 99 11.31 -10.04 -4.30
C ASP A 99 12.45 -9.48 -3.43
N GLN A 100 12.12 -9.13 -2.21
CA GLN A 100 13.09 -8.71 -1.23
C GLN A 100 12.45 -8.94 0.14
N PRO A 101 13.07 -9.66 1.11
CA PRO A 101 12.34 -10.12 2.28
C PRO A 101 12.02 -9.02 3.28
N CYS A 102 10.69 -8.85 3.42
CA CYS A 102 9.94 -7.72 3.95
C CYS A 102 10.20 -6.53 3.01
N VAL A 103 11.48 -6.15 3.05
CA VAL A 103 12.18 -5.02 2.47
C VAL A 103 13.50 -4.80 3.22
N ALA A 104 13.47 -4.83 4.57
CA ALA A 104 14.60 -4.45 5.43
C ALA A 104 15.75 -5.47 5.48
N GLU A 105 15.46 -6.72 5.09
CA GLU A 105 16.30 -7.90 5.30
C GLU A 105 16.75 -8.55 3.99
N ARG A 106 17.49 -9.67 4.04
CA ARG A 106 17.98 -10.37 2.84
C ARG A 106 18.33 -11.85 3.02
N ALA B 10 7.72 -10.54 1.89
CA ALA B 10 8.30 -9.75 0.80
C ALA B 10 7.47 -8.46 0.54
N LEU B 11 7.61 -7.87 -0.65
CA LEU B 11 7.08 -6.57 -1.15
C LEU B 11 5.76 -6.09 -0.52
N ALA B 12 4.80 -6.99 -0.35
CA ALA B 12 3.52 -6.80 0.35
C ALA B 12 3.62 -5.95 1.63
N ARG B 13 4.75 -6.07 2.33
CA ARG B 13 5.11 -5.36 3.54
C ARG B 13 5.22 -3.83 3.38
N LEU B 14 5.62 -3.31 2.22
CA LEU B 14 5.63 -1.86 1.92
C LEU B 14 4.21 -1.28 2.00
N GLY B 15 3.24 -1.88 1.30
CA GLY B 15 1.86 -1.43 1.32
C GLY B 15 1.20 -1.69 2.66
N ARG B 16 1.56 -2.79 3.31
CA ARG B 16 1.16 -3.08 4.69
C ARG B 16 1.76 -2.07 5.67
N ALA B 17 2.95 -1.50 5.43
CA ALA B 17 3.49 -0.44 6.27
C ALA B 17 2.72 0.87 6.12
N LEU B 18 2.08 1.10 4.97
CA LEU B 18 1.16 2.24 4.77
C LEU B 18 -0.30 1.93 5.18
N ALA B 19 -0.63 0.67 5.51
CA ALA B 19 -2.00 0.23 5.83
C ALA B 19 -2.22 -0.48 7.18
N ASP B 20 -1.19 -0.95 7.89
CA ASP B 20 -1.26 -1.45 9.26
C ASP B 20 -1.91 -0.37 10.15
N PRO B 21 -2.73 -0.77 11.14
CA PRO B 21 -3.66 0.05 11.93
C PRO B 21 -3.07 1.38 12.39
N THR B 22 -2.26 1.40 13.47
CA THR B 22 -1.59 2.63 13.92
C THR B 22 -0.52 3.08 12.93
N ARG B 23 -0.10 2.24 11.98
CA ARG B 23 1.04 2.51 11.08
C ARG B 23 0.73 3.57 10.02
N CYS B 24 -0.42 3.45 9.34
CA CYS B 24 -0.95 4.54 8.50
C CYS B 24 -0.98 5.82 9.33
N ARG B 25 -1.52 5.72 10.55
CA ARG B 25 -1.61 6.84 11.47
C ARG B 25 -0.24 7.43 11.85
N ILE B 26 0.80 6.64 12.13
CA ILE B 26 2.20 7.11 12.34
C ILE B 26 2.69 7.89 11.13
N LEU B 27 2.50 7.34 9.93
CA LEU B 27 2.97 7.98 8.70
C LEU B 27 2.21 9.28 8.41
N VAL B 28 0.88 9.28 8.44
CA VAL B 28 0.08 10.48 8.13
C VAL B 28 0.21 11.53 9.24
N ALA B 29 0.53 11.11 10.48
CA ALA B 29 0.93 12.01 11.55
C ALA B 29 2.35 12.54 11.28
N LEU B 30 3.32 11.72 10.87
CA LEU B 30 4.72 12.13 10.61
C LEU B 30 4.88 13.20 9.55
N LEU B 31 3.95 13.24 8.63
CA LEU B 31 3.72 14.29 7.65
C LEU B 31 3.80 15.71 8.29
N ASP B 32 3.48 15.83 9.58
CA ASP B 32 3.66 16.97 10.51
C ASP B 32 4.54 16.63 11.75
N GLY B 33 4.50 15.38 12.21
CA GLY B 33 4.94 14.84 13.50
C GLY B 33 6.43 14.67 13.68
N VAL B 34 7.19 15.33 12.82
CA VAL B 34 8.64 15.50 12.86
C VAL B 34 9.23 16.20 14.12
N CYS B 35 8.61 16.05 15.29
CA CYS B 35 9.11 16.64 16.55
C CYS B 35 10.11 15.72 17.29
N TYR B 36 9.69 14.59 17.85
CA TYR B 36 10.58 13.77 18.70
C TYR B 36 10.14 12.30 18.85
N PRO B 37 11.06 11.37 19.20
CA PRO B 37 10.68 10.01 19.56
C PRO B 37 9.69 10.04 20.72
N GLY B 38 8.46 9.58 20.47
CA GLY B 38 7.36 9.65 21.43
C GLY B 38 6.45 10.89 21.30
N GLN B 39 6.68 11.79 20.35
CA GLN B 39 5.70 12.86 20.03
C GLN B 39 4.40 12.26 19.51
N LEU B 40 4.52 11.20 18.69
CA LEU B 40 3.40 10.51 18.06
C LEU B 40 2.39 10.01 19.09
N ALA B 41 2.84 9.80 20.33
CA ALA B 41 1.95 9.35 21.39
C ALA B 41 0.74 10.28 21.58
N ALA B 42 0.90 11.59 21.34
CA ALA B 42 -0.18 12.56 21.30
C ALA B 42 -0.99 12.45 19.99
N HIS B 43 -0.34 12.56 18.83
CA HIS B 43 -1.02 12.47 17.52
C HIS B 43 -1.85 11.19 17.32
N LEU B 44 -1.44 10.09 17.96
CA LEU B 44 -2.03 8.76 17.82
C LEU B 44 -2.89 8.37 19.03
N GLY B 45 -2.79 9.07 20.17
CA GLY B 45 -3.45 8.71 21.42
C GLY B 45 -2.92 7.40 22.02
N LEU B 46 -1.78 6.90 21.54
CA LEU B 46 -1.28 5.56 21.84
C LEU B 46 0.09 5.59 22.52
N THR B 47 0.44 4.49 23.22
CA THR B 47 1.62 4.47 24.10
C THR B 47 2.90 4.60 23.29
N ARG B 48 3.96 5.10 23.93
CA ARG B 48 5.30 5.15 23.32
C ARG B 48 5.83 3.74 22.98
N SER B 49 5.28 2.70 23.59
CA SER B 49 5.48 1.29 23.21
C SER B 49 4.76 0.97 21.90
N ASN B 50 3.45 1.25 21.81
CA ASN B 50 2.63 1.06 20.60
C ASN B 50 3.17 1.88 19.41
N VAL B 51 3.66 3.09 19.67
CA VAL B 51 4.40 3.91 18.71
C VAL B 51 5.72 3.26 18.28
N SER B 52 6.53 2.68 19.19
CA SER B 52 7.74 1.92 18.78
C SER B 52 7.40 0.73 17.88
N ASN B 53 6.37 -0.01 18.30
CA ASN B 53 5.83 -1.21 17.66
C ASN B 53 5.38 -0.96 16.21
N HIS B 54 4.98 0.26 15.88
CA HIS B 54 4.66 0.66 14.52
C HIS B 54 5.80 1.42 13.80
N LEU B 55 6.77 2.01 14.53
CA LEU B 55 8.00 2.57 13.95
C LEU B 55 9.08 1.54 13.57
N SER B 56 9.11 0.33 14.12
CA SER B 56 10.06 -0.74 13.72
C SER B 56 10.22 -0.90 12.20
N CYS B 57 9.17 -1.41 11.55
CA CYS B 57 9.15 -1.67 10.11
C CYS B 57 9.28 -0.34 9.34
N LEU B 58 8.58 0.70 9.76
CA LEU B 58 8.63 2.05 9.18
C LEU B 58 10.08 2.57 8.98
N ARG B 59 10.96 2.30 9.94
CA ARG B 59 12.36 2.68 9.88
C ARG B 59 13.26 1.65 9.17
N GLY B 60 12.85 0.38 9.04
CA GLY B 60 13.57 -0.67 8.29
C GLY B 60 13.18 -0.80 6.82
N CYS B 61 11.92 -0.49 6.46
CA CYS B 61 11.38 -0.32 5.12
C CYS B 61 11.96 0.92 4.39
N GLY B 62 12.68 1.78 5.12
CA GLY B 62 13.21 3.06 4.63
C GLY B 62 12.13 4.13 4.43
N LEU B 63 10.96 3.98 5.07
CA LEU B 63 9.88 4.97 5.05
C LEU B 63 10.14 6.13 6.00
N VAL B 64 10.84 5.85 7.11
CA VAL B 64 11.03 6.76 8.24
C VAL B 64 12.49 6.80 8.68
N VAL B 65 12.99 8.00 8.96
CA VAL B 65 14.42 8.30 9.18
C VAL B 65 14.62 9.16 10.42
N ALA B 66 15.71 8.94 11.15
CA ALA B 66 16.16 9.75 12.30
C ALA B 66 17.01 10.95 11.85
N THR B 67 16.77 12.11 12.44
CA THR B 67 17.35 13.42 12.05
C THR B 67 17.20 14.37 13.24
N TYR B 68 17.81 15.55 13.24
CA TYR B 68 17.55 16.58 14.27
C TYR B 68 16.43 17.56 13.88
N GLU B 69 15.64 18.04 14.86
CA GLU B 69 14.76 19.20 14.71
C GLU B 69 15.51 20.52 15.05
N GLY B 70 16.66 20.41 15.74
CA GLY B 70 17.62 21.48 16.04
C GLY B 70 17.99 21.58 17.52
N ARG B 71 17.01 21.32 18.39
CA ARG B 71 17.08 21.14 19.86
C ARG B 71 17.17 19.65 20.25
N GLN B 72 16.50 18.78 19.52
CA GLN B 72 16.27 17.38 19.83
C GLN B 72 16.31 16.54 18.54
N VAL B 73 16.46 15.22 18.65
CA VAL B 73 16.27 14.33 17.51
C VAL B 73 14.81 13.99 17.28
N ARG B 74 14.46 13.69 16.03
CA ARG B 74 13.12 13.50 15.51
C ARG B 74 13.08 12.27 14.60
N TYR B 75 11.88 11.73 14.40
CA TYR B 75 11.64 10.80 13.29
C TYR B 75 10.96 11.63 12.20
N ALA B 76 11.20 11.31 10.93
CA ALA B 76 10.58 11.99 9.80
C ALA B 76 10.37 11.00 8.67
N LEU B 77 9.43 11.26 7.76
CA LEU B 77 9.35 10.50 6.52
C LEU B 77 10.65 10.68 5.72
N ALA B 78 10.98 9.71 4.89
CA ALA B 78 12.29 9.68 4.22
C ALA B 78 12.52 10.83 3.22
N ASP B 79 11.44 11.38 2.66
CA ASP B 79 11.40 12.61 1.85
C ASP B 79 9.94 12.96 1.49
N SER B 80 9.79 14.22 1.05
CA SER B 80 8.67 14.83 0.36
C SER B 80 7.96 13.87 -0.62
N HIS B 81 8.72 12.98 -1.27
CA HIS B 81 8.20 12.01 -2.24
C HIS B 81 7.20 11.04 -1.60
N LEU B 82 7.45 10.50 -0.40
CA LEU B 82 6.45 9.69 0.32
C LEU B 82 5.36 10.58 0.87
N ALA B 83 5.73 11.71 1.48
CA ALA B 83 4.81 12.68 2.08
C ALA B 83 3.70 13.11 1.10
N ARG B 84 3.99 13.08 -0.21
CA ARG B 84 3.03 13.26 -1.31
C ARG B 84 2.06 12.09 -1.53
N ALA B 85 2.53 10.87 -1.89
CA ALA B 85 1.63 9.69 -2.01
C ALA B 85 0.90 9.34 -0.70
N LEU B 86 1.35 9.91 0.42
CA LEU B 86 0.71 9.93 1.72
C LEU B 86 -0.31 11.10 1.87
N GLY B 87 0.02 12.32 1.43
CA GLY B 87 -0.74 13.58 1.59
C GLY B 87 -1.82 13.79 0.53
N GLU B 88 -1.49 13.82 -0.77
CA GLU B 88 -2.53 13.70 -1.81
C GLU B 88 -3.15 12.28 -1.80
N LEU B 89 -2.45 11.37 -1.10
CA LEU B 89 -2.82 10.02 -0.71
C LEU B 89 -2.73 9.07 -1.91
N VAL B 90 -2.65 7.77 -1.63
CA VAL B 90 -2.79 6.69 -2.64
C VAL B 90 -4.22 6.62 -3.20
N GLN B 91 -5.00 7.68 -3.05
CA GLN B 91 -6.26 7.90 -3.75
C GLN B 91 -7.39 6.98 -3.23
N VAL B 92 -7.12 6.12 -2.25
CA VAL B 92 -8.02 5.22 -1.48
C VAL B 92 -9.13 5.93 -0.67
N VAL B 93 -9.64 7.03 -1.23
CA VAL B 93 -10.75 7.89 -0.79
C VAL B 93 -10.68 8.40 0.67
N LEU B 94 -9.50 8.29 1.30
CA LEU B 94 -9.14 8.58 2.70
C LEU B 94 -8.87 7.27 3.45
N ALA B 95 -7.59 6.93 3.65
CA ALA B 95 -7.14 5.86 4.53
C ALA B 95 -7.41 6.20 6.02
N VAL B 96 -8.67 6.22 6.42
CA VAL B 96 -9.14 6.41 7.82
C VAL B 96 -8.69 5.25 8.74
N ASP B 97 -8.73 5.51 10.05
CA ASP B 97 -8.50 4.56 11.14
C ASP B 97 -9.61 3.49 11.32
N THR B 98 -10.67 3.54 10.49
CA THR B 98 -11.83 2.61 10.50
C THR B 98 -11.38 1.18 10.24
N ASP B 99 -11.50 0.32 11.24
CA ASP B 99 -11.26 -1.12 11.09
C ASP B 99 -12.42 -1.70 10.30
N GLN B 100 -12.11 -2.57 9.36
CA GLN B 100 -13.08 -3.30 8.59
C GLN B 100 -12.36 -4.57 8.10
N PRO B 101 -12.90 -5.80 8.25
CA PRO B 101 -12.09 -6.99 8.07
C PRO B 101 -11.68 -7.26 6.63
N CYS B 102 -10.35 -7.16 6.48
CA CYS B 102 -9.56 -7.01 5.27
C CYS B 102 -9.88 -5.64 4.64
N VAL B 103 -11.15 -5.61 4.28
CA VAL B 103 -11.96 -4.71 3.48
C VAL B 103 -13.13 -5.52 2.88
N ALA B 104 -12.86 -6.75 2.44
CA ALA B 104 -13.74 -7.58 1.63
C ALA B 104 -14.94 -8.24 2.36
N GLU B 105 -15.17 -7.97 3.63
CA GLU B 105 -16.13 -8.70 4.47
C GLU B 105 -16.48 -7.90 5.73
N ARG B 106 -17.24 -8.45 6.68
CA ARG B 106 -17.72 -7.67 7.84
C ARG B 106 -18.07 -8.48 9.09
CD CD C . -9.48 -7.84 0.30
CD CD D . 9.76 -3.66 6.92
N ALA A 10 -12.31 -2.54 3.03
CA ALA A 10 -11.21 -2.98 3.91
C ALA A 10 -9.92 -2.24 3.53
N LEU A 11 -9.83 -0.95 3.89
CA LEU A 11 -8.81 -0.01 3.41
C LEU A 11 -7.37 -0.41 3.82
N ALA A 12 -7.22 -1.15 4.92
CA ALA A 12 -5.94 -1.77 5.27
C ALA A 12 -5.64 -2.96 4.35
N ARG A 13 -6.58 -3.89 4.15
CA ARG A 13 -6.39 -4.99 3.18
C ARG A 13 -6.18 -4.50 1.75
N LEU A 14 -6.83 -3.40 1.33
CA LEU A 14 -6.73 -2.76 0.03
C LEU A 14 -5.28 -2.39 -0.28
N GLY A 15 -4.61 -1.61 0.56
CA GLY A 15 -3.22 -1.21 0.28
C GLY A 15 -2.23 -2.34 0.54
N ARG A 16 -2.52 -3.25 1.49
CA ARG A 16 -1.76 -4.49 1.67
C ARG A 16 -1.84 -5.41 0.44
N ALA A 17 -2.95 -5.33 -0.32
CA ALA A 17 -3.18 -5.99 -1.61
C ALA A 17 -2.66 -5.21 -2.83
N LEU A 18 -2.45 -3.90 -2.68
CA LEU A 18 -1.90 -3.00 -3.71
C LEU A 18 -0.37 -3.16 -3.79
N ALA A 19 0.27 -3.54 -2.67
CA ALA A 19 1.67 -3.95 -2.63
C ALA A 19 1.82 -5.47 -2.38
N ASP A 20 1.30 -6.26 -3.32
CA ASP A 20 1.31 -7.72 -3.36
C ASP A 20 1.95 -8.14 -4.73
N PRO A 21 2.78 -9.21 -4.79
CA PRO A 21 3.72 -9.55 -5.89
C PRO A 21 3.18 -9.44 -7.33
N THR A 22 2.62 -10.54 -7.86
CA THR A 22 1.87 -10.62 -9.12
C THR A 22 0.85 -9.50 -9.24
N ARG A 23 0.37 -9.02 -8.10
CA ARG A 23 -0.78 -8.13 -7.96
C ARG A 23 -0.51 -6.70 -8.42
N CYS A 24 0.61 -6.08 -8.03
CA CYS A 24 1.04 -4.80 -8.63
C CYS A 24 1.12 -4.93 -10.16
N ARG A 25 1.79 -6.00 -10.62
CA ARG A 25 1.86 -6.36 -12.04
C ARG A 25 0.46 -6.46 -12.68
N ILE A 26 -0.51 -7.21 -12.13
CA ILE A 26 -1.92 -7.19 -12.62
C ILE A 26 -2.46 -5.78 -12.75
N LEU A 27 -2.30 -4.99 -11.69
CA LEU A 27 -2.94 -3.68 -11.56
C LEU A 27 -2.35 -2.64 -12.52
N VAL A 28 -1.04 -2.66 -12.78
CA VAL A 28 -0.41 -1.77 -13.78
C VAL A 28 -0.70 -2.24 -15.22
N ALA A 29 -1.05 -3.52 -15.38
CA ALA A 29 -1.58 -4.02 -16.64
C ALA A 29 -3.06 -3.64 -16.80
N LEU A 30 -3.91 -3.76 -15.77
CA LEU A 30 -5.37 -3.50 -15.83
C LEU A 30 -5.76 -2.07 -16.15
N LEU A 31 -4.83 -1.16 -15.98
CA LEU A 31 -4.89 0.21 -16.50
C LEU A 31 -5.17 0.24 -18.03
N ASP A 32 -4.87 -0.86 -18.75
CA ASP A 32 -5.25 -1.18 -20.15
C ASP A 32 -5.90 -2.58 -20.32
N GLY A 33 -5.56 -3.54 -19.46
CA GLY A 33 -5.78 -4.99 -19.55
C GLY A 33 -7.22 -5.46 -19.38
N VAL A 34 -8.13 -4.50 -19.39
CA VAL A 34 -9.58 -4.62 -19.39
C VAL A 34 -10.20 -5.25 -20.66
N CYS A 35 -9.55 -6.28 -21.23
CA CYS A 35 -9.98 -6.96 -22.45
C CYS A 35 -10.70 -8.29 -22.17
N TYR A 36 -10.04 -9.27 -21.52
CA TYR A 36 -10.65 -10.59 -21.25
C TYR A 36 -9.99 -11.38 -20.08
N PRO A 37 -10.72 -12.30 -19.41
CA PRO A 37 -10.13 -13.15 -18.38
C PRO A 37 -9.03 -14.00 -18.98
N GLY A 38 -7.80 -13.78 -18.51
CA GLY A 38 -6.61 -14.45 -19.04
C GLY A 38 -5.78 -13.60 -19.99
N GLN A 39 -6.27 -12.44 -20.48
CA GLN A 39 -5.48 -11.50 -21.33
C GLN A 39 -4.24 -10.99 -20.60
N LEU A 40 -4.32 -10.90 -19.27
CA LEU A 40 -3.22 -10.48 -18.42
C LEU A 40 -2.05 -11.46 -18.53
N ALA A 41 -2.27 -12.69 -19.00
CA ALA A 41 -1.16 -13.63 -19.15
C ALA A 41 -0.12 -13.08 -20.11
N ALA A 42 -0.51 -12.46 -21.25
CA ALA A 42 0.42 -11.80 -22.15
C ALA A 42 1.11 -10.59 -21.48
N HIS A 43 0.35 -9.67 -20.87
CA HIS A 43 0.92 -8.50 -20.18
C HIS A 43 1.92 -8.87 -19.06
N LEU A 44 1.67 -9.96 -18.31
CA LEU A 44 2.43 -10.30 -17.10
C LEU A 44 3.48 -11.39 -17.31
N GLY A 45 3.41 -12.12 -18.42
CA GLY A 45 4.26 -13.29 -18.65
C GLY A 45 4.05 -14.44 -17.68
N LEU A 46 2.99 -14.38 -16.87
CA LEU A 46 2.58 -15.47 -15.98
C LEU A 46 1.40 -16.20 -16.64
N THR A 47 1.38 -17.53 -16.51
CA THR A 47 0.35 -18.36 -17.14
C THR A 47 -1.05 -17.97 -16.66
N ARG A 48 -2.04 -18.12 -17.55
CA ARG A 48 -3.42 -17.63 -17.36
C ARG A 48 -4.08 -18.18 -16.09
N SER A 49 -3.70 -19.38 -15.63
CA SER A 49 -4.11 -19.92 -14.32
C SER A 49 -3.48 -19.16 -13.13
N ASN A 50 -2.14 -19.04 -13.08
CA ASN A 50 -1.42 -18.31 -12.03
C ASN A 50 -1.91 -16.85 -11.90
N VAL A 51 -2.02 -16.11 -13.02
CA VAL A 51 -2.53 -14.74 -12.99
C VAL A 51 -3.97 -14.69 -12.42
N SER A 52 -4.82 -15.65 -12.80
CA SER A 52 -6.19 -15.69 -12.29
C SER A 52 -6.30 -16.06 -10.80
N ASN A 53 -5.35 -16.82 -10.25
CA ASN A 53 -5.24 -17.06 -8.81
C ASN A 53 -5.08 -15.74 -8.04
N HIS A 54 -4.22 -14.83 -8.51
CA HIS A 54 -4.15 -13.47 -7.95
C HIS A 54 -5.35 -12.57 -8.32
N LEU A 55 -6.11 -12.84 -9.41
CA LEU A 55 -7.40 -12.17 -9.63
C LEU A 55 -8.47 -12.63 -8.64
N SER A 56 -8.35 -13.84 -8.10
CA SER A 56 -9.21 -14.27 -7.00
C SER A 56 -9.20 -13.27 -5.83
N CYS A 57 -8.05 -12.70 -5.45
CA CYS A 57 -8.02 -11.76 -4.34
C CYS A 57 -8.41 -10.33 -4.77
N LEU A 58 -7.96 -9.87 -5.95
CA LEU A 58 -8.32 -8.57 -6.56
C LEU A 58 -9.84 -8.34 -6.66
N ARG A 59 -10.55 -9.40 -7.04
CA ARG A 59 -12.00 -9.40 -7.21
C ARG A 59 -12.74 -9.66 -5.89
N GLY A 60 -12.03 -9.89 -4.76
CA GLY A 60 -12.58 -10.08 -3.41
C GLY A 60 -12.29 -8.91 -2.47
N CYS A 61 -11.06 -8.37 -2.53
CA CYS A 61 -10.61 -7.11 -1.92
C CYS A 61 -11.42 -5.87 -2.42
N GLY A 62 -12.15 -6.01 -3.54
CA GLY A 62 -12.90 -4.97 -4.21
C GLY A 62 -12.05 -4.02 -5.04
N LEU A 63 -10.83 -4.43 -5.43
CA LEU A 63 -9.94 -3.72 -6.37
C LEU A 63 -10.44 -3.78 -7.81
N VAL A 64 -11.25 -4.79 -8.16
CA VAL A 64 -11.56 -5.12 -9.56
C VAL A 64 -12.99 -5.56 -9.75
N VAL A 65 -13.56 -5.20 -10.91
CA VAL A 65 -14.94 -5.45 -11.30
C VAL A 65 -14.98 -5.99 -12.73
N ALA A 66 -15.87 -6.95 -12.98
CA ALA A 66 -16.11 -7.52 -14.31
C ALA A 66 -17.30 -6.87 -15.04
N THR A 67 -17.22 -6.81 -16.37
CA THR A 67 -18.33 -6.38 -17.24
C THR A 67 -18.47 -7.33 -18.40
N TYR A 68 -19.71 -7.56 -18.81
CA TYR A 68 -20.07 -8.27 -20.03
C TYR A 68 -20.29 -7.25 -21.16
N GLU A 69 -19.39 -7.16 -22.14
CA GLU A 69 -19.46 -6.17 -23.23
C GLU A 69 -20.58 -6.45 -24.28
N GLY A 70 -21.53 -7.34 -23.95
CA GLY A 70 -22.62 -7.78 -24.81
C GLY A 70 -22.49 -9.24 -25.26
N ARG A 71 -21.29 -9.83 -25.15
CA ARG A 71 -20.94 -11.13 -25.73
C ARG A 71 -19.74 -11.79 -25.02
N GLN A 72 -18.65 -11.05 -24.80
CA GLN A 72 -17.50 -11.42 -23.99
C GLN A 72 -17.66 -10.91 -22.56
N VAL A 73 -16.73 -11.30 -21.68
CA VAL A 73 -16.54 -10.73 -20.34
C VAL A 73 -15.11 -10.21 -20.22
N ARG A 74 -14.90 -9.16 -19.42
CA ARG A 74 -13.61 -8.51 -19.17
C ARG A 74 -13.49 -8.18 -17.68
N TYR A 75 -12.36 -7.64 -17.25
CA TYR A 75 -12.18 -7.05 -15.91
C TYR A 75 -11.87 -5.54 -16.01
N ALA A 76 -11.78 -4.83 -14.89
CA ALA A 76 -11.45 -3.41 -14.78
C ALA A 76 -11.18 -3.06 -13.32
N LEU A 77 -10.26 -2.12 -13.08
CA LEU A 77 -10.07 -1.53 -11.75
C LEU A 77 -11.38 -0.92 -11.24
N ALA A 78 -11.57 -0.93 -9.92
CA ALA A 78 -12.87 -0.60 -9.32
C ALA A 78 -13.26 0.88 -9.30
N ASP A 79 -12.28 1.80 -9.26
CA ASP A 79 -12.52 3.24 -9.44
C ASP A 79 -11.27 4.00 -9.94
N SER A 80 -11.58 5.16 -10.48
CA SER A 80 -10.74 6.30 -10.82
C SER A 80 -9.68 6.62 -9.76
N HIS A 81 -9.94 6.30 -8.48
CA HIS A 81 -8.99 6.37 -7.35
C HIS A 81 -7.81 5.44 -7.60
N LEU A 82 -8.04 4.12 -7.73
CA LEU A 82 -6.95 3.15 -7.88
C LEU A 82 -6.22 3.45 -9.19
N ALA A 83 -6.95 3.65 -10.29
CA ALA A 83 -6.39 3.94 -11.60
C ALA A 83 -5.41 5.13 -11.60
N ARG A 84 -5.75 6.27 -10.99
CA ARG A 84 -4.88 7.48 -11.04
C ARG A 84 -3.64 7.43 -10.15
N ALA A 85 -3.71 6.86 -8.94
CA ALA A 85 -2.52 6.73 -8.08
C ALA A 85 -1.62 5.60 -8.58
N LEU A 86 -2.21 4.48 -9.01
CA LEU A 86 -1.46 3.44 -9.71
C LEU A 86 -0.83 4.01 -11.00
N GLY A 87 -1.49 4.99 -11.64
CA GLY A 87 -0.96 5.76 -12.78
C GLY A 87 0.15 6.77 -12.43
N GLU A 88 0.33 7.16 -11.15
CA GLU A 88 1.53 7.89 -10.69
C GLU A 88 2.77 6.96 -10.72
N LEU A 89 2.51 5.65 -10.71
CA LEU A 89 3.45 4.54 -10.53
C LEU A 89 4.01 4.56 -9.09
N VAL A 90 3.08 4.40 -8.14
CA VAL A 90 3.26 4.52 -6.67
C VAL A 90 4.68 4.27 -6.18
N GLN A 91 5.12 5.24 -5.41
CA GLN A 91 6.17 6.13 -5.89
C GLN A 91 7.55 5.64 -5.45
N VAL A 92 7.60 4.45 -4.84
CA VAL A 92 8.77 3.61 -4.50
C VAL A 92 9.56 3.12 -5.71
N VAL A 93 9.62 3.96 -6.75
CA VAL A 93 10.49 3.80 -7.91
C VAL A 93 10.06 2.62 -8.82
N LEU A 94 8.80 2.16 -8.65
CA LEU A 94 8.11 0.99 -9.23
C LEU A 94 8.04 -0.12 -8.17
N ALA A 95 6.88 -0.29 -7.55
CA ALA A 95 6.61 -1.35 -6.56
C ALA A 95 6.76 -2.81 -7.08
N VAL A 96 8.00 -3.28 -7.22
CA VAL A 96 8.42 -4.66 -7.47
C VAL A 96 7.92 -5.62 -6.36
N ASP A 97 7.73 -6.89 -6.71
CA ASP A 97 7.28 -8.00 -5.85
C ASP A 97 8.14 -8.32 -4.62
N THR A 98 9.25 -7.59 -4.39
CA THR A 98 10.15 -7.75 -3.24
C THR A 98 9.43 -7.79 -1.90
N ASP A 99 9.26 -8.99 -1.36
CA ASP A 99 8.90 -9.19 0.05
C ASP A 99 10.21 -9.51 0.79
N GLN A 100 10.32 -8.97 1.99
CA GLN A 100 11.54 -8.96 2.79
C GLN A 100 11.10 -9.26 4.23
N PRO A 101 11.85 -10.05 5.03
CA PRO A 101 11.40 -10.51 6.34
C PRO A 101 10.95 -9.42 7.31
N CYS A 102 11.52 -8.20 7.18
CA CYS A 102 11.09 -6.96 7.84
C CYS A 102 11.46 -6.93 9.32
N VAL A 103 10.77 -6.04 10.03
CA VAL A 103 11.00 -5.70 11.45
C VAL A 103 12.48 -5.29 11.69
N ALA A 104 13.13 -4.75 10.63
CA ALA A 104 14.55 -4.31 10.55
C ALA A 104 15.53 -5.39 10.05
N GLU A 105 15.01 -6.51 9.57
CA GLU A 105 15.75 -7.54 8.86
C GLU A 105 15.61 -7.37 7.33
N ARG A 106 16.64 -7.82 6.60
CA ARG A 106 16.81 -7.74 5.15
C ARG A 106 17.70 -8.90 4.64
N ALA B 10 12.15 -2.78 0.55
CA ALA B 10 11.15 -3.84 0.52
C ALA B 10 9.83 -3.29 -0.05
N LEU B 11 9.68 -3.34 -1.37
CA LEU B 11 8.64 -2.63 -2.11
C LEU B 11 7.23 -3.24 -1.96
N ALA B 12 7.11 -4.51 -1.53
CA ALA B 12 5.83 -5.06 -1.08
C ALA B 12 5.55 -4.67 0.39
N ARG B 13 6.56 -4.75 1.27
CA ARG B 13 6.41 -4.36 2.69
C ARG B 13 6.06 -2.87 2.85
N LEU B 14 6.55 -1.99 1.95
CA LEU B 14 6.21 -0.58 1.80
C LEU B 14 4.69 -0.38 1.84
N GLY B 15 3.96 -0.93 0.87
CA GLY B 15 2.52 -0.66 0.80
C GLY B 15 1.73 -1.37 1.91
N ARG B 16 2.22 -2.54 2.32
CA ARG B 16 1.67 -3.31 3.44
C ARG B 16 1.87 -2.61 4.80
N ALA B 17 2.91 -1.78 4.92
CA ALA B 17 3.25 -0.93 6.07
C ALA B 17 2.56 0.44 6.04
N LEU B 18 2.10 0.93 4.88
CA LEU B 18 1.32 2.16 4.79
C LEU B 18 -0.16 1.86 5.04
N ALA B 19 -0.72 0.80 4.46
CA ALA B 19 -2.05 0.30 4.81
C ALA B 19 -2.03 -0.60 6.06
N ASP B 20 -1.37 -0.10 7.11
CA ASP B 20 -1.18 -0.70 8.43
C ASP B 20 -1.87 0.23 9.45
N PRO B 21 -2.66 -0.30 10.42
CA PRO B 21 -3.63 0.44 11.25
C PRO B 21 -3.13 1.75 11.86
N THR B 22 -2.55 1.69 13.06
CA THR B 22 -1.91 2.82 13.74
C THR B 22 -0.85 3.47 12.86
N ARG B 23 -0.23 2.73 11.93
CA ARG B 23 0.92 3.19 11.14
C ARG B 23 0.56 4.21 10.05
N CYS B 24 -0.58 4.10 9.36
CA CYS B 24 -1.08 5.18 8.50
C CYS B 24 -1.26 6.46 9.33
N ARG B 25 -1.97 6.31 10.46
CA ARG B 25 -2.16 7.34 11.47
C ARG B 25 -0.83 7.96 11.92
N ILE B 26 0.22 7.15 12.20
CA ILE B 26 1.59 7.68 12.41
C ILE B 26 2.00 8.55 11.25
N LEU B 27 2.17 7.95 10.08
CA LEU B 27 2.79 8.60 8.92
C LEU B 27 2.13 9.93 8.55
N VAL B 28 0.81 10.08 8.65
CA VAL B 28 0.12 11.35 8.34
C VAL B 28 0.35 12.45 9.39
N ALA B 29 0.66 12.06 10.63
CA ALA B 29 1.04 12.96 11.73
C ALA B 29 2.57 13.12 11.89
N LEU B 30 3.37 12.20 11.34
CA LEU B 30 4.83 12.24 11.30
C LEU B 30 5.27 13.45 10.50
N LEU B 31 4.68 13.56 9.31
CA LEU B 31 4.90 14.49 8.21
C LEU B 31 5.17 15.94 8.68
N ASP B 32 4.28 16.48 9.52
CA ASP B 32 4.33 17.84 10.09
C ASP B 32 4.83 17.84 11.55
N GLY B 33 4.84 16.66 12.20
CA GLY B 33 5.31 16.44 13.57
C GLY B 33 6.82 16.49 13.67
N VAL B 34 7.51 15.52 13.05
CA VAL B 34 8.96 15.28 13.11
C VAL B 34 9.69 15.73 14.40
N CYS B 35 9.07 15.54 15.57
CA CYS B 35 9.55 16.17 16.79
C CYS B 35 10.52 15.27 17.56
N TYR B 36 10.02 14.23 18.20
CA TYR B 36 10.81 13.29 19.01
C TYR B 36 10.22 11.87 19.07
N PRO B 37 10.98 10.83 19.48
CA PRO B 37 10.43 9.49 19.73
C PRO B 37 9.23 9.58 20.69
N GLY B 38 8.06 9.17 20.20
CA GLY B 38 6.82 9.21 20.97
C GLY B 38 6.02 10.51 20.87
N GLN B 39 6.51 11.55 20.19
CA GLN B 39 5.80 12.83 19.96
C GLN B 39 4.44 12.70 19.28
N LEU B 40 4.21 11.56 18.65
CA LEU B 40 2.98 11.24 17.96
C LEU B 40 1.89 10.89 18.96
N ALA B 41 2.22 10.59 20.22
CA ALA B 41 1.22 10.25 21.22
C ALA B 41 0.21 11.38 21.46
N ALA B 42 0.67 12.63 21.47
CA ALA B 42 -0.22 13.79 21.48
C ALA B 42 -0.98 13.94 20.16
N HIS B 43 -0.32 13.74 19.00
CA HIS B 43 -1.04 13.80 17.71
C HIS B 43 -2.15 12.73 17.54
N LEU B 44 -1.94 11.51 18.05
CA LEU B 44 -2.78 10.34 17.77
C LEU B 44 -3.77 10.00 18.89
N GLY B 45 -3.56 10.51 20.11
CA GLY B 45 -4.29 10.08 21.30
C GLY B 45 -4.06 8.61 21.67
N LEU B 46 -3.06 7.98 21.06
CA LEU B 46 -2.56 6.66 21.43
C LEU B 46 -1.31 6.89 22.28
N THR B 47 -1.23 6.22 23.44
CA THR B 47 -0.11 6.41 24.38
C THR B 47 1.26 6.15 23.74
N ARG B 48 2.27 6.86 24.24
CA ARG B 48 3.64 6.86 23.73
C ARG B 48 4.30 5.47 23.67
N SER B 49 3.85 4.49 24.45
CA SER B 49 4.28 3.09 24.25
C SER B 49 3.63 2.45 23.00
N ASN B 50 2.30 2.49 22.88
CA ASN B 50 1.55 1.90 21.76
C ASN B 50 2.00 2.46 20.40
N VAL B 51 2.13 3.78 20.28
CA VAL B 51 2.62 4.39 19.03
C VAL B 51 4.07 3.95 18.72
N SER B 52 4.93 3.80 19.74
CA SER B 52 6.33 3.40 19.53
C SER B 52 6.49 1.94 19.12
N ASN B 53 5.58 1.05 19.55
CA ASN B 53 5.51 -0.33 19.06
C ASN B 53 5.38 -0.37 17.53
N HIS B 54 4.50 0.47 16.99
CA HIS B 54 4.38 0.70 15.55
C HIS B 54 5.55 1.53 14.93
N LEU B 55 6.31 2.34 15.69
CA LEU B 55 7.57 2.93 15.20
C LEU B 55 8.71 1.90 15.15
N SER B 56 8.61 0.79 15.87
CA SER B 56 9.56 -0.31 15.78
C SER B 56 9.69 -0.79 14.33
N CYS B 57 8.57 -1.06 13.63
CA CYS B 57 8.61 -1.58 12.26
C CYS B 57 8.96 -0.48 11.25
N LEU B 58 8.41 0.73 11.43
CA LEU B 58 8.54 1.88 10.51
C LEU B 58 10.00 2.24 10.23
N ARG B 59 10.81 2.19 11.29
CA ARG B 59 12.25 2.48 11.26
C ARG B 59 13.07 1.27 10.77
N GLY B 60 12.47 0.09 10.63
CA GLY B 60 13.06 -1.09 9.97
C GLY B 60 12.69 -1.17 8.49
N CYS B 61 11.44 -0.83 8.16
CA CYS B 61 10.90 -0.61 6.82
C CYS B 61 11.66 0.49 6.03
N GLY B 62 12.42 1.36 6.73
CA GLY B 62 13.14 2.51 6.17
C GLY B 62 12.27 3.73 5.97
N LEU B 63 10.93 3.62 6.12
CA LEU B 63 9.91 4.67 5.95
C LEU B 63 10.18 5.95 6.75
N VAL B 64 10.83 5.80 7.90
CA VAL B 64 11.26 6.85 8.80
C VAL B 64 12.74 6.66 9.14
N VAL B 65 13.44 7.78 9.17
CA VAL B 65 14.87 7.92 9.42
C VAL B 65 15.08 8.85 10.62
N ALA B 66 15.98 8.45 11.54
CA ALA B 66 16.30 9.24 12.73
C ALA B 66 17.40 10.27 12.48
N THR B 67 17.21 11.49 13.00
CA THR B 67 18.18 12.60 12.86
C THR B 67 18.34 13.34 14.17
N TYR B 68 19.53 13.85 14.40
CA TYR B 68 19.86 14.68 15.56
C TYR B 68 19.86 16.17 15.16
N GLU B 69 18.87 16.96 15.58
CA GLU B 69 18.72 18.39 15.24
C GLU B 69 19.76 19.36 15.84
N GLY B 70 20.83 18.83 16.46
CA GLY B 70 21.90 19.58 17.13
C GLY B 70 21.96 19.31 18.64
N ARG B 71 20.89 18.77 19.22
CA ARG B 71 20.67 18.64 20.67
C ARG B 71 19.66 17.53 21.01
N GLN B 72 18.56 17.44 20.27
CA GLN B 72 17.51 16.41 20.39
C GLN B 72 17.65 15.36 19.27
N VAL B 73 16.88 14.27 19.35
CA VAL B 73 16.70 13.28 18.27
C VAL B 73 15.23 13.19 17.86
N ARG B 74 14.97 13.00 16.55
CA ARG B 74 13.63 12.95 15.96
C ARG B 74 13.51 11.74 15.03
N TYR B 75 12.30 11.54 14.51
CA TYR B 75 12.02 10.62 13.40
C TYR B 75 11.35 11.39 12.26
N ALA B 76 11.91 11.32 11.05
CA ALA B 76 11.41 12.01 9.87
C ALA B 76 11.13 11.01 8.75
N LEU B 77 10.16 11.30 7.87
CA LEU B 77 9.87 10.53 6.66
C LEU B 77 11.14 10.37 5.81
N ALA B 78 11.29 9.23 5.14
CA ALA B 78 12.52 8.88 4.41
C ALA B 78 12.87 9.83 3.27
N ASP B 79 11.87 10.33 2.54
CA ASP B 79 12.04 11.16 1.35
C ASP B 79 10.71 11.80 0.88
N SER B 80 10.92 12.84 0.08
CA SER B 80 9.99 13.55 -0.80
C SER B 80 8.95 12.63 -1.44
N HIS B 81 9.34 11.41 -1.85
CA HIS B 81 8.49 10.34 -2.36
C HIS B 81 7.31 10.05 -1.42
N LEU B 82 7.60 9.54 -0.23
CA LEU B 82 6.57 9.24 0.78
C LEU B 82 5.87 10.53 1.17
N ALA B 83 6.60 11.64 1.27
CA ALA B 83 6.05 12.91 1.76
C ALA B 83 4.95 13.46 0.83
N ARG B 84 5.13 13.39 -0.49
CA ARG B 84 4.08 13.78 -1.43
C ARG B 84 2.92 12.78 -1.44
N ALA B 85 3.17 11.49 -1.62
CA ALA B 85 2.08 10.51 -1.78
C ALA B 85 1.20 10.39 -0.51
N LEU B 86 1.83 10.47 0.66
CA LEU B 86 1.14 10.53 1.94
C LEU B 86 0.43 11.89 2.16
N GLY B 87 0.95 12.98 1.60
CA GLY B 87 0.40 14.33 1.70
C GLY B 87 -0.69 14.70 0.67
N GLU B 88 -0.65 14.15 -0.54
CA GLU B 88 -1.69 14.25 -1.57
C GLU B 88 -2.77 13.16 -1.46
N LEU B 89 -2.51 12.17 -0.59
CA LEU B 89 -3.43 11.15 -0.06
C LEU B 89 -3.55 9.90 -0.94
N VAL B 90 -2.61 8.95 -0.77
CA VAL B 90 -2.70 7.60 -1.35
C VAL B 90 -4.08 7.02 -1.14
N GLN B 91 -4.59 6.52 -2.24
CA GLN B 91 -5.84 7.06 -2.77
C GLN B 91 -7.05 6.17 -2.43
N VAL B 92 -6.81 5.21 -1.53
CA VAL B 92 -7.68 4.34 -0.75
C VAL B 92 -8.49 5.15 0.29
N VAL B 93 -8.97 6.30 -0.17
CA VAL B 93 -9.81 7.30 0.50
C VAL B 93 -9.25 7.89 1.82
N LEU B 94 -7.98 7.60 2.13
CA LEU B 94 -7.26 7.76 3.41
C LEU B 94 -7.32 6.39 4.06
N ALA B 95 -6.20 5.65 4.08
CA ALA B 95 -6.15 4.29 4.62
C ALA B 95 -6.52 4.20 6.11
N VAL B 96 -7.82 4.09 6.40
CA VAL B 96 -8.38 3.74 7.71
C VAL B 96 -7.94 2.31 8.04
N ASP B 97 -7.74 2.05 9.34
CA ASP B 97 -7.28 0.78 9.91
C ASP B 97 -8.17 -0.46 9.64
N THR B 98 -9.32 -0.29 8.96
CA THR B 98 -10.25 -1.36 8.55
C THR B 98 -9.54 -2.57 7.95
N ASP B 99 -9.30 -3.56 8.81
CA ASP B 99 -8.85 -4.89 8.45
C ASP B 99 -10.09 -5.80 8.47
N GLN B 100 -10.10 -6.75 7.56
CA GLN B 100 -11.24 -7.58 7.22
C GLN B 100 -10.69 -8.96 6.80
N PRO B 101 -11.35 -10.10 7.10
CA PRO B 101 -10.80 -11.44 6.89
C PRO B 101 -10.26 -11.73 5.48
N CYS B 102 -10.81 -11.08 4.43
CA CYS B 102 -10.38 -11.11 3.04
C CYS B 102 -10.72 -12.46 2.36
N VAL B 103 -10.03 -12.71 1.26
CA VAL B 103 -10.28 -13.80 0.30
C VAL B 103 -11.74 -13.76 -0.25
N ALA B 104 -12.37 -12.57 -0.20
CA ALA B 104 -13.78 -12.27 -0.54
C ALA B 104 -14.79 -12.42 0.61
N GLU B 105 -14.30 -12.64 1.82
CA GLU B 105 -15.08 -12.58 3.06
C GLU B 105 -15.14 -11.14 3.61
N ARG B 106 -16.27 -10.80 4.24
CA ARG B 106 -16.54 -9.52 4.88
C ARG B 106 -17.41 -9.72 6.13
CD CD C . -8.60 -10.26 -0.92
CD CD D . 9.25 -3.17 8.99
N ALA A 10 -10.95 -0.78 3.20
CA ALA A 10 -10.00 -0.32 4.20
C ALA A 10 -8.54 -0.64 3.81
N LEU A 11 -7.58 -0.06 4.53
CA LEU A 11 -6.17 -0.10 4.10
C LEU A 11 -5.56 -1.51 4.10
N ALA A 12 -5.75 -2.29 5.17
CA ALA A 12 -5.16 -3.63 5.30
C ALA A 12 -5.49 -4.53 4.11
N ARG A 13 -6.78 -4.82 3.82
CA ARG A 13 -7.14 -5.68 2.68
C ARG A 13 -6.70 -5.10 1.33
N LEU A 14 -6.73 -3.77 1.17
CA LEU A 14 -6.23 -3.07 -0.03
C LEU A 14 -4.74 -3.37 -0.24
N GLY A 15 -3.87 -2.97 0.69
CA GLY A 15 -2.42 -3.00 0.45
C GLY A 15 -1.87 -4.41 0.48
N ARG A 16 -2.43 -5.35 1.26
CA ARG A 16 -2.03 -6.77 1.21
C ARG A 16 -2.40 -7.48 -0.11
N ALA A 17 -3.17 -6.84 -0.99
CA ALA A 17 -3.42 -7.28 -2.37
C ALA A 17 -2.78 -6.35 -3.41
N LEU A 18 -2.19 -5.22 -3.00
CA LEU A 18 -1.47 -4.27 -3.85
C LEU A 18 0.04 -4.55 -3.82
N ALA A 19 0.56 -4.92 -2.64
CA ALA A 19 1.97 -5.11 -2.29
C ALA A 19 2.60 -6.45 -2.73
N ASP A 20 2.16 -6.95 -3.89
CA ASP A 20 2.37 -8.27 -4.47
C ASP A 20 3.43 -8.27 -5.61
N PRO A 21 3.91 -9.47 -6.01
CA PRO A 21 4.74 -9.71 -7.21
C PRO A 21 3.90 -9.51 -8.50
N THR A 22 3.51 -10.63 -9.14
CA THR A 22 2.66 -10.70 -10.34
C THR A 22 1.42 -9.84 -10.24
N ARG A 23 0.79 -9.75 -9.06
CA ARG A 23 -0.46 -8.99 -8.89
C ARG A 23 -0.29 -7.49 -9.07
N CYS A 24 0.86 -6.91 -8.70
CA CYS A 24 1.20 -5.53 -9.03
C CYS A 24 1.23 -5.35 -10.57
N ARG A 25 2.00 -6.22 -11.25
CA ARG A 25 2.10 -6.30 -12.71
C ARG A 25 0.73 -6.40 -13.41
N ILE A 26 -0.18 -7.25 -12.93
CA ILE A 26 -1.60 -7.31 -13.37
C ILE A 26 -2.19 -5.91 -13.44
N LEU A 27 -2.26 -5.27 -12.26
CA LEU A 27 -2.96 -4.01 -12.07
C LEU A 27 -2.40 -2.88 -12.93
N VAL A 28 -1.06 -2.77 -13.05
CA VAL A 28 -0.47 -1.72 -13.92
C VAL A 28 -0.84 -1.90 -15.39
N ALA A 29 -1.14 -3.13 -15.79
CA ALA A 29 -1.61 -3.46 -17.12
C ALA A 29 -3.14 -3.37 -17.27
N LEU A 30 -3.92 -3.57 -16.18
CA LEU A 30 -5.40 -3.61 -16.18
C LEU A 30 -6.02 -2.29 -16.61
N LEU A 31 -5.40 -1.20 -16.15
CA LEU A 31 -5.67 0.20 -16.47
C LEU A 31 -5.94 0.39 -17.98
N ASP A 32 -5.13 -0.23 -18.84
CA ASP A 32 -5.26 -0.30 -20.31
C ASP A 32 -5.60 -1.73 -20.82
N GLY A 33 -5.94 -2.62 -19.87
CA GLY A 33 -6.11 -4.08 -20.03
C GLY A 33 -7.54 -4.57 -19.82
N VAL A 34 -8.45 -3.70 -19.42
CA VAL A 34 -9.93 -3.88 -19.40
C VAL A 34 -10.59 -4.60 -20.62
N CYS A 35 -10.33 -5.91 -20.80
CA CYS A 35 -10.84 -6.71 -21.93
C CYS A 35 -11.43 -8.08 -21.51
N TYR A 36 -10.67 -8.99 -20.90
CA TYR A 36 -11.17 -10.33 -20.54
C TYR A 36 -10.34 -11.08 -19.48
N PRO A 37 -10.88 -12.14 -18.83
CA PRO A 37 -10.10 -13.05 -18.02
C PRO A 37 -9.00 -13.65 -18.88
N GLY A 38 -7.76 -13.63 -18.38
CA GLY A 38 -6.63 -14.11 -19.15
C GLY A 38 -6.17 -13.18 -20.28
N GLN A 39 -6.79 -12.00 -20.49
CA GLN A 39 -6.24 -11.00 -21.44
C GLN A 39 -4.82 -10.59 -21.03
N LEU A 40 -4.60 -10.52 -19.72
CA LEU A 40 -3.35 -10.14 -19.08
C LEU A 40 -2.20 -11.08 -19.48
N ALA A 41 -2.52 -12.29 -19.94
CA ALA A 41 -1.50 -13.26 -20.34
C ALA A 41 -0.65 -12.73 -21.52
N ALA A 42 -1.25 -11.96 -22.43
CA ALA A 42 -0.55 -11.25 -23.49
C ALA A 42 0.24 -10.06 -22.92
N HIS A 43 -0.37 -9.26 -22.04
CA HIS A 43 0.34 -8.12 -21.40
C HIS A 43 1.59 -8.52 -20.59
N LEU A 44 1.54 -9.66 -19.89
CA LEU A 44 2.59 -10.12 -18.97
C LEU A 44 3.55 -11.16 -19.57
N GLY A 45 3.19 -11.79 -20.70
CA GLY A 45 3.92 -12.94 -21.27
C GLY A 45 3.75 -14.24 -20.46
N LEU A 46 2.86 -14.26 -19.46
CA LEU A 46 2.68 -15.38 -18.52
C LEU A 46 1.35 -16.09 -18.76
N THR A 47 1.28 -17.41 -18.51
CA THR A 47 0.09 -18.22 -18.84
C THR A 47 -1.15 -17.71 -18.12
N ARG A 48 -2.26 -17.66 -18.86
CA ARG A 48 -3.56 -17.14 -18.40
C ARG A 48 -4.07 -17.85 -17.15
N SER A 49 -3.81 -19.15 -17.02
CA SER A 49 -4.14 -19.93 -15.83
C SER A 49 -3.41 -19.39 -14.58
N ASN A 50 -2.12 -19.06 -14.70
CA ASN A 50 -1.33 -18.54 -13.57
C ASN A 50 -1.57 -17.04 -13.31
N VAL A 51 -1.70 -16.20 -14.34
CA VAL A 51 -2.06 -14.79 -14.12
C VAL A 51 -3.43 -14.68 -13.42
N SER A 52 -4.41 -15.54 -13.77
CA SER A 52 -5.72 -15.53 -13.12
C SER A 52 -5.72 -16.02 -11.67
N ASN A 53 -4.72 -16.80 -11.25
CA ASN A 53 -4.57 -17.25 -9.86
C ASN A 53 -4.50 -16.03 -8.90
N HIS A 54 -3.71 -15.04 -9.31
CA HIS A 54 -3.61 -13.71 -8.69
C HIS A 54 -4.86 -12.80 -8.90
N LEU A 55 -5.79 -13.14 -9.82
CA LEU A 55 -7.08 -12.43 -9.95
C LEU A 55 -8.11 -12.91 -8.94
N SER A 56 -8.03 -14.14 -8.46
CA SER A 56 -8.99 -14.70 -7.49
C SER A 56 -9.25 -13.73 -6.32
N CYS A 57 -8.18 -13.23 -5.70
CA CYS A 57 -8.26 -12.27 -4.60
C CYS A 57 -8.32 -10.81 -5.09
N LEU A 58 -7.85 -10.46 -6.29
CA LEU A 58 -8.05 -9.11 -6.87
C LEU A 58 -9.55 -8.77 -6.98
N ARG A 59 -10.34 -9.77 -7.37
CA ARG A 59 -11.80 -9.73 -7.48
C ARG A 59 -12.48 -9.84 -6.11
N GLY A 60 -11.83 -10.45 -5.12
CA GLY A 60 -12.31 -10.59 -3.74
C GLY A 60 -12.09 -9.35 -2.88
N CYS A 61 -10.86 -8.84 -2.82
CA CYS A 61 -10.49 -7.57 -2.20
C CYS A 61 -11.11 -6.33 -2.90
N GLY A 62 -11.87 -6.54 -3.99
CA GLY A 62 -12.71 -5.53 -4.65
C GLY A 62 -11.93 -4.56 -5.53
N LEU A 63 -10.63 -4.79 -5.74
CA LEU A 63 -9.75 -3.92 -6.53
C LEU A 63 -10.14 -3.91 -8.00
N VAL A 64 -10.55 -5.08 -8.49
CA VAL A 64 -11.16 -5.29 -9.80
C VAL A 64 -12.61 -5.73 -9.65
N VAL A 65 -13.47 -5.12 -10.48
CA VAL A 65 -14.90 -5.42 -10.59
C VAL A 65 -15.19 -5.95 -12.00
N ALA A 66 -16.09 -6.93 -12.12
CA ALA A 66 -16.54 -7.47 -13.41
C ALA A 66 -17.47 -6.50 -14.17
N THR A 67 -17.33 -6.46 -15.49
CA THR A 67 -18.25 -5.77 -16.42
C THR A 67 -18.50 -6.73 -17.57
N TYR A 68 -19.71 -6.75 -18.12
CA TYR A 68 -19.96 -7.45 -19.37
C TYR A 68 -19.58 -6.55 -20.56
N GLU A 69 -18.43 -6.80 -21.21
CA GLU A 69 -18.09 -6.16 -22.49
C GLU A 69 -18.96 -6.68 -23.67
N GLY A 70 -18.56 -6.51 -24.94
CA GLY A 70 -19.41 -6.76 -26.11
C GLY A 70 -19.93 -8.21 -26.26
N ARG A 71 -19.20 -9.22 -25.77
CA ARG A 71 -19.66 -10.62 -25.76
C ARG A 71 -18.97 -11.53 -24.71
N GLN A 72 -18.28 -10.97 -23.74
CA GLN A 72 -17.54 -11.67 -22.71
C GLN A 72 -17.63 -10.91 -21.37
N VAL A 73 -17.10 -11.50 -20.30
CA VAL A 73 -16.87 -10.80 -19.03
C VAL A 73 -15.48 -10.16 -19.10
N ARG A 74 -15.35 -8.94 -18.60
CA ARG A 74 -14.10 -8.22 -18.45
C ARG A 74 -13.91 -7.85 -16.99
N TYR A 75 -12.71 -7.46 -16.60
CA TYR A 75 -12.43 -6.87 -15.30
C TYR A 75 -12.00 -5.41 -15.46
N ALA A 76 -12.23 -4.59 -14.44
CA ALA A 76 -11.94 -3.16 -14.41
C ALA A 76 -11.50 -2.75 -13.01
N LEU A 77 -10.54 -1.81 -12.89
CA LEU A 77 -10.24 -1.19 -11.60
C LEU A 77 -11.57 -0.63 -11.04
N ALA A 78 -11.80 -0.70 -9.74
CA ALA A 78 -13.06 -0.27 -9.14
C ALA A 78 -13.43 1.18 -9.51
N ASP A 79 -12.57 2.12 -9.12
CA ASP A 79 -12.78 3.55 -9.30
C ASP A 79 -11.46 4.31 -9.54
N SER A 80 -11.64 5.54 -10.01
CA SER A 80 -10.70 6.66 -10.12
C SER A 80 -9.63 6.67 -9.01
N HIS A 81 -10.03 6.27 -7.79
CA HIS A 81 -9.19 6.05 -6.62
C HIS A 81 -7.96 5.18 -6.91
N LEU A 82 -8.11 3.90 -7.26
CA LEU A 82 -6.94 3.05 -7.53
C LEU A 82 -6.28 3.47 -8.85
N ALA A 83 -7.05 3.97 -9.82
CA ALA A 83 -6.53 4.37 -11.13
C ALA A 83 -5.53 5.54 -11.01
N ARG A 84 -5.83 6.53 -10.14
CA ARG A 84 -4.90 7.59 -9.76
C ARG A 84 -3.74 7.05 -8.92
N ALA A 85 -3.99 6.36 -7.79
CA ALA A 85 -2.89 5.97 -6.88
C ALA A 85 -1.87 5.02 -7.52
N LEU A 86 -2.35 4.18 -8.44
CA LEU A 86 -1.51 3.38 -9.31
C LEU A 86 -0.86 4.29 -10.36
N GLY A 87 -1.65 5.07 -11.11
CA GLY A 87 -1.23 5.80 -12.30
C GLY A 87 -0.25 6.96 -12.05
N GLU A 88 -0.25 7.54 -10.85
CA GLU A 88 0.76 8.49 -10.32
C GLU A 88 2.08 7.79 -9.95
N LEU A 89 2.01 6.49 -9.64
CA LEU A 89 3.06 5.57 -9.22
C LEU A 89 3.43 5.81 -7.75
N VAL A 90 3.04 4.86 -6.91
CA VAL A 90 3.17 4.82 -5.43
C VAL A 90 4.57 5.04 -4.83
N GLN A 91 5.60 5.30 -5.65
CA GLN A 91 6.86 5.87 -5.20
C GLN A 91 7.74 4.87 -4.45
N VAL A 92 7.27 3.66 -4.18
CA VAL A 92 8.02 2.48 -3.68
C VAL A 92 9.08 1.96 -4.67
N VAL A 93 9.81 2.90 -5.26
CA VAL A 93 10.95 2.73 -6.17
C VAL A 93 10.63 1.92 -7.45
N LEU A 94 9.35 1.65 -7.71
CA LEU A 94 8.81 0.67 -8.68
C LEU A 94 8.95 -0.73 -8.04
N ALA A 95 7.83 -1.30 -7.63
CA ALA A 95 7.74 -2.67 -7.15
C ALA A 95 8.37 -3.69 -8.13
N VAL A 96 9.03 -4.70 -7.58
CA VAL A 96 9.79 -5.76 -8.25
C VAL A 96 9.74 -7.03 -7.40
N ASP A 97 10.10 -8.17 -7.99
CA ASP A 97 10.00 -9.54 -7.45
C ASP A 97 11.07 -9.89 -6.38
N THR A 98 11.57 -8.87 -5.65
CA THR A 98 12.39 -8.99 -4.44
C THR A 98 11.63 -8.42 -3.24
N ASP A 99 10.36 -8.79 -3.15
CA ASP A 99 9.38 -8.49 -2.10
C ASP A 99 9.67 -9.18 -0.75
N GLN A 100 10.96 -9.23 -0.40
CA GLN A 100 11.48 -9.67 0.87
C GLN A 100 10.84 -8.87 2.04
N PRO A 101 10.43 -9.57 3.13
CA PRO A 101 9.53 -9.08 4.19
C PRO A 101 10.17 -8.10 5.19
N CYS A 102 9.57 -8.03 6.40
CA CYS A 102 9.91 -7.17 7.51
C CYS A 102 11.26 -7.52 8.21
N VAL A 103 11.39 -7.02 9.43
CA VAL A 103 12.59 -6.99 10.28
C VAL A 103 12.17 -6.94 11.76
N ALA A 104 11.77 -5.77 12.28
CA ALA A 104 11.41 -5.53 13.68
C ALA A 104 9.95 -5.86 14.01
N GLU A 105 9.45 -6.95 13.44
CA GLU A 105 8.11 -7.50 13.60
C GLU A 105 8.01 -8.87 12.91
N ARG A 106 6.81 -9.49 12.89
CA ARG A 106 6.49 -10.72 12.14
C ARG A 106 5.01 -11.14 12.24
N ALA B 10 11.03 -2.66 -1.19
CA ALA B 10 10.09 -3.41 -2.02
C ALA B 10 8.64 -3.26 -1.52
N LEU B 11 7.67 -3.66 -2.35
CA LEU B 11 6.26 -3.35 -2.07
C LEU B 11 5.73 -4.05 -0.82
N ALA B 12 5.99 -5.35 -0.65
CA ALA B 12 5.48 -6.13 0.49
C ALA B 12 5.83 -5.50 1.84
N ARG B 13 7.12 -5.34 2.19
CA ARG B 13 7.52 -4.73 3.48
C ARG B 13 7.02 -3.28 3.63
N LEU B 14 6.94 -2.51 2.53
CA LEU B 14 6.37 -1.16 2.52
C LEU B 14 4.90 -1.20 2.91
N GLY B 15 4.03 -1.82 2.10
CA GLY B 15 2.59 -1.69 2.29
C GLY B 15 2.11 -2.46 3.51
N ARG B 16 2.75 -3.55 3.96
CA ARG B 16 2.37 -4.23 5.20
C ARG B 16 2.65 -3.40 6.48
N ALA B 17 3.42 -2.32 6.38
CA ALA B 17 3.62 -1.32 7.44
C ALA B 17 2.91 0.03 7.13
N LEU B 18 2.38 0.20 5.91
CA LEU B 18 1.62 1.38 5.49
C LEU B 18 0.11 1.15 5.72
N ALA B 19 -0.37 -0.08 5.48
CA ALA B 19 -1.75 -0.54 5.54
C ALA B 19 -2.28 -0.87 6.96
N ASP B 20 -1.87 -0.07 7.94
CA ASP B 20 -2.02 -0.24 9.38
C ASP B 20 -3.12 0.70 9.97
N PRO B 21 -3.58 0.45 11.21
CA PRO B 21 -4.43 1.33 12.01
C PRO B 21 -3.66 2.60 12.46
N THR B 22 -3.29 2.68 13.75
CA THR B 22 -2.48 3.73 14.37
C THR B 22 -1.25 4.10 13.57
N ARG B 23 -0.58 3.15 12.90
CA ARG B 23 0.64 3.42 12.13
C ARG B 23 0.40 4.30 10.90
N CYS B 24 -0.76 4.19 10.23
CA CYS B 24 -1.16 5.14 9.19
C CYS B 24 -1.30 6.55 9.78
N ARG B 25 -2.03 6.65 10.90
CA ARG B 25 -2.20 7.89 11.68
C ARG B 25 -0.86 8.54 12.07
N ILE B 26 0.11 7.77 12.58
CA ILE B 26 1.52 8.22 12.79
C ILE B 26 2.02 8.98 11.57
N LEU B 27 2.09 8.26 10.45
CA LEU B 27 2.74 8.73 9.23
C LEU B 27 2.09 9.99 8.64
N VAL B 28 0.75 10.09 8.65
CA VAL B 28 0.09 11.31 8.16
C VAL B 28 0.43 12.54 9.01
N ALA B 29 0.77 12.33 10.27
CA ALA B 29 1.22 13.38 11.17
C ALA B 29 2.75 13.60 11.12
N LEU B 30 3.55 12.56 10.80
CA LEU B 30 5.02 12.60 10.81
C LEU B 30 5.60 13.64 9.85
N LEU B 31 4.97 13.75 8.67
CA LEU B 31 5.25 14.69 7.57
C LEU B 31 5.49 16.12 8.08
N ASP B 32 4.64 16.59 9.00
CA ASP B 32 4.68 17.88 9.71
C ASP B 32 5.07 17.70 11.20
N GLY B 33 5.48 16.49 11.56
CA GLY B 33 5.69 16.03 12.93
C GLY B 33 7.14 15.92 13.36
N VAL B 34 8.04 15.57 12.44
CA VAL B 34 9.55 15.57 12.52
C VAL B 34 10.31 16.26 13.69
N CYS B 35 9.96 15.95 14.94
CA CYS B 35 10.55 16.57 16.14
C CYS B 35 11.23 15.55 17.06
N TYR B 36 10.51 14.55 17.58
CA TYR B 36 11.09 13.61 18.55
C TYR B 36 10.32 12.30 18.76
N PRO B 37 10.91 11.26 19.39
CA PRO B 37 10.18 10.09 19.86
C PRO B 37 9.10 10.57 20.82
N GLY B 38 7.86 10.15 20.59
CA GLY B 38 6.73 10.60 21.37
C GLY B 38 6.23 12.00 21.05
N GLN B 39 6.80 12.73 20.06
CA GLN B 39 6.18 14.00 19.60
C GLN B 39 4.76 13.73 19.09
N LEU B 40 4.59 12.60 18.40
CA LEU B 40 3.33 12.13 17.83
C LEU B 40 2.24 11.95 18.87
N ALA B 41 2.60 11.81 20.14
CA ALA B 41 1.63 11.62 21.23
C ALA B 41 0.71 12.85 21.38
N ALA B 42 1.25 14.05 21.14
CA ALA B 42 0.45 15.27 21.05
C ALA B 42 -0.39 15.28 19.76
N HIS B 43 0.19 14.95 18.61
CA HIS B 43 -0.54 14.90 17.34
C HIS B 43 -1.75 13.93 17.34
N LEU B 44 -1.61 12.76 17.98
CA LEU B 44 -2.61 11.69 17.97
C LEU B 44 -3.54 11.69 19.19
N GLY B 45 -3.18 12.39 20.28
CA GLY B 45 -3.88 12.32 21.58
C GLY B 45 -3.60 11.01 22.35
N LEU B 46 -2.70 10.15 21.84
CA LEU B 46 -2.42 8.81 22.38
C LEU B 46 -1.06 8.76 23.06
N THR B 47 -0.93 7.96 24.13
CA THR B 47 0.29 7.93 24.96
C THR B 47 1.54 7.57 24.15
N ARG B 48 2.64 8.27 24.45
CA ARG B 48 3.92 8.14 23.75
C ARG B 48 4.48 6.72 23.77
N SER B 49 4.23 5.96 24.84
CA SER B 49 4.60 4.53 24.91
C SER B 49 3.86 3.71 23.84
N ASN B 50 2.55 3.92 23.66
CA ASN B 50 1.77 3.16 22.69
C ASN B 50 1.98 3.63 21.24
N VAL B 51 2.08 4.96 20.99
CA VAL B 51 2.43 5.44 19.65
C VAL B 51 3.82 4.91 19.22
N SER B 52 4.79 4.84 20.13
CA SER B 52 6.12 4.29 19.83
C SER B 52 6.15 2.78 19.55
N ASN B 53 5.18 2.01 20.07
CA ASN B 53 5.04 0.58 19.77
C ASN B 53 4.92 0.33 18.24
N HIS B 54 4.11 1.17 17.60
CA HIS B 54 3.98 1.27 16.15
C HIS B 54 5.18 1.97 15.43
N LEU B 55 6.04 2.73 16.14
CA LEU B 55 7.31 3.24 15.57
C LEU B 55 8.37 2.17 15.49
N SER B 56 8.36 1.17 16.39
CA SER B 56 9.35 0.09 16.40
C SER B 56 9.59 -0.49 14.99
N CYS B 57 8.52 -0.95 14.34
CA CYS B 57 8.61 -1.48 12.98
C CYS B 57 8.69 -0.38 11.90
N LEU B 58 8.12 0.82 12.11
CA LEU B 58 8.24 1.94 11.15
C LEU B 58 9.71 2.22 10.79
N ARG B 59 10.58 2.15 11.80
CA ARG B 59 12.02 2.39 11.69
C ARG B 59 12.78 1.14 11.19
N GLY B 60 12.21 -0.07 11.33
CA GLY B 60 12.76 -1.33 10.80
C GLY B 60 12.43 -1.54 9.32
N CYS B 61 11.20 -1.20 8.91
CA CYS B 61 10.74 -1.10 7.53
C CYS B 61 11.35 0.13 6.80
N GLY B 62 11.98 1.06 7.54
CA GLY B 62 12.79 2.16 7.02
C GLY B 62 11.99 3.34 6.46
N LEU B 63 10.68 3.37 6.73
CA LEU B 63 9.75 4.41 6.27
C LEU B 63 10.05 5.76 6.92
N VAL B 64 10.49 5.66 8.18
CA VAL B 64 11.05 6.71 9.02
C VAL B 64 12.53 6.46 9.27
N VAL B 65 13.28 7.56 9.36
CA VAL B 65 14.72 7.57 9.64
C VAL B 65 15.03 8.53 10.78
N ALA B 66 16.00 8.16 11.61
CA ALA B 66 16.57 9.01 12.64
C ALA B 66 17.39 10.18 12.06
N THR B 67 17.22 11.37 12.61
CA THR B 67 18.07 12.56 12.38
C THR B 67 18.34 13.16 13.73
N TYR B 68 19.52 13.71 13.98
CA TYR B 68 19.77 14.51 15.17
C TYR B 68 19.26 15.95 14.97
N GLU B 69 18.12 16.31 15.55
CA GLU B 69 17.66 17.72 15.62
C GLU B 69 18.52 18.54 16.62
N GLY B 70 18.04 19.69 17.13
CA GLY B 70 18.87 20.64 17.91
C GLY B 70 19.48 20.09 19.20
N ARG B 71 18.85 19.10 19.85
CA ARG B 71 19.40 18.41 21.03
C ARG B 71 18.84 17.00 21.30
N GLN B 72 18.10 16.40 20.37
CA GLN B 72 17.45 15.10 20.50
C GLN B 72 17.51 14.33 19.18
N VAL B 73 17.00 13.09 19.17
CA VAL B 73 16.76 12.33 17.94
C VAL B 73 15.34 12.62 17.47
N ARG B 74 15.17 12.88 16.17
CA ARG B 74 13.89 13.09 15.49
C ARG B 74 13.65 11.97 14.48
N TYR B 75 12.41 11.78 14.03
CA TYR B 75 12.07 10.81 12.98
C TYR B 75 11.49 11.53 11.76
N ALA B 76 12.17 11.41 10.62
CA ALA B 76 11.76 11.96 9.32
C ALA B 76 11.25 10.86 8.40
N LEU B 77 10.30 11.16 7.49
CA LEU B 77 9.98 10.26 6.38
C LEU B 77 11.28 10.05 5.57
N ALA B 78 11.43 8.91 4.89
CA ALA B 78 12.67 8.56 4.18
C ALA B 78 13.02 9.58 3.08
N ASP B 79 12.19 9.62 2.05
CA ASP B 79 12.34 10.48 0.88
C ASP B 79 10.98 11.01 0.41
N SER B 80 11.07 12.05 -0.42
CA SER B 80 10.08 12.67 -1.30
C SER B 80 9.06 11.67 -1.85
N HIS B 81 9.51 10.45 -2.14
CA HIS B 81 8.74 9.27 -2.49
C HIS B 81 7.56 9.01 -1.54
N LEU B 82 7.79 8.61 -0.28
CA LEU B 82 6.66 8.37 0.65
C LEU B 82 5.92 9.68 0.93
N ALA B 83 6.62 10.83 0.94
CA ALA B 83 6.01 12.12 1.25
C ALA B 83 4.93 12.48 0.21
N ARG B 84 5.18 12.24 -1.07
CA ARG B 84 4.19 12.35 -2.16
C ARG B 84 3.11 11.28 -2.06
N ALA B 85 3.44 9.99 -1.98
CA ALA B 85 2.41 8.93 -2.02
C ALA B 85 1.41 9.00 -0.85
N LEU B 86 1.92 9.42 0.31
CA LEU B 86 1.10 9.78 1.46
C LEU B 86 0.33 11.07 1.17
N GLY B 87 1.05 12.14 0.80
CA GLY B 87 0.55 13.51 0.72
C GLY B 87 -0.47 13.79 -0.39
N GLU B 88 -0.45 13.00 -1.48
CA GLU B 88 -1.49 12.93 -2.53
C GLU B 88 -2.77 12.25 -2.00
N LEU B 89 -2.59 11.34 -1.03
CA LEU B 89 -3.54 10.42 -0.41
C LEU B 89 -3.72 9.18 -1.30
N VAL B 90 -3.42 8.01 -0.75
CA VAL B 90 -3.54 6.69 -1.44
C VAL B 90 -4.96 6.32 -1.88
N GLN B 91 -5.93 7.22 -1.70
CA GLN B 91 -7.25 7.16 -2.30
C GLN B 91 -8.18 6.07 -1.77
N VAL B 92 -7.69 5.13 -0.95
CA VAL B 92 -8.41 4.09 -0.17
C VAL B 92 -9.43 4.62 0.85
N VAL B 93 -10.22 5.58 0.40
CA VAL B 93 -11.38 6.21 1.05
C VAL B 93 -11.04 6.95 2.34
N LEU B 94 -9.73 7.07 2.65
CA LEU B 94 -9.15 7.45 3.94
C LEU B 94 -9.18 6.20 4.82
N ALA B 95 -8.00 5.63 5.08
CA ALA B 95 -7.82 4.54 6.05
C ALA B 95 -8.44 4.86 7.42
N VAL B 96 -9.02 3.84 8.06
CA VAL B 96 -9.75 3.89 9.33
C VAL B 96 -9.63 2.53 10.03
N ASP B 97 -9.92 2.48 11.33
CA ASP B 97 -9.76 1.35 12.26
C ASP B 97 -10.80 0.21 12.08
N THR B 98 -11.37 0.08 10.87
CA THR B 98 -12.18 -1.05 10.39
C THR B 98 -11.46 -1.77 9.26
N ASP B 99 -10.15 -1.92 9.43
CA ASP B 99 -9.17 -2.59 8.57
C ASP B 99 -9.33 -4.12 8.58
N GLN B 100 -10.58 -4.55 8.44
CA GLN B 100 -11.03 -5.92 8.32
C GLN B 100 -10.34 -6.61 7.09
N PRO B 101 -9.91 -7.88 7.24
CA PRO B 101 -8.97 -8.61 6.38
C PRO B 101 -9.48 -9.04 4.99
N CYS B 102 -8.75 -10.00 4.39
CA CYS B 102 -9.03 -10.56 3.08
C CYS B 102 -10.37 -11.33 2.99
N VAL B 103 -10.44 -12.22 1.99
CA VAL B 103 -11.71 -12.82 1.55
C VAL B 103 -11.60 -14.01 0.58
N ALA B 104 -10.57 -14.10 -0.26
CA ALA B 104 -10.44 -15.15 -1.29
C ALA B 104 -9.00 -15.66 -1.38
N GLU B 105 -8.45 -15.83 -0.18
CA GLU B 105 -7.07 -16.10 0.19
C GLU B 105 -6.99 -16.18 1.72
N ARG B 106 -5.78 -16.17 2.30
CA ARG B 106 -5.47 -16.02 3.75
C ARG B 106 -3.99 -16.27 4.08
CD CD C . -8.69 -10.77 -0.92
CD CD D . 9.23 -3.75 9.81
N ALA A 10 -9.82 2.22 3.84
CA ALA A 10 -8.75 2.15 4.88
C ALA A 10 -7.46 1.48 4.36
N LEU A 11 -6.28 2.01 4.73
CA LEU A 11 -5.03 1.58 4.11
C LEU A 11 -4.63 0.15 4.45
N ALA A 12 -4.88 -0.36 5.67
CA ALA A 12 -4.58 -1.76 5.98
C ALA A 12 -5.44 -2.72 5.14
N ARG A 13 -6.75 -2.58 5.27
CA ARG A 13 -7.76 -3.40 4.58
C ARG A 13 -7.58 -3.39 3.05
N LEU A 14 -7.25 -2.24 2.48
CA LEU A 14 -7.00 -2.05 1.04
C LEU A 14 -5.63 -2.60 0.63
N GLY A 15 -4.54 -2.19 1.30
CA GLY A 15 -3.18 -2.58 0.94
C GLY A 15 -2.89 -4.06 1.18
N ARG A 16 -3.69 -4.76 1.99
CA ARG A 16 -3.67 -6.24 2.10
C ARG A 16 -3.90 -6.96 0.76
N ALA A 17 -4.48 -6.28 -0.23
CA ALA A 17 -4.57 -6.75 -1.62
C ALA A 17 -3.66 -5.98 -2.61
N LEU A 18 -3.00 -4.88 -2.19
CA LEU A 18 -2.19 -4.03 -3.07
C LEU A 18 -0.69 -4.33 -2.93
N ALA A 19 -0.28 -4.71 -1.72
CA ALA A 19 1.09 -5.03 -1.30
C ALA A 19 1.42 -6.50 -1.58
N ASP A 20 1.45 -6.86 -2.86
CA ASP A 20 1.63 -8.22 -3.37
C ASP A 20 2.61 -8.22 -4.59
N PRO A 21 3.08 -9.41 -5.02
CA PRO A 21 3.82 -9.62 -6.27
C PRO A 21 2.91 -9.36 -7.51
N THR A 22 2.45 -10.44 -8.15
CA THR A 22 1.43 -10.52 -9.19
C THR A 22 0.28 -9.54 -8.97
N ARG A 23 -0.26 -9.44 -7.76
CA ARG A 23 -1.48 -8.67 -7.50
C ARG A 23 -1.28 -7.18 -7.80
N CYS A 24 -0.13 -6.60 -7.40
CA CYS A 24 0.27 -5.26 -7.84
C CYS A 24 0.37 -5.21 -9.38
N ARG A 25 1.13 -6.12 -9.99
CA ARG A 25 1.28 -6.22 -11.45
C ARG A 25 -0.05 -6.31 -12.23
N ILE A 26 -1.07 -7.01 -11.70
CA ILE A 26 -2.45 -7.00 -12.26
C ILE A 26 -2.88 -5.56 -12.49
N LEU A 27 -2.87 -4.77 -11.43
CA LEU A 27 -3.43 -3.44 -11.42
C LEU A 27 -2.64 -2.50 -12.33
N VAL A 28 -1.31 -2.64 -12.38
CA VAL A 28 -0.44 -1.83 -13.28
C VAL A 28 -0.65 -2.18 -14.75
N ALA A 29 -0.97 -3.45 -15.06
CA ALA A 29 -1.26 -3.92 -16.41
C ALA A 29 -2.70 -3.63 -16.86
N LEU A 30 -3.66 -3.60 -15.93
CA LEU A 30 -5.05 -3.30 -16.23
C LEU A 30 -5.28 -1.87 -16.73
N LEU A 31 -4.52 -0.93 -16.18
CA LEU A 31 -4.41 0.46 -16.67
C LEU A 31 -4.26 0.60 -18.20
N ASP A 32 -3.78 -0.44 -18.89
CA ASP A 32 -3.59 -0.50 -20.36
C ASP A 32 -4.36 -1.67 -21.05
N GLY A 33 -4.49 -2.83 -20.38
CA GLY A 33 -4.99 -4.11 -20.91
C GLY A 33 -6.50 -4.16 -21.00
N VAL A 34 -7.16 -4.35 -19.85
CA VAL A 34 -8.64 -4.41 -19.71
C VAL A 34 -9.36 -5.28 -20.77
N CYS A 35 -8.69 -6.33 -21.24
CA CYS A 35 -9.22 -7.24 -22.27
C CYS A 35 -10.04 -8.40 -21.67
N TYR A 36 -9.37 -9.43 -21.16
CA TYR A 36 -10.03 -10.69 -20.79
C TYR A 36 -9.50 -11.33 -19.48
N PRO A 37 -10.28 -12.15 -18.74
CA PRO A 37 -9.82 -12.94 -17.58
C PRO A 37 -8.80 -14.06 -17.92
N GLY A 38 -8.19 -14.02 -19.11
CA GLY A 38 -7.04 -14.84 -19.51
C GLY A 38 -5.83 -14.01 -20.00
N GLN A 39 -5.98 -12.69 -20.23
CA GLN A 39 -4.94 -11.82 -20.80
C GLN A 39 -3.81 -11.59 -19.81
N LEU A 40 -4.16 -11.40 -18.53
CA LEU A 40 -3.21 -11.29 -17.43
C LEU A 40 -2.28 -12.51 -17.33
N ALA A 41 -2.62 -13.65 -17.90
CA ALA A 41 -1.74 -14.82 -17.79
C ALA A 41 -0.40 -14.61 -18.49
N ALA A 42 -0.39 -13.82 -19.57
CA ALA A 42 0.82 -13.39 -20.26
C ALA A 42 1.51 -12.23 -19.52
N HIS A 43 0.79 -11.16 -19.17
CA HIS A 43 1.35 -10.02 -18.42
C HIS A 43 2.04 -10.41 -17.10
N LEU A 44 1.58 -11.49 -16.45
CA LEU A 44 2.07 -11.99 -15.16
C LEU A 44 2.98 -13.21 -15.31
N GLY A 45 3.11 -13.78 -16.52
CA GLY A 45 3.82 -15.03 -16.79
C GLY A 45 3.17 -16.28 -16.17
N LEU A 46 2.05 -16.12 -15.46
CA LEU A 46 1.44 -17.15 -14.63
C LEU A 46 0.13 -17.66 -15.22
N THR A 47 -0.13 -18.96 -15.06
CA THR A 47 -1.37 -19.58 -15.53
C THR A 47 -2.59 -18.93 -14.86
N ARG A 48 -3.72 -18.92 -15.59
CA ARG A 48 -4.91 -18.17 -15.19
C ARG A 48 -5.54 -18.66 -13.88
N SER A 49 -5.21 -19.86 -13.39
CA SER A 49 -5.59 -20.30 -12.03
C SER A 49 -4.79 -19.57 -10.94
N ASN A 50 -3.46 -19.46 -11.06
CA ASN A 50 -2.63 -18.64 -10.16
C ASN A 50 -3.04 -17.16 -10.23
N VAL A 51 -3.29 -16.63 -11.44
CA VAL A 51 -3.75 -15.25 -11.57
C VAL A 51 -5.12 -15.05 -10.90
N SER A 52 -6.05 -16.00 -11.05
CA SER A 52 -7.39 -15.94 -10.43
C SER A 52 -7.35 -15.91 -8.90
N ASN A 53 -6.42 -16.65 -8.28
CA ASN A 53 -6.19 -16.58 -6.83
C ASN A 53 -5.87 -15.14 -6.37
N HIS A 54 -5.05 -14.42 -7.14
CA HIS A 54 -4.77 -13.01 -6.87
C HIS A 54 -5.97 -12.08 -7.22
N LEU A 55 -6.76 -12.36 -8.29
CA LEU A 55 -7.95 -11.55 -8.62
C LEU A 55 -9.11 -11.70 -7.64
N SER A 56 -9.36 -12.89 -7.08
CA SER A 56 -10.50 -13.09 -6.17
C SER A 56 -10.51 -12.12 -5.00
N CYS A 57 -9.34 -11.81 -4.41
CA CYS A 57 -9.25 -10.83 -3.35
C CYS A 57 -9.53 -9.39 -3.87
N LEU A 58 -8.97 -9.06 -5.04
CA LEU A 58 -9.00 -7.76 -5.71
C LEU A 58 -10.43 -7.32 -6.09
N ARG A 59 -11.25 -8.29 -6.50
CA ARG A 59 -12.67 -8.14 -6.83
C ARG A 59 -13.58 -8.17 -5.58
N GLY A 60 -13.01 -8.27 -4.36
CA GLY A 60 -13.69 -8.19 -3.07
C GLY A 60 -13.30 -6.94 -2.27
N CYS A 61 -11.99 -6.64 -2.23
CA CYS A 61 -11.37 -5.43 -1.70
C CYS A 61 -11.71 -4.14 -2.51
N GLY A 62 -12.56 -4.28 -3.53
CA GLY A 62 -13.03 -3.21 -4.41
C GLY A 62 -11.91 -2.48 -5.13
N LEU A 63 -10.85 -3.19 -5.53
CA LEU A 63 -9.75 -2.67 -6.35
C LEU A 63 -10.05 -2.78 -7.86
N VAL A 64 -10.86 -3.77 -8.25
CA VAL A 64 -11.19 -4.09 -9.65
C VAL A 64 -12.64 -4.49 -9.81
N VAL A 65 -13.21 -4.08 -10.96
CA VAL A 65 -14.63 -4.21 -11.32
C VAL A 65 -14.75 -4.80 -12.74
N ALA A 66 -15.75 -5.66 -12.93
CA ALA A 66 -16.13 -6.31 -14.19
C ALA A 66 -16.74 -5.34 -15.23
N THR A 67 -16.68 -5.73 -16.51
CA THR A 67 -17.40 -5.10 -17.62
C THR A 67 -17.54 -6.15 -18.72
N TYR A 68 -18.24 -5.84 -19.79
CA TYR A 68 -18.28 -6.66 -21.00
C TYR A 68 -17.57 -5.93 -22.16
N GLU A 69 -16.50 -6.51 -22.72
CA GLU A 69 -15.90 -6.06 -23.98
C GLU A 69 -16.75 -6.55 -25.20
N GLY A 70 -16.21 -6.66 -26.42
CA GLY A 70 -16.99 -6.95 -27.63
C GLY A 70 -17.70 -8.31 -27.66
N ARG A 71 -17.22 -9.32 -26.93
CA ARG A 71 -17.91 -10.62 -26.74
C ARG A 71 -17.50 -11.41 -25.48
N GLN A 72 -16.62 -10.86 -24.64
CA GLN A 72 -16.12 -11.48 -23.41
C GLN A 72 -16.35 -10.53 -22.23
N VAL A 73 -16.25 -11.05 -21.01
CA VAL A 73 -16.15 -10.19 -19.83
C VAL A 73 -14.71 -9.69 -19.71
N ARG A 74 -14.52 -8.50 -19.13
CA ARG A 74 -13.23 -7.87 -18.87
C ARG A 74 -13.11 -7.50 -17.39
N TYR A 75 -11.98 -6.93 -17.00
CA TYR A 75 -11.73 -6.40 -15.66
C TYR A 75 -10.90 -5.11 -15.72
N ALA A 76 -11.34 -4.08 -15.00
CA ALA A 76 -10.72 -2.75 -14.90
C ALA A 76 -10.56 -2.35 -13.42
N LEU A 77 -9.71 -1.37 -13.10
CA LEU A 77 -9.65 -0.77 -11.75
C LEU A 77 -11.03 -0.18 -11.38
N ALA A 78 -11.36 -0.17 -10.08
CA ALA A 78 -12.69 0.21 -9.61
C ALA A 78 -13.06 1.68 -9.84
N ASP A 79 -12.07 2.58 -10.03
CA ASP A 79 -12.29 3.94 -10.49
C ASP A 79 -11.00 4.69 -10.83
N SER A 80 -11.19 5.89 -11.39
CA SER A 80 -10.23 6.99 -11.57
C SER A 80 -9.30 7.17 -10.37
N HIS A 81 -9.82 6.87 -9.18
CA HIS A 81 -9.10 6.72 -7.91
C HIS A 81 -7.80 5.92 -8.06
N LEU A 82 -7.91 4.59 -8.18
CA LEU A 82 -6.72 3.74 -8.14
C LEU A 82 -5.93 3.94 -9.44
N ALA A 83 -6.60 4.30 -10.54
CA ALA A 83 -5.98 4.58 -11.82
C ALA A 83 -5.02 5.77 -11.73
N ARG A 84 -5.42 6.88 -11.08
CA ARG A 84 -4.54 8.04 -10.91
C ARG A 84 -3.44 7.75 -9.88
N ALA A 85 -3.77 7.18 -8.71
CA ALA A 85 -2.76 6.85 -7.67
C ALA A 85 -1.65 5.90 -8.15
N LEU A 86 -2.03 4.86 -8.90
CA LEU A 86 -1.09 3.93 -9.51
C LEU A 86 -0.38 4.58 -10.70
N GLY A 87 -1.11 5.31 -11.56
CA GLY A 87 -0.61 5.86 -12.82
C GLY A 87 0.35 7.04 -12.64
N GLU A 88 0.11 7.91 -11.64
CA GLU A 88 1.03 8.97 -11.20
C GLU A 88 2.17 8.42 -10.33
N LEU A 89 2.13 7.11 -10.02
CA LEU A 89 3.15 6.27 -9.41
C LEU A 89 3.40 6.66 -7.96
N VAL A 90 2.93 5.81 -7.03
CA VAL A 90 3.08 5.96 -5.56
C VAL A 90 4.53 5.87 -5.05
N GLN A 91 5.50 6.13 -5.91
CA GLN A 91 6.80 6.63 -5.52
C GLN A 91 7.75 5.51 -5.06
N VAL A 92 7.22 4.30 -4.80
CA VAL A 92 7.81 2.96 -4.54
C VAL A 92 8.77 2.43 -5.62
N VAL A 93 9.48 3.35 -6.26
CA VAL A 93 10.64 3.16 -7.15
C VAL A 93 10.27 2.27 -8.36
N LEU A 94 8.99 2.34 -8.79
CA LEU A 94 8.31 1.42 -9.70
C LEU A 94 7.91 0.22 -8.85
N ALA A 95 6.60 0.04 -8.68
CA ALA A 95 5.95 -1.02 -7.91
C ALA A 95 6.24 -2.46 -8.40
N VAL A 96 7.50 -2.89 -8.32
CA VAL A 96 8.04 -4.20 -8.71
C VAL A 96 7.26 -5.38 -8.09
N ASP A 97 7.44 -6.54 -8.71
CA ASP A 97 6.74 -7.82 -8.49
C ASP A 97 7.41 -8.73 -7.43
N THR A 98 8.29 -8.16 -6.60
CA THR A 98 8.98 -8.85 -5.49
C THR A 98 8.16 -8.80 -4.20
N ASP A 99 8.36 -9.86 -3.40
CA ASP A 99 7.78 -10.04 -2.08
C ASP A 99 8.80 -10.67 -1.12
N GLN A 100 8.83 -10.20 0.12
CA GLN A 100 9.92 -10.50 1.03
C GLN A 100 9.54 -10.22 2.50
N PRO A 101 10.23 -10.82 3.50
CA PRO A 101 10.13 -10.39 4.88
C PRO A 101 10.89 -9.07 5.03
N CYS A 102 10.83 -8.45 6.22
CA CYS A 102 11.36 -7.11 6.44
C CYS A 102 12.82 -6.92 5.96
N VAL A 103 13.07 -5.73 5.43
CA VAL A 103 14.37 -5.27 4.93
C VAL A 103 15.47 -5.42 6.00
N ALA A 104 15.14 -5.26 7.29
CA ALA A 104 16.07 -5.42 8.40
C ALA A 104 16.55 -6.89 8.63
N GLU A 105 15.76 -7.88 8.18
CA GLU A 105 16.08 -9.32 8.27
C GLU A 105 16.31 -9.98 6.90
N ARG A 106 16.46 -9.16 5.86
CA ARG A 106 16.53 -9.58 4.47
C ARG A 106 17.90 -10.14 4.07
N ALA B 10 9.45 -1.96 -4.27
CA ALA B 10 8.41 -2.95 -4.60
C ALA B 10 7.19 -2.87 -3.66
N LEU B 11 5.98 -3.07 -4.21
CA LEU B 11 4.76 -2.77 -3.47
C LEU B 11 4.49 -3.74 -2.31
N ALA B 12 4.82 -5.03 -2.41
CA ALA B 12 4.68 -5.94 -1.27
C ALA B 12 5.58 -5.51 -0.11
N ARG B 13 6.88 -5.46 -0.38
CA ARG B 13 7.92 -5.07 0.57
C ARG B 13 7.66 -3.71 1.23
N LEU B 14 7.14 -2.74 0.47
CA LEU B 14 6.77 -1.40 0.94
C LEU B 14 5.45 -1.39 1.73
N GLY B 15 4.35 -1.92 1.17
CA GLY B 15 3.03 -1.85 1.80
C GLY B 15 2.89 -2.79 3.00
N ARG B 16 3.79 -3.76 3.20
CA ARG B 16 3.91 -4.56 4.43
C ARG B 16 4.16 -3.71 5.69
N ALA B 17 4.51 -2.43 5.53
CA ALA B 17 4.58 -1.41 6.58
C ALA B 17 3.67 -0.18 6.34
N LEU B 18 2.93 -0.11 5.22
CA LEU B 18 2.07 1.03 4.89
C LEU B 18 0.58 0.68 5.05
N ALA B 19 0.24 -0.60 4.85
CA ALA B 19 -1.07 -1.21 5.00
C ALA B 19 -1.28 -1.63 6.47
N ASP B 20 -1.36 -0.64 7.35
CA ASP B 20 -1.40 -0.79 8.80
C ASP B 20 -2.41 0.18 9.44
N PRO B 21 -2.81 -0.08 10.70
CA PRO B 21 -3.59 0.83 11.55
C PRO B 21 -2.70 2.05 11.95
N THR B 22 -2.17 2.00 13.18
CA THR B 22 -1.14 2.86 13.77
C THR B 22 -0.06 3.26 12.79
N ARG B 23 0.49 2.34 11.99
CA ARG B 23 1.67 2.59 11.14
C ARG B 23 1.36 3.51 9.95
N CYS B 24 0.18 3.40 9.34
CA CYS B 24 -0.28 4.40 8.37
C CYS B 24 -0.39 5.77 9.08
N ARG B 25 -1.09 5.80 10.21
CA ARG B 25 -1.26 7.00 11.03
C ARG B 25 0.06 7.64 11.47
N ILE B 26 1.11 6.87 11.79
CA ILE B 26 2.48 7.38 12.05
C ILE B 26 2.89 8.30 10.92
N LEU B 27 2.91 7.75 9.71
CA LEU B 27 3.41 8.44 8.53
C LEU B 27 2.56 9.67 8.19
N VAL B 28 1.23 9.61 8.33
CA VAL B 28 0.36 10.78 8.06
C VAL B 28 0.57 11.90 9.11
N ALA B 29 0.86 11.53 10.37
CA ALA B 29 1.06 12.48 11.46
C ALA B 29 2.51 12.98 11.54
N LEU B 30 3.50 12.23 11.02
CA LEU B 30 4.87 12.72 10.90
C LEU B 30 4.97 13.91 9.97
N LEU B 31 4.30 13.83 8.81
CA LEU B 31 4.32 14.79 7.70
C LEU B 31 4.24 16.26 8.15
N ASP B 32 3.38 16.55 9.12
CA ASP B 32 3.18 17.87 9.75
C ASP B 32 3.89 17.99 11.11
N GLY B 33 4.00 16.89 11.86
CA GLY B 33 4.47 16.87 13.25
C GLY B 33 5.99 16.90 13.39
N VAL B 34 6.70 15.90 12.85
CA VAL B 34 8.18 15.73 12.84
C VAL B 34 8.92 16.32 14.05
N CYS B 35 8.40 16.06 15.26
CA CYS B 35 8.90 16.58 16.53
C CYS B 35 9.62 15.52 17.38
N TYR B 36 8.91 14.51 17.90
CA TYR B 36 9.51 13.63 18.92
C TYR B 36 9.17 12.12 18.90
N PRO B 37 10.07 11.24 19.40
CA PRO B 37 9.80 9.82 19.67
C PRO B 37 8.80 9.58 20.84
N GLY B 38 8.17 10.65 21.34
CA GLY B 38 7.03 10.62 22.26
C GLY B 38 5.78 11.35 21.74
N GLN B 39 5.88 12.11 20.64
CA GLN B 39 4.77 12.90 20.08
C GLN B 39 3.68 11.98 19.51
N LEU B 40 4.13 10.90 18.85
CA LEU B 40 3.26 9.92 18.22
C LEU B 40 2.39 9.19 19.24
N ALA B 41 2.65 9.33 20.52
CA ALA B 41 1.80 8.68 21.52
C ALA B 41 0.44 9.39 21.64
N ALA B 42 0.41 10.71 21.46
CA ALA B 42 -0.81 11.50 21.32
C ALA B 42 -1.43 11.27 19.94
N HIS B 43 -0.68 11.44 18.83
CA HIS B 43 -1.21 11.26 17.47
C HIS B 43 -1.92 9.92 17.21
N LEU B 44 -1.48 8.86 17.89
CA LEU B 44 -2.00 7.49 17.74
C LEU B 44 -2.95 7.09 18.88
N GLY B 45 -2.93 7.77 20.02
CA GLY B 45 -3.64 7.37 21.25
C GLY B 45 -2.95 6.23 22.01
N LEU B 46 -1.84 5.68 21.50
CA LEU B 46 -1.16 4.52 22.09
C LEU B 46 0.18 4.87 22.72
N THR B 47 0.54 4.17 23.79
CA THR B 47 1.83 4.32 24.49
C THR B 47 3.02 4.12 23.56
N ARG B 48 4.14 4.79 23.87
CA ARG B 48 5.31 4.85 23.00
C ARG B 48 6.00 3.50 22.76
N SER B 49 5.71 2.45 23.53
CA SER B 49 6.15 1.08 23.24
C SER B 49 5.37 0.45 22.07
N ASN B 50 4.04 0.62 22.01
CA ASN B 50 3.22 0.26 20.84
C ASN B 50 3.65 1.04 19.60
N VAL B 51 3.86 2.36 19.74
CA VAL B 51 4.39 3.17 18.63
C VAL B 51 5.74 2.61 18.15
N SER B 52 6.67 2.33 19.08
CA SER B 52 8.03 1.83 18.76
C SER B 52 8.02 0.52 17.98
N ASN B 53 7.14 -0.41 18.33
CA ASN B 53 6.90 -1.65 17.57
C ASN B 53 6.56 -1.35 16.10
N HIS B 54 5.66 -0.40 15.85
CA HIS B 54 5.32 0.00 14.49
C HIS B 54 6.45 0.84 13.82
N LEU B 55 7.28 1.59 14.56
CA LEU B 55 8.44 2.32 13.98
C LEU B 55 9.61 1.40 13.61
N SER B 56 9.86 0.32 14.35
CA SER B 56 10.96 -0.60 14.04
C SER B 56 10.96 -1.09 12.58
N CYS B 57 9.79 -1.43 12.01
CA CYS B 57 9.71 -1.84 10.62
C CYS B 57 9.98 -0.68 9.64
N LEU B 58 9.46 0.50 9.98
CA LEU B 58 9.46 1.74 9.19
C LEU B 58 10.88 2.23 8.91
N ARG B 59 11.70 2.24 9.97
CA ARG B 59 13.12 2.63 9.95
C ARG B 59 14.03 1.49 9.44
N GLY B 60 13.46 0.36 9.00
CA GLY B 60 14.14 -0.73 8.30
C GLY B 60 13.80 -0.75 6.80
N CYS B 61 12.51 -0.65 6.46
CA CYS B 61 11.97 -0.61 5.10
C CYS B 61 12.13 0.77 4.39
N GLY B 62 12.98 1.63 4.96
CA GLY B 62 13.38 2.93 4.41
C GLY B 62 12.22 3.92 4.23
N LEU B 63 11.16 3.81 5.04
CA LEU B 63 10.00 4.72 5.03
C LEU B 63 10.27 6.03 5.78
N VAL B 64 11.18 5.98 6.75
CA VAL B 64 11.48 7.05 7.71
C VAL B 64 12.96 7.08 8.11
N VAL B 65 13.43 8.27 8.49
CA VAL B 65 14.77 8.53 9.04
C VAL B 65 14.69 9.38 10.32
N ALA B 66 15.73 9.30 11.13
CA ALA B 66 15.99 10.18 12.27
C ALA B 66 16.48 11.58 11.82
N THR B 67 16.36 12.55 12.72
CA THR B 67 16.96 13.89 12.61
C THR B 67 17.08 14.44 14.04
N TYR B 68 17.65 15.62 14.21
CA TYR B 68 17.69 16.33 15.49
C TYR B 68 16.96 17.68 15.41
N GLU B 69 15.89 17.86 16.21
CA GLU B 69 15.26 19.17 16.42
C GLU B 69 16.09 20.05 17.39
N GLY B 70 15.51 20.99 18.15
CA GLY B 70 16.26 21.95 18.98
C GLY B 70 17.05 21.35 20.17
N ARG B 71 16.66 20.19 20.70
CA ARG B 71 17.38 19.46 21.76
C ARG B 71 17.03 17.95 21.84
N GLN B 72 16.15 17.44 20.99
CA GLN B 72 15.71 16.06 20.94
C GLN B 72 15.93 15.49 19.55
N VAL B 73 15.91 14.16 19.42
CA VAL B 73 15.81 13.52 18.10
C VAL B 73 14.35 13.54 17.64
N ARG B 74 14.14 13.54 16.31
CA ARG B 74 12.83 13.44 15.67
C ARG B 74 12.81 12.26 14.69
N TYR B 75 11.64 11.96 14.14
CA TYR B 75 11.46 11.05 12.99
C TYR B 75 10.78 11.79 11.84
N ALA B 76 11.16 11.49 10.59
CA ALA B 76 10.63 12.10 9.37
C ALA B 76 10.49 11.06 8.25
N LEU B 77 9.52 11.20 7.33
CA LEU B 77 9.45 10.38 6.10
C LEU B 77 10.80 10.46 5.37
N ALA B 78 11.22 9.39 4.70
CA ALA B 78 12.57 9.34 4.11
C ALA B 78 12.82 10.35 2.99
N ASP B 79 11.76 10.95 2.42
CA ASP B 79 11.84 12.06 1.47
C ASP B 79 10.47 12.69 1.17
N SER B 80 10.52 13.80 0.44
CA SER B 80 9.43 14.45 -0.28
C SER B 80 8.65 13.44 -1.16
N HIS B 81 9.35 12.37 -1.55
CA HIS B 81 8.91 11.26 -2.37
C HIS B 81 7.73 10.50 -1.72
N LEU B 82 7.86 9.96 -0.50
CA LEU B 82 6.70 9.33 0.17
C LEU B 82 5.68 10.41 0.58
N ALA B 83 6.15 11.61 0.94
CA ALA B 83 5.32 12.71 1.42
C ALA B 83 4.30 13.16 0.37
N ARG B 84 4.68 13.18 -0.91
CA ARG B 84 3.74 13.48 -2.00
C ARG B 84 2.75 12.34 -2.24
N ALA B 85 3.19 11.07 -2.26
CA ALA B 85 2.28 9.92 -2.43
C ALA B 85 1.21 9.82 -1.33
N LEU B 86 1.64 10.01 -0.09
CA LEU B 86 0.76 10.08 1.08
C LEU B 86 -0.12 11.32 1.01
N GLY B 87 0.48 12.50 0.77
CA GLY B 87 -0.14 13.81 0.91
C GLY B 87 -1.10 14.19 -0.23
N GLU B 88 -0.84 13.76 -1.47
CA GLU B 88 -1.77 13.87 -2.61
C GLU B 88 -2.94 12.85 -2.49
N LEU B 89 -2.78 11.90 -1.55
CA LEU B 89 -3.75 10.90 -1.08
C LEU B 89 -4.00 9.85 -2.16
N VAL B 90 -3.51 8.63 -1.91
CA VAL B 90 -3.66 7.43 -2.77
C VAL B 90 -5.10 6.91 -2.89
N GLN B 91 -6.08 7.79 -2.67
CA GLN B 91 -7.42 7.64 -3.19
C GLN B 91 -8.27 6.63 -2.41
N VAL B 92 -7.67 5.87 -1.51
CA VAL B 92 -8.20 4.99 -0.43
C VAL B 92 -9.18 5.65 0.55
N VAL B 93 -9.88 6.68 0.09
CA VAL B 93 -11.05 7.31 0.71
C VAL B 93 -10.71 7.87 2.11
N LEU B 94 -9.45 8.32 2.27
CA LEU B 94 -8.77 8.65 3.53
C LEU B 94 -8.30 7.33 4.13
N ALA B 95 -6.99 7.16 4.16
CA ALA B 95 -6.24 6.05 4.74
C ALA B 95 -6.51 5.79 6.25
N VAL B 96 -7.74 5.40 6.58
CA VAL B 96 -8.23 5.15 7.95
C VAL B 96 -7.38 4.13 8.71
N ASP B 97 -7.38 4.32 10.02
CA ASP B 97 -6.72 3.54 11.09
C ASP B 97 -7.34 2.17 11.41
N THR B 98 -8.23 1.65 10.54
CA THR B 98 -8.81 0.30 10.66
C THR B 98 -7.93 -0.76 10.00
N ASP B 99 -7.96 -1.95 10.60
CA ASP B 99 -7.29 -3.16 10.13
C ASP B 99 -8.16 -4.40 10.30
N GLN B 100 -8.19 -5.26 9.28
CA GLN B 100 -9.16 -6.34 9.18
C GLN B 100 -8.74 -7.38 8.13
N PRO B 101 -9.20 -8.66 8.25
CA PRO B 101 -9.09 -9.61 7.15
C PRO B 101 -10.09 -9.24 6.06
N CYS B 102 -10.02 -9.93 4.92
CA CYS B 102 -10.75 -9.54 3.74
C CYS B 102 -12.26 -9.34 3.96
N VAL B 103 -12.68 -8.34 3.23
CA VAL B 103 -13.98 -7.70 3.23
C VAL B 103 -15.07 -8.59 2.62
N ALA B 104 -14.68 -9.61 1.87
CA ALA B 104 -15.58 -10.67 1.40
C ALA B 104 -16.00 -11.64 2.53
N GLU B 105 -15.21 -11.76 3.60
CA GLU B 105 -15.44 -12.64 4.75
C GLU B 105 -15.58 -11.89 6.09
N ARG B 106 -15.75 -10.57 6.01
CA ARG B 106 -15.80 -9.66 7.14
C ARG B 106 -17.14 -9.70 7.91
CD CD C . -9.97 -9.10 -0.82
CD CD D . 10.55 -3.15 7.95
N ALA A 10 -13.23 -3.69 6.17
CA ALA A 10 -12.07 -4.59 6.05
C ALA A 10 -11.13 -4.11 4.93
N LEU A 11 -10.42 -3.00 5.21
CA LEU A 11 -9.65 -2.28 4.20
C LEU A 11 -8.15 -2.55 4.27
N ALA A 12 -7.51 -2.70 5.44
CA ALA A 12 -6.05 -2.80 5.56
C ALA A 12 -5.43 -3.89 4.69
N ARG A 13 -6.10 -5.05 4.55
CA ARG A 13 -5.63 -6.14 3.69
C ARG A 13 -5.32 -5.71 2.24
N LEU A 14 -5.93 -4.62 1.77
CA LEU A 14 -5.68 -3.99 0.46
C LEU A 14 -4.20 -3.64 0.27
N GLY A 15 -3.50 -3.10 1.28
CA GLY A 15 -2.07 -2.77 1.14
C GLY A 15 -1.21 -4.00 0.88
N ARG A 16 -1.56 -5.14 1.50
CA ARG A 16 -0.97 -6.45 1.20
C ARG A 16 -1.43 -6.96 -0.16
N ALA A 17 -2.71 -6.89 -0.49
CA ALA A 17 -3.26 -7.39 -1.75
C ALA A 17 -2.71 -6.63 -2.97
N LEU A 18 -2.25 -5.39 -2.81
CA LEU A 18 -1.51 -4.68 -3.88
C LEU A 18 -0.03 -5.06 -3.91
N ALA A 19 0.55 -5.44 -2.78
CA ALA A 19 1.90 -5.97 -2.63
C ALA A 19 1.97 -7.50 -2.80
N ASP A 20 1.71 -7.97 -4.03
CA ASP A 20 1.63 -9.37 -4.49
C ASP A 20 2.22 -9.43 -5.92
N PRO A 21 3.07 -10.42 -6.28
CA PRO A 21 3.97 -10.44 -7.45
C PRO A 21 3.32 -10.17 -8.83
N THR A 22 3.08 -11.20 -9.65
CA THR A 22 2.51 -11.09 -11.01
C THR A 22 1.17 -10.35 -10.96
N ARG A 23 0.46 -10.50 -9.85
CA ARG A 23 -0.77 -9.76 -9.56
C ARG A 23 -0.64 -8.24 -9.73
N CYS A 24 0.46 -7.63 -9.28
CA CYS A 24 0.72 -6.20 -9.47
C CYS A 24 0.75 -5.83 -10.96
N ARG A 25 1.39 -6.65 -11.79
CA ARG A 25 1.38 -6.49 -13.24
C ARG A 25 -0.05 -6.65 -13.83
N ILE A 26 -0.95 -7.44 -13.23
CA ILE A 26 -2.38 -7.40 -13.63
C ILE A 26 -2.99 -6.04 -13.36
N LEU A 27 -2.87 -5.54 -12.12
CA LEU A 27 -3.49 -4.24 -11.81
C LEU A 27 -2.96 -3.10 -12.68
N VAL A 28 -1.66 -3.03 -12.98
CA VAL A 28 -1.15 -1.99 -13.89
C VAL A 28 -1.62 -2.18 -15.36
N ALA A 29 -1.91 -3.42 -15.75
CA ALA A 29 -2.57 -3.80 -17.02
C ALA A 29 -4.11 -3.69 -16.99
N LEU A 30 -4.68 -3.26 -15.87
CA LEU A 30 -6.10 -2.88 -15.75
C LEU A 30 -6.28 -1.37 -15.74
N LEU A 31 -5.21 -0.64 -15.44
CA LEU A 31 -5.07 0.79 -15.66
C LEU A 31 -5.04 1.07 -17.18
N ASP A 32 -4.26 0.25 -17.91
CA ASP A 32 -4.24 0.16 -19.37
C ASP A 32 -4.29 -1.32 -19.83
N GLY A 33 -5.51 -1.77 -20.14
CA GLY A 33 -5.83 -3.06 -20.77
C GLY A 33 -7.31 -3.19 -20.98
N VAL A 34 -8.04 -3.63 -19.95
CA VAL A 34 -9.53 -3.67 -19.89
C VAL A 34 -10.25 -4.19 -21.15
N CYS A 35 -9.62 -5.02 -21.97
CA CYS A 35 -10.26 -5.58 -23.17
C CYS A 35 -11.07 -6.82 -22.79
N TYR A 36 -10.37 -7.93 -22.56
CA TYR A 36 -11.02 -9.24 -22.39
C TYR A 36 -10.37 -10.08 -21.28
N PRO A 37 -11.06 -11.10 -20.71
CA PRO A 37 -10.48 -12.01 -19.72
C PRO A 37 -9.22 -12.75 -20.18
N GLY A 38 -8.96 -12.85 -21.49
CA GLY A 38 -7.70 -13.40 -22.02
C GLY A 38 -6.63 -12.37 -22.40
N GLN A 39 -6.90 -11.06 -22.36
CA GLN A 39 -5.97 -10.04 -22.90
C GLN A 39 -4.70 -9.87 -22.08
N LEU A 40 -4.79 -10.15 -20.78
CA LEU A 40 -3.67 -10.07 -19.86
C LEU A 40 -2.58 -11.08 -20.20
N ALA A 41 -2.90 -12.11 -20.99
CA ALA A 41 -1.94 -13.12 -21.44
C ALA A 41 -0.72 -12.47 -22.12
N ALA A 42 -0.95 -11.49 -23.00
CA ALA A 42 0.10 -10.73 -23.67
C ALA A 42 0.81 -9.76 -22.72
N HIS A 43 0.09 -9.09 -21.83
CA HIS A 43 0.69 -8.20 -20.82
C HIS A 43 1.59 -8.91 -19.78
N LEU A 44 1.42 -10.23 -19.60
CA LEU A 44 2.06 -11.05 -18.55
C LEU A 44 3.01 -12.12 -19.10
N GLY A 45 2.94 -12.44 -20.40
CA GLY A 45 3.65 -13.58 -21.00
C GLY A 45 3.06 -14.94 -20.61
N LEU A 46 1.95 -14.94 -19.86
CA LEU A 46 1.30 -16.14 -19.33
C LEU A 46 0.06 -16.50 -20.16
N THR A 47 -0.54 -17.66 -19.87
CA THR A 47 -1.79 -18.11 -20.49
C THR A 47 -2.99 -17.55 -19.74
N ARG A 48 -4.15 -17.48 -20.40
CA ARG A 48 -5.40 -17.07 -19.73
C ARG A 48 -5.83 -17.99 -18.59
N SER A 49 -5.37 -19.25 -18.55
CA SER A 49 -5.54 -20.10 -17.36
C SER A 49 -4.59 -19.64 -16.26
N ASN A 50 -3.29 -19.51 -16.53
CA ASN A 50 -2.26 -19.21 -15.52
C ASN A 50 -2.38 -17.76 -14.98
N VAL A 51 -2.86 -16.82 -15.79
CA VAL A 51 -3.25 -15.49 -15.31
C VAL A 51 -4.48 -15.55 -14.37
N SER A 52 -5.40 -16.51 -14.56
CA SER A 52 -6.64 -16.55 -13.76
C SER A 52 -6.42 -16.93 -12.29
N ASN A 53 -5.26 -17.49 -11.94
CA ASN A 53 -4.83 -17.70 -10.56
C ASN A 53 -4.89 -16.39 -9.78
N HIS A 54 -4.14 -15.38 -10.23
CA HIS A 54 -4.11 -14.07 -9.59
C HIS A 54 -5.35 -13.20 -9.90
N LEU A 55 -6.18 -13.51 -10.91
CA LEU A 55 -7.49 -12.83 -11.06
C LEU A 55 -8.47 -13.25 -9.96
N SER A 56 -8.35 -14.44 -9.39
CA SER A 56 -9.33 -14.93 -8.41
C SER A 56 -9.47 -14.04 -7.17
N CYS A 57 -8.36 -13.62 -6.55
CA CYS A 57 -8.37 -12.66 -5.46
C CYS A 57 -8.67 -11.22 -5.96
N LEU A 58 -8.15 -10.83 -7.14
CA LEU A 58 -8.42 -9.52 -7.76
C LEU A 58 -9.91 -9.21 -7.84
N ARG A 59 -10.67 -10.19 -8.35
CA ARG A 59 -12.11 -10.11 -8.60
C ARG A 59 -12.97 -10.54 -7.41
N GLY A 60 -12.36 -11.04 -6.32
CA GLY A 60 -13.04 -11.40 -5.06
C GLY A 60 -12.88 -10.34 -3.96
N CYS A 61 -11.69 -9.77 -3.83
CA CYS A 61 -11.41 -8.61 -3.01
C CYS A 61 -11.86 -7.27 -3.66
N GLY A 62 -12.60 -7.30 -4.77
CA GLY A 62 -13.14 -6.08 -5.39
C GLY A 62 -12.07 -5.06 -5.79
N LEU A 63 -10.87 -5.50 -6.22
CA LEU A 63 -9.83 -4.64 -6.79
C LEU A 63 -10.07 -4.35 -8.28
N VAL A 64 -10.78 -5.26 -8.92
CA VAL A 64 -11.22 -5.22 -10.31
C VAL A 64 -12.69 -5.62 -10.38
N VAL A 65 -13.38 -5.05 -11.36
CA VAL A 65 -14.82 -5.23 -11.59
C VAL A 65 -15.08 -5.62 -13.04
N ALA A 66 -15.95 -6.61 -13.26
CA ALA A 66 -16.47 -7.00 -14.57
C ALA A 66 -17.46 -5.99 -15.15
N THR A 67 -17.48 -5.87 -16.48
CA THR A 67 -18.33 -4.96 -17.27
C THR A 67 -18.37 -5.51 -18.68
N TYR A 68 -19.31 -5.12 -19.53
CA TYR A 68 -19.24 -5.44 -20.97
C TYR A 68 -18.43 -4.39 -21.73
N GLU A 69 -17.59 -4.80 -22.69
CA GLU A 69 -16.93 -3.88 -23.64
C GLU A 69 -17.85 -3.52 -24.83
N GLY A 70 -18.87 -4.34 -25.08
CA GLY A 70 -19.90 -4.14 -26.10
C GLY A 70 -20.27 -5.43 -26.82
N ARG A 71 -19.27 -6.19 -27.26
CA ARG A 71 -19.36 -7.54 -27.83
C ARG A 71 -18.98 -8.63 -26.80
N GLN A 72 -18.10 -8.33 -25.85
CA GLN A 72 -17.48 -9.26 -24.91
C GLN A 72 -17.55 -8.72 -23.47
N VAL A 73 -17.18 -9.55 -22.49
CA VAL A 73 -16.97 -9.14 -21.10
C VAL A 73 -15.53 -8.66 -20.91
N ARG A 74 -15.33 -7.64 -20.07
CA ARG A 74 -14.05 -7.04 -19.72
C ARG A 74 -13.91 -6.98 -18.21
N TYR A 75 -12.73 -6.56 -17.78
CA TYR A 75 -12.46 -6.16 -16.40
C TYR A 75 -12.06 -4.67 -16.39
N ALA A 76 -11.94 -4.05 -15.20
CA ALA A 76 -11.52 -2.67 -14.98
C ALA A 76 -11.18 -2.48 -13.49
N LEU A 77 -10.32 -1.51 -13.14
CA LEU A 77 -10.06 -1.12 -11.73
C LEU A 77 -11.35 -0.71 -11.02
N ALA A 78 -11.47 -1.06 -9.74
CA ALA A 78 -12.74 -0.94 -9.00
C ALA A 78 -13.04 0.44 -8.40
N ASP A 79 -12.29 1.50 -8.77
CA ASP A 79 -12.39 2.90 -8.33
C ASP A 79 -11.13 3.69 -8.72
N SER A 80 -11.35 4.96 -9.06
CA SER A 80 -10.35 6.01 -9.23
C SER A 80 -9.31 6.07 -8.08
N HIS A 81 -9.70 5.68 -6.86
CA HIS A 81 -8.80 5.58 -5.72
C HIS A 81 -7.69 4.56 -5.93
N LEU A 82 -8.00 3.34 -6.37
CA LEU A 82 -6.93 2.37 -6.66
C LEU A 82 -6.06 2.95 -7.77
N ALA A 83 -6.68 3.55 -8.80
CA ALA A 83 -6.01 4.05 -10.00
C ALA A 83 -4.89 5.05 -9.65
N ARG A 84 -5.06 5.85 -8.60
CA ARG A 84 -4.05 6.82 -8.13
C ARG A 84 -2.85 6.15 -7.45
N ALA A 85 -3.01 5.41 -6.36
CA ALA A 85 -1.90 4.74 -5.66
C ALA A 85 -1.17 3.72 -6.56
N LEU A 86 -1.94 3.05 -7.42
CA LEU A 86 -1.45 2.21 -8.51
C LEU A 86 -0.64 3.04 -9.53
N GLY A 87 -1.17 4.18 -9.99
CA GLY A 87 -0.59 5.07 -11.02
C GLY A 87 0.69 5.79 -10.56
N GLU A 88 0.71 6.23 -9.31
CA GLU A 88 1.87 6.75 -8.56
C GLU A 88 2.94 5.66 -8.31
N LEU A 89 2.61 4.41 -8.65
CA LEU A 89 3.45 3.22 -8.74
C LEU A 89 3.93 2.80 -7.35
N VAL A 90 3.05 2.97 -6.37
CA VAL A 90 3.18 2.88 -4.91
C VAL A 90 4.36 3.66 -4.27
N GLN A 91 5.37 4.04 -5.04
CA GLN A 91 6.61 4.67 -4.65
C GLN A 91 7.56 3.75 -3.87
N VAL A 92 7.16 2.54 -3.48
CA VAL A 92 8.02 1.46 -2.88
C VAL A 92 9.05 0.89 -3.83
N VAL A 93 8.87 1.28 -5.08
CA VAL A 93 9.74 1.16 -6.22
C VAL A 93 9.70 -0.23 -6.86
N LEU A 94 8.48 -0.79 -6.99
CA LEU A 94 8.24 -2.20 -7.34
C LEU A 94 8.47 -3.07 -6.10
N ALA A 95 7.36 -3.35 -5.43
CA ALA A 95 7.17 -4.31 -4.35
C ALA A 95 7.71 -5.75 -4.59
N VAL A 96 9.04 -5.95 -4.61
CA VAL A 96 9.62 -7.32 -4.52
C VAL A 96 9.11 -7.89 -3.20
N ASP A 97 8.58 -9.12 -3.23
CA ASP A 97 8.06 -9.75 -2.02
C ASP A 97 9.14 -9.94 -0.95
N THR A 98 9.95 -11.00 -1.13
CA THR A 98 10.93 -11.57 -0.19
C THR A 98 10.17 -12.16 1.01
N ASP A 99 10.45 -13.39 1.47
CA ASP A 99 9.73 -13.92 2.63
C ASP A 99 10.42 -13.45 3.92
N GLN A 100 10.05 -12.23 4.32
CA GLN A 100 10.50 -11.61 5.54
C GLN A 100 9.31 -10.99 6.30
N PRO A 101 9.36 -10.89 7.63
CA PRO A 101 8.35 -10.21 8.45
C PRO A 101 8.70 -8.72 8.51
N CYS A 102 9.27 -8.26 9.63
CA CYS A 102 9.93 -6.97 9.73
C CYS A 102 11.18 -6.96 8.83
N VAL A 103 11.34 -5.79 8.22
CA VAL A 103 12.32 -5.56 7.17
C VAL A 103 13.52 -4.74 7.69
N ALA A 104 13.55 -4.49 9.01
CA ALA A 104 14.71 -3.96 9.73
C ALA A 104 15.88 -4.95 9.73
N GLU A 105 15.53 -6.24 9.83
CA GLU A 105 16.44 -7.38 9.94
C GLU A 105 16.52 -8.15 8.62
N ARG A 106 16.00 -7.61 7.50
CA ARG A 106 16.02 -8.34 6.22
C ARG A 106 17.46 -8.63 5.76
N ALA B 10 12.60 -6.19 -0.07
CA ALA B 10 11.51 -6.55 0.86
C ALA B 10 10.32 -5.57 0.83
N LEU B 11 10.27 -4.70 -0.18
CA LEU B 11 9.35 -3.57 -0.26
C LEU B 11 7.89 -3.95 -0.56
N ALA B 12 7.52 -5.23 -0.66
CA ALA B 12 6.10 -5.64 -0.65
C ALA B 12 5.55 -5.72 0.79
N ARG B 13 6.36 -6.23 1.73
CA ARG B 13 6.02 -6.31 3.16
C ARG B 13 5.74 -4.90 3.75
N LEU B 14 6.24 -3.84 3.09
CA LEU B 14 5.89 -2.41 3.26
C LEU B 14 4.38 -2.20 3.27
N GLY B 15 3.65 -2.81 2.33
CA GLY B 15 2.21 -2.62 2.17
C GLY B 15 1.41 -3.24 3.31
N ARG B 16 2.03 -4.11 4.12
CA ARG B 16 1.47 -4.54 5.41
C ARG B 16 1.74 -3.42 6.41
N ALA B 17 2.99 -3.01 6.60
CA ALA B 17 3.40 -2.05 7.64
C ALA B 17 2.76 -0.64 7.53
N LEU B 18 2.39 -0.18 6.33
CA LEU B 18 1.61 1.05 6.14
C LEU B 18 0.10 0.85 6.30
N ALA B 19 -0.40 -0.38 6.17
CA ALA B 19 -1.77 -0.77 6.51
C ALA B 19 -1.85 -1.28 7.97
N ASP B 20 -1.35 -0.49 8.91
CA ASP B 20 -1.36 -0.70 10.37
C ASP B 20 -2.19 0.44 11.01
N PRO B 21 -2.91 0.19 12.12
CA PRO B 21 -3.91 1.09 12.72
C PRO B 21 -3.34 2.46 13.15
N THR B 22 -2.94 2.61 14.41
CA THR B 22 -2.30 3.81 14.94
C THR B 22 -1.00 4.12 14.17
N ARG B 23 -0.36 3.13 13.54
CA ARG B 23 0.89 3.35 12.81
C ARG B 23 0.74 4.15 11.52
N CYS B 24 -0.31 3.91 10.71
CA CYS B 24 -0.64 4.78 9.57
C CYS B 24 -0.83 6.22 10.06
N ARG B 25 -1.52 6.37 11.21
CA ARG B 25 -1.67 7.67 11.85
C ARG B 25 -0.33 8.25 12.35
N ILE B 26 0.65 7.45 12.82
CA ILE B 26 2.02 7.96 13.07
C ILE B 26 2.55 8.56 11.78
N LEU B 27 2.69 7.72 10.75
CA LEU B 27 3.38 8.12 9.52
C LEU B 27 2.79 9.39 8.91
N VAL B 28 1.46 9.54 8.86
CA VAL B 28 0.84 10.74 8.26
C VAL B 28 0.93 11.99 9.15
N ALA B 29 1.18 11.81 10.45
CA ALA B 29 1.46 12.87 11.42
C ALA B 29 2.96 13.21 11.50
N LEU B 30 3.84 12.24 11.20
CA LEU B 30 5.26 12.41 11.04
C LEU B 30 5.53 13.45 9.94
N LEU B 31 4.81 13.24 8.83
CA LEU B 31 4.77 14.01 7.59
C LEU B 31 4.70 15.53 7.85
N ASP B 32 3.62 15.96 8.52
CA ASP B 32 3.34 17.32 8.99
C ASP B 32 3.77 17.49 10.46
N GLY B 33 4.86 16.81 10.82
CA GLY B 33 5.38 16.70 12.18
C GLY B 33 6.85 17.04 12.30
N VAL B 34 7.73 16.09 11.96
CA VAL B 34 9.23 16.11 12.08
C VAL B 34 9.90 16.97 13.18
N CYS B 35 9.25 17.30 14.30
CA CYS B 35 9.86 18.15 15.34
C CYS B 35 10.74 17.34 16.29
N TYR B 36 10.11 16.47 17.09
CA TYR B 36 10.78 15.72 18.15
C TYR B 36 10.16 14.33 18.34
N PRO B 37 10.82 13.37 19.01
CA PRO B 37 10.20 12.10 19.42
C PRO B 37 8.93 12.31 20.26
N GLY B 38 8.83 13.42 21.01
CA GLY B 38 7.65 13.79 21.77
C GLY B 38 6.55 14.50 21.00
N GLN B 39 6.73 14.84 19.70
CA GLN B 39 5.75 15.67 18.98
C GLN B 39 4.49 14.89 18.57
N LEU B 40 4.65 13.61 18.19
CA LEU B 40 3.54 12.76 17.76
C LEU B 40 2.52 12.56 18.89
N ALA B 41 2.93 12.74 20.14
CA ALA B 41 2.05 12.65 21.31
C ALA B 41 0.82 13.58 21.18
N ALA B 42 1.02 14.79 20.61
CA ALA B 42 -0.05 15.74 20.34
C ALA B 42 -0.91 15.29 19.15
N HIS B 43 -0.28 14.99 18.00
CA HIS B 43 -0.97 14.52 16.78
C HIS B 43 -1.81 13.23 16.98
N LEU B 44 -1.49 12.41 17.99
CA LEU B 44 -2.12 11.12 18.28
C LEU B 44 -2.99 11.15 19.55
N GLY B 45 -2.92 12.21 20.36
CA GLY B 45 -3.55 12.28 21.69
C GLY B 45 -2.95 11.31 22.71
N LEU B 46 -1.85 10.64 22.36
CA LEU B 46 -1.25 9.54 23.12
C LEU B 46 0.01 10.00 23.89
N THR B 47 0.44 9.18 24.85
CA THR B 47 1.68 9.41 25.60
C THR B 47 2.88 9.15 24.69
N ARG B 48 3.97 9.91 24.91
CA ARG B 48 5.25 9.69 24.24
C ARG B 48 5.85 8.29 24.53
N SER B 49 5.40 7.60 25.58
CA SER B 49 5.69 6.18 25.76
C SER B 49 4.86 5.38 24.76
N ASN B 50 3.52 5.44 24.81
CA ASN B 50 2.62 4.57 24.05
C ASN B 50 2.72 4.79 22.52
N VAL B 51 3.10 5.99 22.07
CA VAL B 51 3.45 6.26 20.66
C VAL B 51 4.75 5.54 20.24
N SER B 52 5.72 5.34 21.14
CA SER B 52 6.98 4.66 20.81
C SER B 52 6.77 3.22 20.33
N ASN B 53 5.71 2.56 20.82
CA ASN B 53 5.21 1.22 20.43
C ASN B 53 4.87 1.07 18.93
N HIS B 54 4.78 2.17 18.18
CA HIS B 54 4.66 2.12 16.73
C HIS B 54 5.80 2.81 15.97
N LEU B 55 6.70 3.53 16.66
CA LEU B 55 7.96 4.04 16.10
C LEU B 55 9.04 2.96 16.09
N SER B 56 8.96 1.96 16.97
CA SER B 56 9.95 0.89 17.04
C SER B 56 10.16 0.14 15.72
N CYS B 57 9.11 -0.31 15.03
CA CYS B 57 9.26 -0.96 13.74
C CYS B 57 9.62 0.06 12.63
N LEU B 58 9.07 1.27 12.74
CA LEU B 58 9.18 2.39 11.78
C LEU B 58 10.64 2.77 11.53
N ARG B 59 11.35 3.01 12.64
CA ARG B 59 12.77 3.36 12.68
C ARG B 59 13.67 2.11 12.63
N GLY B 60 13.13 0.93 12.28
CA GLY B 60 13.89 -0.28 11.97
C GLY B 60 13.81 -0.62 10.48
N CYS B 61 12.60 -0.65 9.93
CA CYS B 61 12.30 -0.98 8.54
C CYS B 61 12.69 0.15 7.54
N GLY B 62 13.31 1.22 8.04
CA GLY B 62 13.67 2.40 7.24
C GLY B 62 12.46 3.16 6.69
N LEU B 63 11.28 3.07 7.33
CA LEU B 63 10.09 3.89 7.03
C LEU B 63 10.24 5.33 7.53
N VAL B 64 11.13 5.53 8.50
CA VAL B 64 11.52 6.82 9.09
C VAL B 64 13.01 6.79 9.47
N VAL B 65 13.61 7.97 9.50
CA VAL B 65 15.03 8.23 9.77
C VAL B 65 15.16 9.41 10.75
N ALA B 66 16.10 9.36 11.69
CA ALA B 66 16.43 10.44 12.63
C ALA B 66 17.39 11.50 12.05
N THR B 67 17.32 12.70 12.62
CA THR B 67 18.08 13.90 12.23
C THR B 67 18.04 14.86 13.42
N TYR B 68 18.78 15.97 13.40
CA TYR B 68 18.61 17.05 14.39
C TYR B 68 17.63 18.13 13.88
N GLU B 69 16.94 18.84 14.79
CA GLU B 69 16.18 20.07 14.47
C GLU B 69 17.00 21.35 14.77
N GLY B 70 18.20 21.20 15.35
CA GLY B 70 19.18 22.25 15.67
C GLY B 70 19.52 22.32 17.16
N ARG B 71 18.53 22.04 18.00
CA ARG B 71 18.49 22.06 19.48
C ARG B 71 18.14 20.67 20.06
N GLN B 72 17.37 19.84 19.36
CA GLN B 72 16.91 18.49 19.72
C GLN B 72 17.05 17.52 18.53
N VAL B 73 16.82 16.24 18.78
CA VAL B 73 16.70 15.19 17.75
C VAL B 73 15.24 15.09 17.27
N ARG B 74 15.07 14.70 16.00
CA ARG B 74 13.81 14.64 15.28
C ARG B 74 13.73 13.35 14.47
N TYR B 75 12.57 13.10 13.89
CA TYR B 75 12.38 12.05 12.89
C TYR B 75 12.00 12.69 11.54
N ALA B 76 11.97 11.88 10.50
CA ALA B 76 11.62 12.22 9.11
C ALA B 76 11.24 10.94 8.39
N LEU B 77 10.37 11.02 7.38
CA LEU B 77 10.03 9.91 6.49
C LEU B 77 11.23 9.36 5.71
N ALA B 78 11.11 8.11 5.26
CA ALA B 78 12.16 7.36 4.54
C ALA B 78 12.74 8.04 3.29
N ASP B 79 11.90 8.83 2.60
CA ASP B 79 12.11 9.37 1.24
C ASP B 79 10.82 10.09 0.80
N SER B 80 11.00 11.07 -0.09
CA SER B 80 9.95 11.73 -0.87
C SER B 80 8.93 10.73 -1.47
N HIS B 81 9.40 9.51 -1.78
CA HIS B 81 8.60 8.36 -2.18
C HIS B 81 7.47 8.03 -1.22
N LEU B 82 7.77 7.73 0.06
CA LEU B 82 6.67 7.48 1.02
C LEU B 82 5.82 8.76 1.10
N ALA B 83 6.45 9.94 1.20
CA ALA B 83 5.78 11.22 1.43
C ALA B 83 4.70 11.52 0.39
N ARG B 84 4.88 11.09 -0.87
CA ARG B 84 3.89 11.21 -1.94
C ARG B 84 2.68 10.28 -1.77
N ALA B 85 2.87 8.96 -1.65
CA ALA B 85 1.74 8.01 -1.51
C ALA B 85 0.98 8.17 -0.18
N LEU B 86 1.73 8.46 0.88
CA LEU B 86 1.25 8.87 2.19
C LEU B 86 0.51 10.22 2.14
N GLY B 87 0.97 11.13 1.27
CA GLY B 87 0.49 12.52 1.11
C GLY B 87 -0.74 12.67 0.21
N GLU B 88 -0.95 11.81 -0.77
CA GLU B 88 -2.23 11.73 -1.50
C GLU B 88 -3.32 11.06 -0.63
N LEU B 89 -2.89 10.46 0.49
CA LEU B 89 -3.57 9.57 1.42
C LEU B 89 -3.69 8.22 0.72
N VAL B 90 -3.37 7.11 1.39
CA VAL B 90 -3.18 5.78 0.75
C VAL B 90 -4.46 5.17 0.18
N GLN B 91 -5.58 5.91 0.19
CA GLN B 91 -6.52 5.97 -0.92
C GLN B 91 -7.56 4.85 -0.85
N VAL B 92 -7.19 3.77 -0.18
CA VAL B 92 -7.90 2.59 0.35
C VAL B 92 -9.11 2.89 1.25
N VAL B 93 -9.72 4.06 1.07
CA VAL B 93 -10.99 4.48 1.70
C VAL B 93 -10.92 4.58 3.24
N LEU B 94 -9.70 4.57 3.81
CA LEU B 94 -9.35 4.41 5.25
C LEU B 94 -9.13 2.91 5.54
N ALA B 95 -7.86 2.54 5.67
CA ALA B 95 -7.40 1.20 6.03
C ALA B 95 -7.82 0.67 7.43
N VAL B 96 -9.12 0.45 7.68
CA VAL B 96 -9.59 -0.30 8.87
C VAL B 96 -8.91 -1.68 8.87
N ASP B 97 -8.32 -2.09 10.00
CA ASP B 97 -7.63 -3.38 10.19
C ASP B 97 -8.56 -4.58 9.91
N THR B 98 -9.25 -5.05 10.96
CA THR B 98 -10.36 -6.04 11.00
C THR B 98 -9.86 -7.48 10.97
N ASP B 99 -10.68 -8.42 11.45
CA ASP B 99 -10.42 -9.86 11.37
C ASP B 99 -10.85 -10.44 10.00
N GLN B 100 -10.65 -9.68 8.92
CA GLN B 100 -10.89 -10.16 7.56
C GLN B 100 -9.71 -9.82 6.62
N PRO B 101 -8.67 -10.68 6.55
CA PRO B 101 -7.49 -10.48 5.71
C PRO B 101 -7.72 -10.74 4.21
N CYS B 102 -8.98 -11.01 3.83
CA CYS B 102 -9.53 -11.12 2.49
C CYS B 102 -11.06 -10.91 2.58
N VAL B 103 -11.65 -10.43 1.48
CA VAL B 103 -13.02 -9.87 1.51
C VAL B 103 -14.00 -10.35 0.46
N ALA B 104 -13.68 -11.42 -0.28
CA ALA B 104 -14.66 -12.10 -1.15
C ALA B 104 -15.87 -12.64 -0.35
N GLU B 105 -15.67 -12.83 0.96
CA GLU B 105 -16.57 -13.51 1.91
C GLU B 105 -16.75 -12.72 3.23
N ARG B 106 -16.40 -11.41 3.29
CA ARG B 106 -16.41 -10.66 4.57
C ARG B 106 -17.82 -10.44 5.13
CD CD C . -8.64 -11.83 -1.63
CD CD D . 10.45 -3.06 11.66
N ALA A 10 -11.42 -1.94 5.51
CA ALA A 10 -10.12 -2.58 5.75
C ALA A 10 -9.17 -2.42 4.57
N LEU A 11 -8.62 -1.21 4.42
CA LEU A 11 -7.50 -0.93 3.53
C LEU A 11 -6.25 -1.80 3.84
N ALA A 12 -6.21 -2.47 4.99
CA ALA A 12 -5.24 -3.53 5.31
C ALA A 12 -5.17 -4.62 4.21
N ARG A 13 -6.30 -4.87 3.53
CA ARG A 13 -6.40 -5.76 2.36
C ARG A 13 -6.02 -5.08 1.03
N LEU A 14 -6.28 -3.77 0.87
CA LEU A 14 -5.85 -2.97 -0.29
C LEU A 14 -4.32 -3.08 -0.46
N GLY A 15 -3.55 -2.88 0.61
CA GLY A 15 -2.09 -3.04 0.61
C GLY A 15 -1.63 -4.47 0.35
N ARG A 16 -2.47 -5.46 0.67
CA ARG A 16 -2.25 -6.89 0.38
C ARG A 16 -2.49 -7.24 -1.12
N ALA A 17 -2.83 -6.24 -1.94
CA ALA A 17 -2.84 -6.31 -3.40
C ALA A 17 -1.87 -5.31 -4.04
N LEU A 18 -1.74 -4.09 -3.48
CA LEU A 18 -0.91 -3.04 -4.07
C LEU A 18 0.56 -3.11 -3.62
N ALA A 19 0.89 -3.96 -2.66
CA ALA A 19 2.25 -4.34 -2.29
C ALA A 19 2.42 -5.88 -2.27
N ASP A 20 1.71 -6.52 -3.19
CA ASP A 20 1.70 -7.95 -3.47
C ASP A 20 2.30 -8.14 -4.87
N PRO A 21 3.08 -9.21 -5.14
CA PRO A 21 3.93 -9.39 -6.34
C PRO A 21 3.21 -9.20 -7.67
N THR A 22 2.73 -10.30 -8.28
CA THR A 22 1.93 -10.25 -9.50
C THR A 22 0.65 -9.46 -9.29
N ARG A 23 0.12 -9.32 -8.07
CA ARG A 23 -1.13 -8.59 -7.80
C ARG A 23 -1.01 -7.06 -8.01
N CYS A 24 0.11 -6.41 -7.70
CA CYS A 24 0.30 -5.00 -8.11
C CYS A 24 0.47 -4.91 -9.64
N ARG A 25 1.17 -5.89 -10.24
CA ARG A 25 1.27 -6.01 -11.69
C ARG A 25 -0.10 -6.17 -12.35
N ILE A 26 -1.00 -7.04 -11.89
CA ILE A 26 -2.41 -7.15 -12.36
C ILE A 26 -3.02 -5.77 -12.50
N LEU A 27 -3.02 -5.03 -11.40
CA LEU A 27 -3.66 -3.73 -11.33
C LEU A 27 -3.03 -2.74 -12.33
N VAL A 28 -1.70 -2.69 -12.50
CA VAL A 28 -1.08 -1.78 -13.51
C VAL A 28 -1.25 -2.30 -14.96
N ALA A 29 -1.37 -3.61 -15.14
CA ALA A 29 -1.67 -4.27 -16.41
C ALA A 29 -3.13 -4.09 -16.83
N LEU A 30 -4.06 -3.97 -15.87
CA LEU A 30 -5.43 -3.54 -16.11
C LEU A 30 -5.44 -2.10 -16.64
N LEU A 31 -4.68 -1.21 -15.99
CA LEU A 31 -4.55 0.21 -16.32
C LEU A 31 -4.21 0.43 -17.80
N ASP A 32 -3.25 -0.34 -18.34
CA ASP A 32 -2.85 -0.36 -19.75
C ASP A 32 -3.33 -1.66 -20.44
N GLY A 33 -4.56 -2.08 -20.12
CA GLY A 33 -5.18 -3.29 -20.67
C GLY A 33 -6.70 -3.25 -20.76
N VAL A 34 -7.39 -3.45 -19.64
CA VAL A 34 -8.84 -3.72 -19.49
C VAL A 34 -9.57 -4.47 -20.64
N CYS A 35 -8.89 -5.37 -21.35
CA CYS A 35 -9.48 -6.01 -22.54
C CYS A 35 -10.34 -7.22 -22.22
N TYR A 36 -9.73 -8.31 -21.75
CA TYR A 36 -10.44 -9.57 -21.58
C TYR A 36 -9.99 -10.34 -20.33
N PRO A 37 -10.73 -11.36 -19.83
CA PRO A 37 -10.45 -11.95 -18.52
C PRO A 37 -9.11 -12.67 -18.47
N GLY A 38 -8.61 -13.15 -19.62
CA GLY A 38 -7.28 -13.74 -19.76
C GLY A 38 -6.26 -12.85 -20.46
N GLN A 39 -6.54 -11.56 -20.69
CA GLN A 39 -5.57 -10.65 -21.36
C GLN A 39 -4.30 -10.49 -20.52
N LEU A 40 -4.46 -10.51 -19.19
CA LEU A 40 -3.38 -10.46 -18.23
C LEU A 40 -2.37 -11.60 -18.43
N ALA A 41 -2.75 -12.69 -19.08
CA ALA A 41 -1.84 -13.82 -19.27
C ALA A 41 -0.59 -13.44 -20.10
N ALA A 42 -0.73 -12.44 -21.00
CA ALA A 42 0.40 -11.82 -21.69
C ALA A 42 1.13 -10.83 -20.79
N HIS A 43 0.42 -9.83 -20.26
CA HIS A 43 1.01 -8.79 -19.39
C HIS A 43 1.79 -9.34 -18.17
N LEU A 44 1.38 -10.49 -17.66
CA LEU A 44 1.93 -11.11 -16.44
C LEU A 44 2.97 -12.19 -16.74
N GLY A 45 2.94 -12.81 -17.93
CA GLY A 45 3.72 -14.02 -18.27
C GLY A 45 3.17 -15.30 -17.61
N LEU A 46 2.11 -15.17 -16.81
CA LEU A 46 1.50 -16.26 -16.04
C LEU A 46 0.30 -16.84 -16.80
N THR A 47 0.02 -18.14 -16.63
CA THR A 47 -1.04 -18.82 -17.39
C THR A 47 -2.41 -18.27 -17.03
N ARG A 48 -3.36 -18.33 -17.98
CA ARG A 48 -4.72 -17.81 -17.81
C ARG A 48 -5.42 -18.42 -16.58
N SER A 49 -5.30 -19.74 -16.40
CA SER A 49 -5.79 -20.47 -15.22
C SER A 49 -5.06 -20.05 -13.92
N ASN A 50 -3.76 -19.74 -14.01
CA ASN A 50 -2.97 -19.30 -12.86
C ASN A 50 -3.28 -17.85 -12.44
N VAL A 51 -3.40 -16.90 -13.37
CA VAL A 51 -3.78 -15.50 -13.08
C VAL A 51 -5.17 -15.40 -12.43
N SER A 52 -6.12 -16.30 -12.74
CA SER A 52 -7.43 -16.32 -12.06
C SER A 52 -7.33 -16.36 -10.53
N ASN A 53 -6.37 -17.10 -9.96
CA ASN A 53 -6.11 -17.15 -8.52
C ASN A 53 -5.78 -15.77 -7.96
N HIS A 54 -4.88 -15.07 -8.63
CA HIS A 54 -4.42 -13.73 -8.28
C HIS A 54 -5.54 -12.68 -8.41
N LEU A 55 -6.47 -12.87 -9.35
CA LEU A 55 -7.71 -12.10 -9.45
C LEU A 55 -8.74 -12.47 -8.39
N SER A 56 -8.83 -13.72 -7.93
CA SER A 56 -9.94 -14.16 -7.06
C SER A 56 -10.05 -13.45 -5.73
N CYS A 57 -8.94 -13.05 -5.09
CA CYS A 57 -9.04 -12.20 -3.91
C CYS A 57 -9.34 -10.74 -4.29
N LEU A 58 -8.81 -10.30 -5.44
CA LEU A 58 -8.89 -8.94 -5.99
C LEU A 58 -10.33 -8.55 -6.36
N ARG A 59 -11.11 -9.51 -6.88
CA ARG A 59 -12.54 -9.39 -7.19
C ARG A 59 -13.44 -9.44 -5.95
N GLY A 60 -12.89 -9.86 -4.79
CA GLY A 60 -13.54 -9.89 -3.47
C GLY A 60 -13.17 -8.72 -2.57
N CYS A 61 -11.93 -8.22 -2.64
CA CYS A 61 -11.48 -6.96 -2.05
C CYS A 61 -11.96 -5.74 -2.88
N GLY A 62 -12.81 -5.97 -3.89
CA GLY A 62 -13.46 -4.96 -4.74
C GLY A 62 -12.58 -4.30 -5.78
N LEU A 63 -11.23 -4.32 -5.64
CA LEU A 63 -10.24 -3.58 -6.44
C LEU A 63 -10.30 -3.78 -7.95
N VAL A 64 -10.83 -4.93 -8.37
CA VAL A 64 -11.13 -5.25 -9.77
C VAL A 64 -12.59 -5.56 -10.01
N VAL A 65 -13.14 -4.84 -10.98
CA VAL A 65 -14.56 -4.89 -11.38
C VAL A 65 -14.68 -5.42 -12.81
N ALA A 66 -15.60 -6.37 -13.02
CA ALA A 66 -15.87 -6.98 -14.33
C ALA A 66 -16.96 -6.24 -15.12
N THR A 67 -16.89 -6.38 -16.43
CA THR A 67 -17.85 -5.81 -17.40
C THR A 67 -17.97 -6.75 -18.59
N TYR A 68 -19.12 -6.74 -19.26
CA TYR A 68 -19.43 -7.56 -20.43
C TYR A 68 -19.25 -6.77 -21.74
N GLU A 69 -18.22 -7.14 -22.49
CA GLU A 69 -17.80 -6.55 -23.76
C GLU A 69 -18.53 -7.21 -24.95
N GLY A 70 -19.85 -6.97 -25.03
CA GLY A 70 -20.70 -7.30 -26.19
C GLY A 70 -20.86 -8.78 -26.57
N ARG A 71 -20.19 -9.69 -25.86
CA ARG A 71 -20.01 -11.15 -26.04
C ARG A 71 -18.72 -11.65 -25.38
N GLN A 72 -17.71 -10.79 -25.22
CA GLN A 72 -16.56 -11.07 -24.36
C GLN A 72 -16.84 -10.45 -22.98
N VAL A 73 -15.92 -10.57 -22.02
CA VAL A 73 -15.94 -9.83 -20.75
C VAL A 73 -14.58 -9.17 -20.54
N ARG A 74 -14.44 -8.27 -19.57
CA ARG A 74 -13.16 -7.66 -19.14
C ARG A 74 -13.09 -7.57 -17.60
N TYR A 75 -12.00 -6.96 -17.14
CA TYR A 75 -11.75 -6.54 -15.76
C TYR A 75 -11.16 -5.13 -15.76
N ALA A 76 -11.38 -4.33 -14.71
CA ALA A 76 -11.01 -2.92 -14.63
C ALA A 76 -10.77 -2.50 -13.18
N LEU A 77 -9.91 -1.51 -12.95
CA LEU A 77 -9.66 -0.91 -11.64
C LEU A 77 -10.99 -0.37 -11.05
N ALA A 78 -11.19 -0.46 -9.73
CA ALA A 78 -12.50 -0.18 -9.11
C ALA A 78 -12.98 1.29 -9.08
N ASP A 79 -12.08 2.23 -9.42
CA ASP A 79 -12.33 3.65 -9.61
C ASP A 79 -11.04 4.35 -10.09
N SER A 80 -11.23 5.54 -10.66
CA SER A 80 -10.24 6.56 -10.96
C SER A 80 -9.20 6.74 -9.84
N HIS A 81 -9.60 6.55 -8.57
CA HIS A 81 -8.74 6.43 -7.39
C HIS A 81 -7.50 5.56 -7.65
N LEU A 82 -7.72 4.29 -8.01
CA LEU A 82 -6.64 3.30 -8.08
C LEU A 82 -5.90 3.46 -9.40
N ALA A 83 -6.59 3.83 -10.48
CA ALA A 83 -5.95 4.24 -11.74
C ALA A 83 -4.96 5.41 -11.55
N ARG A 84 -5.27 6.38 -10.68
CA ARG A 84 -4.35 7.46 -10.31
C ARG A 84 -3.21 6.99 -9.40
N ALA A 85 -3.50 6.51 -8.19
CA ALA A 85 -2.44 6.20 -7.21
C ALA A 85 -1.45 5.13 -7.69
N LEU A 86 -1.89 4.24 -8.59
CA LEU A 86 -1.01 3.30 -9.29
C LEU A 86 -0.31 3.97 -10.50
N GLY A 87 -1.04 4.80 -11.26
CA GLY A 87 -0.59 5.49 -12.49
C GLY A 87 0.46 6.60 -12.28
N GLU A 88 0.17 7.64 -11.50
CA GLU A 88 1.22 8.59 -11.07
C GLU A 88 2.23 7.92 -10.12
N LEU A 89 1.81 6.82 -9.49
CA LEU A 89 2.60 5.83 -8.76
C LEU A 89 2.95 6.29 -7.34
N VAL A 90 2.74 5.40 -6.37
CA VAL A 90 3.02 5.57 -4.93
C VAL A 90 4.50 5.77 -4.58
N GLN A 91 5.32 6.11 -5.57
CA GLN A 91 6.69 6.56 -5.44
C GLN A 91 7.66 5.43 -5.06
N VAL A 92 7.15 4.25 -4.68
CA VAL A 92 7.85 2.98 -4.36
C VAL A 92 8.78 2.38 -5.44
N VAL A 93 9.28 3.22 -6.36
CA VAL A 93 10.38 2.95 -7.28
C VAL A 93 10.02 1.90 -8.36
N LEU A 94 8.73 1.52 -8.43
CA LEU A 94 8.08 0.41 -9.15
C LEU A 94 7.93 -0.76 -8.17
N ALA A 95 6.70 -1.06 -7.77
CA ALA A 95 6.36 -2.27 -7.02
C ALA A 95 6.59 -3.57 -7.83
N VAL A 96 7.86 -3.97 -7.99
CA VAL A 96 8.32 -5.23 -8.62
C VAL A 96 8.00 -6.45 -7.73
N ASP A 97 7.70 -7.59 -8.37
CA ASP A 97 7.54 -8.94 -7.81
C ASP A 97 8.78 -9.40 -7.00
N THR A 98 8.92 -8.92 -5.75
CA THR A 98 10.10 -9.12 -4.88
C THR A 98 9.72 -9.36 -3.43
N ASP A 99 10.15 -10.51 -2.88
CA ASP A 99 10.02 -10.86 -1.46
C ASP A 99 11.40 -10.90 -0.80
N GLN A 100 11.50 -10.30 0.38
CA GLN A 100 12.77 -10.05 1.07
C GLN A 100 12.43 -9.68 2.54
N PRO A 101 13.36 -9.83 3.49
CA PRO A 101 13.08 -9.65 4.91
C PRO A 101 13.12 -8.19 5.36
N CYS A 102 12.66 -7.97 6.60
CA CYS A 102 12.84 -6.73 7.35
C CYS A 102 14.22 -6.74 8.09
N VAL A 103 14.48 -5.65 8.82
CA VAL A 103 15.69 -5.39 9.62
C VAL A 103 15.37 -5.34 11.14
N ALA A 104 14.11 -5.62 11.51
CA ALA A 104 13.61 -5.61 12.88
C ALA A 104 12.87 -6.91 13.24
N GLU A 105 12.11 -7.50 12.31
CA GLU A 105 11.50 -8.80 12.51
C GLU A 105 11.30 -9.55 11.20
N ARG A 106 11.83 -10.78 11.12
CA ARG A 106 11.46 -11.70 10.04
C ARG A 106 11.70 -13.19 10.32
N ALA B 10 11.82 -5.42 -1.27
CA ALA B 10 10.50 -5.96 -0.94
C ALA B 10 9.56 -4.95 -0.28
N LEU B 11 8.90 -4.17 -1.14
CA LEU B 11 7.84 -3.23 -0.82
C LEU B 11 6.62 -3.85 -0.13
N ALA B 12 6.51 -5.18 -0.04
CA ALA B 12 5.51 -5.87 0.79
C ALA B 12 5.55 -5.42 2.27
N ARG B 13 6.69 -4.86 2.71
CA ARG B 13 6.88 -4.18 3.99
C ARG B 13 6.42 -2.71 3.93
N LEU B 14 6.81 -1.95 2.89
CA LEU B 14 6.37 -0.58 2.61
C LEU B 14 4.84 -0.50 2.64
N GLY B 15 4.14 -1.28 1.81
CA GLY B 15 2.69 -1.31 1.75
C GLY B 15 2.05 -1.90 2.99
N ARG B 16 2.76 -2.73 3.77
CA ARG B 16 2.27 -3.12 5.09
C ARG B 16 2.20 -1.90 6.01
N ALA B 17 3.25 -1.09 6.12
CA ALA B 17 3.17 0.14 6.92
C ALA B 17 2.11 1.15 6.42
N LEU B 18 1.89 1.25 5.10
CA LEU B 18 0.89 2.14 4.52
C LEU B 18 -0.53 1.53 4.49
N ALA B 19 -0.72 0.29 4.93
CA ALA B 19 -2.03 -0.35 5.11
C ALA B 19 -2.36 -0.80 6.55
N ASP B 20 -1.36 -0.82 7.43
CA ASP B 20 -1.49 -1.00 8.88
C ASP B 20 -2.37 0.10 9.50
N PRO B 21 -2.96 -0.16 10.68
CA PRO B 21 -3.87 0.71 11.41
C PRO B 21 -3.17 2.00 11.88
N THR B 22 -2.77 2.07 13.16
CA THR B 22 -2.01 3.20 13.69
C THR B 22 -0.71 3.44 12.95
N ARG B 23 -0.11 2.43 12.29
CA ARG B 23 1.16 2.58 11.56
C ARG B 23 1.01 3.47 10.30
N CYS B 24 -0.08 3.39 9.52
CA CYS B 24 -0.34 4.38 8.46
C CYS B 24 -0.63 5.77 9.06
N ARG B 25 -1.34 5.80 10.20
CA ARG B 25 -1.56 7.03 10.95
C ARG B 25 -0.26 7.67 11.46
N ILE B 26 0.76 6.90 11.88
CA ILE B 26 2.12 7.44 12.16
C ILE B 26 2.58 8.24 10.96
N LEU B 27 2.67 7.56 9.81
CA LEU B 27 3.27 8.12 8.61
C LEU B 27 2.58 9.42 8.18
N VAL B 28 1.25 9.47 8.16
CA VAL B 28 0.49 10.66 7.75
C VAL B 28 0.50 11.78 8.81
N ALA B 29 0.55 11.43 10.11
CA ALA B 29 0.67 12.44 11.17
C ALA B 29 2.09 13.00 11.29
N LEU B 30 3.12 12.21 10.98
CA LEU B 30 4.50 12.70 10.97
C LEU B 30 4.73 13.77 9.91
N LEU B 31 4.08 13.60 8.75
CA LEU B 31 4.02 14.51 7.58
C LEU B 31 3.68 15.97 7.93
N ASP B 32 2.88 16.17 8.98
CA ASP B 32 2.52 17.48 9.56
C ASP B 32 3.51 17.97 10.63
N GLY B 33 4.09 17.02 11.37
CA GLY B 33 4.82 17.30 12.62
C GLY B 33 6.32 17.36 12.49
N VAL B 34 6.95 16.23 12.15
CA VAL B 34 8.41 16.00 12.21
C VAL B 34 9.12 16.70 13.40
N CYS B 35 8.46 16.72 14.55
CA CYS B 35 8.94 17.41 15.75
C CYS B 35 9.86 16.51 16.56
N TYR B 36 9.31 15.68 17.45
CA TYR B 36 10.13 14.95 18.43
C TYR B 36 9.78 13.44 18.56
N PRO B 37 10.65 12.59 19.14
CA PRO B 37 10.49 11.14 19.04
C PRO B 37 9.22 10.60 19.72
N GLY B 38 8.69 11.33 20.70
CA GLY B 38 7.40 11.03 21.33
C GLY B 38 6.25 11.94 20.91
N GLN B 39 6.39 12.82 19.89
CA GLN B 39 5.35 13.78 19.51
C GLN B 39 4.06 13.07 19.08
N LEU B 40 4.24 11.89 18.47
CA LEU B 40 3.18 11.05 17.96
C LEU B 40 2.25 10.55 19.07
N ALA B 41 2.65 10.58 20.33
CA ALA B 41 1.76 10.19 21.43
C ALA B 41 0.48 11.04 21.50
N ALA B 42 0.57 12.33 21.11
CA ALA B 42 -0.60 13.20 20.94
C ALA B 42 -1.33 12.89 19.62
N HIS B 43 -0.63 12.92 18.48
CA HIS B 43 -1.20 12.65 17.16
C HIS B 43 -1.96 11.31 17.05
N LEU B 44 -1.52 10.30 17.81
CA LEU B 44 -2.03 8.93 17.76
C LEU B 44 -3.01 8.62 18.90
N GLY B 45 -2.90 9.31 20.04
CA GLY B 45 -3.60 8.98 21.29
C GLY B 45 -2.98 7.81 22.06
N LEU B 46 -1.84 7.30 21.59
CA LEU B 46 -1.20 6.09 22.11
C LEU B 46 0.05 6.45 22.94
N THR B 47 0.41 5.63 23.93
CA THR B 47 1.53 5.93 24.84
C THR B 47 2.85 5.94 24.06
N ARG B 48 3.82 6.76 24.51
CA ARG B 48 5.11 6.91 23.81
C ARG B 48 5.87 5.57 23.67
N SER B 49 5.77 4.69 24.66
CA SER B 49 6.27 3.31 24.60
C SER B 49 5.48 2.47 23.58
N ASN B 50 4.15 2.57 23.58
CA ASN B 50 3.31 1.84 22.62
C ASN B 50 3.53 2.32 21.17
N VAL B 51 3.58 3.63 20.91
CA VAL B 51 4.00 4.17 19.60
C VAL B 51 5.44 3.73 19.24
N SER B 52 6.35 3.54 20.21
CA SER B 52 7.70 3.04 19.93
C SER B 52 7.73 1.61 19.39
N ASN B 53 6.74 0.77 19.70
CA ASN B 53 6.55 -0.54 19.06
C ASN B 53 6.27 -0.35 17.56
N HIS B 54 5.24 0.44 17.26
CA HIS B 54 4.81 0.76 15.90
C HIS B 54 5.91 1.43 15.05
N LEU B 55 6.69 2.34 15.66
CA LEU B 55 7.88 2.96 15.05
C LEU B 55 9.01 1.95 14.83
N SER B 56 9.19 0.94 15.68
CA SER B 56 10.40 0.10 15.60
C SER B 56 10.54 -0.70 14.31
N CYS B 57 9.43 -1.17 13.74
CA CYS B 57 9.46 -1.73 12.40
C CYS B 57 9.65 -0.65 11.32
N LEU B 58 9.07 0.54 11.54
CA LEU B 58 9.02 1.69 10.64
C LEU B 58 10.40 2.35 10.44
N ARG B 59 11.26 2.30 11.48
CA ARG B 59 12.67 2.70 11.44
C ARG B 59 13.57 1.59 10.87
N GLY B 60 13.12 0.32 10.86
CA GLY B 60 13.83 -0.84 10.30
C GLY B 60 13.54 -1.07 8.82
N CYS B 61 12.30 -0.87 8.38
CA CYS B 61 11.86 -0.82 6.99
C CYS B 61 12.14 0.58 6.36
N GLY B 62 12.98 1.39 7.01
CA GLY B 62 13.50 2.68 6.51
C GLY B 62 12.52 3.87 6.53
N LEU B 63 11.20 3.63 6.45
CA LEU B 63 10.11 4.61 6.23
C LEU B 63 10.11 5.85 7.12
N VAL B 64 10.62 5.73 8.36
CA VAL B 64 10.91 6.84 9.26
C VAL B 64 12.39 6.92 9.59
N VAL B 65 12.95 8.08 9.28
CA VAL B 65 14.38 8.39 9.41
C VAL B 65 14.55 9.35 10.59
N ALA B 66 15.50 9.03 11.48
CA ALA B 66 15.78 9.78 12.70
C ALA B 66 16.95 10.74 12.49
N THR B 67 16.90 11.89 13.16
CA THR B 67 17.84 13.00 12.98
C THR B 67 17.90 13.82 14.26
N TYR B 68 19.06 14.39 14.58
CA TYR B 68 19.31 15.15 15.82
C TYR B 68 19.16 16.67 15.59
N GLU B 69 17.96 17.20 15.84
CA GLU B 69 17.64 18.63 15.82
C GLU B 69 18.28 19.43 16.99
N GLY B 70 19.59 19.67 16.89
CA GLY B 70 20.38 20.62 17.71
C GLY B 70 20.49 20.36 19.21
N ARG B 71 19.78 19.36 19.75
CA ARG B 71 19.62 18.95 21.16
C ARG B 71 18.37 18.07 21.36
N GLN B 72 17.36 18.19 20.50
CA GLN B 72 16.25 17.23 20.44
C GLN B 72 16.53 16.30 19.25
N VAL B 73 15.76 15.22 19.09
CA VAL B 73 15.77 14.41 17.86
C VAL B 73 14.40 14.50 17.19
N ARG B 74 14.30 14.13 15.91
CA ARG B 74 13.03 13.99 15.21
C ARG B 74 12.96 12.64 14.50
N TYR B 75 11.79 12.36 13.95
CA TYR B 75 11.53 11.29 13.01
C TYR B 75 10.82 11.93 11.80
N ALA B 76 11.13 11.52 10.58
CA ALA B 76 10.55 12.07 9.37
C ALA B 76 10.42 11.00 8.29
N LEU B 77 9.49 11.17 7.36
CA LEU B 77 9.27 10.24 6.24
C LEU B 77 10.57 10.08 5.42
N ALA B 78 10.85 8.86 4.91
CA ALA B 78 12.14 8.48 4.34
C ALA B 78 12.61 9.14 3.03
N ASP B 79 11.81 10.06 2.50
CA ASP B 79 12.03 10.95 1.34
C ASP B 79 10.71 11.63 0.96
N SER B 80 10.86 12.76 0.26
CA SER B 80 9.82 13.50 -0.48
C SER B 80 8.85 12.57 -1.24
N HIS B 81 9.37 11.45 -1.78
CA HIS B 81 8.63 10.31 -2.31
C HIS B 81 7.38 9.97 -1.50
N LEU B 82 7.56 9.58 -0.24
CA LEU B 82 6.47 9.05 0.57
C LEU B 82 5.58 10.21 1.01
N ALA B 83 6.14 11.40 1.25
CA ALA B 83 5.39 12.60 1.61
C ALA B 83 4.43 13.05 0.50
N ARG B 84 4.78 12.79 -0.76
CA ARG B 84 3.89 12.93 -1.93
C ARG B 84 2.81 11.84 -1.92
N ALA B 85 3.20 10.57 -2.08
CA ALA B 85 2.24 9.46 -2.23
C ALA B 85 1.27 9.29 -1.04
N LEU B 86 1.66 9.72 0.16
CA LEU B 86 0.77 9.82 1.31
C LEU B 86 0.01 11.17 1.37
N GLY B 87 0.64 12.26 0.94
CA GLY B 87 0.16 13.65 0.98
C GLY B 87 -0.96 13.94 -0.01
N GLU B 88 -0.75 13.75 -1.33
CA GLU B 88 -1.85 13.74 -2.30
C GLU B 88 -2.73 12.47 -2.14
N LEU B 89 -2.17 11.48 -1.45
CA LEU B 89 -2.77 10.26 -0.91
C LEU B 89 -2.92 9.15 -1.95
N VAL B 90 -2.77 7.91 -1.48
CA VAL B 90 -3.09 6.64 -2.17
C VAL B 90 -4.55 6.53 -2.65
N GLN B 91 -5.33 7.60 -2.51
CA GLN B 91 -6.72 7.73 -2.93
C GLN B 91 -7.71 6.87 -2.14
N VAL B 92 -7.24 5.96 -1.29
CA VAL B 92 -7.97 5.02 -0.40
C VAL B 92 -8.97 5.61 0.61
N VAL B 93 -9.52 6.77 0.29
CA VAL B 93 -10.66 7.42 0.97
C VAL B 93 -10.29 7.99 2.35
N LEU B 94 -8.97 8.04 2.67
CA LEU B 94 -8.37 8.36 3.97
C LEU B 94 -8.46 7.12 4.88
N ALA B 95 -7.33 6.41 5.01
CA ALA B 95 -7.17 5.23 5.86
C ALA B 95 -7.59 5.44 7.34
N VAL B 96 -8.25 4.43 7.91
CA VAL B 96 -8.66 4.35 9.33
C VAL B 96 -8.06 3.06 9.93
N ASP B 97 -7.90 3.02 11.26
CA ASP B 97 -7.35 1.94 12.07
C ASP B 97 -8.20 0.62 12.10
N THR B 98 -9.02 0.35 11.07
CA THR B 98 -10.03 -0.73 11.03
C THR B 98 -9.56 -2.01 10.35
N ASP B 99 -9.71 -3.13 11.07
CA ASP B 99 -9.58 -4.49 10.57
C ASP B 99 -10.97 -5.01 10.16
N GLN B 100 -11.06 -5.75 9.06
CA GLN B 100 -12.34 -6.23 8.53
C GLN B 100 -12.08 -7.40 7.56
N PRO B 101 -12.95 -8.42 7.50
CA PRO B 101 -12.70 -9.61 6.67
C PRO B 101 -12.80 -9.31 5.17
N CYS B 102 -12.30 -10.27 4.37
CA CYS B 102 -12.47 -10.33 2.93
C CYS B 102 -13.81 -11.03 2.55
N VAL B 103 -14.06 -11.08 1.25
CA VAL B 103 -15.18 -11.80 0.58
C VAL B 103 -14.69 -13.13 -0.05
N ALA B 104 -13.37 -13.35 -0.09
CA ALA B 104 -12.71 -14.51 -0.65
C ALA B 104 -11.99 -15.32 0.44
N GLU B 105 -11.07 -14.72 1.20
CA GLU B 105 -10.38 -15.41 2.28
C GLU B 105 -10.03 -14.50 3.46
N ARG B 106 -10.47 -14.90 4.65
CA ARG B 106 -10.03 -14.34 5.93
C ARG B 106 -10.40 -15.22 7.13
CD CD C . -9.79 -10.33 -1.13
CD CD D . 10.41 -3.28 9.63
N ALA A 10 -11.87 -2.81 1.77
CA ALA A 10 -11.29 -2.60 3.10
C ALA A 10 -9.88 -1.98 2.96
N LEU A 11 -9.63 -0.85 3.64
CA LEU A 11 -8.38 -0.08 3.49
C LEU A 11 -7.14 -0.93 3.79
N ALA A 12 -7.21 -1.76 4.84
CA ALA A 12 -6.17 -2.69 5.26
C ALA A 12 -6.01 -3.91 4.31
N ARG A 13 -6.79 -3.98 3.24
CA ARG A 13 -6.63 -4.93 2.13
C ARG A 13 -6.21 -4.25 0.83
N LEU A 14 -6.45 -2.94 0.67
CA LEU A 14 -5.87 -2.15 -0.44
C LEU A 14 -4.34 -2.19 -0.35
N GLY A 15 -3.75 -1.73 0.76
CA GLY A 15 -2.29 -1.69 0.92
C GLY A 15 -1.64 -3.09 0.95
N ARG A 16 -2.41 -4.10 1.40
CA ARG A 16 -2.02 -5.51 1.36
C ARG A 16 -2.00 -6.06 -0.07
N ALA A 17 -3.07 -5.89 -0.85
CA ALA A 17 -3.17 -6.45 -2.19
C ALA A 17 -2.31 -5.70 -3.21
N LEU A 18 -2.01 -4.42 -2.97
CA LEU A 18 -1.02 -3.69 -3.75
C LEU A 18 0.41 -3.96 -3.24
N ALA A 19 0.60 -4.68 -2.11
CA ALA A 19 1.90 -5.23 -1.71
C ALA A 19 2.11 -6.67 -2.22
N ASP A 20 1.05 -7.50 -2.27
CA ASP A 20 1.06 -8.83 -2.86
C ASP A 20 1.73 -8.77 -4.25
N PRO A 21 2.74 -9.65 -4.48
CA PRO A 21 3.73 -9.60 -5.57
C PRO A 21 3.10 -9.42 -6.95
N THR A 22 2.70 -10.53 -7.58
CA THR A 22 1.98 -10.61 -8.84
C THR A 22 0.68 -9.83 -8.85
N ARG A 23 0.07 -9.53 -7.70
CA ARG A 23 -1.18 -8.75 -7.66
C ARG A 23 -0.95 -7.28 -7.93
N CYS A 24 0.12 -6.68 -7.40
CA CYS A 24 0.51 -5.33 -7.80
C CYS A 24 0.83 -5.30 -9.32
N ARG A 25 1.63 -6.25 -9.80
CA ARG A 25 1.95 -6.39 -11.23
C ARG A 25 0.71 -6.68 -12.12
N ILE A 26 -0.30 -7.46 -11.67
CA ILE A 26 -1.62 -7.59 -12.33
C ILE A 26 -2.23 -6.20 -12.49
N LEU A 27 -2.30 -5.47 -11.37
CA LEU A 27 -2.98 -4.18 -11.31
C LEU A 27 -2.29 -3.12 -12.19
N VAL A 28 -0.96 -2.98 -12.19
CA VAL A 28 -0.27 -1.96 -13.04
C VAL A 28 -0.57 -2.14 -14.53
N ALA A 29 -0.87 -3.37 -14.94
CA ALA A 29 -1.20 -3.70 -16.32
C ALA A 29 -2.72 -3.73 -16.59
N LEU A 30 -3.57 -3.83 -15.56
CA LEU A 30 -5.02 -3.62 -15.71
C LEU A 30 -5.37 -2.18 -16.02
N LEU A 31 -4.68 -1.28 -15.33
CA LEU A 31 -4.77 0.18 -15.33
C LEU A 31 -5.22 0.76 -16.69
N ASP A 32 -4.42 0.53 -17.73
CA ASP A 32 -4.70 0.88 -19.14
C ASP A 32 -5.24 -0.33 -19.95
N GLY A 33 -5.05 -1.55 -19.43
CA GLY A 33 -5.26 -2.82 -20.14
C GLY A 33 -6.72 -3.24 -20.31
N VAL A 34 -7.55 -3.10 -19.28
CA VAL A 34 -9.02 -3.36 -19.16
C VAL A 34 -9.80 -3.98 -20.35
N CYS A 35 -9.28 -5.06 -20.93
CA CYS A 35 -9.89 -5.83 -22.01
C CYS A 35 -10.47 -7.14 -21.48
N TYR A 36 -9.63 -8.03 -20.95
CA TYR A 36 -10.10 -9.36 -20.54
C TYR A 36 -9.30 -9.97 -19.39
N PRO A 37 -9.87 -10.81 -18.50
CA PRO A 37 -9.10 -11.46 -17.44
C PRO A 37 -7.94 -12.27 -18.04
N GLY A 38 -8.19 -13.03 -19.11
CA GLY A 38 -7.16 -13.80 -19.81
C GLY A 38 -6.12 -12.95 -20.56
N GLN A 39 -6.29 -11.62 -20.61
CA GLN A 39 -5.31 -10.70 -21.19
C GLN A 39 -4.07 -10.60 -20.32
N LEU A 40 -4.21 -10.67 -18.98
CA LEU A 40 -3.09 -10.54 -18.06
C LEU A 40 -2.07 -11.69 -18.22
N ALA A 41 -2.36 -12.65 -19.09
CA ALA A 41 -1.40 -13.69 -19.43
C ALA A 41 -0.20 -13.08 -20.18
N ALA A 42 -0.46 -12.18 -21.13
CA ALA A 42 0.57 -11.42 -21.83
C ALA A 42 1.21 -10.35 -20.93
N HIS A 43 0.42 -9.68 -20.08
CA HIS A 43 0.95 -8.65 -19.18
C HIS A 43 1.97 -9.17 -18.14
N LEU A 44 1.97 -10.48 -17.89
CA LEU A 44 2.75 -11.17 -16.85
C LEU A 44 3.70 -12.24 -17.38
N GLY A 45 3.49 -12.75 -18.59
CA GLY A 45 4.18 -13.93 -19.11
C GLY A 45 3.67 -15.23 -18.46
N LEU A 46 2.49 -15.21 -17.83
CA LEU A 46 1.94 -16.33 -17.06
C LEU A 46 0.71 -16.97 -17.72
N THR A 47 0.44 -18.23 -17.38
CA THR A 47 -0.84 -18.87 -17.75
C THR A 47 -2.00 -18.14 -17.08
N ARG A 48 -3.14 -18.11 -17.78
CA ARG A 48 -4.39 -17.56 -17.24
C ARG A 48 -4.90 -18.31 -15.98
N SER A 49 -4.37 -19.49 -15.67
CA SER A 49 -4.61 -20.18 -14.39
C SER A 49 -3.98 -19.42 -13.21
N ASN A 50 -2.70 -19.06 -13.31
CA ASN A 50 -1.98 -18.29 -12.29
C ASN A 50 -2.58 -16.88 -12.17
N VAL A 51 -2.84 -16.22 -13.30
CA VAL A 51 -3.58 -14.95 -13.33
C VAL A 51 -4.91 -15.06 -12.58
N SER A 52 -5.72 -16.10 -12.84
CA SER A 52 -7.00 -16.28 -12.14
C SER A 52 -6.84 -16.42 -10.62
N ASN A 53 -5.82 -17.14 -10.18
CA ASN A 53 -5.45 -17.26 -8.76
C ASN A 53 -5.16 -15.87 -8.14
N HIS A 54 -4.40 -15.03 -8.85
CA HIS A 54 -4.19 -13.63 -8.43
C HIS A 54 -5.51 -12.83 -8.39
N LEU A 55 -6.41 -13.00 -9.37
CA LEU A 55 -7.70 -12.30 -9.42
C LEU A 55 -8.74 -12.83 -8.43
N SER A 56 -8.58 -14.06 -7.94
CA SER A 56 -9.49 -14.70 -6.97
C SER A 56 -9.80 -13.83 -5.74
N CYS A 57 -8.76 -13.31 -5.07
CA CYS A 57 -8.91 -12.38 -3.95
C CYS A 57 -9.24 -10.94 -4.42
N LEU A 58 -8.61 -10.50 -5.50
CA LEU A 58 -8.72 -9.15 -6.07
C LEU A 58 -10.19 -8.77 -6.37
N ARG A 59 -11.00 -9.73 -6.83
CA ARG A 59 -12.43 -9.51 -7.02
C ARG A 59 -13.22 -9.48 -5.69
N GLY A 60 -12.87 -10.35 -4.76
CA GLY A 60 -13.65 -10.57 -3.53
C GLY A 60 -13.45 -9.46 -2.51
N CYS A 61 -12.21 -8.97 -2.39
CA CYS A 61 -11.81 -7.81 -1.63
C CYS A 61 -12.07 -6.47 -2.39
N GLY A 62 -12.85 -6.55 -3.49
CA GLY A 62 -13.47 -5.46 -4.25
C GLY A 62 -12.65 -4.71 -5.31
N LEU A 63 -11.33 -4.91 -5.34
CA LEU A 63 -10.38 -4.20 -6.23
C LEU A 63 -10.67 -4.35 -7.72
N VAL A 64 -11.25 -5.45 -8.18
CA VAL A 64 -11.57 -5.69 -9.60
C VAL A 64 -13.00 -6.20 -9.85
N VAL A 65 -13.64 -5.56 -10.82
CA VAL A 65 -15.08 -5.63 -11.14
C VAL A 65 -15.29 -6.17 -12.56
N ALA A 66 -16.24 -7.09 -12.74
CA ALA A 66 -16.62 -7.62 -14.05
C ALA A 66 -17.58 -6.67 -14.80
N THR A 67 -17.23 -6.30 -16.04
CA THR A 67 -18.08 -5.49 -16.93
C THR A 67 -17.94 -5.99 -18.35
N TYR A 68 -18.92 -5.75 -19.23
CA TYR A 68 -18.70 -6.00 -20.66
C TYR A 68 -17.91 -4.84 -21.28
N GLU A 69 -16.77 -5.11 -21.92
CA GLU A 69 -16.03 -4.07 -22.66
C GLU A 69 -16.67 -3.74 -24.03
N GLY A 70 -17.30 -4.71 -24.69
CA GLY A 70 -18.04 -4.54 -25.95
C GLY A 70 -18.39 -5.85 -26.69
N ARG A 71 -17.70 -6.95 -26.37
CA ARG A 71 -17.90 -8.30 -26.91
C ARG A 71 -17.52 -9.42 -25.92
N GLN A 72 -16.77 -9.12 -24.86
CA GLN A 72 -16.41 -10.02 -23.77
C GLN A 72 -16.47 -9.26 -22.43
N VAL A 73 -16.28 -10.00 -21.34
CA VAL A 73 -16.09 -9.43 -19.99
C VAL A 73 -14.64 -8.98 -19.78
N ARG A 74 -14.49 -7.81 -19.16
CA ARG A 74 -13.24 -7.25 -18.65
C ARG A 74 -13.26 -7.24 -17.14
N TYR A 75 -12.08 -7.15 -16.55
CA TYR A 75 -11.88 -6.92 -15.13
C TYR A 75 -11.37 -5.48 -14.97
N ALA A 76 -12.25 -4.55 -14.59
CA ALA A 76 -11.94 -3.14 -14.38
C ALA A 76 -11.62 -2.89 -12.89
N LEU A 77 -10.65 -2.04 -12.59
CA LEU A 77 -10.37 -1.58 -11.23
C LEU A 77 -11.60 -0.97 -10.56
N ALA A 78 -11.66 -1.03 -9.22
CA ALA A 78 -12.84 -0.71 -8.42
C ALA A 78 -13.41 0.69 -8.64
N ASP A 79 -12.55 1.68 -8.92
CA ASP A 79 -12.92 3.09 -9.07
C ASP A 79 -11.74 3.86 -9.69
N SER A 80 -12.06 5.04 -10.22
CA SER A 80 -11.09 6.05 -10.64
C SER A 80 -10.03 6.31 -9.57
N HIS A 81 -10.36 6.21 -8.27
CA HIS A 81 -9.42 6.26 -7.14
C HIS A 81 -8.21 5.35 -7.34
N LEU A 82 -8.43 4.07 -7.64
CA LEU A 82 -7.33 3.11 -7.69
C LEU A 82 -6.55 3.32 -8.98
N ALA A 83 -7.24 3.47 -10.12
CA ALA A 83 -6.62 3.83 -11.41
C ALA A 83 -5.75 5.10 -11.33
N ARG A 84 -6.13 6.08 -10.49
CA ARG A 84 -5.38 7.29 -10.18
C ARG A 84 -4.10 7.01 -9.40
N ALA A 85 -4.18 6.55 -8.13
CA ALA A 85 -2.98 6.37 -7.30
C ALA A 85 -2.00 5.32 -7.86
N LEU A 86 -2.53 4.30 -8.56
CA LEU A 86 -1.79 3.34 -9.35
C LEU A 86 -1.09 4.02 -10.55
N GLY A 87 -1.77 4.99 -11.18
CA GLY A 87 -1.39 5.74 -12.39
C GLY A 87 -0.34 6.83 -12.16
N GLU A 88 -0.52 7.73 -11.19
CA GLU A 88 0.52 8.71 -10.82
C GLU A 88 1.72 8.07 -10.07
N LEU A 89 1.65 6.76 -9.82
CA LEU A 89 2.71 5.84 -9.37
C LEU A 89 3.16 6.11 -7.93
N VAL A 90 2.83 5.15 -7.05
CA VAL A 90 2.94 5.22 -5.57
C VAL A 90 4.36 5.34 -5.01
N GLN A 91 5.36 5.71 -5.81
CA GLN A 91 6.60 6.27 -5.35
C GLN A 91 7.55 5.22 -4.74
N VAL A 92 7.10 4.00 -4.49
CA VAL A 92 7.93 2.81 -4.17
C VAL A 92 8.70 2.32 -5.40
N VAL A 93 9.21 3.30 -6.14
CA VAL A 93 10.06 3.27 -7.33
C VAL A 93 9.35 2.80 -8.62
N LEU A 94 8.39 1.87 -8.47
CA LEU A 94 7.68 1.01 -9.44
C LEU A 94 7.78 -0.42 -8.89
N ALA A 95 6.76 -0.85 -8.14
CA ALA A 95 6.76 -2.12 -7.44
C ALA A 95 7.06 -3.33 -8.36
N VAL A 96 7.88 -4.25 -7.84
CA VAL A 96 8.28 -5.52 -8.48
C VAL A 96 7.71 -6.69 -7.66
N ASP A 97 7.50 -7.84 -8.30
CA ASP A 97 7.08 -9.12 -7.72
C ASP A 97 8.03 -9.69 -6.62
N THR A 98 9.18 -9.04 -6.37
CA THR A 98 10.18 -9.43 -5.35
C THR A 98 9.86 -8.90 -3.95
N ASP A 99 9.48 -9.80 -3.06
CA ASP A 99 9.40 -9.55 -1.63
C ASP A 99 10.76 -9.88 -0.98
N GLN A 100 11.02 -9.31 0.20
CA GLN A 100 12.34 -9.33 0.83
C GLN A 100 12.18 -9.02 2.35
N PRO A 101 13.01 -9.59 3.25
CA PRO A 101 12.84 -9.64 4.72
C PRO A 101 12.26 -8.44 5.49
N CYS A 102 11.53 -8.78 6.57
CA CYS A 102 11.09 -7.83 7.59
C CYS A 102 12.30 -7.48 8.49
N VAL A 103 13.18 -6.69 7.89
CA VAL A 103 14.51 -6.33 8.38
C VAL A 103 14.48 -5.72 9.79
N ALA A 104 13.37 -5.09 10.19
CA ALA A 104 13.13 -4.68 11.57
C ALA A 104 13.11 -5.88 12.54
N GLU A 105 14.26 -6.09 13.18
CA GLU A 105 14.59 -6.98 14.30
C GLU A 105 15.66 -8.02 13.92
N ARG A 106 15.43 -8.87 12.90
CA ARG A 106 16.28 -10.05 12.68
C ARG A 106 16.10 -10.76 11.34
N ALA B 10 12.12 -1.57 2.13
CA ALA B 10 11.81 -2.96 1.81
C ALA B 10 10.45 -2.93 1.07
N LEU B 11 10.46 -2.89 -0.26
CA LEU B 11 9.32 -2.54 -1.12
C LEU B 11 7.95 -3.12 -0.75
N ALA B 12 7.78 -4.43 -0.60
CA ALA B 12 6.48 -5.02 -0.21
C ALA B 12 6.10 -4.69 1.24
N ARG B 13 7.07 -4.39 2.12
CA ARG B 13 6.80 -3.90 3.47
C ARG B 13 6.27 -2.46 3.47
N LEU B 14 6.48 -1.65 2.42
CA LEU B 14 5.84 -0.34 2.25
C LEU B 14 4.32 -0.54 2.28
N GLY B 15 3.75 -1.19 1.25
CA GLY B 15 2.30 -1.35 1.13
C GLY B 15 1.67 -2.05 2.33
N ARG B 16 2.34 -3.06 2.90
CA ARG B 16 1.92 -3.71 4.14
C ARG B 16 1.89 -2.76 5.34
N ALA B 17 2.97 -2.02 5.61
CA ALA B 17 3.06 -1.10 6.75
C ALA B 17 2.21 0.18 6.56
N LEU B 18 1.69 0.43 5.35
CA LEU B 18 0.67 1.46 5.09
C LEU B 18 -0.76 0.88 5.08
N ALA B 19 -0.93 -0.45 5.01
CA ALA B 19 -2.21 -1.13 5.26
C ALA B 19 -2.46 -1.35 6.77
N ASP B 20 -1.42 -1.16 7.58
CA ASP B 20 -1.37 -1.33 9.02
C ASP B 20 -1.98 -0.10 9.70
N PRO B 21 -2.87 -0.30 10.69
CA PRO B 21 -3.74 0.70 11.31
C PRO B 21 -2.99 1.95 11.80
N THR B 22 -2.46 1.86 13.01
CA THR B 22 -1.70 2.90 13.69
C THR B 22 -0.42 3.26 12.97
N ARG B 23 0.14 2.38 12.14
CA ARG B 23 1.35 2.72 11.37
C ARG B 23 1.05 3.66 10.23
N CYS B 24 -0.02 3.46 9.45
CA CYS B 24 -0.46 4.45 8.47
C CYS B 24 -0.76 5.79 9.17
N ARG B 25 -1.46 5.76 10.31
CA ARG B 25 -1.71 6.93 11.16
C ARG B 25 -0.41 7.58 11.75
N ILE B 26 0.65 6.83 12.07
CA ILE B 26 1.99 7.39 12.41
C ILE B 26 2.55 8.09 11.18
N LEU B 27 2.56 7.40 10.04
CA LEU B 27 3.10 7.88 8.79
C LEU B 27 2.41 9.17 8.30
N VAL B 28 1.07 9.28 8.33
CA VAL B 28 0.35 10.51 7.92
C VAL B 28 0.76 11.74 8.74
N ALA B 29 1.26 11.52 9.97
CA ALA B 29 1.69 12.56 10.88
C ALA B 29 3.22 12.78 10.86
N LEU B 30 3.96 11.91 10.17
CA LEU B 30 5.38 12.10 9.85
C LEU B 30 5.60 12.88 8.56
N LEU B 31 4.59 12.80 7.70
CA LEU B 31 4.36 13.64 6.52
C LEU B 31 4.46 15.14 6.86
N ASP B 32 4.12 15.53 8.10
CA ASP B 32 3.96 16.92 8.58
C ASP B 32 4.70 17.27 9.89
N GLY B 33 4.75 16.32 10.85
CA GLY B 33 5.13 16.58 12.25
C GLY B 33 6.61 16.84 12.45
N VAL B 34 7.43 15.84 12.15
CA VAL B 34 8.91 15.90 12.14
C VAL B 34 9.57 16.67 13.31
N CYS B 35 8.99 16.57 14.51
CA CYS B 35 9.46 17.21 15.74
C CYS B 35 10.25 16.24 16.63
N TYR B 36 9.58 15.32 17.33
CA TYR B 36 10.25 14.52 18.38
C TYR B 36 9.79 13.05 18.49
N PRO B 37 10.62 12.10 18.98
CA PRO B 37 10.23 10.70 19.15
C PRO B 37 8.96 10.55 20.00
N GLY B 38 8.78 11.39 21.01
CA GLY B 38 7.56 11.40 21.84
C GLY B 38 6.36 12.13 21.22
N GLN B 39 6.51 12.85 20.09
CA GLN B 39 5.45 13.72 19.57
C GLN B 39 4.23 12.93 19.09
N LEU B 40 4.43 11.70 18.57
CA LEU B 40 3.32 10.90 18.05
C LEU B 40 2.37 10.44 19.17
N ALA B 41 2.71 10.68 20.44
CA ALA B 41 1.77 10.48 21.53
C ALA B 41 0.55 11.40 21.38
N ALA B 42 0.75 12.66 20.94
CA ALA B 42 -0.31 13.62 20.65
C ALA B 42 -1.02 13.33 19.31
N HIS B 43 -0.26 13.03 18.25
CA HIS B 43 -0.86 12.70 16.93
C HIS B 43 -1.84 11.52 16.96
N LEU B 44 -1.68 10.63 17.94
CA LEU B 44 -2.39 9.35 18.10
C LEU B 44 -3.29 9.27 19.35
N GLY B 45 -3.06 10.12 20.36
CA GLY B 45 -3.70 9.98 21.67
C GLY B 45 -3.14 8.79 22.49
N LEU B 46 -1.97 8.27 22.13
CA LEU B 46 -1.37 7.06 22.73
C LEU B 46 -0.14 7.37 23.58
N THR B 47 0.26 6.43 24.46
CA THR B 47 1.56 6.50 25.14
C THR B 47 2.69 6.26 24.13
N ARG B 48 3.84 6.89 24.39
CA ARG B 48 5.07 6.70 23.62
C ARG B 48 5.58 5.24 23.63
N SER B 49 5.10 4.39 24.53
CA SER B 49 5.32 2.94 24.52
C SER B 49 4.62 2.27 23.32
N ASN B 50 3.32 2.55 23.14
CA ASN B 50 2.54 2.04 22.01
C ASN B 50 3.05 2.63 20.69
N VAL B 51 3.35 3.94 20.67
CA VAL B 51 4.02 4.57 19.51
C VAL B 51 5.33 3.86 19.16
N SER B 52 6.18 3.52 20.13
CA SER B 52 7.46 2.86 19.83
C SER B 52 7.29 1.49 19.16
N ASN B 53 6.30 0.71 19.60
CA ASN B 53 5.89 -0.54 18.96
C ASN B 53 5.52 -0.32 17.48
N HIS B 54 4.76 0.72 17.17
CA HIS B 54 4.50 1.12 15.78
C HIS B 54 5.78 1.52 15.02
N LEU B 55 6.70 2.27 15.66
CA LEU B 55 7.92 2.78 15.03
C LEU B 55 9.00 1.71 14.77
N SER B 56 9.09 0.64 15.55
CA SER B 56 10.12 -0.40 15.33
C SER B 56 10.17 -0.93 13.89
N CYS B 57 9.05 -1.37 13.33
CA CYS B 57 9.00 -1.87 11.95
C CYS B 57 9.22 -0.75 10.91
N LEU B 58 8.59 0.41 11.13
CA LEU B 58 8.72 1.65 10.36
C LEU B 58 10.17 2.07 10.11
N ARG B 59 11.03 1.96 11.14
CA ARG B 59 12.43 2.38 11.09
C ARG B 59 13.40 1.28 10.65
N GLY B 60 13.04 -0.01 10.75
CA GLY B 60 13.89 -1.12 10.28
C GLY B 60 13.67 -1.41 8.80
N CYS B 61 12.41 -1.49 8.36
CA CYS B 61 11.99 -1.70 6.98
C CYS B 61 12.17 -0.44 6.07
N GLY B 62 12.86 0.58 6.62
CA GLY B 62 13.38 1.78 5.96
C GLY B 62 12.42 2.95 5.80
N LEU B 63 11.14 2.79 6.14
CA LEU B 63 10.09 3.79 5.90
C LEU B 63 10.27 5.09 6.66
N VAL B 64 11.02 5.06 7.75
CA VAL B 64 11.18 6.14 8.72
C VAL B 64 12.63 6.32 9.18
N VAL B 65 13.07 7.58 9.21
CA VAL B 65 14.47 8.02 9.40
C VAL B 65 14.62 8.87 10.66
N ALA B 66 15.63 8.57 11.49
CA ALA B 66 16.04 9.41 12.61
C ALA B 66 16.95 10.55 12.13
N THR B 67 16.65 11.80 12.53
CA THR B 67 17.50 12.98 12.25
C THR B 67 17.46 13.95 13.42
N TYR B 68 18.44 14.84 13.54
CA TYR B 68 18.31 15.96 14.46
C TYR B 68 17.48 17.09 13.80
N GLU B 69 16.45 17.59 14.48
CA GLU B 69 15.75 18.81 14.03
C GLU B 69 16.46 20.10 14.46
N GLY B 70 17.21 20.11 15.57
CA GLY B 70 18.06 21.23 16.00
C GLY B 70 18.43 21.24 17.49
N ARG B 71 17.48 20.90 18.36
CA ARG B 71 17.67 20.70 19.82
C ARG B 71 17.45 19.25 20.26
N GLN B 72 16.75 18.44 19.46
CA GLN B 72 16.41 17.05 19.72
C GLN B 72 16.45 16.23 18.41
N VAL B 73 16.33 14.92 18.56
CA VAL B 73 16.09 13.98 17.46
C VAL B 73 14.60 13.98 17.09
N ARG B 74 14.30 13.67 15.82
CA ARG B 74 12.97 13.54 15.23
C ARG B 74 12.85 12.25 14.43
N TYR B 75 11.63 11.96 13.94
CA TYR B 75 11.40 10.94 12.92
C TYR B 75 10.77 11.58 11.68
N ALA B 76 11.44 11.45 10.54
CA ALA B 76 10.95 11.84 9.23
C ALA B 76 10.67 10.57 8.40
N LEU B 77 9.92 10.69 7.30
CA LEU B 77 9.73 9.59 6.35
C LEU B 77 11.03 9.31 5.57
N ALA B 78 11.10 8.17 4.87
CA ALA B 78 12.29 7.73 4.11
C ALA B 78 12.83 8.78 3.12
N ASP B 79 11.94 9.34 2.30
CA ASP B 79 12.22 10.22 1.16
C ASP B 79 10.95 11.00 0.79
N SER B 80 11.11 12.05 -0.01
CA SER B 80 10.01 12.76 -0.66
C SER B 80 9.07 11.82 -1.42
N HIS B 81 9.55 10.66 -1.90
CA HIS B 81 8.74 9.59 -2.47
C HIS B 81 7.60 9.17 -1.55
N LEU B 82 7.87 8.74 -0.31
CA LEU B 82 6.79 8.22 0.53
C LEU B 82 5.88 9.36 0.95
N ALA B 83 6.44 10.51 1.34
CA ALA B 83 5.70 11.74 1.63
C ALA B 83 4.73 12.15 0.50
N ARG B 84 5.10 11.93 -0.76
CA ARG B 84 4.26 12.19 -1.94
C ARG B 84 3.05 11.23 -2.00
N ALA B 85 3.24 9.93 -2.16
CA ALA B 85 2.13 8.95 -2.30
C ALA B 85 1.24 8.81 -1.04
N LEU B 86 1.77 9.25 0.11
CA LEU B 86 1.07 9.44 1.40
C LEU B 86 0.31 10.78 1.47
N GLY B 87 0.82 11.81 0.78
CA GLY B 87 0.40 13.23 0.78
C GLY B 87 -0.69 13.55 -0.22
N GLU B 88 -0.47 13.34 -1.53
CA GLU B 88 -1.58 13.37 -2.51
C GLU B 88 -2.48 12.13 -2.35
N LEU B 89 -1.96 11.11 -1.65
CA LEU B 89 -2.62 9.94 -1.08
C LEU B 89 -2.95 8.84 -2.09
N VAL B 90 -2.90 7.60 -1.60
CA VAL B 90 -3.39 6.36 -2.25
C VAL B 90 -4.90 6.37 -2.58
N GLN B 91 -5.56 7.53 -2.47
CA GLN B 91 -6.93 7.81 -2.87
C GLN B 91 -8.01 7.15 -2.01
N VAL B 92 -7.69 6.13 -1.21
CA VAL B 92 -8.54 5.31 -0.31
C VAL B 92 -9.32 6.04 0.80
N VAL B 93 -9.70 7.29 0.52
CA VAL B 93 -10.62 8.13 1.29
C VAL B 93 -10.05 8.58 2.65
N LEU B 94 -8.73 8.39 2.84
CA LEU B 94 -7.93 8.51 4.06
C LEU B 94 -8.03 7.19 4.85
N ALA B 95 -6.96 6.41 4.79
CA ALA B 95 -6.78 5.24 5.65
C ALA B 95 -6.90 5.63 7.14
N VAL B 96 -7.88 5.03 7.83
CA VAL B 96 -8.09 5.09 9.29
C VAL B 96 -7.43 3.88 9.97
N ASP B 97 -7.25 3.91 11.29
CA ASP B 97 -6.73 2.87 12.18
C ASP B 97 -7.58 1.55 12.25
N THR B 98 -8.46 1.29 11.27
CA THR B 98 -9.43 0.16 11.27
C THR B 98 -8.99 -1.00 10.38
N ASP B 99 -8.78 -2.16 11.00
CA ASP B 99 -8.67 -3.43 10.27
C ASP B 99 -10.08 -3.90 9.93
N GLN B 100 -10.23 -4.68 8.87
CA GLN B 100 -11.51 -5.24 8.45
C GLN B 100 -11.19 -6.43 7.52
N PRO B 101 -11.90 -7.58 7.60
CA PRO B 101 -11.54 -8.87 6.98
C PRO B 101 -11.11 -8.87 5.51
N CYS B 102 -10.18 -9.79 5.18
CA CYS B 102 -9.79 -10.12 3.81
C CYS B 102 -10.83 -11.03 3.13
N VAL B 103 -12.05 -10.49 3.11
CA VAL B 103 -13.38 -11.04 2.78
C VAL B 103 -13.41 -12.21 1.79
N ALA B 104 -12.62 -12.14 0.72
CA ALA B 104 -12.50 -13.22 -0.26
C ALA B 104 -12.23 -14.59 0.37
N GLU B 105 -12.62 -15.65 -0.36
CA GLU B 105 -12.51 -17.06 0.05
C GLU B 105 -13.51 -17.46 1.16
N ARG B 106 -13.77 -16.62 2.17
CA ARG B 106 -14.82 -16.74 3.23
C ARG B 106 -14.51 -15.91 4.49
CD CD C . -8.83 -11.36 0.30
CD CD D . 9.35 -5.01 9.56
N ALA A 10 -11.12 -4.57 5.00
CA ALA A 10 -10.04 -4.69 6.00
C ALA A 10 -8.71 -4.08 5.51
N LEU A 11 -8.29 -2.95 6.10
CA LEU A 11 -7.11 -2.21 5.63
C LEU A 11 -5.81 -3.02 5.71
N ALA A 12 -5.59 -3.76 6.80
CA ALA A 12 -4.38 -4.57 7.01
C ALA A 12 -4.26 -5.74 6.02
N ARG A 13 -5.38 -6.14 5.41
CA ARG A 13 -5.43 -7.15 4.34
C ARG A 13 -5.22 -6.49 2.98
N LEU A 14 -5.87 -5.33 2.72
CA LEU A 14 -5.80 -4.60 1.45
C LEU A 14 -4.37 -4.20 1.09
N GLY A 15 -3.57 -3.71 2.04
CA GLY A 15 -2.17 -3.36 1.77
C GLY A 15 -1.37 -4.55 1.21
N ARG A 16 -1.73 -5.78 1.61
CA ARG A 16 -1.15 -7.01 1.07
C ARG A 16 -1.88 -7.59 -0.15
N ALA A 17 -3.10 -7.17 -0.49
CA ALA A 17 -3.75 -7.53 -1.77
C ALA A 17 -3.13 -6.75 -2.95
N LEU A 18 -2.63 -5.53 -2.65
CA LEU A 18 -1.81 -4.75 -3.57
C LEU A 18 -0.35 -5.21 -3.52
N ALA A 19 0.23 -5.41 -2.33
CA ALA A 19 1.55 -6.04 -2.16
C ALA A 19 1.50 -7.58 -2.25
N ASP A 20 1.14 -8.07 -3.44
CA ASP A 20 0.95 -9.46 -3.85
C ASP A 20 1.60 -9.69 -5.24
N PRO A 21 2.30 -10.82 -5.48
CA PRO A 21 3.15 -11.08 -6.66
C PRO A 21 2.45 -10.83 -8.01
N THR A 22 1.80 -11.86 -8.55
CA THR A 22 1.12 -11.80 -9.84
C THR A 22 -0.09 -10.88 -9.78
N ARG A 23 -0.69 -10.64 -8.61
CA ARG A 23 -1.88 -9.80 -8.50
C ARG A 23 -1.57 -8.29 -8.64
N CYS A 24 -0.43 -7.78 -8.11
CA CYS A 24 0.10 -6.45 -8.45
C CYS A 24 0.28 -6.32 -9.97
N ARG A 25 0.90 -7.34 -10.56
CA ARG A 25 1.07 -7.44 -12.01
C ARG A 25 -0.26 -7.43 -12.77
N ILE A 26 -1.30 -8.16 -12.35
CA ILE A 26 -2.65 -8.08 -12.94
C ILE A 26 -3.15 -6.63 -12.97
N LEU A 27 -3.05 -5.92 -11.83
CA LEU A 27 -3.49 -4.52 -11.75
C LEU A 27 -2.69 -3.61 -12.70
N VAL A 28 -1.37 -3.78 -12.81
CA VAL A 28 -0.50 -2.95 -13.70
C VAL A 28 -0.59 -3.34 -15.18
N ALA A 29 -0.93 -4.60 -15.47
CA ALA A 29 -1.20 -5.11 -16.80
C ALA A 29 -2.58 -4.66 -17.30
N LEU A 30 -3.55 -4.49 -16.40
CA LEU A 30 -4.82 -3.85 -16.72
C LEU A 30 -4.63 -2.39 -17.10
N LEU A 31 -3.83 -1.63 -16.34
CA LEU A 31 -3.56 -0.20 -16.51
C LEU A 31 -3.22 0.20 -17.96
N ASP A 32 -2.35 -0.57 -18.64
CA ASP A 32 -1.93 -0.38 -20.05
C ASP A 32 -2.71 -1.29 -21.04
N GLY A 33 -3.60 -2.15 -20.52
CA GLY A 33 -4.36 -3.18 -21.24
C GLY A 33 -5.83 -2.84 -21.42
N VAL A 34 -6.60 -3.01 -20.34
CA VAL A 34 -8.09 -2.98 -20.27
C VAL A 34 -8.81 -3.59 -21.49
N CYS A 35 -8.25 -4.65 -22.10
CA CYS A 35 -8.78 -5.20 -23.37
C CYS A 35 -9.95 -6.17 -23.16
N TYR A 36 -9.68 -7.28 -22.46
CA TYR A 36 -10.63 -8.41 -22.35
C TYR A 36 -10.30 -9.41 -21.22
N PRO A 37 -11.28 -10.17 -20.70
CA PRO A 37 -11.00 -11.27 -19.79
C PRO A 37 -10.08 -12.26 -20.50
N GLY A 38 -8.99 -12.64 -19.83
CA GLY A 38 -7.95 -13.47 -20.45
C GLY A 38 -6.94 -12.71 -21.30
N GLN A 39 -7.07 -11.38 -21.49
CA GLN A 39 -6.01 -10.58 -22.12
C GLN A 39 -4.71 -10.66 -21.29
N LEU A 40 -4.86 -10.70 -19.95
CA LEU A 40 -3.74 -10.80 -19.00
C LEU A 40 -2.93 -12.08 -19.19
N ALA A 41 -3.51 -13.10 -19.83
CA ALA A 41 -2.78 -14.36 -20.08
C ALA A 41 -1.56 -14.14 -21.00
N ALA A 42 -1.59 -13.10 -21.84
CA ALA A 42 -0.44 -12.63 -22.61
C ALA A 42 0.50 -11.78 -21.76
N HIS A 43 0.00 -10.71 -21.12
CA HIS A 43 0.80 -9.81 -20.26
C HIS A 43 1.56 -10.53 -19.12
N LEU A 44 1.06 -11.69 -18.66
CA LEU A 44 1.61 -12.47 -17.55
C LEU A 44 2.30 -13.78 -17.99
N GLY A 45 2.11 -14.20 -19.25
CA GLY A 45 2.56 -15.51 -19.75
C GLY A 45 1.83 -16.71 -19.11
N LEU A 46 0.81 -16.45 -18.29
CA LEU A 46 0.16 -17.45 -17.45
C LEU A 46 -1.24 -17.79 -17.97
N THR A 47 -1.60 -19.08 -17.94
CA THR A 47 -2.85 -19.57 -18.54
C THR A 47 -4.08 -18.93 -17.91
N ARG A 48 -5.15 -18.82 -18.70
CA ARG A 48 -6.44 -18.23 -18.34
C ARG A 48 -7.01 -18.77 -17.00
N SER A 49 -6.82 -20.06 -16.71
CA SER A 49 -7.21 -20.69 -15.44
C SER A 49 -6.41 -20.14 -14.26
N ASN A 50 -5.08 -20.01 -14.40
CA ASN A 50 -4.20 -19.42 -13.40
C ASN A 50 -4.48 -17.91 -13.22
N VAL A 51 -4.63 -17.15 -14.31
CA VAL A 51 -4.99 -15.72 -14.23
C VAL A 51 -6.39 -15.51 -13.62
N SER A 52 -7.32 -16.47 -13.77
CA SER A 52 -8.61 -16.43 -13.07
C SER A 52 -8.47 -16.50 -11.55
N ASN A 53 -7.58 -17.34 -11.01
CA ASN A 53 -7.24 -17.39 -9.58
C ASN A 53 -6.69 -16.05 -9.06
N HIS A 54 -5.95 -15.33 -9.90
CA HIS A 54 -5.52 -13.98 -9.56
C HIS A 54 -6.69 -12.95 -9.58
N LEU A 55 -7.54 -12.98 -10.61
CA LEU A 55 -8.75 -12.14 -10.73
C LEU A 55 -9.86 -12.50 -9.75
N SER A 56 -9.86 -13.69 -9.16
CA SER A 56 -10.91 -14.10 -8.21
C SER A 56 -11.03 -13.12 -7.04
N CYS A 57 -9.94 -12.87 -6.33
CA CYS A 57 -9.92 -11.91 -5.22
C CYS A 57 -10.05 -10.47 -5.73
N LEU A 58 -9.49 -10.16 -6.90
CA LEU A 58 -9.46 -8.81 -7.47
C LEU A 58 -10.87 -8.29 -7.82
N ARG A 59 -11.72 -9.19 -8.31
CA ARG A 59 -13.13 -8.93 -8.61
C ARG A 59 -14.01 -9.10 -7.35
N GLY A 60 -13.62 -9.99 -6.43
CA GLY A 60 -14.34 -10.19 -5.15
C GLY A 60 -14.22 -8.99 -4.21
N CYS A 61 -13.01 -8.43 -4.10
CA CYS A 61 -12.73 -7.16 -3.45
C CYS A 61 -13.21 -5.94 -4.29
N GLY A 62 -13.61 -6.13 -5.55
CA GLY A 62 -14.06 -5.03 -6.43
C GLY A 62 -12.95 -4.12 -6.96
N LEU A 63 -11.67 -4.37 -6.65
CA LEU A 63 -10.51 -3.65 -7.21
C LEU A 63 -10.50 -3.62 -8.75
N VAL A 64 -11.13 -4.62 -9.38
CA VAL A 64 -11.41 -4.69 -10.83
C VAL A 64 -12.90 -4.90 -11.15
N VAL A 65 -13.35 -4.22 -12.22
CA VAL A 65 -14.74 -4.17 -12.68
C VAL A 65 -14.81 -4.38 -14.20
N ALA A 66 -15.79 -5.18 -14.68
CA ALA A 66 -16.05 -5.40 -16.12
C ALA A 66 -17.07 -4.43 -16.73
N THR A 67 -16.93 -4.25 -18.05
CA THR A 67 -17.68 -3.29 -18.86
C THR A 67 -17.98 -3.89 -20.22
N TYR A 68 -19.22 -3.73 -20.70
CA TYR A 68 -19.62 -4.04 -22.07
C TYR A 68 -19.21 -2.94 -23.06
N GLU A 69 -18.18 -3.22 -23.84
CA GLU A 69 -17.79 -2.45 -25.02
C GLU A 69 -18.62 -2.88 -26.26
N GLY A 70 -18.47 -2.19 -27.39
CA GLY A 70 -19.34 -2.32 -28.58
C GLY A 70 -19.26 -3.62 -29.39
N ARG A 71 -18.83 -4.74 -28.78
CA ARG A 71 -18.70 -6.10 -29.36
C ARG A 71 -17.99 -7.09 -28.43
N GLN A 72 -17.32 -6.64 -27.36
CA GLN A 72 -16.52 -7.43 -26.42
C GLN A 72 -16.77 -6.89 -25.01
N VAL A 73 -16.27 -7.57 -23.98
CA VAL A 73 -16.27 -7.05 -22.60
C VAL A 73 -14.82 -6.94 -22.12
N ARG A 74 -14.53 -5.96 -21.25
CA ARG A 74 -13.20 -5.80 -20.63
C ARG A 74 -13.25 -5.96 -19.11
N TYR A 75 -12.09 -5.81 -18.49
CA TYR A 75 -11.91 -5.62 -17.04
C TYR A 75 -10.97 -4.42 -16.86
N ALA A 76 -11.33 -3.47 -16.01
CA ALA A 76 -10.54 -2.30 -15.64
C ALA A 76 -10.45 -2.16 -14.12
N LEU A 77 -9.51 -1.36 -13.62
CA LEU A 77 -9.44 -0.96 -12.21
C LEU A 77 -10.73 -0.21 -11.84
N ALA A 78 -11.18 -0.38 -10.58
CA ALA A 78 -12.41 0.23 -10.05
C ALA A 78 -12.55 1.73 -10.35
N ASP A 79 -11.44 2.47 -10.25
CA ASP A 79 -11.33 3.90 -10.56
C ASP A 79 -9.85 4.34 -10.63
N SER A 80 -9.67 5.55 -11.16
CA SER A 80 -8.52 6.44 -11.14
C SER A 80 -7.76 6.37 -9.81
N HIS A 81 -8.49 6.20 -8.70
CA HIS A 81 -8.01 5.89 -7.36
C HIS A 81 -6.92 4.80 -7.37
N LEU A 82 -7.22 3.58 -7.83
CA LEU A 82 -6.23 2.49 -7.78
C LEU A 82 -5.17 2.70 -8.86
N ALA A 83 -5.55 3.33 -9.97
CA ALA A 83 -4.66 3.64 -11.08
C ALA A 83 -3.55 4.62 -10.68
N ARG A 84 -3.74 5.47 -9.65
CA ARG A 84 -2.69 6.33 -9.09
C ARG A 84 -1.62 5.50 -8.37
N ALA A 85 -1.91 4.92 -7.20
CA ALA A 85 -0.88 4.31 -6.36
C ALA A 85 -0.15 3.17 -7.08
N LEU A 86 -0.91 2.34 -7.81
CA LEU A 86 -0.39 1.26 -8.64
C LEU A 86 0.34 1.80 -9.89
N GLY A 87 -0.13 2.92 -10.45
CA GLY A 87 0.49 3.66 -11.55
C GLY A 87 1.86 4.23 -11.20
N GLU A 88 1.98 4.87 -10.03
CA GLU A 88 3.25 5.29 -9.43
C GLU A 88 3.94 4.16 -8.61
N LEU A 89 3.56 2.91 -8.92
CA LEU A 89 4.13 1.59 -8.59
C LEU A 89 3.83 1.13 -7.16
N VAL A 90 3.97 2.08 -6.24
CA VAL A 90 3.62 2.20 -4.82
C VAL A 90 4.67 3.03 -4.08
N GLN A 91 5.66 3.59 -4.81
CA GLN A 91 6.13 4.95 -4.60
C GLN A 91 7.24 4.98 -3.55
N VAL A 92 7.26 4.01 -2.64
CA VAL A 92 8.32 3.61 -1.69
C VAL A 92 9.56 3.09 -2.43
N VAL A 93 9.96 3.87 -3.43
CA VAL A 93 11.12 3.79 -4.32
C VAL A 93 11.10 2.61 -5.32
N LEU A 94 10.51 1.47 -4.92
CA LEU A 94 10.51 0.10 -5.47
C LEU A 94 10.80 -0.86 -4.30
N ALA A 95 9.78 -1.31 -3.53
CA ALA A 95 9.96 -2.02 -2.25
C ALA A 95 10.63 -3.43 -2.26
N VAL A 96 11.31 -3.79 -3.35
CA VAL A 96 12.09 -5.01 -3.61
C VAL A 96 11.25 -6.30 -3.71
N ASP A 97 11.48 -7.06 -4.80
CA ASP A 97 10.92 -8.38 -5.09
C ASP A 97 11.52 -9.53 -4.24
N THR A 98 12.43 -9.22 -3.31
CA THR A 98 12.99 -10.15 -2.30
C THR A 98 12.04 -10.34 -1.13
N ASP A 99 12.37 -11.30 -0.27
CA ASP A 99 11.79 -11.44 1.06
C ASP A 99 12.91 -11.71 2.07
N GLN A 100 12.96 -10.90 3.12
CA GLN A 100 14.04 -10.76 4.09
C GLN A 100 13.45 -10.33 5.45
N PRO A 101 14.23 -10.33 6.56
CA PRO A 101 13.83 -9.67 7.80
C PRO A 101 13.96 -8.14 7.63
N CYS A 102 13.80 -7.37 8.71
CA CYS A 102 13.84 -5.92 8.66
C CYS A 102 15.19 -5.39 8.13
N VAL A 103 15.10 -4.17 7.60
CA VAL A 103 16.25 -3.43 7.02
C VAL A 103 17.18 -2.86 8.10
N ALA A 104 16.81 -3.04 9.39
CA ALA A 104 17.70 -2.81 10.53
C ALA A 104 18.71 -3.96 10.69
N GLU A 105 18.39 -5.17 10.21
CA GLU A 105 19.22 -6.37 10.29
C GLU A 105 20.04 -6.59 8.98
N ARG A 106 20.41 -7.84 8.68
CA ARG A 106 21.30 -8.20 7.57
C ARG A 106 21.30 -9.71 7.29
N ALA B 10 11.38 -6.03 1.02
CA ALA B 10 10.30 -6.98 0.75
C ALA B 10 8.95 -6.29 0.56
N LEU B 11 8.44 -6.27 -0.68
CA LEU B 11 7.19 -5.56 -1.03
C LEU B 11 6.00 -5.99 -0.18
N ALA B 12 5.81 -7.32 0.00
CA ALA B 12 4.70 -7.90 0.76
C ALA B 12 4.72 -7.53 2.25
N ARG B 13 5.90 -7.22 2.80
CA ARG B 13 6.06 -6.77 4.19
C ARG B 13 5.81 -5.25 4.28
N LEU B 14 6.32 -4.47 3.33
CA LEU B 14 6.10 -3.02 3.27
C LEU B 14 4.61 -2.68 3.22
N GLY B 15 3.84 -3.31 2.33
CA GLY B 15 2.39 -3.01 2.20
C GLY B 15 1.62 -3.22 3.52
N ARG B 16 2.08 -4.14 4.38
CA ARG B 16 1.54 -4.31 5.73
C ARG B 16 2.19 -3.39 6.78
N ALA B 17 3.40 -2.86 6.60
CA ALA B 17 4.00 -1.86 7.50
C ALA B 17 3.32 -0.49 7.39
N LEU B 18 2.78 -0.18 6.20
CA LEU B 18 1.91 0.97 5.97
C LEU B 18 0.46 0.63 6.34
N ALA B 19 -0.07 -0.53 5.94
CA ALA B 19 -1.35 -1.03 6.45
C ALA B 19 -1.20 -1.68 7.85
N ASP B 20 -0.88 -0.82 8.81
CA ASP B 20 -0.56 -1.11 10.21
C ASP B 20 -1.28 -0.09 11.11
N PRO B 21 -1.83 -0.51 12.27
CA PRO B 21 -2.70 0.30 13.13
C PRO B 21 -2.03 1.61 13.54
N THR B 22 -1.13 1.54 14.54
CA THR B 22 -0.44 2.70 15.07
C THR B 22 0.54 3.28 14.05
N ARG B 23 1.16 2.49 13.16
CA ARG B 23 2.16 3.05 12.23
C ARG B 23 1.53 3.90 11.13
N CYS B 24 0.37 3.57 10.58
CA CYS B 24 -0.38 4.50 9.70
C CYS B 24 -0.61 5.84 10.43
N ARG B 25 -1.11 5.76 11.67
CA ARG B 25 -1.30 6.92 12.55
C ARG B 25 0.01 7.70 12.82
N ILE B 26 1.09 7.07 13.28
CA ILE B 26 2.45 7.64 13.44
C ILE B 26 2.91 8.35 12.16
N LEU B 27 2.81 7.67 11.02
CA LEU B 27 3.29 8.19 9.74
C LEU B 27 2.48 9.44 9.31
N VAL B 28 1.15 9.44 9.49
CA VAL B 28 0.28 10.58 9.12
C VAL B 28 0.34 11.72 10.16
N ALA B 29 0.62 11.39 11.42
CA ALA B 29 0.90 12.34 12.48
C ALA B 29 2.25 13.04 12.27
N LEU B 30 3.24 12.35 11.68
CA LEU B 30 4.47 12.99 11.24
C LEU B 30 4.23 14.03 10.15
N LEU B 31 3.42 13.69 9.14
CA LEU B 31 3.09 14.50 7.96
C LEU B 31 2.71 15.96 8.27
N ASP B 32 1.86 16.17 9.28
CA ASP B 32 1.38 17.49 9.75
C ASP B 32 2.01 17.89 11.11
N GLY B 33 3.12 17.24 11.49
CA GLY B 33 3.83 17.39 12.77
C GLY B 33 5.30 17.73 12.61
N VAL B 34 6.10 16.74 12.23
CA VAL B 34 7.58 16.74 12.18
C VAL B 34 8.30 17.53 13.30
N CYS B 35 7.78 17.54 14.54
CA CYS B 35 8.31 18.42 15.60
C CYS B 35 9.52 17.84 16.32
N TYR B 36 9.35 16.67 16.96
CA TYR B 36 10.35 16.09 17.87
C TYR B 36 10.11 14.61 18.21
N PRO B 37 11.15 13.84 18.61
CA PRO B 37 10.95 12.51 19.16
C PRO B 37 10.02 12.60 20.38
N GLY B 38 8.98 11.77 20.40
CA GLY B 38 7.94 11.85 21.43
C GLY B 38 6.90 12.94 21.19
N GLN B 39 6.97 13.74 20.11
CA GLN B 39 5.85 14.63 19.74
C GLN B 39 4.59 13.80 19.45
N LEU B 40 4.78 12.63 18.82
CA LEU B 40 3.71 11.69 18.47
C LEU B 40 2.96 11.19 19.71
N ALA B 41 3.56 11.27 20.89
CA ALA B 41 2.90 10.85 22.12
C ALA B 41 1.65 11.71 22.43
N ALA B 42 1.65 12.97 21.98
CA ALA B 42 0.47 13.84 22.00
C ALA B 42 -0.48 13.53 20.85
N HIS B 43 0.00 13.51 19.60
CA HIS B 43 -0.83 13.21 18.40
C HIS B 43 -1.60 11.88 18.48
N LEU B 44 -1.06 10.90 19.24
CA LEU B 44 -1.60 9.53 19.35
C LEU B 44 -2.26 9.23 20.70
N GLY B 45 -2.05 10.05 21.73
CA GLY B 45 -2.46 9.78 23.11
C GLY B 45 -1.67 8.66 23.79
N LEU B 46 -0.64 8.12 23.13
CA LEU B 46 0.10 6.93 23.56
C LEU B 46 1.48 7.30 24.12
N THR B 47 1.87 6.68 25.23
CA THR B 47 3.11 7.04 25.95
C THR B 47 4.35 6.87 25.07
N ARG B 48 5.38 7.67 25.35
CA ARG B 48 6.65 7.71 24.63
C ARG B 48 7.27 6.32 24.45
N SER B 49 7.26 5.47 25.47
CA SER B 49 7.78 4.09 25.40
C SER B 49 6.98 3.21 24.44
N ASN B 50 5.66 3.37 24.40
CA ASN B 50 4.80 2.68 23.44
C ASN B 50 5.00 3.22 22.01
N VAL B 51 5.04 4.55 21.81
CA VAL B 51 5.31 5.15 20.49
C VAL B 51 6.72 4.79 19.98
N SER B 52 7.72 4.59 20.85
CA SER B 52 9.02 4.03 20.45
C SER B 52 8.91 2.66 19.78
N ASN B 53 8.10 1.74 20.31
CA ASN B 53 7.85 0.42 19.70
C ASN B 53 7.23 0.51 18.29
N HIS B 54 6.48 1.59 18.03
CA HIS B 54 5.96 1.86 16.70
C HIS B 54 7.03 2.47 15.75
N LEU B 55 7.85 3.41 16.26
CA LEU B 55 8.99 4.00 15.53
C LEU B 55 10.18 3.04 15.35
N SER B 56 10.27 1.96 16.11
CA SER B 56 11.40 1.02 16.03
C SER B 56 11.53 0.42 14.62
N CYS B 57 10.49 -0.26 14.11
CA CYS B 57 10.54 -0.86 12.79
C CYS B 57 10.69 0.22 11.69
N LEU B 58 9.97 1.33 11.88
CA LEU B 58 9.87 2.49 10.99
C LEU B 58 11.23 3.11 10.66
N ARG B 59 12.05 3.34 11.68
CA ARG B 59 13.39 3.93 11.55
C ARG B 59 14.43 2.88 11.12
N GLY B 60 14.10 1.58 11.17
CA GLY B 60 14.91 0.50 10.59
C GLY B 60 14.64 0.35 9.09
N CYS B 61 13.36 0.34 8.72
CA CYS B 61 12.84 0.32 7.36
C CYS B 61 13.09 1.62 6.56
N GLY B 62 13.69 2.67 7.15
CA GLY B 62 13.94 3.94 6.46
C GLY B 62 12.67 4.67 6.02
N LEU B 63 11.51 4.41 6.63
CA LEU B 63 10.27 5.16 6.41
C LEU B 63 10.33 6.58 6.98
N VAL B 64 11.20 6.77 7.97
CA VAL B 64 11.30 7.95 8.82
C VAL B 64 12.73 8.21 9.23
N VAL B 65 13.10 9.49 9.25
CA VAL B 65 14.50 9.93 9.42
C VAL B 65 14.57 11.13 10.36
N ALA B 66 15.59 11.18 11.22
CA ALA B 66 15.88 12.30 12.13
C ALA B 66 16.72 13.39 11.49
N THR B 67 16.48 14.63 11.92
CA THR B 67 17.12 15.86 11.42
C THR B 67 17.45 16.77 12.59
N TYR B 68 18.66 17.34 12.58
CA TYR B 68 19.03 18.42 13.50
C TYR B 68 18.47 19.76 13.02
N GLU B 69 17.65 20.37 13.88
CA GLU B 69 17.06 21.69 13.70
C GLU B 69 17.77 22.70 14.63
N GLY B 70 17.46 24.00 14.52
CA GLY B 70 18.21 25.10 15.17
C GLY B 70 18.16 25.21 16.71
N ARG B 71 17.89 24.12 17.43
CA ARG B 71 17.82 23.97 18.91
C ARG B 71 17.24 22.62 19.37
N GLN B 72 16.68 21.79 18.48
CA GLN B 72 16.03 20.51 18.77
C GLN B 72 16.36 19.54 17.64
N VAL B 73 15.97 18.27 17.79
CA VAL B 73 16.00 17.27 16.72
C VAL B 73 14.56 16.83 16.45
N ARG B 74 14.25 16.48 15.20
CA ARG B 74 12.91 16.00 14.82
C ARG B 74 12.96 14.62 14.18
N TYR B 75 11.80 14.13 13.80
CA TYR B 75 11.61 12.98 12.92
C TYR B 75 10.65 13.41 11.81
N ALA B 76 10.96 13.04 10.57
CA ALA B 76 10.13 13.31 9.39
C ALA B 76 10.02 12.05 8.54
N LEU B 77 9.04 11.97 7.64
CA LEU B 77 9.00 10.94 6.61
C LEU B 77 10.18 11.13 5.66
N ALA B 78 10.69 10.03 5.10
CA ALA B 78 11.96 9.99 4.36
C ALA B 78 11.99 10.82 3.06
N ASP B 79 10.84 11.00 2.40
CA ASP B 79 10.65 11.80 1.18
C ASP B 79 9.17 11.94 0.79
N SER B 80 8.94 12.93 -0.07
CA SER B 80 7.75 13.19 -0.89
C SER B 80 7.05 11.90 -1.36
N HIS B 81 7.84 10.88 -1.74
CA HIS B 81 7.41 9.53 -2.08
C HIS B 81 6.46 8.91 -1.05
N LEU B 82 6.85 8.78 0.22
CA LEU B 82 5.98 8.20 1.25
C LEU B 82 4.85 9.16 1.61
N ALA B 83 5.16 10.46 1.67
CA ALA B 83 4.21 11.54 1.92
C ALA B 83 3.03 11.56 0.92
N ARG B 84 3.21 11.13 -0.34
CA ARG B 84 2.09 10.95 -1.30
C ARG B 84 1.18 9.79 -0.87
N ALA B 85 1.70 8.55 -0.89
CA ALA B 85 0.91 7.33 -0.64
C ALA B 85 0.18 7.36 0.70
N LEU B 86 0.87 7.85 1.74
CA LEU B 86 0.37 8.04 3.10
C LEU B 86 -0.50 9.30 3.21
N GLY B 87 -0.20 10.35 2.42
CA GLY B 87 -0.96 11.60 2.36
C GLY B 87 -2.37 11.39 1.81
N GLU B 88 -2.49 10.63 0.73
CA GLU B 88 -3.78 10.13 0.25
C GLU B 88 -4.13 8.74 0.82
N LEU B 89 -3.48 8.36 1.94
CA LEU B 89 -3.73 7.25 2.87
C LEU B 89 -3.41 5.85 2.34
N VAL B 90 -3.81 5.61 1.09
CA VAL B 90 -3.84 4.37 0.28
C VAL B 90 -4.67 4.59 -1.00
N GLN B 91 -5.55 5.60 -1.03
CA GLN B 91 -6.34 6.06 -2.18
C GLN B 91 -7.46 5.09 -2.60
N VAL B 92 -7.44 3.83 -2.15
CA VAL B 92 -8.49 2.77 -2.26
C VAL B 92 -9.85 3.11 -1.61
N VAL B 93 -10.26 4.37 -1.73
CA VAL B 93 -11.54 4.94 -1.30
C VAL B 93 -11.57 5.26 0.22
N LEU B 94 -10.72 4.58 1.00
CA LEU B 94 -10.65 4.44 2.48
C LEU B 94 -10.90 2.95 2.77
N ALA B 95 -9.84 2.16 2.92
CA ALA B 95 -10.02 0.79 3.39
C ALA B 95 -10.45 0.82 4.87
N VAL B 96 -11.60 0.22 5.19
CA VAL B 96 -12.18 0.18 6.55
C VAL B 96 -11.18 -0.33 7.63
N ASP B 97 -11.19 0.31 8.82
CA ASP B 97 -10.48 -0.09 10.05
C ASP B 97 -10.99 -1.40 10.73
N THR B 98 -11.82 -2.21 10.04
CA THR B 98 -12.29 -3.53 10.48
C THR B 98 -11.33 -4.63 10.00
N ASP B 99 -11.55 -5.84 10.49
CA ASP B 99 -10.92 -7.06 10.00
C ASP B 99 -12.04 -8.06 9.68
N GLN B 100 -12.09 -8.53 8.44
CA GLN B 100 -13.18 -9.28 7.82
C GLN B 100 -12.59 -10.26 6.79
N PRO B 101 -13.34 -11.26 6.29
CA PRO B 101 -12.95 -12.08 5.14
C PRO B 101 -13.14 -11.27 3.85
N CYS B 102 -12.94 -11.92 2.69
CA CYS B 102 -13.07 -11.29 1.40
C CYS B 102 -14.48 -10.70 1.16
N VAL B 103 -14.52 -9.62 0.37
CA VAL B 103 -15.75 -8.87 0.07
C VAL B 103 -16.66 -9.61 -0.93
N ALA B 104 -16.26 -10.82 -1.36
CA ALA B 104 -17.11 -11.78 -2.07
C ALA B 104 -18.04 -12.55 -1.11
N GLU B 105 -17.61 -12.72 0.15
CA GLU B 105 -18.36 -13.34 1.25
C GLU B 105 -19.22 -12.30 2.03
N ARG B 106 -19.51 -12.57 3.30
CA ARG B 106 -20.40 -11.76 4.16
C ARG B 106 -20.30 -12.17 5.64
CD CD C . -10.58 -10.35 -1.96
CD CD D . 11.55 -2.17 10.05
N ALA A 10 -10.88 -3.12 3.89
CA ALA A 10 -10.04 -3.07 5.08
C ALA A 10 -8.69 -2.47 4.69
N LEU A 11 -8.16 -1.50 5.44
CA LEU A 11 -6.81 -0.98 5.19
C LEU A 11 -5.78 -2.13 5.15
N ALA A 12 -5.90 -3.06 6.10
CA ALA A 12 -5.04 -4.23 6.25
C ALA A 12 -5.16 -5.30 5.14
N ARG A 13 -6.09 -5.14 4.19
CA ARG A 13 -6.30 -6.07 3.07
C ARG A 13 -6.21 -5.35 1.72
N LEU A 14 -6.72 -4.12 1.64
CA LEU A 14 -6.49 -3.17 0.55
C LEU A 14 -4.98 -3.07 0.32
N GLY A 15 -4.23 -2.68 1.36
CA GLY A 15 -2.80 -2.50 1.30
C GLY A 15 -2.06 -3.83 1.15
N ARG A 16 -2.68 -4.97 1.55
CA ARG A 16 -2.13 -6.30 1.28
C ARG A 16 -2.19 -6.65 -0.20
N ALA A 17 -3.25 -6.29 -0.91
CA ALA A 17 -3.34 -6.50 -2.35
C ALA A 17 -2.33 -5.63 -3.12
N LEU A 18 -2.06 -4.41 -2.64
CA LEU A 18 -0.98 -3.56 -3.17
C LEU A 18 0.37 -3.84 -2.46
N ALA A 19 0.46 -4.93 -1.66
CA ALA A 19 1.72 -5.51 -1.14
C ALA A 19 2.05 -6.90 -1.74
N ASP A 20 1.23 -7.40 -2.67
CA ASP A 20 1.28 -8.75 -3.22
C ASP A 20 1.87 -8.71 -4.64
N PRO A 21 2.78 -9.65 -4.97
CA PRO A 21 3.56 -9.67 -6.22
C PRO A 21 2.65 -9.64 -7.44
N THR A 22 1.83 -10.68 -7.58
CA THR A 22 0.96 -10.90 -8.72
C THR A 22 -0.04 -9.79 -8.83
N ARG A 23 -0.67 -9.36 -7.72
CA ARG A 23 -1.73 -8.35 -7.73
C ARG A 23 -1.21 -6.97 -8.09
N CYS A 24 -0.02 -6.56 -7.65
CA CYS A 24 0.61 -5.33 -8.15
C CYS A 24 0.79 -5.39 -9.68
N ARG A 25 1.38 -6.49 -10.17
CA ARG A 25 1.56 -6.69 -11.62
C ARG A 25 0.20 -6.78 -12.37
N ILE A 26 -0.86 -7.39 -11.80
CA ILE A 26 -2.25 -7.35 -12.31
C ILE A 26 -2.70 -5.91 -12.49
N LEU A 27 -2.73 -5.16 -11.39
CA LEU A 27 -3.33 -3.84 -11.32
C LEU A 27 -2.73 -2.88 -12.37
N VAL A 28 -1.41 -2.91 -12.59
CA VAL A 28 -0.76 -2.10 -13.65
C VAL A 28 -0.92 -2.68 -15.06
N ALA A 29 -0.98 -4.01 -15.22
CA ALA A 29 -1.26 -4.63 -16.52
C ALA A 29 -2.71 -4.38 -16.99
N LEU A 30 -3.67 -4.24 -16.07
CA LEU A 30 -5.05 -3.95 -16.41
C LEU A 30 -5.20 -2.59 -17.07
N LEU A 31 -4.51 -1.59 -16.52
CA LEU A 31 -4.37 -0.20 -16.97
C LEU A 31 -4.11 -0.06 -18.49
N ASP A 32 -3.35 -1.00 -19.05
CA ASP A 32 -3.02 -1.11 -20.48
C ASP A 32 -4.01 -1.99 -21.26
N GLY A 33 -4.42 -3.11 -20.65
CA GLY A 33 -5.17 -4.17 -21.31
C GLY A 33 -6.66 -3.94 -21.29
N VAL A 34 -7.24 -4.05 -20.09
CA VAL A 34 -8.69 -4.13 -19.85
C VAL A 34 -9.48 -4.96 -20.90
N CYS A 35 -8.89 -6.01 -21.48
CA CYS A 35 -9.49 -6.73 -22.61
C CYS A 35 -10.51 -7.77 -22.15
N TYR A 36 -10.05 -8.80 -21.44
CA TYR A 36 -10.86 -9.98 -21.12
C TYR A 36 -10.38 -10.74 -19.87
N PRO A 37 -11.24 -11.53 -19.19
CA PRO A 37 -10.81 -12.42 -18.12
C PRO A 37 -9.78 -13.39 -18.69
N GLY A 38 -8.56 -13.35 -18.14
CA GLY A 38 -7.44 -14.14 -18.65
C GLY A 38 -6.59 -13.46 -19.71
N GLN A 39 -6.85 -12.20 -20.11
CA GLN A 39 -5.92 -11.45 -20.97
C GLN A 39 -4.58 -11.24 -20.26
N LEU A 40 -4.67 -11.06 -18.94
CA LEU A 40 -3.54 -10.95 -18.02
C LEU A 40 -2.60 -12.16 -18.12
N ALA A 41 -3.06 -13.31 -18.61
CA ALA A 41 -2.19 -14.49 -18.72
C ALA A 41 -1.02 -14.26 -19.70
N ALA A 42 -1.19 -13.38 -20.70
CA ALA A 42 -0.10 -12.92 -21.54
C ALA A 42 0.76 -11.89 -20.81
N HIS A 43 0.15 -10.79 -20.35
CA HIS A 43 0.85 -9.68 -19.66
C HIS A 43 1.70 -10.11 -18.44
N LEU A 44 1.26 -11.16 -17.74
CA LEU A 44 1.88 -11.66 -16.50
C LEU A 44 2.72 -12.91 -16.70
N GLY A 45 2.80 -13.46 -17.93
CA GLY A 45 3.50 -14.72 -18.21
C GLY A 45 2.93 -15.95 -17.49
N LEU A 46 1.77 -15.81 -16.83
CA LEU A 46 1.19 -16.83 -15.95
C LEU A 46 -0.04 -17.53 -16.57
N THR A 47 -0.39 -18.72 -16.05
CA THR A 47 -1.64 -19.42 -16.39
C THR A 47 -2.87 -18.61 -15.96
N ARG A 48 -3.92 -18.72 -16.78
CA ARG A 48 -5.25 -18.13 -16.59
C ARG A 48 -5.88 -18.56 -15.25
N SER A 49 -5.53 -19.75 -14.75
CA SER A 49 -5.87 -20.17 -13.38
C SER A 49 -5.04 -19.42 -12.33
N ASN A 50 -3.71 -19.46 -12.35
CA ASN A 50 -2.91 -18.82 -11.29
C ASN A 50 -3.04 -17.28 -11.25
N VAL A 51 -3.34 -16.59 -12.36
CA VAL A 51 -3.73 -15.17 -12.28
C VAL A 51 -5.07 -15.00 -11.55
N SER A 52 -6.04 -15.91 -11.69
CA SER A 52 -7.33 -15.77 -10.99
C SER A 52 -7.28 -16.17 -9.51
N ASN A 53 -6.30 -16.98 -9.10
CA ASN A 53 -5.92 -17.25 -7.68
C ASN A 53 -6.00 -15.99 -6.83
N HIS A 54 -5.46 -14.91 -7.39
CA HIS A 54 -5.31 -13.63 -6.69
C HIS A 54 -6.33 -12.56 -7.12
N LEU A 55 -7.10 -12.77 -8.21
CA LEU A 55 -8.26 -11.91 -8.55
C LEU A 55 -9.45 -12.13 -7.61
N SER A 56 -9.54 -13.26 -6.92
CA SER A 56 -10.65 -13.51 -5.97
C SER A 56 -10.86 -12.36 -4.95
N CYS A 57 -9.79 -11.80 -4.38
CA CYS A 57 -9.92 -10.70 -3.42
C CYS A 57 -9.91 -9.32 -4.12
N LEU A 58 -9.18 -9.20 -5.23
CA LEU A 58 -9.11 -7.97 -6.04
C LEU A 58 -10.52 -7.55 -6.51
N ARG A 59 -11.35 -8.52 -6.91
CA ARG A 59 -12.76 -8.27 -7.28
C ARG A 59 -13.71 -8.10 -6.08
N GLY A 60 -13.28 -8.50 -4.87
CA GLY A 60 -14.07 -8.45 -3.63
C GLY A 60 -13.93 -7.12 -2.91
N CYS A 61 -12.68 -6.75 -2.60
CA CYS A 61 -12.28 -5.43 -2.14
C CYS A 61 -12.52 -4.34 -3.22
N GLY A 62 -12.91 -4.75 -4.43
CA GLY A 62 -13.36 -3.87 -5.52
C GLY A 62 -12.24 -3.13 -6.23
N LEU A 63 -10.98 -3.45 -5.92
CA LEU A 63 -9.78 -2.99 -6.65
C LEU A 63 -9.90 -3.17 -8.17
N VAL A 64 -10.67 -4.18 -8.59
CA VAL A 64 -11.03 -4.46 -9.99
C VAL A 64 -12.53 -4.72 -10.16
N VAL A 65 -13.07 -4.26 -11.29
CA VAL A 65 -14.49 -4.28 -11.67
C VAL A 65 -14.65 -4.94 -13.05
N ALA A 66 -15.74 -5.71 -13.24
CA ALA A 66 -16.12 -6.32 -14.53
C ALA A 66 -17.03 -5.42 -15.39
N THR A 67 -16.98 -5.64 -16.71
CA THR A 67 -17.67 -4.83 -17.74
C THR A 67 -17.71 -5.63 -19.04
N TYR A 68 -18.56 -5.30 -19.99
CA TYR A 68 -18.52 -5.86 -21.35
C TYR A 68 -17.45 -5.18 -22.26
N GLU A 69 -16.99 -5.88 -23.29
CA GLU A 69 -16.21 -5.32 -24.40
C GLU A 69 -17.02 -5.45 -25.70
N GLY A 70 -16.41 -5.55 -26.90
CA GLY A 70 -17.12 -5.58 -28.18
C GLY A 70 -18.08 -6.76 -28.36
N ARG A 71 -17.89 -7.87 -27.62
CA ARG A 71 -18.85 -8.99 -27.51
C ARG A 71 -18.65 -9.85 -26.24
N GLN A 72 -17.46 -9.85 -25.65
CA GLN A 72 -17.08 -10.59 -24.44
C GLN A 72 -17.23 -9.70 -23.20
N VAL A 73 -16.74 -10.17 -22.06
CA VAL A 73 -16.59 -9.38 -20.84
C VAL A 73 -15.09 -9.13 -20.56
N ARG A 74 -14.80 -8.19 -19.65
CA ARG A 74 -13.48 -7.63 -19.34
C ARG A 74 -13.36 -7.42 -17.83
N TYR A 75 -12.15 -7.09 -17.40
CA TYR A 75 -11.84 -6.58 -16.06
C TYR A 75 -11.13 -5.24 -16.21
N ALA A 76 -11.45 -4.27 -15.37
CA ALA A 76 -10.84 -2.95 -15.28
C ALA A 76 -10.51 -2.63 -13.82
N LEU A 77 -9.62 -1.66 -13.56
CA LEU A 77 -9.42 -1.14 -12.21
C LEU A 77 -10.72 -0.51 -11.68
N ALA A 78 -10.84 -0.37 -10.35
CA ALA A 78 -12.03 0.14 -9.65
C ALA A 78 -12.69 1.36 -10.31
N ASP A 79 -11.83 2.31 -10.72
CA ASP A 79 -12.09 3.48 -11.56
C ASP A 79 -10.75 4.24 -11.80
N SER A 80 -10.83 5.43 -12.41
CA SER A 80 -9.74 6.38 -12.64
C SER A 80 -8.98 6.75 -11.38
N HIS A 81 -9.58 6.55 -10.19
CA HIS A 81 -8.94 6.79 -8.90
C HIS A 81 -7.68 5.92 -8.71
N LEU A 82 -7.75 4.61 -9.00
CA LEU A 82 -6.58 3.73 -8.85
C LEU A 82 -5.71 3.75 -10.10
N ALA A 83 -6.29 3.92 -11.29
CA ALA A 83 -5.49 4.16 -12.49
C ALA A 83 -4.59 5.41 -12.39
N ARG A 84 -4.99 6.42 -11.60
CA ARG A 84 -4.15 7.58 -11.21
C ARG A 84 -3.01 7.19 -10.27
N ALA A 85 -3.32 6.74 -9.04
CA ALA A 85 -2.30 6.43 -8.03
C ALA A 85 -1.35 5.28 -8.43
N LEU A 86 -1.73 4.44 -9.40
CA LEU A 86 -0.82 3.49 -10.04
C LEU A 86 -0.10 4.11 -11.26
N GLY A 87 -0.79 4.92 -12.06
CA GLY A 87 -0.30 5.55 -13.29
C GLY A 87 0.76 6.63 -13.06
N GLU A 88 0.50 7.62 -12.20
CA GLU A 88 1.52 8.58 -11.73
C GLU A 88 2.44 7.99 -10.64
N LEU A 89 2.07 6.78 -10.20
CA LEU A 89 2.82 5.85 -9.37
C LEU A 89 2.83 6.21 -7.89
N VAL A 90 2.45 5.22 -7.07
CA VAL A 90 2.51 5.10 -5.62
C VAL A 90 3.69 5.78 -4.91
N GLN A 91 4.80 6.03 -5.62
CA GLN A 91 5.90 6.92 -5.23
C GLN A 91 6.85 6.30 -4.18
N VAL A 92 6.45 5.15 -3.61
CA VAL A 92 7.15 4.17 -2.74
C VAL A 92 8.31 3.51 -3.45
N VAL A 93 9.14 4.43 -3.86
CA VAL A 93 10.18 4.39 -4.83
C VAL A 93 10.13 3.23 -5.84
N LEU A 94 8.93 2.95 -6.39
CA LEU A 94 8.58 1.79 -7.22
C LEU A 94 8.75 0.47 -6.44
N ALA A 95 7.74 0.08 -5.65
CA ALA A 95 7.68 -1.24 -5.03
C ALA A 95 7.57 -2.38 -6.08
N VAL A 96 8.73 -2.81 -6.58
CA VAL A 96 8.97 -4.00 -7.43
C VAL A 96 8.52 -5.29 -6.73
N ASP A 97 8.16 -6.30 -7.52
CA ASP A 97 7.87 -7.73 -7.22
C ASP A 97 8.82 -8.45 -6.22
N THR A 98 9.83 -7.77 -5.64
CA THR A 98 10.96 -8.30 -4.86
C THR A 98 10.80 -8.25 -3.33
N ASP A 99 11.39 -9.25 -2.69
CA ASP A 99 11.64 -9.32 -1.25
C ASP A 99 13.01 -8.69 -0.91
N GLN A 100 13.12 -7.36 -0.97
CA GLN A 100 14.32 -6.66 -0.46
C GLN A 100 14.41 -6.84 1.08
N PRO A 101 15.62 -6.91 1.68
CA PRO A 101 15.79 -7.12 3.11
C PRO A 101 15.41 -5.88 3.94
N CYS A 102 14.18 -5.89 4.46
CA CYS A 102 13.50 -4.87 5.27
C CYS A 102 14.23 -4.42 6.57
N VAL A 103 15.34 -5.07 6.89
CA VAL A 103 16.16 -4.97 8.11
C VAL A 103 15.44 -5.57 9.32
N ALA A 104 14.18 -5.16 9.57
CA ALA A 104 13.39 -5.52 10.75
C ALA A 104 12.83 -6.95 10.65
N GLU A 105 11.92 -7.19 9.69
CA GLU A 105 11.49 -8.55 9.35
C GLU A 105 12.53 -9.24 8.46
N ARG A 106 13.24 -8.46 7.62
CA ARG A 106 14.34 -8.88 6.75
C ARG A 106 13.78 -9.43 5.41
N ALA B 10 11.01 -4.66 0.81
CA ALA B 10 10.22 -5.63 0.06
C ALA B 10 8.84 -5.05 -0.24
N LEU B 11 8.28 -5.30 -1.42
CA LEU B 11 6.88 -4.96 -1.72
C LEU B 11 5.94 -5.51 -0.62
N ALA B 12 6.14 -6.78 -0.26
CA ALA B 12 5.39 -7.48 0.78
C ALA B 12 5.57 -6.97 2.22
N ARG B 13 6.44 -5.97 2.43
CA ARG B 13 6.73 -5.38 3.76
C ARG B 13 6.50 -3.86 3.74
N LEU B 14 6.92 -3.15 2.68
CA LEU B 14 6.57 -1.75 2.38
C LEU B 14 5.05 -1.62 2.38
N GLY B 15 4.37 -2.46 1.61
CA GLY B 15 2.91 -2.43 1.49
C GLY B 15 2.24 -2.96 2.74
N ARG B 16 2.92 -3.78 3.56
CA ARG B 16 2.42 -4.13 4.90
C ARG B 16 2.46 -2.91 5.82
N ALA B 17 3.54 -2.13 5.82
CA ALA B 17 3.69 -0.94 6.66
C ALA B 17 2.69 0.17 6.28
N LEU B 18 2.30 0.27 5.00
CA LEU B 18 1.19 1.13 4.53
C LEU B 18 -0.17 0.39 4.47
N ALA B 19 -0.25 -0.83 5.01
CA ALA B 19 -1.51 -1.56 5.31
C ALA B 19 -1.74 -1.71 6.83
N ASP B 20 -0.85 -1.18 7.65
CA ASP B 20 -0.77 -1.39 9.09
C ASP B 20 -1.88 -0.64 9.86
N PRO B 21 -2.38 -1.20 10.97
CA PRO B 21 -3.43 -0.62 11.83
C PRO B 21 -3.11 0.75 12.44
N THR B 22 -1.84 1.14 12.52
CA THR B 22 -1.44 2.41 13.17
C THR B 22 -0.29 3.10 12.46
N ARG B 23 0.64 2.38 11.81
CA ARG B 23 1.73 3.01 11.06
C ARG B 23 1.23 3.89 9.91
N CYS B 24 0.10 3.57 9.31
CA CYS B 24 -0.63 4.45 8.38
C CYS B 24 -0.90 5.82 9.02
N ARG B 25 -1.51 5.82 10.21
CA ARG B 25 -1.73 7.01 11.03
C ARG B 25 -0.41 7.69 11.45
N ILE B 26 0.63 6.94 11.87
CA ILE B 26 1.99 7.46 12.17
C ILE B 26 2.51 8.29 11.03
N LEU B 27 2.59 7.69 9.85
CA LEU B 27 3.15 8.28 8.65
C LEU B 27 2.48 9.63 8.30
N VAL B 28 1.14 9.73 8.36
CA VAL B 28 0.42 10.99 8.07
C VAL B 28 0.50 12.00 9.22
N ALA B 29 0.58 11.54 10.46
CA ALA B 29 0.78 12.42 11.60
C ALA B 29 2.20 12.98 11.65
N LEU B 30 3.22 12.24 11.19
CA LEU B 30 4.58 12.74 11.17
C LEU B 30 4.76 13.99 10.33
N LEU B 31 4.09 13.99 9.16
CA LEU B 31 3.93 15.08 8.20
C LEU B 31 3.63 16.45 8.85
N ASP B 32 2.84 16.44 9.93
CA ASP B 32 2.44 17.62 10.72
C ASP B 32 3.42 17.92 11.87
N GLY B 33 4.00 16.86 12.47
CA GLY B 33 4.76 16.95 13.71
C GLY B 33 6.25 17.15 13.51
N VAL B 34 6.91 16.10 12.99
CA VAL B 34 8.38 15.93 12.93
C VAL B 34 9.15 16.44 14.17
N CYS B 35 8.56 16.35 15.37
CA CYS B 35 9.11 17.02 16.57
C CYS B 35 10.24 16.24 17.23
N TYR B 36 9.94 15.03 17.73
CA TYR B 36 10.84 14.27 18.59
C TYR B 36 10.50 12.77 18.68
N PRO B 37 11.46 11.90 19.11
CA PRO B 37 11.14 10.53 19.46
C PRO B 37 10.10 10.56 20.59
N GLY B 38 8.99 9.86 20.40
CA GLY B 38 7.88 9.89 21.34
C GLY B 38 6.93 11.08 21.18
N GLN B 39 7.11 11.99 20.21
CA GLN B 39 6.09 13.02 19.92
C GLN B 39 4.78 12.36 19.45
N LEU B 40 4.90 11.31 18.62
CA LEU B 40 3.80 10.51 18.11
C LEU B 40 2.92 9.92 19.22
N ALA B 41 3.40 9.85 20.47
CA ALA B 41 2.55 9.45 21.60
C ALA B 41 1.32 10.37 21.77
N ALA B 42 1.43 11.65 21.44
CA ALA B 42 0.29 12.58 21.37
C ALA B 42 -0.54 12.36 20.10
N HIS B 43 0.09 12.36 18.92
CA HIS B 43 -0.61 12.16 17.64
C HIS B 43 -1.44 10.85 17.55
N LEU B 44 -1.08 9.84 18.35
CA LEU B 44 -1.70 8.50 18.36
C LEU B 44 -2.47 8.21 19.66
N GLY B 45 -2.44 9.11 20.65
CA GLY B 45 -2.98 8.88 22.00
C GLY B 45 -2.34 7.72 22.76
N LEU B 46 -1.25 7.12 22.25
CA LEU B 46 -0.64 5.88 22.74
C LEU B 46 0.62 6.12 23.58
N THR B 47 1.03 5.10 24.36
CA THR B 47 2.31 5.12 25.10
C THR B 47 3.50 5.23 24.15
N ARG B 48 4.46 6.06 24.55
CA ARG B 48 5.77 6.26 23.92
C ARG B 48 6.48 4.93 23.65
N SER B 49 6.28 3.91 24.49
CA SER B 49 6.81 2.56 24.25
C SER B 49 6.07 1.83 23.11
N ASN B 50 4.74 1.72 23.12
CA ASN B 50 4.03 1.02 22.03
C ASN B 50 4.08 1.77 20.69
N VAL B 51 4.25 3.10 20.71
CA VAL B 51 4.57 3.85 19.49
C VAL B 51 5.93 3.37 18.94
N SER B 52 7.00 3.30 19.74
CA SER B 52 8.33 2.93 19.22
C SER B 52 8.52 1.45 18.94
N ASN B 53 7.82 0.55 19.65
CA ASN B 53 7.70 -0.90 19.34
C ASN B 53 7.66 -1.10 17.82
N HIS B 54 6.70 -0.44 17.21
CA HIS B 54 6.46 -0.52 15.79
C HIS B 54 7.21 0.53 14.93
N LEU B 55 7.94 1.47 15.52
CA LEU B 55 8.92 2.26 14.76
C LEU B 55 10.12 1.36 14.42
N SER B 56 10.30 0.22 15.09
CA SER B 56 11.28 -0.80 14.65
C SER B 56 11.14 -1.14 13.17
N CYS B 57 9.91 -1.30 12.63
CA CYS B 57 9.76 -1.60 11.21
C CYS B 57 9.78 -0.33 10.35
N LEU B 58 9.06 0.71 10.78
CA LEU B 58 8.93 1.97 10.03
C LEU B 58 10.31 2.60 9.74
N ARG B 59 11.27 2.45 10.66
CA ARG B 59 12.66 2.90 10.47
C ARG B 59 13.52 1.91 9.67
N GLY B 60 13.26 0.60 9.75
CA GLY B 60 13.99 -0.43 9.00
C GLY B 60 13.68 -0.36 7.50
N CYS B 61 12.39 -0.31 7.15
CA CYS B 61 11.87 -0.07 5.81
C CYS B 61 12.18 1.36 5.27
N GLY B 62 12.86 2.21 6.06
CA GLY B 62 13.23 3.58 5.73
C GLY B 62 12.08 4.58 5.74
N LEU B 63 10.83 4.14 5.88
CA LEU B 63 9.60 4.96 5.82
C LEU B 63 9.64 6.16 6.78
N VAL B 64 10.39 6.03 7.88
CA VAL B 64 10.79 7.08 8.81
C VAL B 64 12.31 7.13 9.01
N VAL B 65 12.83 8.35 9.11
CA VAL B 65 14.26 8.70 9.20
C VAL B 65 14.47 9.71 10.34
N ALA B 66 15.56 9.58 11.08
CA ALA B 66 15.95 10.48 12.18
C ALA B 66 16.61 11.77 11.71
N THR B 67 16.70 12.76 12.60
CA THR B 67 17.32 14.07 12.34
C THR B 67 17.54 14.78 13.66
N TYR B 68 18.22 15.92 13.64
CA TYR B 68 18.23 16.87 14.76
C TYR B 68 17.16 17.96 14.54
N GLU B 69 16.71 18.60 15.61
CA GLU B 69 15.90 19.83 15.59
C GLU B 69 16.64 20.94 16.37
N GLY B 70 15.97 21.92 16.99
CA GLY B 70 16.60 23.08 17.65
C GLY B 70 17.57 22.72 18.78
N ARG B 71 17.42 21.55 19.42
CA ARG B 71 18.41 20.99 20.36
C ARG B 71 18.30 19.47 20.55
N GLN B 72 17.14 18.88 20.26
CA GLN B 72 16.83 17.45 20.40
C GLN B 72 17.01 16.74 19.05
N VAL B 73 16.66 15.47 19.00
CA VAL B 73 16.53 14.69 17.77
C VAL B 73 15.05 14.49 17.43
N ARG B 74 14.73 14.14 16.18
CA ARG B 74 13.38 14.05 15.60
C ARG B 74 13.23 12.79 14.74
N TYR B 75 12.02 12.57 14.24
CA TYR B 75 11.74 11.59 13.18
C TYR B 75 10.92 12.28 12.07
N ALA B 76 11.18 11.96 10.81
CA ALA B 76 10.49 12.49 9.63
C ALA B 76 10.25 11.37 8.62
N LEU B 77 9.29 11.55 7.70
CA LEU B 77 9.09 10.62 6.59
C LEU B 77 10.36 10.49 5.72
N ALA B 78 10.52 9.33 5.07
CA ALA B 78 11.71 8.94 4.29
C ALA B 78 12.22 10.03 3.33
N ASP B 79 11.27 10.60 2.61
CA ASP B 79 11.44 11.68 1.64
C ASP B 79 10.08 12.32 1.39
N SER B 80 10.11 13.49 0.74
CA SER B 80 8.97 14.18 0.18
C SER B 80 8.12 13.29 -0.75
N HIS B 81 8.67 12.19 -1.28
CA HIS B 81 7.97 11.14 -2.02
C HIS B 81 6.84 10.48 -1.21
N LEU B 82 7.09 10.07 0.04
CA LEU B 82 6.01 9.51 0.86
C LEU B 82 5.09 10.62 1.36
N ALA B 83 5.65 11.80 1.68
CA ALA B 83 4.83 12.96 2.05
C ALA B 83 3.83 13.37 0.93
N ARG B 84 4.16 13.12 -0.35
CA ARG B 84 3.28 13.33 -1.51
C ARG B 84 2.20 12.26 -1.64
N ALA B 85 2.57 10.98 -1.87
CA ALA B 85 1.60 9.89 -2.03
C ALA B 85 0.69 9.66 -0.82
N LEU B 86 1.13 10.09 0.38
CA LEU B 86 0.27 10.14 1.56
C LEU B 86 -0.54 11.45 1.59
N GLY B 87 0.09 12.60 1.32
CA GLY B 87 -0.48 13.94 1.43
C GLY B 87 -1.57 14.27 0.41
N GLU B 88 -1.33 14.01 -0.88
CA GLU B 88 -2.38 14.08 -1.93
C GLU B 88 -3.26 12.80 -1.94
N LEU B 89 -2.87 11.83 -1.12
CA LEU B 89 -3.60 10.62 -0.74
C LEU B 89 -3.57 9.53 -1.81
N VAL B 90 -3.16 8.35 -1.37
CA VAL B 90 -3.20 7.00 -1.99
C VAL B 90 -4.43 6.70 -2.85
N GLN B 91 -5.51 7.45 -2.68
CA GLN B 91 -6.70 7.52 -3.54
C GLN B 91 -7.64 6.31 -3.42
N VAL B 92 -7.19 5.29 -2.68
CA VAL B 92 -7.85 4.02 -2.24
C VAL B 92 -8.94 4.27 -1.24
N VAL B 93 -9.83 5.03 -1.81
CA VAL B 93 -10.89 5.83 -1.30
C VAL B 93 -10.78 6.25 0.19
N LEU B 94 -9.56 6.59 0.65
CA LEU B 94 -9.19 6.81 2.06
C LEU B 94 -9.34 5.51 2.89
N ALA B 95 -8.41 4.56 2.71
CA ALA B 95 -8.30 3.39 3.58
C ALA B 95 -8.01 3.79 5.04
N VAL B 96 -9.06 3.82 5.87
CA VAL B 96 -9.03 4.07 7.33
C VAL B 96 -8.52 2.84 8.12
N ASP B 97 -8.07 3.07 9.37
CA ASP B 97 -7.56 2.15 10.40
C ASP B 97 -8.33 0.82 10.65
N THR B 98 -9.50 0.61 10.01
CA THR B 98 -10.43 -0.50 10.24
C THR B 98 -10.23 -1.69 9.32
N ASP B 99 -10.61 -2.86 9.84
CA ASP B 99 -10.80 -4.11 9.11
C ASP B 99 -12.26 -4.24 8.64
N GLN B 100 -12.59 -3.57 7.53
CA GLN B 100 -13.89 -3.63 6.86
C GLN B 100 -14.18 -5.06 6.29
N PRO B 101 -15.45 -5.39 5.95
CA PRO B 101 -15.85 -6.73 5.48
C PRO B 101 -15.45 -7.02 4.01
N CYS B 102 -14.15 -7.24 3.81
CA CYS B 102 -13.37 -7.62 2.62
C CYS B 102 -13.99 -8.59 1.57
N VAL B 103 -15.04 -9.31 1.97
CA VAL B 103 -15.74 -10.43 1.32
C VAL B 103 -14.90 -11.71 1.10
N ALA B 104 -13.57 -11.60 0.97
CA ALA B 104 -12.70 -12.68 0.52
C ALA B 104 -11.89 -13.41 1.61
N GLU B 105 -11.27 -12.70 2.56
CA GLU B 105 -10.42 -13.30 3.60
C GLU B 105 -11.11 -13.35 4.96
N ARG B 106 -11.44 -12.17 5.51
CA ARG B 106 -12.16 -11.96 6.79
C ARG B 106 -11.28 -12.13 8.04
CD CD C . -11.07 -8.77 -0.08
CD CD D . 10.45 -3.16 7.91
N ALA A 10 -10.52 1.39 3.98
CA ALA A 10 -9.43 1.83 4.84
C ALA A 10 -8.08 1.49 4.20
N LEU A 11 -7.02 2.25 4.54
CA LEU A 11 -5.69 2.11 3.92
C LEU A 11 -5.12 0.69 4.16
N ALA A 12 -5.29 0.15 5.37
CA ALA A 12 -4.80 -1.20 5.72
C ALA A 12 -5.51 -2.36 4.98
N ARG A 13 -6.59 -2.09 4.24
CA ARG A 13 -7.16 -3.03 3.27
C ARG A 13 -6.63 -2.68 1.88
N LEU A 14 -6.86 -1.44 1.41
CA LEU A 14 -6.56 -0.98 0.06
C LEU A 14 -5.05 -1.10 -0.26
N GLY A 15 -4.20 -0.50 0.57
CA GLY A 15 -2.74 -0.54 0.38
C GLY A 15 -2.15 -1.93 0.52
N ARG A 16 -2.78 -2.80 1.32
CA ARG A 16 -2.41 -4.21 1.48
C ARG A 16 -2.83 -5.04 0.26
N ALA A 17 -3.88 -4.64 -0.46
CA ALA A 17 -4.29 -5.25 -1.73
C ALA A 17 -3.58 -4.65 -2.96
N LEU A 18 -2.75 -3.62 -2.76
CA LEU A 18 -1.82 -3.10 -3.76
C LEU A 18 -0.39 -3.64 -3.52
N ALA A 19 -0.07 -4.03 -2.29
CA ALA A 19 1.28 -4.44 -1.87
C ALA A 19 1.49 -5.97 -1.86
N ASP A 20 1.81 -6.51 -3.03
CA ASP A 20 1.98 -7.94 -3.28
C ASP A 20 2.98 -8.18 -4.44
N PRO A 21 3.66 -9.34 -4.48
CA PRO A 21 4.57 -9.73 -5.57
C PRO A 21 3.87 -9.72 -6.93
N THR A 22 2.92 -10.65 -7.14
CA THR A 22 2.21 -10.83 -8.40
C THR A 22 1.18 -9.73 -8.62
N ARG A 23 0.40 -9.36 -7.58
CA ARG A 23 -0.67 -8.36 -7.73
C ARG A 23 -0.16 -6.98 -8.22
N CYS A 24 1.05 -6.57 -7.84
CA CYS A 24 1.73 -5.40 -8.42
C CYS A 24 1.85 -5.54 -9.96
N ARG A 25 2.42 -6.66 -10.44
CA ARG A 25 2.51 -6.94 -11.88
C ARG A 25 1.12 -6.97 -12.56
N ILE A 26 0.13 -7.65 -11.96
CA ILE A 26 -1.28 -7.62 -12.46
C ILE A 26 -1.68 -6.19 -12.77
N LEU A 27 -1.56 -5.33 -11.78
CA LEU A 27 -2.12 -3.99 -11.84
C LEU A 27 -1.49 -3.07 -12.88
N VAL A 28 -0.19 -3.19 -13.19
CA VAL A 28 0.38 -2.45 -14.34
C VAL A 28 -0.18 -2.96 -15.68
N ALA A 29 -0.44 -4.27 -15.74
CA ALA A 29 -0.94 -4.97 -16.92
C ALA A 29 -2.48 -4.99 -17.04
N LEU A 30 -3.20 -4.51 -16.02
CA LEU A 30 -4.66 -4.49 -15.96
C LEU A 30 -5.18 -3.31 -16.77
N LEU A 31 -4.58 -2.14 -16.52
CA LEU A 31 -4.75 -0.87 -17.24
C LEU A 31 -4.64 -1.09 -18.76
N ASP A 32 -3.49 -1.59 -19.22
CA ASP A 32 -3.22 -1.98 -20.62
C ASP A 32 -3.70 -3.42 -20.93
N GLY A 33 -4.70 -3.89 -20.18
CA GLY A 33 -5.21 -5.25 -20.20
C GLY A 33 -6.70 -5.28 -20.47
N VAL A 34 -7.52 -5.17 -19.41
CA VAL A 34 -9.00 -5.18 -19.44
C VAL A 34 -9.73 -6.10 -20.46
N CYS A 35 -9.11 -7.18 -20.96
CA CYS A 35 -9.77 -8.04 -21.96
C CYS A 35 -10.68 -9.10 -21.34
N TYR A 36 -10.14 -10.07 -20.60
CA TYR A 36 -10.91 -11.22 -20.10
C TYR A 36 -10.27 -11.88 -18.86
N PRO A 37 -11.02 -12.69 -18.07
CA PRO A 37 -10.47 -13.43 -16.94
C PRO A 37 -9.31 -14.34 -17.37
N GLY A 38 -8.09 -13.98 -16.95
CA GLY A 38 -6.88 -14.68 -17.36
C GLY A 38 -6.20 -14.13 -18.62
N GLN A 39 -6.62 -12.99 -19.17
CA GLN A 39 -5.85 -12.30 -20.23
C GLN A 39 -4.46 -11.91 -19.72
N LEU A 40 -4.39 -11.52 -18.45
CA LEU A 40 -3.17 -11.22 -17.70
C LEU A 40 -2.14 -12.37 -17.80
N ALA A 41 -2.59 -13.60 -18.02
CA ALA A 41 -1.68 -14.74 -18.12
C ALA A 41 -0.65 -14.57 -19.25
N ALA A 42 -1.05 -13.98 -20.39
CA ALA A 42 -0.13 -13.68 -21.48
C ALA A 42 0.78 -12.49 -21.14
N HIS A 43 0.24 -11.43 -20.53
CA HIS A 43 1.02 -10.28 -20.09
C HIS A 43 2.13 -10.62 -19.05
N LEU A 44 1.88 -11.62 -18.19
CA LEU A 44 2.74 -11.95 -17.05
C LEU A 44 3.59 -13.22 -17.25
N GLY A 45 3.21 -14.13 -18.15
CA GLY A 45 3.83 -15.46 -18.29
C GLY A 45 3.44 -16.46 -17.20
N LEU A 46 2.56 -16.06 -16.27
CA LEU A 46 2.00 -16.91 -15.20
C LEU A 46 0.63 -17.43 -15.63
N THR A 47 0.28 -18.68 -15.29
CA THR A 47 -0.97 -19.31 -15.77
C THR A 47 -2.20 -18.56 -15.29
N ARG A 48 -3.29 -18.62 -16.07
CA ARG A 48 -4.58 -18.02 -15.67
C ARG A 48 -5.15 -18.59 -14.36
N SER A 49 -4.72 -19.76 -13.92
CA SER A 49 -5.08 -20.30 -12.60
C SER A 49 -4.24 -19.64 -11.49
N ASN A 50 -2.91 -19.52 -11.70
CA ASN A 50 -1.99 -18.88 -10.76
C ASN A 50 -2.24 -17.37 -10.62
N VAL A 51 -2.45 -16.64 -11.72
CA VAL A 51 -2.82 -15.22 -11.68
C VAL A 51 -4.16 -15.00 -10.97
N SER A 52 -5.16 -15.88 -11.16
CA SER A 52 -6.48 -15.72 -10.52
C SER A 52 -6.47 -15.86 -8.99
N ASN A 53 -5.50 -16.60 -8.43
CA ASN A 53 -5.25 -16.67 -6.98
C ASN A 53 -5.10 -15.27 -6.36
N HIS A 54 -4.48 -14.35 -7.10
CA HIS A 54 -4.34 -12.95 -6.69
C HIS A 54 -5.48 -12.02 -7.15
N LEU A 55 -6.36 -12.46 -8.06
CA LEU A 55 -7.53 -11.67 -8.49
C LEU A 55 -8.67 -11.79 -7.51
N SER A 56 -8.82 -12.87 -6.74
CA SER A 56 -9.97 -12.96 -5.84
C SER A 56 -10.01 -11.85 -4.77
N CYS A 57 -8.86 -11.44 -4.22
CA CYS A 57 -8.79 -10.29 -3.31
C CYS A 57 -8.65 -8.94 -4.09
N LEU A 58 -8.28 -8.95 -5.38
CA LEU A 58 -8.38 -7.72 -6.22
C LEU A 58 -9.87 -7.39 -6.44
N ARG A 59 -10.68 -8.43 -6.68
CA ARG A 59 -12.14 -8.36 -6.85
C ARG A 59 -12.89 -8.24 -5.51
N GLY A 60 -12.19 -8.49 -4.38
CA GLY A 60 -12.74 -8.45 -3.01
C GLY A 60 -12.48 -7.10 -2.34
N CYS A 61 -11.21 -6.71 -2.23
CA CYS A 61 -10.77 -5.40 -1.76
C CYS A 61 -11.01 -4.25 -2.81
N GLY A 62 -11.97 -4.48 -3.71
CA GLY A 62 -12.58 -3.49 -4.63
C GLY A 62 -11.65 -2.75 -5.60
N LEU A 63 -10.55 -3.39 -5.99
CA LEU A 63 -9.58 -2.85 -6.95
C LEU A 63 -10.00 -3.06 -8.42
N VAL A 64 -10.73 -4.14 -8.68
CA VAL A 64 -11.22 -4.56 -10.01
C VAL A 64 -12.69 -4.94 -9.96
N VAL A 65 -13.38 -4.63 -11.05
CA VAL A 65 -14.83 -4.79 -11.24
C VAL A 65 -15.08 -5.55 -12.56
N ALA A 66 -16.05 -6.46 -12.54
CA ALA A 66 -16.54 -7.18 -13.72
C ALA A 66 -17.34 -6.25 -14.67
N THR A 67 -17.18 -6.46 -15.98
CA THR A 67 -17.91 -5.73 -17.03
C THR A 67 -17.95 -6.61 -18.28
N TYR A 68 -18.92 -6.42 -19.17
CA TYR A 68 -18.87 -7.04 -20.50
C TYR A 68 -17.98 -6.18 -21.43
N GLU A 69 -16.95 -6.75 -22.07
CA GLU A 69 -16.13 -6.02 -23.04
C GLU A 69 -16.89 -5.66 -24.34
N GLY A 70 -18.03 -6.31 -24.59
CA GLY A 70 -18.89 -6.15 -25.76
C GLY A 70 -19.73 -7.41 -26.04
N ARG A 71 -19.17 -8.59 -25.75
CA ARG A 71 -19.86 -9.89 -25.81
C ARG A 71 -19.29 -10.93 -24.82
N GLN A 72 -18.05 -10.77 -24.36
CA GLN A 72 -17.37 -11.55 -23.33
C GLN A 72 -17.31 -10.76 -22.01
N VAL A 73 -16.93 -11.41 -20.91
CA VAL A 73 -16.70 -10.76 -19.62
C VAL A 73 -15.23 -10.35 -19.46
N ARG A 74 -15.00 -9.22 -18.79
CA ARG A 74 -13.68 -8.65 -18.51
C ARG A 74 -13.54 -8.27 -17.03
N TYR A 75 -12.31 -8.04 -16.58
CA TYR A 75 -12.00 -7.43 -15.29
C TYR A 75 -11.29 -6.09 -15.54
N ALA A 76 -11.85 -4.97 -15.08
CA ALA A 76 -11.22 -3.65 -15.19
C ALA A 76 -11.01 -3.00 -13.83
N LEU A 77 -10.04 -2.09 -13.74
CA LEU A 77 -9.78 -1.25 -12.57
C LEU A 77 -11.07 -0.53 -12.15
N ALA A 78 -11.33 -0.40 -10.84
CA ALA A 78 -12.60 0.11 -10.35
C ALA A 78 -12.87 1.59 -10.72
N ASP A 79 -11.85 2.44 -10.82
CA ASP A 79 -12.04 3.88 -11.12
C ASP A 79 -10.77 4.63 -11.56
N SER A 80 -10.98 5.92 -11.83
CA SER A 80 -9.95 6.92 -12.09
C SER A 80 -8.89 7.05 -10.99
N HIS A 81 -9.24 6.86 -9.70
CA HIS A 81 -8.30 6.98 -8.59
C HIS A 81 -7.26 5.87 -8.58
N LEU A 82 -7.63 4.60 -8.80
CA LEU A 82 -6.61 3.54 -8.91
C LEU A 82 -5.84 3.70 -10.22
N ALA A 83 -6.52 4.04 -11.32
CA ALA A 83 -5.92 4.20 -12.64
C ALA A 83 -4.86 5.31 -12.59
N ARG A 84 -5.10 6.37 -11.80
CA ARG A 84 -4.17 7.46 -11.48
C ARG A 84 -3.04 7.01 -10.55
N ALA A 85 -3.30 6.36 -9.41
CA ALA A 85 -2.23 5.97 -8.48
C ALA A 85 -1.28 4.95 -9.11
N LEU A 86 -1.84 3.90 -9.73
CA LEU A 86 -1.07 2.94 -10.52
C LEU A 86 -0.36 3.66 -11.68
N GLY A 87 -1.12 4.45 -12.46
CA GLY A 87 -0.66 5.22 -13.62
C GLY A 87 0.04 6.54 -13.28
N GLU A 88 0.56 6.66 -12.05
CA GLU A 88 1.47 7.70 -11.58
C GLU A 88 2.88 7.13 -11.56
N LEU A 89 3.12 6.14 -10.69
CA LEU A 89 4.44 5.62 -10.30
C LEU A 89 4.37 4.75 -9.04
N VAL A 90 3.40 5.05 -8.18
CA VAL A 90 3.27 4.59 -6.78
C VAL A 90 4.48 4.96 -5.93
N GLN A 91 5.35 5.84 -6.46
CA GLN A 91 5.93 6.96 -5.75
C GLN A 91 7.21 6.51 -5.04
N VAL A 92 7.39 5.20 -4.83
CA VAL A 92 8.65 4.51 -4.50
C VAL A 92 9.54 4.40 -5.74
N VAL A 93 9.52 5.47 -6.53
CA VAL A 93 10.34 5.73 -7.72
C VAL A 93 9.98 4.84 -8.94
N LEU A 94 9.10 3.84 -8.74
CA LEU A 94 8.69 2.72 -9.60
C LEU A 94 9.48 1.48 -9.16
N ALA A 95 8.81 0.59 -8.43
CA ALA A 95 9.34 -0.65 -7.86
C ALA A 95 9.85 -1.67 -8.89
N VAL A 96 11.00 -2.27 -8.58
CA VAL A 96 11.62 -3.41 -9.29
C VAL A 96 10.93 -4.76 -9.03
N ASP A 97 11.21 -5.73 -9.91
CA ASP A 97 10.74 -7.12 -9.93
C ASP A 97 11.21 -7.98 -8.74
N THR A 98 12.45 -7.88 -8.28
CA THR A 98 12.92 -8.51 -7.03
C THR A 98 12.33 -7.83 -5.81
N ASP A 99 11.05 -8.08 -5.51
CA ASP A 99 10.44 -7.67 -4.25
C ASP A 99 11.00 -8.52 -3.10
N GLN A 100 12.19 -8.13 -2.67
CA GLN A 100 12.90 -8.71 -1.55
C GLN A 100 12.07 -8.56 -0.26
N PRO A 101 12.00 -9.60 0.60
CA PRO A 101 11.04 -9.69 1.71
C PRO A 101 11.26 -8.72 2.86
N CYS A 102 10.18 -8.53 3.65
CA CYS A 102 10.03 -7.50 4.66
C CYS A 102 11.29 -7.40 5.54
N VAL A 103 11.93 -6.24 5.44
CA VAL A 103 13.28 -5.98 5.93
C VAL A 103 13.42 -5.80 7.46
N ALA A 104 12.30 -5.71 8.18
CA ALA A 104 12.31 -5.44 9.63
C ALA A 104 12.66 -6.73 10.40
N GLU A 105 13.65 -6.64 11.30
CA GLU A 105 14.23 -7.76 12.05
C GLU A 105 14.62 -8.98 11.18
N ARG A 106 14.87 -8.73 9.89
CA ARG A 106 14.94 -9.76 8.88
C ARG A 106 16.28 -10.48 8.69
N ALA B 10 10.66 -2.16 -3.21
CA ALA B 10 9.55 -2.72 -3.97
C ALA B 10 8.19 -2.38 -3.33
N LEU B 11 7.15 -2.24 -4.17
CA LEU B 11 5.78 -1.86 -3.79
C LEU B 11 5.22 -2.79 -2.72
N ALA B 12 5.46 -4.10 -2.86
CA ALA B 12 5.02 -5.13 -1.91
C ALA B 12 5.64 -5.03 -0.50
N ARG B 13 6.67 -4.20 -0.33
CA ARG B 13 7.20 -3.82 0.98
C ARG B 13 6.64 -2.45 1.39
N LEU B 14 6.83 -1.44 0.53
CA LEU B 14 6.49 -0.05 0.79
C LEU B 14 4.99 0.14 1.05
N GLY B 15 4.14 -0.38 0.15
CA GLY B 15 2.69 -0.37 0.30
C GLY B 15 2.20 -1.17 1.52
N ARG B 16 2.88 -2.27 1.85
CA ARG B 16 2.58 -3.07 3.04
C ARG B 16 2.94 -2.31 4.33
N ALA B 17 4.04 -1.55 4.33
CA ALA B 17 4.45 -0.70 5.44
C ALA B 17 3.55 0.55 5.60
N LEU B 18 2.91 1.01 4.51
CA LEU B 18 1.86 2.04 4.55
C LEU B 18 0.51 1.45 5.02
N ALA B 19 0.25 0.16 4.75
CA ALA B 19 -1.05 -0.50 4.97
C ALA B 19 -1.12 -1.35 6.26
N ASP B 20 -0.73 -0.73 7.37
CA ASP B 20 -0.81 -1.24 8.74
C ASP B 20 -1.80 -0.37 9.54
N PRO B 21 -2.51 -0.92 10.55
CA PRO B 21 -3.61 -0.25 11.25
C PRO B 21 -3.14 1.03 11.96
N THR B 22 -2.08 0.90 12.78
CA THR B 22 -1.47 2.02 13.49
C THR B 22 -0.61 2.85 12.55
N ARG B 23 0.18 2.23 11.65
CA ARG B 23 1.08 3.00 10.78
C ARG B 23 0.35 3.99 9.89
N CYS B 24 -0.85 3.65 9.39
CA CYS B 24 -1.74 4.59 8.73
C CYS B 24 -1.91 5.88 9.57
N ARG B 25 -2.33 5.73 10.84
CA ARG B 25 -2.38 6.85 11.79
C ARG B 25 -1.01 7.52 12.00
N ILE B 26 0.05 6.76 12.32
CA ILE B 26 1.41 7.32 12.54
C ILE B 26 1.74 8.33 11.46
N LEU B 27 1.62 7.85 10.22
CA LEU B 27 2.08 8.56 9.05
C LEU B 27 1.35 9.87 8.77
N VAL B 28 0.04 9.98 8.98
CA VAL B 28 -0.64 11.30 8.87
C VAL B 28 -0.15 12.26 9.98
N ALA B 29 0.12 11.72 11.16
CA ALA B 29 0.61 12.47 12.32
C ALA B 29 2.13 12.71 12.31
N LEU B 30 2.89 12.02 11.45
CA LEU B 30 4.35 12.10 11.41
C LEU B 30 4.79 13.41 10.76
N LEU B 31 4.15 13.70 9.63
CA LEU B 31 4.21 14.93 8.84
C LEU B 31 4.04 16.19 9.70
N ASP B 32 3.03 16.22 10.56
CA ASP B 32 2.74 17.29 11.55
C ASP B 32 3.34 16.97 12.94
N GLY B 33 4.31 16.05 12.98
CA GLY B 33 4.90 15.49 14.19
C GLY B 33 6.37 15.81 14.28
N VAL B 34 7.21 14.98 13.65
CA VAL B 34 8.69 15.03 13.68
C VAL B 34 9.40 15.52 14.97
N CYS B 35 8.82 15.38 16.17
CA CYS B 35 9.49 15.80 17.42
C CYS B 35 10.46 14.73 17.90
N TYR B 36 10.00 13.63 18.51
CA TYR B 36 10.90 12.69 19.19
C TYR B 36 10.32 11.26 19.29
N PRO B 37 11.13 10.22 19.64
CA PRO B 37 10.67 8.83 19.81
C PRO B 37 9.60 8.68 20.89
N GLY B 38 8.34 8.81 20.48
CA GLY B 38 7.17 8.77 21.35
C GLY B 38 6.25 9.99 21.28
N GLN B 39 6.60 11.05 20.55
CA GLN B 39 5.70 12.21 20.37
C GLN B 39 4.36 11.83 19.78
N LEU B 40 4.34 10.84 18.88
CA LEU B 40 3.14 10.30 18.25
C LEU B 40 2.09 9.86 19.26
N ALA B 41 2.50 9.57 20.50
CA ALA B 41 1.60 9.09 21.53
C ALA B 41 0.45 10.08 21.81
N ALA B 42 0.76 11.39 21.88
CA ALA B 42 -0.25 12.44 22.05
C ALA B 42 -1.07 12.67 20.77
N HIS B 43 -0.45 12.54 19.60
CA HIS B 43 -1.18 12.60 18.32
C HIS B 43 -2.19 11.44 18.09
N LEU B 44 -1.95 10.27 18.68
CA LEU B 44 -2.69 9.02 18.40
C LEU B 44 -3.53 8.49 19.58
N GLY B 45 -3.23 8.88 20.82
CA GLY B 45 -3.81 8.34 22.05
C GLY B 45 -3.26 6.97 22.46
N LEU B 46 -2.35 6.39 21.67
CA LEU B 46 -1.67 5.12 21.95
C LEU B 46 -0.33 5.39 22.65
N THR B 47 0.08 4.53 23.60
CA THR B 47 1.32 4.74 24.36
C THR B 47 2.54 4.74 23.45
N ARG B 48 3.59 5.48 23.82
CA ARG B 48 4.86 5.45 23.08
C ARG B 48 5.53 4.07 23.05
N SER B 49 5.17 3.15 23.95
CA SER B 49 5.60 1.75 23.87
C SER B 49 4.80 0.96 22.83
N ASN B 50 3.50 1.21 22.68
CA ASN B 50 2.66 0.60 21.65
C ASN B 50 2.93 1.20 20.26
N VAL B 51 2.97 2.54 20.11
CA VAL B 51 3.27 3.18 18.82
C VAL B 51 4.65 2.74 18.27
N SER B 52 5.68 2.58 19.12
CA SER B 52 7.02 2.17 18.65
C SER B 52 7.10 0.75 18.10
N ASN B 53 6.15 -0.13 18.44
CA ASN B 53 6.05 -1.48 17.89
C ASN B 53 5.95 -1.42 16.35
N HIS B 54 5.02 -0.60 15.88
CA HIS B 54 4.85 -0.27 14.47
C HIS B 54 5.92 0.69 13.89
N LEU B 55 6.81 1.29 14.70
CA LEU B 55 7.93 2.09 14.20
C LEU B 55 9.14 1.24 13.82
N SER B 56 9.31 0.01 14.34
CA SER B 56 10.45 -0.80 13.93
C SER B 56 10.45 -1.09 12.42
N CYS B 57 9.28 -1.33 11.83
CA CYS B 57 9.15 -1.55 10.39
C CYS B 57 8.88 -0.20 9.64
N LEU B 58 8.53 0.91 10.31
CA LEU B 58 8.53 2.24 9.67
C LEU B 58 9.99 2.68 9.42
N ARG B 59 10.86 2.45 10.41
CA ARG B 59 12.31 2.68 10.36
C ARG B 59 13.07 1.50 9.71
N GLY B 60 12.38 0.40 9.39
CA GLY B 60 12.92 -0.75 8.66
C GLY B 60 12.68 -0.56 7.18
N CYS B 61 11.40 -0.57 6.77
CA CYS B 61 10.92 -0.40 5.40
C CYS B 61 11.07 1.06 4.87
N GLY B 62 12.04 1.81 5.42
CA GLY B 62 12.56 3.10 4.93
C GLY B 62 11.58 4.27 4.87
N LEU B 63 10.47 4.20 5.62
CA LEU B 63 9.44 5.24 5.65
C LEU B 63 9.83 6.45 6.51
N VAL B 64 10.55 6.20 7.60
CA VAL B 64 11.05 7.20 8.56
C VAL B 64 12.56 7.04 8.78
N VAL B 65 13.22 8.19 8.92
CA VAL B 65 14.67 8.35 9.10
C VAL B 65 14.91 9.15 10.39
N ALA B 66 15.92 8.73 11.15
CA ALA B 66 16.35 9.41 12.38
C ALA B 66 17.23 10.63 12.06
N THR B 67 17.03 11.72 12.81
CA THR B 67 17.67 13.03 12.60
C THR B 67 17.73 13.71 13.96
N TYR B 68 18.59 14.70 14.19
CA TYR B 68 18.51 15.51 15.41
C TYR B 68 17.56 16.71 15.24
N GLU B 69 16.70 16.97 16.24
CA GLU B 69 15.91 18.21 16.38
C GLU B 69 16.81 19.34 16.94
N GLY B 70 18.02 19.48 16.40
CA GLY B 70 19.08 20.35 16.94
C GLY B 70 19.77 19.74 18.16
N ARG B 71 19.02 19.22 19.14
CA ARG B 71 19.57 18.73 20.42
C ARG B 71 19.18 17.28 20.77
N GLN B 72 17.91 16.89 20.63
CA GLN B 72 17.48 15.50 20.81
C GLN B 72 17.35 14.79 19.45
N VAL B 73 17.05 13.49 19.44
CA VAL B 73 16.78 12.71 18.22
C VAL B 73 15.27 12.66 17.91
N ARG B 74 14.93 12.75 16.63
CA ARG B 74 13.58 12.73 16.05
C ARG B 74 13.45 11.64 15.00
N TYR B 75 12.21 11.28 14.66
CA TYR B 75 11.89 10.45 13.49
C TYR B 75 11.12 11.29 12.47
N ALA B 76 11.65 11.47 11.27
CA ALA B 76 11.01 12.23 10.19
C ALA B 76 10.75 11.34 8.96
N LEU B 77 9.72 11.65 8.15
CA LEU B 77 9.47 11.01 6.86
C LEU B 77 10.73 11.06 5.99
N ALA B 78 11.01 9.99 5.24
CA ALA B 78 12.26 9.87 4.50
C ALA B 78 12.39 10.85 3.33
N ASP B 79 11.30 11.25 2.65
CA ASP B 79 11.39 12.17 1.51
C ASP B 79 10.06 12.81 1.06
N SER B 80 10.20 13.70 0.08
CA SER B 80 9.13 14.34 -0.67
C SER B 80 8.10 13.36 -1.29
N HIS B 81 8.50 12.13 -1.68
CA HIS B 81 7.58 11.15 -2.25
C HIS B 81 6.63 10.56 -1.23
N LEU B 82 7.08 10.17 -0.03
CA LEU B 82 6.14 9.71 1.00
C LEU B 82 5.30 10.89 1.50
N ALA B 83 5.92 12.06 1.68
CA ALA B 83 5.25 13.27 2.16
C ALA B 83 4.12 13.65 1.19
N ARG B 84 4.34 13.50 -0.13
CA ARG B 84 3.32 13.64 -1.18
C ARG B 84 2.32 12.49 -1.20
N ALA B 85 2.71 11.22 -1.19
CA ALA B 85 1.74 10.13 -1.33
C ALA B 85 0.77 10.07 -0.15
N LEU B 86 1.33 10.19 1.06
CA LEU B 86 0.57 10.35 2.30
C LEU B 86 -0.25 11.65 2.23
N GLY B 87 0.40 12.77 1.94
CA GLY B 87 -0.17 14.13 1.97
C GLY B 87 -1.11 14.49 0.82
N GLU B 88 -1.19 13.63 -0.20
CA GLU B 88 -2.17 13.68 -1.28
C GLU B 88 -3.56 13.35 -0.73
N LEU B 89 -3.73 12.12 -0.22
CA LEU B 89 -5.01 11.49 0.20
C LEU B 89 -4.92 9.97 0.36
N VAL B 90 -3.99 9.33 -0.36
CA VAL B 90 -3.92 7.89 -0.63
C VAL B 90 -5.18 7.36 -1.34
N GLN B 91 -6.02 8.29 -1.81
CA GLN B 91 -6.65 8.27 -3.13
C GLN B 91 -7.96 7.47 -3.08
N VAL B 92 -8.11 6.57 -2.11
CA VAL B 92 -9.33 5.84 -1.69
C VAL B 92 -10.37 6.75 -1.03
N VAL B 93 -10.41 8.00 -1.50
CA VAL B 93 -11.35 9.06 -1.11
C VAL B 93 -11.15 9.56 0.34
N LEU B 94 -10.03 9.15 0.97
CA LEU B 94 -9.57 9.39 2.36
C LEU B 94 -10.04 8.22 3.25
N ALA B 95 -9.12 7.30 3.55
CA ALA B 95 -9.36 6.10 4.36
C ALA B 95 -9.88 6.38 5.78
N VAL B 96 -10.99 5.73 6.15
CA VAL B 96 -11.56 5.69 7.51
C VAL B 96 -10.74 4.89 8.55
N ASP B 97 -10.99 5.19 9.82
CA ASP B 97 -10.35 4.65 11.04
C ASP B 97 -10.66 3.17 11.33
N THR B 98 -11.89 2.68 11.09
CA THR B 98 -12.22 1.26 11.19
C THR B 98 -11.73 0.49 9.97
N ASP B 99 -10.51 -0.03 10.01
CA ASP B 99 -10.07 -0.98 9.01
C ASP B 99 -10.77 -2.32 9.23
N GLN B 100 -11.97 -2.46 8.67
CA GLN B 100 -12.71 -3.72 8.70
C GLN B 100 -11.93 -4.79 7.91
N PRO B 101 -11.89 -6.07 8.37
CA PRO B 101 -10.96 -7.07 7.90
C PRO B 101 -11.15 -7.60 6.49
N CYS B 102 -10.01 -8.04 5.92
CA CYS B 102 -9.83 -8.43 4.52
C CYS B 102 -10.96 -9.34 4.05
N VAL B 103 -11.80 -8.77 3.20
CA VAL B 103 -13.09 -9.28 2.76
C VAL B 103 -13.07 -10.48 1.79
N ALA B 104 -11.88 -10.89 1.32
CA ALA B 104 -11.75 -11.95 0.32
C ALA B 104 -12.01 -13.33 0.96
N GLU B 105 -13.04 -14.03 0.46
CA GLU B 105 -13.55 -15.32 0.94
C GLU B 105 -13.81 -15.36 2.46
N ARG B 106 -14.08 -14.18 3.02
CA ARG B 106 -14.04 -13.92 4.45
C ARG B 106 -15.38 -14.03 5.20
CD CD C . -9.15 -8.86 0.55
CD CD D . 9.42 -4.36 7.29
N ALA A 10 -9.88 0.82 3.42
CA ALA A 10 -9.09 0.73 4.66
C ALA A 10 -7.68 0.28 4.31
N LEU A 11 -6.63 0.91 4.89
CA LEU A 11 -5.26 0.65 4.47
C LEU A 11 -4.83 -0.79 4.78
N ALA A 12 -5.33 -1.40 5.86
CA ALA A 12 -5.00 -2.80 6.17
C ALA A 12 -5.57 -3.78 5.12
N ARG A 13 -6.82 -3.59 4.68
CA ARG A 13 -7.40 -4.36 3.57
C ARG A 13 -6.66 -4.07 2.26
N LEU A 14 -6.70 -2.81 1.83
CA LEU A 14 -6.24 -2.34 0.52
C LEU A 14 -4.74 -2.62 0.36
N GLY A 15 -3.91 -2.20 1.32
CA GLY A 15 -2.45 -2.23 1.20
C GLY A 15 -1.87 -3.64 1.23
N ARG A 16 -2.48 -4.59 1.95
CA ARG A 16 -2.04 -5.99 1.93
C ARG A 16 -2.41 -6.68 0.62
N ALA A 17 -3.55 -6.32 0.01
CA ALA A 17 -3.93 -6.87 -1.29
C ALA A 17 -2.98 -6.40 -2.41
N LEU A 18 -2.42 -5.18 -2.28
CA LEU A 18 -1.41 -4.65 -3.21
C LEU A 18 0.00 -5.13 -2.85
N ALA A 19 0.31 -5.37 -1.57
CA ALA A 19 1.55 -5.99 -1.09
C ALA A 19 1.63 -7.51 -1.33
N ASP A 20 1.57 -7.94 -2.59
CA ASP A 20 1.73 -9.35 -3.00
C ASP A 20 2.27 -9.40 -4.44
N PRO A 21 2.96 -10.48 -4.86
CA PRO A 21 3.77 -10.59 -6.09
C PRO A 21 2.96 -10.34 -7.38
N THR A 22 2.50 -11.43 -7.99
CA THR A 22 1.55 -11.50 -9.09
C THR A 22 0.34 -10.59 -8.91
N ARG A 23 -0.08 -10.33 -7.67
CA ARG A 23 -1.28 -9.54 -7.43
C ARG A 23 -1.07 -8.03 -7.71
N CYS A 24 0.07 -7.46 -7.27
CA CYS A 24 0.53 -6.13 -7.71
C CYS A 24 0.60 -6.11 -9.24
N ARG A 25 1.30 -7.10 -9.83
CA ARG A 25 1.50 -7.23 -11.27
C ARG A 25 0.18 -7.17 -12.07
N ILE A 26 -0.83 -7.95 -11.70
CA ILE A 26 -2.18 -7.90 -12.31
C ILE A 26 -2.73 -6.47 -12.35
N LEU A 27 -2.67 -5.73 -11.23
CA LEU A 27 -3.24 -4.37 -11.15
C LEU A 27 -2.52 -3.39 -12.06
N VAL A 28 -1.18 -3.37 -12.03
CA VAL A 28 -0.36 -2.48 -12.87
C VAL A 28 -0.41 -2.88 -14.36
N ALA A 29 -0.66 -4.16 -14.65
CA ALA A 29 -0.95 -4.63 -15.99
C ALA A 29 -2.37 -4.23 -16.44
N LEU A 30 -3.38 -4.26 -15.56
CA LEU A 30 -4.76 -3.96 -15.95
C LEU A 30 -5.00 -2.55 -16.44
N LEU A 31 -4.20 -1.61 -15.93
CA LEU A 31 -4.09 -0.22 -16.41
C LEU A 31 -4.09 -0.12 -17.96
N ASP A 32 -3.57 -1.15 -18.64
CA ASP A 32 -3.69 -1.39 -20.09
C ASP A 32 -4.59 -2.62 -20.38
N GLY A 33 -4.55 -3.60 -19.49
CA GLY A 33 -5.05 -4.98 -19.60
C GLY A 33 -6.55 -5.14 -19.45
N VAL A 34 -7.29 -4.05 -19.40
CA VAL A 34 -8.76 -3.96 -19.50
C VAL A 34 -9.40 -4.51 -20.80
N CYS A 35 -8.76 -5.48 -21.48
CA CYS A 35 -9.32 -6.18 -22.63
C CYS A 35 -10.24 -7.33 -22.19
N TYR A 36 -9.70 -8.49 -21.83
CA TYR A 36 -10.51 -9.69 -21.56
C TYR A 36 -10.04 -10.41 -20.29
N PRO A 37 -10.87 -11.22 -19.60
CA PRO A 37 -10.52 -11.84 -18.33
C PRO A 37 -9.25 -12.70 -18.40
N GLY A 38 -9.03 -13.40 -19.51
CA GLY A 38 -7.82 -14.22 -19.72
C GLY A 38 -6.60 -13.46 -20.27
N GLN A 39 -6.69 -12.14 -20.50
CA GLN A 39 -5.64 -11.39 -21.22
C GLN A 39 -4.36 -11.23 -20.41
N LEU A 40 -4.45 -11.16 -19.07
CA LEU A 40 -3.28 -10.98 -18.20
C LEU A 40 -2.28 -12.13 -18.34
N ALA A 41 -2.70 -13.25 -18.94
CA ALA A 41 -1.84 -14.38 -19.23
C ALA A 41 -0.68 -13.99 -20.17
N ALA A 42 -0.93 -13.09 -21.13
CA ALA A 42 0.09 -12.54 -22.02
C ALA A 42 0.99 -11.55 -21.29
N HIS A 43 0.40 -10.55 -20.60
CA HIS A 43 1.15 -9.57 -19.81
C HIS A 43 2.07 -10.18 -18.74
N LEU A 44 1.67 -11.32 -18.15
CA LEU A 44 2.40 -11.96 -17.04
C LEU A 44 3.18 -13.22 -17.43
N GLY A 45 2.93 -13.81 -18.60
CA GLY A 45 3.48 -15.13 -18.97
C GLY A 45 2.87 -16.30 -18.20
N LEU A 46 1.79 -16.07 -17.45
CA LEU A 46 1.14 -17.09 -16.62
C LEU A 46 -0.03 -17.78 -17.34
N THR A 47 -0.36 -19.01 -16.92
CA THR A 47 -1.58 -19.71 -17.37
C THR A 47 -2.83 -18.96 -16.89
N ARG A 48 -3.94 -19.10 -17.63
CA ARG A 48 -5.23 -18.50 -17.26
C ARG A 48 -5.68 -19.00 -15.89
N SER A 49 -5.51 -20.29 -15.59
CA SER A 49 -5.84 -20.88 -14.29
C SER A 49 -4.99 -20.29 -13.16
N ASN A 50 -3.70 -20.02 -13.41
CA ASN A 50 -2.82 -19.41 -12.43
C ASN A 50 -3.18 -17.92 -12.21
N VAL A 51 -3.33 -17.14 -13.28
CA VAL A 51 -3.83 -15.74 -13.22
C VAL A 51 -5.19 -15.62 -12.52
N SER A 52 -6.09 -16.59 -12.71
CA SER A 52 -7.43 -16.58 -12.08
C SER A 52 -7.39 -16.70 -10.56
N ASN A 53 -6.43 -17.44 -10.00
CA ASN A 53 -6.21 -17.48 -8.54
C ASN A 53 -5.94 -16.08 -7.98
N HIS A 54 -5.19 -15.26 -8.71
CA HIS A 54 -4.94 -13.86 -8.33
C HIS A 54 -6.20 -12.98 -8.45
N LEU A 55 -7.02 -13.18 -9.49
CA LEU A 55 -8.28 -12.45 -9.68
C LEU A 55 -9.41 -12.93 -8.76
N SER A 56 -9.26 -14.07 -8.09
CA SER A 56 -10.18 -14.45 -7.02
C SER A 56 -10.17 -13.41 -5.89
N CYS A 57 -8.99 -13.10 -5.31
CA CYS A 57 -8.84 -12.10 -4.27
C CYS A 57 -9.12 -10.68 -4.81
N LEU A 58 -8.66 -10.37 -6.02
CA LEU A 58 -8.76 -9.02 -6.62
C LEU A 58 -10.21 -8.56 -6.80
N ARG A 59 -11.10 -9.48 -7.18
CA ARG A 59 -12.53 -9.23 -7.35
C ARG A 59 -13.29 -9.29 -6.01
N GLY A 60 -12.62 -9.71 -4.91
CA GLY A 60 -13.18 -9.80 -3.55
C GLY A 60 -12.77 -8.65 -2.61
N CYS A 61 -11.48 -8.29 -2.60
CA CYS A 61 -10.93 -7.09 -1.98
C CYS A 61 -11.40 -5.78 -2.70
N GLY A 62 -12.29 -5.91 -3.71
CA GLY A 62 -12.99 -4.82 -4.38
C GLY A 62 -12.10 -3.96 -5.27
N LEU A 63 -10.96 -4.49 -5.71
CA LEU A 63 -9.93 -3.76 -6.49
C LEU A 63 -10.21 -3.75 -8.00
N VAL A 64 -10.98 -4.71 -8.47
CA VAL A 64 -11.35 -4.90 -9.89
C VAL A 64 -12.82 -5.24 -10.05
N VAL A 65 -13.40 -4.79 -11.16
CA VAL A 65 -14.80 -4.97 -11.53
C VAL A 65 -14.91 -5.49 -12.97
N ALA A 66 -15.90 -6.35 -13.23
CA ALA A 66 -16.23 -6.83 -14.57
C ALA A 66 -17.15 -5.85 -15.32
N THR A 67 -16.83 -5.55 -16.59
CA THR A 67 -17.72 -4.77 -17.48
C THR A 67 -17.68 -5.35 -18.87
N TYR A 68 -18.61 -4.94 -19.72
CA TYR A 68 -18.52 -5.17 -21.15
C TYR A 68 -17.55 -4.10 -21.73
N GLU A 69 -16.52 -4.47 -22.48
CA GLU A 69 -15.67 -3.51 -23.22
C GLU A 69 -16.29 -2.99 -24.54
N GLY A 70 -17.33 -3.65 -25.07
CA GLY A 70 -18.04 -3.28 -26.30
C GLY A 70 -18.23 -4.44 -27.30
N ARG A 71 -17.38 -5.46 -27.18
CA ARG A 71 -17.31 -6.69 -27.99
C ARG A 71 -17.10 -7.96 -27.13
N GLN A 72 -16.62 -7.83 -25.89
CA GLN A 72 -16.30 -8.86 -24.90
C GLN A 72 -16.54 -8.35 -23.47
N VAL A 73 -16.41 -9.25 -22.49
CA VAL A 73 -16.33 -8.90 -21.06
C VAL A 73 -14.85 -8.67 -20.69
N ARG A 74 -14.58 -7.72 -19.80
CA ARG A 74 -13.24 -7.34 -19.33
C ARG A 74 -13.16 -7.38 -17.80
N TYR A 75 -11.93 -7.36 -17.27
CA TYR A 75 -11.67 -7.05 -15.86
C TYR A 75 -10.95 -5.70 -15.83
N ALA A 76 -11.52 -4.71 -15.15
CA ALA A 76 -10.98 -3.36 -15.04
C ALA A 76 -10.75 -3.01 -13.56
N LEU A 77 -9.82 -2.09 -13.26
CA LEU A 77 -9.68 -1.53 -11.91
C LEU A 77 -11.00 -0.89 -11.45
N ALA A 78 -11.25 -0.88 -10.15
CA ALA A 78 -12.56 -0.53 -9.57
C ALA A 78 -13.08 0.88 -9.94
N ASP A 79 -12.16 1.83 -10.01
CA ASP A 79 -12.39 3.22 -10.43
C ASP A 79 -11.05 3.86 -10.79
N SER A 80 -11.13 5.02 -11.43
CA SER A 80 -10.01 5.92 -11.65
C SER A 80 -9.18 6.08 -10.38
N HIS A 81 -9.77 6.01 -9.17
CA HIS A 81 -9.09 5.92 -7.89
C HIS A 81 -7.83 5.05 -7.91
N LEU A 82 -7.90 3.73 -8.15
CA LEU A 82 -6.70 2.88 -8.11
C LEU A 82 -5.82 3.13 -9.33
N ALA A 83 -6.41 3.27 -10.53
CA ALA A 83 -5.67 3.57 -11.76
C ALA A 83 -4.88 4.90 -11.71
N ARG A 84 -5.33 5.85 -10.89
CA ARG A 84 -4.72 7.16 -10.65
C ARG A 84 -3.54 7.01 -9.69
N ALA A 85 -3.77 6.51 -8.47
CA ALA A 85 -2.72 6.32 -7.46
C ALA A 85 -1.62 5.32 -7.90
N LEU A 86 -2.00 4.24 -8.60
CA LEU A 86 -1.05 3.34 -9.25
C LEU A 86 -0.33 4.10 -10.40
N GLY A 87 -1.08 4.88 -11.19
CA GLY A 87 -0.61 5.58 -12.39
C GLY A 87 0.35 6.76 -12.18
N GLU A 88 0.25 7.56 -11.11
CA GLU A 88 1.34 8.52 -10.78
C GLU A 88 2.55 7.83 -10.14
N LEU A 89 2.38 6.55 -9.74
CA LEU A 89 3.32 5.72 -9.00
C LEU A 89 3.55 6.33 -7.61
N VAL A 90 3.10 5.62 -6.57
CA VAL A 90 3.13 6.05 -5.15
C VAL A 90 4.52 6.18 -4.54
N GLN A 91 5.54 6.45 -5.35
CA GLN A 91 6.77 7.05 -4.92
C GLN A 91 7.71 6.02 -4.28
N VAL A 92 7.24 4.77 -4.15
CA VAL A 92 7.95 3.50 -3.82
C VAL A 92 9.05 3.12 -4.84
N VAL A 93 9.68 4.13 -5.42
CA VAL A 93 10.90 4.09 -6.26
C VAL A 93 10.78 3.16 -7.49
N LEU A 94 9.53 2.82 -7.89
CA LEU A 94 9.08 1.81 -8.88
C LEU A 94 8.65 0.58 -8.08
N ALA A 95 7.33 0.37 -8.00
CA ALA A 95 6.65 -0.68 -7.25
C ALA A 95 6.98 -2.14 -7.66
N VAL A 96 8.24 -2.55 -7.54
CA VAL A 96 8.68 -3.96 -7.63
C VAL A 96 8.07 -4.74 -6.46
N ASP A 97 7.85 -6.04 -6.61
CA ASP A 97 7.31 -6.95 -5.59
C ASP A 97 8.35 -7.39 -4.54
N THR A 98 9.30 -8.26 -4.92
CA THR A 98 10.49 -8.77 -4.16
C THR A 98 10.16 -9.73 -3.02
N ASP A 99 11.03 -10.72 -2.81
CA ASP A 99 11.06 -11.48 -1.56
C ASP A 99 12.05 -10.75 -0.64
N GLN A 100 11.68 -10.48 0.62
CA GLN A 100 12.55 -9.77 1.56
C GLN A 100 11.98 -9.86 2.99
N PRO A 101 12.81 -10.08 4.03
CA PRO A 101 12.34 -10.08 5.42
C PRO A 101 11.96 -8.66 5.88
N CYS A 102 11.27 -8.57 7.02
CA CYS A 102 10.73 -7.35 7.62
C CYS A 102 11.58 -6.90 8.84
N VAL A 103 10.98 -6.13 9.74
CA VAL A 103 11.50 -5.79 11.09
C VAL A 103 13.01 -5.47 11.12
N ALA A 104 13.46 -4.53 10.27
CA ALA A 104 14.85 -4.03 10.17
C ALA A 104 15.85 -4.98 9.46
N GLU A 105 15.49 -6.24 9.23
CA GLU A 105 16.32 -7.18 8.47
C GLU A 105 16.37 -6.80 6.97
N ARG A 106 17.37 -7.37 6.29
CA ARG A 106 17.61 -7.24 4.84
C ARG A 106 18.62 -8.28 4.38
N ALA B 10 9.90 -1.58 -2.37
CA ALA B 10 9.13 -2.65 -2.96
C ALA B 10 7.73 -2.73 -2.33
N LEU B 11 6.70 -3.04 -3.13
CA LEU B 11 5.30 -3.00 -2.74
C LEU B 11 4.96 -4.07 -1.69
N ALA B 12 5.67 -5.21 -1.64
CA ALA B 12 5.52 -6.18 -0.55
C ALA B 12 5.92 -5.58 0.80
N ARG B 13 7.15 -5.08 0.92
CA ARG B 13 7.64 -4.40 2.15
C ARG B 13 6.79 -3.17 2.51
N LEU B 14 6.72 -2.22 1.58
CA LEU B 14 6.10 -0.91 1.74
C LEU B 14 4.60 -1.06 1.97
N GLY B 15 3.89 -1.79 1.10
CA GLY B 15 2.44 -1.93 1.16
C GLY B 15 1.99 -2.65 2.42
N ARG B 16 2.70 -3.69 2.88
CA ARG B 16 2.40 -4.36 4.16
C ARG B 16 2.70 -3.44 5.34
N ALA B 17 3.76 -2.64 5.28
CA ALA B 17 4.11 -1.71 6.36
C ALA B 17 3.21 -0.46 6.42
N LEU B 18 2.46 -0.15 5.35
CA LEU B 18 1.38 0.86 5.38
C LEU B 18 0.04 0.18 5.76
N ALA B 19 -0.17 -1.07 5.36
CA ALA B 19 -1.27 -1.95 5.79
C ALA B 19 -1.09 -2.50 7.22
N ASP B 20 -0.94 -1.62 8.19
CA ASP B 20 -0.80 -1.92 9.61
C ASP B 20 -1.47 -0.78 10.40
N PRO B 21 -2.28 -1.08 11.45
CA PRO B 21 -3.20 -0.13 12.10
C PRO B 21 -2.55 1.22 12.43
N THR B 22 -1.64 1.25 13.39
CA THR B 22 -0.99 2.47 13.82
C THR B 22 -0.02 3.02 12.78
N ARG B 23 0.40 2.25 11.77
CA ARG B 23 1.40 2.74 10.80
C ARG B 23 0.80 3.77 9.86
N CYS B 24 -0.39 3.54 9.28
CA CYS B 24 -1.13 4.57 8.53
C CYS B 24 -1.14 5.90 9.33
N ARG B 25 -1.57 5.81 10.59
CA ARG B 25 -1.65 6.93 11.52
C ARG B 25 -0.32 7.62 11.82
N ILE B 26 0.74 6.88 12.19
CA ILE B 26 2.09 7.47 12.31
C ILE B 26 2.46 8.25 11.04
N LEU B 27 2.44 7.59 9.88
CA LEU B 27 2.97 8.15 8.64
C LEU B 27 2.23 9.42 8.21
N VAL B 28 0.89 9.44 8.31
CA VAL B 28 0.07 10.61 7.99
C VAL B 28 0.19 11.73 9.04
N ALA B 29 0.38 11.38 10.32
CA ALA B 29 0.58 12.36 11.39
C ALA B 29 1.99 12.96 11.35
N LEU B 30 3.01 12.21 10.91
CA LEU B 30 4.38 12.71 10.88
C LEU B 30 4.54 13.92 9.97
N LEU B 31 3.87 13.85 8.81
CA LEU B 31 3.67 14.85 7.77
C LEU B 31 3.28 16.25 8.31
N ASP B 32 2.56 16.30 9.44
CA ASP B 32 2.05 17.50 10.12
C ASP B 32 2.92 17.92 11.33
N GLY B 33 3.82 17.03 11.79
CA GLY B 33 4.56 17.17 13.05
C GLY B 33 6.08 17.33 12.90
N VAL B 34 6.77 16.24 12.53
CA VAL B 34 8.26 16.07 12.52
C VAL B 34 9.05 16.81 13.63
N CYS B 35 8.48 16.94 14.83
CA CYS B 35 9.11 17.53 16.02
C CYS B 35 10.00 16.55 16.77
N TYR B 36 9.45 15.71 17.65
CA TYR B 36 10.27 14.84 18.52
C TYR B 36 9.89 13.35 18.58
N PRO B 37 10.74 12.42 19.07
CA PRO B 37 10.39 11.00 19.14
C PRO B 37 9.12 10.77 19.99
N GLY B 38 9.00 11.46 21.13
CA GLY B 38 7.79 11.43 21.96
C GLY B 38 6.58 12.17 21.36
N GLN B 39 6.71 12.80 20.18
CA GLN B 39 5.63 13.57 19.56
C GLN B 39 4.45 12.66 19.18
N LEU B 40 4.69 11.55 18.46
CA LEU B 40 3.62 10.70 17.95
C LEU B 40 2.91 10.04 19.12
N ALA B 41 3.63 9.83 20.21
CA ALA B 41 3.06 9.35 21.47
C ALA B 41 2.26 10.43 22.25
N ALA B 42 1.76 11.44 21.54
CA ALA B 42 0.79 12.45 21.96
C ALA B 42 -0.11 12.77 20.76
N HIS B 43 0.47 12.95 19.56
CA HIS B 43 -0.21 13.07 18.26
C HIS B 43 -1.19 11.90 17.96
N LEU B 44 -0.90 10.70 18.49
CA LEU B 44 -1.73 9.50 18.39
C LEU B 44 -2.54 9.22 19.67
N GLY B 45 -2.15 9.80 20.80
CA GLY B 45 -2.69 9.48 22.13
C GLY B 45 -2.19 8.16 22.71
N LEU B 46 -1.36 7.40 21.99
CA LEU B 46 -0.85 6.10 22.45
C LEU B 46 0.51 6.27 23.16
N THR B 47 0.77 5.47 24.19
CA THR B 47 1.91 5.66 25.12
C THR B 47 3.27 5.64 24.42
N ARG B 48 4.29 6.27 25.03
CA ARG B 48 5.67 6.29 24.49
C ARG B 48 6.23 4.86 24.35
N SER B 49 5.92 3.97 25.28
CA SER B 49 6.20 2.54 25.18
C SER B 49 5.45 1.89 24.01
N ASN B 50 4.14 2.15 23.86
CA ASN B 50 3.34 1.61 22.75
C ASN B 50 3.83 2.10 21.37
N VAL B 51 4.03 3.41 21.18
CA VAL B 51 4.47 3.98 19.89
C VAL B 51 5.91 3.56 19.56
N SER B 52 6.74 3.13 20.52
CA SER B 52 8.07 2.56 20.20
C SER B 52 7.99 1.17 19.56
N ASN B 53 7.20 0.24 20.13
CA ASN B 53 6.94 -1.09 19.55
C ASN B 53 6.54 -1.00 18.08
N HIS B 54 5.62 -0.07 17.85
CA HIS B 54 5.19 0.38 16.56
C HIS B 54 6.33 0.98 15.69
N LEU B 55 7.09 1.99 16.17
CA LEU B 55 8.16 2.63 15.39
C LEU B 55 9.34 1.70 15.13
N SER B 56 9.46 0.58 15.84
CA SER B 56 10.41 -0.47 15.49
C SER B 56 10.29 -0.85 14.00
N CYS B 57 9.09 -1.15 13.50
CA CYS B 57 9.00 -1.70 12.14
C CYS B 57 9.00 -0.60 11.05
N LEU B 58 8.65 0.61 11.44
CA LEU B 58 8.66 1.77 10.54
C LEU B 58 10.09 2.23 10.25
N ARG B 59 10.90 2.35 11.32
CA ARG B 59 12.32 2.67 11.23
C ARG B 59 13.12 1.48 10.69
N GLY B 60 12.64 0.25 10.88
CA GLY B 60 13.27 -0.97 10.34
C GLY B 60 13.02 -1.18 8.85
N CYS B 61 11.79 -1.02 8.36
CA CYS B 61 11.50 -1.22 6.95
C CYS B 61 11.98 -0.04 6.04
N GLY B 62 12.28 1.12 6.66
CA GLY B 62 12.94 2.26 6.03
C GLY B 62 12.06 3.48 5.75
N LEU B 63 10.81 3.52 6.24
CA LEU B 63 9.81 4.53 5.84
C LEU B 63 9.90 5.85 6.62
N VAL B 64 10.58 5.79 7.76
CA VAL B 64 10.85 6.92 8.66
C VAL B 64 12.33 6.98 9.00
N VAL B 65 12.84 8.20 9.11
CA VAL B 65 14.27 8.49 9.37
C VAL B 65 14.40 9.50 10.51
N ALA B 66 15.41 9.29 11.36
CA ALA B 66 15.80 10.21 12.44
C ALA B 66 16.75 11.32 11.95
N THR B 67 16.51 12.57 12.37
CA THR B 67 17.42 13.71 12.12
C THR B 67 17.44 14.61 13.34
N TYR B 68 18.41 15.50 13.38
CA TYR B 68 18.39 16.61 14.31
C TYR B 68 17.41 17.67 13.75
N GLU B 69 16.43 18.13 14.54
CA GLU B 69 15.53 19.24 14.15
C GLU B 69 16.20 20.64 14.23
N GLY B 70 17.28 20.79 15.00
CA GLY B 70 18.02 22.05 15.23
C GLY B 70 18.39 22.31 16.70
N ARG B 71 17.70 21.63 17.61
CA ARG B 71 17.80 21.67 19.07
C ARG B 71 17.60 20.27 19.70
N GLN B 72 16.89 19.35 19.04
CA GLN B 72 16.54 18.00 19.48
C GLN B 72 16.68 17.00 18.33
N VAL B 73 16.41 15.72 18.60
CA VAL B 73 16.22 14.67 17.58
C VAL B 73 14.73 14.60 17.21
N ARG B 74 14.44 14.32 15.94
CA ARG B 74 13.10 14.13 15.38
C ARG B 74 13.04 12.83 14.60
N TYR B 75 11.82 12.40 14.33
CA TYR B 75 11.52 11.40 13.31
C TYR B 75 10.84 12.16 12.16
N ALA B 76 11.02 11.72 10.93
CA ALA B 76 10.39 12.27 9.73
C ALA B 76 10.13 11.13 8.74
N LEU B 77 9.21 11.28 7.79
CA LEU B 77 9.10 10.33 6.67
C LEU B 77 10.44 10.32 5.90
N ALA B 78 10.75 9.19 5.25
CA ALA B 78 12.08 8.95 4.68
C ALA B 78 12.50 9.94 3.59
N ASP B 79 11.54 10.40 2.79
CA ASP B 79 11.72 11.34 1.70
C ASP B 79 10.37 12.02 1.36
N SER B 80 10.49 13.07 0.56
CA SER B 80 9.39 13.74 -0.13
C SER B 80 8.54 12.72 -0.88
N HIS B 81 9.12 11.61 -1.36
CA HIS B 81 8.41 10.48 -1.94
C HIS B 81 7.21 10.01 -1.12
N LEU B 82 7.38 9.47 0.11
CA LEU B 82 6.21 8.98 0.87
C LEU B 82 5.30 10.13 1.28
N ALA B 83 5.85 11.27 1.71
CA ALA B 83 5.09 12.46 2.10
C ALA B 83 4.25 13.06 0.95
N ARG B 84 4.63 12.81 -0.31
CA ARG B 84 3.92 13.25 -1.51
C ARG B 84 2.73 12.33 -1.81
N ALA B 85 2.96 11.05 -2.12
CA ALA B 85 1.87 10.11 -2.44
C ALA B 85 0.88 9.87 -1.27
N LEU B 86 1.36 9.87 -0.01
CA LEU B 86 0.48 9.87 1.16
C LEU B 86 -0.31 11.19 1.20
N GLY B 87 0.35 12.32 0.90
CA GLY B 87 -0.17 13.69 0.98
C GLY B 87 -1.29 14.03 -0.01
N GLU B 88 -1.26 13.59 -1.28
CA GLU B 88 -2.44 13.71 -2.17
C GLU B 88 -3.60 12.78 -1.79
N LEU B 89 -3.31 11.77 -0.94
CA LEU B 89 -4.17 10.65 -0.59
C LEU B 89 -4.35 9.73 -1.80
N VAL B 90 -3.76 8.53 -1.70
CA VAL B 90 -3.83 7.39 -2.65
C VAL B 90 -5.24 6.81 -2.87
N GLN B 91 -6.29 7.62 -2.73
CA GLN B 91 -7.58 7.38 -3.35
C GLN B 91 -8.45 6.39 -2.58
N VAL B 92 -7.86 5.64 -1.65
CA VAL B 92 -8.37 4.76 -0.58
C VAL B 92 -9.34 5.42 0.42
N VAL B 93 -10.10 6.41 -0.07
CA VAL B 93 -11.26 7.04 0.56
C VAL B 93 -10.96 7.65 1.95
N LEU B 94 -9.68 8.02 2.18
CA LEU B 94 -9.07 8.38 3.46
C LEU B 94 -8.75 7.05 4.14
N ALA B 95 -7.47 6.69 4.18
CA ALA B 95 -6.95 5.39 4.57
C ALA B 95 -7.34 4.91 6.01
N VAL B 96 -8.59 4.47 6.18
CA VAL B 96 -9.17 4.00 7.45
C VAL B 96 -8.39 2.82 8.07
N ASP B 97 -8.35 2.79 9.40
CA ASP B 97 -7.69 1.80 10.25
C ASP B 97 -8.42 0.44 10.30
N THR B 98 -9.71 0.41 9.94
CA THR B 98 -10.64 -0.72 10.13
C THR B 98 -10.09 -2.05 9.64
N ASP B 99 -10.08 -3.01 10.55
CA ASP B 99 -9.89 -4.40 10.23
C ASP B 99 -11.13 -4.83 9.43
N GLN B 100 -10.96 -5.84 8.58
CA GLN B 100 -12.06 -6.46 7.88
C GLN B 100 -11.53 -7.76 7.23
N PRO B 101 -12.30 -8.86 7.17
CA PRO B 101 -11.86 -10.09 6.50
C PRO B 101 -11.57 -9.88 5.01
N CYS B 102 -10.78 -10.78 4.43
CA CYS B 102 -10.33 -10.71 3.05
C CYS B 102 -11.33 -11.33 2.06
N VAL B 103 -10.75 -11.93 1.02
CA VAL B 103 -11.32 -12.73 -0.08
C VAL B 103 -12.86 -12.64 -0.19
N ALA B 104 -13.35 -11.46 -0.59
CA ALA B 104 -14.76 -11.16 -0.93
C ALA B 104 -15.72 -11.00 0.27
N GLU B 105 -15.29 -11.31 1.49
CA GLU B 105 -16.05 -11.10 2.71
C GLU B 105 -16.12 -9.61 3.11
N ARG B 106 -17.06 -9.32 4.02
CA ARG B 106 -17.30 -8.04 4.71
C ARG B 106 -18.53 -8.14 5.60
CD CD C . -8.78 -10.53 -0.76
CD CD D . 7.96 -4.06 8.58
N ALA A 10 -10.40 -4.19 5.15
CA ALA A 10 -9.59 -3.72 6.29
C ALA A 10 -8.23 -3.14 5.88
N LEU A 11 -7.82 -1.98 6.42
CA LEU A 11 -6.62 -1.24 5.95
C LEU A 11 -5.35 -2.11 5.91
N ALA A 12 -5.02 -2.76 7.03
CA ALA A 12 -3.91 -3.72 7.18
C ALA A 12 -4.04 -5.01 6.35
N ARG A 13 -5.22 -5.31 5.81
CA ARG A 13 -5.46 -6.41 4.88
C ARG A 13 -5.36 -5.95 3.41
N LEU A 14 -5.93 -4.79 3.07
CA LEU A 14 -5.99 -4.23 1.71
C LEU A 14 -4.59 -3.92 1.16
N GLY A 15 -3.64 -3.42 1.97
CA GLY A 15 -2.23 -3.29 1.53
C GLY A 15 -1.62 -4.63 1.10
N ARG A 16 -2.17 -5.76 1.59
CA ARG A 16 -1.83 -7.12 1.14
C ARG A 16 -2.81 -7.75 0.15
N ALA A 17 -3.90 -7.06 -0.25
CA ALA A 17 -4.76 -7.45 -1.38
C ALA A 17 -4.18 -6.85 -2.67
N LEU A 18 -3.60 -5.64 -2.60
CA LEU A 18 -2.80 -5.12 -3.70
C LEU A 18 -1.48 -5.91 -3.79
N ALA A 19 -0.89 -6.28 -2.65
CA ALA A 19 0.26 -7.19 -2.56
C ALA A 19 -0.09 -8.69 -2.36
N ASP A 20 -1.18 -9.17 -2.97
CA ASP A 20 -1.43 -10.60 -3.11
C ASP A 20 -0.57 -11.08 -4.29
N PRO A 21 -0.08 -12.34 -4.30
CA PRO A 21 0.97 -12.88 -5.19
C PRO A 21 0.84 -12.41 -6.65
N THR A 22 0.09 -13.16 -7.46
CA THR A 22 -0.23 -12.84 -8.84
C THR A 22 -1.10 -11.59 -8.92
N ARG A 23 -1.96 -11.32 -7.93
CA ARG A 23 -2.88 -10.16 -7.94
C ARG A 23 -2.17 -8.81 -8.08
N CYS A 24 -0.96 -8.64 -7.50
CA CYS A 24 -0.14 -7.45 -7.71
C CYS A 24 0.16 -7.24 -9.20
N ARG A 25 0.72 -8.27 -9.86
CA ARG A 25 1.07 -8.17 -11.28
C ARG A 25 -0.18 -8.18 -12.18
N ILE A 26 -1.25 -8.92 -11.83
CA ILE A 26 -2.58 -8.82 -12.46
C ILE A 26 -3.04 -7.36 -12.46
N LEU A 27 -2.90 -6.65 -11.33
CA LEU A 27 -3.28 -5.24 -11.29
C LEU A 27 -2.41 -4.38 -12.21
N VAL A 28 -1.08 -4.51 -12.23
CA VAL A 28 -0.26 -3.66 -13.14
C VAL A 28 -0.55 -3.93 -14.63
N ALA A 29 -0.81 -5.19 -14.96
CA ALA A 29 -1.17 -5.64 -16.32
C ALA A 29 -2.64 -5.41 -16.68
N LEU A 30 -3.44 -4.87 -15.75
CA LEU A 30 -4.78 -4.38 -15.99
C LEU A 30 -4.68 -2.99 -16.59
N LEU A 31 -3.93 -2.13 -15.91
CA LEU A 31 -3.76 -0.70 -16.11
C LEU A 31 -3.57 -0.29 -17.58
N ASP A 32 -2.50 -0.82 -18.20
CA ASP A 32 -2.11 -0.58 -19.60
C ASP A 32 -2.52 -1.76 -20.51
N GLY A 33 -3.45 -2.57 -20.00
CA GLY A 33 -4.02 -3.76 -20.61
C GLY A 33 -5.46 -3.53 -21.02
N VAL A 34 -6.39 -3.61 -20.05
CA VAL A 34 -7.86 -3.47 -20.25
C VAL A 34 -8.45 -4.07 -21.55
N CYS A 35 -7.86 -5.11 -22.14
CA CYS A 35 -8.33 -5.61 -23.44
C CYS A 35 -9.52 -6.56 -23.34
N TYR A 36 -9.27 -7.78 -22.86
CA TYR A 36 -10.30 -8.82 -22.75
C TYR A 36 -10.22 -9.60 -21.42
N PRO A 37 -11.28 -10.30 -20.98
CA PRO A 37 -11.20 -11.20 -19.84
C PRO A 37 -10.18 -12.30 -20.14
N GLY A 38 -9.06 -12.31 -19.41
CA GLY A 38 -7.93 -13.20 -19.66
C GLY A 38 -6.77 -12.60 -20.47
N GLN A 39 -6.84 -11.36 -20.94
CA GLN A 39 -5.74 -10.66 -21.68
C GLN A 39 -4.43 -10.55 -20.90
N LEU A 40 -4.49 -10.67 -19.58
CA LEU A 40 -3.31 -10.67 -18.72
C LEU A 40 -2.48 -11.95 -18.86
N ALA A 41 -2.99 -12.97 -19.55
CA ALA A 41 -2.27 -14.22 -19.80
C ALA A 41 -0.95 -13.98 -20.55
N ALA A 42 -0.98 -13.14 -21.60
CA ALA A 42 0.21 -12.70 -22.31
C ALA A 42 1.10 -11.85 -21.40
N HIS A 43 0.51 -10.83 -20.77
CA HIS A 43 1.24 -9.90 -19.92
C HIS A 43 1.98 -10.55 -18.73
N LEU A 44 1.48 -11.69 -18.24
CA LEU A 44 1.97 -12.37 -17.04
C LEU A 44 2.63 -13.72 -17.31
N GLY A 45 2.33 -14.39 -18.43
CA GLY A 45 2.73 -15.78 -18.68
C GLY A 45 1.93 -16.82 -17.88
N LEU A 46 1.02 -16.38 -17.00
CA LEU A 46 0.11 -17.25 -16.25
C LEU A 46 -1.12 -17.58 -17.09
N THR A 47 -1.57 -18.84 -17.04
CA THR A 47 -2.75 -19.29 -17.82
C THR A 47 -3.97 -18.41 -17.53
N ARG A 48 -4.82 -18.25 -18.55
CA ARG A 48 -6.16 -17.64 -18.42
C ARG A 48 -6.98 -18.23 -17.26
N SER A 49 -6.74 -19.48 -16.87
CA SER A 49 -7.36 -20.12 -15.70
C SER A 49 -6.85 -19.50 -14.39
N ASN A 50 -5.53 -19.31 -14.23
CA ASN A 50 -4.95 -18.68 -13.04
C ASN A 50 -5.17 -17.15 -13.03
N VAL A 51 -5.08 -16.48 -14.18
CA VAL A 51 -5.49 -15.08 -14.34
C VAL A 51 -6.96 -14.91 -13.92
N SER A 52 -7.90 -15.75 -14.39
CA SER A 52 -9.30 -15.69 -13.93
C SER A 52 -9.47 -16.03 -12.44
N ASN A 53 -8.74 -17.02 -11.94
CA ASN A 53 -8.73 -17.42 -10.54
C ASN A 53 -8.36 -16.23 -9.62
N HIS A 54 -7.25 -15.54 -9.88
CA HIS A 54 -6.86 -14.38 -9.08
C HIS A 54 -7.77 -13.16 -9.29
N LEU A 55 -8.39 -13.01 -10.49
CA LEU A 55 -9.40 -11.99 -10.77
C LEU A 55 -10.72 -12.25 -10.06
N SER A 56 -11.10 -13.50 -9.79
CA SER A 56 -12.37 -13.80 -9.11
C SER A 56 -12.58 -12.98 -7.82
N CYS A 57 -11.53 -12.85 -7.00
CA CYS A 57 -11.46 -12.02 -5.81
C CYS A 57 -11.41 -10.51 -6.14
N LEU A 58 -10.62 -10.14 -7.15
CA LEU A 58 -10.39 -8.76 -7.60
C LEU A 58 -11.69 -8.10 -8.12
N ARG A 59 -12.61 -8.90 -8.66
CA ARG A 59 -13.97 -8.49 -9.05
C ARG A 59 -14.98 -8.50 -7.89
N GLY A 60 -14.64 -9.08 -6.73
CA GLY A 60 -15.50 -9.15 -5.54
C GLY A 60 -15.17 -8.04 -4.56
N CYS A 61 -13.87 -7.90 -4.27
CA CYS A 61 -13.23 -6.83 -3.53
C CYS A 61 -13.23 -5.46 -4.27
N GLY A 62 -13.99 -5.36 -5.36
CA GLY A 62 -14.25 -4.13 -6.15
C GLY A 62 -13.04 -3.50 -6.83
N LEU A 63 -11.91 -4.19 -6.94
CA LEU A 63 -10.68 -3.67 -7.55
C LEU A 63 -10.74 -3.62 -9.09
N VAL A 64 -11.52 -4.51 -9.74
CA VAL A 64 -11.75 -4.56 -11.20
C VAL A 64 -13.22 -4.75 -11.57
N VAL A 65 -13.70 -3.97 -12.54
CA VAL A 65 -15.10 -3.92 -12.99
C VAL A 65 -15.16 -4.19 -14.50
N ALA A 66 -16.14 -4.97 -14.96
CA ALA A 66 -16.34 -5.28 -16.38
C ALA A 66 -16.96 -4.11 -17.17
N THR A 67 -16.65 -4.07 -18.46
CA THR A 67 -16.94 -2.96 -19.38
C THR A 67 -16.88 -3.50 -20.80
N TYR A 68 -17.42 -2.78 -21.79
CA TYR A 68 -17.18 -3.07 -23.21
C TYR A 68 -15.90 -2.36 -23.71
N GLU A 69 -15.18 -2.95 -24.67
CA GLU A 69 -14.10 -2.26 -25.42
C GLU A 69 -14.65 -1.49 -26.65
N GLY A 70 -15.91 -1.77 -27.04
CA GLY A 70 -16.61 -1.21 -28.20
C GLY A 70 -17.42 -2.26 -28.98
N ARG A 71 -17.17 -3.55 -28.73
CA ARG A 71 -17.74 -4.72 -29.42
C ARG A 71 -17.67 -5.99 -28.56
N GLN A 72 -16.55 -6.23 -27.90
CA GLN A 72 -16.34 -7.24 -26.87
C GLN A 72 -16.36 -6.61 -25.48
N VAL A 73 -16.21 -7.43 -24.43
CA VAL A 73 -16.03 -6.98 -23.06
C VAL A 73 -14.58 -7.12 -22.58
N ARG A 74 -14.26 -6.36 -21.52
CA ARG A 74 -12.97 -6.14 -20.89
C ARG A 74 -13.13 -6.04 -19.36
N TYR A 75 -12.01 -6.04 -18.64
CA TYR A 75 -11.96 -5.69 -17.21
C TYR A 75 -11.21 -4.35 -17.07
N ALA A 76 -11.85 -3.32 -16.50
CA ALA A 76 -11.25 -2.03 -16.19
C ALA A 76 -11.07 -1.84 -14.68
N LEU A 77 -10.01 -1.15 -14.24
CA LEU A 77 -9.85 -0.73 -12.84
C LEU A 77 -11.08 0.11 -12.43
N ALA A 78 -11.65 -0.14 -11.25
CA ALA A 78 -12.93 0.44 -10.84
C ALA A 78 -12.96 1.98 -10.93
N ASP A 79 -11.88 2.64 -10.51
CA ASP A 79 -11.67 4.09 -10.57
C ASP A 79 -10.18 4.48 -10.61
N SER A 80 -9.98 5.70 -11.10
CA SER A 80 -8.80 6.57 -11.06
C SER A 80 -8.01 6.46 -9.74
N HIS A 81 -8.71 6.32 -8.60
CA HIS A 81 -8.15 6.10 -7.27
C HIS A 81 -7.23 4.87 -7.19
N LEU A 82 -7.66 3.72 -7.71
CA LEU A 82 -6.77 2.54 -7.73
C LEU A 82 -5.66 2.79 -8.73
N ALA A 83 -6.00 3.38 -9.89
CA ALA A 83 -5.08 3.61 -11.01
C ALA A 83 -3.89 4.48 -10.58
N ARG A 84 -4.12 5.49 -9.72
CA ARG A 84 -3.06 6.30 -9.13
C ARG A 84 -2.19 5.51 -8.16
N ALA A 85 -2.70 4.85 -7.12
CA ALA A 85 -1.81 4.14 -6.18
C ALA A 85 -1.01 3.02 -6.85
N LEU A 86 -1.65 2.27 -7.75
CA LEU A 86 -1.08 1.28 -8.66
C LEU A 86 -0.05 1.91 -9.63
N GLY A 87 -0.35 3.07 -10.23
CA GLY A 87 0.44 3.78 -11.25
C GLY A 87 1.63 4.56 -10.68
N GLU A 88 1.50 5.10 -9.46
CA GLU A 88 2.61 5.61 -8.65
C GLU A 88 3.55 4.46 -8.23
N LEU A 89 3.16 3.21 -8.53
CA LEU A 89 3.91 1.94 -8.50
C LEU A 89 4.05 1.38 -7.08
N VAL A 90 4.18 2.29 -6.14
CA VAL A 90 4.22 2.24 -4.65
C VAL A 90 5.01 3.42 -4.08
N GLN A 91 5.88 4.04 -4.87
CA GLN A 91 6.75 5.16 -4.52
C GLN A 91 7.91 4.78 -3.58
N VAL A 92 7.82 3.72 -2.79
CA VAL A 92 8.77 3.31 -1.72
C VAL A 92 10.11 2.76 -2.23
N VAL A 93 10.65 3.43 -3.24
CA VAL A 93 11.95 3.19 -3.89
C VAL A 93 12.00 1.80 -4.58
N LEU A 94 10.81 1.21 -4.81
CA LEU A 94 10.51 -0.14 -5.29
C LEU A 94 10.48 -1.11 -4.10
N ALA A 95 9.29 -1.58 -3.70
CA ALA A 95 9.17 -2.67 -2.74
C ALA A 95 9.58 -4.01 -3.39
N VAL A 96 10.88 -4.22 -3.55
CA VAL A 96 11.54 -5.29 -4.35
C VAL A 96 10.93 -6.68 -4.14
N ASP A 97 11.00 -7.51 -5.19
CA ASP A 97 10.66 -8.94 -5.26
C ASP A 97 11.57 -9.87 -4.40
N THR A 98 12.19 -9.36 -3.32
CA THR A 98 13.01 -10.18 -2.37
C THR A 98 12.28 -10.45 -1.05
N ASP A 99 12.89 -11.32 -0.26
CA ASP A 99 12.43 -11.86 1.03
C ASP A 99 13.09 -11.18 2.25
N GLN A 100 13.93 -10.17 2.02
CA GLN A 100 14.83 -9.60 3.04
C GLN A 100 14.17 -9.16 4.37
N PRO A 101 14.86 -9.39 5.52
CA PRO A 101 14.39 -9.02 6.87
C PRO A 101 14.45 -7.51 7.11
N CYS A 102 14.27 -7.03 8.36
CA CYS A 102 14.42 -5.61 8.64
C CYS A 102 15.81 -5.08 8.21
N VAL A 103 15.83 -3.81 7.82
CA VAL A 103 16.98 -3.18 7.18
C VAL A 103 18.13 -2.91 8.18
N ALA A 104 17.82 -2.91 9.47
CA ALA A 104 18.77 -2.82 10.59
C ALA A 104 19.46 -4.15 10.95
N GLU A 105 19.52 -5.07 9.99
CA GLU A 105 19.96 -6.45 10.15
C GLU A 105 21.04 -6.81 9.11
N ARG A 106 21.79 -7.88 9.33
CA ARG A 106 22.84 -8.41 8.44
C ARG A 106 22.25 -9.11 7.19
N ALA B 10 10.57 -5.52 1.23
CA ALA B 10 9.90 -6.51 0.39
C ALA B 10 8.41 -6.23 0.06
N LEU B 11 7.99 -6.49 -1.19
CA LEU B 11 6.65 -6.25 -1.76
C LEU B 11 5.49 -6.48 -0.77
N ALA B 12 5.19 -7.73 -0.44
CA ALA B 12 4.11 -8.13 0.47
C ALA B 12 4.38 -7.84 1.96
N ARG B 13 5.59 -7.38 2.31
CA ARG B 13 5.87 -6.83 3.64
C ARG B 13 5.52 -5.34 3.69
N LEU B 14 5.92 -4.53 2.70
CA LEU B 14 5.83 -3.07 2.77
C LEU B 14 4.40 -2.57 2.89
N GLY B 15 3.44 -3.17 2.15
CA GLY B 15 2.01 -2.84 2.33
C GLY B 15 1.44 -3.19 3.71
N ARG B 16 2.22 -3.85 4.58
CA ARG B 16 1.94 -4.14 5.99
C ARG B 16 2.91 -3.45 6.98
N ALA B 17 3.94 -2.73 6.49
CA ALA B 17 4.79 -1.82 7.26
C ALA B 17 4.24 -0.38 7.20
N LEU B 18 3.54 -0.01 6.12
CA LEU B 18 2.77 1.24 6.09
C LEU B 18 1.46 1.03 6.84
N ALA B 19 0.76 -0.08 6.62
CA ALA B 19 -0.42 -0.50 7.38
C ALA B 19 -0.10 -1.34 8.64
N ASP B 20 1.03 -1.07 9.30
CA ASP B 20 1.46 -1.63 10.59
C ASP B 20 0.52 -1.21 11.74
N PRO B 21 0.38 -2.02 12.82
CA PRO B 21 -0.44 -1.75 14.01
C PRO B 21 -0.31 -0.32 14.56
N THR B 22 0.89 0.27 14.50
CA THR B 22 1.12 1.63 15.01
C THR B 22 1.84 2.50 13.99
N ARG B 23 2.76 1.95 13.19
CA ARG B 23 3.50 2.74 12.19
C ARG B 23 2.56 3.38 11.16
N CYS B 24 1.38 2.81 10.88
CA CYS B 24 0.33 3.48 10.09
C CYS B 24 -0.04 4.86 10.68
N ARG B 25 -0.63 4.86 11.89
CA ARG B 25 -1.07 6.12 12.49
C ARG B 25 0.12 7.03 12.88
N ILE B 26 1.26 6.45 13.29
CA ILE B 26 2.53 7.20 13.46
C ILE B 26 2.79 8.02 12.21
N LEU B 27 2.81 7.38 11.04
CA LEU B 27 3.14 8.03 9.78
C LEU B 27 2.16 9.14 9.41
N VAL B 28 0.84 9.02 9.68
CA VAL B 28 -0.10 10.15 9.41
C VAL B 28 0.23 11.37 10.30
N ALA B 29 0.61 11.11 11.55
CA ALA B 29 0.98 12.14 12.53
C ALA B 29 2.45 12.57 12.44
N LEU B 30 3.26 11.89 11.62
CA LEU B 30 4.61 12.30 11.27
C LEU B 30 4.51 13.47 10.31
N LEU B 31 3.78 13.25 9.22
CA LEU B 31 3.47 14.18 8.13
C LEU B 31 3.06 15.57 8.66
N ASP B 32 1.97 15.62 9.41
CA ASP B 32 1.37 16.85 9.94
C ASP B 32 2.01 17.28 11.29
N GLY B 33 3.06 16.56 11.72
CA GLY B 33 3.73 16.70 13.01
C GLY B 33 5.17 17.17 12.91
N VAL B 34 6.09 16.29 12.46
CA VAL B 34 7.56 16.53 12.39
C VAL B 34 8.18 17.32 13.57
N CYS B 35 7.63 17.24 14.78
CA CYS B 35 8.12 18.10 15.87
C CYS B 35 9.36 17.57 16.59
N TYR B 36 9.20 16.53 17.40
CA TYR B 36 10.29 15.97 18.22
C TYR B 36 10.17 14.46 18.46
N PRO B 37 11.24 13.79 18.92
CA PRO B 37 11.16 12.41 19.40
C PRO B 37 10.09 12.34 20.49
N GLY B 38 9.05 11.53 20.25
CA GLY B 38 7.88 11.42 21.13
C GLY B 38 6.73 12.40 20.84
N GLN B 39 6.83 13.34 19.89
CA GLN B 39 5.74 14.25 19.51
C GLN B 39 4.47 13.51 19.08
N LEU B 40 4.63 12.30 18.55
CA LEU B 40 3.55 11.44 18.11
C LEU B 40 2.69 10.95 19.28
N ALA B 41 3.24 10.93 20.50
CA ALA B 41 2.55 10.36 21.66
C ALA B 41 1.24 11.10 21.95
N ALA B 42 1.26 12.43 21.87
CA ALA B 42 0.08 13.28 21.99
C ALA B 42 -0.89 13.05 20.82
N HIS B 43 -0.38 13.10 19.58
CA HIS B 43 -1.18 12.87 18.36
C HIS B 43 -1.93 11.53 18.34
N LEU B 44 -1.32 10.47 18.91
CA LEU B 44 -1.83 9.10 18.84
C LEU B 44 -2.50 8.61 20.12
N GLY B 45 -2.23 9.22 21.28
CA GLY B 45 -2.61 8.69 22.60
C GLY B 45 -1.80 7.47 23.02
N LEU B 46 -0.88 6.98 22.19
CA LEU B 46 0.03 5.86 22.47
C LEU B 46 1.30 6.42 23.10
N THR B 47 1.62 5.95 24.31
CA THR B 47 2.76 6.45 25.12
C THR B 47 4.05 6.55 24.31
N ARG B 48 4.79 7.64 24.55
CA ARG B 48 6.11 7.93 23.99
C ARG B 48 7.10 6.76 24.13
N SER B 49 6.94 5.91 25.15
CA SER B 49 7.67 4.65 25.30
C SER B 49 7.36 3.69 24.14
N ASN B 50 6.09 3.31 23.92
CA ASN B 50 5.74 2.37 22.85
C ASN B 50 5.75 3.01 21.44
N VAL B 51 5.38 4.29 21.28
CA VAL B 51 5.59 5.01 20.01
C VAL B 51 7.04 4.83 19.56
N SER B 52 8.01 5.05 20.46
CA SER B 52 9.44 4.98 20.12
C SER B 52 10.02 3.56 20.13
N ASN B 53 9.48 2.63 20.93
CA ASN B 53 9.85 1.21 20.95
C ASN B 53 9.96 0.61 19.54
N HIS B 54 9.09 1.10 18.67
CA HIS B 54 8.94 0.73 17.27
C HIS B 54 9.31 1.85 16.27
N LEU B 55 9.79 3.03 16.70
CA LEU B 55 10.44 3.99 15.77
C LEU B 55 11.81 3.46 15.38
N SER B 56 12.41 2.61 16.22
CA SER B 56 13.60 1.80 15.89
C SER B 56 13.49 1.18 14.50
N CYS B 57 12.32 0.66 14.14
CA CYS B 57 12.08 0.06 12.83
C CYS B 57 11.92 1.10 11.71
N LEU B 58 11.18 2.16 12.00
CA LEU B 58 10.83 3.25 11.08
C LEU B 58 12.11 4.00 10.62
N ARG B 59 13.10 4.13 11.51
CA ARG B 59 14.43 4.70 11.20
C ARG B 59 15.41 3.69 10.57
N GLY B 60 15.06 2.40 10.49
CA GLY B 60 15.87 1.37 9.82
C GLY B 60 15.37 1.09 8.40
N CYS B 61 14.07 0.89 8.24
CA CYS B 61 13.35 0.71 6.99
C CYS B 61 13.22 2.03 6.17
N GLY B 62 13.99 3.06 6.55
CA GLY B 62 14.11 4.38 5.90
C GLY B 62 12.88 5.28 5.96
N LEU B 63 11.77 4.86 6.58
CA LEU B 63 10.49 5.56 6.53
C LEU B 63 10.52 6.95 7.21
N VAL B 64 11.36 7.10 8.24
CA VAL B 64 11.69 8.37 8.93
C VAL B 64 13.21 8.64 8.91
N VAL B 65 13.56 9.90 8.72
CA VAL B 65 14.94 10.42 8.80
C VAL B 65 15.01 11.56 9.83
N ALA B 66 16.06 11.59 10.66
CA ALA B 66 16.27 12.61 11.69
C ALA B 66 16.85 13.91 11.13
N THR B 67 16.48 15.03 11.77
CA THR B 67 16.71 16.40 11.29
C THR B 67 16.61 17.36 12.48
N TYR B 68 17.10 18.59 12.39
CA TYR B 68 16.80 19.63 13.39
C TYR B 68 15.43 20.29 13.12
N GLU B 69 14.70 20.73 14.16
CA GLU B 69 13.52 21.61 13.99
C GLU B 69 13.92 23.10 13.95
N GLY B 70 15.17 23.41 14.37
CA GLY B 70 15.75 24.76 14.46
C GLY B 70 16.60 24.95 15.72
N ARG B 71 16.42 24.10 16.72
CA ARG B 71 17.06 24.12 18.05
C ARG B 71 17.15 22.71 18.65
N GLN B 72 16.06 21.95 18.59
CA GLN B 72 15.97 20.53 18.92
C GLN B 72 16.06 19.69 17.64
N VAL B 73 15.94 18.37 17.78
CA VAL B 73 15.81 17.44 16.65
C VAL B 73 14.41 16.82 16.56
N ARG B 74 14.10 16.34 15.35
CA ARG B 74 12.81 15.86 14.86
C ARG B 74 13.01 14.60 14.00
N TYR B 75 11.89 14.00 13.60
CA TYR B 75 11.84 12.96 12.58
C TYR B 75 10.98 13.46 11.42
N ALA B 76 11.53 13.55 10.21
CA ALA B 76 10.82 13.87 8.98
C ALA B 76 10.63 12.61 8.14
N LEU B 77 9.57 12.56 7.33
CA LEU B 77 9.39 11.53 6.32
C LEU B 77 10.55 11.62 5.33
N ALA B 78 11.05 10.47 4.82
CA ALA B 78 12.17 10.40 3.87
C ALA B 78 12.08 11.48 2.78
N ASP B 79 11.00 11.45 1.99
CA ASP B 79 10.63 12.47 1.01
C ASP B 79 9.18 12.33 0.48
N SER B 80 8.84 13.18 -0.50
CA SER B 80 7.62 13.24 -1.30
C SER B 80 7.03 11.87 -1.64
N HIS B 81 7.89 10.88 -1.94
CA HIS B 81 7.50 9.51 -2.24
C HIS B 81 6.64 8.88 -1.14
N LEU B 82 7.06 8.88 0.14
CA LEU B 82 6.21 8.38 1.22
C LEU B 82 5.10 9.38 1.52
N ALA B 83 5.38 10.68 1.42
CA ALA B 83 4.45 11.75 1.80
C ALA B 83 3.18 11.68 0.95
N ARG B 84 3.29 11.38 -0.35
CA ARG B 84 2.16 11.07 -1.22
C ARG B 84 1.49 9.75 -0.84
N ALA B 85 2.16 8.59 -0.75
CA ALA B 85 1.42 7.34 -0.50
C ALA B 85 0.67 7.31 0.84
N LEU B 86 1.23 7.98 1.86
CA LEU B 86 0.59 8.22 3.14
C LEU B 86 -0.48 9.32 3.07
N GLY B 87 -0.21 10.42 2.36
CA GLY B 87 -1.09 11.60 2.28
C GLY B 87 -2.27 11.45 1.29
N GLU B 88 -2.12 10.61 0.26
CA GLU B 88 -3.22 10.12 -0.58
C GLU B 88 -4.11 9.17 0.23
N LEU B 89 -3.65 8.76 1.44
CA LEU B 89 -4.30 8.01 2.52
C LEU B 89 -4.28 6.50 2.21
N VAL B 90 -4.57 6.22 0.95
CA VAL B 90 -4.50 5.00 0.15
C VAL B 90 -5.38 5.10 -1.10
N GLN B 91 -6.44 5.92 -1.03
CA GLN B 91 -7.44 6.17 -2.07
C GLN B 91 -8.52 5.07 -2.14
N VAL B 92 -8.33 3.93 -1.48
CA VAL B 92 -9.13 2.69 -1.65
C VAL B 92 -10.45 2.69 -0.91
N VAL B 93 -11.22 3.56 -1.52
CA VAL B 93 -12.46 4.17 -1.19
C VAL B 93 -12.66 4.46 0.32
N LEU B 94 -11.54 4.66 1.05
CA LEU B 94 -11.44 4.74 2.51
C LEU B 94 -11.56 3.33 3.15
N ALA B 95 -10.53 2.48 2.98
CA ALA B 95 -10.43 1.22 3.70
C ALA B 95 -10.40 1.43 5.23
N VAL B 96 -11.57 1.23 5.86
CA VAL B 96 -11.78 1.33 7.32
C VAL B 96 -11.00 0.24 8.07
N ASP B 97 -10.76 0.45 9.36
CA ASP B 97 -10.05 -0.43 10.31
C ASP B 97 -10.80 -1.74 10.70
N THR B 98 -11.92 -2.10 10.05
CA THR B 98 -12.82 -3.16 10.54
C THR B 98 -12.38 -4.60 10.28
N ASP B 99 -12.88 -5.48 11.14
CA ASP B 99 -12.69 -6.93 11.22
C ASP B 99 -13.24 -7.77 10.04
N GLN B 100 -13.81 -7.13 9.02
CA GLN B 100 -14.59 -7.84 8.01
C GLN B 100 -13.77 -8.78 7.08
N PRO B 101 -14.34 -9.96 6.72
CA PRO B 101 -13.78 -10.94 5.78
C PRO B 101 -13.91 -10.46 4.32
N CYS B 102 -13.60 -11.33 3.35
CA CYS B 102 -13.62 -10.98 1.94
C CYS B 102 -15.01 -10.50 1.47
N VAL B 103 -15.04 -9.60 0.49
CA VAL B 103 -16.27 -8.86 0.13
C VAL B 103 -17.40 -9.77 -0.39
N ALA B 104 -17.07 -10.96 -0.93
CA ALA B 104 -18.02 -11.95 -1.42
C ALA B 104 -18.46 -12.96 -0.33
N GLU B 105 -18.77 -12.44 0.86
CA GLU B 105 -19.08 -13.19 2.08
C GLU B 105 -20.19 -12.47 2.90
N ARG B 106 -20.87 -13.21 3.78
CA ARG B 106 -21.97 -12.76 4.64
C ARG B 106 -21.48 -11.94 5.85
CD CD C . -11.79 -11.04 -2.24
CD CD D . 12.82 -1.63 10.32
N ALA A 10 -10.65 -3.40 5.03
CA ALA A 10 -9.69 -4.47 5.36
C ALA A 10 -8.22 -4.12 5.69
N LEU A 11 -7.91 -2.96 6.30
CA LEU A 11 -6.57 -2.44 6.69
C LEU A 11 -5.35 -3.31 6.30
N ALA A 12 -4.89 -4.20 7.17
CA ALA A 12 -3.61 -4.90 7.00
C ALA A 12 -3.70 -5.98 5.92
N ARG A 13 -4.85 -6.67 5.82
CA ARG A 13 -5.12 -7.56 4.68
C ARG A 13 -5.06 -6.77 3.36
N LEU A 14 -5.72 -5.61 3.23
CA LEU A 14 -5.76 -4.78 2.02
C LEU A 14 -4.36 -4.36 1.60
N GLY A 15 -3.54 -3.81 2.51
CA GLY A 15 -2.16 -3.43 2.17
C GLY A 15 -1.33 -4.63 1.69
N ARG A 16 -1.53 -5.80 2.30
CA ARG A 16 -0.89 -7.08 1.93
C ARG A 16 -1.66 -7.87 0.85
N ALA A 17 -2.65 -7.24 0.22
CA ALA A 17 -3.38 -7.68 -0.96
C ALA A 17 -3.21 -6.68 -2.13
N LEU A 18 -2.50 -5.56 -1.93
CA LEU A 18 -2.01 -4.71 -3.03
C LEU A 18 -0.51 -4.91 -3.21
N ALA A 19 0.24 -5.12 -2.13
CA ALA A 19 1.62 -5.57 -2.17
C ALA A 19 1.64 -7.06 -2.51
N ASP A 20 1.61 -7.34 -3.81
CA ASP A 20 1.49 -8.65 -4.44
C ASP A 20 2.57 -8.85 -5.51
N PRO A 21 2.92 -10.10 -5.85
CA PRO A 21 4.00 -10.45 -6.76
C PRO A 21 3.54 -10.23 -8.21
N THR A 22 3.60 -11.28 -9.03
CA THR A 22 3.01 -11.31 -10.38
C THR A 22 1.50 -11.02 -10.38
N ARG A 23 0.83 -11.14 -9.23
CA ARG A 23 -0.57 -10.72 -9.09
C ARG A 23 -0.73 -9.18 -9.03
N CYS A 24 0.33 -8.40 -8.73
CA CYS A 24 0.36 -6.94 -8.93
C CYS A 24 0.76 -6.59 -10.37
N ARG A 25 1.58 -7.43 -11.04
CA ARG A 25 1.82 -7.31 -12.48
C ARG A 25 0.47 -7.36 -13.24
N ILE A 26 -0.46 -8.26 -12.85
CA ILE A 26 -1.87 -8.23 -13.34
C ILE A 26 -2.53 -6.86 -13.15
N LEU A 27 -2.46 -6.30 -11.93
CA LEU A 27 -3.10 -5.01 -11.60
C LEU A 27 -2.55 -3.83 -12.41
N VAL A 28 -1.24 -3.77 -12.65
CA VAL A 28 -0.64 -2.71 -13.51
C VAL A 28 -0.82 -2.96 -15.02
N ALA A 29 -0.91 -4.23 -15.45
CA ALA A 29 -1.31 -4.63 -16.81
C ALA A 29 -2.83 -4.54 -17.05
N LEU A 30 -3.57 -4.07 -16.05
CA LEU A 30 -4.97 -3.69 -16.15
C LEU A 30 -5.04 -2.26 -16.68
N LEU A 31 -4.30 -1.39 -15.99
CA LEU A 31 -4.09 0.04 -16.24
C LEU A 31 -3.73 0.33 -17.70
N ASP A 32 -2.69 -0.37 -18.20
CA ASP A 32 -2.23 -0.36 -19.60
C ASP A 32 -2.92 -1.48 -20.43
N GLY A 33 -4.20 -1.72 -20.15
CA GLY A 33 -5.01 -2.82 -20.69
C GLY A 33 -6.47 -2.45 -20.88
N VAL A 34 -7.30 -2.75 -19.86
CA VAL A 34 -8.79 -2.67 -19.87
C VAL A 34 -9.49 -3.12 -21.17
N CYS A 35 -8.87 -4.04 -21.90
CA CYS A 35 -9.34 -4.70 -23.11
C CYS A 35 -10.54 -5.63 -22.88
N TYR A 36 -10.27 -6.92 -22.59
CA TYR A 36 -11.24 -8.02 -22.48
C TYR A 36 -10.85 -8.98 -21.33
N PRO A 37 -11.79 -9.58 -20.57
CA PRO A 37 -11.47 -10.40 -19.40
C PRO A 37 -10.66 -11.64 -19.80
N GLY A 38 -9.60 -11.94 -19.03
CA GLY A 38 -8.68 -13.03 -19.34
C GLY A 38 -7.67 -12.72 -20.46
N GLN A 39 -7.75 -11.54 -21.12
CA GLN A 39 -6.76 -11.17 -22.14
C GLN A 39 -5.39 -10.87 -21.56
N LEU A 40 -5.28 -10.61 -20.23
CA LEU A 40 -3.99 -10.49 -19.53
C LEU A 40 -3.08 -11.68 -19.84
N ALA A 41 -3.63 -12.83 -20.25
CA ALA A 41 -2.87 -14.01 -20.60
C ALA A 41 -1.97 -13.83 -21.82
N ALA A 42 -2.37 -13.00 -22.80
CA ALA A 42 -1.52 -12.57 -23.90
C ALA A 42 -0.56 -11.46 -23.42
N HIS A 43 -1.08 -10.49 -22.67
CA HIS A 43 -0.34 -9.31 -22.19
C HIS A 43 0.83 -9.65 -21.22
N LEU A 44 0.69 -10.73 -20.45
CA LEU A 44 1.70 -11.27 -19.52
C LEU A 44 2.46 -12.49 -20.08
N GLY A 45 1.98 -13.11 -21.16
CA GLY A 45 2.48 -14.39 -21.68
C GLY A 45 2.16 -15.61 -20.79
N LEU A 46 1.45 -15.40 -19.66
CA LEU A 46 1.06 -16.45 -18.71
C LEU A 46 -0.29 -17.03 -19.11
N THR A 47 -0.46 -18.36 -19.06
CA THR A 47 -1.63 -19.03 -19.65
C THR A 47 -2.96 -18.57 -19.08
N ARG A 48 -4.03 -18.80 -19.85
CA ARG A 48 -5.41 -18.49 -19.44
C ARG A 48 -5.77 -19.15 -18.10
N SER A 49 -5.20 -20.29 -17.75
CA SER A 49 -5.30 -20.87 -16.40
C SER A 49 -4.53 -20.02 -15.37
N ASN A 50 -3.22 -19.82 -15.56
CA ASN A 50 -2.38 -19.05 -14.63
C ASN A 50 -2.92 -17.64 -14.37
N VAL A 51 -3.41 -16.93 -15.38
CA VAL A 51 -4.01 -15.59 -15.21
C VAL A 51 -5.38 -15.66 -14.52
N SER A 52 -6.17 -16.72 -14.73
CA SER A 52 -7.47 -16.86 -14.07
C SER A 52 -7.34 -17.12 -12.57
N ASN A 53 -6.30 -17.83 -12.13
CA ASN A 53 -5.94 -17.95 -10.71
C ASN A 53 -5.75 -16.57 -10.05
N HIS A 54 -4.98 -15.68 -10.69
CA HIS A 54 -4.77 -14.32 -10.18
C HIS A 54 -6.07 -13.51 -10.13
N LEU A 55 -6.93 -13.64 -11.16
CA LEU A 55 -8.22 -12.94 -11.29
C LEU A 55 -9.33 -13.52 -10.40
N SER A 56 -9.21 -14.73 -9.88
CA SER A 56 -10.24 -15.31 -9.01
C SER A 56 -10.37 -14.56 -7.68
N CYS A 57 -9.25 -14.17 -7.06
CA CYS A 57 -9.22 -13.25 -5.93
C CYS A 57 -9.66 -11.83 -6.37
N LEU A 58 -9.06 -11.37 -7.46
CA LEU A 58 -9.13 -9.99 -7.94
C LEU A 58 -10.53 -9.51 -8.32
N ARG A 59 -11.34 -10.40 -8.92
CA ARG A 59 -12.76 -10.15 -9.22
C ARG A 59 -13.73 -10.54 -8.11
N GLY A 60 -13.24 -10.90 -6.93
CA GLY A 60 -14.04 -11.14 -5.71
C GLY A 60 -13.84 -10.03 -4.68
N CYS A 61 -12.58 -9.80 -4.33
CA CYS A 61 -12.07 -8.81 -3.40
C CYS A 61 -12.07 -7.37 -3.98
N GLY A 62 -12.83 -7.20 -5.08
CA GLY A 62 -13.19 -5.95 -5.74
C GLY A 62 -12.10 -5.24 -6.53
N LEU A 63 -10.84 -5.70 -6.48
CA LEU A 63 -9.69 -5.02 -7.07
C LEU A 63 -9.80 -4.82 -8.59
N VAL A 64 -10.48 -5.72 -9.30
CA VAL A 64 -10.86 -5.60 -10.72
C VAL A 64 -12.28 -6.11 -10.95
N VAL A 65 -12.99 -5.58 -11.93
CA VAL A 65 -14.34 -6.06 -12.30
C VAL A 65 -14.65 -5.87 -13.80
N ALA A 66 -15.39 -6.82 -14.38
CA ALA A 66 -15.82 -6.80 -15.78
C ALA A 66 -17.01 -5.87 -16.04
N THR A 67 -16.94 -5.20 -17.18
CA THR A 67 -17.80 -4.08 -17.58
C THR A 67 -18.04 -4.21 -19.07
N TYR A 68 -19.25 -4.08 -19.60
CA TYR A 68 -19.44 -4.06 -21.05
C TYR A 68 -18.71 -2.86 -21.69
N GLU A 69 -17.86 -3.09 -22.70
CA GLU A 69 -17.21 -2.02 -23.46
C GLU A 69 -18.13 -1.53 -24.61
N GLY A 70 -17.64 -1.35 -25.83
CA GLY A 70 -18.47 -0.96 -26.99
C GLY A 70 -19.37 -2.09 -27.49
N ARG A 71 -18.90 -3.34 -27.50
CA ARG A 71 -19.68 -4.51 -27.98
C ARG A 71 -19.27 -5.86 -27.38
N GLN A 72 -18.16 -5.92 -26.65
CA GLN A 72 -17.67 -7.02 -25.84
C GLN A 72 -17.76 -6.61 -24.37
N VAL A 73 -17.23 -7.44 -23.49
CA VAL A 73 -16.97 -7.10 -22.09
C VAL A 73 -15.47 -6.87 -21.91
N ARG A 74 -15.15 -5.94 -21.01
CA ARG A 74 -13.81 -5.61 -20.52
C ARG A 74 -13.68 -6.04 -19.07
N TYR A 75 -12.68 -5.49 -18.40
CA TYR A 75 -12.23 -5.84 -17.06
C TYR A 75 -11.42 -4.63 -16.55
N ALA A 76 -12.07 -3.76 -15.78
CA ALA A 76 -11.52 -2.52 -15.23
C ALA A 76 -10.97 -2.74 -13.81
N LEU A 77 -10.02 -1.89 -13.36
CA LEU A 77 -9.63 -1.79 -11.96
C LEU A 77 -10.86 -1.30 -11.16
N ALA A 78 -10.86 -1.53 -9.84
CA ALA A 78 -11.97 -1.16 -8.94
C ALA A 78 -12.59 0.22 -9.23
N ASP A 79 -11.73 1.23 -9.39
CA ASP A 79 -12.07 2.61 -9.74
C ASP A 79 -10.78 3.36 -10.09
N SER A 80 -10.98 4.58 -10.58
CA SER A 80 -10.03 5.69 -10.70
C SER A 80 -9.02 5.68 -9.54
N HIS A 81 -9.48 5.33 -8.32
CA HIS A 81 -8.71 5.02 -7.11
C HIS A 81 -7.43 4.25 -7.39
N LEU A 82 -7.56 2.98 -7.82
CA LEU A 82 -6.43 2.08 -7.98
C LEU A 82 -5.68 2.39 -9.28
N ALA A 83 -6.40 2.78 -10.35
CA ALA A 83 -5.78 3.30 -11.57
C ALA A 83 -4.85 4.50 -11.29
N ARG A 84 -5.19 5.35 -10.31
CA ARG A 84 -4.38 6.51 -9.93
C ARG A 84 -3.25 6.12 -8.97
N ALA A 85 -3.55 5.56 -7.79
CA ALA A 85 -2.53 5.23 -6.78
C ALA A 85 -1.51 4.16 -7.23
N LEU A 86 -1.91 3.21 -8.09
CA LEU A 86 -0.98 2.29 -8.75
C LEU A 86 -0.23 3.00 -9.89
N GLY A 87 -0.89 3.91 -10.61
CA GLY A 87 -0.39 4.59 -11.82
C GLY A 87 0.73 5.61 -11.54
N GLU A 88 0.60 6.44 -10.49
CA GLU A 88 1.70 7.28 -10.01
C GLU A 88 2.73 6.49 -9.20
N LEU A 89 2.27 5.36 -8.63
CA LEU A 89 3.00 4.25 -8.03
C LEU A 89 3.46 4.52 -6.60
N VAL A 90 3.47 3.44 -5.81
CA VAL A 90 3.82 3.33 -4.36
C VAL A 90 5.14 3.99 -3.92
N GLN A 91 5.95 4.47 -4.85
CA GLN A 91 7.16 5.25 -4.67
C GLN A 91 8.34 4.40 -4.20
N VAL A 92 8.14 3.51 -3.23
CA VAL A 92 9.03 2.68 -2.39
C VAL A 92 10.12 1.82 -3.09
N VAL A 93 10.79 2.45 -4.04
CA VAL A 93 11.76 1.91 -5.00
C VAL A 93 11.17 0.79 -5.88
N LEU A 94 9.83 0.62 -5.82
CA LEU A 94 9.04 -0.52 -6.31
C LEU A 94 9.28 -1.66 -5.29
N ALA A 95 8.23 -2.07 -4.57
CA ALA A 95 8.33 -3.10 -3.53
C ALA A 95 8.66 -4.50 -4.11
N VAL A 96 9.93 -4.73 -4.45
CA VAL A 96 10.43 -5.96 -5.11
C VAL A 96 10.16 -7.26 -4.34
N ASP A 97 9.82 -8.31 -5.10
CA ASP A 97 9.66 -9.71 -4.67
C ASP A 97 10.91 -10.18 -3.89
N THR A 98 10.79 -10.26 -2.56
CA THR A 98 11.92 -10.46 -1.62
C THR A 98 11.46 -11.15 -0.35
N ASP A 99 10.73 -10.41 0.48
CA ASP A 99 10.02 -10.86 1.69
C ASP A 99 10.95 -11.38 2.78
N GLN A 100 12.04 -10.63 2.96
CA GLN A 100 12.92 -10.78 4.09
C GLN A 100 12.21 -10.39 5.40
N PRO A 101 12.69 -10.88 6.56
CA PRO A 101 12.24 -10.43 7.87
C PRO A 101 12.50 -8.93 8.06
N CYS A 102 11.81 -8.34 9.04
CA CYS A 102 11.91 -6.92 9.33
C CYS A 102 13.36 -6.53 9.70
N VAL A 103 13.77 -5.32 9.32
CA VAL A 103 15.15 -4.82 9.45
C VAL A 103 15.71 -4.95 10.89
N ALA A 104 14.84 -4.90 11.90
CA ALA A 104 15.20 -5.01 13.31
C ALA A 104 15.10 -6.43 13.92
N GLU A 105 14.40 -7.38 13.29
CA GLU A 105 14.21 -8.77 13.74
C GLU A 105 15.05 -9.74 12.88
N ARG A 106 14.59 -10.95 12.53
CA ARG A 106 15.33 -12.06 11.85
C ARG A 106 14.59 -13.42 11.78
N ALA B 10 11.13 -5.03 0.28
CA ALA B 10 10.38 -5.90 1.22
C ALA B 10 8.91 -6.25 0.87
N LEU B 11 8.58 -6.45 -0.42
CA LEU B 11 7.22 -6.69 -0.99
C LEU B 11 6.05 -6.77 0.01
N ALA B 12 5.63 -7.97 0.42
CA ALA B 12 4.39 -8.17 1.17
C ALA B 12 4.56 -7.71 2.62
N ARG B 13 5.76 -7.85 3.21
CA ARG B 13 6.07 -7.22 4.51
C ARG B 13 5.81 -5.71 4.45
N LEU B 14 6.28 -5.00 3.42
CA LEU B 14 6.12 -3.55 3.24
C LEU B 14 4.64 -3.16 3.23
N GLY B 15 3.79 -3.83 2.45
CA GLY B 15 2.35 -3.53 2.44
C GLY B 15 1.71 -3.70 3.82
N ARG B 16 2.22 -4.65 4.63
CA ARG B 16 1.81 -4.88 6.03
C ARG B 16 2.61 -4.10 7.07
N ALA B 17 3.53 -3.23 6.67
CA ALA B 17 4.30 -2.28 7.49
C ALA B 17 3.81 -0.83 7.28
N LEU B 18 3.08 -0.58 6.19
CA LEU B 18 2.34 0.68 5.99
C LEU B 18 0.89 0.54 6.47
N ALA B 19 0.21 -0.56 6.13
CA ALA B 19 -1.10 -0.88 6.66
C ALA B 19 -1.01 -1.50 8.06
N ASP B 20 -0.64 -0.66 9.02
CA ASP B 20 -0.52 -0.93 10.46
C ASP B 20 -1.36 0.17 11.17
N PRO B 21 -2.23 -0.17 12.15
CA PRO B 21 -3.30 0.69 12.71
C PRO B 21 -2.84 2.08 13.21
N THR B 22 -2.55 2.20 14.51
CA THR B 22 -2.07 3.41 15.17
C THR B 22 -0.78 3.93 14.53
N ARG B 23 -0.02 3.04 13.90
CA ARG B 23 1.23 3.36 13.22
C ARG B 23 1.04 4.11 11.90
N CYS B 24 0.01 3.83 11.10
CA CYS B 24 -0.36 4.69 9.96
C CYS B 24 -0.76 6.09 10.46
N ARG B 25 -1.43 6.13 11.62
CA ARG B 25 -1.70 7.37 12.37
C ARG B 25 -0.41 8.07 12.83
N ILE B 26 0.62 7.36 13.32
CA ILE B 26 1.97 7.93 13.58
C ILE B 26 2.60 8.47 12.30
N LEU B 27 2.60 7.70 11.21
CA LEU B 27 3.19 8.10 9.93
C LEU B 27 2.52 9.34 9.34
N VAL B 28 1.19 9.47 9.41
CA VAL B 28 0.49 10.67 8.92
C VAL B 28 0.58 11.90 9.86
N ALA B 29 0.72 11.68 11.18
CA ALA B 29 1.02 12.75 12.15
C ALA B 29 2.51 13.13 12.19
N LEU B 30 3.37 12.32 11.57
CA LEU B 30 4.77 12.64 11.33
C LEU B 30 4.85 13.75 10.29
N LEU B 31 4.18 13.51 9.15
CA LEU B 31 3.95 14.44 8.03
C LEU B 31 3.60 15.85 8.52
N ASP B 32 2.44 15.98 9.17
CA ASP B 32 1.90 17.21 9.78
C ASP B 32 2.53 17.50 11.16
N GLY B 33 3.79 17.13 11.35
CA GLY B 33 4.53 17.20 12.62
C GLY B 33 6.00 17.56 12.47
N VAL B 34 6.83 16.58 12.13
CA VAL B 34 8.32 16.64 12.02
C VAL B 34 9.10 17.51 13.04
N CYS B 35 8.58 17.82 14.23
CA CYS B 35 9.31 18.63 15.21
C CYS B 35 10.42 17.87 15.92
N TYR B 36 10.07 16.91 16.79
CA TYR B 36 11.00 16.27 17.73
C TYR B 36 10.70 14.77 17.94
N PRO B 37 11.65 13.93 18.41
CA PRO B 37 11.41 12.53 18.77
C PRO B 37 10.39 12.40 19.90
N GLY B 38 9.48 11.43 19.78
CA GLY B 38 8.46 11.15 20.80
C GLY B 38 7.43 12.26 20.99
N GLN B 39 7.50 13.37 20.24
CA GLN B 39 6.59 14.50 20.37
C GLN B 39 5.19 14.13 19.91
N LEU B 40 5.06 13.17 18.97
CA LEU B 40 3.79 12.66 18.47
C LEU B 40 2.89 12.12 19.59
N ALA B 41 3.43 11.87 20.79
CA ALA B 41 2.64 11.54 21.97
C ALA B 41 1.58 12.62 22.28
N ALA B 42 1.94 13.91 22.24
CA ALA B 42 0.96 14.99 22.40
C ALA B 42 0.03 15.08 21.19
N HIS B 43 0.59 14.95 19.98
CA HIS B 43 -0.13 15.05 18.70
C HIS B 43 -1.21 13.97 18.50
N LEU B 44 -0.99 12.77 19.07
CA LEU B 44 -1.92 11.64 19.07
C LEU B 44 -2.72 11.52 20.38
N GLY B 45 -2.37 12.26 21.44
CA GLY B 45 -2.89 12.07 22.79
C GLY B 45 -2.44 10.76 23.46
N LEU B 46 -1.50 10.02 22.84
CA LEU B 46 -1.01 8.73 23.34
C LEU B 46 0.17 8.91 24.30
N THR B 47 0.50 7.87 25.09
CA THR B 47 1.69 7.94 25.96
C THR B 47 2.96 7.88 25.12
N ARG B 48 4.04 8.44 25.67
CA ARG B 48 5.38 8.35 25.11
C ARG B 48 5.75 6.87 24.89
N SER B 49 5.40 5.97 25.82
CA SER B 49 5.57 4.52 25.67
C SER B 49 4.81 3.95 24.46
N ASN B 50 3.52 4.28 24.30
CA ASN B 50 2.74 3.81 23.16
C ASN B 50 3.34 4.32 21.83
N VAL B 51 3.67 5.61 21.74
CA VAL B 51 4.24 6.17 20.50
C VAL B 51 5.63 5.59 20.21
N SER B 52 6.46 5.34 21.22
CA SER B 52 7.73 4.62 21.04
C SER B 52 7.53 3.21 20.47
N ASN B 53 6.54 2.45 20.96
CA ASN B 53 6.22 1.12 20.43
C ASN B 53 5.93 1.18 18.93
N HIS B 54 5.10 2.13 18.49
CA HIS B 54 4.81 2.32 17.06
C HIS B 54 6.05 2.78 16.27
N LEU B 55 6.86 3.69 16.84
CA LEU B 55 8.12 4.14 16.24
C LEU B 55 9.21 3.05 16.22
N SER B 56 9.10 1.98 17.01
CA SER B 56 10.09 0.89 17.08
C SER B 56 10.27 0.20 15.72
N CYS B 57 9.18 -0.28 15.10
CA CYS B 57 9.25 -0.83 13.75
C CYS B 57 9.62 0.26 12.74
N LEU B 58 8.98 1.42 12.86
CA LEU B 58 9.05 2.55 11.94
C LEU B 58 10.48 3.05 11.68
N ARG B 59 11.31 3.12 12.74
CA ARG B 59 12.72 3.49 12.67
C ARG B 59 13.65 2.32 12.28
N GLY B 60 13.16 1.07 12.28
CA GLY B 60 13.87 -0.10 11.74
C GLY B 60 13.64 -0.23 10.24
N CYS B 61 12.38 -0.27 9.82
CA CYS B 61 11.93 -0.28 8.42
C CYS B 61 12.39 0.94 7.58
N GLY B 62 13.04 1.92 8.22
CA GLY B 62 13.47 3.19 7.59
C GLY B 62 12.33 4.16 7.32
N LEU B 63 11.07 3.79 7.62
CA LEU B 63 9.85 4.57 7.36
C LEU B 63 9.86 5.95 8.03
N VAL B 64 10.62 6.08 9.12
CA VAL B 64 11.00 7.33 9.81
C VAL B 64 12.50 7.34 10.10
N VAL B 65 13.11 8.52 9.99
CA VAL B 65 14.56 8.75 10.07
C VAL B 65 14.84 10.08 10.79
N ALA B 66 15.85 10.11 11.66
CA ALA B 66 16.25 11.32 12.39
C ALA B 66 16.96 12.37 11.53
N THR B 67 16.86 13.64 11.92
CA THR B 67 17.46 14.79 11.24
C THR B 67 17.50 15.97 12.22
N TYR B 68 18.57 16.77 12.24
CA TYR B 68 18.56 18.04 12.98
C TYR B 68 17.64 19.05 12.28
N GLU B 69 16.62 19.61 12.94
CA GLU B 69 15.73 20.59 12.30
C GLU B 69 16.47 21.92 12.07
N GLY B 70 16.68 22.71 13.11
CA GLY B 70 17.54 23.90 13.17
C GLY B 70 18.29 24.06 14.50
N ARG B 71 17.71 23.57 15.61
CA ARG B 71 18.30 23.61 16.97
C ARG B 71 17.93 22.37 17.83
N GLN B 72 17.01 21.53 17.39
CA GLN B 72 16.67 20.23 17.95
C GLN B 72 16.95 19.14 16.90
N VAL B 73 16.84 17.89 17.33
CA VAL B 73 16.75 16.73 16.44
C VAL B 73 15.27 16.36 16.30
N ARG B 74 14.89 15.90 15.12
CA ARG B 74 13.53 15.55 14.71
C ARG B 74 13.50 14.12 14.17
N TYR B 75 12.31 13.66 13.85
CA TYR B 75 12.11 12.46 13.02
C TYR B 75 11.30 12.90 11.80
N ALA B 76 11.91 12.77 10.62
CA ALA B 76 11.28 12.91 9.32
C ALA B 76 10.81 11.53 8.84
N LEU B 77 9.97 11.51 7.80
CA LEU B 77 9.64 10.30 7.06
C LEU B 77 10.88 9.81 6.29
N ALA B 78 10.83 8.58 5.77
CA ALA B 78 11.88 8.00 4.93
C ALA B 78 12.34 8.93 3.79
N ASP B 79 11.38 9.51 3.07
CA ASP B 79 11.56 10.42 1.93
C ASP B 79 10.18 10.91 1.46
N SER B 80 10.25 11.90 0.56
CA SER B 80 9.23 12.39 -0.35
C SER B 80 8.33 11.25 -0.86
N HIS B 81 8.92 10.06 -1.10
CA HIS B 81 8.30 8.78 -1.37
C HIS B 81 7.10 8.48 -0.47
N LEU B 82 7.29 8.23 0.82
CA LEU B 82 6.16 8.00 1.73
C LEU B 82 5.37 9.28 1.96
N ALA B 83 5.99 10.46 1.89
CA ALA B 83 5.30 11.71 2.17
C ALA B 83 4.22 12.01 1.12
N ARG B 84 4.46 11.62 -0.14
CA ARG B 84 3.50 11.66 -1.22
C ARG B 84 2.55 10.46 -1.12
N ALA B 85 3.06 9.21 -1.10
CA ALA B 85 2.24 7.97 -1.09
C ALA B 85 1.24 7.87 0.08
N LEU B 86 1.58 8.41 1.25
CA LEU B 86 0.64 8.56 2.37
C LEU B 86 -0.20 9.84 2.21
N GLY B 87 0.42 10.96 1.84
CA GLY B 87 -0.18 12.30 1.83
C GLY B 87 -1.28 12.51 0.77
N GLU B 88 -1.19 11.81 -0.36
CA GLU B 88 -2.26 11.70 -1.37
C GLU B 88 -3.30 10.63 -1.02
N LEU B 89 -2.85 9.65 -0.22
CA LEU B 89 -3.53 8.47 0.27
C LEU B 89 -3.78 7.42 -0.83
N VAL B 90 -3.64 6.15 -0.45
CA VAL B 90 -4.01 4.91 -1.19
C VAL B 90 -5.37 4.89 -1.91
N GLN B 91 -6.17 5.96 -1.79
CA GLN B 91 -7.43 6.24 -2.47
C GLN B 91 -8.60 5.37 -2.03
N VAL B 92 -8.36 4.14 -1.59
CA VAL B 92 -9.28 3.05 -1.19
C VAL B 92 -10.24 3.35 -0.01
N VAL B 93 -10.77 4.57 -0.02
CA VAL B 93 -11.67 5.20 0.97
C VAL B 93 -11.04 5.29 2.38
N LEU B 94 -9.72 5.05 2.45
CA LEU B 94 -8.91 4.81 3.65
C LEU B 94 -9.16 3.35 4.06
N ALA B 95 -8.14 2.50 3.96
CA ALA B 95 -8.24 1.10 4.42
C ALA B 95 -8.43 1.00 5.95
N VAL B 96 -9.67 1.18 6.41
CA VAL B 96 -10.09 1.21 7.83
C VAL B 96 -9.74 -0.05 8.63
N ASP B 97 -9.45 0.16 9.93
CA ASP B 97 -9.28 -0.87 10.97
C ASP B 97 -10.48 -1.84 10.97
N THR B 98 -10.27 -3.08 10.51
CA THR B 98 -11.34 -4.07 10.28
C THR B 98 -10.74 -5.47 10.28
N ASP B 99 -10.02 -5.80 9.21
CA ASP B 99 -9.15 -6.98 9.08
C ASP B 99 -9.93 -8.30 9.02
N GLN B 100 -11.09 -8.22 8.37
CA GLN B 100 -11.86 -9.39 8.00
C GLN B 100 -11.07 -10.29 7.02
N PRO B 101 -11.50 -11.55 6.81
CA PRO B 101 -10.99 -12.41 5.74
C PRO B 101 -11.21 -11.81 4.36
N CYS B 102 -10.46 -12.31 3.37
CA CYS B 102 -10.58 -11.90 1.98
C CYS B 102 -11.95 -12.36 1.42
N VAL B 103 -12.50 -11.65 0.44
CA VAL B 103 -13.90 -11.86 0.00
C VAL B 103 -14.10 -13.26 -0.62
N ALA B 104 -13.11 -13.71 -1.39
CA ALA B 104 -13.08 -15.05 -1.99
C ALA B 104 -12.88 -16.20 -0.98
N GLU B 105 -12.48 -15.92 0.28
CA GLU B 105 -12.18 -16.90 1.34
C GLU B 105 -12.94 -16.59 2.66
N ARG B 106 -12.45 -17.02 3.83
CA ARG B 106 -13.17 -17.03 5.13
C ARG B 106 -12.35 -17.55 6.33
CD CD C . -8.94 -12.41 -2.18
CD CD D . 9.95 -3.10 10.84
N ALA A 10 -11.21 -5.75 6.13
CA ALA A 10 -9.86 -5.28 6.42
C ALA A 10 -9.26 -4.41 5.31
N LEU A 11 -9.01 -3.15 5.61
CA LEU A 11 -8.21 -2.29 4.74
C LEU A 11 -6.72 -2.71 4.77
N ALA A 12 -6.29 -3.45 5.80
CA ALA A 12 -4.97 -4.11 5.80
C ALA A 12 -4.81 -5.19 4.71
N ARG A 13 -5.84 -6.03 4.49
CA ARG A 13 -5.86 -7.01 3.38
C ARG A 13 -5.75 -6.28 2.02
N LEU A 14 -6.50 -5.17 1.86
CA LEU A 14 -6.49 -4.27 0.69
C LEU A 14 -5.10 -3.66 0.41
N GLY A 15 -4.36 -3.22 1.43
CA GLY A 15 -3.00 -2.68 1.27
C GLY A 15 -2.00 -3.72 0.78
N ARG A 16 -2.21 -5.00 1.14
CA ARG A 16 -1.45 -6.12 0.57
C ARG A 16 -1.89 -6.40 -0.87
N ALA A 17 -3.20 -6.35 -1.15
CA ALA A 17 -3.75 -6.53 -2.49
C ALA A 17 -3.18 -5.55 -3.52
N LEU A 18 -2.86 -4.33 -3.09
CA LEU A 18 -2.16 -3.33 -3.90
C LEU A 18 -0.66 -3.63 -4.05
N ALA A 19 0.04 -4.01 -2.98
CA ALA A 19 1.50 -4.22 -2.99
C ALA A 19 1.98 -5.63 -3.46
N ASP A 20 1.08 -6.61 -3.53
CA ASP A 20 1.36 -8.03 -3.76
C ASP A 20 2.27 -8.33 -4.97
N PRO A 21 3.06 -9.41 -4.90
CA PRO A 21 4.08 -9.80 -5.87
C PRO A 21 3.55 -9.79 -7.31
N THR A 22 2.60 -10.69 -7.59
CA THR A 22 1.91 -10.75 -8.88
C THR A 22 0.78 -9.74 -8.96
N ARG A 23 0.09 -9.40 -7.86
CA ARG A 23 -1.12 -8.57 -7.94
C ARG A 23 -0.87 -7.08 -8.27
N CYS A 24 0.26 -6.51 -7.85
CA CYS A 24 0.71 -5.18 -8.27
C CYS A 24 0.94 -5.15 -9.79
N ARG A 25 1.70 -6.12 -10.29
CA ARG A 25 1.94 -6.34 -11.72
C ARG A 25 0.64 -6.55 -12.54
N ILE A 26 -0.28 -7.38 -12.03
CA ILE A 26 -1.66 -7.52 -12.57
C ILE A 26 -2.33 -6.16 -12.68
N LEU A 27 -2.36 -5.38 -11.60
CA LEU A 27 -2.96 -4.05 -11.62
C LEU A 27 -2.34 -3.15 -12.70
N VAL A 28 -1.01 -3.02 -12.75
CA VAL A 28 -0.37 -2.14 -13.77
C VAL A 28 -0.67 -2.59 -15.20
N ALA A 29 -0.70 -3.91 -15.43
CA ALA A 29 -1.05 -4.45 -16.73
C ALA A 29 -2.55 -4.35 -17.06
N LEU A 30 -3.44 -4.10 -16.08
CA LEU A 30 -4.84 -3.91 -16.37
C LEU A 30 -5.12 -2.56 -17.03
N LEU A 31 -4.47 -1.47 -16.56
CA LEU A 31 -4.54 -0.12 -17.13
C LEU A 31 -4.27 -0.15 -18.65
N ASP A 32 -3.23 -0.86 -19.10
CA ASP A 32 -2.85 -1.07 -20.51
C ASP A 32 -3.57 -2.28 -21.17
N GLY A 33 -4.61 -2.81 -20.51
CA GLY A 33 -5.36 -4.02 -20.88
C GLY A 33 -6.87 -3.81 -20.99
N VAL A 34 -7.57 -4.06 -19.88
CA VAL A 34 -9.04 -4.20 -19.77
C VAL A 34 -9.72 -4.87 -20.97
N CYS A 35 -9.08 -5.93 -21.50
CA CYS A 35 -9.60 -6.75 -22.58
C CYS A 35 -10.48 -7.87 -22.04
N TYR A 36 -10.01 -9.12 -21.96
CA TYR A 36 -10.88 -10.27 -21.64
C TYR A 36 -10.58 -10.93 -20.26
N PRO A 37 -11.42 -11.84 -19.75
CA PRO A 37 -11.22 -12.42 -18.42
C PRO A 37 -9.96 -13.31 -18.42
N GLY A 38 -8.93 -12.86 -17.71
CA GLY A 38 -7.63 -13.53 -17.67
C GLY A 38 -6.66 -13.10 -18.77
N GLN A 39 -6.99 -12.08 -19.58
CA GLN A 39 -6.15 -11.53 -20.66
C GLN A 39 -4.76 -11.06 -20.22
N LEU A 40 -4.59 -10.76 -18.93
CA LEU A 40 -3.29 -10.40 -18.37
C LEU A 40 -2.28 -11.53 -18.46
N ALA A 41 -2.71 -12.77 -18.69
CA ALA A 41 -1.82 -13.90 -18.94
C ALA A 41 -0.96 -13.71 -20.20
N ALA A 42 -1.43 -12.92 -21.18
CA ALA A 42 -0.58 -12.51 -22.29
C ALA A 42 0.39 -11.40 -21.85
N HIS A 43 -0.14 -10.35 -21.20
CA HIS A 43 0.69 -9.24 -20.71
C HIS A 43 1.84 -9.65 -19.77
N LEU A 44 1.59 -10.63 -18.88
CA LEU A 44 2.51 -11.02 -17.82
C LEU A 44 3.34 -12.27 -18.17
N GLY A 45 2.90 -13.09 -19.13
CA GLY A 45 3.45 -14.44 -19.40
C GLY A 45 3.06 -15.47 -18.32
N LEU A 46 2.51 -15.01 -17.19
CA LEU A 46 2.00 -15.85 -16.11
C LEU A 46 0.69 -16.47 -16.57
N THR A 47 0.56 -17.80 -16.46
CA THR A 47 -0.62 -18.53 -16.93
C THR A 47 -1.91 -18.00 -16.30
N ARG A 48 -3.03 -18.21 -17.01
CA ARG A 48 -4.38 -17.89 -16.55
C ARG A 48 -4.72 -18.53 -15.19
N SER A 49 -3.98 -19.53 -14.73
CA SER A 49 -4.06 -20.04 -13.35
C SER A 49 -3.59 -18.94 -12.38
N ASN A 50 -2.29 -18.58 -12.38
CA ASN A 50 -1.76 -17.50 -11.54
C ASN A 50 -2.49 -16.17 -11.72
N VAL A 51 -2.82 -15.79 -12.96
CA VAL A 51 -3.59 -14.55 -13.24
C VAL A 51 -5.00 -14.63 -12.64
N SER A 52 -5.75 -15.73 -12.78
CA SER A 52 -7.09 -15.83 -12.18
C SER A 52 -7.05 -15.97 -10.65
N ASN A 53 -6.05 -16.69 -10.11
CA ASN A 53 -5.76 -16.82 -8.68
C ASN A 53 -5.58 -15.44 -8.05
N HIS A 54 -4.64 -14.64 -8.56
CA HIS A 54 -4.40 -13.30 -8.02
C HIS A 54 -5.48 -12.27 -8.36
N LEU A 55 -6.20 -12.40 -9.50
CA LEU A 55 -7.40 -11.57 -9.76
C LEU A 55 -8.51 -11.87 -8.75
N SER A 56 -8.68 -13.09 -8.26
CA SER A 56 -9.85 -13.44 -7.46
C SER A 56 -9.96 -12.64 -6.16
N CYS A 57 -8.88 -12.48 -5.39
CA CYS A 57 -8.89 -11.56 -4.25
C CYS A 57 -8.89 -10.08 -4.70
N LEU A 58 -8.47 -9.73 -5.92
CA LEU A 58 -8.60 -8.37 -6.49
C LEU A 58 -10.08 -8.03 -6.73
N ARG A 59 -10.88 -9.01 -7.17
CA ARG A 59 -12.34 -8.91 -7.32
C ARG A 59 -13.07 -8.95 -5.96
N GLY A 60 -12.38 -9.37 -4.90
CA GLY A 60 -12.92 -9.45 -3.54
C GLY A 60 -12.67 -8.15 -2.83
N CYS A 61 -11.40 -7.75 -2.71
CA CYS A 61 -10.88 -6.49 -2.21
C CYS A 61 -11.35 -5.23 -3.01
N GLY A 62 -12.33 -5.38 -3.91
CA GLY A 62 -13.00 -4.33 -4.68
C GLY A 62 -12.12 -3.52 -5.62
N LEU A 63 -10.92 -4.01 -5.94
CA LEU A 63 -9.96 -3.34 -6.82
C LEU A 63 -10.31 -3.51 -8.32
N VAL A 64 -11.00 -4.60 -8.66
CA VAL A 64 -11.46 -4.91 -10.03
C VAL A 64 -12.93 -5.33 -10.10
N VAL A 65 -13.58 -4.90 -11.18
CA VAL A 65 -15.01 -5.12 -11.50
C VAL A 65 -15.15 -5.64 -12.94
N ALA A 66 -16.05 -6.61 -13.16
CA ALA A 66 -16.43 -7.06 -14.50
C ALA A 66 -17.31 -6.05 -15.22
N THR A 67 -17.05 -5.83 -16.53
CA THR A 67 -17.93 -5.06 -17.40
C THR A 67 -18.11 -5.75 -18.73
N TYR A 68 -19.15 -5.37 -19.44
CA TYR A 68 -19.30 -5.69 -20.85
C TYR A 68 -18.29 -4.79 -21.60
N GLU A 69 -17.35 -5.35 -22.37
CA GLU A 69 -16.53 -4.52 -23.27
C GLU A 69 -17.29 -4.05 -24.51
N GLY A 70 -18.35 -4.78 -24.88
CA GLY A 70 -19.07 -4.66 -26.15
C GLY A 70 -18.95 -6.01 -26.85
N ARG A 71 -20.03 -6.78 -26.85
CA ARG A 71 -20.10 -8.20 -27.26
C ARG A 71 -19.52 -9.13 -26.18
N GLN A 72 -18.26 -8.95 -25.78
CA GLN A 72 -17.61 -9.80 -24.77
C GLN A 72 -17.64 -9.13 -23.38
N VAL A 73 -16.86 -9.68 -22.45
CA VAL A 73 -16.78 -9.27 -21.04
C VAL A 73 -15.30 -9.03 -20.68
N ARG A 74 -15.04 -8.11 -19.75
CA ARG A 74 -13.72 -7.70 -19.29
C ARG A 74 -13.67 -7.58 -17.78
N TYR A 75 -12.47 -7.43 -17.24
CA TYR A 75 -12.24 -6.96 -15.87
C TYR A 75 -11.59 -5.58 -15.98
N ALA A 76 -11.97 -4.64 -15.13
CA ALA A 76 -11.49 -3.28 -15.13
C ALA A 76 -11.27 -2.79 -13.70
N LEU A 77 -10.31 -1.87 -13.55
CA LEU A 77 -10.08 -1.13 -12.32
C LEU A 77 -11.43 -0.54 -11.85
N ALA A 78 -11.79 -0.74 -10.58
CA ALA A 78 -13.14 -0.40 -10.09
C ALA A 78 -13.47 1.10 -10.09
N ASP A 79 -12.45 1.98 -10.03
CA ASP A 79 -12.61 3.44 -10.01
C ASP A 79 -11.31 4.18 -10.40
N SER A 80 -11.52 5.41 -10.87
CA SER A 80 -10.54 6.47 -11.12
C SER A 80 -9.49 6.65 -10.02
N HIS A 81 -9.85 6.47 -8.73
CA HIS A 81 -8.90 6.54 -7.61
C HIS A 81 -7.78 5.52 -7.74
N LEU A 82 -8.08 4.28 -8.14
CA LEU A 82 -7.05 3.25 -8.31
C LEU A 82 -6.24 3.54 -9.56
N ALA A 83 -6.88 4.02 -10.64
CA ALA A 83 -6.20 4.34 -11.91
C ALA A 83 -5.13 5.41 -11.66
N ARG A 84 -5.47 6.40 -10.82
CA ARG A 84 -4.58 7.47 -10.36
C ARG A 84 -3.49 7.00 -9.38
N ALA A 85 -3.83 6.28 -8.30
CA ALA A 85 -2.85 5.80 -7.31
C ALA A 85 -1.82 4.85 -7.93
N LEU A 86 -2.30 3.90 -8.75
CA LEU A 86 -1.47 3.05 -9.58
C LEU A 86 -0.61 3.94 -10.48
N GLY A 87 -1.25 4.83 -11.26
CA GLY A 87 -0.67 5.59 -12.36
C GLY A 87 0.29 6.72 -11.94
N GLU A 88 0.26 7.19 -10.69
CA GLU A 88 1.29 8.07 -10.09
C GLU A 88 2.58 7.27 -9.79
N LEU A 89 2.42 5.94 -9.65
CA LEU A 89 3.38 4.94 -9.23
C LEU A 89 3.60 5.11 -7.72
N VAL A 90 3.26 4.08 -6.94
CA VAL A 90 3.15 4.11 -5.46
C VAL A 90 4.52 4.25 -4.76
N GLN A 91 5.55 4.71 -5.48
CA GLN A 91 6.36 5.86 -5.05
C GLN A 91 7.56 5.40 -4.21
N VAL A 92 7.49 4.19 -3.62
CA VAL A 92 8.60 3.41 -3.04
C VAL A 92 9.52 2.84 -4.13
N VAL A 93 9.76 3.68 -5.12
CA VAL A 93 10.47 3.45 -6.38
C VAL A 93 9.70 2.52 -7.35
N LEU A 94 8.87 1.63 -6.79
CA LEU A 94 8.13 0.48 -7.33
C LEU A 94 8.26 -0.62 -6.27
N ALA A 95 7.16 -0.99 -5.62
CA ALA A 95 7.09 -2.17 -4.77
C ALA A 95 7.51 -3.45 -5.52
N VAL A 96 8.71 -3.93 -5.18
CA VAL A 96 9.30 -5.24 -5.58
C VAL A 96 8.41 -6.41 -5.11
N ASP A 97 8.55 -7.58 -5.73
CA ASP A 97 7.80 -8.81 -5.45
C ASP A 97 8.38 -9.68 -4.32
N THR A 98 9.24 -9.12 -3.46
CA THR A 98 9.88 -9.85 -2.37
C THR A 98 8.92 -10.12 -1.21
N ASP A 99 8.36 -11.33 -1.22
CA ASP A 99 7.55 -11.93 -0.14
C ASP A 99 8.47 -12.69 0.86
N GLN A 100 9.52 -11.98 1.29
CA GLN A 100 10.67 -12.48 2.06
C GLN A 100 10.60 -12.08 3.56
N PRO A 101 11.63 -12.36 4.38
CA PRO A 101 11.79 -11.74 5.69
C PRO A 101 12.03 -10.23 5.56
N CYS A 102 11.60 -9.43 6.53
CA CYS A 102 11.58 -7.98 6.41
C CYS A 102 12.96 -7.34 6.20
N VAL A 103 12.90 -6.05 5.94
CA VAL A 103 14.04 -5.14 5.84
C VAL A 103 14.64 -4.85 7.24
N ALA A 104 13.89 -5.14 8.31
CA ALA A 104 14.40 -5.17 9.70
C ALA A 104 15.13 -6.49 10.02
N GLU A 105 14.79 -7.54 9.27
CA GLU A 105 15.40 -8.87 9.24
C GLU A 105 16.48 -8.81 8.12
N ARG A 106 16.40 -9.67 7.09
CA ARG A 106 17.07 -9.68 5.76
C ARG A 106 17.63 -11.04 5.32
N ALA B 10 12.22 -7.65 2.09
CA ALA B 10 10.80 -7.79 1.71
C ALA B 10 10.00 -6.51 1.51
N LEU B 11 9.44 -6.35 0.31
CA LEU B 11 8.45 -5.33 -0.02
C LEU B 11 7.00 -5.80 0.26
N ALA B 12 6.72 -7.09 0.41
CA ALA B 12 5.40 -7.54 0.88
C ALA B 12 5.06 -7.03 2.29
N ARG B 13 6.10 -6.82 3.12
CA ARG B 13 5.99 -6.15 4.42
C ARG B 13 5.60 -4.67 4.27
N LEU B 14 6.15 -3.97 3.26
CA LEU B 14 5.91 -2.55 2.99
C LEU B 14 4.42 -2.25 2.78
N GLY B 15 3.65 -3.08 2.07
CA GLY B 15 2.23 -2.79 1.82
C GLY B 15 1.39 -2.72 3.11
N ARG B 16 1.68 -3.57 4.10
CA ARG B 16 1.09 -3.45 5.44
C ARG B 16 1.80 -2.38 6.29
N ALA B 17 3.07 -2.04 6.04
CA ALA B 17 3.71 -0.89 6.68
C ALA B 17 3.02 0.43 6.36
N LEU B 18 2.47 0.56 5.14
CA LEU B 18 1.67 1.70 4.71
C LEU B 18 0.21 1.55 5.15
N ALA B 19 -0.40 0.37 5.05
CA ALA B 19 -1.74 0.07 5.56
C ALA B 19 -1.72 -0.69 6.91
N ASP B 20 -1.22 -0.03 7.95
CA ASP B 20 -1.15 -0.51 9.33
C ASP B 20 -1.93 0.46 10.24
N PRO B 21 -2.53 -0.03 11.34
CA PRO B 21 -3.44 0.73 12.20
C PRO B 21 -2.78 1.98 12.80
N THR B 22 -1.75 1.79 13.63
CA THR B 22 -0.98 2.90 14.18
C THR B 22 0.00 3.42 13.14
N ARG B 23 0.62 2.55 12.32
CA ARG B 23 1.73 2.95 11.45
C ARG B 23 1.33 3.93 10.34
N CYS B 24 0.14 3.79 9.72
CA CYS B 24 -0.38 4.79 8.78
C CYS B 24 -0.59 6.15 9.46
N ARG B 25 -1.28 6.13 10.61
CA ARG B 25 -1.46 7.29 11.49
C ARG B 25 -0.13 7.97 11.87
N ILE B 26 0.88 7.19 12.29
CA ILE B 26 2.28 7.66 12.50
C ILE B 26 2.79 8.39 11.27
N LEU B 27 2.72 7.77 10.09
CA LEU B 27 3.16 8.38 8.84
C LEU B 27 2.45 9.70 8.56
N VAL B 28 1.11 9.77 8.68
CA VAL B 28 0.37 11.03 8.42
C VAL B 28 0.74 12.15 9.42
N ALA B 29 0.91 11.80 10.70
CA ALA B 29 1.25 12.77 11.75
C ALA B 29 2.74 13.13 11.82
N LEU B 30 3.59 12.43 11.06
CA LEU B 30 4.99 12.82 10.86
C LEU B 30 5.13 14.08 10.03
N LEU B 31 4.39 14.14 8.93
CA LEU B 31 4.37 15.18 7.90
C LEU B 31 4.37 16.59 8.50
N ASP B 32 3.31 16.94 9.25
CA ASP B 32 3.07 18.27 9.87
C ASP B 32 3.53 18.32 11.35
N GLY B 33 4.22 17.27 11.79
CA GLY B 33 4.89 17.11 13.07
C GLY B 33 6.37 17.41 12.95
N VAL B 34 7.14 16.39 12.56
CA VAL B 34 8.61 16.35 12.60
C VAL B 34 9.21 17.12 13.78
N CYS B 35 8.60 16.90 14.94
CA CYS B 35 9.13 17.35 16.22
C CYS B 35 9.72 16.16 16.98
N TYR B 36 9.56 16.25 18.29
CA TYR B 36 10.35 15.49 19.25
C TYR B 36 10.21 13.96 19.26
N PRO B 37 11.13 13.22 19.93
CA PRO B 37 11.12 11.77 19.93
C PRO B 37 9.94 11.30 20.77
N GLY B 38 8.93 10.72 20.11
CA GLY B 38 7.66 10.39 20.76
C GLY B 38 6.65 11.53 20.84
N GLN B 39 6.85 12.65 20.11
CA GLN B 39 5.84 13.72 19.99
C GLN B 39 4.51 13.16 19.50
N LEU B 40 4.56 12.17 18.58
CA LEU B 40 3.40 11.52 17.99
C LEU B 40 2.45 10.91 19.01
N ALA B 41 2.86 10.72 20.27
CA ALA B 41 1.94 10.29 21.31
C ALA B 41 0.78 11.29 21.48
N ALA B 42 1.05 12.59 21.49
CA ALA B 42 0.04 13.64 21.55
C ALA B 42 -0.68 13.87 20.20
N HIS B 43 -0.04 13.53 19.06
CA HIS B 43 -0.72 13.56 17.77
C HIS B 43 -1.77 12.44 17.62
N LEU B 44 -1.53 11.28 18.24
CA LEU B 44 -2.30 10.04 18.03
C LEU B 44 -3.16 9.60 19.22
N GLY B 45 -2.89 10.06 20.45
CA GLY B 45 -3.52 9.53 21.66
C GLY B 45 -2.97 8.16 22.10
N LEU B 46 -1.93 7.65 21.41
CA LEU B 46 -1.26 6.38 21.72
C LEU B 46 0.04 6.62 22.50
N THR B 47 0.29 5.84 23.55
CA THR B 47 1.51 5.92 24.35
C THR B 47 2.78 5.75 23.50
N ARG B 48 3.89 6.33 24.01
CA ARG B 48 5.23 6.22 23.44
C ARG B 48 5.67 4.77 23.15
N SER B 49 5.09 3.79 23.85
CA SER B 49 5.26 2.36 23.52
C SER B 49 4.67 2.06 22.14
N ASN B 50 3.35 2.13 21.96
CA ASN B 50 2.66 1.87 20.70
C ASN B 50 3.15 2.75 19.54
N VAL B 51 3.49 4.03 19.79
CA VAL B 51 4.17 4.90 18.81
C VAL B 51 5.52 4.32 18.36
N SER B 52 6.38 3.86 19.28
CA SER B 52 7.74 3.37 18.94
C SER B 52 7.77 1.95 18.38
N ASN B 53 6.84 1.10 18.83
CA ASN B 53 6.68 -0.27 18.35
C ASN B 53 6.37 -0.26 16.85
N HIS B 54 5.39 0.55 16.43
CA HIS B 54 5.07 0.71 15.01
C HIS B 54 6.12 1.53 14.23
N LEU B 55 6.77 2.55 14.83
CA LEU B 55 7.93 3.21 14.19
C LEU B 55 9.06 2.24 13.87
N SER B 56 9.25 1.15 14.62
CA SER B 56 10.43 0.30 14.45
C SER B 56 10.46 -0.50 13.14
N CYS B 57 9.39 -1.22 12.78
CA CYS B 57 9.31 -1.84 11.47
C CYS B 57 9.32 -0.79 10.34
N LEU B 58 8.83 0.43 10.59
CA LEU B 58 8.80 1.59 9.67
C LEU B 58 10.21 2.10 9.33
N ARG B 59 11.14 2.15 10.30
CA ARG B 59 12.55 2.50 10.02
C ARG B 59 13.22 1.39 9.19
N GLY B 60 12.81 0.13 9.41
CA GLY B 60 13.33 -1.03 8.69
C GLY B 60 12.84 -1.03 7.25
N CYS B 61 11.50 -0.95 7.07
CA CYS B 61 10.78 -0.80 5.80
C CYS B 61 11.21 0.42 4.96
N GLY B 62 12.12 1.26 5.51
CA GLY B 62 12.83 2.35 4.84
C GLY B 62 12.04 3.66 4.79
N LEU B 63 10.99 3.77 5.61
CA LEU B 63 10.01 4.86 5.52
C LEU B 63 10.27 6.06 6.44
N VAL B 64 11.07 5.86 7.49
CA VAL B 64 11.32 6.87 8.55
C VAL B 64 12.76 6.90 9.05
N VAL B 65 13.15 8.07 9.60
CA VAL B 65 14.53 8.40 10.02
C VAL B 65 14.52 9.32 11.25
N ALA B 66 15.54 9.24 12.13
CA ALA B 66 15.78 10.20 13.21
C ALA B 66 16.82 11.27 12.81
N THR B 67 16.47 12.56 12.92
CA THR B 67 17.32 13.69 12.51
C THR B 67 17.51 14.64 13.67
N TYR B 68 18.48 15.53 13.52
CA TYR B 68 18.63 16.66 14.43
C TYR B 68 17.56 17.72 14.11
N GLU B 69 16.72 18.08 15.10
CA GLU B 69 15.86 19.27 15.01
C GLU B 69 16.60 20.55 15.46
N GLY B 70 17.62 20.39 16.32
CA GLY B 70 18.37 21.49 16.94
C GLY B 70 18.37 21.30 18.46
N ARG B 71 19.51 20.89 19.00
CA ARG B 71 19.71 20.43 20.39
C ARG B 71 19.06 19.05 20.63
N GLN B 72 17.78 18.92 20.29
CA GLN B 72 17.03 17.67 20.40
C GLN B 72 17.11 16.87 19.09
N VAL B 73 16.42 15.73 19.06
CA VAL B 73 16.34 14.80 17.92
C VAL B 73 14.87 14.56 17.57
N ARG B 74 14.54 14.52 16.29
CA ARG B 74 13.19 14.38 15.78
C ARG B 74 13.07 13.07 15.04
N TYR B 75 11.83 12.67 14.77
CA TYR B 75 11.53 11.56 13.86
C TYR B 75 10.76 12.11 12.66
N ALA B 76 11.15 11.66 11.47
CA ALA B 76 10.72 12.20 10.18
C ALA B 76 10.49 11.09 9.14
N LEU B 77 9.74 11.39 8.06
CA LEU B 77 9.65 10.56 6.87
C LEU B 77 11.00 10.58 6.13
N ALA B 78 11.29 9.51 5.40
CA ALA B 78 12.62 9.29 4.83
C ALA B 78 12.93 10.05 3.52
N ASP B 79 11.90 10.46 2.77
CA ASP B 79 12.01 11.21 1.51
C ASP B 79 10.66 11.81 1.03
N SER B 80 10.79 12.83 0.20
CA SER B 80 9.75 13.49 -0.61
C SER B 80 8.74 12.53 -1.26
N HIS B 81 9.18 11.36 -1.77
CA HIS B 81 8.31 10.34 -2.33
C HIS B 81 7.23 9.90 -1.32
N LEU B 82 7.58 9.67 -0.05
CA LEU B 82 6.61 9.18 0.93
C LEU B 82 5.71 10.32 1.40
N ALA B 83 6.27 11.51 1.66
CA ALA B 83 5.50 12.72 1.94
C ALA B 83 4.45 12.99 0.83
N ARG B 84 4.79 12.74 -0.44
CA ARG B 84 3.92 12.86 -1.61
C ARG B 84 2.82 11.79 -1.68
N ALA B 85 3.17 10.50 -1.60
CA ALA B 85 2.21 9.39 -1.60
C ALA B 85 1.21 9.47 -0.43
N LEU B 86 1.71 9.84 0.75
CA LEU B 86 0.90 10.18 1.92
C LEU B 86 -0.05 11.35 1.58
N GLY B 87 0.47 12.42 0.98
CA GLY B 87 -0.20 13.70 0.77
C GLY B 87 -1.29 13.68 -0.31
N GLU B 88 -1.17 12.83 -1.34
CA GLU B 88 -2.26 12.52 -2.29
C GLU B 88 -3.33 11.61 -1.65
N LEU B 89 -2.95 11.02 -0.51
CA LEU B 89 -3.58 9.92 0.22
C LEU B 89 -3.38 8.64 -0.60
N VAL B 90 -3.45 7.51 0.08
CA VAL B 90 -3.55 6.17 -0.55
C VAL B 90 -4.72 6.07 -1.56
N GLN B 91 -5.61 7.08 -1.55
CA GLN B 91 -6.57 7.43 -2.58
C GLN B 91 -7.77 6.48 -2.62
N VAL B 92 -7.67 5.27 -2.06
CA VAL B 92 -8.74 4.29 -1.77
C VAL B 92 -9.73 4.72 -0.69
N VAL B 93 -10.02 6.02 -0.76
CA VAL B 93 -10.89 6.81 0.10
C VAL B 93 -10.25 7.11 1.46
N LEU B 94 -9.47 6.14 1.98
CA LEU B 94 -8.69 6.07 3.21
C LEU B 94 -8.52 4.60 3.59
N ALA B 95 -7.31 4.07 3.48
CA ALA B 95 -6.95 2.79 4.09
C ALA B 95 -7.05 2.89 5.63
N VAL B 96 -8.26 2.63 6.12
CA VAL B 96 -8.67 2.51 7.54
C VAL B 96 -7.79 1.49 8.28
N ASP B 97 -7.79 1.55 9.61
CA ASP B 97 -7.05 0.70 10.55
C ASP B 97 -7.55 -0.74 10.72
N THR B 98 -8.52 -1.21 9.92
CA THR B 98 -9.20 -2.50 10.13
C THR B 98 -8.33 -3.71 9.77
N ASP B 99 -7.99 -4.50 10.79
CA ASP B 99 -7.42 -5.84 10.66
C ASP B 99 -8.58 -6.81 10.92
N GLN B 100 -8.95 -7.53 9.88
CA GLN B 100 -10.21 -8.26 9.78
C GLN B 100 -10.03 -9.32 8.66
N PRO B 101 -11.10 -9.99 8.19
CA PRO B 101 -10.98 -10.90 7.07
C PRO B 101 -10.85 -10.14 5.73
N CYS B 102 -10.85 -10.86 4.61
CA CYS B 102 -10.98 -10.21 3.31
C CYS B 102 -12.39 -9.59 3.14
N VAL B 103 -12.52 -8.84 2.06
CA VAL B 103 -13.74 -8.20 1.57
C VAL B 103 -14.67 -9.22 0.86
N ALA B 104 -14.13 -10.34 0.36
CA ALA B 104 -14.92 -11.49 -0.14
C ALA B 104 -15.50 -12.33 1.00
N GLU B 105 -14.72 -12.47 2.06
CA GLU B 105 -15.11 -13.02 3.37
C GLU B 105 -16.10 -12.07 4.07
N ARG B 106 -16.64 -12.47 5.24
CA ARG B 106 -17.60 -11.65 6.01
C ARG B 106 -17.73 -12.07 7.47
CD CD C . -9.69 -9.86 -1.25
CD CD D . 9.77 -3.64 8.32
N ALA A 10 -10.73 -0.54 3.40
CA ALA A 10 -9.77 0.01 4.37
C ALA A 10 -8.31 -0.25 3.99
N LEU A 11 -7.35 0.25 4.78
CA LEU A 11 -5.92 0.20 4.43
C LEU A 11 -5.33 -1.22 4.39
N ALA A 12 -5.78 -2.14 5.25
CA ALA A 12 -5.47 -3.56 5.15
C ALA A 12 -5.96 -4.16 3.83
N ARG A 13 -7.21 -3.88 3.39
CA ARG A 13 -7.64 -4.35 2.05
C ARG A 13 -6.76 -3.79 0.92
N LEU A 14 -6.31 -2.53 0.99
CA LEU A 14 -5.43 -1.92 0.00
C LEU A 14 -4.08 -2.65 -0.06
N GLY A 15 -3.36 -2.73 1.07
CA GLY A 15 -2.07 -3.43 1.13
C GLY A 15 -2.19 -4.93 0.79
N ARG A 16 -3.32 -5.58 1.12
CA ARG A 16 -3.57 -7.02 0.88
C ARG A 16 -3.70 -7.39 -0.60
N ALA A 17 -3.67 -6.41 -1.52
CA ALA A 17 -3.54 -6.67 -2.95
C ALA A 17 -2.42 -5.89 -3.64
N LEU A 18 -1.88 -4.84 -3.01
CA LEU A 18 -0.78 -4.03 -3.57
C LEU A 18 0.59 -4.36 -2.95
N ALA A 19 0.64 -5.07 -1.82
CA ALA A 19 1.83 -5.70 -1.25
C ALA A 19 1.88 -7.14 -1.75
N ASP A 20 2.24 -7.33 -3.02
CA ASP A 20 2.11 -8.60 -3.74
C ASP A 20 2.93 -8.66 -5.03
N PRO A 21 3.43 -9.86 -5.42
CA PRO A 21 4.14 -10.13 -6.68
C PRO A 21 3.21 -9.91 -7.90
N THR A 22 2.63 -11.01 -8.39
CA THR A 22 1.57 -11.09 -9.38
C THR A 22 0.41 -10.16 -9.09
N ARG A 23 0.01 -9.90 -7.83
CA ARG A 23 -1.25 -9.19 -7.56
C ARG A 23 -1.18 -7.68 -7.82
N CYS A 24 -0.14 -7.00 -7.33
CA CYS A 24 0.12 -5.60 -7.72
C CYS A 24 0.30 -5.51 -9.25
N ARG A 25 1.05 -6.48 -9.80
CA ARG A 25 1.19 -6.67 -11.25
C ARG A 25 -0.19 -6.82 -11.97
N ILE A 26 -1.17 -7.59 -11.46
CA ILE A 26 -2.56 -7.64 -12.01
C ILE A 26 -3.17 -6.26 -12.05
N LEU A 27 -3.12 -5.54 -10.92
CA LEU A 27 -3.73 -4.22 -10.80
C LEU A 27 -3.13 -3.20 -11.80
N VAL A 28 -1.82 -3.20 -12.03
CA VAL A 28 -1.17 -2.28 -13.00
C VAL A 28 -1.28 -2.77 -14.46
N ALA A 29 -1.44 -4.08 -14.67
CA ALA A 29 -1.70 -4.68 -15.96
C ALA A 29 -3.14 -4.44 -16.43
N LEU A 30 -4.11 -4.33 -15.50
CA LEU A 30 -5.45 -3.89 -15.87
C LEU A 30 -5.51 -2.46 -16.38
N LEU A 31 -4.73 -1.56 -15.76
CA LEU A 31 -4.68 -0.12 -15.99
C LEU A 31 -4.67 0.29 -17.48
N ASP A 32 -3.88 -0.38 -18.32
CA ASP A 32 -3.92 -0.25 -19.79
C ASP A 32 -4.62 -1.45 -20.46
N GLY A 33 -4.71 -2.58 -19.76
CA GLY A 33 -5.03 -3.88 -20.30
C GLY A 33 -6.47 -4.35 -20.17
N VAL A 34 -7.39 -3.62 -19.53
CA VAL A 34 -8.87 -3.80 -19.47
C VAL A 34 -9.62 -4.38 -20.70
N CYS A 35 -9.23 -5.55 -21.20
CA CYS A 35 -9.75 -6.17 -22.41
C CYS A 35 -10.60 -7.39 -22.08
N TYR A 36 -9.98 -8.45 -21.56
CA TYR A 36 -10.66 -9.72 -21.30
C TYR A 36 -10.06 -10.44 -20.09
N PRO A 37 -10.77 -11.35 -19.39
CA PRO A 37 -10.24 -12.08 -18.24
C PRO A 37 -8.94 -12.85 -18.54
N GLY A 38 -8.77 -13.35 -19.77
CA GLY A 38 -7.54 -14.02 -20.19
C GLY A 38 -6.39 -13.10 -20.59
N GLN A 39 -6.61 -11.78 -20.70
CA GLN A 39 -5.63 -10.84 -21.26
C GLN A 39 -4.40 -10.72 -20.37
N LEU A 40 -4.61 -10.75 -19.06
CA LEU A 40 -3.54 -10.66 -18.07
C LEU A 40 -2.53 -11.80 -18.24
N ALA A 41 -2.92 -12.93 -18.82
CA ALA A 41 -2.04 -14.10 -18.94
C ALA A 41 -0.71 -13.74 -19.64
N ALA A 42 -0.77 -12.85 -20.64
CA ALA A 42 0.42 -12.29 -21.30
C ALA A 42 1.12 -11.22 -20.44
N HIS A 43 0.39 -10.20 -19.97
CA HIS A 43 0.94 -9.13 -19.10
C HIS A 43 1.69 -9.64 -17.85
N LEU A 44 1.24 -10.77 -17.30
CA LEU A 44 1.77 -11.43 -16.11
C LEU A 44 2.73 -12.57 -16.44
N GLY A 45 2.82 -12.99 -17.71
CA GLY A 45 3.55 -14.19 -18.13
C GLY A 45 3.02 -15.49 -17.51
N LEU A 46 1.79 -15.51 -16.99
CA LEU A 46 1.26 -16.62 -16.20
C LEU A 46 -0.02 -17.24 -16.77
N THR A 47 -0.18 -18.54 -16.54
CA THR A 47 -1.36 -19.29 -16.98
C THR A 47 -2.64 -18.71 -16.40
N ARG A 48 -3.68 -18.62 -17.23
CA ARG A 48 -4.92 -17.91 -16.87
C ARG A 48 -5.63 -18.50 -15.65
N SER A 49 -5.41 -19.78 -15.35
CA SER A 49 -5.84 -20.42 -14.10
C SER A 49 -5.16 -19.82 -12.85
N ASN A 50 -3.83 -19.63 -12.86
CA ASN A 50 -3.10 -19.04 -11.73
C ASN A 50 -3.32 -17.50 -11.67
N VAL A 51 -3.47 -16.83 -12.82
CA VAL A 51 -3.93 -15.43 -12.84
C VAL A 51 -5.32 -15.31 -12.18
N SER A 52 -6.23 -16.25 -12.43
CA SER A 52 -7.57 -16.25 -11.81
C SER A 52 -7.53 -16.41 -10.29
N ASN A 53 -6.66 -17.27 -9.74
CA ASN A 53 -6.42 -17.42 -8.30
C ASN A 53 -6.14 -16.07 -7.63
N HIS A 54 -5.20 -15.29 -8.20
CA HIS A 54 -4.92 -13.94 -7.68
C HIS A 54 -6.06 -12.93 -7.94
N LEU A 55 -6.78 -12.96 -9.08
CA LEU A 55 -7.94 -12.08 -9.36
C LEU A 55 -9.10 -12.29 -8.38
N SER A 56 -9.33 -13.51 -7.89
CA SER A 56 -10.44 -13.80 -6.98
C SER A 56 -10.49 -12.89 -5.75
N CYS A 57 -9.33 -12.54 -5.16
CA CYS A 57 -9.28 -11.62 -4.03
C CYS A 57 -9.69 -10.19 -4.46
N LEU A 58 -9.08 -9.65 -5.54
CA LEU A 58 -9.32 -8.25 -5.98
C LEU A 58 -10.79 -8.00 -6.32
N ARG A 59 -11.45 -9.01 -6.89
CA ARG A 59 -12.83 -8.95 -7.35
C ARG A 59 -13.84 -9.02 -6.19
N GLY A 60 -13.45 -9.56 -5.02
CA GLY A 60 -14.29 -9.63 -3.81
C GLY A 60 -14.01 -8.54 -2.78
N CYS A 61 -12.74 -8.14 -2.62
CA CYS A 61 -12.31 -7.03 -1.78
C CYS A 61 -12.72 -5.64 -2.37
N GLY A 62 -13.06 -5.64 -3.67
CA GLY A 62 -13.64 -4.54 -4.45
C GLY A 62 -12.64 -3.69 -5.24
N LEU A 63 -11.43 -4.19 -5.53
CA LEU A 63 -10.41 -3.50 -6.32
C LEU A 63 -10.57 -3.66 -7.83
N VAL A 64 -11.30 -4.69 -8.26
CA VAL A 64 -11.55 -5.00 -9.67
C VAL A 64 -13.03 -5.30 -9.91
N VAL A 65 -13.55 -4.83 -11.04
CA VAL A 65 -14.96 -4.83 -11.41
C VAL A 65 -15.09 -5.28 -12.87
N ALA A 66 -16.05 -6.16 -13.15
CA ALA A 66 -16.38 -6.55 -14.53
C ALA A 66 -17.09 -5.43 -15.29
N THR A 67 -17.01 -5.51 -16.62
CA THR A 67 -17.69 -4.62 -17.58
C THR A 67 -17.85 -5.42 -18.86
N TYR A 68 -18.84 -5.10 -19.69
CA TYR A 68 -18.93 -5.68 -21.04
C TYR A 68 -17.89 -5.08 -22.01
N GLU A 69 -17.65 -5.77 -23.12
CA GLU A 69 -16.75 -5.40 -24.20
C GLU A 69 -17.33 -5.72 -25.58
N GLY A 70 -16.65 -5.25 -26.63
CA GLY A 70 -17.01 -5.44 -28.03
C GLY A 70 -16.85 -6.89 -28.48
N ARG A 71 -17.81 -7.74 -28.06
CA ARG A 71 -17.97 -9.20 -28.31
C ARG A 71 -17.39 -10.04 -27.15
N GLN A 72 -17.18 -9.47 -25.96
CA GLN A 72 -16.54 -10.15 -24.83
C GLN A 72 -16.94 -9.47 -23.50
N VAL A 73 -16.42 -9.94 -22.36
CA VAL A 73 -16.48 -9.24 -21.07
C VAL A 73 -15.06 -9.00 -20.56
N ARG A 74 -14.86 -8.01 -19.68
CA ARG A 74 -13.57 -7.52 -19.25
C ARG A 74 -13.52 -7.38 -17.74
N TYR A 75 -12.36 -6.98 -17.25
CA TYR A 75 -12.16 -6.54 -15.87
C TYR A 75 -11.44 -5.20 -15.89
N ALA A 76 -11.91 -4.27 -15.07
CA ALA A 76 -11.39 -2.92 -14.90
C ALA A 76 -11.18 -2.65 -13.41
N LEU A 77 -10.24 -1.78 -13.05
CA LEU A 77 -10.04 -1.39 -11.66
C LEU A 77 -11.30 -0.71 -11.10
N ALA A 78 -11.45 -0.71 -9.77
CA ALA A 78 -12.60 -0.15 -9.05
C ALA A 78 -13.05 1.21 -9.58
N ASP A 79 -12.11 2.15 -9.64
CA ASP A 79 -12.32 3.55 -9.98
C ASP A 79 -10.97 4.23 -10.30
N SER A 80 -11.11 5.39 -10.91
CA SER A 80 -10.13 6.46 -11.11
C SER A 80 -9.19 6.60 -9.92
N HIS A 81 -9.69 6.39 -8.70
CA HIS A 81 -8.93 6.25 -7.46
C HIS A 81 -7.72 5.31 -7.59
N LEU A 82 -7.95 3.99 -7.75
CA LEU A 82 -6.83 3.03 -7.75
C LEU A 82 -6.01 3.16 -9.04
N ALA A 83 -6.66 3.48 -10.16
CA ALA A 83 -6.00 3.73 -11.43
C ALA A 83 -4.99 4.89 -11.34
N ARG A 84 -5.38 6.03 -10.74
CA ARG A 84 -4.44 7.15 -10.54
C ARG A 84 -3.37 6.83 -9.52
N ALA A 85 -3.71 6.20 -8.38
CA ALA A 85 -2.71 5.80 -7.36
C ALA A 85 -1.64 4.87 -7.92
N LEU A 86 -2.03 3.83 -8.65
CA LEU A 86 -1.04 2.92 -9.24
C LEU A 86 -0.27 3.59 -10.38
N GLY A 87 -0.94 4.41 -11.20
CA GLY A 87 -0.39 5.08 -12.38
C GLY A 87 0.57 6.24 -12.06
N GLU A 88 0.30 7.02 -11.00
CA GLU A 88 1.20 8.06 -10.48
C GLU A 88 2.43 7.47 -9.76
N LEU A 89 2.43 6.13 -9.59
CA LEU A 89 3.52 5.24 -9.20
C LEU A 89 3.85 5.33 -7.72
N VAL A 90 3.48 4.29 -6.96
CA VAL A 90 3.49 4.24 -5.48
C VAL A 90 4.91 4.05 -4.91
N GLN A 91 5.93 4.59 -5.60
CA GLN A 91 6.86 5.54 -5.01
C GLN A 91 7.95 4.91 -4.14
N VAL A 92 7.82 3.63 -3.83
CA VAL A 92 8.79 2.69 -3.26
C VAL A 92 9.85 2.33 -4.30
N VAL A 93 10.44 3.39 -4.83
CA VAL A 93 11.52 3.37 -5.81
C VAL A 93 11.07 2.95 -7.23
N LEU A 94 9.83 2.43 -7.39
CA LEU A 94 9.19 1.76 -8.55
C LEU A 94 8.86 0.33 -8.09
N ALA A 95 7.59 0.08 -7.81
CA ALA A 95 7.04 -1.23 -7.48
C ALA A 95 7.17 -2.28 -8.61
N VAL A 96 8.37 -2.84 -8.79
CA VAL A 96 8.65 -4.04 -9.61
C VAL A 96 8.32 -5.28 -8.77
N ASP A 97 7.81 -6.36 -9.38
CA ASP A 97 7.49 -7.62 -8.70
C ASP A 97 8.72 -8.43 -8.22
N THR A 98 9.91 -7.83 -8.18
CA THR A 98 11.11 -8.37 -7.49
C THR A 98 10.97 -8.17 -5.98
N ASP A 99 9.75 -8.27 -5.47
CA ASP A 99 9.35 -7.86 -4.14
C ASP A 99 10.20 -8.59 -3.12
N GLN A 100 10.77 -7.84 -2.19
CA GLN A 100 11.90 -8.31 -1.42
C GLN A 100 11.70 -8.06 0.10
N PRO A 101 11.94 -9.07 0.96
CA PRO A 101 11.48 -9.11 2.36
C PRO A 101 11.80 -7.92 3.26
N CYS A 102 10.90 -7.71 4.23
CA CYS A 102 10.96 -6.69 5.28
C CYS A 102 11.65 -7.20 6.56
N VAL A 103 11.01 -6.89 7.68
CA VAL A 103 11.47 -6.99 9.06
C VAL A 103 12.74 -6.12 9.15
N ALA A 104 13.90 -6.73 9.42
CA ALA A 104 15.27 -6.20 9.40
C ALA A 104 16.23 -7.36 9.70
N GLU A 105 17.44 -7.28 9.13
CA GLU A 105 18.42 -8.36 9.12
C GLU A 105 19.83 -7.76 9.03
N ARG A 106 20.80 -8.34 9.74
CA ARG A 106 22.22 -7.91 9.68
C ARG A 106 22.93 -8.44 8.41
N ALA B 10 11.26 -2.40 -1.27
CA ALA B 10 10.35 -3.11 -2.17
C ALA B 10 8.86 -2.95 -1.80
N LEU B 11 7.97 -3.26 -2.75
CA LEU B 11 6.53 -2.92 -2.70
C LEU B 11 5.74 -3.52 -1.53
N ALA B 12 6.03 -4.74 -1.04
CA ALA B 12 5.34 -5.25 0.15
C ALA B 12 5.82 -4.58 1.43
N ARG B 13 7.08 -4.13 1.50
CA ARG B 13 7.56 -3.32 2.62
C ARG B 13 6.71 -2.05 2.74
N LEU B 14 6.53 -1.31 1.64
CA LEU B 14 5.67 -0.12 1.58
C LEU B 14 4.24 -0.51 1.94
N GLY B 15 3.60 -1.37 1.14
CA GLY B 15 2.18 -1.66 1.26
C GLY B 15 1.80 -2.22 2.62
N ARG B 16 2.59 -3.12 3.22
CA ARG B 16 2.27 -3.71 4.54
C ARG B 16 2.78 -2.90 5.73
N ALA B 17 3.65 -1.90 5.53
CA ALA B 17 3.96 -0.93 6.58
C ALA B 17 2.97 0.24 6.59
N LEU B 18 2.44 0.61 5.42
CA LEU B 18 1.35 1.58 5.30
C LEU B 18 -0.03 0.93 5.51
N ALA B 19 -0.14 -0.41 5.39
CA ALA B 19 -1.28 -1.23 5.79
C ALA B 19 -1.03 -1.85 7.17
N ASP B 20 -0.92 -0.97 8.16
CA ASP B 20 -0.94 -1.22 9.60
C ASP B 20 -1.68 0.00 10.19
N PRO B 21 -2.59 -0.17 11.16
CA PRO B 21 -3.43 0.89 11.76
C PRO B 21 -2.61 2.10 12.25
N THR B 22 -1.98 1.92 13.40
CA THR B 22 -0.95 2.73 14.04
C THR B 22 0.08 3.24 13.06
N ARG B 23 0.64 2.38 12.22
CA ARG B 23 1.81 2.66 11.40
C ARG B 23 1.48 3.60 10.22
N CYS B 24 0.28 3.51 9.64
CA CYS B 24 -0.24 4.51 8.70
C CYS B 24 -0.41 5.85 9.42
N ARG B 25 -1.11 5.82 10.57
CA ARG B 25 -1.37 6.98 11.43
C ARG B 25 -0.06 7.66 11.91
N ILE B 26 1.02 6.91 12.17
CA ILE B 26 2.39 7.42 12.42
C ILE B 26 2.81 8.28 11.22
N LEU B 27 2.88 7.65 10.05
CA LEU B 27 3.48 8.25 8.85
C LEU B 27 2.70 9.49 8.38
N VAL B 28 1.37 9.45 8.42
CA VAL B 28 0.53 10.62 8.04
C VAL B 28 0.60 11.78 9.05
N ALA B 29 0.93 11.51 10.32
CA ALA B 29 1.13 12.55 11.33
C ALA B 29 2.58 13.02 11.44
N LEU B 30 3.56 12.21 10.99
CA LEU B 30 4.94 12.68 10.84
C LEU B 30 4.99 13.88 9.90
N LEU B 31 4.28 13.74 8.78
CA LEU B 31 4.04 14.72 7.71
C LEU B 31 3.66 16.13 8.21
N ASP B 32 2.89 16.22 9.30
CA ASP B 32 2.39 17.45 9.92
C ASP B 32 3.23 17.90 11.15
N GLY B 33 4.00 16.96 11.72
CA GLY B 33 4.71 17.12 12.99
C GLY B 33 6.23 17.27 12.88
N VAL B 34 6.91 16.20 12.44
CA VAL B 34 8.38 16.02 12.46
C VAL B 34 9.13 16.64 13.65
N CYS B 35 8.53 16.64 14.85
CA CYS B 35 9.09 17.27 16.05
C CYS B 35 10.07 16.36 16.78
N TYR B 36 9.58 15.31 17.46
CA TYR B 36 10.41 14.50 18.37
C TYR B 36 9.96 13.03 18.42
N PRO B 37 10.84 12.04 18.72
CA PRO B 37 10.46 10.62 18.74
C PRO B 37 9.25 10.31 19.63
N GLY B 38 9.05 11.06 20.73
CA GLY B 38 7.88 10.90 21.60
C GLY B 38 6.63 11.67 21.15
N GLN B 39 6.69 12.53 20.11
CA GLN B 39 5.59 13.42 19.76
C GLN B 39 4.35 12.66 19.28
N LEU B 40 4.53 11.49 18.66
CA LEU B 40 3.42 10.74 18.09
C LEU B 40 2.47 10.21 19.17
N ALA B 41 2.87 10.23 20.45
CA ALA B 41 1.96 9.91 21.54
C ALA B 41 0.71 10.83 21.55
N ALA B 42 0.86 12.09 21.11
CA ALA B 42 -0.27 13.00 20.90
C ALA B 42 -1.00 12.70 19.57
N HIS B 43 -0.25 12.57 18.46
CA HIS B 43 -0.80 12.27 17.13
C HIS B 43 -1.69 11.02 17.06
N LEU B 44 -1.35 10.02 17.88
CA LEU B 44 -1.99 8.71 17.93
C LEU B 44 -2.92 8.56 19.15
N GLY B 45 -2.71 9.35 20.21
CA GLY B 45 -3.36 9.16 21.51
C GLY B 45 -2.84 7.96 22.30
N LEU B 46 -1.76 7.31 21.84
CA LEU B 46 -1.24 6.04 22.34
C LEU B 46 0.09 6.23 23.05
N THR B 47 0.39 5.41 24.07
CA THR B 47 1.62 5.55 24.84
C THR B 47 2.87 5.42 23.99
N ARG B 48 3.94 6.10 24.42
CA ARG B 48 5.21 6.19 23.69
C ARG B 48 5.92 4.84 23.48
N SER B 49 5.60 3.83 24.29
CA SER B 49 6.03 2.43 24.05
C SER B 49 5.24 1.77 22.89
N ASN B 50 3.92 1.99 22.82
CA ASN B 50 3.08 1.50 21.72
C ASN B 50 3.41 2.24 20.40
N VAL B 51 3.66 3.56 20.49
CA VAL B 51 4.25 4.35 19.39
C VAL B 51 5.58 3.72 18.94
N SER B 52 6.48 3.42 19.88
CA SER B 52 7.78 2.83 19.56
C SER B 52 7.67 1.48 18.85
N ASN B 53 6.75 0.61 19.27
CA ASN B 53 6.55 -0.73 18.71
C ASN B 53 6.36 -0.70 17.18
N HIS B 54 5.44 0.15 16.70
CA HIS B 54 5.24 0.32 15.26
C HIS B 54 6.30 1.24 14.58
N LEU B 55 7.15 1.97 15.32
CA LEU B 55 8.34 2.64 14.76
C LEU B 55 9.51 1.67 14.58
N SER B 56 9.60 0.62 15.39
CA SER B 56 10.70 -0.35 15.36
C SER B 56 10.94 -0.95 13.98
N CYS B 57 9.90 -1.39 13.25
CA CYS B 57 10.11 -1.91 11.91
C CYS B 57 10.43 -0.74 10.95
N LEU B 58 9.68 0.36 11.06
CA LEU B 58 9.68 1.55 10.21
C LEU B 58 11.08 2.16 9.97
N ARG B 59 11.91 2.16 11.01
CA ARG B 59 13.28 2.68 11.04
C ARG B 59 14.30 1.70 10.43
N GLY B 60 13.90 0.45 10.15
CA GLY B 60 14.63 -0.57 9.38
C GLY B 60 14.07 -0.80 7.97
N CYS B 61 12.75 -0.67 7.78
CA CYS B 61 12.04 -0.63 6.51
C CYS B 61 12.59 0.48 5.57
N GLY B 62 13.13 1.53 6.21
CA GLY B 62 13.59 2.76 5.59
C GLY B 62 12.45 3.73 5.27
N LEU B 63 11.32 3.65 5.99
CA LEU B 63 10.21 4.59 5.83
C LEU B 63 10.36 5.85 6.68
N VAL B 64 11.09 5.75 7.80
CA VAL B 64 11.36 6.85 8.73
C VAL B 64 12.84 7.02 9.01
N VAL B 65 13.26 8.28 8.92
CA VAL B 65 14.65 8.73 9.13
C VAL B 65 14.69 9.76 10.26
N ALA B 66 15.67 9.64 11.16
CA ALA B 66 16.01 10.62 12.19
C ALA B 66 16.82 11.80 11.66
N THR B 67 16.73 12.93 12.38
CA THR B 67 17.44 14.18 12.10
C THR B 67 17.55 14.94 13.42
N TYR B 68 18.58 15.77 13.58
CA TYR B 68 18.69 16.63 14.77
C TYR B 68 17.75 17.86 14.69
N GLU B 69 17.32 18.33 15.86
CA GLU B 69 16.44 19.47 16.08
C GLU B 69 17.07 20.50 17.04
N GLY B 70 16.42 21.67 17.14
CA GLY B 70 16.81 22.76 18.04
C GLY B 70 16.62 22.40 19.50
N ARG B 71 17.58 21.63 20.06
CA ARG B 71 17.69 21.13 21.44
C ARG B 71 17.09 19.71 21.62
N GLN B 72 16.85 18.97 20.53
CA GLN B 72 16.22 17.65 20.54
C GLN B 72 16.62 16.86 19.29
N VAL B 73 16.13 15.64 19.12
CA VAL B 73 16.19 14.88 17.85
C VAL B 73 14.76 14.61 17.35
N ARG B 74 14.58 14.34 16.05
CA ARG B 74 13.28 14.16 15.41
C ARG B 74 13.28 12.90 14.55
N TYR B 75 12.12 12.62 13.97
CA TYR B 75 11.92 11.59 12.95
C TYR B 75 11.02 12.14 11.85
N ALA B 76 11.14 11.61 10.63
CA ALA B 76 10.48 12.12 9.44
C ALA B 76 10.36 11.03 8.38
N LEU B 77 9.37 11.18 7.49
CA LEU B 77 9.21 10.40 6.26
C LEU B 77 10.54 10.45 5.50
N ALA B 78 11.08 9.30 5.09
CA ALA B 78 12.45 9.20 4.56
C ALA B 78 12.75 10.11 3.34
N ASP B 79 11.80 10.26 2.41
CA ASP B 79 11.93 11.18 1.27
C ASP B 79 10.55 11.69 0.80
N SER B 80 10.62 12.75 0.02
CA SER B 80 9.60 13.36 -0.84
C SER B 80 8.71 12.30 -1.48
N HIS B 81 9.28 11.15 -1.86
CA HIS B 81 8.59 9.95 -2.30
C HIS B 81 7.45 9.55 -1.36
N LEU B 82 7.73 9.19 -0.10
CA LEU B 82 6.67 8.77 0.83
C LEU B 82 5.80 9.96 1.24
N ALA B 83 6.40 11.13 1.45
CA ALA B 83 5.67 12.35 1.79
C ALA B 83 4.58 12.68 0.75
N ARG B 84 4.91 12.65 -0.55
CA ARG B 84 3.92 12.92 -1.61
C ARG B 84 2.90 11.79 -1.74
N ALA B 85 3.32 10.52 -1.79
CA ALA B 85 2.40 9.37 -1.85
C ALA B 85 1.38 9.37 -0.71
N LEU B 86 1.81 9.64 0.53
CA LEU B 86 0.90 9.70 1.66
C LEU B 86 0.04 10.98 1.62
N GLY B 87 0.62 12.13 1.24
CA GLY B 87 -0.03 13.44 1.24
C GLY B 87 -1.06 13.65 0.12
N GLU B 88 -0.81 13.11 -1.09
CA GLU B 88 -1.78 13.05 -2.18
C GLU B 88 -2.87 11.97 -1.96
N LEU B 89 -2.70 11.21 -0.86
CA LEU B 89 -3.64 10.31 -0.21
C LEU B 89 -3.89 9.03 -1.02
N VAL B 90 -3.44 7.89 -0.48
CA VAL B 90 -3.46 6.53 -1.08
C VAL B 90 -4.88 5.92 -1.17
N GLN B 91 -5.90 6.78 -1.19
CA GLN B 91 -6.88 6.83 -2.29
C GLN B 91 -8.02 5.82 -2.17
N VAL B 92 -7.88 4.83 -1.28
CA VAL B 92 -8.86 3.87 -0.76
C VAL B 92 -9.98 4.55 0.05
N VAL B 93 -10.53 5.59 -0.55
CA VAL B 93 -11.55 6.48 0.01
C VAL B 93 -11.09 7.28 1.24
N LEU B 94 -9.76 7.30 1.51
CA LEU B 94 -9.04 7.79 2.71
C LEU B 94 -8.67 6.57 3.56
N ALA B 95 -7.39 6.23 3.59
CA ALA B 95 -6.80 5.23 4.47
C ALA B 95 -6.89 5.60 5.98
N VAL B 96 -8.10 5.63 6.55
CA VAL B 96 -8.36 5.81 8.00
C VAL B 96 -7.89 4.57 8.76
N ASP B 97 -7.36 4.74 9.96
CA ASP B 97 -6.90 3.66 10.85
C ASP B 97 -8.03 2.88 11.57
N THR B 98 -9.28 2.97 11.07
CA THR B 98 -10.40 2.07 11.41
C THR B 98 -10.19 0.78 10.62
N ASP B 99 -8.97 0.27 10.63
CA ASP B 99 -8.49 -0.74 9.70
C ASP B 99 -9.35 -1.98 9.77
N GLN B 100 -9.75 -2.44 8.59
CA GLN B 100 -10.86 -3.36 8.50
C GLN B 100 -10.57 -4.49 7.46
N PRO B 101 -10.95 -5.76 7.75
CA PRO B 101 -10.44 -6.96 7.06
C PRO B 101 -10.68 -7.12 5.55
N CYS B 102 -9.74 -7.87 4.95
CA CYS B 102 -9.73 -8.41 3.59
C CYS B 102 -10.39 -9.82 3.52
N VAL B 103 -10.70 -10.24 2.29
CA VAL B 103 -11.30 -11.51 1.86
C VAL B 103 -12.83 -11.34 1.88
N ALA B 104 -13.47 -11.89 0.85
CA ALA B 104 -14.90 -11.78 0.56
C ALA B 104 -15.78 -12.63 1.48
N GLU B 105 -15.84 -12.24 2.75
CA GLU B 105 -16.78 -12.77 3.71
C GLU B 105 -18.22 -12.46 3.25
N ARG B 106 -19.11 -13.46 3.28
CA ARG B 106 -20.55 -13.31 2.97
C ARG B 106 -21.35 -12.59 4.09
CD CD C . -7.92 -9.13 -0.59
CD CD D . 10.71 -3.76 8.33
N ALA A 10 -10.22 -3.75 5.02
CA ALA A 10 -8.99 -4.11 5.72
C ALA A 10 -7.79 -3.31 5.22
N LEU A 11 -7.43 -2.22 5.92
CA LEU A 11 -6.31 -1.34 5.57
C LEU A 11 -5.02 -2.12 5.21
N ALA A 12 -4.46 -2.87 6.16
CA ALA A 12 -3.23 -3.64 5.95
C ALA A 12 -3.42 -4.97 5.20
N ARG A 13 -4.61 -5.22 4.64
CA ARG A 13 -4.84 -6.31 3.68
C ARG A 13 -5.02 -5.78 2.24
N LEU A 14 -5.64 -4.63 2.08
CA LEU A 14 -5.83 -3.96 0.79
C LEU A 14 -4.48 -3.62 0.16
N GLY A 15 -3.59 -2.95 0.90
CA GLY A 15 -2.21 -2.69 0.45
C GLY A 15 -1.38 -3.98 0.28
N ARG A 16 -1.74 -5.08 0.97
CA ARG A 16 -1.13 -6.40 0.79
C ARG A 16 -1.60 -7.03 -0.54
N ALA A 17 -2.84 -6.79 -0.99
CA ALA A 17 -3.37 -7.29 -2.24
C ALA A 17 -2.93 -6.47 -3.48
N LEU A 18 -2.76 -5.16 -3.34
CA LEU A 18 -2.23 -4.29 -4.40
C LEU A 18 -0.79 -4.62 -4.78
N ALA A 19 0.04 -4.90 -3.77
CA ALA A 19 1.48 -5.11 -3.92
C ALA A 19 1.89 -6.60 -4.08
N ASP A 20 0.98 -7.55 -3.86
CA ASP A 20 1.22 -8.99 -3.94
C ASP A 20 1.88 -9.39 -5.28
N PRO A 21 2.73 -10.44 -5.28
CA PRO A 21 3.67 -10.82 -6.34
C PRO A 21 3.13 -10.58 -7.75
N THR A 22 2.26 -11.49 -8.20
CA THR A 22 1.59 -11.45 -9.49
C THR A 22 0.37 -10.56 -9.50
N ARG A 23 -0.27 -10.23 -8.37
CA ARG A 23 -1.40 -9.29 -8.36
C ARG A 23 -0.98 -7.89 -8.82
N CYS A 24 0.14 -7.35 -8.33
CA CYS A 24 0.76 -6.12 -8.84
C CYS A 24 0.94 -6.21 -10.38
N ARG A 25 1.50 -7.33 -10.86
CA ARG A 25 1.69 -7.61 -12.29
C ARG A 25 0.37 -7.70 -13.08
N ILE A 26 -0.65 -8.44 -12.61
CA ILE A 26 -2.03 -8.45 -13.16
C ILE A 26 -2.59 -7.03 -13.24
N LEU A 27 -2.46 -6.23 -12.18
CA LEU A 27 -2.99 -4.88 -12.12
C LEU A 27 -2.25 -3.91 -13.04
N VAL A 28 -0.91 -3.94 -13.11
CA VAL A 28 -0.15 -3.03 -13.99
C VAL A 28 -0.30 -3.44 -15.47
N ALA A 29 -0.57 -4.73 -15.72
CA ALA A 29 -0.94 -5.26 -17.02
C ALA A 29 -2.43 -5.05 -17.35
N LEU A 30 -3.28 -4.67 -16.38
CA LEU A 30 -4.63 -4.23 -16.64
C LEU A 30 -4.70 -2.77 -17.05
N LEU A 31 -3.84 -1.92 -16.45
CA LEU A 31 -3.78 -0.48 -16.62
C LEU A 31 -3.91 -0.03 -18.09
N ASP A 32 -3.03 -0.49 -18.96
CA ASP A 32 -3.08 -0.30 -20.42
C ASP A 32 -3.68 -1.53 -21.16
N GLY A 33 -4.25 -2.49 -20.40
CA GLY A 33 -4.66 -3.82 -20.86
C GLY A 33 -6.14 -4.11 -20.97
N VAL A 34 -7.00 -3.56 -20.11
CA VAL A 34 -8.50 -3.59 -20.03
C VAL A 34 -9.39 -4.05 -21.22
N CYS A 35 -9.06 -5.11 -21.95
CA CYS A 35 -9.85 -5.64 -23.05
C CYS A 35 -10.77 -6.79 -22.60
N TYR A 36 -10.22 -7.88 -22.06
CA TYR A 36 -11.02 -9.10 -21.82
C TYR A 36 -10.64 -9.94 -20.59
N PRO A 37 -11.59 -10.69 -19.96
CA PRO A 37 -11.32 -11.54 -18.82
C PRO A 37 -10.37 -12.68 -19.20
N GLY A 38 -9.34 -12.90 -18.36
CA GLY A 38 -8.31 -13.92 -18.62
C GLY A 38 -7.29 -13.50 -19.69
N GLN A 39 -7.43 -12.33 -20.33
CA GLN A 39 -6.48 -11.84 -21.35
C GLN A 39 -5.06 -11.72 -20.83
N LEU A 40 -4.90 -11.46 -19.53
CA LEU A 40 -3.59 -11.15 -18.95
C LEU A 40 -2.67 -12.38 -18.95
N ALA A 41 -3.17 -13.52 -19.42
CA ALA A 41 -2.35 -14.69 -19.69
C ALA A 41 -1.37 -14.40 -20.82
N ALA A 42 -1.78 -13.64 -21.84
CA ALA A 42 -0.88 -13.12 -22.88
C ALA A 42 -0.01 -11.97 -22.36
N HIS A 43 -0.53 -11.11 -21.49
CA HIS A 43 0.27 -10.02 -20.92
C HIS A 43 1.41 -10.50 -19.99
N LEU A 44 1.16 -11.57 -19.22
CA LEU A 44 2.06 -12.08 -18.18
C LEU A 44 2.83 -13.35 -18.56
N GLY A 45 2.37 -14.12 -19.54
CA GLY A 45 2.88 -15.48 -19.82
C GLY A 45 2.40 -16.52 -18.80
N LEU A 46 1.42 -16.18 -17.95
CA LEU A 46 0.90 -17.04 -16.88
C LEU A 46 -0.42 -17.69 -17.28
N THR A 47 -0.69 -18.91 -16.78
CA THR A 47 -1.85 -19.71 -17.21
C THR A 47 -3.17 -19.00 -16.90
N ARG A 48 -4.14 -19.15 -17.80
CA ARG A 48 -5.48 -18.58 -17.68
C ARG A 48 -6.24 -19.02 -16.42
N SER A 49 -5.86 -20.15 -15.80
CA SER A 49 -6.35 -20.49 -14.45
C SER A 49 -5.71 -19.54 -13.43
N ASN A 50 -4.39 -19.53 -13.32
CA ASN A 50 -3.61 -18.66 -12.42
C ASN A 50 -3.90 -17.15 -12.55
N VAL A 51 -4.05 -16.62 -13.78
CA VAL A 51 -4.50 -15.23 -13.99
C VAL A 51 -5.94 -15.01 -13.48
N SER A 52 -6.86 -15.96 -13.71
CA SER A 52 -8.21 -15.88 -13.15
C SER A 52 -8.19 -15.92 -11.61
N ASN A 53 -7.38 -16.80 -11.02
CA ASN A 53 -7.14 -16.95 -9.59
C ASN A 53 -6.66 -15.65 -8.94
N HIS A 54 -5.71 -14.94 -9.56
CA HIS A 54 -5.34 -13.61 -9.10
C HIS A 54 -6.48 -12.58 -9.22
N LEU A 55 -7.27 -12.62 -10.32
CA LEU A 55 -8.41 -11.71 -10.52
C LEU A 55 -9.55 -11.99 -9.52
N SER A 56 -9.68 -13.19 -8.98
CA SER A 56 -10.76 -13.53 -8.02
C SER A 56 -10.71 -12.72 -6.72
N CYS A 57 -9.54 -12.56 -6.12
CA CYS A 57 -9.28 -11.65 -5.00
C CYS A 57 -9.57 -10.20 -5.41
N LEU A 58 -8.95 -9.76 -6.51
CA LEU A 58 -9.00 -8.42 -7.10
C LEU A 58 -10.43 -7.90 -7.33
N ARG A 59 -11.31 -8.76 -7.82
CA ARG A 59 -12.72 -8.49 -8.10
C ARG A 59 -13.61 -8.63 -6.84
N GLY A 60 -13.07 -9.05 -5.70
CA GLY A 60 -13.73 -9.12 -4.38
C GLY A 60 -13.22 -8.10 -3.36
N CYS A 61 -11.96 -7.66 -3.52
CA CYS A 61 -11.26 -6.56 -2.87
C CYS A 61 -11.73 -5.17 -3.43
N GLY A 62 -12.65 -5.18 -4.41
CA GLY A 62 -13.15 -4.01 -5.14
C GLY A 62 -12.06 -3.25 -5.91
N LEU A 63 -10.89 -3.86 -6.09
CA LEU A 63 -9.81 -3.34 -6.92
C LEU A 63 -10.18 -3.39 -8.40
N VAL A 64 -11.01 -4.35 -8.83
CA VAL A 64 -11.25 -4.68 -10.24
C VAL A 64 -12.72 -4.87 -10.58
N VAL A 65 -13.15 -4.23 -11.66
CA VAL A 65 -14.55 -4.03 -12.05
C VAL A 65 -14.80 -4.52 -13.48
N ALA A 66 -15.95 -5.14 -13.72
CA ALA A 66 -16.43 -5.57 -15.04
C ALA A 66 -17.34 -4.54 -15.70
N THR A 67 -17.31 -4.50 -17.05
CA THR A 67 -18.01 -3.55 -17.92
C THR A 67 -17.85 -4.06 -19.35
N TYR A 68 -18.78 -3.76 -20.25
CA TYR A 68 -18.61 -4.14 -21.67
C TYR A 68 -17.69 -3.18 -22.44
N GLU A 69 -16.86 -3.72 -23.34
CA GLU A 69 -16.14 -2.92 -24.34
C GLU A 69 -16.96 -2.75 -25.64
N GLY A 70 -17.98 -3.61 -25.85
CA GLY A 70 -19.02 -3.51 -26.90
C GLY A 70 -19.10 -4.73 -27.82
N ARG A 71 -17.96 -5.40 -28.03
CA ARG A 71 -17.78 -6.67 -28.76
C ARG A 71 -17.52 -7.84 -27.78
N GLN A 72 -17.17 -7.56 -26.54
CA GLN A 72 -16.80 -8.45 -25.45
C GLN A 72 -17.01 -7.74 -24.09
N VAL A 73 -16.97 -8.47 -22.98
CA VAL A 73 -16.90 -7.91 -21.61
C VAL A 73 -15.44 -7.79 -21.17
N ARG A 74 -15.13 -6.81 -20.31
CA ARG A 74 -13.77 -6.53 -19.86
C ARG A 74 -13.66 -6.51 -18.35
N TYR A 75 -12.43 -6.61 -17.89
CA TYR A 75 -12.05 -6.29 -16.51
C TYR A 75 -11.20 -5.02 -16.53
N ALA A 76 -11.15 -4.28 -15.42
CA ALA A 76 -10.45 -3.02 -15.31
C ALA A 76 -10.23 -2.67 -13.85
N LEU A 77 -9.18 -1.92 -13.50
CA LEU A 77 -9.09 -1.34 -12.16
C LEU A 77 -10.33 -0.47 -11.92
N ALA A 78 -10.75 -0.31 -10.67
CA ALA A 78 -12.03 0.32 -10.33
C ALA A 78 -12.16 1.78 -10.77
N ASP A 79 -11.05 2.52 -10.75
CA ASP A 79 -10.98 3.97 -11.01
C ASP A 79 -9.53 4.48 -11.16
N SER A 80 -9.42 5.68 -11.73
CA SER A 80 -8.25 6.55 -11.79
C SER A 80 -7.47 6.67 -10.46
N HIS A 81 -8.16 6.60 -9.31
CA HIS A 81 -7.58 6.48 -7.97
C HIS A 81 -6.60 5.31 -7.86
N LEU A 82 -7.01 4.11 -8.26
CA LEU A 82 -6.12 2.94 -8.18
C LEU A 82 -5.06 3.03 -9.25
N ALA A 83 -5.42 3.49 -10.46
CA ALA A 83 -4.52 3.65 -11.59
C ALA A 83 -3.29 4.53 -11.26
N ARG A 84 -3.45 5.67 -10.59
CA ARG A 84 -2.30 6.53 -10.23
C ARG A 84 -1.34 5.85 -9.25
N ALA A 85 -1.83 5.29 -8.13
CA ALA A 85 -0.98 4.63 -7.13
C ALA A 85 -0.31 3.36 -7.68
N LEU A 86 -1.08 2.53 -8.39
CA LEU A 86 -0.58 1.31 -9.04
C LEU A 86 0.42 1.66 -10.15
N GLY A 87 0.16 2.75 -10.89
CA GLY A 87 1.00 3.30 -11.96
C GLY A 87 2.38 3.77 -11.49
N GLU A 88 2.52 4.07 -10.19
CA GLU A 88 3.80 4.34 -9.53
C GLU A 88 4.14 3.29 -8.44
N LEU A 89 3.56 2.08 -8.55
CA LEU A 89 3.83 0.85 -7.78
C LEU A 89 3.22 0.89 -6.38
N VAL A 90 3.27 2.05 -5.74
CA VAL A 90 2.97 2.44 -4.34
C VAL A 90 3.62 3.80 -3.98
N GLN A 91 4.65 4.23 -4.73
CA GLN A 91 5.40 5.51 -4.65
C GLN A 91 6.67 5.44 -3.78
N VAL A 92 6.91 4.34 -3.05
CA VAL A 92 7.99 4.13 -2.03
C VAL A 92 9.45 4.11 -2.55
N VAL A 93 9.76 5.01 -3.48
CA VAL A 93 11.10 5.27 -4.04
C VAL A 93 11.58 4.12 -4.96
N LEU A 94 10.63 3.24 -5.33
CA LEU A 94 10.74 2.05 -6.20
C LEU A 94 11.11 0.84 -5.33
N ALA A 95 10.08 0.09 -4.91
CA ALA A 95 10.27 -1.11 -4.10
C ALA A 95 10.87 -2.27 -4.90
N VAL A 96 11.78 -3.01 -4.28
CA VAL A 96 12.45 -4.17 -4.89
C VAL A 96 11.63 -5.44 -4.74
N ASP A 97 11.83 -6.35 -5.69
CA ASP A 97 11.00 -7.55 -5.91
C ASP A 97 11.30 -8.72 -4.96
N THR A 98 12.07 -8.48 -3.89
CA THR A 98 12.53 -9.49 -2.91
C THR A 98 11.73 -9.36 -1.62
N ASP A 99 10.40 -9.28 -1.71
CA ASP A 99 9.42 -8.90 -0.67
C ASP A 99 9.61 -9.69 0.63
N GLN A 100 10.44 -9.15 1.52
CA GLN A 100 10.98 -9.89 2.65
C GLN A 100 10.38 -9.48 4.01
N PRO A 101 10.33 -10.35 5.04
CA PRO A 101 9.67 -10.03 6.31
C PRO A 101 10.58 -9.36 7.32
N CYS A 102 10.15 -8.13 7.62
CA CYS A 102 10.89 -7.06 8.22
C CYS A 102 12.32 -6.89 7.64
N VAL A 103 12.95 -5.91 8.24
CA VAL A 103 14.05 -5.16 7.66
C VAL A 103 14.76 -4.26 8.67
N ALA A 104 14.15 -3.99 9.83
CA ALA A 104 14.80 -3.41 10.99
C ALA A 104 15.68 -4.48 11.60
N GLU A 105 16.99 -4.29 11.48
CA GLU A 105 18.07 -5.13 12.02
C GLU A 105 18.36 -6.36 11.13
N ARG A 106 17.31 -7.04 10.64
CA ARG A 106 17.39 -8.31 9.90
C ARG A 106 17.69 -8.13 8.39
N ALA B 10 10.42 -4.59 0.21
CA ALA B 10 9.05 -5.03 0.47
C ALA B 10 7.98 -4.53 -0.52
N LEU B 11 7.04 -5.42 -0.83
CA LEU B 11 5.83 -5.16 -1.59
C LEU B 11 4.61 -5.49 -0.73
N ALA B 12 4.19 -6.77 -0.65
CA ALA B 12 3.14 -7.19 0.28
C ALA B 12 3.53 -7.11 1.77
N ARG B 13 4.78 -6.78 2.12
CA ARG B 13 5.15 -6.33 3.47
C ARG B 13 4.89 -4.82 3.59
N LEU B 14 5.28 -4.03 2.58
CA LEU B 14 5.23 -2.57 2.56
C LEU B 14 3.78 -2.06 2.63
N GLY B 15 2.89 -2.61 1.79
CA GLY B 15 1.44 -2.34 1.85
C GLY B 15 0.74 -2.89 3.09
N ARG B 16 1.45 -3.67 3.93
CA ARG B 16 1.01 -4.08 5.28
C ARG B 16 1.50 -3.02 6.29
N ALA B 17 2.75 -2.58 6.20
CA ALA B 17 3.42 -1.63 7.12
C ALA B 17 2.87 -0.19 7.03
N LEU B 18 2.62 0.32 5.83
CA LEU B 18 2.07 1.66 5.60
C LEU B 18 0.67 1.80 6.18
N ALA B 19 -0.13 0.74 6.03
CA ALA B 19 -1.55 0.72 6.39
C ALA B 19 -1.85 0.09 7.75
N ASP B 20 -0.84 -0.43 8.47
CA ASP B 20 -0.96 -1.02 9.80
C ASP B 20 -1.62 -0.06 10.82
N PRO B 21 -2.37 -0.60 11.81
CA PRO B 21 -3.28 0.10 12.72
C PRO B 21 -2.76 1.47 13.16
N THR B 22 -1.71 1.46 13.97
CA THR B 22 -1.04 2.62 14.53
C THR B 22 0.10 3.11 13.65
N ARG B 23 0.69 2.31 12.76
CA ARG B 23 1.75 2.81 11.87
C ARG B 23 1.23 3.85 10.89
N CYS B 24 0.06 3.64 10.27
CA CYS B 24 -0.62 4.68 9.49
C CYS B 24 -0.83 5.96 10.31
N ARG B 25 -1.37 5.80 11.52
CA ARG B 25 -1.59 6.89 12.48
C ARG B 25 -0.29 7.63 12.84
N ILE B 26 0.75 6.94 13.30
CA ILE B 26 2.14 7.46 13.49
C ILE B 26 2.60 8.27 12.29
N LEU B 27 2.52 7.68 11.09
CA LEU B 27 3.05 8.29 9.88
C LEU B 27 2.27 9.52 9.43
N VAL B 28 0.94 9.57 9.57
CA VAL B 28 0.13 10.75 9.23
C VAL B 28 0.25 11.85 10.29
N ALA B 29 0.54 11.47 11.54
CA ALA B 29 0.84 12.39 12.63
C ALA B 29 2.26 12.96 12.56
N LEU B 30 3.21 12.29 11.89
CA LEU B 30 4.52 12.86 11.62
C LEU B 30 4.52 13.93 10.55
N LEU B 31 3.64 13.79 9.55
CA LEU B 31 3.60 14.56 8.30
C LEU B 31 3.77 16.08 8.51
N ASP B 32 2.94 16.68 9.37
CA ASP B 32 3.08 18.06 9.87
C ASP B 32 3.76 18.10 11.26
N GLY B 33 3.91 16.94 11.91
CA GLY B 33 4.29 16.78 13.32
C GLY B 33 5.76 16.48 13.64
N VAL B 34 6.66 16.44 12.64
CA VAL B 34 8.16 16.42 12.66
C VAL B 34 8.91 17.30 13.70
N CYS B 35 8.46 17.40 14.95
CA CYS B 35 9.11 18.17 16.00
C CYS B 35 10.23 17.39 16.67
N TYR B 36 9.92 16.40 17.52
CA TYR B 36 10.93 15.74 18.36
C TYR B 36 10.78 14.20 18.41
N PRO B 37 11.78 13.42 18.85
CA PRO B 37 11.66 11.96 18.92
C PRO B 37 10.57 11.59 19.92
N GLY B 38 9.64 10.70 19.51
CA GLY B 38 8.51 10.27 20.34
C GLY B 38 7.39 11.30 20.52
N GLN B 39 7.43 12.47 19.87
CA GLN B 39 6.41 13.52 20.05
C GLN B 39 4.99 13.06 19.71
N LEU B 40 4.88 12.05 18.84
CA LEU B 40 3.64 11.41 18.41
C LEU B 40 2.81 10.94 19.60
N ALA B 41 3.42 10.77 20.78
CA ALA B 41 2.72 10.37 21.99
C ALA B 41 1.66 11.39 22.42
N ALA B 42 1.86 12.68 22.11
CA ALA B 42 0.84 13.71 22.25
C ALA B 42 -0.16 13.64 21.08
N HIS B 43 0.33 13.62 19.84
CA HIS B 43 -0.52 13.61 18.63
C HIS B 43 -1.54 12.45 18.60
N LEU B 44 -1.13 11.28 19.07
CA LEU B 44 -1.89 10.04 19.08
C LEU B 44 -2.60 9.79 20.42
N GLY B 45 -2.15 10.41 21.51
CA GLY B 45 -2.59 10.08 22.88
C GLY B 45 -2.04 8.72 23.37
N LEU B 46 -1.09 8.12 22.64
CA LEU B 46 -0.55 6.78 22.89
C LEU B 46 0.81 6.85 23.59
N THR B 47 1.07 5.94 24.55
CA THR B 47 2.26 6.03 25.42
C THR B 47 3.56 6.04 24.62
N ARG B 48 4.53 6.82 25.10
CA ARG B 48 5.85 6.99 24.49
C ARG B 48 6.64 5.68 24.36
N SER B 49 6.30 4.62 25.09
CA SER B 49 6.81 3.26 24.83
C SER B 49 6.14 2.72 23.55
N ASN B 50 4.81 2.54 23.55
CA ASN B 50 4.01 2.11 22.40
C ASN B 50 4.34 2.87 21.10
N VAL B 51 4.44 4.19 21.14
CA VAL B 51 4.83 5.03 20.00
C VAL B 51 6.28 4.75 19.54
N SER B 52 7.22 4.56 20.47
CA SER B 52 8.61 4.20 20.12
C SER B 52 8.69 2.81 19.48
N ASN B 53 7.89 1.86 19.98
CA ASN B 53 7.71 0.52 19.43
C ASN B 53 7.21 0.54 17.98
N HIS B 54 6.22 1.36 17.64
CA HIS B 54 5.82 1.55 16.23
C HIS B 54 6.94 2.19 15.37
N LEU B 55 7.65 3.20 15.89
CA LEU B 55 8.73 3.86 15.16
C LEU B 55 9.93 2.93 14.92
N SER B 56 10.21 1.99 15.82
CA SER B 56 11.37 1.09 15.66
C SER B 56 11.32 0.22 14.40
N CYS B 57 10.13 -0.13 13.89
CA CYS B 57 9.95 -0.75 12.59
C CYS B 57 10.24 0.24 11.45
N LEU B 58 9.61 1.41 11.52
CA LEU B 58 9.58 2.46 10.50
C LEU B 58 10.97 3.06 10.22
N ARG B 59 11.78 3.27 11.26
CA ARG B 59 13.18 3.73 11.16
C ARG B 59 14.14 2.62 10.70
N GLY B 60 13.68 1.38 10.55
CA GLY B 60 14.43 0.26 9.96
C GLY B 60 13.96 -0.07 8.53
N CYS B 61 12.64 0.01 8.31
CA CYS B 61 11.96 -0.03 7.03
C CYS B 61 12.35 1.13 6.07
N GLY B 62 13.14 2.11 6.54
CA GLY B 62 13.53 3.31 5.80
C GLY B 62 12.37 4.26 5.52
N LEU B 63 11.22 4.09 6.18
CA LEU B 63 10.05 4.95 6.05
C LEU B 63 10.25 6.34 6.69
N VAL B 64 11.13 6.42 7.68
CA VAL B 64 11.40 7.63 8.49
C VAL B 64 12.88 7.79 8.79
N VAL B 65 13.31 9.04 8.79
CA VAL B 65 14.69 9.51 8.93
C VAL B 65 14.78 10.48 10.12
N ALA B 66 15.86 10.39 10.91
CA ALA B 66 16.21 11.36 11.95
C ALA B 66 17.15 12.46 11.45
N THR B 67 17.00 13.66 11.99
CA THR B 67 17.67 14.91 11.58
C THR B 67 17.41 15.95 12.68
N TYR B 68 18.09 17.09 12.68
CA TYR B 68 17.84 18.19 13.63
C TYR B 68 16.65 19.09 13.25
N GLU B 69 16.06 19.75 14.26
CA GLU B 69 15.18 20.91 14.08
C GLU B 69 16.00 22.20 14.35
N GLY B 70 17.05 22.12 15.18
CA GLY B 70 18.06 23.14 15.45
C GLY B 70 18.50 23.21 16.92
N ARG B 71 17.57 22.89 17.85
CA ARG B 71 17.69 22.84 19.31
C ARG B 71 17.53 21.40 19.86
N GLN B 72 16.96 20.49 19.07
CA GLN B 72 16.68 19.09 19.32
C GLN B 72 16.71 18.31 17.99
N VAL B 73 16.73 16.98 18.05
CA VAL B 73 16.48 16.14 16.87
C VAL B 73 14.98 15.92 16.65
N ARG B 74 14.64 15.44 15.45
CA ARG B 74 13.29 15.15 14.99
C ARG B 74 13.27 13.83 14.22
N TYR B 75 12.06 13.33 13.97
CA TYR B 75 11.80 12.23 13.04
C TYR B 75 10.88 12.75 11.93
N ALA B 76 11.21 12.44 10.68
CA ALA B 76 10.43 12.84 9.50
C ALA B 76 10.31 11.67 8.54
N LEU B 77 9.23 11.61 7.77
CA LEU B 77 9.11 10.69 6.64
C LEU B 77 10.29 10.87 5.68
N ALA B 78 10.71 9.80 5.01
CA ALA B 78 11.95 9.81 4.24
C ALA B 78 11.96 10.82 3.08
N ASP B 79 10.81 10.99 2.41
CA ASP B 79 10.59 11.93 1.30
C ASP B 79 9.08 12.20 1.05
N SER B 80 8.84 13.28 0.31
CA SER B 80 7.58 13.67 -0.30
C SER B 80 6.85 12.51 -1.00
N HIS B 81 7.58 11.54 -1.57
CA HIS B 81 7.07 10.28 -2.08
C HIS B 81 6.21 9.54 -1.06
N LEU B 82 6.68 9.35 0.16
CA LEU B 82 5.90 8.65 1.19
C LEU B 82 4.76 9.54 1.64
N ALA B 83 5.06 10.81 1.94
CA ALA B 83 4.11 11.79 2.45
C ALA B 83 2.84 11.92 1.60
N ARG B 84 2.91 11.91 0.26
CA ARG B 84 1.71 12.00 -0.57
C ARG B 84 0.82 10.75 -0.50
N ALA B 85 1.39 9.55 -0.63
CA ALA B 85 0.63 8.29 -0.58
C ALA B 85 -0.02 8.09 0.79
N LEU B 86 0.75 8.36 1.84
CA LEU B 86 0.31 8.43 3.23
C LEU B 86 -0.84 9.42 3.38
N GLY B 87 -0.66 10.65 2.89
CA GLY B 87 -1.62 11.75 3.02
C GLY B 87 -2.95 11.53 2.29
N GLU B 88 -3.02 10.53 1.40
CA GLU B 88 -4.26 10.05 0.78
C GLU B 88 -4.64 8.60 1.15
N LEU B 89 -4.08 8.05 2.24
CA LEU B 89 -4.44 6.80 2.95
C LEU B 89 -4.29 5.50 2.13
N VAL B 90 -3.79 5.63 0.91
CA VAL B 90 -3.71 4.58 -0.12
C VAL B 90 -5.11 4.30 -0.70
N GLN B 91 -5.93 5.36 -0.79
CA GLN B 91 -6.44 5.85 -2.08
C GLN B 91 -7.66 5.09 -2.63
N VAL B 92 -7.98 3.91 -2.09
CA VAL B 92 -9.16 3.04 -2.35
C VAL B 92 -10.50 3.66 -1.88
N VAL B 93 -10.58 4.96 -2.10
CA VAL B 93 -11.73 5.84 -1.83
C VAL B 93 -11.95 6.11 -0.33
N LEU B 94 -10.87 6.03 0.49
CA LEU B 94 -10.85 6.19 1.96
C LEU B 94 -11.21 4.86 2.62
N ALA B 95 -10.18 4.07 2.89
CA ALA B 95 -10.28 2.79 3.55
C ALA B 95 -10.81 2.87 4.99
N VAL B 96 -11.51 1.82 5.41
CA VAL B 96 -12.06 1.64 6.77
C VAL B 96 -11.00 1.70 7.88
N ASP B 97 -11.43 2.04 9.10
CA ASP B 97 -10.62 1.95 10.32
C ASP B 97 -10.65 0.50 10.87
N THR B 98 -10.11 -0.46 10.10
CA THR B 98 -10.15 -1.90 10.37
C THR B 98 -9.06 -2.64 9.60
N ASP B 99 -8.54 -3.72 10.17
CA ASP B 99 -7.71 -4.73 9.52
C ASP B 99 -8.48 -6.08 9.57
N GLN B 100 -8.50 -6.87 8.50
CA GLN B 100 -9.41 -8.03 8.35
C GLN B 100 -8.91 -9.03 7.26
N PRO B 101 -9.47 -10.24 7.09
CA PRO B 101 -8.83 -11.28 6.26
C PRO B 101 -9.28 -11.38 4.82
N CYS B 102 -8.29 -11.19 3.93
CA CYS B 102 -8.49 -10.89 2.51
C CYS B 102 -9.57 -9.81 2.47
N VAL B 103 -10.70 -10.23 1.93
CA VAL B 103 -12.01 -9.61 1.89
C VAL B 103 -12.95 -10.29 0.85
N ALA B 104 -12.41 -10.79 -0.27
CA ALA B 104 -13.19 -11.48 -1.30
C ALA B 104 -13.96 -12.68 -0.71
N GLU B 105 -15.29 -12.70 -0.87
CA GLU B 105 -16.27 -13.65 -0.32
C GLU B 105 -16.46 -13.51 1.21
N ARG B 106 -15.35 -13.48 1.96
CA ARG B 106 -15.36 -13.56 3.43
C ARG B 106 -15.92 -12.31 4.12
CD CD C . -8.68 -10.26 -1.85
CD CD D . 9.93 -2.86 9.84
N ALA A 10 -10.74 -0.65 2.71
CA ALA A 10 -9.89 -0.43 3.88
C ALA A 10 -8.41 -0.29 3.54
N LEU A 11 -7.67 0.43 4.38
CA LEU A 11 -6.19 0.47 4.35
C LEU A 11 -5.59 -0.95 4.43
N ALA A 12 -6.20 -1.81 5.25
CA ALA A 12 -5.82 -3.20 5.48
C ALA A 12 -6.19 -4.15 4.32
N ARG A 13 -7.11 -3.74 3.44
CA ARG A 13 -7.37 -4.39 2.15
C ARG A 13 -6.35 -3.91 1.12
N LEU A 14 -6.27 -2.59 0.91
CA LEU A 14 -5.46 -1.92 -0.11
C LEU A 14 -4.00 -2.31 0.04
N GLY A 15 -3.38 -1.98 1.18
CA GLY A 15 -1.95 -2.15 1.38
C GLY A 15 -1.53 -3.60 1.26
N ARG A 16 -2.39 -4.52 1.74
CA ARG A 16 -2.15 -5.96 1.71
C ARG A 16 -2.15 -6.49 0.27
N ALA A 17 -3.19 -6.18 -0.51
CA ALA A 17 -3.29 -6.56 -1.93
C ALA A 17 -2.16 -5.99 -2.80
N LEU A 18 -1.56 -4.85 -2.45
CA LEU A 18 -0.39 -4.26 -3.12
C LEU A 18 0.96 -4.73 -2.55
N ALA A 19 0.98 -5.37 -1.37
CA ALA A 19 2.15 -6.05 -0.80
C ALA A 19 2.39 -7.47 -1.37
N ASP A 20 1.36 -8.07 -1.95
CA ASP A 20 1.38 -9.34 -2.65
C ASP A 20 2.09 -9.17 -4.00
N PRO A 21 2.90 -10.17 -4.40
CA PRO A 21 3.88 -10.13 -5.48
C PRO A 21 3.30 -9.66 -6.83
N THR A 22 2.71 -10.59 -7.57
CA THR A 22 2.10 -10.35 -8.88
C THR A 22 0.82 -9.55 -8.75
N ARG A 23 0.23 -9.43 -7.56
CA ARG A 23 -1.04 -8.71 -7.34
C ARG A 23 -0.91 -7.19 -7.55
N CYS A 24 0.19 -6.58 -7.08
CA CYS A 24 0.51 -5.18 -7.41
C CYS A 24 0.66 -5.00 -8.93
N ARG A 25 1.29 -5.97 -9.61
CA ARG A 25 1.37 -6.02 -11.07
C ARG A 25 0.02 -6.23 -11.79
N ILE A 26 -0.86 -7.11 -11.31
CA ILE A 26 -2.27 -7.26 -11.80
C ILE A 26 -2.99 -5.93 -11.86
N LEU A 27 -2.85 -5.10 -10.81
CA LEU A 27 -3.43 -3.75 -10.83
C LEU A 27 -2.79 -2.83 -11.90
N VAL A 28 -1.55 -3.07 -12.32
CA VAL A 28 -0.89 -2.40 -13.46
C VAL A 28 -1.35 -2.95 -14.83
N ALA A 29 -1.73 -4.22 -14.90
CA ALA A 29 -2.21 -4.86 -16.14
C ALA A 29 -3.63 -4.40 -16.52
N LEU A 30 -4.47 -4.12 -15.53
CA LEU A 30 -5.81 -3.54 -15.73
C LEU A 30 -5.85 -2.02 -15.82
N LEU A 31 -4.74 -1.38 -15.51
CA LEU A 31 -4.55 0.02 -15.85
C LEU A 31 -4.63 0.25 -17.40
N ASP A 32 -4.37 -0.81 -18.19
CA ASP A 32 -4.21 -0.82 -19.66
C ASP A 32 -5.15 -1.80 -20.39
N GLY A 33 -5.06 -3.10 -20.07
CA GLY A 33 -5.64 -4.22 -20.84
C GLY A 33 -7.13 -4.27 -20.77
N VAL A 34 -7.60 -4.72 -19.62
CA VAL A 34 -9.01 -4.90 -19.27
C VAL A 34 -9.84 -5.59 -20.37
N CYS A 35 -9.22 -6.53 -21.11
CA CYS A 35 -9.87 -7.19 -22.25
C CYS A 35 -10.75 -8.35 -21.80
N TYR A 36 -10.18 -9.24 -21.00
CA TYR A 36 -10.80 -10.54 -20.64
C TYR A 36 -10.14 -11.26 -19.45
N PRO A 37 -10.85 -12.17 -18.74
CA PRO A 37 -10.29 -13.00 -17.68
C PRO A 37 -9.18 -13.89 -18.25
N GLY A 38 -7.92 -13.53 -17.97
CA GLY A 38 -6.74 -14.20 -18.50
C GLY A 38 -5.90 -13.34 -19.45
N GLN A 39 -6.37 -12.18 -19.92
CA GLN A 39 -5.55 -11.27 -20.75
C GLN A 39 -4.26 -10.86 -20.02
N LEU A 40 -4.35 -10.73 -18.70
CA LEU A 40 -3.29 -10.31 -17.80
C LEU A 40 -2.13 -11.30 -17.79
N ALA A 41 -2.37 -12.55 -18.21
CA ALA A 41 -1.35 -13.59 -18.25
C ALA A 41 -0.28 -13.31 -19.30
N ALA A 42 -0.65 -12.63 -20.39
CA ALA A 42 0.32 -12.10 -21.36
C ALA A 42 1.09 -10.92 -20.76
N HIS A 43 0.39 -9.99 -20.11
CA HIS A 43 1.00 -8.79 -19.51
C HIS A 43 2.01 -9.10 -18.38
N LEU A 44 1.76 -10.15 -17.58
CA LEU A 44 2.56 -10.50 -16.40
C LEU A 44 3.50 -11.68 -16.63
N GLY A 45 3.28 -12.47 -17.68
CA GLY A 45 4.06 -13.68 -17.95
C GLY A 45 3.68 -14.87 -17.06
N LEU A 46 2.76 -14.72 -16.11
CA LEU A 46 2.31 -15.82 -15.25
C LEU A 46 0.91 -16.29 -15.66
N THR A 47 0.67 -17.59 -15.47
CA THR A 47 -0.54 -18.27 -15.92
C THR A 47 -1.82 -17.62 -15.41
N ARG A 48 -2.88 -17.78 -16.22
CA ARG A 48 -4.27 -17.44 -15.88
C ARG A 48 -4.74 -18.02 -14.55
N SER A 49 -4.12 -19.08 -14.03
CA SER A 49 -4.37 -19.57 -12.66
C SER A 49 -3.82 -18.61 -11.60
N ASN A 50 -2.53 -18.27 -11.62
CA ASN A 50 -1.92 -17.29 -10.70
C ASN A 50 -2.53 -15.88 -10.87
N VAL A 51 -2.74 -15.45 -12.12
CA VAL A 51 -3.46 -14.23 -12.45
C VAL A 51 -4.85 -14.20 -11.78
N SER A 52 -5.63 -15.28 -11.88
CA SER A 52 -6.94 -15.34 -11.22
C SER A 52 -6.85 -15.34 -9.69
N ASN A 53 -5.83 -15.99 -9.14
CA ASN A 53 -5.57 -16.01 -7.69
C ASN A 53 -5.34 -14.59 -7.18
N HIS A 54 -4.43 -13.85 -7.80
CA HIS A 54 -4.20 -12.46 -7.42
C HIS A 54 -5.38 -11.52 -7.75
N LEU A 55 -6.19 -11.81 -8.77
CA LEU A 55 -7.47 -11.10 -8.98
C LEU A 55 -8.54 -11.45 -7.93
N SER A 56 -8.44 -12.58 -7.22
CA SER A 56 -9.54 -13.06 -6.39
C SER A 56 -9.89 -12.10 -5.24
N CYS A 57 -8.89 -11.70 -4.45
CA CYS A 57 -9.06 -10.71 -3.39
C CYS A 57 -9.67 -9.41 -3.97
N LEU A 58 -9.00 -8.99 -5.03
CA LEU A 58 -9.17 -7.80 -5.85
C LEU A 58 -10.62 -7.57 -6.29
N ARG A 59 -11.35 -8.62 -6.68
CA ARG A 59 -12.76 -8.55 -7.12
C ARG A 59 -13.77 -8.43 -5.97
N GLY A 60 -13.42 -8.90 -4.75
CA GLY A 60 -14.30 -8.80 -3.58
C GLY A 60 -14.05 -7.51 -2.81
N CYS A 61 -12.79 -7.29 -2.44
CA CYS A 61 -12.28 -6.15 -1.68
C CYS A 61 -12.37 -4.83 -2.48
N GLY A 62 -12.81 -4.96 -3.75
CA GLY A 62 -13.29 -3.91 -4.63
C GLY A 62 -12.23 -3.18 -5.43
N LEU A 63 -10.98 -3.65 -5.46
CA LEU A 63 -9.94 -3.00 -6.26
C LEU A 63 -10.14 -3.18 -7.78
N VAL A 64 -10.87 -4.22 -8.18
CA VAL A 64 -11.35 -4.50 -9.55
C VAL A 64 -12.84 -4.89 -9.60
N VAL A 65 -13.44 -4.66 -10.78
CA VAL A 65 -14.84 -4.92 -11.14
C VAL A 65 -14.92 -5.65 -12.50
N ALA A 66 -15.98 -6.43 -12.75
CA ALA A 66 -16.27 -7.12 -14.01
C ALA A 66 -17.26 -6.34 -14.89
N THR A 67 -17.09 -6.41 -16.21
CA THR A 67 -17.90 -5.71 -17.22
C THR A 67 -18.13 -6.63 -18.41
N TYR A 68 -19.30 -6.55 -19.04
CA TYR A 68 -19.53 -7.19 -20.34
C TYR A 68 -18.97 -6.32 -21.48
N GLU A 69 -17.97 -6.84 -22.19
CA GLU A 69 -17.46 -6.30 -23.45
C GLU A 69 -18.24 -6.87 -24.64
N GLY A 70 -18.09 -6.27 -25.83
CA GLY A 70 -18.91 -6.55 -27.04
C GLY A 70 -18.77 -7.94 -27.67
N ARG A 71 -18.18 -8.90 -26.95
CA ARG A 71 -17.98 -10.32 -27.36
C ARG A 71 -17.50 -11.24 -26.23
N GLN A 72 -17.27 -10.73 -25.01
CA GLN A 72 -16.61 -11.41 -23.89
C GLN A 72 -16.82 -10.59 -22.62
N VAL A 73 -16.58 -11.15 -21.42
CA VAL A 73 -16.53 -10.36 -20.18
C VAL A 73 -15.08 -9.95 -19.86
N ARG A 74 -14.87 -8.88 -19.08
CA ARG A 74 -13.56 -8.37 -18.71
C ARG A 74 -13.40 -8.19 -17.19
N TYR A 75 -12.21 -7.76 -16.79
CA TYR A 75 -11.89 -7.23 -15.47
C TYR A 75 -11.27 -5.84 -15.64
N ALA A 76 -11.75 -4.81 -14.96
CA ALA A 76 -11.16 -3.47 -14.95
C ALA A 76 -10.97 -3.00 -13.50
N LEU A 77 -10.07 -2.05 -13.26
CA LEU A 77 -9.98 -1.42 -11.94
C LEU A 77 -11.25 -0.60 -11.67
N ALA A 78 -11.58 -0.43 -10.40
CA ALA A 78 -12.87 0.12 -9.97
C ALA A 78 -13.10 1.60 -10.31
N ASP A 79 -12.06 2.44 -10.25
CA ASP A 79 -12.13 3.85 -10.61
C ASP A 79 -10.75 4.47 -10.95
N SER A 80 -10.86 5.57 -11.70
CA SER A 80 -9.86 6.59 -12.00
C SER A 80 -8.91 6.86 -10.82
N HIS A 81 -9.43 6.88 -9.57
CA HIS A 81 -8.71 6.91 -8.30
C HIS A 81 -7.53 5.93 -8.27
N LEU A 82 -7.80 4.62 -8.32
CA LEU A 82 -6.74 3.61 -8.14
C LEU A 82 -5.90 3.40 -9.40
N ALA A 83 -6.45 3.69 -10.58
CA ALA A 83 -5.68 3.78 -11.81
C ALA A 83 -4.66 4.92 -11.73
N ARG A 84 -5.09 6.11 -11.25
CA ARG A 84 -4.24 7.28 -11.07
C ARG A 84 -3.12 7.04 -10.04
N ALA A 85 -3.46 6.59 -8.83
CA ALA A 85 -2.47 6.42 -7.76
C ALA A 85 -1.38 5.40 -8.11
N LEU A 86 -1.73 4.32 -8.83
CA LEU A 86 -0.73 3.38 -9.33
C LEU A 86 0.07 4.00 -10.50
N GLY A 87 -0.61 4.71 -11.41
CA GLY A 87 -0.03 5.35 -12.60
C GLY A 87 1.00 6.44 -12.30
N GLU A 88 0.71 7.32 -11.34
CA GLU A 88 1.63 8.36 -10.85
C GLU A 88 2.73 7.81 -9.92
N LEU A 89 2.67 6.49 -9.66
CA LEU A 89 3.64 5.61 -9.02
C LEU A 89 3.66 5.80 -7.52
N VAL A 90 3.46 4.74 -6.73
CA VAL A 90 3.23 4.81 -5.26
C VAL A 90 4.53 5.10 -4.48
N GLN A 91 5.52 5.68 -5.16
CA GLN A 91 6.23 6.85 -4.68
C GLN A 91 7.38 6.47 -3.73
N VAL A 92 7.43 5.21 -3.28
CA VAL A 92 8.54 4.48 -2.61
C VAL A 92 9.69 4.22 -3.61
N VAL A 93 9.99 5.30 -4.30
CA VAL A 93 10.86 5.45 -5.45
C VAL A 93 10.27 4.82 -6.72
N LEU A 94 9.70 3.62 -6.59
CA LEU A 94 9.25 2.66 -7.60
C LEU A 94 8.96 1.36 -6.85
N ALA A 95 7.68 1.02 -6.63
CA ALA A 95 7.26 -0.30 -6.14
C ALA A 95 7.70 -1.44 -7.09
N VAL A 96 8.96 -1.86 -6.93
CA VAL A 96 9.73 -2.90 -7.64
C VAL A 96 9.03 -4.22 -7.91
N ASP A 97 9.60 -4.99 -8.84
CA ASP A 97 9.30 -6.40 -9.08
C ASP A 97 10.24 -7.27 -8.23
N THR A 98 9.97 -7.30 -6.91
CA THR A 98 10.52 -8.21 -5.88
C THR A 98 10.11 -7.81 -4.46
N ASP A 99 9.80 -8.84 -3.72
CA ASP A 99 9.20 -8.89 -2.38
C ASP A 99 10.23 -8.85 -1.25
N GLN A 100 11.40 -8.23 -1.50
CA GLN A 100 12.59 -8.15 -0.60
C GLN A 100 12.19 -8.09 0.89
N PRO A 101 12.85 -8.86 1.79
CA PRO A 101 12.41 -9.16 3.17
C PRO A 101 12.22 -7.99 4.15
N CYS A 102 11.27 -8.20 5.08
CA CYS A 102 11.03 -7.35 6.24
C CYS A 102 12.23 -7.46 7.21
N VAL A 103 12.86 -6.32 7.49
CA VAL A 103 14.17 -6.29 8.14
C VAL A 103 14.19 -5.87 9.63
N ALA A 104 13.38 -4.90 10.05
CA ALA A 104 13.32 -4.49 11.47
C ALA A 104 12.32 -5.31 12.31
N GLU A 105 11.51 -6.16 11.67
CA GLU A 105 10.66 -7.15 12.30
C GLU A 105 10.96 -8.51 11.67
N ARG A 106 11.30 -9.48 12.53
CA ARG A 106 11.85 -10.78 12.13
C ARG A 106 10.90 -11.52 11.19
N ALA B 10 10.79 -2.37 -0.92
CA ALA B 10 9.94 -3.34 -1.64
C ALA B 10 8.44 -3.05 -1.52
N LEU B 11 7.65 -3.51 -2.50
CA LEU B 11 6.18 -3.51 -2.44
C LEU B 11 5.66 -4.23 -1.18
N ALA B 12 6.26 -5.36 -0.86
CA ALA B 12 5.93 -6.20 0.28
C ALA B 12 6.33 -5.56 1.63
N ARG B 13 7.19 -4.55 1.62
CA ARG B 13 7.45 -3.69 2.78
C ARG B 13 6.42 -2.56 2.85
N LEU B 14 6.28 -1.79 1.76
CA LEU B 14 5.41 -0.61 1.66
C LEU B 14 3.97 -0.99 2.01
N GLY B 15 3.35 -1.89 1.25
CA GLY B 15 1.93 -2.18 1.37
C GLY B 15 1.59 -2.78 2.73
N ARG B 16 2.46 -3.65 3.23
CA ARG B 16 2.36 -4.29 4.55
C ARG B 16 2.37 -3.25 5.67
N ALA B 17 3.32 -2.31 5.63
CA ALA B 17 3.40 -1.22 6.61
C ALA B 17 2.23 -0.23 6.53
N LEU B 18 1.63 -0.02 5.35
CA LEU B 18 0.44 0.84 5.18
C LEU B 18 -0.89 0.08 5.37
N ALA B 19 -0.89 -1.24 5.50
CA ALA B 19 -2.04 -2.09 5.83
C ALA B 19 -2.27 -2.28 7.34
N ASP B 20 -1.27 -1.98 8.16
CA ASP B 20 -1.32 -1.97 9.62
C ASP B 20 -2.04 -0.71 10.14
N PRO B 21 -2.77 -0.82 11.27
CA PRO B 21 -3.71 0.17 11.81
C PRO B 21 -3.03 1.52 12.11
N THR B 22 -2.37 1.63 13.27
CA THR B 22 -1.61 2.82 13.67
C THR B 22 -0.49 3.12 12.68
N ARG B 23 0.06 2.11 12.01
CA ARG B 23 1.26 2.26 11.17
C ARG B 23 1.03 3.13 9.92
N CYS B 24 -0.12 2.99 9.25
CA CYS B 24 -0.54 3.91 8.19
C CYS B 24 -0.64 5.35 8.75
N ARG B 25 -1.28 5.50 9.91
CA ARG B 25 -1.39 6.78 10.62
C ARG B 25 -0.06 7.39 11.10
N ILE B 26 0.92 6.61 11.55
CA ILE B 26 2.29 7.06 11.89
C ILE B 26 2.91 7.93 10.79
N LEU B 27 2.72 7.56 9.54
CA LEU B 27 3.20 8.35 8.39
C LEU B 27 2.37 9.63 8.17
N VAL B 28 1.07 9.66 8.51
CA VAL B 28 0.23 10.87 8.40
C VAL B 28 0.48 11.86 9.55
N ALA B 29 0.95 11.34 10.69
CA ALA B 29 1.47 12.09 11.81
C ALA B 29 2.82 12.71 11.40
N LEU B 30 3.77 11.87 11.00
CA LEU B 30 5.14 12.28 10.65
C LEU B 30 5.30 13.25 9.50
N LEU B 31 4.32 13.29 8.62
CA LEU B 31 4.14 14.30 7.57
C LEU B 31 4.42 15.73 8.09
N ASP B 32 4.11 15.99 9.36
CA ASP B 32 4.48 17.16 10.18
C ASP B 32 5.32 16.77 11.42
N GLY B 33 5.09 15.57 11.95
CA GLY B 33 5.49 15.05 13.26
C GLY B 33 6.95 14.70 13.41
N VAL B 34 7.78 15.28 12.56
CA VAL B 34 9.24 15.22 12.55
C VAL B 34 9.91 15.87 13.78
N CYS B 35 9.25 15.88 14.93
CA CYS B 35 9.73 16.51 16.16
C CYS B 35 10.65 15.59 16.95
N TYR B 36 10.14 14.45 17.45
CA TYR B 36 10.88 13.60 18.39
C TYR B 36 10.29 12.18 18.59
N PRO B 37 11.09 11.18 18.99
CA PRO B 37 10.61 9.83 19.29
C PRO B 37 9.56 9.89 20.39
N GLY B 38 8.34 9.45 20.08
CA GLY B 38 7.19 9.54 20.99
C GLY B 38 6.31 10.79 20.80
N GLN B 39 6.71 11.79 19.99
CA GLN B 39 5.82 12.92 19.66
C GLN B 39 4.50 12.42 19.06
N LEU B 40 4.60 11.36 18.25
CA LEU B 40 3.52 10.74 17.48
C LEU B 40 2.41 10.21 18.37
N ALA B 41 2.71 9.99 19.65
CA ALA B 41 1.73 9.56 20.64
C ALA B 41 0.67 10.63 20.91
N ALA B 42 1.04 11.91 20.80
CA ALA B 42 0.08 13.01 20.83
C ALA B 42 -0.73 13.07 19.52
N HIS B 43 -0.07 12.93 18.36
CA HIS B 43 -0.75 12.97 17.06
C HIS B 43 -1.78 11.83 16.84
N LEU B 44 -1.52 10.64 17.40
CA LEU B 44 -2.34 9.42 17.21
C LEU B 44 -3.22 9.08 18.40
N GLY B 45 -2.93 9.62 19.59
CA GLY B 45 -3.63 9.25 20.83
C GLY B 45 -3.22 7.90 21.39
N LEU B 46 -2.30 7.17 20.74
CA LEU B 46 -1.79 5.89 21.23
C LEU B 46 -0.36 6.03 21.75
N THR B 47 -0.06 5.29 22.83
CA THR B 47 1.18 5.35 23.59
C THR B 47 2.44 5.24 22.73
N ARG B 48 3.51 5.88 23.20
CA ARG B 48 4.89 5.76 22.69
C ARG B 48 5.36 4.29 22.54
N SER B 49 4.75 3.34 23.24
CA SER B 49 4.93 1.90 23.03
C SER B 49 4.37 1.43 21.66
N ASN B 50 3.06 1.53 21.41
CA ASN B 50 2.44 1.13 20.12
C ASN B 50 2.92 2.02 18.96
N VAL B 51 3.12 3.31 19.20
CA VAL B 51 3.79 4.22 18.26
C VAL B 51 5.17 3.66 17.87
N SER B 52 6.00 3.25 18.84
CA SER B 52 7.32 2.66 18.53
C SER B 52 7.24 1.31 17.84
N ASN B 53 6.29 0.44 18.21
CA ASN B 53 6.06 -0.83 17.51
C ASN B 53 5.84 -0.58 16.02
N HIS B 54 4.87 0.28 15.70
CA HIS B 54 4.59 0.55 14.29
C HIS B 54 5.70 1.37 13.59
N LEU B 55 6.50 2.17 14.30
CA LEU B 55 7.73 2.76 13.75
C LEU B 55 8.82 1.72 13.48
N SER B 56 8.84 0.59 14.17
CA SER B 56 9.99 -0.33 14.11
C SER B 56 10.29 -0.83 12.70
N CYS B 57 9.29 -1.43 12.03
CA CYS B 57 9.36 -1.82 10.64
C CYS B 57 9.77 -0.61 9.78
N LEU B 58 9.02 0.47 9.97
CA LEU B 58 9.06 1.73 9.25
C LEU B 58 10.47 2.31 9.08
N ARG B 59 11.36 2.19 10.08
CA ARG B 59 12.73 2.73 10.00
C ARG B 59 13.73 1.80 9.30
N GLY B 60 13.54 0.47 9.42
CA GLY B 60 14.43 -0.53 8.81
C GLY B 60 14.04 -0.78 7.36
N CYS B 61 12.73 -0.95 7.10
CA CYS B 61 12.11 -1.17 5.81
C CYS B 61 12.06 0.16 4.98
N GLY B 62 12.69 1.22 5.51
CA GLY B 62 13.07 2.47 4.85
C GLY B 62 12.06 3.62 4.81
N LEU B 63 10.83 3.41 5.27
CA LEU B 63 9.78 4.43 5.12
C LEU B 63 10.02 5.71 5.94
N VAL B 64 10.75 5.58 7.05
CA VAL B 64 11.18 6.66 7.97
C VAL B 64 12.67 6.61 8.33
N VAL B 65 13.18 7.74 8.82
CA VAL B 65 14.61 8.07 9.04
C VAL B 65 14.76 8.85 10.37
N ALA B 66 15.88 8.65 11.07
CA ALA B 66 16.28 9.44 12.25
C ALA B 66 17.27 10.56 11.87
N THR B 67 17.06 11.75 12.45
CA THR B 67 17.80 12.99 12.14
C THR B 67 17.93 13.81 13.41
N TYR B 68 19.02 14.55 13.59
CA TYR B 68 19.17 15.44 14.76
C TYR B 68 18.37 16.75 14.63
N GLU B 69 17.74 17.14 15.73
CA GLU B 69 17.12 18.43 15.97
C GLU B 69 17.87 19.24 17.03
N GLY B 70 17.59 20.55 17.11
CA GLY B 70 18.36 21.54 17.89
C GLY B 70 18.35 21.40 19.42
N ARG B 71 17.90 20.25 19.95
CA ARG B 71 17.83 19.89 21.37
C ARG B 71 17.50 18.41 21.63
N GLN B 72 17.30 17.59 20.59
CA GLN B 72 16.75 16.24 20.65
C GLN B 72 16.95 15.56 19.28
N VAL B 73 16.76 14.25 19.16
CA VAL B 73 16.68 13.58 17.84
C VAL B 73 15.23 13.45 17.38
N ARG B 74 14.98 13.27 16.07
CA ARG B 74 13.64 13.09 15.52
C ARG B 74 13.49 11.78 14.76
N TYR B 75 12.24 11.52 14.40
CA TYR B 75 11.85 10.50 13.43
C TYR B 75 11.12 11.27 12.33
N ALA B 76 11.70 11.33 11.13
CA ALA B 76 11.10 11.92 9.94
C ALA B 76 10.76 10.82 8.94
N LEU B 77 9.97 11.14 7.91
CA LEU B 77 9.74 10.27 6.77
C LEU B 77 10.86 10.49 5.74
N ALA B 78 11.20 9.46 4.98
CA ALA B 78 12.39 9.40 4.12
C ALA B 78 12.50 10.57 3.12
N ASP B 79 11.44 10.86 2.36
CA ASP B 79 11.46 11.93 1.36
C ASP B 79 10.06 12.49 1.08
N SER B 80 10.10 13.71 0.52
CA SER B 80 9.04 14.46 -0.14
C SER B 80 8.10 13.53 -0.93
N HIS B 81 8.63 12.50 -1.62
CA HIS B 81 7.92 11.39 -2.25
C HIS B 81 6.80 10.83 -1.35
N LEU B 82 7.14 10.20 -0.23
CA LEU B 82 6.16 9.48 0.59
C LEU B 82 5.34 10.42 1.48
N ALA B 83 5.86 11.61 1.80
CA ALA B 83 5.07 12.68 2.39
C ALA B 83 3.97 13.16 1.42
N ARG B 84 4.31 13.35 0.14
CA ARG B 84 3.42 13.77 -0.95
C ARG B 84 2.32 12.74 -1.24
N ALA B 85 2.66 11.47 -1.45
CA ALA B 85 1.67 10.42 -1.74
C ALA B 85 0.60 10.30 -0.64
N LEU B 86 1.01 10.38 0.62
CA LEU B 86 0.07 10.36 1.73
C LEU B 86 -0.74 11.67 1.80
N GLY B 87 -0.10 12.82 1.59
CA GLY B 87 -0.72 14.15 1.59
C GLY B 87 -1.77 14.37 0.50
N GLU B 88 -1.48 13.96 -0.74
CA GLU B 88 -2.43 13.97 -1.87
C GLU B 88 -3.45 12.81 -1.81
N LEU B 89 -3.29 11.96 -0.79
CA LEU B 89 -4.18 10.92 -0.29
C LEU B 89 -4.25 9.73 -1.26
N VAL B 90 -3.72 8.57 -0.85
CA VAL B 90 -3.60 7.30 -1.62
C VAL B 90 -4.96 6.61 -1.88
N GLN B 91 -6.03 7.40 -1.89
CA GLN B 91 -6.88 7.52 -3.08
C GLN B 91 -8.00 6.49 -3.13
N VAL B 92 -7.93 5.44 -2.30
CA VAL B 92 -8.94 4.42 -1.96
C VAL B 92 -10.18 4.98 -1.27
N VAL B 93 -10.60 6.14 -1.74
CA VAL B 93 -11.69 6.97 -1.24
C VAL B 93 -11.44 7.49 0.19
N LEU B 94 -10.15 7.57 0.56
CA LEU B 94 -9.56 7.90 1.87
C LEU B 94 -9.19 6.58 2.57
N ALA B 95 -7.89 6.33 2.74
CA ALA B 95 -7.36 5.26 3.60
C ALA B 95 -7.82 5.44 5.07
N VAL B 96 -9.08 5.07 5.34
CA VAL B 96 -9.85 5.14 6.59
C VAL B 96 -9.13 4.74 7.88
N ASP B 97 -9.62 5.28 8.99
CA ASP B 97 -9.27 4.86 10.35
C ASP B 97 -10.16 3.67 10.80
N THR B 98 -9.93 2.51 10.15
CA THR B 98 -10.42 1.16 10.47
C THR B 98 -10.03 0.15 9.40
N ASP B 99 -9.40 -0.91 9.87
CA ASP B 99 -8.90 -2.09 9.17
C ASP B 99 -10.01 -3.05 8.72
N GLN B 100 -11.13 -2.50 8.22
CA GLN B 100 -12.34 -3.19 7.74
C GLN B 100 -11.98 -4.51 7.01
N PRO B 101 -12.66 -5.63 7.32
CA PRO B 101 -12.24 -6.98 6.93
C PRO B 101 -12.28 -7.27 5.42
N CYS B 102 -11.46 -8.26 5.03
CA CYS B 102 -11.33 -8.77 3.69
C CYS B 102 -12.59 -9.56 3.23
N VAL B 103 -12.92 -9.46 1.94
CA VAL B 103 -14.12 -10.04 1.33
C VAL B 103 -13.86 -11.42 0.70
N ALA B 104 -13.10 -11.50 -0.40
CA ALA B 104 -13.00 -12.73 -1.20
C ALA B 104 -11.97 -13.79 -0.75
N GLU B 105 -11.11 -13.49 0.23
CA GLU B 105 -10.06 -14.38 0.72
C GLU B 105 -10.10 -14.43 2.24
N ARG B 106 -9.91 -15.62 2.83
CA ARG B 106 -10.13 -15.88 4.26
C ARG B 106 -9.10 -15.17 5.13
CD CD C . -9.21 -9.66 0.19
CD CD D . 9.15 -4.53 8.18
N ALA A 10 -11.09 -0.88 4.88
CA ALA A 10 -10.40 0.32 5.34
C ALA A 10 -9.04 0.50 4.65
N LEU A 11 -8.59 1.76 4.50
CA LEU A 11 -7.42 2.16 3.70
C LEU A 11 -6.13 1.39 3.99
N ALA A 12 -5.84 1.08 5.25
CA ALA A 12 -4.68 0.27 5.64
C ALA A 12 -4.78 -1.17 5.10
N ARG A 13 -5.85 -1.90 5.46
CA ARG A 13 -6.08 -3.29 5.00
C ARG A 13 -6.23 -3.36 3.47
N LEU A 14 -6.76 -2.31 2.83
CA LEU A 14 -6.80 -2.11 1.38
C LEU A 14 -5.39 -2.05 0.79
N GLY A 15 -4.45 -1.33 1.41
CA GLY A 15 -3.03 -1.28 0.97
C GLY A 15 -2.35 -2.66 0.98
N ARG A 16 -2.80 -3.56 1.86
CA ARG A 16 -2.34 -4.97 1.89
C ARG A 16 -2.86 -5.77 0.69
N ALA A 17 -4.01 -5.41 0.09
CA ALA A 17 -4.46 -6.05 -1.16
C ALA A 17 -3.60 -5.62 -2.36
N LEU A 18 -2.99 -4.43 -2.31
CA LEU A 18 -2.03 -3.97 -3.31
C LEU A 18 -0.62 -4.53 -3.03
N ALA A 19 -0.28 -4.79 -1.77
CA ALA A 19 1.04 -5.30 -1.35
C ALA A 19 1.38 -6.75 -1.77
N ASP A 20 0.40 -7.47 -2.28
CA ASP A 20 0.40 -8.89 -2.62
C ASP A 20 1.48 -9.28 -3.68
N PRO A 21 1.89 -10.56 -3.71
CA PRO A 21 2.72 -11.13 -4.78
C PRO A 21 2.10 -10.88 -6.17
N THR A 22 1.06 -11.67 -6.48
CA THR A 22 0.41 -11.76 -7.76
C THR A 22 -0.71 -10.74 -7.90
N ARG A 23 -1.40 -10.26 -6.86
CA ARG A 23 -2.35 -9.16 -7.07
C ARG A 23 -1.64 -7.88 -7.53
N CYS A 24 -0.46 -7.52 -7.01
CA CYS A 24 0.31 -6.41 -7.61
C CYS A 24 0.63 -6.66 -9.10
N ARG A 25 0.99 -7.90 -9.49
CA ARG A 25 1.19 -8.29 -10.89
C ARG A 25 -0.10 -8.11 -11.73
N ILE A 26 -1.19 -8.74 -11.30
CA ILE A 26 -2.54 -8.64 -11.90
C ILE A 26 -2.98 -7.19 -12.02
N LEU A 27 -2.73 -6.35 -11.01
CA LEU A 27 -3.07 -4.93 -11.03
C LEU A 27 -2.23 -4.12 -12.03
N VAL A 28 -0.93 -4.34 -12.12
CA VAL A 28 -0.10 -3.62 -13.12
C VAL A 28 -0.42 -4.06 -14.57
N ALA A 29 -0.92 -5.29 -14.73
CA ALA A 29 -1.49 -5.86 -15.95
C ALA A 29 -2.90 -5.34 -16.33
N LEU A 30 -3.45 -4.40 -15.55
CA LEU A 30 -4.73 -3.71 -15.86
C LEU A 30 -4.57 -2.34 -16.47
N LEU A 31 -3.43 -1.74 -16.17
CA LEU A 31 -3.00 -0.49 -16.80
C LEU A 31 -2.87 -0.63 -18.33
N ASP A 32 -2.66 -1.85 -18.84
CA ASP A 32 -2.41 -2.16 -20.26
C ASP A 32 -3.26 -3.32 -20.86
N GLY A 33 -3.69 -4.31 -20.06
CA GLY A 33 -4.28 -5.57 -20.53
C GLY A 33 -5.68 -5.39 -21.08
N VAL A 34 -6.61 -5.10 -20.16
CA VAL A 34 -8.05 -4.78 -20.34
C VAL A 34 -8.83 -5.43 -21.49
N CYS A 35 -8.40 -6.59 -21.99
CA CYS A 35 -9.12 -7.30 -23.04
C CYS A 35 -10.19 -8.19 -22.42
N TYR A 36 -9.80 -9.34 -21.85
CA TYR A 36 -10.79 -10.37 -21.45
C TYR A 36 -10.54 -11.01 -20.07
N PRO A 37 -11.59 -11.60 -19.43
CA PRO A 37 -11.43 -12.35 -18.19
C PRO A 37 -10.43 -13.49 -18.38
N GLY A 38 -9.43 -13.57 -17.49
CA GLY A 38 -8.38 -14.58 -17.55
C GLY A 38 -7.29 -14.33 -18.61
N GLN A 39 -7.37 -13.28 -19.44
CA GLN A 39 -6.33 -12.97 -20.46
C GLN A 39 -4.98 -12.66 -19.84
N LEU A 40 -4.97 -12.17 -18.58
CA LEU A 40 -3.76 -11.85 -17.82
C LEU A 40 -2.84 -13.08 -17.68
N ALA A 41 -3.32 -14.28 -18.00
CA ALA A 41 -2.55 -15.51 -18.05
C ALA A 41 -1.43 -15.48 -19.11
N ALA A 42 -1.68 -14.90 -20.29
CA ALA A 42 -0.62 -14.71 -21.28
C ALA A 42 0.37 -13.62 -20.84
N HIS A 43 -0.14 -12.57 -20.22
CA HIS A 43 0.65 -11.42 -19.74
C HIS A 43 1.60 -11.77 -18.57
N LEU A 44 1.06 -12.47 -17.57
CA LEU A 44 1.79 -12.88 -16.36
C LEU A 44 2.54 -14.21 -16.52
N GLY A 45 2.29 -14.97 -17.61
CA GLY A 45 2.77 -16.34 -17.77
C GLY A 45 2.08 -17.36 -16.83
N LEU A 46 1.20 -16.90 -15.95
CA LEU A 46 0.51 -17.72 -14.96
C LEU A 46 -0.68 -18.44 -15.56
N THR A 47 -1.07 -19.60 -15.00
CA THR A 47 -2.30 -20.29 -15.39
C THR A 47 -3.52 -19.40 -15.11
N ARG A 48 -4.51 -19.46 -16.02
CA ARG A 48 -5.76 -18.69 -15.88
C ARG A 48 -6.49 -18.99 -14.56
N SER A 49 -6.26 -20.15 -13.94
CA SER A 49 -6.75 -20.48 -12.60
C SER A 49 -6.11 -19.61 -11.49
N ASN A 50 -4.78 -19.47 -11.49
CA ASN A 50 -4.03 -18.62 -10.53
C ASN A 50 -4.38 -17.12 -10.74
N VAL A 51 -4.48 -16.72 -12.01
CA VAL A 51 -5.03 -15.42 -12.41
C VAL A 51 -6.43 -15.20 -11.83
N SER A 52 -7.38 -16.15 -11.97
CA SER A 52 -8.70 -16.03 -11.35
C SER A 52 -8.69 -16.08 -9.81
N ASN A 53 -7.82 -16.88 -9.20
CA ASN A 53 -7.69 -17.02 -7.74
C ASN A 53 -7.20 -15.70 -7.11
N HIS A 54 -6.20 -15.06 -7.72
CA HIS A 54 -5.81 -13.72 -7.31
C HIS A 54 -6.84 -12.63 -7.73
N LEU A 55 -7.51 -12.70 -8.90
CA LEU A 55 -8.59 -11.76 -9.27
C LEU A 55 -9.80 -11.82 -8.33
N SER A 56 -10.14 -12.98 -7.77
CA SER A 56 -11.40 -13.20 -7.04
C SER A 56 -11.62 -12.21 -5.89
N CYS A 57 -10.64 -12.07 -5.00
CA CYS A 57 -10.65 -11.05 -3.96
C CYS A 57 -10.64 -9.63 -4.55
N LEU A 58 -9.83 -9.44 -5.61
CA LEU A 58 -9.53 -8.16 -6.26
C LEU A 58 -10.78 -7.44 -6.78
N ARG A 59 -11.84 -8.19 -7.14
CA ARG A 59 -13.16 -7.65 -7.47
C ARG A 59 -13.90 -7.11 -6.25
N GLY A 60 -13.79 -7.81 -5.11
CA GLY A 60 -14.48 -7.49 -3.85
C GLY A 60 -13.80 -6.35 -3.10
N CYS A 61 -12.46 -6.29 -3.17
CA CYS A 61 -11.59 -5.20 -2.78
C CYS A 61 -11.84 -3.90 -3.60
N GLY A 62 -12.60 -4.00 -4.70
CA GLY A 62 -12.96 -2.93 -5.63
C GLY A 62 -11.88 -2.64 -6.67
N LEU A 63 -10.69 -3.22 -6.49
CA LEU A 63 -9.45 -2.93 -7.23
C LEU A 63 -9.52 -3.26 -8.73
N VAL A 64 -10.27 -4.29 -9.09
CA VAL A 64 -10.69 -4.60 -10.47
C VAL A 64 -12.20 -4.42 -10.59
N VAL A 65 -12.63 -3.73 -11.64
CA VAL A 65 -14.03 -3.59 -12.03
C VAL A 65 -14.23 -4.11 -13.45
N ALA A 66 -15.28 -4.92 -13.61
CA ALA A 66 -15.79 -5.38 -14.90
C ALA A 66 -16.48 -4.25 -15.68
N THR A 67 -16.29 -4.25 -16.99
CA THR A 67 -16.73 -3.22 -17.94
C THR A 67 -16.69 -3.83 -19.33
N TYR A 68 -17.42 -3.30 -20.31
CA TYR A 68 -17.37 -3.83 -21.69
C TYR A 68 -16.31 -3.15 -22.57
N GLU A 69 -15.72 -3.94 -23.47
CA GLU A 69 -14.87 -3.48 -24.56
C GLU A 69 -15.58 -3.73 -25.92
N GLY A 70 -14.88 -3.65 -27.06
CA GLY A 70 -15.50 -3.64 -28.40
C GLY A 70 -16.09 -4.96 -28.89
N ARG A 71 -15.88 -6.08 -28.17
CA ARG A 71 -16.41 -7.42 -28.47
C ARG A 71 -16.90 -8.16 -27.22
N GLN A 72 -16.32 -7.93 -26.04
CA GLN A 72 -16.64 -8.71 -24.82
C GLN A 72 -16.53 -7.89 -23.53
N VAL A 73 -16.71 -8.54 -22.38
CA VAL A 73 -16.42 -7.96 -21.06
C VAL A 73 -14.92 -8.02 -20.75
N ARG A 74 -14.41 -7.02 -20.02
CA ARG A 74 -13.01 -6.84 -19.60
C ARG A 74 -12.93 -6.58 -18.10
N TYR A 75 -11.72 -6.75 -17.54
CA TYR A 75 -11.38 -6.32 -16.17
C TYR A 75 -10.41 -5.15 -16.25
N ALA A 76 -10.78 -4.00 -15.69
CA ALA A 76 -9.93 -2.81 -15.57
C ALA A 76 -9.77 -2.41 -14.10
N LEU A 77 -8.85 -1.49 -13.80
CA LEU A 77 -8.70 -0.91 -12.46
C LEU A 77 -9.99 -0.21 -11.98
N ALA A 78 -10.13 -0.12 -10.65
CA ALA A 78 -11.28 0.47 -9.94
C ALA A 78 -11.71 1.84 -10.47
N ASP A 79 -10.73 2.67 -10.79
CA ASP A 79 -10.86 4.06 -11.19
C ASP A 79 -9.50 4.65 -11.61
N SER A 80 -9.56 5.84 -12.20
CA SER A 80 -8.45 6.74 -12.51
C SER A 80 -7.47 6.93 -11.34
N HIS A 81 -8.00 6.93 -10.10
CA HIS A 81 -7.26 7.03 -8.85
C HIS A 81 -6.17 5.95 -8.75
N LEU A 82 -6.53 4.67 -8.93
CA LEU A 82 -5.53 3.60 -8.83
C LEU A 82 -4.63 3.60 -10.06
N ALA A 83 -5.17 3.89 -11.25
CA ALA A 83 -4.38 3.94 -12.49
C ALA A 83 -3.16 4.86 -12.35
N ARG A 84 -3.33 6.10 -11.88
CA ARG A 84 -2.16 6.99 -11.76
C ARG A 84 -1.25 6.65 -10.56
N ALA A 85 -1.78 6.15 -9.44
CA ALA A 85 -0.98 5.72 -8.28
C ALA A 85 -0.09 4.50 -8.59
N LEU A 86 -0.67 3.50 -9.26
CA LEU A 86 0.06 2.31 -9.73
C LEU A 86 1.01 2.67 -10.88
N GLY A 87 0.60 3.58 -11.79
CA GLY A 87 1.44 4.06 -12.89
C GLY A 87 2.67 4.82 -12.39
N GLU A 88 2.52 5.58 -11.29
CA GLU A 88 3.63 6.21 -10.57
C GLU A 88 4.34 5.28 -9.56
N LEU A 89 4.00 3.99 -9.61
CA LEU A 89 4.68 2.80 -9.04
C LEU A 89 4.72 2.67 -7.51
N VAL A 90 4.52 3.80 -6.83
CA VAL A 90 4.43 4.16 -5.40
C VAL A 90 5.51 5.17 -5.00
N GLN A 91 6.08 5.91 -5.96
CA GLN A 91 6.83 7.13 -5.71
C GLN A 91 8.28 6.90 -5.25
N VAL A 92 8.58 5.85 -4.47
CA VAL A 92 9.85 5.46 -3.82
C VAL A 92 11.09 5.27 -4.73
N VAL A 93 11.03 5.78 -5.95
CA VAL A 93 12.17 5.90 -6.87
C VAL A 93 12.65 4.52 -7.38
N LEU A 94 11.69 3.55 -7.41
CA LEU A 94 11.83 2.11 -7.72
C LEU A 94 12.34 1.31 -6.51
N ALA A 95 11.43 0.69 -5.75
CA ALA A 95 11.82 -0.26 -4.70
C ALA A 95 11.93 -1.65 -5.33
N VAL A 96 13.14 -2.21 -5.35
CA VAL A 96 13.49 -3.59 -5.70
C VAL A 96 14.62 -4.08 -4.78
N ASP A 97 14.60 -5.33 -4.37
CA ASP A 97 15.67 -6.02 -3.65
C ASP A 97 16.97 -5.99 -4.49
N THR A 98 18.08 -5.52 -3.89
CA THR A 98 19.37 -5.19 -4.55
C THR A 98 20.35 -4.69 -3.50
N ASP A 99 19.95 -3.63 -2.78
CA ASP A 99 20.56 -2.94 -1.63
C ASP A 99 19.69 -1.71 -1.29
N GLN A 100 18.42 -2.00 -1.03
CA GLN A 100 17.29 -1.07 -0.90
C GLN A 100 16.80 -1.02 0.57
N PRO A 101 15.58 -0.52 0.92
CA PRO A 101 15.12 -0.54 2.31
C PRO A 101 14.70 -1.95 2.78
N CYS A 102 13.89 -2.00 3.84
CA CYS A 102 13.47 -3.13 4.67
C CYS A 102 14.59 -4.09 5.19
N VAL A 103 15.70 -3.45 5.51
CA VAL A 103 16.83 -3.97 6.29
C VAL A 103 16.42 -4.47 7.68
N ALA A 104 15.52 -3.75 8.37
CA ALA A 104 15.14 -4.03 9.77
C ALA A 104 14.30 -5.32 9.89
N GLU A 105 14.11 -5.85 11.11
CA GLU A 105 13.53 -7.18 11.25
C GLU A 105 12.02 -7.28 10.95
N ARG A 106 11.66 -8.40 10.31
CA ARG A 106 10.34 -8.71 9.74
C ARG A 106 10.14 -10.20 9.41
N ALA B 10 11.16 -4.93 -2.34
CA ALA B 10 10.36 -4.68 -3.54
C ALA B 10 9.15 -3.78 -3.21
N LEU B 11 8.77 -2.94 -4.18
CA LEU B 11 7.69 -1.95 -4.11
C LEU B 11 6.36 -2.48 -3.55
N ALA B 12 6.00 -3.73 -3.86
CA ALA B 12 4.78 -4.36 -3.33
C ALA B 12 4.85 -4.53 -1.81
N ARG B 13 5.99 -4.96 -1.25
CA ARG B 13 6.15 -5.03 0.21
C ARG B 13 6.11 -3.64 0.87
N LEU B 14 6.35 -2.52 0.16
CA LEU B 14 6.09 -1.17 0.70
C LEU B 14 4.60 -0.98 1.04
N GLY B 15 3.69 -1.52 0.22
CA GLY B 15 2.25 -1.50 0.51
C GLY B 15 1.89 -2.23 1.81
N ARG B 16 2.70 -3.19 2.25
CA ARG B 16 2.56 -3.83 3.58
C ARG B 16 2.93 -2.83 4.69
N ALA B 17 4.03 -2.09 4.51
CA ALA B 17 4.53 -1.15 5.51
C ALA B 17 3.58 0.05 5.72
N LEU B 18 2.71 0.37 4.76
CA LEU B 18 1.61 1.33 4.95
C LEU B 18 0.29 0.66 5.41
N ALA B 19 0.13 -0.65 5.21
CA ALA B 19 -1.02 -1.42 5.70
C ALA B 19 -0.93 -1.85 7.18
N ASP B 20 0.28 -1.96 7.74
CA ASP B 20 0.56 -2.32 9.12
C ASP B 20 -0.20 -1.37 10.07
N PRO B 21 -0.83 -1.93 11.12
CA PRO B 21 -1.80 -1.26 12.00
C PRO B 21 -1.32 0.11 12.50
N THR B 22 -0.48 0.09 13.54
CA THR B 22 0.08 1.27 14.18
C THR B 22 0.98 2.05 13.21
N ARG B 23 1.59 1.41 12.20
CA ARG B 23 2.45 2.12 11.22
C ARG B 23 1.61 3.05 10.32
N CYS B 24 0.44 2.62 9.84
CA CYS B 24 -0.53 3.50 9.17
C CYS B 24 -1.02 4.65 10.09
N ARG B 25 -0.77 4.59 11.41
CA ARG B 25 -1.02 5.68 12.35
C ARG B 25 0.22 6.56 12.56
N ILE B 26 1.36 5.98 12.95
CA ILE B 26 2.69 6.65 13.01
C ILE B 26 2.87 7.59 11.82
N LEU B 27 2.73 7.03 10.61
CA LEU B 27 3.07 7.73 9.38
C LEU B 27 2.19 8.98 9.13
N VAL B 28 0.95 8.99 9.60
CA VAL B 28 0.01 10.13 9.47
C VAL B 28 0.14 11.13 10.64
N ALA B 29 0.89 10.74 11.70
CA ALA B 29 1.24 11.52 12.90
C ALA B 29 2.68 12.10 12.85
N LEU B 30 3.45 11.75 11.82
CA LEU B 30 4.73 12.37 11.48
C LEU B 30 4.50 13.69 10.77
N LEU B 31 3.71 13.60 9.70
CA LEU B 31 3.23 14.59 8.75
C LEU B 31 2.95 15.97 9.38
N ASP B 32 2.21 15.99 10.49
CA ASP B 32 1.81 17.17 11.25
C ASP B 32 2.64 17.38 12.53
N GLY B 33 3.28 16.32 13.01
CA GLY B 33 3.96 16.24 14.30
C GLY B 33 5.37 16.79 14.19
N VAL B 34 6.22 16.04 13.49
CA VAL B 34 7.69 16.23 13.36
C VAL B 34 8.44 16.81 14.59
N CYS B 35 7.94 16.63 15.81
CA CYS B 35 8.57 17.17 17.01
C CYS B 35 9.73 16.29 17.48
N TYR B 36 9.48 15.30 18.35
CA TYR B 36 10.56 14.58 19.02
C TYR B 36 10.36 13.05 19.04
N PRO B 37 11.44 12.24 19.18
CA PRO B 37 11.31 10.80 19.39
C PRO B 37 10.46 10.54 20.63
N GLY B 38 9.40 9.75 20.47
CA GLY B 38 8.41 9.49 21.52
C GLY B 38 7.28 10.53 21.62
N GLN B 39 7.31 11.64 20.87
CA GLN B 39 6.17 12.58 20.79
C GLN B 39 4.91 11.90 20.27
N LEU B 40 5.08 10.99 19.30
CA LEU B 40 4.00 10.21 18.69
C LEU B 40 3.14 9.46 19.72
N ALA B 41 3.68 9.20 20.91
CA ALA B 41 2.95 8.56 22.00
C ALA B 41 1.74 9.38 22.48
N ALA B 42 1.79 10.71 22.34
CA ALA B 42 0.64 11.59 22.59
C ALA B 42 -0.34 11.52 21.42
N HIS B 43 0.12 11.77 20.19
CA HIS B 43 -0.70 11.69 18.98
C HIS B 43 -1.50 10.38 18.85
N LEU B 44 -0.89 9.24 19.20
CA LEU B 44 -1.49 7.91 19.07
C LEU B 44 -2.17 7.41 20.35
N GLY B 45 -1.92 8.03 21.50
CA GLY B 45 -2.33 7.53 22.83
C GLY B 45 -1.61 6.27 23.28
N LEU B 46 -0.76 5.68 22.43
CA LEU B 46 -0.02 4.45 22.68
C LEU B 46 1.32 4.77 23.32
N THR B 47 1.74 4.03 24.36
CA THR B 47 2.95 4.37 25.13
C THR B 47 4.21 4.34 24.26
N ARG B 48 5.20 5.17 24.63
CA ARG B 48 6.38 5.43 23.78
C ARG B 48 7.16 4.15 23.42
N SER B 49 7.18 3.14 24.31
CA SER B 49 7.78 1.82 24.04
C SER B 49 7.03 1.06 22.92
N ASN B 50 5.71 0.92 23.02
CA ASN B 50 4.86 0.24 22.04
C ASN B 50 4.86 0.98 20.67
N VAL B 51 4.82 2.32 20.67
CA VAL B 51 5.04 3.11 19.43
C VAL B 51 6.45 2.85 18.87
N SER B 52 7.51 2.84 19.69
CA SER B 52 8.86 2.55 19.19
C SER B 52 9.01 1.12 18.64
N ASN B 53 8.30 0.14 19.18
CA ASN B 53 8.27 -1.23 18.65
C ASN B 53 7.83 -1.25 17.17
N HIS B 54 6.83 -0.42 16.85
CA HIS B 54 6.45 -0.17 15.46
C HIS B 54 7.44 0.72 14.69
N LEU B 55 8.11 1.74 15.29
CA LEU B 55 9.17 2.51 14.61
C LEU B 55 10.37 1.67 14.18
N SER B 56 10.72 0.63 14.93
CA SER B 56 11.92 -0.18 14.67
C SER B 56 12.06 -0.72 13.25
N CYS B 57 10.98 -1.25 12.66
CA CYS B 57 11.01 -1.69 11.26
C CYS B 57 10.96 -0.49 10.32
N LEU B 58 10.19 0.53 10.69
CA LEU B 58 9.77 1.68 9.89
C LEU B 58 10.93 2.54 9.41
N ARG B 59 12.02 2.58 10.17
CA ARG B 59 13.28 3.23 9.76
C ARG B 59 13.96 2.43 8.66
N GLY B 60 13.96 1.10 8.81
CA GLY B 60 14.54 0.16 7.85
C GLY B 60 13.75 0.13 6.56
N CYS B 61 12.41 0.19 6.65
CA CYS B 61 11.47 0.40 5.56
C CYS B 61 11.72 1.76 4.82
N GLY B 62 12.54 2.65 5.41
CA GLY B 62 12.93 3.96 4.90
C GLY B 62 11.90 5.04 5.21
N LEU B 63 10.71 4.67 5.71
CA LEU B 63 9.55 5.54 5.82
C LEU B 63 9.65 6.62 6.90
N VAL B 64 10.37 6.33 7.99
CA VAL B 64 10.76 7.30 9.04
C VAL B 64 12.25 7.58 8.98
N VAL B 65 12.60 8.85 9.17
CA VAL B 65 13.96 9.39 9.10
C VAL B 65 14.23 10.27 10.32
N ALA B 66 15.37 10.08 10.96
CA ALA B 66 15.88 10.99 11.99
C ALA B 66 16.57 12.21 11.33
N THR B 67 16.27 13.41 11.84
CA THR B 67 16.67 14.70 11.27
C THR B 67 16.53 15.74 12.37
N TYR B 68 17.11 16.93 12.24
CA TYR B 68 16.98 17.98 13.26
C TYR B 68 15.80 18.93 12.99
N GLU B 69 15.26 19.49 14.08
CA GLU B 69 14.34 20.63 14.12
C GLU B 69 15.01 21.77 14.93
N GLY B 70 14.29 22.85 15.25
CA GLY B 70 14.89 24.09 15.80
C GLY B 70 15.44 24.01 17.23
N ARG B 71 15.17 22.94 17.98
CA ARG B 71 15.57 22.73 19.38
C ARG B 71 16.07 21.30 19.68
N GLN B 72 15.72 20.29 18.89
CA GLN B 72 16.15 18.89 19.12
C GLN B 72 16.16 18.06 17.83
N VAL B 73 16.45 16.75 17.96
CA VAL B 73 16.29 15.75 16.89
C VAL B 73 14.84 15.26 16.84
N ARG B 74 14.35 14.94 15.63
CA ARG B 74 12.96 14.62 15.30
C ARG B 74 12.86 13.40 14.41
N TYR B 75 11.66 12.81 14.35
CA TYR B 75 11.32 11.83 13.32
C TYR B 75 10.38 12.47 12.31
N ALA B 76 10.74 12.38 11.03
CA ALA B 76 9.98 12.85 9.87
C ALA B 76 9.87 11.72 8.84
N LEU B 77 9.06 11.93 7.79
CA LEU B 77 8.89 10.95 6.71
C LEU B 77 10.09 10.93 5.75
N ALA B 78 10.21 9.81 5.03
CA ALA B 78 11.23 9.54 4.00
C ALA B 78 11.48 10.66 2.98
N ASP B 79 10.41 11.37 2.62
CA ASP B 79 10.28 12.36 1.54
C ASP B 79 8.80 12.77 1.38
N SER B 80 8.62 13.94 0.77
CA SER B 80 7.38 14.54 0.25
C SER B 80 6.48 13.52 -0.46
N HIS B 81 7.07 12.55 -1.18
CA HIS B 81 6.39 11.43 -1.82
C HIS B 81 5.44 10.69 -0.89
N LEU B 82 5.89 10.25 0.30
CA LEU B 82 5.02 9.52 1.23
C LEU B 82 4.05 10.47 1.90
N ALA B 83 4.50 11.68 2.28
CA ALA B 83 3.66 12.69 2.91
C ALA B 83 2.42 12.99 2.06
N ARG B 84 2.58 13.19 0.74
CA ARG B 84 1.45 13.39 -0.16
C ARG B 84 0.67 12.12 -0.51
N ALA B 85 1.31 10.94 -0.66
CA ALA B 85 0.58 9.69 -0.96
C ALA B 85 -0.28 9.19 0.21
N LEU B 86 0.19 9.42 1.44
CA LEU B 86 -0.60 9.21 2.66
C LEU B 86 -1.66 10.33 2.83
N GLY B 87 -1.28 11.59 2.60
CA GLY B 87 -2.15 12.76 2.80
C GLY B 87 -3.29 12.84 1.78
N GLU B 88 -3.07 12.38 0.55
CA GLU B 88 -4.10 12.17 -0.49
C GLU B 88 -5.01 10.97 -0.18
N LEU B 89 -4.65 10.18 0.84
CA LEU B 89 -5.44 9.12 1.50
C LEU B 89 -5.75 7.89 0.63
N VAL B 90 -5.09 7.82 -0.50
CA VAL B 90 -4.97 6.70 -1.45
C VAL B 90 -6.23 6.49 -2.28
N GLN B 91 -7.29 7.20 -1.88
CA GLN B 91 -8.26 7.82 -2.76
C GLN B 91 -9.24 6.86 -3.44
N VAL B 92 -9.26 5.62 -2.93
CA VAL B 92 -10.25 4.54 -3.07
C VAL B 92 -11.54 4.94 -2.34
N VAL B 93 -11.89 6.20 -2.53
CA VAL B 93 -13.07 6.88 -2.01
C VAL B 93 -13.09 6.85 -0.47
N LEU B 94 -11.96 7.16 0.22
CA LEU B 94 -11.93 7.14 1.70
C LEU B 94 -12.28 5.74 2.23
N ALA B 95 -11.49 4.73 1.86
CA ALA B 95 -11.70 3.35 2.31
C ALA B 95 -11.77 3.28 3.85
N VAL B 96 -12.92 2.91 4.42
CA VAL B 96 -13.17 2.73 5.87
C VAL B 96 -14.15 1.58 6.13
N ASP B 97 -13.92 0.84 7.22
CA ASP B 97 -14.75 -0.30 7.64
C ASP B 97 -16.08 0.20 8.23
N THR B 98 -17.17 -0.02 7.48
CA THR B 98 -18.51 0.55 7.70
C THR B 98 -19.48 -0.23 6.83
N ASP B 99 -19.48 0.11 5.55
CA ASP B 99 -20.07 -0.59 4.40
C ASP B 99 -19.26 -0.07 3.20
N GLN B 100 -18.38 -0.91 2.67
CA GLN B 100 -17.31 -0.54 1.74
C GLN B 100 -16.86 -1.80 0.96
N PRO B 101 -15.69 -1.86 0.26
CA PRO B 101 -15.16 -3.08 -0.36
C PRO B 101 -14.80 -4.23 0.61
N CYS B 102 -13.89 -5.13 0.19
CA CYS B 102 -13.50 -6.40 0.79
C CYS B 102 -14.65 -7.18 1.49
N VAL B 103 -15.65 -7.42 0.65
CA VAL B 103 -16.81 -8.31 0.82
C VAL B 103 -16.48 -9.82 0.73
N ALA B 104 -15.58 -10.21 -0.19
CA ALA B 104 -15.37 -11.60 -0.63
C ALA B 104 -14.51 -12.45 0.34
N GLU B 105 -13.70 -13.38 -0.21
CA GLU B 105 -12.68 -14.06 0.59
C GLU B 105 -11.59 -13.05 1.02
N ARG B 106 -10.92 -13.37 2.14
CA ARG B 106 -9.99 -12.57 2.95
C ARG B 106 -9.70 -13.17 4.36
CD CD C . -10.89 -8.73 -0.96
CD CD D . 11.01 -2.88 7.60
N ALA A 10 -11.05 -2.74 4.91
CA ALA A 10 -9.97 -2.66 5.92
C ALA A 10 -8.63 -2.24 5.28
N LEU A 11 -7.85 -1.36 5.94
CA LEU A 11 -6.49 -1.00 5.49
C LEU A 11 -5.54 -2.18 5.47
N ALA A 12 -5.72 -3.15 6.37
CA ALA A 12 -4.92 -4.35 6.46
C ALA A 12 -5.10 -5.21 5.20
N ARG A 13 -6.33 -5.57 4.82
CA ARG A 13 -6.59 -6.33 3.59
C ARG A 13 -6.30 -5.51 2.32
N LEU A 14 -6.54 -4.19 2.32
CA LEU A 14 -6.31 -3.33 1.15
C LEU A 14 -4.81 -3.18 0.86
N GLY A 15 -4.04 -2.72 1.85
CA GLY A 15 -2.60 -2.52 1.71
C GLY A 15 -1.88 -3.86 1.51
N ARG A 16 -2.42 -4.95 2.07
CA ARG A 16 -1.94 -6.31 1.77
C ARG A 16 -2.21 -6.66 0.31
N ALA A 17 -3.42 -6.45 -0.22
CA ALA A 17 -3.76 -6.77 -1.60
C ALA A 17 -2.92 -5.98 -2.63
N LEU A 18 -2.39 -4.80 -2.25
CA LEU A 18 -1.44 -4.04 -3.08
C LEU A 18 0.05 -4.33 -2.71
N ALA A 19 0.31 -5.14 -1.67
CA ALA A 19 1.62 -5.72 -1.32
C ALA A 19 1.80 -7.19 -1.78
N ASP A 20 0.72 -7.89 -2.13
CA ASP A 20 0.69 -9.24 -2.69
C ASP A 20 1.40 -9.33 -4.07
N PRO A 21 1.95 -10.52 -4.42
CA PRO A 21 2.84 -10.79 -5.55
C PRO A 21 2.15 -10.58 -6.91
N THR A 22 1.72 -11.67 -7.55
CA THR A 22 0.85 -11.72 -8.72
C THR A 22 -0.33 -10.76 -8.56
N ARG A 23 -0.89 -10.58 -7.37
CA ARG A 23 -2.03 -9.68 -7.18
C ARG A 23 -1.72 -8.20 -7.47
N CYS A 24 -0.66 -7.62 -6.91
CA CYS A 24 -0.26 -6.24 -7.26
C CYS A 24 0.10 -6.17 -8.75
N ARG A 25 0.84 -7.16 -9.26
CA ARG A 25 1.16 -7.27 -10.68
C ARG A 25 -0.06 -7.25 -11.61
N ILE A 26 -1.12 -7.99 -11.25
CA ILE A 26 -2.43 -7.90 -11.94
C ILE A 26 -2.87 -6.43 -12.04
N LEU A 27 -2.92 -5.71 -10.92
CA LEU A 27 -3.38 -4.31 -10.92
C LEU A 27 -2.52 -3.42 -11.83
N VAL A 28 -1.18 -3.48 -11.72
CA VAL A 28 -0.28 -2.60 -12.51
C VAL A 28 -0.39 -2.91 -14.00
N ALA A 29 -0.56 -4.19 -14.36
CA ALA A 29 -0.65 -4.61 -15.75
C ALA A 29 -2.05 -4.42 -16.34
N LEU A 30 -3.11 -4.43 -15.52
CA LEU A 30 -4.44 -4.12 -16.01
C LEU A 30 -4.58 -2.67 -16.41
N LEU A 31 -3.95 -1.75 -15.65
CA LEU A 31 -4.06 -0.30 -15.76
C LEU A 31 -3.97 0.20 -17.22
N ASP A 32 -2.95 -0.23 -17.95
CA ASP A 32 -2.67 0.09 -19.37
C ASP A 32 -3.05 -1.09 -20.32
N GLY A 33 -3.70 -2.13 -19.78
CA GLY A 33 -4.29 -3.28 -20.48
C GLY A 33 -5.75 -3.04 -20.81
N VAL A 34 -6.58 -3.11 -19.77
CA VAL A 34 -8.06 -3.07 -19.78
C VAL A 34 -8.75 -3.52 -21.10
N CYS A 35 -8.33 -4.68 -21.63
CA CYS A 35 -8.88 -5.31 -22.83
C CYS A 35 -9.93 -6.37 -22.50
N TYR A 36 -9.56 -7.49 -21.89
CA TYR A 36 -10.49 -8.65 -21.79
C TYR A 36 -10.37 -9.48 -20.49
N PRO A 37 -11.40 -10.26 -20.09
CA PRO A 37 -11.31 -11.17 -18.94
C PRO A 37 -10.15 -12.14 -19.10
N GLY A 38 -9.27 -12.19 -18.08
CA GLY A 38 -8.11 -13.07 -18.09
C GLY A 38 -6.99 -12.66 -19.07
N GLN A 39 -7.06 -11.49 -19.72
CA GLN A 39 -5.98 -11.02 -20.63
C GLN A 39 -4.61 -10.98 -19.95
N LEU A 40 -4.61 -10.86 -18.63
CA LEU A 40 -3.44 -10.73 -17.79
C LEU A 40 -2.55 -11.97 -17.86
N ALA A 41 -3.08 -13.09 -18.37
CA ALA A 41 -2.27 -14.26 -18.68
C ALA A 41 -1.19 -13.98 -19.74
N ALA A 42 -1.42 -13.04 -20.66
CA ALA A 42 -0.39 -12.55 -21.57
C ALA A 42 0.56 -11.57 -20.84
N HIS A 43 0.00 -10.60 -20.13
CA HIS A 43 0.79 -9.59 -19.41
C HIS A 43 1.76 -10.16 -18.35
N LEU A 44 1.34 -11.22 -17.65
CA LEU A 44 2.07 -11.86 -16.56
C LEU A 44 2.79 -13.15 -16.99
N GLY A 45 2.47 -13.71 -18.17
CA GLY A 45 2.97 -15.02 -18.61
C GLY A 45 2.40 -16.22 -17.82
N LEU A 46 1.56 -15.98 -16.81
CA LEU A 46 0.90 -17.01 -16.00
C LEU A 46 -0.39 -17.50 -16.66
N THR A 47 -0.80 -18.75 -16.44
CA THR A 47 -2.01 -19.29 -17.10
C THR A 47 -3.28 -18.56 -16.66
N ARG A 48 -4.34 -18.65 -17.48
CA ARG A 48 -5.66 -18.10 -17.15
C ARG A 48 -6.16 -18.60 -15.78
N SER A 49 -5.85 -19.83 -15.39
CA SER A 49 -6.14 -20.35 -14.05
C SER A 49 -5.31 -19.62 -12.97
N ASN A 50 -3.98 -19.58 -13.09
CA ASN A 50 -3.11 -18.88 -12.12
C ASN A 50 -3.45 -17.39 -11.97
N VAL A 51 -3.89 -16.75 -13.04
CA VAL A 51 -4.40 -15.37 -13.05
C VAL A 51 -5.78 -15.26 -12.39
N SER A 52 -6.75 -16.11 -12.77
CA SER A 52 -8.11 -16.05 -12.22
C SER A 52 -8.15 -16.35 -10.71
N ASN A 53 -7.22 -17.19 -10.22
CA ASN A 53 -6.98 -17.44 -8.80
C ASN A 53 -6.79 -16.16 -7.97
N HIS A 54 -6.17 -15.11 -8.53
CA HIS A 54 -6.07 -13.82 -7.85
C HIS A 54 -7.23 -12.86 -8.15
N LEU A 55 -7.87 -12.93 -9.33
CA LEU A 55 -9.05 -12.10 -9.65
C LEU A 55 -10.27 -12.45 -8.80
N SER A 56 -10.37 -13.70 -8.34
CA SER A 56 -11.42 -14.12 -7.40
C SER A 56 -11.51 -13.18 -6.18
N CYS A 57 -10.37 -12.92 -5.52
CA CYS A 57 -10.21 -11.92 -4.48
C CYS A 57 -10.33 -10.49 -5.06
N LEU A 58 -9.66 -10.20 -6.18
CA LEU A 58 -9.51 -8.84 -6.68
C LEU A 58 -10.84 -8.16 -7.06
N ARG A 59 -11.84 -8.92 -7.53
CA ARG A 59 -13.20 -8.41 -7.69
C ARG A 59 -13.94 -8.30 -6.35
N GLY A 60 -13.74 -9.25 -5.44
CA GLY A 60 -14.41 -9.30 -4.13
C GLY A 60 -13.99 -8.14 -3.22
N CYS A 61 -12.68 -7.88 -3.15
CA CYS A 61 -12.07 -6.71 -2.55
C CYS A 61 -12.40 -5.41 -3.34
N GLY A 62 -13.07 -5.52 -4.48
CA GLY A 62 -13.55 -4.41 -5.31
C GLY A 62 -12.50 -3.79 -6.23
N LEU A 63 -11.23 -4.19 -6.10
CA LEU A 63 -10.08 -3.53 -6.72
C LEU A 63 -10.09 -3.63 -8.25
N VAL A 64 -10.75 -4.67 -8.78
CA VAL A 64 -11.11 -4.80 -10.20
C VAL A 64 -12.62 -4.90 -10.42
N VAL A 65 -13.09 -4.22 -11.47
CA VAL A 65 -14.49 -4.08 -11.88
C VAL A 65 -14.62 -4.41 -13.37
N ALA A 66 -15.75 -5.02 -13.76
CA ALA A 66 -16.06 -5.30 -15.18
C ALA A 66 -16.68 -4.12 -15.94
N THR A 67 -16.37 -4.01 -17.24
CA THR A 67 -16.99 -3.05 -18.19
C THR A 67 -17.10 -3.66 -19.57
N TYR A 68 -17.89 -3.06 -20.46
CA TYR A 68 -17.84 -3.37 -21.89
C TYR A 68 -16.80 -2.48 -22.59
N GLU A 69 -15.99 -3.00 -23.50
CA GLU A 69 -15.16 -2.17 -24.40
C GLU A 69 -15.84 -1.94 -25.77
N GLY A 70 -16.61 -2.92 -26.27
CA GLY A 70 -17.50 -2.79 -27.44
C GLY A 70 -17.64 -4.08 -28.28
N ARG A 71 -16.56 -4.86 -28.35
CA ARG A 71 -16.47 -6.23 -28.91
C ARG A 71 -16.77 -7.30 -27.85
N GLN A 72 -16.39 -7.05 -26.60
CA GLN A 72 -16.43 -7.94 -25.45
C GLN A 72 -16.50 -7.12 -24.16
N VAL A 73 -16.53 -7.85 -23.05
CA VAL A 73 -16.32 -7.29 -21.71
C VAL A 73 -14.82 -7.26 -21.40
N ARG A 74 -14.45 -6.45 -20.42
CA ARG A 74 -13.09 -6.23 -19.96
C ARG A 74 -13.07 -6.16 -18.44
N TYR A 75 -11.91 -6.45 -17.89
CA TYR A 75 -11.62 -6.13 -16.50
C TYR A 75 -10.99 -4.74 -16.49
N ALA A 76 -11.20 -3.98 -15.45
CA ALA A 76 -10.56 -2.70 -15.23
C ALA A 76 -10.38 -2.47 -13.73
N LEU A 77 -9.54 -1.52 -13.35
CA LEU A 77 -9.45 -1.06 -11.97
C LEU A 77 -10.79 -0.52 -11.46
N ALA A 78 -10.99 -0.52 -10.13
CA ALA A 78 -12.24 -0.15 -9.47
C ALA A 78 -12.83 1.22 -9.87
N ASP A 79 -11.93 2.15 -10.22
CA ASP A 79 -12.12 3.53 -10.65
C ASP A 79 -10.74 4.21 -10.82
N SER A 80 -10.75 5.38 -11.46
CA SER A 80 -9.63 6.32 -11.55
C SER A 80 -9.01 6.66 -10.19
N HIS A 81 -9.77 6.50 -9.11
CA HIS A 81 -9.28 6.60 -7.73
C HIS A 81 -8.13 5.62 -7.47
N LEU A 82 -8.29 4.30 -7.65
CA LEU A 82 -7.15 3.38 -7.48
C LEU A 82 -6.09 3.63 -8.55
N ALA A 83 -6.48 4.05 -9.76
CA ALA A 83 -5.55 4.26 -10.89
C ALA A 83 -4.52 5.35 -10.55
N ARG A 84 -4.88 6.32 -9.69
CA ARG A 84 -3.95 7.32 -9.12
C ARG A 84 -2.98 6.71 -8.11
N ALA A 85 -3.42 6.00 -7.08
CA ALA A 85 -2.52 5.42 -6.06
C ALA A 85 -1.57 4.36 -6.65
N LEU A 86 -2.09 3.54 -7.56
CA LEU A 86 -1.37 2.59 -8.42
C LEU A 86 -0.40 3.29 -9.40
N GLY A 87 -0.82 4.41 -9.99
CA GLY A 87 -0.17 5.13 -11.11
C GLY A 87 0.90 6.13 -10.71
N GLU A 88 0.65 6.95 -9.68
CA GLU A 88 1.68 7.74 -8.97
C GLU A 88 2.68 6.78 -8.32
N LEU A 89 2.18 5.56 -8.04
CA LEU A 89 2.83 4.37 -7.51
C LEU A 89 3.12 4.57 -6.02
N VAL A 90 3.53 3.51 -5.36
CA VAL A 90 4.10 3.57 -4.00
C VAL A 90 5.35 4.47 -3.91
N GLN A 91 5.85 4.99 -5.03
CA GLN A 91 6.81 6.06 -5.15
C GLN A 91 8.23 5.59 -4.84
N VAL A 92 8.43 4.53 -4.06
CA VAL A 92 9.71 3.83 -3.77
C VAL A 92 10.39 3.18 -4.99
N VAL A 93 10.15 3.78 -6.16
CA VAL A 93 10.79 3.58 -7.47
C VAL A 93 10.28 2.32 -8.21
N LEU A 94 9.72 1.40 -7.44
CA LEU A 94 9.17 0.06 -7.71
C LEU A 94 9.75 -0.91 -6.66
N ALA A 95 8.98 -1.23 -5.63
CA ALA A 95 9.39 -2.22 -4.63
C ALA A 95 9.47 -3.65 -5.23
N VAL A 96 10.50 -4.41 -4.84
CA VAL A 96 10.89 -5.70 -5.48
C VAL A 96 9.92 -6.86 -5.15
N ASP A 97 9.71 -7.79 -6.09
CA ASP A 97 8.94 -9.04 -5.92
C ASP A 97 9.72 -10.14 -5.15
N THR A 98 10.27 -9.81 -3.98
CA THR A 98 11.12 -10.69 -3.14
C THR A 98 10.58 -10.89 -1.73
N ASP A 99 10.90 -12.04 -1.15
CA ASP A 99 10.74 -12.28 0.28
C ASP A 99 12.02 -11.81 0.96
N GLN A 100 11.93 -10.78 1.79
CA GLN A 100 13.02 -10.33 2.66
C GLN A 100 12.46 -9.93 4.03
N PRO A 101 13.18 -10.26 5.12
CA PRO A 101 12.65 -10.17 6.48
C PRO A 101 12.53 -8.73 6.99
N CYS A 102 11.49 -8.52 7.80
CA CYS A 102 11.26 -7.30 8.56
C CYS A 102 12.28 -7.16 9.72
N VAL A 103 13.54 -6.88 9.37
CA VAL A 103 14.66 -6.81 10.34
C VAL A 103 15.76 -5.79 9.99
N ALA A 104 15.44 -4.79 9.15
CA ALA A 104 16.29 -3.60 8.88
C ALA A 104 17.58 -3.89 8.06
N GLU A 105 17.81 -5.15 7.69
CA GLU A 105 18.87 -5.64 6.84
C GLU A 105 18.44 -6.95 6.15
N ARG A 106 19.38 -7.62 5.48
CA ARG A 106 19.26 -8.74 4.55
C ARG A 106 19.02 -8.21 3.12
N ALA B 10 11.33 -4.65 -0.40
CA ALA B 10 10.49 -5.55 -1.22
C ALA B 10 8.99 -5.24 -1.03
N LEU B 11 8.12 -5.46 -2.02
CA LEU B 11 6.73 -4.97 -1.94
C LEU B 11 5.90 -5.66 -0.84
N ALA B 12 6.03 -6.98 -0.65
CA ALA B 12 5.29 -7.69 0.40
C ALA B 12 5.70 -7.28 1.82
N ARG B 13 6.92 -6.74 1.97
CA ARG B 13 7.42 -6.09 3.18
C ARG B 13 6.95 -4.62 3.23
N LEU B 14 7.28 -3.79 2.22
CA LEU B 14 7.06 -2.34 2.12
C LEU B 14 5.58 -1.98 2.09
N GLY B 15 4.76 -2.59 1.22
CA GLY B 15 3.32 -2.34 1.16
C GLY B 15 2.62 -2.74 2.45
N ARG B 16 3.06 -3.85 3.05
CA ARG B 16 2.58 -4.32 4.34
C ARG B 16 2.98 -3.37 5.47
N ALA B 17 4.15 -2.72 5.40
CA ALA B 17 4.55 -1.68 6.36
C ALA B 17 3.58 -0.48 6.37
N LEU B 18 2.86 -0.25 5.26
CA LEU B 18 1.81 0.78 5.17
C LEU B 18 0.38 0.21 5.28
N ALA B 19 0.22 -1.12 5.26
CA ALA B 19 -1.01 -1.84 5.62
C ALA B 19 -1.14 -2.12 7.13
N ASP B 20 -0.03 -2.07 7.88
CA ASP B 20 0.07 -2.15 9.33
C ASP B 20 -0.81 -1.11 10.07
N PRO B 21 -1.27 -1.43 11.30
CA PRO B 21 -2.25 -0.69 12.11
C PRO B 21 -1.71 0.69 12.57
N THR B 22 -1.27 0.77 13.83
CA THR B 22 -0.53 1.88 14.43
C THR B 22 0.62 2.37 13.55
N ARG B 23 1.22 1.51 12.72
CA ARG B 23 2.32 1.91 11.82
C ARG B 23 1.85 2.84 10.67
N CYS B 24 0.77 2.52 9.95
CA CYS B 24 0.19 3.45 8.96
C CYS B 24 -0.25 4.75 9.61
N ARG B 25 -0.87 4.65 10.80
CA ARG B 25 -1.25 5.80 11.62
C ARG B 25 -0.07 6.69 12.01
N ILE B 26 1.07 6.12 12.41
CA ILE B 26 2.32 6.89 12.58
C ILE B 26 2.54 7.77 11.37
N LEU B 27 2.60 7.16 10.20
CA LEU B 27 2.99 7.85 8.98
C LEU B 27 2.03 8.98 8.61
N VAL B 28 0.71 8.78 8.67
CA VAL B 28 -0.24 9.89 8.40
C VAL B 28 -0.07 11.05 9.40
N ALA B 29 0.28 10.73 10.64
CA ALA B 29 0.54 11.72 11.69
C ALA B 29 1.95 12.33 11.64
N LEU B 30 2.91 11.70 10.93
CA LEU B 30 4.18 12.33 10.64
C LEU B 30 4.04 13.44 9.61
N LEU B 31 3.24 13.18 8.56
CA LEU B 31 3.05 14.01 7.39
C LEU B 31 2.79 15.49 7.74
N ASP B 32 1.84 15.73 8.64
CA ASP B 32 1.39 17.06 9.10
C ASP B 32 2.01 17.44 10.47
N GLY B 33 3.00 16.66 10.92
CA GLY B 33 3.65 16.73 12.23
C GLY B 33 5.14 17.03 12.15
N VAL B 34 5.93 15.99 11.86
CA VAL B 34 7.41 15.96 11.91
C VAL B 34 8.04 16.80 13.05
N CYS B 35 7.44 16.85 14.25
CA CYS B 35 7.91 17.77 15.28
C CYS B 35 9.12 17.22 16.05
N TYR B 36 8.89 16.21 16.91
CA TYR B 36 9.93 15.78 17.86
C TYR B 36 10.09 14.24 17.98
N PRO B 37 10.95 13.69 18.88
CA PRO B 37 11.20 12.25 18.91
C PRO B 37 10.05 11.56 19.63
N GLY B 38 9.08 11.06 18.87
CA GLY B 38 7.88 10.42 19.42
C GLY B 38 6.80 11.40 19.88
N GLN B 39 6.69 12.59 19.28
CA GLN B 39 5.56 13.50 19.52
C GLN B 39 4.22 12.87 19.12
N LEU B 40 4.29 11.87 18.23
CA LEU B 40 3.22 10.98 17.81
C LEU B 40 2.44 10.37 18.99
N ALA B 41 3.01 10.34 20.19
CA ALA B 41 2.30 9.84 21.37
C ALA B 41 1.08 10.72 21.73
N ALA B 42 1.12 12.01 21.40
CA ALA B 42 -0.04 12.90 21.48
C ALA B 42 -0.97 12.65 20.27
N HIS B 43 -0.41 12.67 19.05
CA HIS B 43 -1.18 12.52 17.80
C HIS B 43 -2.02 11.22 17.72
N LEU B 44 -1.46 10.12 18.25
CA LEU B 44 -2.05 8.78 18.23
C LEU B 44 -2.77 8.44 19.54
N GLY B 45 -2.56 9.23 20.61
CA GLY B 45 -3.03 8.94 21.96
C GLY B 45 -2.33 7.75 22.64
N LEU B 46 -1.48 7.01 21.92
CA LEU B 46 -0.76 5.84 22.45
C LEU B 46 0.52 6.30 23.18
N THR B 47 0.92 5.57 24.22
CA THR B 47 2.10 5.95 25.02
C THR B 47 3.37 5.99 24.16
N ARG B 48 4.36 6.78 24.60
CA ARG B 48 5.65 6.88 23.92
C ARG B 48 6.28 5.50 23.68
N SER B 49 6.12 4.56 24.61
CA SER B 49 6.51 3.17 24.44
C SER B 49 5.72 2.48 23.32
N ASN B 50 4.37 2.42 23.41
CA ASN B 50 3.53 1.76 22.41
C ASN B 50 3.76 2.27 20.97
N VAL B 51 4.01 3.58 20.82
CA VAL B 51 4.36 4.20 19.53
C VAL B 51 5.82 3.91 19.12
N SER B 52 6.80 4.01 20.05
CA SER B 52 8.21 3.73 19.72
C SER B 52 8.45 2.27 19.28
N ASN B 53 7.64 1.33 19.79
CA ASN B 53 7.61 -0.06 19.36
C ASN B 53 7.33 -0.23 17.86
N HIS B 54 6.61 0.71 17.24
CA HIS B 54 6.47 0.78 15.78
C HIS B 54 7.55 1.66 15.09
N LEU B 55 8.09 2.71 15.73
CA LEU B 55 9.16 3.55 15.13
C LEU B 55 10.45 2.79 14.90
N SER B 56 10.85 1.90 15.81
CA SER B 56 12.10 1.14 15.64
C SER B 56 12.13 0.26 14.37
N CYS B 57 10.99 -0.24 13.89
CA CYS B 57 10.91 -0.87 12.59
C CYS B 57 10.93 0.18 11.46
N LEU B 58 10.20 1.29 11.68
CA LEU B 58 9.99 2.36 10.71
C LEU B 58 11.30 2.98 10.23
N ARG B 59 12.29 3.15 11.10
CA ARG B 59 13.62 3.63 10.69
C ARG B 59 14.40 2.55 9.93
N GLY B 60 14.25 1.29 10.31
CA GLY B 60 15.08 0.18 9.83
C GLY B 60 14.62 -0.37 8.47
N CYS B 61 13.31 -0.53 8.31
CA CYS B 61 12.65 -0.82 7.04
C CYS B 61 12.57 0.43 6.10
N GLY B 62 13.39 1.46 6.41
CA GLY B 62 13.70 2.63 5.59
C GLY B 62 12.59 3.65 5.35
N LEU B 63 11.64 3.77 6.30
CA LEU B 63 10.50 4.67 6.16
C LEU B 63 10.75 6.06 6.78
N VAL B 64 11.53 6.16 7.87
CA VAL B 64 11.79 7.41 8.63
C VAL B 64 13.26 7.62 8.98
N VAL B 65 13.70 8.87 8.83
CA VAL B 65 15.06 9.36 9.11
C VAL B 65 14.98 10.54 10.08
N ALA B 66 15.87 10.55 11.08
CA ALA B 66 15.96 11.64 12.06
C ALA B 66 16.68 12.87 11.49
N THR B 67 16.19 14.07 11.85
CA THR B 67 16.86 15.35 11.53
C THR B 67 16.70 16.29 12.71
N TYR B 68 17.60 17.24 12.87
CA TYR B 68 17.37 18.35 13.81
C TYR B 68 16.32 19.31 13.22
N GLU B 69 15.33 19.69 14.00
CA GLU B 69 14.42 20.81 13.67
C GLU B 69 15.08 22.17 13.99
N GLY B 70 15.95 22.22 15.00
CA GLY B 70 16.78 23.37 15.40
C GLY B 70 16.99 23.48 16.92
N ARG B 71 15.97 23.14 17.70
CA ARG B 71 15.99 22.97 19.16
C ARG B 71 16.18 21.50 19.57
N GLN B 72 15.61 20.55 18.83
CA GLN B 72 15.68 19.11 19.10
C GLN B 72 15.68 18.31 17.78
N VAL B 73 15.55 16.99 17.88
CA VAL B 73 15.45 16.07 16.74
C VAL B 73 14.00 15.67 16.48
N ARG B 74 13.66 15.47 15.21
CA ARG B 74 12.36 15.03 14.72
C ARG B 74 12.51 13.68 14.02
N TYR B 75 11.37 13.09 13.67
CA TYR B 75 11.29 11.93 12.78
C TYR B 75 10.63 12.39 11.48
N ALA B 76 11.38 12.45 10.38
CA ALA B 76 10.84 12.80 9.07
C ALA B 76 10.81 11.55 8.18
N LEU B 77 9.79 11.41 7.33
CA LEU B 77 9.75 10.38 6.29
C LEU B 77 11.02 10.45 5.42
N ALA B 78 11.51 9.28 4.98
CA ALA B 78 12.84 9.12 4.36
C ALA B 78 13.01 9.93 3.06
N ASP B 79 11.93 10.14 2.33
CA ASP B 79 11.86 11.10 1.23
C ASP B 79 10.42 11.52 0.93
N SER B 80 10.34 12.71 0.34
CA SER B 80 9.19 13.34 -0.33
C SER B 80 8.35 12.36 -1.17
N HIS B 81 9.00 11.34 -1.77
CA HIS B 81 8.36 10.19 -2.42
C HIS B 81 7.34 9.48 -1.51
N LEU B 82 7.70 9.11 -0.28
CA LEU B 82 6.79 8.40 0.63
C LEU B 82 5.67 9.35 1.08
N ALA B 83 6.00 10.59 1.44
CA ALA B 83 5.03 11.65 1.76
C ALA B 83 4.00 11.87 0.63
N ARG B 84 4.37 11.69 -0.64
CA ARG B 84 3.46 11.72 -1.81
C ARG B 84 2.51 10.52 -1.87
N ALA B 85 2.99 9.28 -1.83
CA ALA B 85 2.12 8.09 -1.86
C ALA B 85 1.19 8.00 -0.62
N LEU B 86 1.71 8.38 0.54
CA LEU B 86 0.98 8.58 1.79
C LEU B 86 -0.08 9.69 1.67
N GLY B 87 0.26 10.81 1.00
CA GLY B 87 -0.48 12.07 0.94
C GLY B 87 -1.60 12.14 -0.10
N GLU B 88 -1.35 11.66 -1.33
CA GLU B 88 -2.39 11.40 -2.33
C GLU B 88 -3.32 10.28 -1.81
N LEU B 89 -2.75 9.43 -0.95
CA LEU B 89 -3.34 8.36 -0.15
C LEU B 89 -3.59 7.15 -1.05
N VAL B 90 -3.80 5.99 -0.45
CA VAL B 90 -4.30 4.78 -1.15
C VAL B 90 -5.62 4.99 -1.91
N GLN B 91 -6.25 6.17 -1.79
CA GLN B 91 -7.31 6.68 -2.67
C GLN B 91 -8.66 5.97 -2.48
N VAL B 92 -8.69 4.77 -1.92
CA VAL B 92 -9.81 3.84 -1.65
C VAL B 92 -10.82 4.35 -0.62
N VAL B 93 -11.11 5.64 -0.69
CA VAL B 93 -12.12 6.36 0.11
C VAL B 93 -11.69 6.50 1.59
N LEU B 94 -10.38 6.30 1.84
CA LEU B 94 -9.69 6.13 3.13
C LEU B 94 -9.99 4.74 3.69
N ALA B 95 -9.00 3.84 3.67
CA ALA B 95 -9.12 2.51 4.26
C ALA B 95 -9.19 2.52 5.79
N VAL B 96 -10.12 1.73 6.33
CA VAL B 96 -10.54 1.74 7.76
C VAL B 96 -9.70 0.81 8.65
N ASP B 97 -9.50 1.19 9.92
CA ASP B 97 -8.84 0.41 10.99
C ASP B 97 -9.72 -0.71 11.61
N THR B 98 -10.56 -1.33 10.79
CA THR B 98 -11.31 -2.55 11.11
C THR B 98 -10.47 -3.78 10.78
N ASP B 99 -10.68 -4.87 11.51
CA ASP B 99 -10.15 -6.19 11.15
C ASP B 99 -11.33 -7.09 10.76
N GLN B 100 -11.24 -7.68 9.57
CA GLN B 100 -12.26 -8.45 8.89
C GLN B 100 -11.57 -9.34 7.84
N PRO B 101 -12.16 -10.50 7.49
CA PRO B 101 -11.60 -11.39 6.48
C PRO B 101 -11.67 -10.77 5.07
N CYS B 102 -10.61 -10.98 4.28
CA CYS B 102 -10.41 -10.54 2.90
C CYS B 102 -11.36 -11.26 1.87
N VAL B 103 -12.52 -11.73 2.35
CA VAL B 103 -13.49 -12.64 1.73
C VAL B 103 -14.68 -11.94 1.05
N ALA B 104 -14.51 -10.68 0.65
CA ALA B 104 -15.41 -9.87 -0.20
C ALA B 104 -16.62 -9.24 0.54
N GLU B 105 -17.14 -9.90 1.60
CA GLU B 105 -18.23 -9.39 2.42
C GLU B 105 -17.94 -9.57 3.94
N ARG B 106 -18.61 -8.72 4.73
CA ARG B 106 -18.82 -8.63 6.19
C ARG B 106 -18.97 -7.14 6.60
CD CD C . -9.71 -10.26 -0.77
CD CD D . 10.77 -4.10 10.26
N ALA A 10 -11.42 -3.02 3.71
CA ALA A 10 -10.72 -2.82 4.98
C ALA A 10 -9.23 -2.51 4.71
N LEU A 11 -8.68 -1.42 5.25
CA LEU A 11 -7.33 -0.92 4.88
C LEU A 11 -6.21 -1.92 5.21
N ALA A 12 -6.33 -2.60 6.37
CA ALA A 12 -5.41 -3.67 6.76
C ALA A 12 -5.42 -4.86 5.78
N ARG A 13 -6.52 -5.08 5.06
CA ARG A 13 -6.54 -6.03 3.93
C ARG A 13 -5.92 -5.40 2.68
N LEU A 14 -6.24 -4.14 2.37
CA LEU A 14 -5.78 -3.42 1.17
C LEU A 14 -4.25 -3.38 1.05
N GLY A 15 -3.54 -3.04 2.12
CA GLY A 15 -2.08 -2.91 2.08
C GLY A 15 -1.38 -4.26 2.00
N ARG A 16 -2.00 -5.33 2.50
CA ARG A 16 -1.55 -6.70 2.22
C ARG A 16 -1.84 -7.03 0.75
N ALA A 17 -3.06 -6.70 0.29
CA ALA A 17 -3.54 -6.99 -1.07
C ALA A 17 -2.74 -6.28 -2.19
N LEU A 18 -2.05 -5.17 -1.90
CA LEU A 18 -1.08 -4.55 -2.82
C LEU A 18 0.38 -4.90 -2.49
N ALA A 19 0.65 -5.63 -1.41
CA ALA A 19 1.96 -6.24 -1.13
C ALA A 19 2.15 -7.64 -1.78
N ASP A 20 1.14 -8.11 -2.53
CA ASP A 20 1.02 -9.43 -3.09
C ASP A 20 2.04 -9.74 -4.20
N PRO A 21 2.25 -11.05 -4.49
CA PRO A 21 3.05 -11.57 -5.59
C PRO A 21 2.32 -11.35 -6.93
N THR A 22 2.06 -12.43 -7.69
CA THR A 22 1.37 -12.39 -8.99
C THR A 22 -0.01 -11.73 -8.93
N ARG A 23 -0.68 -11.62 -7.76
CA ARG A 23 -1.93 -10.87 -7.68
C ARG A 23 -1.71 -9.36 -7.84
N CYS A 24 -0.65 -8.78 -7.28
CA CYS A 24 -0.30 -7.39 -7.61
C CYS A 24 0.25 -7.28 -9.04
N ARG A 25 0.88 -8.33 -9.57
CA ARG A 25 1.26 -8.37 -11.00
C ARG A 25 0.02 -8.28 -11.93
N ILE A 26 -1.09 -8.96 -11.59
CA ILE A 26 -2.39 -8.82 -12.28
C ILE A 26 -2.91 -7.38 -12.28
N LEU A 27 -2.81 -6.68 -11.14
CA LEU A 27 -3.18 -5.26 -11.09
C LEU A 27 -2.34 -4.41 -12.05
N VAL A 28 -1.01 -4.60 -12.06
CA VAL A 28 -0.10 -3.72 -12.82
C VAL A 28 -0.13 -4.01 -14.33
N ALA A 29 -0.46 -5.24 -14.72
CA ALA A 29 -0.66 -5.62 -16.12
C ALA A 29 -2.05 -5.25 -16.65
N LEU A 30 -3.08 -5.07 -15.81
CA LEU A 30 -4.33 -4.54 -16.29
C LEU A 30 -4.26 -3.02 -16.50
N LEU A 31 -3.43 -2.32 -15.74
CA LEU A 31 -3.06 -0.91 -15.90
C LEU A 31 -2.70 -0.57 -17.36
N ASP A 32 -1.83 -1.39 -17.94
CA ASP A 32 -1.36 -1.41 -19.33
C ASP A 32 -2.08 -2.52 -20.14
N GLY A 33 -3.33 -2.82 -19.74
CA GLY A 33 -4.16 -3.87 -20.32
C GLY A 33 -5.56 -3.37 -20.72
N VAL A 34 -6.48 -3.34 -19.74
CA VAL A 34 -7.95 -3.07 -19.88
C VAL A 34 -8.66 -3.52 -21.17
N CYS A 35 -8.19 -4.60 -21.79
CA CYS A 35 -8.80 -5.23 -22.98
C CYS A 35 -9.93 -6.16 -22.59
N TYR A 36 -9.65 -7.43 -22.29
CA TYR A 36 -10.68 -8.46 -22.12
C TYR A 36 -10.44 -9.38 -20.90
N PRO A 37 -11.48 -9.99 -20.29
CA PRO A 37 -11.30 -10.99 -19.25
C PRO A 37 -10.44 -12.12 -19.80
N GLY A 38 -9.46 -12.56 -19.01
CA GLY A 38 -8.48 -13.57 -19.43
C GLY A 38 -7.32 -13.03 -20.26
N GLN A 39 -7.30 -11.74 -20.65
CA GLN A 39 -6.18 -11.16 -21.39
C GLN A 39 -4.85 -11.29 -20.65
N LEU A 40 -4.91 -11.31 -19.30
CA LEU A 40 -3.74 -11.35 -18.43
C LEU A 40 -3.00 -12.68 -18.51
N ALA A 41 -3.60 -13.74 -19.05
CA ALA A 41 -2.88 -14.99 -19.26
C ALA A 41 -1.81 -14.81 -20.36
N ALA A 42 -2.17 -14.21 -21.50
CA ALA A 42 -1.20 -13.85 -22.53
C ALA A 42 -0.25 -12.74 -22.06
N HIS A 43 -0.77 -11.74 -21.34
CA HIS A 43 -0.01 -10.57 -20.91
C HIS A 43 1.01 -10.86 -19.78
N LEU A 44 0.75 -11.88 -18.95
CA LEU A 44 1.67 -12.38 -17.92
C LEU A 44 2.49 -13.58 -18.42
N GLY A 45 2.02 -14.31 -19.43
CA GLY A 45 2.55 -15.61 -19.84
C GLY A 45 2.08 -16.75 -18.92
N LEU A 46 1.12 -16.47 -18.02
CA LEU A 46 0.71 -17.36 -16.93
C LEU A 46 -0.67 -17.99 -17.17
N THR A 47 -1.03 -19.00 -16.38
CA THR A 47 -2.19 -19.85 -16.66
C THR A 47 -3.51 -19.10 -16.50
N ARG A 48 -4.46 -19.41 -17.38
CA ARG A 48 -5.85 -18.94 -17.30
C ARG A 48 -6.49 -19.33 -15.97
N SER A 49 -6.09 -20.45 -15.39
CA SER A 49 -6.46 -20.87 -14.05
C SER A 49 -5.87 -19.92 -12.99
N ASN A 50 -4.54 -19.69 -12.97
CA ASN A 50 -3.94 -18.88 -11.92
C ASN A 50 -4.32 -17.39 -12.05
N VAL A 51 -4.46 -16.87 -13.26
CA VAL A 51 -5.03 -15.53 -13.48
C VAL A 51 -6.49 -15.44 -12.98
N SER A 52 -7.30 -16.49 -13.09
CA SER A 52 -8.65 -16.50 -12.49
C SER A 52 -8.61 -16.50 -10.96
N ASN A 53 -7.71 -17.29 -10.34
CA ASN A 53 -7.45 -17.26 -8.90
C ASN A 53 -7.20 -15.82 -8.43
N HIS A 54 -6.38 -15.08 -9.17
CA HIS A 54 -6.04 -13.71 -8.83
C HIS A 54 -7.20 -12.71 -8.99
N LEU A 55 -8.10 -12.91 -9.97
CA LEU A 55 -9.23 -12.02 -10.27
C LEU A 55 -10.51 -12.36 -9.50
N SER A 56 -10.57 -13.46 -8.76
CA SER A 56 -11.76 -13.77 -7.96
C SER A 56 -11.94 -12.75 -6.82
N CYS A 57 -10.89 -12.53 -6.03
CA CYS A 57 -10.92 -11.59 -4.92
C CYS A 57 -10.89 -10.12 -5.40
N LEU A 58 -10.08 -9.84 -6.44
CA LEU A 58 -9.81 -8.50 -7.00
C LEU A 58 -11.06 -7.73 -7.41
N ARG A 59 -12.04 -8.47 -7.97
CA ARG A 59 -13.31 -7.91 -8.42
C ARG A 59 -14.30 -7.67 -7.27
N GLY A 60 -14.11 -8.36 -6.13
CA GLY A 60 -14.84 -8.17 -4.87
C GLY A 60 -14.25 -7.00 -4.09
N CYS A 61 -12.93 -7.02 -3.82
CA CYS A 61 -12.13 -5.95 -3.21
C CYS A 61 -12.30 -4.58 -3.91
N GLY A 62 -12.86 -4.62 -5.13
CA GLY A 62 -13.13 -3.47 -5.98
C GLY A 62 -11.91 -2.96 -6.72
N LEU A 63 -10.72 -3.54 -6.47
CA LEU A 63 -9.47 -3.12 -7.10
C LEU A 63 -9.53 -3.18 -8.63
N VAL A 64 -10.40 -4.05 -9.12
CA VAL A 64 -10.83 -4.16 -10.51
C VAL A 64 -12.34 -4.29 -10.63
N VAL A 65 -12.85 -3.91 -11.79
CA VAL A 65 -14.29 -3.77 -12.10
C VAL A 65 -14.58 -4.09 -13.58
N ALA A 66 -15.79 -4.56 -13.88
CA ALA A 66 -16.27 -4.86 -15.23
C ALA A 66 -16.93 -3.64 -15.90
N THR A 67 -16.68 -3.47 -17.21
CA THR A 67 -17.20 -2.36 -18.04
C THR A 67 -17.08 -2.79 -19.50
N TYR A 68 -17.82 -2.23 -20.45
CA TYR A 68 -17.54 -2.49 -21.88
C TYR A 68 -16.45 -1.54 -22.43
N GLU A 69 -15.53 -2.08 -23.25
CA GLU A 69 -14.57 -1.26 -24.01
C GLU A 69 -15.12 -0.76 -25.37
N GLY A 70 -16.29 -1.25 -25.81
CA GLY A 70 -17.01 -0.81 -27.01
C GLY A 70 -17.47 -1.93 -27.94
N ARG A 71 -16.84 -3.10 -27.86
CA ARG A 71 -17.10 -4.32 -28.65
C ARG A 71 -16.68 -5.63 -27.95
N GLN A 72 -16.23 -5.55 -26.70
CA GLN A 72 -15.99 -6.62 -25.75
C GLN A 72 -16.15 -6.06 -24.33
N VAL A 73 -16.42 -6.91 -23.34
CA VAL A 73 -16.37 -6.53 -21.94
C VAL A 73 -14.90 -6.54 -21.47
N ARG A 74 -14.56 -5.62 -20.57
CA ARG A 74 -13.22 -5.42 -20.03
C ARG A 74 -13.24 -5.51 -18.52
N TYR A 75 -12.14 -6.00 -17.98
CA TYR A 75 -11.84 -5.86 -16.56
C TYR A 75 -10.84 -4.70 -16.46
N ALA A 76 -11.01 -3.78 -15.51
CA ALA A 76 -10.17 -2.59 -15.39
C ALA A 76 -9.98 -2.19 -13.94
N LEU A 77 -8.92 -1.44 -13.63
CA LEU A 77 -8.64 -0.91 -12.30
C LEU A 77 -9.80 -0.07 -11.74
N ALA A 78 -9.92 0.04 -10.41
CA ALA A 78 -10.99 0.72 -9.66
C ALA A 78 -11.20 2.23 -9.91
N ASP A 79 -10.27 2.86 -10.62
CA ASP A 79 -10.13 4.28 -10.99
C ASP A 79 -8.64 4.62 -11.18
N SER A 80 -8.45 5.72 -11.88
CA SER A 80 -7.25 6.54 -12.01
C SER A 80 -6.53 6.73 -10.65
N HIS A 81 -7.24 6.56 -9.51
CA HIS A 81 -6.73 6.59 -8.14
C HIS A 81 -5.75 5.44 -7.89
N LEU A 82 -6.19 4.17 -7.95
CA LEU A 82 -5.23 3.07 -7.84
C LEU A 82 -4.17 3.23 -8.92
N ALA A 83 -4.59 3.56 -10.16
CA ALA A 83 -3.71 3.60 -11.34
C ALA A 83 -2.48 4.48 -11.11
N ARG A 84 -2.64 5.68 -10.53
CA ARG A 84 -1.56 6.66 -10.32
C ARG A 84 -0.62 6.39 -9.13
N ALA A 85 -0.98 5.51 -8.19
CA ALA A 85 -0.07 5.04 -7.14
C ALA A 85 0.65 3.74 -7.56
N LEU A 86 -0.15 2.78 -8.06
CA LEU A 86 0.29 1.56 -8.72
C LEU A 86 1.32 1.86 -9.83
N GLY A 87 1.04 2.88 -10.65
CA GLY A 87 1.77 3.24 -11.87
C GLY A 87 3.14 3.89 -11.69
N GLU A 88 3.44 4.42 -10.51
CA GLU A 88 4.81 4.88 -10.14
C GLU A 88 5.55 3.89 -9.24
N LEU A 89 4.89 2.77 -8.87
CA LEU A 89 5.40 1.55 -8.21
C LEU A 89 5.24 1.58 -6.68
N VAL A 90 4.30 2.38 -6.18
CA VAL A 90 3.84 2.38 -4.78
C VAL A 90 4.93 2.98 -3.88
N GLN A 91 5.60 4.01 -4.40
CA GLN A 91 5.81 5.28 -3.69
C GLN A 91 7.05 5.25 -2.79
N VAL A 92 7.50 4.06 -2.40
CA VAL A 92 8.75 3.72 -1.67
C VAL A 92 10.00 3.86 -2.56
N VAL A 93 10.01 4.89 -3.40
CA VAL A 93 11.07 5.29 -4.37
C VAL A 93 11.54 4.18 -5.36
N LEU A 94 10.82 3.05 -5.41
CA LEU A 94 11.10 1.75 -6.07
C LEU A 94 11.63 0.76 -5.03
N ALA A 95 10.76 -0.15 -4.56
CA ALA A 95 11.15 -1.29 -3.71
C ALA A 95 11.19 -2.60 -4.53
N VAL A 96 11.97 -3.59 -4.08
CA VAL A 96 12.25 -4.83 -4.87
C VAL A 96 11.38 -6.04 -4.46
N ASP A 97 11.07 -6.95 -5.39
CA ASP A 97 10.25 -8.15 -5.14
C ASP A 97 11.03 -9.46 -4.92
N THR A 98 12.37 -9.39 -5.05
CA THR A 98 13.30 -10.51 -5.15
C THR A 98 13.61 -11.25 -3.84
N ASP A 99 12.60 -11.48 -3.00
CA ASP A 99 12.63 -12.32 -1.79
C ASP A 99 13.63 -11.76 -0.78
N GLN A 100 13.26 -10.61 -0.22
CA GLN A 100 14.16 -9.81 0.59
C GLN A 100 13.42 -9.17 1.80
N PRO A 101 14.14 -8.67 2.83
CA PRO A 101 13.56 -8.00 3.98
C PRO A 101 13.26 -6.52 3.71
N CYS A 102 12.60 -5.86 4.65
CA CYS A 102 12.51 -4.40 4.68
C CYS A 102 13.95 -3.86 4.85
N VAL A 103 14.54 -4.43 5.89
CA VAL A 103 15.93 -4.47 6.35
C VAL A 103 16.00 -5.11 7.75
N ALA A 104 15.17 -4.62 8.67
CA ALA A 104 15.24 -4.94 10.10
C ALA A 104 14.80 -6.38 10.46
N GLU A 105 13.90 -6.96 9.66
CA GLU A 105 13.47 -8.35 9.78
C GLU A 105 14.48 -9.28 9.11
N ARG A 106 14.77 -10.45 9.71
CA ARG A 106 15.57 -11.49 9.07
C ARG A 106 14.72 -12.74 8.73
N ALA B 10 12.01 -4.19 0.44
CA ALA B 10 11.32 -5.19 -0.36
C ALA B 10 9.86 -4.73 -0.48
N LEU B 11 9.26 -4.71 -1.69
CA LEU B 11 7.98 -4.04 -1.94
C LEU B 11 6.83 -4.62 -1.10
N ALA B 12 6.83 -5.93 -0.84
CA ALA B 12 5.82 -6.54 0.02
C ALA B 12 5.86 -5.98 1.46
N ARG B 13 7.03 -5.52 1.93
CA ARG B 13 7.16 -4.92 3.26
C ARG B 13 6.63 -3.48 3.33
N LEU B 14 6.63 -2.72 2.22
CA LEU B 14 5.97 -1.41 2.14
C LEU B 14 4.49 -1.54 2.52
N GLY B 15 3.71 -2.29 1.73
CA GLY B 15 2.25 -2.38 1.92
C GLY B 15 1.85 -2.98 3.26
N ARG B 16 2.61 -3.99 3.72
CA ARG B 16 2.43 -4.59 5.04
C ARG B 16 2.64 -3.56 6.15
N ALA B 17 3.70 -2.74 6.08
CA ALA B 17 4.00 -1.73 7.09
C ALA B 17 3.06 -0.52 7.03
N LEU B 18 2.28 -0.36 5.94
CA LEU B 18 1.20 0.64 5.87
C LEU B 18 -0.17 0.06 6.28
N ALA B 19 -0.38 -1.26 6.17
CA ALA B 19 -1.53 -2.00 6.70
C ALA B 19 -1.44 -2.27 8.22
N ASP B 20 -0.24 -2.15 8.80
CA ASP B 20 0.05 -2.28 10.21
C ASP B 20 -0.78 -1.26 11.01
N PRO B 21 -1.47 -1.72 12.07
CA PRO B 21 -2.48 -0.99 12.82
C PRO B 21 -2.01 0.40 13.21
N THR B 22 -1.09 0.49 14.17
CA THR B 22 -0.64 1.75 14.74
C THR B 22 0.58 2.31 14.01
N ARG B 23 1.31 1.54 13.17
CA ARG B 23 2.31 2.18 12.28
C ARG B 23 1.62 3.05 11.24
N CYS B 24 0.42 2.70 10.75
CA CYS B 24 -0.41 3.62 9.97
C CYS B 24 -0.70 4.93 10.75
N ARG B 25 -1.08 4.82 12.04
CA ARG B 25 -1.32 5.99 12.91
C ARG B 25 -0.05 6.85 13.09
N ILE B 26 1.10 6.22 13.36
CA ILE B 26 2.42 6.88 13.45
C ILE B 26 2.79 7.60 12.15
N LEU B 27 2.66 6.92 11.02
CA LEU B 27 2.99 7.45 9.70
C LEU B 27 2.11 8.66 9.34
N VAL B 28 0.79 8.59 9.57
CA VAL B 28 -0.14 9.70 9.25
C VAL B 28 -0.04 10.87 10.25
N ALA B 29 0.26 10.60 11.52
CA ALA B 29 0.50 11.64 12.50
C ALA B 29 1.84 12.37 12.26
N LEU B 30 2.86 11.70 11.67
CA LEU B 30 4.09 12.41 11.33
C LEU B 30 3.91 13.48 10.27
N LEU B 31 3.04 13.21 9.30
CA LEU B 31 2.53 14.11 8.26
C LEU B 31 2.06 15.46 8.81
N ASP B 32 1.37 15.45 9.96
CA ASP B 32 0.82 16.60 10.68
C ASP B 32 1.74 17.07 11.84
N GLY B 33 2.96 16.50 11.92
CA GLY B 33 3.87 16.65 13.05
C GLY B 33 5.26 17.15 12.70
N VAL B 34 6.13 16.24 12.26
CA VAL B 34 7.61 16.39 12.07
C VAL B 34 8.35 17.25 13.11
N CYS B 35 7.88 17.24 14.35
CA CYS B 35 8.47 18.00 15.45
C CYS B 35 9.70 17.28 16.01
N TYR B 36 9.52 16.42 17.02
CA TYR B 36 10.65 15.85 17.78
C TYR B 36 10.50 14.34 18.05
N PRO B 37 11.60 13.58 18.26
CA PRO B 37 11.51 12.17 18.60
C PRO B 37 10.67 12.00 19.87
N GLY B 38 9.63 11.15 19.79
CA GLY B 38 8.65 10.96 20.85
C GLY B 38 7.43 11.88 20.79
N GLN B 39 7.36 12.89 19.90
CA GLN B 39 6.21 13.79 19.78
C GLN B 39 4.91 13.03 19.49
N LEU B 40 5.02 11.86 18.85
CA LEU B 40 3.88 11.04 18.46
C LEU B 40 3.19 10.37 19.64
N ALA B 41 3.83 10.25 20.80
CA ALA B 41 3.16 9.77 22.00
C ALA B 41 2.04 10.75 22.44
N ALA B 42 2.28 12.06 22.37
CA ALA B 42 1.24 13.07 22.55
C ALA B 42 0.26 13.10 21.37
N HIS B 43 0.77 13.05 20.14
CA HIS B 43 -0.06 13.12 18.92
C HIS B 43 -1.05 11.94 18.78
N LEU B 44 -0.70 10.77 19.33
CA LEU B 44 -1.51 9.54 19.31
C LEU B 44 -2.20 9.24 20.64
N GLY B 45 -1.81 9.89 21.75
CA GLY B 45 -2.22 9.53 23.11
C GLY B 45 -1.56 8.25 23.64
N LEU B 46 -0.71 7.59 22.85
CA LEU B 46 -0.15 6.27 23.16
C LEU B 46 1.18 6.37 23.89
N THR B 47 1.58 5.32 24.62
CA THR B 47 2.79 5.38 25.46
C THR B 47 4.04 5.61 24.60
N ARG B 48 5.02 6.31 25.16
CA ARG B 48 6.31 6.54 24.49
C ARG B 48 7.01 5.22 24.14
N SER B 49 6.85 4.19 24.96
CA SER B 49 7.30 2.83 24.66
C SER B 49 6.53 2.23 23.48
N ASN B 50 5.19 2.29 23.47
CA ASN B 50 4.41 1.71 22.38
C ASN B 50 4.65 2.45 21.06
N VAL B 51 4.71 3.79 21.06
CA VAL B 51 5.15 4.56 19.88
C VAL B 51 6.59 4.21 19.45
N SER B 52 7.49 3.86 20.37
CA SER B 52 8.83 3.36 20.01
C SER B 52 8.81 1.98 19.32
N ASN B 53 7.95 1.04 19.77
CA ASN B 53 7.70 -0.24 19.08
C ASN B 53 7.40 0.00 17.60
N HIS B 54 6.52 0.96 17.33
CA HIS B 54 6.11 1.29 15.97
C HIS B 54 7.27 1.91 15.16
N LEU B 55 8.03 2.85 15.72
CA LEU B 55 9.12 3.54 15.02
C LEU B 55 10.37 2.68 14.82
N SER B 56 10.59 1.62 15.61
CA SER B 56 11.81 0.80 15.51
C SER B 56 12.04 0.21 14.11
N CYS B 57 11.05 -0.49 13.55
CA CYS B 57 11.18 -1.04 12.20
C CYS B 57 11.15 0.08 11.13
N LEU B 58 10.28 1.08 11.36
CA LEU B 58 9.93 2.20 10.48
C LEU B 58 11.13 3.06 10.04
N ARG B 59 12.08 3.29 10.96
CA ARG B 59 13.31 4.04 10.70
C ARG B 59 14.38 3.21 9.96
N GLY B 60 14.22 1.87 9.95
CA GLY B 60 14.99 0.93 9.14
C GLY B 60 14.39 0.79 7.74
N CYS B 61 13.09 0.46 7.65
CA CYS B 61 12.28 0.37 6.42
C CYS B 61 12.38 1.63 5.53
N GLY B 62 12.88 2.73 6.11
CA GLY B 62 13.05 4.03 5.49
C GLY B 62 11.76 4.82 5.40
N LEU B 63 10.62 4.24 5.80
CA LEU B 63 9.31 4.92 5.79
C LEU B 63 9.33 6.22 6.59
N VAL B 64 10.21 6.26 7.60
CA VAL B 64 10.56 7.45 8.37
C VAL B 64 12.08 7.58 8.52
N VAL B 65 12.51 8.81 8.73
CA VAL B 65 13.92 9.24 8.70
C VAL B 65 14.18 10.38 9.70
N ALA B 66 15.42 10.47 10.21
CA ALA B 66 15.88 11.51 11.14
C ALA B 66 16.54 12.68 10.41
N THR B 67 16.28 13.91 10.87
CA THR B 67 16.71 15.17 10.24
C THR B 67 16.57 16.29 11.27
N TYR B 68 17.05 17.51 11.03
CA TYR B 68 16.70 18.66 11.88
C TYR B 68 15.40 19.36 11.42
N GLU B 69 14.61 19.87 12.36
CA GLU B 69 13.46 20.72 12.05
C GLU B 69 13.89 22.20 11.85
N GLY B 70 14.74 22.71 12.76
CA GLY B 70 15.40 24.02 12.65
C GLY B 70 16.39 24.31 13.78
N ARG B 71 16.20 23.68 14.95
CA ARG B 71 17.06 23.78 16.14
C ARG B 71 17.28 22.41 16.84
N GLN B 72 16.29 21.52 16.76
CA GLN B 72 16.30 20.16 17.28
C GLN B 72 16.16 19.15 16.14
N VAL B 73 16.43 17.89 16.47
CA VAL B 73 16.21 16.74 15.58
C VAL B 73 14.73 16.33 15.58
N ARG B 74 14.28 15.83 14.44
CA ARG B 74 12.92 15.42 14.12
C ARG B 74 12.96 14.03 13.49
N TYR B 75 11.80 13.38 13.52
CA TYR B 75 11.52 12.24 12.66
C TYR B 75 10.57 12.78 11.56
N ALA B 76 10.64 12.26 10.34
CA ALA B 76 9.78 12.67 9.22
C ALA B 76 9.56 11.49 8.28
N LEU B 77 8.48 11.51 7.48
CA LEU B 77 8.27 10.52 6.43
C LEU B 77 9.37 10.56 5.36
N ALA B 78 9.58 9.44 4.67
CA ALA B 78 10.61 9.17 3.65
C ALA B 78 10.77 10.19 2.50
N ASP B 79 9.71 10.97 2.27
CA ASP B 79 9.52 12.07 1.32
C ASP B 79 8.02 12.41 1.26
N SER B 80 7.76 13.55 0.62
CA SER B 80 6.48 13.98 0.06
C SER B 80 5.75 12.83 -0.66
N HIS B 81 6.45 11.76 -1.06
CA HIS B 81 5.95 10.53 -1.68
C HIS B 81 5.01 9.78 -0.74
N LEU B 82 5.48 9.30 0.41
CA LEU B 82 4.58 8.64 1.35
C LEU B 82 3.56 9.64 1.88
N ALA B 83 3.97 10.90 2.08
CA ALA B 83 3.05 11.95 2.54
C ALA B 83 1.84 12.15 1.59
N ARG B 84 2.03 12.13 0.26
CA ARG B 84 0.94 12.38 -0.71
C ARG B 84 0.04 11.18 -1.02
N ALA B 85 0.49 9.94 -0.79
CA ALA B 85 -0.36 8.75 -0.88
C ALA B 85 -1.10 8.49 0.45
N LEU B 86 -0.41 8.59 1.59
CA LEU B 86 -1.01 8.46 2.90
C LEU B 86 -1.99 9.63 3.18
N GLY B 87 -1.64 10.85 2.78
CA GLY B 87 -2.40 12.09 3.02
C GLY B 87 -3.79 12.14 2.38
N GLU B 88 -4.06 11.29 1.39
CA GLU B 88 -5.41 11.08 0.84
C GLU B 88 -6.09 9.76 1.26
N LEU B 89 -5.38 8.91 2.04
CA LEU B 89 -5.80 7.72 2.81
C LEU B 89 -5.37 6.38 2.18
N VAL B 90 -4.63 6.38 1.07
CA VAL B 90 -4.17 5.19 0.34
C VAL B 90 -5.29 4.67 -0.55
N GLN B 91 -6.01 5.61 -1.18
CA GLN B 91 -6.25 5.62 -2.63
C GLN B 91 -7.46 4.78 -3.06
N VAL B 92 -7.79 3.76 -2.25
CA VAL B 92 -8.92 2.81 -2.28
C VAL B 92 -10.29 3.46 -2.00
N VAL B 93 -10.44 4.74 -2.38
CA VAL B 93 -11.63 5.60 -2.16
C VAL B 93 -12.23 5.59 -0.73
N LEU B 94 -11.38 5.28 0.28
CA LEU B 94 -11.63 5.18 1.74
C LEU B 94 -11.86 3.71 2.14
N ALA B 95 -10.82 3.04 2.66
CA ALA B 95 -10.98 1.71 3.28
C ALA B 95 -10.97 1.82 4.82
N VAL B 96 -11.77 1.00 5.52
CA VAL B 96 -11.98 1.08 6.98
C VAL B 96 -10.99 0.22 7.79
N ASP B 97 -10.75 0.54 9.06
CA ASP B 97 -9.86 -0.22 9.95
C ASP B 97 -10.57 -1.12 10.96
N THR B 98 -11.91 -1.01 11.03
CA THR B 98 -12.81 -1.53 12.07
C THR B 98 -13.07 -3.04 12.05
N ASP B 99 -12.01 -3.84 11.88
CA ASP B 99 -11.95 -5.29 12.04
C ASP B 99 -12.98 -5.96 11.16
N GLN B 100 -12.78 -5.80 9.85
CA GLN B 100 -13.69 -6.33 8.84
C GLN B 100 -12.89 -6.91 7.64
N PRO B 101 -13.51 -7.66 6.71
CA PRO B 101 -12.82 -8.26 5.56
C PRO B 101 -12.62 -7.25 4.43
N CYS B 102 -11.89 -7.67 3.38
CA CYS B 102 -11.84 -6.94 2.13
C CYS B 102 -13.28 -6.86 1.58
N VAL B 103 -13.87 -8.05 1.57
CA VAL B 103 -15.26 -8.46 1.38
C VAL B 103 -15.33 -9.99 1.19
N ALA B 104 -14.46 -10.53 0.33
CA ALA B 104 -14.51 -11.91 -0.15
C ALA B 104 -14.07 -12.94 0.92
N GLU B 105 -13.12 -12.56 1.76
CA GLU B 105 -12.67 -13.34 2.91
C GLU B 105 -13.69 -13.25 4.07
N ARG B 106 -13.80 -14.30 4.89
CA ARG B 106 -14.63 -14.26 6.11
C ARG B 106 -13.88 -14.70 7.36
CD CD C . -11.30 -9.66 -1.71
CD CD D . 11.87 -2.62 9.07
N ALA A 10 -11.33 -1.65 4.31
CA ALA A 10 -10.48 -1.38 5.46
C ALA A 10 -9.10 -0.89 4.96
N LEU A 11 -8.61 0.25 5.47
CA LEU A 11 -7.30 0.78 5.07
C LEU A 11 -6.17 -0.22 5.34
N ALA A 12 -6.29 -0.95 6.45
CA ALA A 12 -5.31 -1.94 6.87
C ALA A 12 -5.32 -3.22 6.00
N ARG A 13 -6.33 -3.40 5.14
CA ARG A 13 -6.39 -4.47 4.13
C ARG A 13 -6.20 -3.96 2.69
N LEU A 14 -6.53 -2.69 2.43
CA LEU A 14 -6.20 -1.98 1.20
C LEU A 14 -4.70 -2.08 0.93
N GLY A 15 -3.86 -1.84 1.95
CA GLY A 15 -2.41 -2.01 1.84
C GLY A 15 -1.98 -3.46 1.59
N ARG A 16 -2.65 -4.45 2.19
CA ARG A 16 -2.38 -5.89 2.00
C ARG A 16 -2.60 -6.28 0.54
N ALA A 17 -3.71 -5.84 -0.04
CA ALA A 17 -4.06 -6.05 -1.44
C ALA A 17 -3.04 -5.40 -2.40
N LEU A 18 -2.56 -4.18 -2.09
CA LEU A 18 -1.54 -3.54 -2.94
C LEU A 18 -0.12 -4.07 -2.69
N ALA A 19 0.14 -4.79 -1.60
CA ALA A 19 1.37 -5.54 -1.32
C ALA A 19 1.41 -6.97 -1.90
N ASP A 20 0.25 -7.61 -2.09
CA ASP A 20 0.08 -9.00 -2.50
C ASP A 20 0.96 -9.39 -3.72
N PRO A 21 1.48 -10.63 -3.74
CA PRO A 21 2.49 -11.11 -4.68
C PRO A 21 2.00 -11.05 -6.13
N THR A 22 1.11 -11.97 -6.53
CA THR A 22 0.44 -11.93 -7.83
C THR A 22 -0.35 -10.64 -7.97
N ARG A 23 -0.99 -10.12 -6.91
CA ARG A 23 -1.95 -9.03 -7.03
C ARG A 23 -1.36 -7.65 -7.34
N CYS A 24 -0.15 -7.28 -6.89
CA CYS A 24 0.54 -6.10 -7.40
C CYS A 24 0.85 -6.31 -8.89
N ARG A 25 1.40 -7.50 -9.20
CA ARG A 25 1.69 -7.96 -10.55
C ARG A 25 0.45 -8.12 -11.47
N ILE A 26 -0.79 -8.16 -10.96
CA ILE A 26 -2.00 -8.03 -11.81
C ILE A 26 -2.11 -6.61 -12.29
N LEU A 27 -2.13 -5.67 -11.36
CA LEU A 27 -2.40 -4.28 -11.68
C LEU A 27 -1.41 -3.66 -12.68
N VAL A 28 -0.14 -4.07 -12.67
CA VAL A 28 0.85 -3.63 -13.69
C VAL A 28 0.44 -4.04 -15.11
N ALA A 29 -0.33 -5.13 -15.22
CA ALA A 29 -0.82 -5.72 -16.45
C ALA A 29 -2.32 -5.41 -16.68
N LEU A 30 -2.93 -4.54 -15.86
CA LEU A 30 -4.29 -4.00 -16.02
C LEU A 30 -4.31 -2.56 -16.51
N LEU A 31 -3.18 -1.88 -16.28
CA LEU A 31 -2.80 -0.60 -16.88
C LEU A 31 -2.81 -0.80 -18.41
N ASP A 32 -1.97 -1.74 -18.86
CA ASP A 32 -1.84 -2.25 -20.24
C ASP A 32 -2.64 -3.56 -20.46
N GLY A 33 -3.81 -3.67 -19.83
CA GLY A 33 -4.62 -4.91 -19.81
C GLY A 33 -5.91 -4.81 -20.60
N VAL A 34 -7.01 -4.56 -19.88
CA VAL A 34 -8.38 -4.26 -20.36
C VAL A 34 -8.99 -5.09 -21.51
N CYS A 35 -8.41 -6.23 -21.88
CA CYS A 35 -8.97 -7.11 -22.90
C CYS A 35 -10.10 -7.99 -22.32
N TYR A 36 -9.78 -9.17 -21.79
CA TYR A 36 -10.79 -10.19 -21.45
C TYR A 36 -10.61 -10.82 -20.05
N PRO A 37 -11.67 -11.40 -19.44
CA PRO A 37 -11.59 -12.06 -18.14
C PRO A 37 -10.60 -13.22 -18.19
N GLY A 38 -9.70 -13.27 -17.19
CA GLY A 38 -8.66 -14.30 -17.10
C GLY A 38 -7.54 -14.19 -18.14
N GLN A 39 -7.57 -13.23 -19.09
CA GLN A 39 -6.54 -13.10 -20.13
C GLN A 39 -5.16 -12.86 -19.52
N LEU A 40 -5.12 -12.19 -18.35
CA LEU A 40 -3.94 -11.94 -17.54
C LEU A 40 -3.08 -13.18 -17.34
N ALA A 41 -3.65 -14.38 -17.40
CA ALA A 41 -2.91 -15.62 -17.34
C ALA A 41 -1.80 -15.73 -18.41
N ALA A 42 -2.06 -15.28 -19.65
CA ALA A 42 -1.01 -15.19 -20.68
C ALA A 42 -0.07 -14.00 -20.41
N HIS A 43 -0.63 -12.85 -20.03
CA HIS A 43 0.08 -11.60 -19.77
C HIS A 43 1.13 -11.70 -18.62
N LEU A 44 0.84 -12.57 -17.64
CA LEU A 44 1.67 -12.88 -16.46
C LEU A 44 2.42 -14.21 -16.57
N GLY A 45 2.07 -15.08 -17.53
CA GLY A 45 2.56 -16.46 -17.64
C GLY A 45 1.97 -17.45 -16.62
N LEU A 46 1.03 -16.99 -15.78
CA LEU A 46 0.50 -17.74 -14.63
C LEU A 46 -0.76 -18.54 -15.00
N THR A 47 -1.22 -19.44 -14.10
CA THR A 47 -2.54 -20.08 -14.27
C THR A 47 -3.66 -19.08 -14.01
N ARG A 48 -4.73 -19.19 -14.80
CA ARG A 48 -6.00 -18.48 -14.59
C ARG A 48 -6.69 -18.87 -13.27
N SER A 49 -6.25 -19.93 -12.58
CA SER A 49 -6.64 -20.26 -11.20
C SER A 49 -6.02 -19.26 -10.20
N ASN A 50 -4.68 -19.15 -10.17
CA ASN A 50 -3.91 -18.16 -9.38
C ASN A 50 -4.36 -16.73 -9.70
N VAL A 51 -4.45 -16.39 -10.99
CA VAL A 51 -4.98 -15.08 -11.42
C VAL A 51 -6.42 -14.85 -10.95
N SER A 52 -7.35 -15.81 -11.07
CA SER A 52 -8.74 -15.57 -10.62
C SER A 52 -8.89 -15.46 -9.11
N ASN A 53 -8.11 -16.24 -8.33
CA ASN A 53 -8.04 -16.11 -6.87
C ASN A 53 -7.79 -14.65 -6.46
N HIS A 54 -6.83 -14.01 -7.12
CA HIS A 54 -6.57 -12.60 -6.89
C HIS A 54 -7.49 -11.61 -7.64
N LEU A 55 -8.29 -12.01 -8.64
CA LEU A 55 -9.34 -11.12 -9.19
C LEU A 55 -10.57 -11.10 -8.27
N SER A 56 -10.83 -12.16 -7.50
CA SER A 56 -11.90 -12.16 -6.48
C SER A 56 -11.91 -10.89 -5.62
N CYS A 57 -10.80 -10.55 -4.96
CA CYS A 57 -10.68 -9.37 -4.12
C CYS A 57 -10.13 -8.11 -4.85
N LEU A 58 -9.89 -8.20 -6.17
CA LEU A 58 -9.64 -7.01 -7.01
C LEU A 58 -10.98 -6.39 -7.41
N ARG A 59 -11.94 -7.28 -7.74
CA ARG A 59 -13.34 -6.94 -8.03
C ARG A 59 -14.11 -6.66 -6.73
N GLY A 60 -13.70 -7.28 -5.60
CA GLY A 60 -14.24 -7.05 -4.26
C GLY A 60 -13.93 -5.63 -3.79
N CYS A 61 -12.65 -5.31 -3.61
CA CYS A 61 -12.14 -3.98 -3.24
C CYS A 61 -12.39 -2.87 -4.31
N GLY A 62 -13.10 -3.19 -5.40
CA GLY A 62 -13.49 -2.27 -6.47
C GLY A 62 -12.36 -1.84 -7.40
N LEU A 63 -11.13 -2.28 -7.15
CA LEU A 63 -9.94 -1.87 -7.90
C LEU A 63 -10.03 -2.21 -9.39
N VAL A 64 -10.81 -3.23 -9.75
CA VAL A 64 -11.21 -3.58 -11.12
C VAL A 64 -12.73 -3.63 -11.27
N VAL A 65 -13.18 -3.13 -12.42
CA VAL A 65 -14.56 -2.96 -12.83
C VAL A 65 -14.85 -3.79 -14.08
N ALA A 66 -16.01 -4.44 -14.11
CA ALA A 66 -16.54 -5.16 -15.28
C ALA A 66 -17.11 -4.19 -16.32
N THR A 67 -16.92 -4.49 -17.62
CA THR A 67 -17.34 -3.62 -18.75
C THR A 67 -17.31 -4.43 -20.03
N TYR A 68 -18.16 -4.12 -21.01
CA TYR A 68 -17.95 -4.66 -22.37
C TYR A 68 -16.96 -3.78 -23.15
N GLU A 69 -15.88 -4.37 -23.71
CA GLU A 69 -14.94 -3.62 -24.55
C GLU A 69 -15.54 -3.31 -25.95
N GLY A 70 -16.24 -4.28 -26.56
CA GLY A 70 -17.04 -4.12 -27.78
C GLY A 70 -17.38 -5.42 -28.50
N ARG A 71 -16.50 -6.42 -28.40
CA ARG A 71 -16.66 -7.80 -28.86
C ARG A 71 -16.73 -8.81 -27.69
N GLN A 72 -16.28 -8.44 -26.49
CA GLN A 72 -16.10 -9.25 -25.32
C GLN A 72 -16.27 -8.41 -24.03
N VAL A 73 -16.45 -9.06 -22.88
CA VAL A 73 -16.39 -8.41 -21.56
C VAL A 73 -14.94 -8.27 -21.09
N ARG A 74 -14.64 -7.27 -20.25
CA ARG A 74 -13.30 -6.89 -19.82
C ARG A 74 -13.27 -6.59 -18.31
N TYR A 75 -12.06 -6.59 -17.74
CA TYR A 75 -11.78 -6.05 -16.40
C TYR A 75 -10.82 -4.87 -16.55
N ALA A 76 -11.20 -3.70 -16.04
CA ALA A 76 -10.42 -2.45 -16.11
C ALA A 76 -10.20 -1.86 -14.72
N LEU A 77 -9.09 -1.16 -14.46
CA LEU A 77 -9.00 -0.42 -13.19
C LEU A 77 -10.12 0.63 -13.17
N ALA A 78 -10.55 0.93 -11.95
CA ALA A 78 -11.77 1.72 -11.70
C ALA A 78 -11.73 3.13 -12.29
N ASP A 79 -10.52 3.69 -12.41
CA ASP A 79 -10.17 4.92 -13.12
C ASP A 79 -8.63 5.11 -13.18
N SER A 80 -8.26 5.97 -14.11
CA SER A 80 -6.98 6.64 -14.33
C SER A 80 -6.25 7.01 -13.04
N HIS A 81 -6.99 7.34 -11.96
CA HIS A 81 -6.47 7.63 -10.63
C HIS A 81 -5.70 6.43 -10.06
N LEU A 82 -6.29 5.22 -9.96
CA LEU A 82 -5.54 4.04 -9.49
C LEU A 82 -4.44 3.65 -10.47
N ALA A 83 -4.71 3.75 -11.77
CA ALA A 83 -3.72 3.47 -12.82
C ALA A 83 -2.47 4.37 -12.68
N ARG A 84 -2.62 5.65 -12.29
CA ARG A 84 -1.47 6.56 -12.09
C ARG A 84 -0.60 6.15 -10.90
N ALA A 85 -1.19 5.83 -9.73
CA ALA A 85 -0.37 5.49 -8.55
C ALA A 85 0.37 4.19 -8.77
N LEU A 86 -0.29 3.17 -9.33
CA LEU A 86 0.38 1.95 -9.76
C LEU A 86 1.43 2.22 -10.86
N GLY A 87 1.26 3.25 -11.69
CA GLY A 87 2.29 3.75 -12.62
C GLY A 87 3.54 4.30 -11.94
N GLU A 88 3.43 4.87 -10.72
CA GLU A 88 4.57 5.18 -9.82
C GLU A 88 4.72 4.12 -8.71
N LEU A 89 4.18 2.92 -8.96
CA LEU A 89 4.00 1.74 -8.10
C LEU A 89 3.04 1.97 -6.92
N VAL A 90 3.15 3.13 -6.30
CA VAL A 90 2.50 3.58 -5.06
C VAL A 90 2.77 5.08 -4.88
N GLN A 91 4.06 5.44 -4.75
CA GLN A 91 4.54 6.78 -4.43
C GLN A 91 6.06 6.78 -4.21
N VAL A 92 6.64 5.71 -3.63
CA VAL A 92 8.06 5.68 -3.21
C VAL A 92 9.07 5.56 -4.37
N VAL A 93 8.67 6.04 -5.55
CA VAL A 93 9.53 6.17 -6.73
C VAL A 93 10.04 4.79 -7.24
N LEU A 94 9.26 3.75 -6.91
CA LEU A 94 9.35 2.31 -7.27
C LEU A 94 10.16 1.50 -6.24
N ALA A 95 9.46 0.88 -5.28
CA ALA A 95 10.03 -0.15 -4.42
C ALA A 95 10.36 -1.40 -5.28
N VAL A 96 11.34 -2.20 -4.87
CA VAL A 96 11.96 -3.26 -5.67
C VAL A 96 11.10 -4.55 -5.71
N ASP A 97 11.03 -5.19 -6.89
CA ASP A 97 10.35 -6.48 -7.11
C ASP A 97 11.10 -7.70 -6.49
N THR A 98 12.19 -7.48 -5.75
CA THR A 98 12.85 -8.50 -4.93
C THR A 98 11.98 -8.76 -3.72
N ASP A 99 11.38 -9.95 -3.63
CA ASP A 99 10.61 -10.37 -2.46
C ASP A 99 11.62 -10.74 -1.38
N GLN A 100 11.66 -9.95 -0.31
CA GLN A 100 12.55 -10.14 0.82
C GLN A 100 11.69 -10.09 2.11
N PRO A 101 12.09 -10.72 3.24
CA PRO A 101 11.31 -10.68 4.48
C PRO A 101 11.24 -9.29 5.13
N CYS A 102 12.19 -8.43 4.73
CA CYS A 102 12.38 -7.00 4.87
C CYS A 102 13.83 -6.63 5.25
N VAL A 103 13.92 -5.38 5.67
CA VAL A 103 15.13 -4.57 5.83
C VAL A 103 15.43 -4.32 7.32
N ALA A 104 14.42 -3.92 8.10
CA ALA A 104 14.44 -3.91 9.58
C ALA A 104 13.16 -4.49 10.16
N GLU A 105 12.61 -5.45 9.42
CA GLU A 105 11.53 -6.32 9.85
C GLU A 105 11.79 -7.73 9.30
N ARG A 106 10.97 -8.70 9.69
CA ARG A 106 11.08 -10.09 9.26
C ARG A 106 9.83 -10.90 9.59
N ALA B 10 11.68 -3.95 -0.56
CA ALA B 10 10.83 -4.89 -1.28
C ALA B 10 9.40 -4.33 -1.39
N LEU B 11 8.78 -4.33 -2.57
CA LEU B 11 7.46 -3.72 -2.78
C LEU B 11 6.37 -4.34 -1.90
N ALA B 12 6.38 -5.67 -1.75
CA ALA B 12 5.47 -6.41 -0.88
C ALA B 12 5.75 -6.16 0.63
N ARG B 13 6.90 -5.59 0.99
CA ARG B 13 7.18 -5.12 2.35
C ARG B 13 6.84 -3.63 2.53
N LEU B 14 7.00 -2.79 1.50
CA LEU B 14 6.51 -1.40 1.47
C LEU B 14 4.99 -1.40 1.70
N GLY B 15 4.22 -2.13 0.89
CA GLY B 15 2.76 -2.17 1.02
C GLY B 15 2.30 -2.79 2.34
N ARG B 16 3.04 -3.78 2.87
CA ARG B 16 2.82 -4.34 4.22
C ARG B 16 3.03 -3.26 5.27
N ALA B 17 4.11 -2.49 5.16
CA ALA B 17 4.50 -1.43 6.09
C ALA B 17 3.53 -0.24 6.12
N LEU B 18 2.65 -0.13 5.11
CA LEU B 18 1.52 0.82 5.11
C LEU B 18 0.17 0.12 5.42
N ALA B 19 0.07 -1.22 5.40
CA ALA B 19 -1.14 -1.98 5.79
C ALA B 19 -1.36 -2.23 7.30
N ASP B 20 -0.41 -1.90 8.17
CA ASP B 20 -0.40 -2.29 9.58
C ASP B 20 -1.41 -1.56 10.49
N PRO B 21 -1.70 -2.14 11.68
CA PRO B 21 -2.44 -1.51 12.78
C PRO B 21 -1.74 -0.22 13.26
N THR B 22 -0.57 -0.34 13.93
CA THR B 22 0.16 0.83 14.44
C THR B 22 0.88 1.58 13.32
N ARG B 23 1.56 0.92 12.37
CA ARG B 23 2.43 1.65 11.44
C ARG B 23 1.71 2.64 10.52
N CYS B 24 0.54 2.32 9.96
CA CYS B 24 -0.25 3.32 9.24
C CYS B 24 -0.64 4.49 10.17
N ARG B 25 -1.09 4.16 11.40
CA ARG B 25 -1.40 5.13 12.45
C ARG B 25 -0.18 5.96 12.92
N ILE B 26 1.06 5.47 12.75
CA ILE B 26 2.26 6.31 12.91
C ILE B 26 2.27 7.32 11.78
N LEU B 27 2.25 6.81 10.56
CA LEU B 27 2.37 7.61 9.35
C LEU B 27 1.32 8.73 9.27
N VAL B 28 0.05 8.48 9.62
CA VAL B 28 -1.00 9.55 9.63
C VAL B 28 -0.67 10.69 10.61
N ALA B 29 0.03 10.37 11.69
CA ALA B 29 0.37 11.29 12.78
C ALA B 29 1.78 11.91 12.60
N LEU B 30 2.53 11.49 11.57
CA LEU B 30 3.85 12.07 11.26
C LEU B 30 3.79 13.24 10.29
N LEU B 31 2.70 13.25 9.53
CA LEU B 31 2.22 14.32 8.64
C LEU B 31 2.18 15.66 9.39
N ASP B 32 1.38 15.73 10.45
CA ASP B 32 1.24 16.87 11.37
C ASP B 32 2.18 16.79 12.59
N GLY B 33 3.11 15.82 12.60
CA GLY B 33 3.92 15.43 13.76
C GLY B 33 5.21 16.22 13.91
N VAL B 34 6.26 15.76 13.23
CA VAL B 34 7.64 16.32 13.18
C VAL B 34 8.31 16.90 14.44
N CYS B 35 7.81 16.62 15.64
CA CYS B 35 8.36 17.16 16.88
C CYS B 35 9.61 16.39 17.33
N TYR B 36 9.45 15.36 18.16
CA TYR B 36 10.58 14.71 18.86
C TYR B 36 10.51 13.16 18.90
N PRO B 37 11.63 12.44 19.16
CA PRO B 37 11.63 10.99 19.33
C PRO B 37 10.64 10.58 20.42
N GLY B 38 9.82 9.57 20.13
CA GLY B 38 8.81 9.07 21.06
C GLY B 38 7.57 9.97 21.22
N GLN B 39 7.56 11.18 20.64
CA GLN B 39 6.43 12.12 20.74
C GLN B 39 5.13 11.47 20.26
N LEU B 40 5.23 10.63 19.20
CA LEU B 40 4.13 9.87 18.64
C LEU B 40 3.35 9.11 19.70
N ALA B 41 4.00 8.64 20.76
CA ALA B 41 3.35 7.86 21.81
C ALA B 41 2.13 8.60 22.39
N ALA B 42 2.32 9.85 22.84
CA ALA B 42 1.22 10.69 23.32
C ALA B 42 0.23 11.06 22.21
N HIS B 43 0.74 11.34 21.00
CA HIS B 43 -0.04 11.69 19.80
C HIS B 43 -0.98 10.56 19.31
N LEU B 44 -0.63 9.30 19.60
CA LEU B 44 -1.42 8.09 19.32
C LEU B 44 -2.20 7.59 20.55
N GLY B 45 -1.79 7.95 21.76
CA GLY B 45 -2.29 7.41 23.02
C GLY B 45 -1.66 6.07 23.42
N LEU B 46 -0.59 5.65 22.73
CA LEU B 46 0.03 4.32 22.85
C LEU B 46 1.36 4.34 23.63
N THR B 47 1.89 3.17 23.99
CA THR B 47 3.26 3.07 24.56
C THR B 47 4.33 3.31 23.48
N ARG B 48 5.36 4.07 23.88
CA ARG B 48 6.60 4.27 23.12
C ARG B 48 7.35 2.94 22.87
N SER B 49 7.06 1.87 23.59
CA SER B 49 7.54 0.51 23.28
C SER B 49 6.93 -0.04 21.97
N ASN B 50 5.60 -0.11 21.87
CA ASN B 50 4.84 -0.47 20.66
C ASN B 50 5.19 0.49 19.50
N VAL B 51 5.11 1.79 19.75
CA VAL B 51 5.39 2.81 18.73
C VAL B 51 6.83 2.73 18.23
N SER B 52 7.83 2.46 19.07
CA SER B 52 9.21 2.30 18.56
C SER B 52 9.45 0.97 17.84
N ASN B 53 8.83 -0.13 18.28
CA ASN B 53 8.84 -1.40 17.54
C ASN B 53 8.43 -1.21 16.08
N HIS B 54 7.36 -0.44 15.86
CA HIS B 54 6.92 -0.08 14.51
C HIS B 54 7.78 1.01 13.82
N LEU B 55 8.56 1.84 14.53
CA LEU B 55 9.54 2.77 13.94
C LEU B 55 10.85 2.10 13.53
N SER B 56 11.20 0.93 14.07
CA SER B 56 12.35 0.14 13.61
C SER B 56 12.44 0.07 12.08
N CYS B 57 11.38 -0.40 11.43
CA CYS B 57 11.35 -0.51 9.96
C CYS B 57 10.73 0.71 9.24
N LEU B 58 10.08 1.64 9.97
CA LEU B 58 9.70 2.93 9.37
C LEU B 58 10.97 3.77 9.10
N ARG B 59 11.99 3.66 9.96
CA ARG B 59 13.34 4.21 9.75
C ARG B 59 14.20 3.31 8.84
N GLY B 60 13.88 2.01 8.73
CA GLY B 60 14.55 1.04 7.84
C GLY B 60 14.24 1.32 6.37
N CYS B 61 12.98 1.18 5.98
CA CYS B 61 12.45 1.49 4.65
C CYS B 61 12.46 3.00 4.30
N GLY B 62 13.02 3.86 5.16
CA GLY B 62 13.24 5.29 4.89
C GLY B 62 11.97 6.14 4.96
N LEU B 63 10.84 5.56 5.38
CA LEU B 63 9.55 6.25 5.49
C LEU B 63 9.57 7.40 6.52
N VAL B 64 10.40 7.27 7.58
CA VAL B 64 10.72 8.31 8.56
C VAL B 64 12.23 8.54 8.70
N VAL B 65 12.59 9.82 8.75
CA VAL B 65 13.95 10.36 8.69
C VAL B 65 14.30 11.15 9.95
N ALA B 66 15.53 10.95 10.46
CA ALA B 66 16.10 11.70 11.58
C ALA B 66 16.64 13.08 11.16
N THR B 67 16.47 14.09 12.02
CA THR B 67 16.82 15.50 11.70
C THR B 67 16.82 16.37 12.94
N TYR B 68 17.71 17.34 13.10
CA TYR B 68 17.48 18.35 14.15
C TYR B 68 16.40 19.33 13.67
N GLU B 69 15.28 19.46 14.40
CA GLU B 69 14.25 20.45 14.06
C GLU B 69 14.80 21.87 14.28
N GLY B 70 15.26 22.18 15.50
CA GLY B 70 16.02 23.40 15.83
C GLY B 70 16.57 23.42 17.27
N ARG B 71 15.84 22.80 18.21
CA ARG B 71 16.20 22.62 19.63
C ARG B 71 16.43 21.15 20.03
N GLN B 72 15.93 20.19 19.24
CA GLN B 72 15.86 18.76 19.49
C GLN B 72 15.95 17.99 18.16
N VAL B 73 16.21 16.68 18.20
CA VAL B 73 16.08 15.79 17.03
C VAL B 73 14.61 15.43 16.80
N ARG B 74 14.21 15.25 15.55
CA ARG B 74 12.86 14.98 15.08
C ARG B 74 12.83 13.76 14.18
N TYR B 75 11.63 13.20 14.04
CA TYR B 75 11.28 12.20 13.02
C TYR B 75 10.32 12.87 12.03
N ALA B 76 10.65 12.93 10.75
CA ALA B 76 9.79 13.45 9.69
C ALA B 76 9.58 12.40 8.58
N LEU B 77 8.48 12.43 7.81
CA LEU B 77 8.49 11.60 6.60
C LEU B 77 9.54 12.19 5.65
N ALA B 78 10.08 11.33 4.81
CA ALA B 78 11.25 11.68 3.99
C ALA B 78 10.98 12.82 2.99
N ASP B 79 9.72 13.04 2.61
CA ASP B 79 9.24 14.18 1.82
C ASP B 79 7.70 14.19 1.69
N SER B 80 7.21 15.38 1.35
CA SER B 80 5.88 15.75 0.87
C SER B 80 5.25 14.71 -0.06
N HIS B 81 6.05 14.01 -0.88
CA HIS B 81 5.61 12.96 -1.78
C HIS B 81 5.02 11.78 -0.98
N LEU B 82 5.72 11.22 0.02
CA LEU B 82 5.12 10.16 0.86
C LEU B 82 3.94 10.71 1.67
N ALA B 83 4.06 11.91 2.24
CA ALA B 83 2.98 12.55 3.00
C ALA B 83 1.68 12.71 2.18
N ARG B 84 1.75 12.98 0.86
CA ARG B 84 0.55 13.09 0.01
C ARG B 84 -0.12 11.75 -0.32
N ALA B 85 0.64 10.68 -0.57
CA ALA B 85 0.04 9.36 -0.81
C ALA B 85 -0.63 8.86 0.47
N LEU B 86 0.03 8.99 1.62
CA LEU B 86 -0.57 8.76 2.93
C LEU B 86 -1.85 9.59 3.12
N GLY B 87 -1.84 10.87 2.70
CA GLY B 87 -2.99 11.78 2.76
C GLY B 87 -4.22 11.33 1.94
N GLU B 88 -4.06 10.44 0.95
CA GLU B 88 -5.18 9.71 0.31
C GLU B 88 -5.05 8.18 0.44
N LEU B 89 -4.34 7.75 1.50
CA LEU B 89 -3.89 6.39 1.89
C LEU B 89 -2.87 5.80 0.91
N VAL B 90 -3.21 5.87 -0.37
CA VAL B 90 -2.38 5.60 -1.54
C VAL B 90 -2.94 6.42 -2.71
N GLN B 91 -4.25 6.30 -2.94
CA GLN B 91 -4.91 6.65 -4.20
C GLN B 91 -6.41 6.32 -4.25
N VAL B 92 -6.93 5.39 -3.44
CA VAL B 92 -8.35 4.98 -3.43
C VAL B 92 -9.29 6.02 -2.80
N VAL B 93 -8.88 7.29 -2.83
CA VAL B 93 -9.69 8.42 -2.34
C VAL B 93 -9.99 8.28 -0.83
N LEU B 94 -9.09 7.59 -0.12
CA LEU B 94 -9.12 7.12 1.27
C LEU B 94 -10.03 5.91 1.48
N ALA B 95 -9.44 4.75 1.79
CA ALA B 95 -10.18 3.62 2.36
C ALA B 95 -10.44 3.91 3.87
N VAL B 96 -11.28 3.13 4.55
CA VAL B 96 -11.79 3.44 5.91
C VAL B 96 -10.82 3.06 7.02
N ASP B 97 -10.69 3.89 8.07
CA ASP B 97 -9.99 3.55 9.32
C ASP B 97 -10.82 2.59 10.21
N THR B 98 -11.10 1.40 9.66
CA THR B 98 -11.65 0.25 10.38
C THR B 98 -10.74 -0.94 10.09
N ASP B 99 -10.41 -1.74 11.12
CA ASP B 99 -9.73 -3.01 10.96
C ASP B 99 -10.80 -4.09 10.75
N GLN B 100 -10.78 -4.73 9.58
CA GLN B 100 -11.80 -5.67 9.11
C GLN B 100 -11.10 -6.77 8.29
N PRO B 101 -11.73 -7.95 8.09
CA PRO B 101 -11.21 -9.05 7.26
C PRO B 101 -11.41 -8.82 5.75
N CYS B 102 -11.18 -7.58 5.31
CA CYS B 102 -11.32 -7.11 3.95
C CYS B 102 -12.76 -7.31 3.39
N VAL B 103 -12.81 -7.58 2.08
CA VAL B 103 -14.03 -7.56 1.26
C VAL B 103 -14.30 -8.91 0.56
N ALA B 104 -13.28 -9.52 -0.06
CA ALA B 104 -13.31 -10.90 -0.57
C ALA B 104 -12.04 -11.67 -0.14
N GLU B 105 -11.67 -11.45 1.12
CA GLU B 105 -10.64 -12.13 1.89
C GLU B 105 -11.30 -12.65 3.20
N ARG B 106 -10.51 -13.15 4.16
CA ARG B 106 -10.87 -13.46 5.57
C ARG B 106 -9.84 -14.30 6.35
CD CD C . -9.29 -6.94 -0.64
CD CD D . 10.27 -2.51 5.98
N ALA A 10 -8.91 2.82 8.83
CA ALA A 10 -7.94 1.81 8.40
C ALA A 10 -7.42 2.06 6.98
N LEU A 11 -6.74 3.19 6.75
CA LEU A 11 -6.08 3.46 5.47
C LEU A 11 -5.07 2.36 5.08
N ALA A 12 -4.40 1.78 6.10
CA ALA A 12 -3.56 0.59 6.00
C ALA A 12 -4.26 -0.57 5.25
N ARG A 13 -5.57 -0.74 5.50
CA ARG A 13 -6.41 -1.81 4.95
C ARG A 13 -6.54 -1.74 3.43
N LEU A 14 -6.17 -0.62 2.80
CA LEU A 14 -5.98 -0.52 1.35
C LEU A 14 -4.73 -1.27 0.96
N GLY A 15 -3.57 -0.90 1.52
CA GLY A 15 -2.26 -1.39 1.07
C GLY A 15 -2.17 -2.90 1.14
N ARG A 16 -2.84 -3.56 2.09
CA ARG A 16 -2.87 -5.03 2.22
C ARG A 16 -3.63 -5.68 1.05
N ALA A 17 -4.52 -4.96 0.36
CA ALA A 17 -5.16 -5.44 -0.87
C ALA A 17 -4.30 -5.28 -2.13
N LEU A 18 -3.24 -4.47 -2.07
CA LEU A 18 -2.23 -4.36 -3.15
C LEU A 18 -0.91 -5.09 -2.80
N ALA A 19 -0.67 -5.39 -1.52
CA ALA A 19 0.47 -6.13 -0.94
C ALA A 19 0.59 -7.62 -1.31
N ASP A 20 -0.11 -8.07 -2.36
CA ASP A 20 -0.18 -9.45 -2.84
C ASP A 20 0.72 -9.61 -4.09
N PRO A 21 1.37 -10.77 -4.28
CA PRO A 21 2.43 -11.02 -5.28
C PRO A 21 1.93 -10.84 -6.72
N THR A 22 1.33 -11.89 -7.30
CA THR A 22 0.62 -11.88 -8.58
C THR A 22 -0.29 -10.67 -8.70
N ARG A 23 -0.98 -10.30 -7.62
CA ARG A 23 -2.08 -9.32 -7.62
C ARG A 23 -1.66 -7.85 -7.75
N CYS A 24 -0.51 -7.43 -7.23
CA CYS A 24 0.02 -6.09 -7.57
C CYS A 24 0.33 -6.02 -9.06
N ARG A 25 0.87 -7.11 -9.59
CA ARG A 25 1.18 -7.29 -11.00
C ARG A 25 -0.09 -7.30 -11.86
N ILE A 26 -1.18 -7.94 -11.42
CA ILE A 26 -2.55 -7.80 -12.02
C ILE A 26 -2.90 -6.33 -12.24
N LEU A 27 -2.84 -5.59 -11.15
CA LEU A 27 -3.16 -4.17 -11.10
C LEU A 27 -2.28 -3.32 -12.03
N VAL A 28 -0.96 -3.52 -12.06
CA VAL A 28 -0.10 -2.80 -13.05
C VAL A 28 -0.40 -3.19 -14.52
N ALA A 29 -0.81 -4.44 -14.78
CA ALA A 29 -1.26 -4.98 -16.08
C ALA A 29 -2.75 -4.73 -16.39
N LEU A 30 -3.41 -3.94 -15.54
CA LEU A 30 -4.71 -3.36 -15.74
C LEU A 30 -4.65 -1.89 -16.13
N LEU A 31 -3.61 -1.19 -15.70
CA LEU A 31 -3.31 0.14 -16.21
C LEU A 31 -2.99 0.06 -17.72
N ASP A 32 -2.23 -0.97 -18.11
CA ASP A 32 -1.97 -1.38 -19.49
C ASP A 32 -2.35 -2.87 -19.71
N GLY A 33 -3.62 -3.09 -20.03
CA GLY A 33 -4.24 -4.38 -20.39
C GLY A 33 -5.66 -4.24 -20.91
N VAL A 34 -6.61 -4.23 -19.97
CA VAL A 34 -8.08 -4.12 -20.18
C VAL A 34 -8.67 -4.85 -21.40
N CYS A 35 -8.11 -6.03 -21.65
CA CYS A 35 -8.42 -6.89 -22.77
C CYS A 35 -9.65 -7.75 -22.47
N TYR A 36 -9.45 -8.83 -21.70
CA TYR A 36 -10.43 -9.88 -21.41
C TYR A 36 -10.20 -10.44 -19.99
N PRO A 37 -11.23 -10.85 -19.21
CA PRO A 37 -11.08 -11.17 -17.79
C PRO A 37 -10.17 -12.37 -17.45
N GLY A 38 -9.75 -13.19 -18.42
CA GLY A 38 -8.71 -14.22 -18.25
C GLY A 38 -7.35 -13.88 -18.87
N GLN A 39 -7.23 -12.72 -19.54
CA GLN A 39 -6.06 -12.31 -20.33
C GLN A 39 -4.77 -12.22 -19.50
N LEU A 40 -4.93 -11.90 -18.22
CA LEU A 40 -3.85 -11.76 -17.24
C LEU A 40 -2.90 -12.97 -17.27
N ALA A 41 -3.40 -14.15 -17.64
CA ALA A 41 -2.61 -15.36 -17.56
C ALA A 41 -1.54 -15.47 -18.65
N ALA A 42 -1.82 -14.93 -19.85
CA ALA A 42 -0.80 -14.77 -20.89
C ALA A 42 0.02 -13.49 -20.64
N HIS A 43 -0.63 -12.43 -20.16
CA HIS A 43 -0.03 -11.11 -19.99
C HIS A 43 0.96 -11.03 -18.81
N LEU A 44 0.72 -11.81 -17.75
CA LEU A 44 1.61 -12.00 -16.60
C LEU A 44 2.49 -13.25 -16.73
N GLY A 45 2.11 -14.20 -17.58
CA GLY A 45 2.73 -15.54 -17.62
C GLY A 45 2.32 -16.44 -16.45
N LEU A 46 1.56 -15.92 -15.47
CA LEU A 46 1.01 -16.67 -14.33
C LEU A 46 -0.15 -17.56 -14.80
N THR A 47 -0.21 -18.84 -14.39
CA THR A 47 -1.26 -19.74 -14.86
C THR A 47 -2.65 -19.25 -14.45
N ARG A 48 -3.64 -19.50 -15.31
CA ARG A 48 -5.00 -19.00 -15.14
C ARG A 48 -5.64 -19.38 -13.79
N SER A 49 -5.27 -20.51 -13.19
CA SER A 49 -5.64 -20.86 -11.81
C SER A 49 -5.07 -19.88 -10.78
N ASN A 50 -3.77 -19.58 -10.85
CA ASN A 50 -3.04 -18.63 -9.98
C ASN A 50 -3.58 -17.20 -10.16
N VAL A 51 -3.75 -16.76 -11.42
CA VAL A 51 -4.44 -15.51 -11.77
C VAL A 51 -5.87 -15.45 -11.21
N SER A 52 -6.66 -16.53 -11.31
CA SER A 52 -8.05 -16.57 -10.79
C SER A 52 -8.14 -16.52 -9.27
N ASN A 53 -7.22 -17.19 -8.56
CA ASN A 53 -7.11 -17.16 -7.10
C ASN A 53 -6.93 -15.71 -6.62
N HIS A 54 -5.96 -15.00 -7.19
CA HIS A 54 -5.74 -13.59 -6.85
C HIS A 54 -6.82 -12.63 -7.40
N LEU A 55 -7.51 -12.92 -8.52
CA LEU A 55 -8.69 -12.13 -8.93
C LEU A 55 -9.87 -12.31 -7.98
N SER A 56 -10.04 -13.49 -7.39
CA SER A 56 -11.16 -13.80 -6.50
C SER A 56 -11.20 -12.86 -5.28
N CYS A 57 -10.03 -12.45 -4.76
CA CYS A 57 -10.02 -11.45 -3.71
C CYS A 57 -10.30 -10.03 -4.24
N LEU A 58 -9.68 -9.68 -5.37
CA LEU A 58 -9.63 -8.34 -5.94
C LEU A 58 -10.97 -7.87 -6.49
N ARG A 59 -11.71 -8.78 -7.15
CA ARG A 59 -13.08 -8.57 -7.62
C ARG A 59 -14.10 -8.58 -6.47
N GLY A 60 -13.68 -8.93 -5.24
CA GLY A 60 -14.48 -8.86 -4.01
C GLY A 60 -14.17 -7.63 -3.14
N CYS A 61 -12.89 -7.25 -3.02
CA CYS A 61 -12.41 -6.01 -2.42
C CYS A 61 -12.62 -4.77 -3.33
N GLY A 62 -13.22 -5.03 -4.49
CA GLY A 62 -13.79 -4.06 -5.43
C GLY A 62 -12.80 -3.29 -6.29
N LEU A 63 -11.49 -3.56 -6.21
CA LEU A 63 -10.47 -2.80 -6.93
C LEU A 63 -10.47 -3.03 -8.45
N VAL A 64 -11.05 -4.15 -8.87
CA VAL A 64 -11.13 -4.59 -10.28
C VAL A 64 -12.54 -4.91 -10.74
N VAL A 65 -12.83 -4.52 -11.98
CA VAL A 65 -14.20 -4.55 -12.55
C VAL A 65 -14.20 -4.97 -14.01
N ALA A 66 -15.20 -5.76 -14.41
CA ALA A 66 -15.49 -6.14 -15.80
C ALA A 66 -16.44 -5.17 -16.52
N THR A 67 -16.25 -5.02 -17.84
CA THR A 67 -17.17 -4.36 -18.78
C THR A 67 -17.26 -5.24 -20.01
N TYR A 68 -18.04 -4.88 -21.01
CA TYR A 68 -17.97 -5.50 -22.33
C TYR A 68 -17.09 -4.63 -23.23
N GLU A 69 -16.09 -5.22 -23.90
CA GLU A 69 -15.30 -4.59 -24.97
C GLU A 69 -16.09 -4.50 -26.30
N GLY A 70 -17.15 -5.31 -26.46
CA GLY A 70 -18.10 -5.27 -27.57
C GLY A 70 -18.28 -6.63 -28.24
N ARG A 71 -17.19 -7.37 -28.41
CA ARG A 71 -17.14 -8.77 -28.85
C ARG A 71 -17.15 -9.72 -27.66
N GLN A 72 -16.48 -9.38 -26.56
CA GLN A 72 -16.40 -10.13 -25.30
C GLN A 72 -16.40 -9.17 -24.10
N VAL A 73 -16.25 -9.73 -22.91
CA VAL A 73 -15.98 -8.98 -21.69
C VAL A 73 -14.50 -8.58 -21.65
N ARG A 74 -14.23 -7.45 -20.99
CA ARG A 74 -12.93 -6.98 -20.58
C ARG A 74 -12.92 -6.83 -19.06
N TYR A 75 -11.84 -6.27 -18.55
CA TYR A 75 -11.62 -6.04 -17.14
C TYR A 75 -10.83 -4.72 -16.98
N ALA A 76 -10.81 -4.07 -15.81
CA ALA A 76 -10.29 -2.71 -15.61
C ALA A 76 -10.10 -2.36 -14.12
N LEU A 77 -9.26 -1.33 -13.84
CA LEU A 77 -9.21 -0.69 -12.52
C LEU A 77 -10.62 -0.11 -12.27
N ALA A 78 -11.16 -0.26 -11.06
CA ALA A 78 -12.55 0.15 -10.76
C ALA A 78 -12.83 1.66 -10.92
N ASP A 79 -11.79 2.49 -10.83
CA ASP A 79 -11.85 3.91 -11.19
C ASP A 79 -10.47 4.52 -11.48
N SER A 80 -10.50 5.66 -12.17
CA SER A 80 -9.39 6.59 -12.37
C SER A 80 -8.59 6.83 -11.09
N HIS A 81 -9.25 6.84 -9.92
CA HIS A 81 -8.64 7.00 -8.61
C HIS A 81 -7.57 5.94 -8.31
N LEU A 82 -7.84 4.65 -8.52
CA LEU A 82 -6.83 3.61 -8.27
C LEU A 82 -5.72 3.73 -9.31
N ALA A 83 -6.09 3.85 -10.58
CA ALA A 83 -5.20 4.14 -11.71
C ALA A 83 -4.35 5.41 -11.55
N ARG A 84 -4.70 6.32 -10.62
CA ARG A 84 -3.94 7.53 -10.31
C ARG A 84 -2.75 7.18 -9.41
N ALA A 85 -2.98 6.76 -8.17
CA ALA A 85 -1.92 6.38 -7.22
C ALA A 85 -1.07 5.19 -7.70
N LEU A 86 -1.68 4.25 -8.44
CA LEU A 86 -1.02 3.16 -9.17
C LEU A 86 -0.17 3.71 -10.34
N GLY A 87 -0.62 4.81 -10.97
CA GLY A 87 -0.09 5.40 -12.20
C GLY A 87 1.07 6.38 -12.02
N GLU A 88 1.09 7.19 -10.96
CA GLU A 88 2.30 7.98 -10.61
C GLU A 88 3.40 7.13 -9.96
N LEU A 89 3.08 5.88 -9.61
CA LEU A 89 3.87 4.95 -8.82
C LEU A 89 3.96 5.49 -7.39
N VAL A 90 3.92 4.60 -6.40
CA VAL A 90 3.88 4.97 -4.96
C VAL A 90 5.19 5.57 -4.43
N GLN A 91 6.04 6.07 -5.32
CA GLN A 91 7.03 7.08 -5.00
C GLN A 91 8.25 6.52 -4.25
N VAL A 92 8.23 5.30 -3.72
CA VAL A 92 9.30 4.64 -2.92
C VAL A 92 10.58 4.28 -3.70
N VAL A 93 10.94 5.14 -4.65
CA VAL A 93 12.18 5.09 -5.42
C VAL A 93 12.23 3.89 -6.40
N LEU A 94 11.12 3.13 -6.47
CA LEU A 94 10.88 1.84 -7.13
C LEU A 94 11.00 0.69 -6.11
N ALA A 95 9.84 0.15 -5.71
CA ALA A 95 9.68 -0.99 -4.81
C ALA A 95 10.25 -2.32 -5.35
N VAL A 96 11.58 -2.40 -5.49
CA VAL A 96 12.28 -3.66 -5.76
C VAL A 96 11.89 -4.73 -4.71
N ASP A 97 11.68 -5.98 -5.15
CA ASP A 97 11.06 -7.03 -4.31
C ASP A 97 11.86 -7.30 -3.03
N THR A 98 13.19 -7.12 -3.12
CA THR A 98 14.22 -7.28 -2.07
C THR A 98 14.42 -8.75 -1.69
N ASP A 99 15.63 -9.07 -1.24
CA ASP A 99 16.03 -10.40 -0.74
C ASP A 99 15.77 -10.61 0.78
N GLN A 100 15.20 -9.61 1.46
CA GLN A 100 15.14 -9.57 2.93
C GLN A 100 13.90 -10.22 3.55
N PRO A 101 14.03 -10.83 4.76
CA PRO A 101 12.95 -11.52 5.45
C PRO A 101 12.19 -10.66 6.48
N CYS A 102 12.28 -9.32 6.43
CA CYS A 102 11.61 -8.47 7.42
C CYS A 102 10.07 -8.42 7.27
N VAL A 103 9.47 -7.78 8.25
CA VAL A 103 8.01 -7.59 8.40
C VAL A 103 7.46 -6.65 7.32
N ALA A 104 8.29 -5.79 6.72
CA ALA A 104 7.89 -4.83 5.69
C ALA A 104 7.85 -5.40 4.25
N GLU A 105 8.10 -6.70 4.06
CA GLU A 105 8.10 -7.40 2.75
C GLU A 105 7.74 -8.90 2.87
N ARG A 106 8.31 -9.74 1.98
CA ARG A 106 8.35 -11.21 1.92
C ARG A 106 7.40 -11.83 0.89
N ALA B 10 7.51 -4.92 -7.56
CA ALA B 10 6.10 -4.80 -7.23
C ALA B 10 5.89 -3.84 -6.08
N LEU B 11 4.92 -2.94 -6.28
CA LEU B 11 4.39 -2.08 -5.20
C LEU B 11 3.78 -2.92 -4.07
N ALA B 12 3.57 -4.23 -4.26
CA ALA B 12 3.24 -5.17 -3.19
C ALA B 12 4.23 -5.06 -2.01
N ARG B 13 5.53 -5.02 -2.35
CA ARG B 13 6.65 -4.82 -1.42
C ARG B 13 6.53 -3.50 -0.65
N LEU B 14 5.93 -2.47 -1.24
CA LEU B 14 5.61 -1.21 -0.54
C LEU B 14 4.34 -1.33 0.29
N GLY B 15 3.26 -1.89 -0.27
CA GLY B 15 1.96 -2.03 0.39
C GLY B 15 2.07 -2.85 1.67
N ARG B 16 2.99 -3.82 1.75
CA ARG B 16 3.27 -4.58 2.97
C ARG B 16 3.95 -3.69 4.03
N ALA B 17 4.76 -2.71 3.64
CA ALA B 17 5.38 -1.77 4.56
C ALA B 17 4.48 -0.61 5.03
N LEU B 18 3.40 -0.28 4.28
CA LEU B 18 2.43 0.74 4.71
C LEU B 18 1.14 0.13 5.30
N ALA B 19 0.79 -1.12 4.98
CA ALA B 19 -0.38 -1.83 5.50
C ALA B 19 -0.18 -2.51 6.86
N ASP B 20 0.57 -1.86 7.74
CA ASP B 20 0.68 -2.20 9.16
C ASP B 20 -0.27 -1.24 9.92
N PRO B 21 -0.96 -1.72 10.98
CA PRO B 21 -2.09 -1.06 11.65
C PRO B 21 -1.70 0.33 12.21
N THR B 22 -1.15 0.34 13.42
CA THR B 22 -0.53 1.50 14.07
C THR B 22 0.48 2.21 13.18
N ARG B 23 1.19 1.46 12.33
CA ARG B 23 2.32 1.97 11.56
C ARG B 23 1.92 2.92 10.41
N CYS B 24 0.82 2.64 9.70
CA CYS B 24 0.24 3.60 8.76
C CYS B 24 -0.10 4.92 9.48
N ARG B 25 -0.62 4.81 10.71
CA ARG B 25 -0.90 5.95 11.57
C ARG B 25 0.36 6.72 11.97
N ILE B 26 1.48 6.05 12.28
CA ILE B 26 2.80 6.73 12.45
C ILE B 26 3.13 7.64 11.27
N LEU B 27 3.01 7.08 10.06
CA LEU B 27 3.32 7.78 8.82
C LEU B 27 2.38 8.96 8.57
N VAL B 28 1.06 8.77 8.71
CA VAL B 28 0.10 9.89 8.54
C VAL B 28 0.23 10.97 9.63
N ALA B 29 0.57 10.58 10.86
CA ALA B 29 0.85 11.49 11.98
C ALA B 29 2.24 12.12 11.92
N LEU B 30 3.11 11.66 11.01
CA LEU B 30 4.34 12.31 10.66
C LEU B 30 4.14 13.41 9.63
N LEU B 31 3.24 13.19 8.67
CA LEU B 31 2.87 14.19 7.68
C LEU B 31 2.38 15.48 8.36
N ASP B 32 1.51 15.29 9.36
CA ASP B 32 0.88 16.28 10.24
C ASP B 32 1.50 16.21 11.65
N GLY B 33 2.84 16.16 11.73
CA GLY B 33 3.57 16.01 12.99
C GLY B 33 4.97 16.61 13.06
N VAL B 34 5.97 15.87 12.58
CA VAL B 34 7.45 16.07 12.71
C VAL B 34 8.03 16.34 14.10
N CYS B 35 7.22 16.63 15.12
CA CYS B 35 7.61 17.16 16.43
C CYS B 35 8.93 16.63 17.02
N TYR B 36 8.87 15.45 17.65
CA TYR B 36 9.97 14.80 18.38
C TYR B 36 9.82 13.26 18.30
N PRO B 37 10.90 12.46 18.21
CA PRO B 37 10.83 11.02 17.88
C PRO B 37 10.14 10.12 18.92
N GLY B 38 9.77 10.61 20.11
CA GLY B 38 8.93 9.86 21.08
C GLY B 38 7.47 10.34 21.18
N GLN B 39 7.15 11.53 20.64
CA GLN B 39 5.87 12.20 20.87
C GLN B 39 4.65 11.53 20.21
N LEU B 40 4.87 10.68 19.20
CA LEU B 40 3.83 9.89 18.52
C LEU B 40 2.86 9.25 19.51
N ALA B 41 3.35 8.89 20.68
CA ALA B 41 2.58 8.23 21.71
C ALA B 41 1.33 9.03 22.13
N ALA B 42 1.45 10.35 22.26
CA ALA B 42 0.30 11.23 22.56
C ALA B 42 -0.56 11.44 21.30
N HIS B 43 0.10 11.68 20.16
CA HIS B 43 -0.54 11.96 18.87
C HIS B 43 -1.38 10.79 18.31
N LEU B 44 -1.06 9.56 18.73
CA LEU B 44 -1.73 8.31 18.35
C LEU B 44 -2.55 7.67 19.47
N GLY B 45 -2.30 8.05 20.74
CA GLY B 45 -2.85 7.38 21.91
C GLY B 45 -2.09 6.11 22.34
N LEU B 46 -1.14 5.61 21.53
CA LEU B 46 -0.29 4.45 21.79
C LEU B 46 0.74 4.74 22.89
N THR B 47 0.91 3.87 23.89
CA THR B 47 2.04 3.98 24.82
C THR B 47 3.35 3.90 24.06
N ARG B 48 4.34 4.69 24.43
CA ARG B 48 5.60 4.78 23.69
C ARG B 48 6.36 3.45 23.58
N SER B 49 6.11 2.47 24.46
CA SER B 49 6.63 1.10 24.27
C SER B 49 6.03 0.44 23.02
N ASN B 50 4.70 0.50 22.84
CA ASN B 50 4.03 -0.02 21.65
C ASN B 50 4.33 0.85 20.41
N VAL B 51 4.38 2.19 20.56
CA VAL B 51 4.83 3.08 19.47
C VAL B 51 6.29 2.80 19.05
N SER B 52 7.20 2.46 19.98
CA SER B 52 8.59 2.09 19.64
C SER B 52 8.73 0.76 18.88
N ASN B 53 7.82 -0.18 19.09
CA ASN B 53 7.83 -1.49 18.41
C ASN B 53 7.69 -1.30 16.89
N HIS B 54 6.59 -0.68 16.44
CA HIS B 54 6.41 -0.38 15.01
C HIS B 54 7.38 0.68 14.44
N LEU B 55 8.04 1.54 15.24
CA LEU B 55 9.12 2.41 14.75
C LEU B 55 10.41 1.63 14.50
N SER B 56 10.65 0.54 15.22
CA SER B 56 11.82 -0.32 15.00
C SER B 56 11.79 -0.94 13.60
N CYS B 57 10.60 -1.19 13.02
CA CYS B 57 10.52 -1.55 11.61
C CYS B 57 10.64 -0.32 10.69
N LEU B 58 9.84 0.73 10.93
CA LEU B 58 9.73 1.91 10.06
C LEU B 58 11.07 2.63 9.83
N ARG B 59 11.88 2.75 10.90
CA ARG B 59 13.21 3.39 10.88
C ARG B 59 14.33 2.46 10.39
N GLY B 60 14.04 1.16 10.16
CA GLY B 60 14.96 0.20 9.54
C GLY B 60 14.68 0.02 8.04
N CYS B 61 13.40 -0.09 7.69
CA CYS B 61 12.87 -0.20 6.33
C CYS B 61 12.86 1.14 5.53
N GLY B 62 13.51 2.15 6.12
CA GLY B 62 13.90 3.45 5.55
C GLY B 62 12.79 4.46 5.32
N LEU B 63 11.59 4.25 5.86
CA LEU B 63 10.41 5.10 5.60
C LEU B 63 10.36 6.38 6.43
N VAL B 64 11.08 6.40 7.56
CA VAL B 64 11.08 7.50 8.54
C VAL B 64 12.47 7.85 9.08
N VAL B 65 12.65 9.12 9.44
CA VAL B 65 13.93 9.67 9.92
C VAL B 65 13.80 10.75 10.99
N ALA B 66 14.76 10.80 11.91
CA ALA B 66 15.00 11.85 12.92
C ALA B 66 16.21 12.72 12.57
N THR B 67 16.14 13.99 12.97
CA THR B 67 17.20 15.01 12.84
C THR B 67 17.24 15.78 14.14
N TYR B 68 18.24 16.63 14.35
CA TYR B 68 18.14 17.66 15.40
C TYR B 68 17.32 18.83 14.80
N GLU B 69 16.33 19.36 15.52
CA GLU B 69 15.67 20.63 15.16
C GLU B 69 16.43 21.88 15.67
N GLY B 70 17.45 21.66 16.53
CA GLY B 70 18.38 22.68 17.04
C GLY B 70 18.48 22.72 18.56
N ARG B 71 17.51 22.10 19.25
CA ARG B 71 17.31 22.12 20.70
C ARG B 71 16.93 20.71 21.22
N GLN B 72 16.09 19.99 20.49
CA GLN B 72 15.77 18.57 20.62
C GLN B 72 15.95 17.90 19.25
N VAL B 73 15.76 16.59 19.19
CA VAL B 73 15.59 15.86 17.93
C VAL B 73 14.12 15.89 17.51
N ARG B 74 13.90 15.99 16.19
CA ARG B 74 12.61 15.88 15.52
C ARG B 74 12.54 14.53 14.81
N TYR B 75 11.47 14.30 14.09
CA TYR B 75 11.29 13.16 13.20
C TYR B 75 10.50 13.59 11.95
N ALA B 76 10.38 12.75 10.94
CA ALA B 76 9.86 13.08 9.60
C ALA B 76 9.72 11.83 8.71
N LEU B 77 8.88 11.93 7.67
CA LEU B 77 8.87 10.97 6.54
C LEU B 77 10.27 11.05 5.91
N ALA B 78 10.85 9.92 5.46
CA ALA B 78 12.23 9.92 4.94
C ALA B 78 12.44 10.83 3.71
N ASP B 79 11.37 11.11 2.97
CA ASP B 79 11.34 12.13 1.92
C ASP B 79 9.94 12.66 1.59
N SER B 80 9.94 13.85 0.99
CA SER B 80 8.81 14.45 0.30
C SER B 80 8.09 13.45 -0.61
N HIS B 81 8.82 12.51 -1.22
CA HIS B 81 8.31 11.49 -2.13
C HIS B 81 7.31 10.56 -1.43
N LEU B 82 7.60 10.08 -0.21
CA LEU B 82 6.62 9.28 0.56
C LEU B 82 5.47 10.17 1.00
N ALA B 83 5.78 11.36 1.52
CA ALA B 83 4.80 12.36 1.95
C ALA B 83 3.84 12.82 0.85
N ARG B 84 4.21 12.63 -0.43
CA ARG B 84 3.42 12.97 -1.61
C ARG B 84 2.29 11.94 -1.80
N ALA B 85 2.62 10.67 -2.10
CA ALA B 85 1.63 9.60 -2.28
C ALA B 85 0.80 9.33 -1.01
N LEU B 86 1.43 9.43 0.17
CA LEU B 86 0.75 9.41 1.47
C LEU B 86 -0.21 10.62 1.61
N GLY B 87 0.18 11.78 1.10
CA GLY B 87 -0.47 13.09 1.23
C GLY B 87 -1.68 13.31 0.34
N GLU B 88 -1.63 12.91 -0.94
CA GLU B 88 -2.85 12.87 -1.78
C GLU B 88 -3.80 11.73 -1.39
N LEU B 89 -3.30 10.81 -0.55
CA LEU B 89 -4.01 9.68 0.04
C LEU B 89 -4.27 8.63 -1.04
N VAL B 90 -4.17 7.35 -0.71
CA VAL B 90 -4.26 6.19 -1.63
C VAL B 90 -5.56 6.03 -2.43
N GLN B 91 -6.42 7.05 -2.46
CA GLN B 91 -7.41 7.27 -3.50
C GLN B 91 -8.66 6.37 -3.39
N VAL B 92 -8.62 5.26 -2.66
CA VAL B 92 -9.74 4.32 -2.40
C VAL B 92 -10.89 4.88 -1.57
N VAL B 93 -11.14 6.19 -1.70
CA VAL B 93 -12.19 6.94 -0.99
C VAL B 93 -12.02 6.95 0.55
N LEU B 94 -10.85 6.48 1.01
CA LEU B 94 -10.41 6.13 2.37
C LEU B 94 -10.80 4.68 2.69
N ALA B 95 -9.81 3.80 2.88
CA ALA B 95 -10.09 2.49 3.46
C ALA B 95 -10.44 2.61 4.96
N VAL B 96 -11.34 1.73 5.40
CA VAL B 96 -11.96 1.67 6.73
C VAL B 96 -11.78 0.26 7.31
N ASP B 97 -11.98 0.10 8.63
CA ASP B 97 -11.65 -1.16 9.33
C ASP B 97 -12.49 -2.36 8.82
N THR B 98 -13.71 -2.05 8.35
CA THR B 98 -14.70 -2.87 7.60
C THR B 98 -15.60 -3.69 8.52
N ASP B 99 -16.80 -4.01 8.01
CA ASP B 99 -17.75 -4.95 8.59
C ASP B 99 -17.59 -6.40 8.04
N GLN B 100 -16.82 -6.59 6.96
CA GLN B 100 -16.41 -7.93 6.48
C GLN B 100 -14.86 -8.01 6.40
N PRO B 101 -14.23 -8.97 7.10
CA PRO B 101 -12.81 -9.30 6.93
C PRO B 101 -12.59 -10.20 5.73
N CYS B 102 -11.38 -10.06 5.17
CA CYS B 102 -10.90 -10.78 4.02
C CYS B 102 -9.37 -11.04 4.09
N VAL B 103 -8.91 -11.74 3.07
CA VAL B 103 -7.51 -12.08 2.79
C VAL B 103 -6.77 -10.85 2.24
N ALA B 104 -7.50 -9.86 1.72
CA ALA B 104 -7.00 -8.51 1.38
C ALA B 104 -6.63 -7.65 2.60
N GLU B 105 -6.66 -8.19 3.83
CA GLU B 105 -6.54 -7.42 5.07
C GLU B 105 -6.27 -8.31 6.31
N ARG B 106 -6.93 -8.01 7.44
CA ARG B 106 -6.89 -8.53 8.83
C ARG B 106 -6.79 -7.37 9.86
CD CD C . -10.95 -9.72 -0.96
CD CD D . 11.63 -3.61 9.11
#